data_8P5V
#
_entry.id   8P5V
#
_cell.length_a   1.00
_cell.length_b   1.00
_cell.length_c   1.00
_cell.angle_alpha   90.00
_cell.angle_beta   90.00
_cell.angle_gamma   90.00
#
_symmetry.space_group_name_H-M   'P 1'
#
loop_
_entity.id
_entity.type
_entity.pdbx_description
1 polymer '2-oxoglutarate dehydrogenase E1/E2 component'
2 non-polymer 'MAGNESIUM ION'
3 non-polymer 'ACETYL COENZYME *A'
4 non-polymer 'THIAMINE DIPHOSPHATE'
5 non-polymer 'SUCCINYL-COENZYME A'
6 water water
#
_entity_poly.entity_id   1
_entity_poly.type   'polypeptide(L)'
_entity_poly.pdbx_seq_one_letter_code
;GSMSSASTFGQNAWLVDEMFQQFQKDPKSVDKEWRELFEAQGGPNTTPATTEAQPSAPKESAKPAPKAAPAAKAAPRVET
KPADKTAPKAKESSVPQQPKLPEPGQTPIRGIFKSIAKNMDISLEIPTATSVRDMPARLMFENRAMVNDQLKRTRGGKIS
FTHIIGYAMVKAVMAHPDMNNSYDVIDGKPTLIVPEHINLGLAIDLPQKDGSRALVVAAIKETEKMNFSEFLAAYEDIVA
RSRKGKLTMDDYQGVTVSLTNPGGIGTRHSVPRLTKGQGTIIGVGSMDYPAEFQGASEDRLAELGVGKLVTITSTYDHRV
IQGAVSGEFLRTMSRLLTDDSFWDEIFDAMNVPYTPMRWAQDVPNTGVDKNTRVMQLIEAYRSRGHLIADTNPLSWVQPG
MPVPDHRDLDIETHNLTIWDLDRTFNVGGFGGKETMTLREVLSRLRAAYTLKVGSEYTHILDRDERTWLQDRLEAGMPKP
TQAEQKYILQKLNAAEAFENFLQTKYVGQKRFSLEGAEALIPLMDSAIDTAAGQGLDEVVIGMPHRGRLNVLFNIVGKPL
ASIFNEFEGQMEQGQIGGSGDVKYHLGSEGQHLQMFGDGEIKVSLTANPSHLEAVNPVMEGIVRAKQDYLDKGVDGKTVV
PLLLHGDAAFAGLGIVPETINLAKLRGYDVGGTIHIVVNNQIGFTTTPDSSRSMHYATDYAKAFGCPVFHVNGDDPEAVV
WVGQLATEYRRRFGKDVFIDLVCYRLRGHNEADDPSMTQPKMYELITGRETVRAQYTEDLLGRGDLSNEDAEAVVRDFHD
QMESVFNEVKEGGKKQAEAQTGITGSQKLPHGLETNISREELLELGQAFANTPEGFNYHPRVAPVAKKRVSSVTEGGIDW
AWGELLAFGSLANSGRLVRLAGEDSRRGTFTQRHAVAIDPATAEEFNPLHELAQSKGNNGKFLVYNSALTEYAGMGFEYG
YSVGNEDSIVAWEAQFGDFANGAQTIIDEYVSSGEAKWGQTSKLILLLPHGYEGQGPDHSSARIERFLQLCAEGSMTVAQ
PSTPANHFHLLRRHALSDLKRPLVIFTPKSMLRNKAAASAPEDFTEVTKFQSVINDPNVADAAKVKKVMLVSGKLYYELA
KRKEKDGRDDIAIVRIEMLHPIPFNRISEALAGYPNAEEVLFVQDEPANQGPWPFYQEHLPELIPNMPKMRRVSRRAQSS
TATGVAKVHQLEEKQLIDEAFEA
;
_entity_poly.pdbx_strand_id   A,B,C,D,E,F
#
loop_
_chem_comp.id
_chem_comp.type
_chem_comp.name
_chem_comp.formula
ACO non-polymer 'ACETYL COENZYME *A' 'C23 H38 N7 O17 P3 S'
MG non-polymer 'MAGNESIUM ION' 'Mg 2'
SCA non-polymer 'SUCCINYL-COENZYME A' 'C25 H40 N7 O19 P3 S'
TPP non-polymer 'THIAMINE DIPHOSPHATE' 'C12 H19 N4 O7 P2 S 1'
#
# COMPACT_ATOMS: atom_id res chain seq x y z
N PRO A 102 -46.55 -10.31 37.46
CA PRO A 102 -47.85 -10.89 37.09
C PRO A 102 -48.56 -11.53 38.29
N GLU A 103 -49.89 -11.61 38.20
CA GLU A 103 -50.72 -12.15 39.26
C GLU A 103 -50.61 -13.67 39.28
N PRO A 104 -50.09 -14.29 40.36
CA PRO A 104 -50.00 -15.75 40.45
C PRO A 104 -51.36 -16.42 40.52
N GLY A 105 -51.35 -17.76 40.45
CA GLY A 105 -52.55 -18.56 40.55
C GLY A 105 -52.68 -19.55 39.39
N GLN A 106 -53.79 -20.29 39.39
CA GLN A 106 -54.10 -21.25 38.34
C GLN A 106 -55.39 -20.82 37.64
N THR A 107 -55.29 -20.57 36.33
CA THR A 107 -56.43 -20.12 35.53
C THR A 107 -56.66 -21.14 34.41
N PRO A 108 -57.89 -21.70 34.27
CA PRO A 108 -58.19 -22.61 33.16
C PRO A 108 -58.00 -21.95 31.80
N ILE A 109 -57.49 -22.73 30.84
CA ILE A 109 -57.27 -22.25 29.48
C ILE A 109 -58.59 -22.43 28.72
N ARG A 110 -59.04 -21.35 28.06
CA ARG A 110 -60.31 -21.35 27.35
C ARG A 110 -60.21 -20.42 26.13
N GLY A 111 -61.12 -20.65 25.17
CA GLY A 111 -61.17 -19.86 23.95
C GLY A 111 -60.26 -20.41 22.88
N ILE A 112 -59.61 -19.50 22.12
CA ILE A 112 -58.68 -19.87 21.07
C ILE A 112 -57.46 -20.57 21.66
N PHE A 113 -57.06 -20.16 22.87
CA PHE A 113 -55.86 -20.69 23.50
C PHE A 113 -56.06 -22.17 23.86
N LYS A 114 -57.30 -22.55 24.20
CA LYS A 114 -57.60 -23.93 24.55
C LYS A 114 -57.48 -24.82 23.31
N SER A 115 -57.93 -24.30 22.15
CA SER A 115 -57.86 -25.04 20.90
C SER A 115 -56.41 -25.21 20.47
N ILE A 116 -55.59 -24.18 20.71
CA ILE A 116 -54.16 -24.23 20.39
C ILE A 116 -53.50 -25.31 21.26
N ALA A 117 -53.81 -25.31 22.56
CA ALA A 117 -53.22 -26.26 23.48
C ALA A 117 -53.60 -27.69 23.08
N LYS A 118 -54.85 -27.89 22.66
CA LYS A 118 -55.34 -29.21 22.30
C LYS A 118 -54.62 -29.71 21.05
N ASN A 119 -54.45 -28.81 20.06
CA ASN A 119 -53.82 -29.17 18.79
C ASN A 119 -52.36 -29.56 19.00
N MET A 120 -51.69 -28.88 19.94
CA MET A 120 -50.29 -29.15 20.24
C MET A 120 -50.15 -30.53 20.89
N ASP A 121 -51.15 -30.92 21.70
CA ASP A 121 -51.17 -32.24 22.31
C ASP A 121 -51.34 -33.32 21.25
N ILE A 122 -52.17 -33.03 20.22
CA ILE A 122 -52.42 -33.97 19.15
C ILE A 122 -51.16 -34.13 18.30
N SER A 123 -50.36 -33.06 18.18
CA SER A 123 -49.18 -33.05 17.33
C SER A 123 -48.08 -33.97 17.87
N LEU A 124 -48.21 -34.43 19.12
CA LEU A 124 -47.23 -35.31 19.72
C LEU A 124 -47.15 -36.65 18.99
N GLU A 125 -48.19 -37.00 18.23
CA GLU A 125 -48.26 -38.30 17.57
C GLU A 125 -47.58 -38.26 16.20
N ILE A 126 -46.96 -37.12 15.84
CA ILE A 126 -46.29 -36.99 14.56
C ILE A 126 -44.78 -37.06 14.79
N PRO A 127 -44.09 -38.11 14.29
CA PRO A 127 -42.63 -38.17 14.34
C PRO A 127 -42.00 -37.26 13.28
N THR A 128 -41.43 -36.14 13.73
CA THR A 128 -40.93 -35.11 12.83
C THR A 128 -39.41 -35.10 12.85
N ALA A 129 -38.83 -34.75 11.70
CA ALA A 129 -37.42 -34.44 11.59
C ALA A 129 -37.27 -33.07 10.94
N THR A 130 -36.11 -32.44 11.12
CA THR A 130 -35.89 -31.08 10.64
C THR A 130 -34.62 -31.03 9.80
N SER A 131 -34.71 -30.36 8.65
CA SER A 131 -33.56 -30.01 7.85
C SER A 131 -33.33 -28.50 7.97
N VAL A 132 -32.07 -28.09 8.07
CA VAL A 132 -31.71 -26.69 8.21
C VAL A 132 -30.74 -26.34 7.09
N ARG A 133 -31.03 -25.24 6.38
CA ARG A 133 -30.14 -24.78 5.32
C ARG A 133 -30.04 -23.26 5.36
N ASP A 134 -28.80 -22.75 5.29
CA ASP A 134 -28.55 -21.32 5.22
C ASP A 134 -28.30 -20.95 3.76
N MET A 135 -28.90 -19.84 3.33
CA MET A 135 -28.90 -19.44 1.93
C MET A 135 -28.42 -17.99 1.83
N PRO A 136 -27.65 -17.60 0.79
CA PRO A 136 -27.31 -16.20 0.58
C PRO A 136 -28.57 -15.36 0.32
N ALA A 137 -28.62 -14.16 0.89
CA ALA A 137 -29.81 -13.32 0.82
C ALA A 137 -29.53 -12.00 0.11
N ARG A 138 -28.31 -11.81 -0.40
CA ARG A 138 -27.91 -10.54 -1.00
C ARG A 138 -28.81 -10.21 -2.18
N LEU A 139 -29.01 -11.18 -3.08
CA LEU A 139 -29.75 -10.93 -4.31
C LEU A 139 -31.22 -10.64 -3.99
N MET A 140 -31.72 -11.21 -2.89
CA MET A 140 -33.10 -11.00 -2.47
C MET A 140 -33.26 -9.54 -2.00
N PHE A 141 -32.24 -9.02 -1.31
CA PHE A 141 -32.26 -7.63 -0.85
C PHE A 141 -32.23 -6.67 -2.05
N GLU A 142 -31.38 -6.97 -3.04
CA GLU A 142 -31.15 -6.06 -4.15
C GLU A 142 -32.39 -6.01 -5.05
N ASN A 143 -32.92 -7.19 -5.39
CA ASN A 143 -34.01 -7.29 -6.36
C ASN A 143 -35.34 -6.85 -5.75
N ARG A 144 -35.51 -7.05 -4.44
CA ARG A 144 -36.71 -6.57 -3.75
C ARG A 144 -36.74 -5.05 -3.76
N ALA A 145 -35.57 -4.43 -3.60
CA ALA A 145 -35.45 -2.98 -3.61
C ALA A 145 -35.87 -2.42 -4.97
N MET A 146 -35.49 -3.12 -6.04
CA MET A 146 -35.82 -2.69 -7.41
C MET A 146 -37.33 -2.76 -7.62
N VAL A 147 -37.96 -3.85 -7.13
CA VAL A 147 -39.39 -4.03 -7.27
C VAL A 147 -40.13 -2.94 -6.50
N ASN A 148 -39.67 -2.66 -5.27
CA ASN A 148 -40.31 -1.67 -4.43
C ASN A 148 -40.14 -0.27 -5.02
N ASP A 149 -39.02 -0.04 -5.72
CA ASP A 149 -38.77 1.22 -6.40
C ASP A 149 -39.79 1.43 -7.52
N GLN A 150 -40.09 0.35 -8.25
CA GLN A 150 -41.06 0.40 -9.34
C GLN A 150 -42.45 0.67 -8.78
N LEU A 151 -42.78 0.03 -7.65
CA LEU A 151 -44.08 0.18 -7.02
C LEU A 151 -44.24 1.59 -6.46
N LYS A 152 -43.14 2.19 -6.02
CA LYS A 152 -43.17 3.53 -5.44
C LYS A 152 -43.54 4.55 -6.51
N ARG A 153 -42.91 4.46 -7.68
CA ARG A 153 -43.20 5.37 -8.78
C ARG A 153 -44.63 5.15 -9.28
N THR A 154 -45.07 3.88 -9.28
CA THR A 154 -46.41 3.52 -9.69
C THR A 154 -47.42 3.90 -8.61
N ARG A 155 -46.94 4.10 -7.37
CA ARG A 155 -47.76 4.41 -6.22
C ARG A 155 -48.66 3.20 -5.92
N GLY A 156 -48.07 2.01 -6.02
CA GLY A 156 -48.76 0.76 -5.72
C GLY A 156 -48.58 0.38 -4.25
N GLY A 157 -48.21 -0.89 -4.02
CA GLY A 157 -47.99 -1.40 -2.68
C GLY A 157 -46.50 -1.53 -2.35
N LYS A 158 -46.16 -2.60 -1.62
CA LYS A 158 -44.78 -2.88 -1.24
C LYS A 158 -44.68 -4.36 -0.88
N ILE A 159 -43.82 -5.09 -1.59
CA ILE A 159 -43.62 -6.51 -1.32
C ILE A 159 -42.66 -6.66 -0.16
N SER A 160 -42.74 -7.82 0.50
CA SER A 160 -41.90 -8.17 1.63
C SER A 160 -41.09 -9.41 1.29
N PHE A 161 -40.19 -9.80 2.20
CA PHE A 161 -39.36 -10.98 2.01
C PHE A 161 -40.21 -12.25 2.06
N THR A 162 -41.29 -12.22 2.86
CA THR A 162 -42.15 -13.38 3.01
C THR A 162 -42.92 -13.66 1.71
N HIS A 163 -43.25 -12.61 0.96
CA HIS A 163 -43.89 -12.77 -0.34
C HIS A 163 -42.98 -13.53 -1.29
N ILE A 164 -41.70 -13.14 -1.33
CA ILE A 164 -40.74 -13.73 -2.25
C ILE A 164 -40.45 -15.17 -1.82
N ILE A 165 -40.17 -15.37 -0.53
CA ILE A 165 -39.83 -16.68 -0.01
C ILE A 165 -41.06 -17.58 -0.10
N GLY A 166 -42.24 -17.02 0.21
CA GLY A 166 -43.51 -17.73 0.10
C GLY A 166 -43.74 -18.26 -1.32
N TYR A 167 -43.47 -17.41 -2.32
CA TYR A 167 -43.68 -17.78 -3.71
C TYR A 167 -42.63 -18.80 -4.14
N ALA A 168 -41.39 -18.60 -3.75
CA ALA A 168 -40.30 -19.53 -4.04
C ALA A 168 -40.61 -20.90 -3.43
N MET A 169 -41.22 -20.89 -2.25
CA MET A 169 -41.56 -22.12 -1.55
C MET A 169 -42.63 -22.87 -2.35
N VAL A 170 -43.61 -22.15 -2.90
CA VAL A 170 -44.67 -22.76 -3.70
C VAL A 170 -44.05 -23.43 -4.94
N LYS A 171 -43.11 -22.74 -5.59
CA LYS A 171 -42.42 -23.28 -6.75
C LYS A 171 -41.66 -24.55 -6.40
N ALA A 172 -41.04 -24.55 -5.21
CA ALA A 172 -40.22 -25.68 -4.78
C ALA A 172 -41.08 -26.89 -4.44
N VAL A 173 -42.29 -26.66 -3.91
CA VAL A 173 -43.22 -27.73 -3.61
C VAL A 173 -43.69 -28.38 -4.91
N MET A 174 -43.86 -27.57 -5.96
CA MET A 174 -44.27 -28.08 -7.26
C MET A 174 -43.17 -28.96 -7.85
N ALA A 175 -41.91 -28.57 -7.62
CA ALA A 175 -40.76 -29.32 -8.10
C ALA A 175 -40.57 -30.61 -7.30
N HIS A 176 -41.03 -30.59 -6.04
CA HIS A 176 -40.91 -31.75 -5.15
C HIS A 176 -42.27 -32.02 -4.52
N PRO A 177 -43.23 -32.63 -5.25
CA PRO A 177 -44.60 -32.80 -4.76
C PRO A 177 -44.76 -33.63 -3.49
N ASP A 178 -43.76 -34.44 -3.16
CA ASP A 178 -43.79 -35.29 -1.98
C ASP A 178 -43.91 -34.46 -0.71
N MET A 179 -43.42 -33.21 -0.74
CA MET A 179 -43.44 -32.35 0.42
C MET A 179 -44.87 -31.91 0.77
N ASN A 180 -45.81 -32.10 -0.16
CA ASN A 180 -47.18 -31.65 0.03
C ASN A 180 -48.04 -32.78 0.60
N ASN A 181 -47.52 -34.01 0.62
CA ASN A 181 -48.28 -35.18 1.05
C ASN A 181 -48.36 -35.20 2.58
N SER A 182 -49.41 -35.86 3.11
CA SER A 182 -49.62 -35.99 4.54
C SER A 182 -49.93 -37.44 4.88
N TYR A 183 -50.01 -37.73 6.18
CA TYR A 183 -50.25 -39.07 6.69
C TYR A 183 -51.59 -39.10 7.42
N ASP A 184 -52.27 -40.24 7.35
CA ASP A 184 -53.51 -40.45 8.09
C ASP A 184 -53.78 -41.95 8.19
N VAL A 185 -54.60 -42.33 9.19
CA VAL A 185 -55.00 -43.70 9.38
C VAL A 185 -56.49 -43.81 9.02
N ILE A 186 -56.77 -44.35 7.82
CA ILE A 186 -58.12 -44.53 7.34
C ILE A 186 -58.50 -46.00 7.45
N ASP A 187 -59.61 -46.26 8.16
CA ASP A 187 -60.17 -47.59 8.36
C ASP A 187 -59.17 -48.51 9.08
N GLY A 188 -58.21 -47.92 9.79
CA GLY A 188 -57.22 -48.67 10.54
C GLY A 188 -56.03 -49.11 9.70
N LYS A 189 -55.80 -48.43 8.57
CA LYS A 189 -54.65 -48.69 7.73
C LYS A 189 -53.89 -47.39 7.48
N PRO A 190 -52.53 -47.38 7.55
CA PRO A 190 -51.74 -46.22 7.16
C PRO A 190 -51.95 -45.84 5.69
N THR A 191 -52.30 -44.57 5.46
CA THR A 191 -52.61 -44.09 4.12
C THR A 191 -51.79 -42.83 3.82
N LEU A 192 -51.30 -42.74 2.59
CA LEU A 192 -50.62 -41.55 2.10
C LEU A 192 -51.64 -40.66 1.39
N ILE A 193 -51.92 -39.50 1.97
CA ILE A 193 -52.86 -38.54 1.40
C ILE A 193 -52.10 -37.62 0.45
N VAL A 194 -52.55 -37.56 -0.80
CA VAL A 194 -52.02 -36.64 -1.80
C VAL A 194 -53.07 -35.56 -2.05
N PRO A 195 -52.87 -34.32 -1.55
CA PRO A 195 -53.85 -33.24 -1.75
C PRO A 195 -53.95 -32.84 -3.22
N GLU A 196 -55.09 -32.22 -3.58
CA GLU A 196 -55.38 -31.87 -4.95
C GLU A 196 -54.79 -30.50 -5.29
N HIS A 197 -54.60 -29.64 -4.27
CA HIS A 197 -53.98 -28.34 -4.46
C HIS A 197 -52.90 -28.12 -3.40
N ILE A 198 -52.10 -27.07 -3.60
CA ILE A 198 -51.13 -26.61 -2.63
C ILE A 198 -51.71 -25.41 -1.91
N ASN A 199 -52.28 -25.65 -0.71
CA ASN A 199 -52.84 -24.60 0.10
C ASN A 199 -51.81 -24.14 1.12
N LEU A 200 -51.27 -22.92 0.92
CA LEU A 200 -50.19 -22.41 1.75
C LEU A 200 -50.78 -21.73 2.99
N GLY A 201 -50.43 -22.26 4.17
CA GLY A 201 -50.84 -21.68 5.44
C GLY A 201 -49.84 -20.66 5.95
N LEU A 202 -50.32 -19.44 6.22
CA LEU A 202 -49.50 -18.37 6.78
C LEU A 202 -49.73 -18.32 8.29
N ALA A 203 -48.63 -18.39 9.06
CA ALA A 203 -48.69 -18.16 10.49
C ALA A 203 -48.73 -16.65 10.74
N ILE A 204 -49.90 -16.14 11.11
CA ILE A 204 -50.11 -14.72 11.33
C ILE A 204 -50.24 -14.47 12.82
N ASP A 205 -49.32 -13.67 13.37
CA ASP A 205 -49.39 -13.26 14.77
C ASP A 205 -50.40 -12.12 14.89
N LEU A 206 -51.39 -12.30 15.78
CA LEU A 206 -52.47 -11.35 15.95
C LEU A 206 -52.49 -10.85 17.40
N PRO A 207 -51.83 -9.71 17.71
CA PRO A 207 -52.00 -9.03 19.00
C PRO A 207 -53.42 -8.47 19.11
N GLN A 208 -54.24 -9.11 19.95
CA GLN A 208 -55.64 -8.75 20.09
C GLN A 208 -55.76 -7.47 20.92
N LYS A 209 -56.93 -6.85 20.86
CA LYS A 209 -57.21 -5.60 21.57
C LYS A 209 -57.35 -5.86 23.06
N ASP A 210 -57.68 -7.10 23.43
CA ASP A 210 -57.82 -7.50 24.83
C ASP A 210 -56.48 -7.33 25.55
N GLY A 211 -55.39 -7.68 24.86
CA GLY A 211 -54.04 -7.58 25.42
C GLY A 211 -53.18 -8.78 25.03
N SER A 212 -53.80 -9.97 25.07
CA SER A 212 -53.13 -11.21 24.70
C SER A 212 -52.96 -11.28 23.18
N ARG A 213 -51.96 -12.06 22.75
CA ARG A 213 -51.67 -12.27 21.34
C ARG A 213 -51.89 -13.74 21.00
N ALA A 214 -52.42 -14.00 19.80
CA ALA A 214 -52.69 -15.36 19.34
C ALA A 214 -52.15 -15.53 17.92
N LEU A 215 -51.78 -16.77 17.59
CA LEU A 215 -51.31 -17.10 16.26
C LEU A 215 -52.36 -17.95 15.55
N VAL A 216 -52.63 -17.61 14.29
CA VAL A 216 -53.57 -18.34 13.47
C VAL A 216 -52.89 -18.71 12.16
N VAL A 217 -53.35 -19.79 11.53
CA VAL A 217 -52.82 -20.25 10.26
C VAL A 217 -53.92 -20.15 9.21
N ALA A 218 -53.91 -19.06 8.45
CA ALA A 218 -54.86 -18.83 7.38
C ALA A 218 -54.29 -19.35 6.06
N ALA A 219 -55.14 -19.94 5.23
CA ALA A 219 -54.72 -20.66 4.05
C ALA A 219 -54.86 -19.78 2.81
N ILE A 220 -53.82 -19.78 1.97
CA ILE A 220 -53.90 -19.31 0.59
C ILE A 220 -54.09 -20.53 -0.29
N LYS A 221 -55.27 -20.66 -0.90
CA LYS A 221 -55.67 -21.89 -1.55
C LYS A 221 -55.34 -21.84 -3.04
N GLU A 222 -54.98 -23.00 -3.60
CA GLU A 222 -54.72 -23.19 -5.02
C GLU A 222 -53.59 -22.28 -5.47
N THR A 223 -52.43 -22.39 -4.79
CA THR A 223 -51.27 -21.56 -5.10
C THR A 223 -50.50 -22.10 -6.31
N GLU A 224 -50.76 -23.37 -6.67
CA GLU A 224 -50.04 -24.02 -7.75
C GLU A 224 -50.46 -23.47 -9.11
N LYS A 225 -51.57 -22.72 -9.16
CA LYS A 225 -52.08 -22.16 -10.40
C LYS A 225 -52.10 -20.63 -10.32
N MET A 226 -51.07 -20.05 -9.69
CA MET A 226 -50.95 -18.60 -9.62
C MET A 226 -49.58 -18.17 -10.12
N ASN A 227 -49.50 -16.93 -10.60
CA ASN A 227 -48.23 -16.25 -10.82
C ASN A 227 -47.95 -15.39 -9.59
N PHE A 228 -46.86 -14.62 -9.62
CA PHE A 228 -46.46 -13.82 -8.48
C PHE A 228 -47.51 -12.75 -8.18
N SER A 229 -48.05 -12.13 -9.24
CA SER A 229 -49.06 -11.09 -9.10
C SER A 229 -50.29 -11.63 -8.39
N GLU A 230 -50.77 -12.80 -8.84
CA GLU A 230 -51.93 -13.44 -8.25
C GLU A 230 -51.62 -13.85 -6.82
N PHE A 231 -50.42 -14.41 -6.60
CA PHE A 231 -50.01 -14.87 -5.27
C PHE A 231 -49.96 -13.70 -4.29
N LEU A 232 -49.41 -12.55 -4.74
CA LEU A 232 -49.27 -11.38 -3.88
C LEU A 232 -50.65 -10.85 -3.50
N ALA A 233 -51.59 -10.86 -4.46
CA ALA A 233 -52.94 -10.38 -4.21
C ALA A 233 -53.63 -11.28 -3.19
N ALA A 234 -53.50 -12.60 -3.38
CA ALA A 234 -54.11 -13.57 -2.49
C ALA A 234 -53.49 -13.48 -1.08
N TYR A 235 -52.18 -13.26 -1.04
CA TYR A 235 -51.45 -13.12 0.22
C TYR A 235 -51.97 -11.91 0.98
N GLU A 236 -52.07 -10.76 0.30
CA GLU A 236 -52.46 -9.52 0.92
C GLU A 236 -53.92 -9.56 1.36
N ASP A 237 -54.76 -10.27 0.61
CA ASP A 237 -56.17 -10.41 0.94
C ASP A 237 -56.31 -11.10 2.29
N ILE A 238 -55.58 -12.20 2.48
CA ILE A 238 -55.63 -12.97 3.71
C ILE A 238 -55.14 -12.12 4.88
N VAL A 239 -54.02 -11.41 4.68
CA VAL A 239 -53.40 -10.62 5.73
C VAL A 239 -54.31 -9.46 6.11
N ALA A 240 -54.89 -8.79 5.10
CA ALA A 240 -55.74 -7.63 5.32
C ALA A 240 -56.96 -8.02 6.15
N ARG A 241 -57.61 -9.14 5.78
CA ARG A 241 -58.82 -9.59 6.45
C ARG A 241 -58.51 -10.05 7.87
N SER A 242 -57.32 -10.60 8.09
CA SER A 242 -56.92 -11.12 9.39
C SER A 242 -56.79 -9.99 10.41
N ARG A 243 -56.27 -8.84 9.97
CA ARG A 243 -56.07 -7.69 10.84
C ARG A 243 -57.42 -7.12 11.28
N LYS A 244 -58.35 -6.96 10.34
CA LYS A 244 -59.68 -6.44 10.64
C LYS A 244 -60.53 -7.54 11.28
N GLY A 245 -60.17 -8.80 11.03
CA GLY A 245 -60.80 -9.94 11.69
C GLY A 245 -62.07 -10.39 10.98
N LYS A 246 -62.02 -10.48 9.64
CA LYS A 246 -63.14 -10.96 8.85
C LYS A 246 -62.77 -12.28 8.19
N LEU A 247 -62.08 -13.15 8.94
CA LEU A 247 -61.71 -14.47 8.45
C LEU A 247 -62.84 -15.45 8.73
N THR A 248 -63.24 -16.21 7.70
CA THR A 248 -64.28 -17.21 7.81
C THR A 248 -63.64 -18.53 8.24
N MET A 249 -64.49 -19.55 8.46
CA MET A 249 -64.02 -20.86 8.89
C MET A 249 -63.29 -21.55 7.73
N ASP A 250 -63.69 -21.25 6.50
CA ASP A 250 -63.11 -21.89 5.31
C ASP A 250 -61.64 -21.50 5.16
N ASP A 251 -61.26 -20.32 5.67
CA ASP A 251 -59.90 -19.83 5.57
C ASP A 251 -58.94 -20.70 6.39
N TYR A 252 -59.45 -21.30 7.48
CA TYR A 252 -58.61 -22.07 8.39
C TYR A 252 -58.52 -23.53 7.96
N GLN A 253 -59.36 -23.96 7.01
CA GLN A 253 -59.43 -25.36 6.62
C GLN A 253 -58.62 -25.60 5.36
N GLY A 254 -58.12 -26.85 5.21
CA GLY A 254 -57.57 -27.33 3.96
C GLY A 254 -56.08 -27.00 3.79
N VAL A 255 -55.39 -26.62 4.87
CA VAL A 255 -53.98 -26.29 4.80
C VAL A 255 -53.19 -27.57 4.52
N THR A 256 -52.34 -27.53 3.49
CA THR A 256 -51.53 -28.67 3.10
C THR A 256 -50.07 -28.46 3.50
N VAL A 257 -49.62 -27.19 3.52
CA VAL A 257 -48.26 -26.86 3.89
C VAL A 257 -48.25 -25.47 4.53
N SER A 258 -47.37 -25.28 5.52
CA SER A 258 -47.38 -24.07 6.33
C SER A 258 -46.06 -23.31 6.18
N LEU A 259 -46.13 -22.00 6.37
CA LEU A 259 -44.96 -21.12 6.36
C LEU A 259 -45.02 -20.22 7.60
N THR A 260 -43.93 -20.20 8.36
CA THR A 260 -43.81 -19.36 9.56
C THR A 260 -42.54 -18.52 9.44
N ASN A 261 -42.59 -17.30 9.99
CA ASN A 261 -41.51 -16.33 9.85
C ASN A 261 -41.13 -15.78 11.21
N PRO A 262 -40.42 -16.55 12.05
CA PRO A 262 -39.87 -16.02 13.31
C PRO A 262 -38.67 -15.09 13.11
N GLY A 263 -38.17 -15.00 11.88
CA GLY A 263 -37.01 -14.18 11.54
C GLY A 263 -37.26 -12.68 11.66
N GLY A 264 -38.54 -12.26 11.61
CA GLY A 264 -38.90 -10.87 11.80
C GLY A 264 -38.45 -10.32 13.15
N ILE A 265 -38.57 -11.14 14.20
CA ILE A 265 -38.17 -10.75 15.54
C ILE A 265 -36.64 -10.76 15.64
N GLY A 266 -35.99 -11.60 14.83
CA GLY A 266 -34.53 -11.68 14.80
C GLY A 266 -34.01 -13.07 15.21
N THR A 267 -34.91 -14.03 15.38
CA THR A 267 -34.54 -15.42 15.61
C THR A 267 -33.77 -15.94 14.40
N ARG A 268 -32.62 -16.57 14.65
CA ARG A 268 -31.75 -17.04 13.58
C ARG A 268 -32.45 -18.19 12.85
N HIS A 269 -32.91 -19.18 13.60
CA HIS A 269 -33.74 -20.24 13.06
C HIS A 269 -34.54 -20.86 14.19
N SER A 270 -35.48 -21.73 13.85
CA SER A 270 -36.32 -22.36 14.84
C SER A 270 -36.64 -23.79 14.43
N VAL A 271 -37.10 -24.58 15.41
CA VAL A 271 -37.60 -25.91 15.17
C VAL A 271 -39.07 -25.93 15.58
N PRO A 272 -40.00 -25.55 14.67
CA PRO A 272 -41.42 -25.47 15.02
C PRO A 272 -42.09 -26.84 15.08
N ARG A 273 -43.33 -26.85 15.57
CA ARG A 273 -44.14 -28.06 15.64
C ARG A 273 -44.96 -28.19 14.37
N LEU A 274 -45.19 -29.44 13.95
CA LEU A 274 -45.99 -29.73 12.78
C LEU A 274 -47.40 -30.10 13.23
N THR A 275 -48.40 -29.46 12.63
CA THR A 275 -49.80 -29.71 12.93
C THR A 275 -50.26 -30.97 12.18
N LYS A 276 -51.22 -31.69 12.77
CA LYS A 276 -51.78 -32.88 12.15
C LYS A 276 -52.50 -32.50 10.85
N GLY A 277 -52.38 -33.38 9.85
CA GLY A 277 -53.02 -33.18 8.56
C GLY A 277 -52.14 -32.44 7.56
N GLN A 278 -50.87 -32.21 7.94
CA GLN A 278 -49.92 -31.52 7.07
C GLN A 278 -48.65 -32.37 6.96
N GLY A 279 -47.91 -32.14 5.87
CA GLY A 279 -46.68 -32.88 5.60
C GLY A 279 -45.45 -32.19 6.19
N THR A 280 -45.37 -30.86 6.00
CA THR A 280 -44.21 -30.10 6.41
C THR A 280 -44.59 -28.67 6.78
N ILE A 281 -43.73 -28.04 7.57
CA ILE A 281 -43.81 -26.62 7.87
C ILE A 281 -42.43 -26.01 7.61
N ILE A 282 -42.42 -24.83 7.00
CA ILE A 282 -41.19 -24.15 6.63
C ILE A 282 -41.03 -22.92 7.53
N GLY A 283 -39.86 -22.82 8.17
CA GLY A 283 -39.53 -21.70 9.04
C GLY A 283 -38.49 -20.79 8.39
N VAL A 284 -38.75 -19.48 8.43
CA VAL A 284 -37.85 -18.50 7.84
C VAL A 284 -37.15 -17.75 8.97
N GLY A 285 -35.82 -17.82 8.98
CA GLY A 285 -35.02 -17.19 10.03
C GLY A 285 -34.69 -15.74 9.69
N SER A 286 -33.92 -15.11 10.57
CA SER A 286 -33.52 -13.71 10.43
C SER A 286 -32.65 -13.54 9.19
N MET A 287 -32.94 -12.48 8.42
CA MET A 287 -32.14 -12.13 7.25
C MET A 287 -31.19 -11.01 7.65
N ASP A 288 -30.03 -11.40 8.17
CA ASP A 288 -29.10 -10.46 8.78
C ASP A 288 -27.70 -11.05 8.69
N TYR A 289 -26.69 -10.20 8.96
CA TYR A 289 -25.32 -10.66 9.08
C TYR A 289 -25.22 -11.64 10.26
N PRO A 290 -24.31 -12.62 10.20
CA PRO A 290 -24.00 -13.45 11.38
C PRO A 290 -23.50 -12.60 12.53
N ALA A 291 -23.73 -13.07 13.76
CA ALA A 291 -23.41 -12.33 14.98
C ALA A 291 -21.94 -11.91 15.02
N GLU A 292 -21.04 -12.71 14.42
CA GLU A 292 -19.62 -12.42 14.45
C GLU A 292 -19.26 -11.20 13.59
N PHE A 293 -20.22 -10.70 12.78
CA PHE A 293 -19.96 -9.59 11.89
C PHE A 293 -20.77 -8.35 12.29
N GLN A 294 -21.51 -8.42 13.40
CA GLN A 294 -22.45 -7.36 13.74
C GLN A 294 -21.74 -6.14 14.29
N GLY A 295 -20.44 -6.28 14.62
CA GLY A 295 -19.64 -5.16 15.08
C GLY A 295 -18.72 -4.58 14.01
N ALA A 296 -18.60 -5.28 12.87
CA ALA A 296 -17.67 -4.87 11.82
C ALA A 296 -18.22 -3.65 11.08
N SER A 297 -17.30 -2.82 10.57
CA SER A 297 -17.68 -1.65 9.80
C SER A 297 -18.17 -2.06 8.43
N GLU A 298 -18.98 -1.20 7.80
CA GLU A 298 -19.53 -1.46 6.48
C GLU A 298 -18.41 -1.49 5.44
N ASP A 299 -17.35 -0.70 5.66
CA ASP A 299 -16.22 -0.64 4.75
C ASP A 299 -15.53 -2.01 4.67
N ARG A 300 -15.27 -2.61 5.82
CA ARG A 300 -14.56 -3.87 5.90
C ARG A 300 -15.42 -5.01 5.34
N LEU A 301 -16.73 -4.96 5.62
CA LEU A 301 -17.66 -5.96 5.13
C LEU A 301 -17.78 -5.87 3.61
N ALA A 302 -17.87 -4.63 3.09
CA ALA A 302 -17.98 -4.39 1.66
C ALA A 302 -16.71 -4.83 0.96
N GLU A 303 -15.55 -4.56 1.57
CA GLU A 303 -14.27 -4.91 1.00
C GLU A 303 -14.14 -6.43 0.85
N LEU A 304 -14.51 -7.15 1.91
CA LEU A 304 -14.38 -8.61 1.92
C LEU A 304 -15.44 -9.25 1.03
N GLY A 305 -16.62 -8.61 0.95
CA GLY A 305 -17.72 -9.14 0.17
C GLY A 305 -18.59 -10.10 0.98
N VAL A 306 -18.86 -9.74 2.23
CA VAL A 306 -19.73 -10.52 3.11
C VAL A 306 -21.17 -10.16 2.79
N GLY A 307 -22.00 -11.18 2.52
CA GLY A 307 -23.42 -10.99 2.27
C GLY A 307 -24.25 -11.43 3.46
N LYS A 308 -25.49 -10.92 3.53
CA LYS A 308 -26.45 -11.38 4.51
C LYS A 308 -26.95 -12.77 4.11
N LEU A 309 -27.40 -13.54 5.09
CA LEU A 309 -27.91 -14.88 4.84
C LEU A 309 -29.30 -15.01 5.46
N VAL A 310 -30.03 -16.01 4.99
CA VAL A 310 -31.30 -16.41 5.59
C VAL A 310 -31.21 -17.91 5.85
N THR A 311 -31.68 -18.33 7.03
CA THR A 311 -31.72 -19.73 7.40
C THR A 311 -33.15 -20.23 7.26
N ILE A 312 -33.34 -21.28 6.48
CA ILE A 312 -34.65 -21.86 6.26
C ILE A 312 -34.65 -23.27 6.83
N THR A 313 -35.69 -23.60 7.60
CA THR A 313 -35.83 -24.92 8.18
C THR A 313 -37.02 -25.62 7.55
N SER A 314 -36.93 -26.96 7.47
CA SER A 314 -38.02 -27.79 6.99
C SER A 314 -38.30 -28.88 8.02
N THR A 315 -39.44 -28.76 8.70
CA THR A 315 -39.88 -29.76 9.66
C THR A 315 -41.01 -30.56 9.02
N TYR A 316 -40.79 -31.87 8.87
CA TYR A 316 -41.67 -32.71 8.06
C TYR A 316 -42.03 -33.99 8.81
N ASP A 317 -43.15 -34.59 8.41
CA ASP A 317 -43.59 -35.87 8.93
C ASP A 317 -42.73 -36.97 8.29
N HIS A 318 -41.99 -37.70 9.11
CA HIS A 318 -40.96 -38.61 8.62
C HIS A 318 -41.58 -39.92 8.13
N ARG A 319 -42.87 -40.15 8.42
CA ARG A 319 -43.55 -41.35 7.98
C ARG A 319 -43.81 -41.33 6.48
N VAL A 320 -43.97 -40.14 5.91
CA VAL A 320 -44.36 -40.00 4.51
C VAL A 320 -43.30 -39.22 3.71
N ILE A 321 -42.46 -38.43 4.39
CA ILE A 321 -41.45 -37.63 3.71
C ILE A 321 -40.06 -38.09 4.16
N GLN A 322 -39.19 -38.37 3.20
CA GLN A 322 -37.83 -38.81 3.47
C GLN A 322 -36.94 -37.58 3.67
N GLY A 323 -35.80 -37.80 4.34
CA GLY A 323 -34.84 -36.74 4.61
C GLY A 323 -34.20 -36.20 3.35
N ALA A 324 -33.98 -37.07 2.36
CA ALA A 324 -33.39 -36.67 1.09
C ALA A 324 -34.32 -35.73 0.34
N VAL A 325 -35.63 -36.00 0.40
CA VAL A 325 -36.61 -35.20 -0.30
C VAL A 325 -36.68 -33.81 0.33
N SER A 326 -36.65 -33.74 1.67
CA SER A 326 -36.66 -32.48 2.38
C SER A 326 -35.40 -31.68 2.06
N GLY A 327 -34.26 -32.37 1.99
CA GLY A 327 -33.00 -31.74 1.65
C GLY A 327 -33.01 -31.14 0.24
N GLU A 328 -33.54 -31.91 -0.72
CA GLU A 328 -33.61 -31.49 -2.11
C GLU A 328 -34.59 -30.32 -2.25
N PHE A 329 -35.65 -30.35 -1.45
CA PHE A 329 -36.62 -29.26 -1.42
C PHE A 329 -35.93 -27.94 -1.03
N LEU A 330 -35.11 -27.97 0.03
CA LEU A 330 -34.42 -26.77 0.49
C LEU A 330 -33.37 -26.34 -0.52
N ARG A 331 -32.73 -27.31 -1.19
CA ARG A 331 -31.75 -26.99 -2.23
C ARG A 331 -32.43 -26.25 -3.39
N THR A 332 -33.63 -26.68 -3.77
CA THR A 332 -34.37 -26.05 -4.85
C THR A 332 -34.72 -24.61 -4.47
N MET A 333 -35.16 -24.40 -3.22
CA MET A 333 -35.48 -23.08 -2.73
C MET A 333 -34.25 -22.17 -2.80
N SER A 334 -33.09 -22.70 -2.42
CA SER A 334 -31.86 -21.94 -2.43
C SER A 334 -31.49 -21.53 -3.85
N ARG A 335 -31.68 -22.46 -4.81
CA ARG A 335 -31.38 -22.21 -6.21
C ARG A 335 -32.30 -21.14 -6.76
N LEU A 336 -33.60 -21.25 -6.45
CA LEU A 336 -34.61 -20.32 -6.97
C LEU A 336 -34.29 -18.89 -6.55
N LEU A 337 -33.87 -18.69 -5.29
CA LEU A 337 -33.68 -17.35 -4.75
C LEU A 337 -32.47 -16.66 -5.40
N THR A 338 -31.64 -17.41 -6.14
CA THR A 338 -30.50 -16.82 -6.84
C THR A 338 -30.58 -17.15 -8.34
N ASP A 339 -31.77 -17.53 -8.83
CA ASP A 339 -31.94 -17.94 -10.21
C ASP A 339 -32.39 -16.75 -11.05
N ASP A 340 -31.84 -16.65 -12.27
CA ASP A 340 -32.18 -15.59 -13.20
C ASP A 340 -33.65 -15.70 -13.60
N SER A 341 -34.08 -16.93 -13.92
CA SER A 341 -35.43 -17.19 -14.40
C SER A 341 -36.45 -16.83 -13.34
N PHE A 342 -36.16 -17.15 -12.07
CA PHE A 342 -37.08 -16.89 -10.97
C PHE A 342 -37.33 -15.39 -10.84
N TRP A 343 -36.26 -14.60 -10.91
CA TRP A 343 -36.36 -13.15 -10.72
C TRP A 343 -36.95 -12.48 -11.95
N ASP A 344 -36.69 -13.05 -13.14
CA ASP A 344 -37.29 -12.55 -14.37
C ASP A 344 -38.81 -12.68 -14.29
N GLU A 345 -39.29 -13.80 -13.75
CA GLU A 345 -40.71 -14.06 -13.63
C GLU A 345 -41.37 -13.03 -12.72
N ILE A 346 -40.71 -12.71 -11.60
CA ILE A 346 -41.24 -11.76 -10.64
C ILE A 346 -41.26 -10.36 -11.24
N PHE A 347 -40.17 -10.00 -11.95
CA PHE A 347 -40.06 -8.67 -12.53
C PHE A 347 -41.14 -8.46 -13.60
N ASP A 348 -41.40 -9.49 -14.40
CA ASP A 348 -42.41 -9.41 -15.45
C ASP A 348 -43.79 -9.24 -14.82
N ALA A 349 -44.03 -9.95 -13.72
CA ALA A 349 -45.32 -9.90 -13.03
C ALA A 349 -45.54 -8.51 -12.41
N MET A 350 -44.47 -7.87 -11.95
CA MET A 350 -44.56 -6.59 -11.27
C MET A 350 -44.27 -5.43 -12.22
N ASN A 351 -43.93 -5.75 -13.48
CA ASN A 351 -43.72 -4.77 -14.53
C ASN A 351 -42.55 -3.85 -14.14
N VAL A 352 -41.38 -4.46 -13.92
CA VAL A 352 -40.15 -3.74 -13.68
C VAL A 352 -39.36 -3.76 -14.99
N PRO A 353 -38.99 -2.58 -15.55
CA PRO A 353 -38.36 -2.51 -16.87
C PRO A 353 -36.90 -2.96 -16.95
N TYR A 354 -36.19 -2.89 -15.83
CA TYR A 354 -34.77 -3.18 -15.78
C TYR A 354 -34.52 -4.69 -15.71
N THR A 355 -33.31 -5.10 -16.12
CA THR A 355 -32.86 -6.46 -15.94
C THR A 355 -32.54 -6.68 -14.47
N PRO A 356 -33.02 -7.77 -13.82
CA PRO A 356 -32.68 -8.05 -12.43
C PRO A 356 -31.18 -8.23 -12.23
N MET A 357 -30.72 -7.88 -11.02
CA MET A 357 -29.35 -8.16 -10.62
C MET A 357 -29.10 -9.66 -10.70
N ARG A 358 -27.93 -10.04 -11.23
CA ARG A 358 -27.59 -11.42 -11.43
C ARG A 358 -26.64 -11.87 -10.33
N TRP A 359 -26.89 -13.08 -9.80
CA TRP A 359 -25.99 -13.68 -8.83
C TRP A 359 -24.67 -14.00 -9.52
N ALA A 360 -23.57 -13.50 -8.94
CA ALA A 360 -22.24 -13.84 -9.36
C ALA A 360 -21.29 -13.72 -8.16
N GLN A 361 -20.12 -14.36 -8.30
CA GLN A 361 -19.07 -14.23 -7.30
C GLN A 361 -18.35 -12.89 -7.49
N ASP A 362 -17.84 -12.36 -6.38
CA ASP A 362 -17.09 -11.13 -6.41
C ASP A 362 -15.84 -11.33 -7.27
N VAL A 363 -15.46 -10.28 -8.00
CA VAL A 363 -14.32 -10.32 -8.89
C VAL A 363 -13.20 -9.50 -8.26
N PRO A 364 -11.92 -9.95 -8.36
CA PRO A 364 -10.79 -9.17 -7.85
C PRO A 364 -10.59 -7.88 -8.65
N ASN A 365 -10.02 -6.87 -7.98
CA ASN A 365 -9.74 -5.60 -8.63
C ASN A 365 -8.41 -5.70 -9.37
N THR A 366 -8.33 -6.68 -10.28
CA THR A 366 -7.13 -6.97 -11.05
C THR A 366 -7.42 -6.66 -12.52
N GLY A 367 -6.35 -6.44 -13.29
CA GLY A 367 -6.48 -6.00 -14.66
C GLY A 367 -7.03 -4.58 -14.71
N VAL A 368 -8.08 -4.38 -15.52
CA VAL A 368 -8.75 -3.09 -15.61
C VAL A 368 -9.33 -2.74 -14.24
N ASP A 369 -9.02 -1.53 -13.76
CA ASP A 369 -9.45 -1.08 -12.44
C ASP A 369 -10.96 -0.90 -12.44
N LYS A 370 -11.58 -1.11 -11.27
CA LYS A 370 -13.02 -1.00 -11.15
C LYS A 370 -13.47 0.45 -11.32
N ASN A 371 -12.61 1.41 -10.96
CA ASN A 371 -12.90 2.81 -11.23
C ASN A 371 -13.06 3.03 -12.73
N THR A 372 -12.24 2.35 -13.53
CA THR A 372 -12.34 2.42 -14.98
C THR A 372 -13.68 1.88 -15.43
N ARG A 373 -14.07 0.75 -14.84
CA ARG A 373 -15.26 0.04 -15.25
C ARG A 373 -16.48 0.92 -14.97
N VAL A 374 -16.44 1.62 -13.83
CA VAL A 374 -17.57 2.42 -13.38
C VAL A 374 -17.79 3.56 -14.36
N MET A 375 -16.69 4.18 -14.80
CA MET A 375 -16.78 5.33 -15.68
C MET A 375 -17.11 4.89 -17.11
N GLN A 376 -16.82 3.63 -17.45
CA GLN A 376 -17.29 3.04 -18.68
C GLN A 376 -18.80 2.82 -18.62
N LEU A 377 -19.30 2.41 -17.45
CA LEU A 377 -20.72 2.23 -17.25
C LEU A 377 -21.44 3.57 -17.39
N ILE A 378 -20.85 4.65 -16.86
CA ILE A 378 -21.45 5.96 -16.94
C ILE A 378 -21.58 6.37 -18.41
N GLU A 379 -20.53 6.15 -19.20
CA GLU A 379 -20.56 6.52 -20.61
C GLU A 379 -21.55 5.64 -21.37
N ALA A 380 -21.69 4.39 -20.94
CA ALA A 380 -22.63 3.49 -21.59
C ALA A 380 -24.05 4.02 -21.46
N TYR A 381 -24.42 4.49 -20.26
CA TYR A 381 -25.77 4.97 -20.01
C TYR A 381 -26.01 6.29 -20.73
N ARG A 382 -25.01 7.18 -20.73
CA ARG A 382 -25.13 8.46 -21.40
C ARG A 382 -25.30 8.26 -22.90
N SER A 383 -24.72 7.18 -23.46
CA SER A 383 -24.74 6.94 -24.89
C SER A 383 -25.94 6.09 -25.29
N ARG A 384 -26.19 5.00 -24.57
CA ARG A 384 -27.12 3.98 -25.04
C ARG A 384 -28.24 3.72 -24.02
N GLY A 385 -28.33 4.57 -23.00
CA GLY A 385 -29.35 4.39 -21.96
C GLY A 385 -30.77 4.49 -22.52
N HIS A 386 -30.91 5.22 -23.62
CA HIS A 386 -32.19 5.43 -24.27
C HIS A 386 -32.79 4.14 -24.80
N LEU A 387 -31.95 3.12 -25.04
CA LEU A 387 -32.41 1.85 -25.61
C LEU A 387 -33.35 1.12 -24.65
N ILE A 388 -33.23 1.37 -23.34
CA ILE A 388 -34.06 0.68 -22.37
C ILE A 388 -34.94 1.67 -21.62
N ALA A 389 -35.07 2.89 -22.14
CA ALA A 389 -35.86 3.93 -21.47
C ALA A 389 -37.34 3.60 -21.59
N ASP A 390 -38.11 4.00 -20.58
CA ASP A 390 -39.53 3.73 -20.52
C ASP A 390 -40.30 4.79 -21.32
N THR A 391 -40.11 4.78 -22.64
CA THR A 391 -40.65 5.83 -23.49
C THR A 391 -41.91 5.35 -24.20
N ASN A 392 -42.16 4.04 -24.22
CA ASN A 392 -43.29 3.49 -24.94
C ASN A 392 -44.49 3.40 -24.01
N PRO A 393 -45.61 4.11 -24.29
CA PRO A 393 -46.82 3.98 -23.47
C PRO A 393 -47.41 2.58 -23.46
N LEU A 394 -47.22 1.85 -24.57
CA LEU A 394 -47.71 0.48 -24.69
C LEU A 394 -46.62 -0.49 -24.27
N SER A 395 -47.04 -1.64 -23.72
CA SER A 395 -46.13 -2.75 -23.50
C SER A 395 -46.05 -3.57 -24.78
N TRP A 396 -45.48 -2.94 -25.82
CA TRP A 396 -45.55 -3.46 -27.18
C TRP A 396 -44.15 -3.49 -27.78
N VAL A 397 -43.80 -4.65 -28.37
CA VAL A 397 -42.62 -4.77 -29.19
C VAL A 397 -43.06 -5.30 -30.55
N GLN A 398 -42.65 -4.60 -31.61
CA GLN A 398 -43.04 -4.96 -32.96
C GLN A 398 -42.34 -6.25 -33.35
N PRO A 399 -43.08 -7.36 -33.62
CA PRO A 399 -42.48 -8.65 -33.91
C PRO A 399 -41.38 -8.71 -34.97
N GLY A 400 -41.51 -7.92 -36.04
CA GLY A 400 -40.56 -7.99 -37.14
C GLY A 400 -39.42 -6.98 -37.01
N MET A 401 -39.43 -6.18 -35.93
CA MET A 401 -38.43 -5.14 -35.74
C MET A 401 -37.23 -5.75 -35.03
N PRO A 402 -35.99 -5.61 -35.57
CA PRO A 402 -34.80 -6.12 -34.91
C PRO A 402 -34.53 -5.42 -33.58
N VAL A 403 -34.46 -6.21 -32.50
CA VAL A 403 -34.20 -5.68 -31.17
C VAL A 403 -32.71 -5.42 -31.03
N PRO A 404 -32.27 -4.16 -30.79
CA PRO A 404 -30.85 -3.87 -30.61
C PRO A 404 -30.29 -4.49 -29.34
N ASP A 405 -28.98 -4.77 -29.36
CA ASP A 405 -28.29 -5.32 -28.20
C ASP A 405 -27.99 -4.18 -27.23
N HIS A 406 -28.32 -4.41 -25.96
CA HIS A 406 -28.11 -3.41 -24.92
C HIS A 406 -27.46 -4.06 -23.70
N ARG A 407 -26.49 -4.94 -23.96
CA ARG A 407 -25.75 -5.61 -22.88
C ARG A 407 -24.78 -4.63 -22.23
N ASP A 408 -24.47 -3.52 -22.91
CA ASP A 408 -23.56 -2.51 -22.41
C ASP A 408 -24.12 -1.84 -21.15
N LEU A 409 -25.42 -1.98 -20.91
CA LEU A 409 -26.07 -1.33 -19.78
C LEU A 409 -26.11 -2.23 -18.56
N ASP A 410 -25.69 -3.50 -18.70
CA ASP A 410 -25.60 -4.41 -17.58
C ASP A 410 -24.22 -4.30 -16.95
N ILE A 411 -24.17 -4.34 -15.61
CA ILE A 411 -22.92 -4.17 -14.89
C ILE A 411 -22.00 -5.38 -15.11
N GLU A 412 -22.60 -6.55 -15.43
CA GLU A 412 -21.82 -7.75 -15.70
C GLU A 412 -20.90 -7.55 -16.89
N THR A 413 -21.37 -6.81 -17.91
CA THR A 413 -20.60 -6.55 -19.10
C THR A 413 -19.33 -5.76 -18.77
N HIS A 414 -19.39 -4.94 -17.70
CA HIS A 414 -18.28 -4.10 -17.31
C HIS A 414 -17.48 -4.74 -16.18
N ASN A 415 -17.69 -6.04 -15.96
CA ASN A 415 -16.97 -6.80 -14.94
C ASN A 415 -17.21 -6.18 -13.56
N LEU A 416 -18.47 -5.81 -13.31
CA LEU A 416 -18.91 -5.37 -12.00
C LEU A 416 -20.00 -6.34 -11.53
N THR A 417 -20.10 -6.49 -10.21
CA THR A 417 -21.04 -7.43 -9.61
C THR A 417 -21.84 -6.71 -8.54
N ILE A 418 -22.81 -7.43 -7.96
CA ILE A 418 -23.63 -6.93 -6.88
C ILE A 418 -22.77 -6.55 -5.67
N TRP A 419 -21.59 -7.17 -5.56
CA TRP A 419 -20.70 -6.97 -4.42
C TRP A 419 -19.99 -5.62 -4.51
N ASP A 420 -20.08 -4.96 -5.67
CA ASP A 420 -19.46 -3.67 -5.88
C ASP A 420 -20.43 -2.53 -5.55
N LEU A 421 -21.70 -2.85 -5.32
CA LEU A 421 -22.75 -1.84 -5.23
C LEU A 421 -22.48 -0.85 -4.11
N ASP A 422 -21.99 -1.33 -2.97
CA ASP A 422 -21.79 -0.49 -1.80
C ASP A 422 -20.35 0.00 -1.71
N ARG A 423 -19.51 -0.34 -2.69
CA ARG A 423 -18.14 0.15 -2.72
C ARG A 423 -18.09 1.53 -3.36
N THR A 424 -17.16 2.36 -2.88
CA THR A 424 -17.02 3.73 -3.33
C THR A 424 -16.01 3.79 -4.48
N PHE A 425 -16.33 4.60 -5.48
CA PHE A 425 -15.50 4.77 -6.65
C PHE A 425 -15.38 6.26 -6.95
N ASN A 426 -14.28 6.64 -7.60
CA ASN A 426 -14.06 7.99 -8.05
C ASN A 426 -14.76 8.17 -9.40
N VAL A 427 -15.70 9.12 -9.47
CA VAL A 427 -16.58 9.27 -10.61
C VAL A 427 -16.26 10.56 -11.36
N GLY A 428 -15.22 11.27 -10.92
CA GLY A 428 -14.68 12.39 -11.69
C GLY A 428 -15.70 13.48 -11.96
N GLY A 429 -16.42 13.87 -10.90
CA GLY A 429 -17.32 15.01 -10.97
C GLY A 429 -18.72 14.66 -11.47
N PHE A 430 -18.99 13.35 -11.64
CA PHE A 430 -20.33 12.91 -12.01
C PHE A 430 -21.29 13.24 -10.87
N GLY A 431 -22.45 13.81 -11.22
CA GLY A 431 -23.44 14.20 -10.24
C GLY A 431 -22.91 15.24 -9.26
N GLY A 432 -21.92 16.04 -9.71
CA GLY A 432 -21.30 17.06 -8.89
C GLY A 432 -20.62 16.50 -7.64
N LYS A 433 -20.11 15.26 -7.73
CA LYS A 433 -19.39 14.65 -6.64
C LYS A 433 -18.13 13.99 -7.19
N GLU A 434 -17.08 13.94 -6.37
CA GLU A 434 -15.82 13.34 -6.76
C GLU A 434 -15.87 11.82 -6.53
N THR A 435 -16.55 11.41 -5.46
CA THR A 435 -16.66 9.99 -5.12
C THR A 435 -18.11 9.61 -4.94
N MET A 436 -18.40 8.34 -5.20
CA MET A 436 -19.76 7.81 -5.18
C MET A 436 -19.71 6.29 -5.08
N THR A 437 -20.75 5.72 -4.49
CA THR A 437 -20.97 4.29 -4.53
C THR A 437 -21.55 3.92 -5.90
N LEU A 438 -21.35 2.66 -6.30
CA LEU A 438 -21.89 2.18 -7.56
C LEU A 438 -23.42 2.20 -7.49
N ARG A 439 -23.99 1.95 -6.32
CA ARG A 439 -25.42 1.99 -6.13
C ARG A 439 -25.96 3.37 -6.48
N GLU A 440 -25.29 4.41 -6.00
CA GLU A 440 -25.73 5.77 -6.25
C GLU A 440 -25.51 6.13 -7.72
N VAL A 441 -24.42 5.66 -8.31
CA VAL A 441 -24.14 5.90 -9.71
C VAL A 441 -25.25 5.29 -10.57
N LEU A 442 -25.64 4.06 -10.25
CA LEU A 442 -26.68 3.37 -11.02
C LEU A 442 -28.00 4.11 -10.87
N SER A 443 -28.31 4.56 -9.66
CA SER A 443 -29.55 5.26 -9.40
C SER A 443 -29.63 6.55 -10.22
N ARG A 444 -28.54 7.32 -10.25
CA ARG A 444 -28.52 8.58 -10.95
C ARG A 444 -28.59 8.37 -12.46
N LEU A 445 -27.89 7.34 -12.96
CA LEU A 445 -27.87 7.05 -14.38
C LEU A 445 -29.26 6.63 -14.84
N ARG A 446 -29.92 5.79 -14.04
CA ARG A 446 -31.24 5.28 -14.40
C ARG A 446 -32.27 6.39 -14.36
N ALA A 447 -32.14 7.30 -13.39
CA ALA A 447 -33.10 8.37 -13.22
C ALA A 447 -33.00 9.36 -14.38
N ALA A 448 -31.81 9.52 -14.95
CA ALA A 448 -31.58 10.53 -15.96
C ALA A 448 -31.81 9.99 -17.37
N TYR A 449 -31.63 8.69 -17.59
CA TYR A 449 -31.56 8.17 -18.94
C TYR A 449 -32.53 7.04 -19.24
N THR A 450 -33.23 6.50 -18.23
CA THR A 450 -34.04 5.32 -18.47
C THR A 450 -35.48 5.51 -18.01
N LEU A 451 -35.86 6.72 -17.61
CA LEU A 451 -37.24 6.99 -17.24
C LEU A 451 -38.01 7.44 -18.48
N LYS A 452 -38.89 8.43 -18.34
CA LYS A 452 -39.83 8.77 -19.39
C LYS A 452 -39.16 9.51 -20.54
N VAL A 453 -37.92 9.96 -20.34
CA VAL A 453 -37.20 10.70 -21.37
C VAL A 453 -35.94 9.95 -21.75
N GLY A 454 -35.84 9.58 -23.04
CA GLY A 454 -34.66 8.96 -23.60
C GLY A 454 -33.92 9.94 -24.50
N SER A 455 -32.64 10.18 -24.20
CA SER A 455 -31.87 11.21 -24.87
C SER A 455 -30.76 10.59 -25.72
N GLU A 456 -30.55 11.15 -26.91
CA GLU A 456 -29.40 10.83 -27.74
C GLU A 456 -28.65 12.13 -28.01
N TYR A 457 -27.51 12.31 -27.35
CA TYR A 457 -26.75 13.54 -27.48
C TYR A 457 -25.25 13.28 -27.56
N THR A 458 -24.79 12.09 -27.16
CA THR A 458 -23.36 11.82 -27.07
C THR A 458 -22.72 11.85 -28.45
N HIS A 459 -23.51 11.66 -29.50
CA HIS A 459 -23.03 11.73 -30.87
C HIS A 459 -22.65 13.16 -31.26
N ILE A 460 -23.12 14.15 -30.49
CA ILE A 460 -22.81 15.54 -30.80
C ILE A 460 -21.32 15.76 -30.55
N LEU A 461 -20.67 16.43 -31.51
CA LEU A 461 -19.22 16.52 -31.54
C LEU A 461 -18.74 17.68 -30.66
N ASP A 462 -19.55 18.75 -30.57
CA ASP A 462 -19.19 19.91 -29.77
C ASP A 462 -19.34 19.59 -28.29
N ARG A 463 -18.30 19.88 -27.50
CA ARG A 463 -18.25 19.50 -26.09
C ARG A 463 -19.15 20.44 -25.27
N ASP A 464 -19.14 21.73 -25.62
CA ASP A 464 -19.96 22.72 -24.92
C ASP A 464 -21.44 22.38 -25.11
N GLU A 465 -21.84 22.01 -26.33
CA GLU A 465 -23.20 21.54 -26.58
C GLU A 465 -23.48 20.31 -25.75
N ARG A 466 -22.56 19.33 -25.79
CA ARG A 466 -22.77 18.04 -25.14
C ARG A 466 -22.87 18.24 -23.63
N THR A 467 -22.02 19.12 -23.09
CA THR A 467 -21.99 19.40 -21.66
C THR A 467 -23.27 20.11 -21.24
N TRP A 468 -23.72 21.05 -22.07
CA TRP A 468 -24.93 21.81 -21.80
C TRP A 468 -26.11 20.85 -21.66
N LEU A 469 -26.23 19.92 -22.62
CA LEU A 469 -27.31 18.95 -22.60
C LEU A 469 -27.13 17.97 -21.45
N GLN A 470 -25.90 17.53 -21.22
CA GLN A 470 -25.60 16.57 -20.17
C GLN A 470 -26.00 17.13 -18.80
N ASP A 471 -25.65 18.39 -18.54
CA ASP A 471 -25.91 18.99 -17.25
C ASP A 471 -27.41 19.08 -17.00
N ARG A 472 -28.17 19.44 -18.03
CA ARG A 472 -29.60 19.65 -17.88
C ARG A 472 -30.34 18.32 -17.76
N LEU A 473 -29.91 17.30 -18.51
CA LEU A 473 -30.54 16.00 -18.47
C LEU A 473 -30.28 15.31 -17.13
N GLU A 474 -29.10 15.53 -16.55
CA GLU A 474 -28.72 14.87 -15.31
C GLU A 474 -29.23 15.65 -14.10
N ALA A 475 -29.57 16.93 -14.29
CA ALA A 475 -30.19 17.72 -13.24
C ALA A 475 -31.63 17.26 -13.05
N GLY A 476 -32.27 16.84 -14.15
CA GLY A 476 -33.60 16.29 -14.12
C GLY A 476 -34.67 17.36 -14.34
N MET A 477 -35.92 16.92 -14.49
CA MET A 477 -37.05 17.82 -14.68
C MET A 477 -37.35 18.51 -13.34
N PRO A 478 -37.43 19.86 -13.30
CA PRO A 478 -37.83 20.56 -12.09
C PRO A 478 -39.30 20.32 -11.78
N LYS A 479 -39.62 20.24 -10.48
CA LYS A 479 -40.98 19.96 -10.03
C LYS A 479 -41.89 21.12 -10.42
N PRO A 480 -42.93 20.90 -11.25
CA PRO A 480 -43.82 21.99 -11.66
C PRO A 480 -44.76 22.41 -10.53
N THR A 481 -45.23 23.66 -10.60
CA THR A 481 -46.15 24.20 -9.61
C THR A 481 -47.55 23.67 -9.88
N GLN A 482 -48.44 23.80 -8.90
CA GLN A 482 -49.79 23.30 -9.00
C GLN A 482 -50.54 24.04 -10.11
N ALA A 483 -50.26 25.33 -10.27
CA ALA A 483 -50.87 26.12 -11.33
C ALA A 483 -50.42 25.59 -12.69
N GLU A 484 -49.14 25.24 -12.79
CA GLU A 484 -48.59 24.68 -14.02
C GLU A 484 -49.20 23.33 -14.29
N GLN A 485 -49.36 22.51 -13.24
CA GLN A 485 -49.94 21.19 -13.38
C GLN A 485 -51.40 21.32 -13.86
N LYS A 486 -52.13 22.27 -13.28
CA LYS A 486 -53.53 22.46 -13.63
C LYS A 486 -53.64 22.92 -15.08
N TYR A 487 -52.69 23.75 -15.52
CA TYR A 487 -52.69 24.27 -16.88
C TYR A 487 -52.47 23.13 -17.87
N ILE A 488 -51.59 22.17 -17.51
CA ILE A 488 -51.33 21.03 -18.37
C ILE A 488 -52.60 20.19 -18.50
N LEU A 489 -53.36 20.05 -17.41
CA LEU A 489 -54.58 19.26 -17.44
C LEU A 489 -55.62 19.92 -18.33
N GLN A 490 -55.72 21.25 -18.25
CA GLN A 490 -56.67 21.99 -19.08
C GLN A 490 -56.39 21.73 -20.57
N LYS A 491 -55.11 21.70 -20.94
CA LYS A 491 -54.72 21.51 -22.32
C LYS A 491 -55.02 20.07 -22.75
N LEU A 492 -54.73 19.12 -21.87
CA LEU A 492 -55.05 17.72 -22.13
C LEU A 492 -56.56 17.55 -22.28
N ASN A 493 -57.33 18.19 -21.39
CA ASN A 493 -58.77 18.07 -21.42
C ASN A 493 -59.29 18.62 -22.75
N ALA A 494 -58.80 19.80 -23.14
CA ALA A 494 -59.25 20.45 -24.35
C ALA A 494 -58.99 19.57 -25.57
N ALA A 495 -57.82 18.92 -25.59
CA ALA A 495 -57.42 18.07 -26.70
C ALA A 495 -58.36 16.87 -26.83
N GLU A 496 -58.66 16.21 -25.71
CA GLU A 496 -59.47 15.00 -25.73
C GLU A 496 -60.94 15.36 -25.96
N ALA A 497 -61.42 16.39 -25.25
CA ALA A 497 -62.82 16.75 -25.31
C ALA A 497 -63.20 17.22 -26.72
N PHE A 498 -62.30 17.94 -27.38
CA PHE A 498 -62.52 18.42 -28.74
C PHE A 498 -62.70 17.22 -29.66
N GLU A 499 -61.83 16.21 -29.53
CA GLU A 499 -61.87 15.03 -30.38
C GLU A 499 -63.17 14.26 -30.12
N ASN A 500 -63.57 14.15 -28.85
CA ASN A 500 -64.76 13.41 -28.47
C ASN A 500 -66.02 14.11 -28.96
N PHE A 501 -66.00 15.45 -28.99
CA PHE A 501 -67.16 16.22 -29.41
C PHE A 501 -67.43 15.97 -30.90
N LEU A 502 -66.36 15.96 -31.71
CA LEU A 502 -66.48 15.74 -33.14
C LEU A 502 -66.97 14.32 -33.42
N GLN A 503 -66.51 13.36 -32.63
CA GLN A 503 -66.93 11.98 -32.75
C GLN A 503 -68.43 11.86 -32.55
N THR A 504 -68.98 12.63 -31.58
CA THR A 504 -70.38 12.57 -31.23
C THR A 504 -71.24 13.25 -32.30
N LYS A 505 -70.83 14.46 -32.70
CA LYS A 505 -71.65 15.30 -33.56
C LYS A 505 -71.52 14.89 -35.02
N TYR A 506 -70.31 14.50 -35.43
CA TYR A 506 -70.04 14.09 -36.80
C TYR A 506 -69.36 12.73 -36.81
N VAL A 507 -70.16 11.67 -36.66
CA VAL A 507 -69.66 10.32 -36.48
C VAL A 507 -69.05 9.82 -37.79
N GLY A 508 -69.71 10.11 -38.91
CA GLY A 508 -69.32 9.59 -40.21
C GLY A 508 -68.59 10.63 -41.06
N GLN A 509 -67.64 11.35 -40.43
CA GLN A 509 -66.83 12.33 -41.15
C GLN A 509 -65.37 12.15 -40.74
N LYS A 510 -64.49 12.23 -41.75
CA LYS A 510 -63.06 12.02 -41.57
C LYS A 510 -62.46 13.26 -40.89
N ARG A 511 -61.70 13.03 -39.80
CA ARG A 511 -61.11 14.14 -39.05
C ARG A 511 -59.65 13.87 -38.69
N PHE A 512 -59.19 12.62 -38.79
CA PHE A 512 -57.82 12.26 -38.40
C PHE A 512 -57.56 12.66 -36.96
N SER A 513 -58.19 11.96 -36.02
CA SER A 513 -58.18 12.36 -34.62
C SER A 513 -56.78 12.24 -34.03
N LEU A 514 -56.54 13.02 -32.97
CA LEU A 514 -55.28 13.02 -32.27
C LEU A 514 -55.33 12.05 -31.08
N GLU A 515 -56.45 11.31 -30.94
CA GLU A 515 -56.64 10.42 -29.80
C GLU A 515 -55.48 9.44 -29.71
N GLY A 516 -54.89 9.33 -28.52
CA GLY A 516 -53.71 8.53 -28.31
C GLY A 516 -52.43 9.37 -28.33
N ALA A 517 -52.52 10.61 -28.84
CA ALA A 517 -51.38 11.49 -28.91
C ALA A 517 -51.75 12.88 -28.41
N GLU A 518 -52.60 12.96 -27.36
CA GLU A 518 -53.11 14.23 -26.89
C GLU A 518 -52.00 15.06 -26.24
N ALA A 519 -50.89 14.43 -25.85
CA ALA A 519 -49.79 15.13 -25.21
C ALA A 519 -49.09 16.07 -26.18
N LEU A 520 -49.40 15.97 -27.48
CA LEU A 520 -48.85 16.88 -28.47
C LEU A 520 -49.26 18.32 -28.16
N ILE A 521 -50.49 18.53 -27.69
CA ILE A 521 -51.00 19.87 -27.48
C ILE A 521 -50.21 20.57 -26.38
N PRO A 522 -50.06 20.01 -25.15
CA PRO A 522 -49.17 20.61 -24.16
C PRO A 522 -47.70 20.72 -24.59
N LEU A 523 -47.23 19.80 -25.45
CA LEU A 523 -45.87 19.86 -25.96
C LEU A 523 -45.68 21.11 -26.81
N MET A 524 -46.59 21.32 -27.77
CA MET A 524 -46.50 22.46 -28.66
C MET A 524 -46.68 23.75 -27.87
N ASP A 525 -47.59 23.73 -26.89
CA ASP A 525 -47.86 24.90 -26.07
C ASP A 525 -46.62 25.26 -25.24
N SER A 526 -45.92 24.24 -24.75
CA SER A 526 -44.71 24.42 -23.96
C SER A 526 -43.63 25.10 -24.79
N ALA A 527 -43.46 24.65 -26.03
CA ALA A 527 -42.42 25.17 -26.91
C ALA A 527 -42.73 26.61 -27.29
N ILE A 528 -44.00 26.89 -27.61
CA ILE A 528 -44.42 28.22 -28.02
C ILE A 528 -44.33 29.19 -26.83
N ASP A 529 -44.70 28.71 -25.64
CA ASP A 529 -44.64 29.54 -24.45
C ASP A 529 -43.19 29.91 -24.15
N THR A 530 -42.26 28.96 -24.34
CA THR A 530 -40.86 29.18 -24.09
C THR A 530 -40.31 30.22 -25.07
N ALA A 531 -40.74 30.14 -26.33
CA ALA A 531 -40.32 31.08 -27.36
C ALA A 531 -40.82 32.48 -27.02
N ALA A 532 -42.03 32.59 -26.46
CA ALA A 532 -42.58 33.88 -26.08
C ALA A 532 -41.74 34.48 -24.96
N GLY A 533 -41.29 33.64 -24.02
CA GLY A 533 -40.48 34.08 -22.92
C GLY A 533 -39.06 34.48 -23.34
N GLN A 534 -38.60 33.95 -24.47
CA GLN A 534 -37.30 34.30 -25.03
C GLN A 534 -37.36 35.63 -25.76
N GLY A 535 -38.58 36.18 -25.95
CA GLY A 535 -38.76 37.46 -26.59
C GLY A 535 -38.76 37.39 -28.11
N LEU A 536 -39.13 36.22 -28.66
CA LEU A 536 -39.13 36.01 -30.09
C LEU A 536 -40.44 36.52 -30.69
N ASP A 537 -40.49 36.58 -32.03
CA ASP A 537 -41.50 37.34 -32.73
C ASP A 537 -42.65 36.45 -33.20
N GLU A 538 -42.34 35.29 -33.77
CA GLU A 538 -43.36 34.46 -34.38
C GLU A 538 -42.94 33.00 -34.32
N VAL A 539 -43.95 32.12 -34.34
CA VAL A 539 -43.75 30.69 -34.52
C VAL A 539 -44.53 30.28 -35.76
N VAL A 540 -43.84 29.65 -36.72
CA VAL A 540 -44.48 29.18 -37.93
C VAL A 540 -44.56 27.66 -37.84
N ILE A 541 -45.78 27.12 -37.99
CA ILE A 541 -46.01 25.69 -37.87
C ILE A 541 -46.27 25.11 -39.24
N GLY A 542 -45.61 23.99 -39.53
CA GLY A 542 -46.00 23.11 -40.62
C GLY A 542 -46.27 21.72 -40.08
N MET A 543 -47.41 21.13 -40.42
CA MET A 543 -47.78 19.85 -39.88
C MET A 543 -48.58 19.05 -40.91
N PRO A 544 -48.66 17.71 -40.75
CA PRO A 544 -49.57 16.89 -41.54
C PRO A 544 -51.01 16.90 -41.02
N HIS A 545 -51.80 15.97 -41.56
CA HIS A 545 -53.21 15.78 -41.23
C HIS A 545 -53.44 15.47 -39.75
N ARG A 546 -52.54 14.67 -39.14
CA ARG A 546 -52.80 14.08 -37.84
C ARG A 546 -53.00 15.15 -36.78
N GLY A 547 -54.25 15.32 -36.36
CA GLY A 547 -54.61 16.22 -35.28
C GLY A 547 -54.51 17.69 -35.67
N ARG A 548 -54.80 18.00 -36.94
CA ARG A 548 -54.63 19.36 -37.44
C ARG A 548 -55.71 20.27 -36.87
N LEU A 549 -56.95 19.78 -36.84
CA LEU A 549 -58.06 20.57 -36.33
C LEU A 549 -57.85 20.87 -34.85
N ASN A 550 -57.29 19.90 -34.13
CA ASN A 550 -57.02 20.04 -32.72
C ASN A 550 -56.00 21.16 -32.52
N VAL A 551 -54.95 21.17 -33.35
CA VAL A 551 -53.90 22.17 -33.27
C VAL A 551 -54.46 23.54 -33.65
N LEU A 552 -55.26 23.59 -34.71
CA LEU A 552 -55.85 24.84 -35.17
C LEU A 552 -56.64 25.52 -34.05
N PHE A 553 -57.38 24.73 -33.27
CA PHE A 553 -58.22 25.29 -32.21
C PHE A 553 -57.41 25.59 -30.96
N ASN A 554 -56.62 24.61 -30.49
CA ASN A 554 -56.05 24.67 -29.16
C ASN A 554 -54.71 25.42 -29.15
N ILE A 555 -54.02 25.50 -30.29
CA ILE A 555 -52.70 26.11 -30.35
C ILE A 555 -52.76 27.43 -31.11
N VAL A 556 -53.24 27.40 -32.35
CA VAL A 556 -53.23 28.59 -33.19
C VAL A 556 -54.29 29.57 -32.70
N GLY A 557 -55.47 29.06 -32.36
CA GLY A 557 -56.55 29.88 -31.82
C GLY A 557 -57.60 30.22 -32.88
N LYS A 558 -57.77 29.33 -33.86
CA LYS A 558 -58.83 29.47 -34.84
C LYS A 558 -60.17 29.38 -34.12
N PRO A 559 -61.15 30.27 -34.41
CA PRO A 559 -62.44 30.26 -33.71
C PRO A 559 -63.17 28.93 -33.93
N LEU A 560 -63.86 28.46 -32.89
CA LEU A 560 -64.49 27.15 -32.89
C LEU A 560 -65.67 27.13 -33.86
N ALA A 561 -66.30 28.30 -34.07
CA ALA A 561 -67.43 28.41 -34.98
C ALA A 561 -66.99 28.04 -36.40
N SER A 562 -65.80 28.50 -36.80
CA SER A 562 -65.27 28.24 -38.13
C SER A 562 -65.10 26.75 -38.37
N ILE A 563 -64.58 26.04 -37.36
CA ILE A 563 -64.33 24.61 -37.49
C ILE A 563 -65.64 23.85 -37.62
N PHE A 564 -66.64 24.23 -36.82
CA PHE A 564 -67.94 23.58 -36.86
C PHE A 564 -68.63 23.83 -38.21
N ASN A 565 -68.45 25.04 -38.77
CA ASN A 565 -69.04 25.37 -40.05
C ASN A 565 -68.47 24.48 -41.15
N GLU A 566 -67.19 24.14 -41.07
CA GLU A 566 -66.53 23.32 -42.07
C GLU A 566 -67.15 21.92 -42.11
N PHE A 567 -67.48 21.38 -40.92
CA PHE A 567 -68.10 20.06 -40.82
C PHE A 567 -69.53 20.10 -41.36
N GLU A 568 -70.20 21.25 -41.22
CA GLU A 568 -71.56 21.42 -41.70
C GLU A 568 -71.58 21.48 -43.23
N GLY A 569 -70.50 21.99 -43.83
CA GLY A 569 -70.39 22.12 -45.27
C GLY A 569 -69.99 23.52 -45.71
N GLN A 570 -70.18 24.51 -44.83
CA GLN A 570 -69.84 25.89 -45.11
C GLN A 570 -68.34 26.08 -44.95
N MET A 571 -67.63 26.19 -46.08
CA MET A 571 -66.18 26.32 -46.10
C MET A 571 -65.81 27.76 -46.37
N GLU A 572 -64.79 28.26 -45.67
CA GLU A 572 -64.31 29.63 -45.86
C GLU A 572 -63.54 29.71 -47.16
N GLN A 573 -63.93 30.65 -48.02
CA GLN A 573 -63.32 30.82 -49.34
C GLN A 573 -62.09 31.71 -49.22
N GLY A 574 -60.97 31.24 -49.77
CA GLY A 574 -59.73 31.99 -49.78
C GLY A 574 -59.74 33.06 -50.87
N GLN A 575 -59.80 32.62 -52.13
CA GLN A 575 -59.85 33.51 -53.28
C GLN A 575 -61.26 33.49 -53.85
N ILE A 576 -61.67 34.61 -54.46
CA ILE A 576 -62.98 34.75 -55.05
C ILE A 576 -63.11 33.74 -56.20
N GLY A 577 -64.06 32.82 -56.06
CA GLY A 577 -64.29 31.79 -57.07
C GLY A 577 -63.26 30.67 -57.01
N GLY A 578 -62.61 30.51 -55.84
CA GLY A 578 -61.64 29.45 -55.64
C GLY A 578 -62.30 28.08 -55.52
N SER A 579 -61.51 27.03 -55.80
CA SER A 579 -62.01 25.66 -55.79
C SER A 579 -62.08 25.13 -54.36
N GLY A 580 -61.15 25.58 -53.52
CA GLY A 580 -61.12 25.21 -52.11
C GLY A 580 -60.35 23.92 -51.87
N ASP A 581 -60.40 23.43 -50.63
CA ASP A 581 -59.72 22.21 -50.24
C ASP A 581 -60.36 21.68 -48.97
N VAL A 582 -60.03 20.43 -48.61
CA VAL A 582 -60.55 19.79 -47.41
C VAL A 582 -60.09 20.55 -46.18
N LYS A 583 -60.80 20.32 -45.07
CA LYS A 583 -60.69 21.14 -43.86
C LYS A 583 -59.30 21.03 -43.25
N TYR A 584 -58.63 19.89 -43.43
CA TYR A 584 -57.37 19.62 -42.75
C TYR A 584 -56.18 19.92 -43.67
N HIS A 585 -56.32 20.93 -44.54
CA HIS A 585 -55.23 21.41 -45.36
C HIS A 585 -55.09 22.93 -45.28
N LEU A 586 -55.86 23.56 -44.39
CA LEU A 586 -55.94 25.02 -44.34
C LEU A 586 -54.99 25.56 -43.29
N GLY A 587 -54.54 26.80 -43.49
CA GLY A 587 -53.71 27.52 -42.53
C GLY A 587 -54.54 28.48 -41.68
N SER A 588 -53.87 29.12 -40.72
CA SER A 588 -54.50 30.12 -39.87
C SER A 588 -53.43 30.90 -39.12
N GLU A 589 -53.80 32.07 -38.60
CA GLU A 589 -52.92 32.92 -37.82
C GLU A 589 -53.61 33.25 -36.50
N GLY A 590 -52.80 33.43 -35.45
CA GLY A 590 -53.32 33.77 -34.13
C GLY A 590 -52.23 34.31 -33.21
N GLN A 591 -52.65 34.70 -32.00
CA GLN A 591 -51.76 35.22 -30.98
C GLN A 591 -51.73 34.24 -29.82
N HIS A 592 -50.54 34.06 -29.25
CA HIS A 592 -50.36 33.25 -28.04
C HIS A 592 -49.85 34.16 -26.93
N LEU A 593 -50.60 34.21 -25.81
CA LEU A 593 -50.18 34.95 -24.63
C LEU A 593 -49.63 33.97 -23.61
N GLN A 594 -48.52 34.33 -22.97
CA GLN A 594 -47.95 33.52 -21.90
C GLN A 594 -48.93 33.46 -20.73
N MET A 595 -49.16 32.24 -20.23
CA MET A 595 -50.09 32.02 -19.13
C MET A 595 -49.45 32.53 -17.83
N PHE A 596 -48.15 32.28 -17.67
CA PHE A 596 -47.41 32.65 -16.48
C PHE A 596 -46.26 33.58 -16.87
N GLY A 597 -46.59 34.65 -17.58
CA GLY A 597 -45.61 35.63 -18.02
C GLY A 597 -46.27 36.75 -18.83
N ASP A 598 -45.48 37.79 -19.16
CA ASP A 598 -45.97 38.95 -19.88
C ASP A 598 -45.63 38.82 -21.37
N GLY A 599 -45.02 37.70 -21.76
CA GLY A 599 -44.65 37.47 -23.14
C GLY A 599 -45.88 37.26 -24.05
N GLU A 600 -45.69 37.57 -25.33
CA GLU A 600 -46.72 37.36 -26.33
C GLU A 600 -46.01 37.06 -27.66
N ILE A 601 -46.51 36.07 -28.40
CA ILE A 601 -45.90 35.67 -29.65
C ILE A 601 -46.98 35.36 -30.67
N LYS A 602 -46.67 35.59 -31.94
CA LYS A 602 -47.56 35.31 -33.04
C LYS A 602 -47.40 33.86 -33.46
N VAL A 603 -48.52 33.19 -33.77
CA VAL A 603 -48.50 31.81 -34.21
C VAL A 603 -49.18 31.73 -35.57
N SER A 604 -48.52 31.07 -36.53
CA SER A 604 -49.04 30.90 -37.87
C SER A 604 -48.94 29.43 -38.28
N LEU A 605 -49.97 28.94 -38.97
CA LEU A 605 -49.95 27.60 -39.54
C LEU A 605 -50.04 27.73 -41.06
N THR A 606 -49.15 27.04 -41.77
CA THR A 606 -49.06 27.17 -43.22
C THR A 606 -49.96 26.10 -43.89
N ALA A 607 -50.52 26.46 -45.04
CA ALA A 607 -51.30 25.53 -45.85
C ALA A 607 -50.37 24.50 -46.48
N ASN A 608 -50.90 23.29 -46.69
CA ASN A 608 -50.13 22.21 -47.29
C ASN A 608 -51.07 21.28 -48.04
N PRO A 609 -50.58 20.55 -49.07
CA PRO A 609 -51.38 19.52 -49.74
C PRO A 609 -51.40 18.21 -48.96
N SER A 610 -52.11 17.21 -49.50
CA SER A 610 -52.19 15.90 -48.89
C SER A 610 -50.87 15.14 -49.02
N HIS A 611 -50.00 15.58 -49.94
CA HIS A 611 -48.69 14.99 -50.15
C HIS A 611 -47.81 15.25 -48.92
N LEU A 612 -47.48 14.17 -48.20
CA LEU A 612 -46.80 14.29 -46.92
C LEU A 612 -45.41 14.90 -47.09
N GLU A 613 -45.05 15.77 -46.14
CA GLU A 613 -43.70 16.31 -45.97
C GLU A 613 -43.35 17.30 -47.08
N ALA A 614 -44.30 17.66 -47.95
CA ALA A 614 -44.04 18.64 -49.00
C ALA A 614 -43.95 20.06 -48.42
N VAL A 615 -44.53 20.26 -47.23
CA VAL A 615 -44.55 21.56 -46.58
C VAL A 615 -43.19 21.90 -45.98
N ASN A 616 -42.32 20.89 -45.79
CA ASN A 616 -41.09 21.07 -45.06
C ASN A 616 -40.26 22.20 -45.67
N PRO A 617 -39.87 22.15 -46.97
CA PRO A 617 -39.08 23.23 -47.55
C PRO A 617 -39.83 24.56 -47.61
N VAL A 618 -41.15 24.50 -47.81
CA VAL A 618 -41.96 25.69 -47.97
C VAL A 618 -41.97 26.48 -46.66
N MET A 619 -42.17 25.80 -45.52
CA MET A 619 -42.28 26.48 -44.25
C MET A 619 -40.92 27.07 -43.86
N GLU A 620 -39.83 26.41 -44.25
CA GLU A 620 -38.49 26.93 -43.98
C GLU A 620 -38.27 28.24 -44.73
N GLY A 621 -38.72 28.29 -45.98
CA GLY A 621 -38.63 29.50 -46.79
C GLY A 621 -39.45 30.64 -46.21
N ILE A 622 -40.65 30.33 -45.71
CA ILE A 622 -41.50 31.33 -45.09
C ILE A 622 -40.78 31.93 -43.90
N VAL A 623 -40.16 31.09 -43.07
CA VAL A 623 -39.49 31.57 -41.87
C VAL A 623 -38.34 32.48 -42.26
N ARG A 624 -37.56 32.06 -43.27
CA ARG A 624 -36.39 32.82 -43.69
C ARG A 624 -36.83 34.19 -44.20
N ALA A 625 -37.91 34.24 -44.98
CA ALA A 625 -38.39 35.50 -45.53
C ALA A 625 -38.83 36.43 -44.40
N LYS A 626 -39.48 35.87 -43.37
CA LYS A 626 -39.94 36.64 -42.23
C LYS A 626 -38.75 37.18 -41.45
N GLN A 627 -37.73 36.35 -41.24
CA GLN A 627 -36.55 36.77 -40.49
C GLN A 627 -35.81 37.89 -41.25
N ASP A 628 -35.71 37.77 -42.57
CA ASP A 628 -35.03 38.77 -43.38
C ASP A 628 -35.78 40.11 -43.29
N TYR A 629 -37.10 40.07 -43.25
CA TYR A 629 -37.89 41.29 -43.16
C TYR A 629 -37.64 42.00 -41.83
N LEU A 630 -37.52 41.23 -40.74
CA LEU A 630 -37.29 41.81 -39.42
C LEU A 630 -35.89 42.42 -39.36
N ASP A 631 -34.91 41.76 -39.97
CA ASP A 631 -33.57 42.30 -40.17
C ASP A 631 -32.95 42.62 -38.81
N LYS A 632 -32.72 41.56 -38.01
CA LYS A 632 -32.13 41.69 -36.69
C LYS A 632 -30.71 41.11 -36.68
N GLY A 633 -30.21 40.71 -37.84
CA GLY A 633 -28.84 40.24 -37.96
C GLY A 633 -28.67 38.80 -37.49
N VAL A 634 -27.40 38.41 -37.29
CA VAL A 634 -27.04 37.05 -36.94
C VAL A 634 -27.50 36.72 -35.52
N ASP A 635 -27.60 37.74 -34.66
CA ASP A 635 -28.06 37.58 -33.29
C ASP A 635 -29.59 37.46 -33.25
N GLY A 636 -30.25 37.62 -34.39
CA GLY A 636 -31.70 37.61 -34.46
C GLY A 636 -32.25 36.19 -34.60
N LYS A 637 -32.82 35.89 -35.76
CA LYS A 637 -33.47 34.61 -36.05
C LYS A 637 -34.59 34.38 -35.04
N THR A 638 -35.55 35.31 -35.02
CA THR A 638 -36.56 35.39 -33.98
C THR A 638 -37.90 34.85 -34.49
N VAL A 639 -37.88 34.10 -35.59
CA VAL A 639 -39.04 33.37 -36.05
C VAL A 639 -38.72 31.88 -35.95
N VAL A 640 -39.50 31.15 -35.15
CA VAL A 640 -39.21 29.75 -34.84
C VAL A 640 -39.96 28.88 -35.83
N PRO A 641 -39.28 27.99 -36.59
CA PRO A 641 -39.95 26.95 -37.35
C PRO A 641 -40.27 25.76 -36.45
N LEU A 642 -41.56 25.45 -36.31
CA LEU A 642 -42.00 24.29 -35.56
C LEU A 642 -42.64 23.32 -36.55
N LEU A 643 -41.95 22.21 -36.81
CA LEU A 643 -42.32 21.32 -37.89
C LEU A 643 -42.73 19.96 -37.31
N LEU A 644 -43.95 19.52 -37.63
CA LEU A 644 -44.48 18.26 -37.16
C LEU A 644 -44.41 17.21 -38.27
N HIS A 645 -44.22 15.95 -37.88
CA HIS A 645 -44.09 14.84 -38.82
C HIS A 645 -44.78 13.61 -38.26
N GLY A 646 -45.21 12.71 -39.15
CA GLY A 646 -45.54 11.34 -38.79
C GLY A 646 -44.31 10.44 -38.89
N ASP A 647 -44.30 9.36 -38.11
CA ASP A 647 -43.14 8.48 -38.02
C ASP A 647 -42.88 7.79 -39.36
N ALA A 648 -43.93 7.28 -40.01
CA ALA A 648 -43.77 6.60 -41.28
C ALA A 648 -43.26 7.57 -42.35
N ALA A 649 -43.84 8.77 -42.39
CA ALA A 649 -43.48 9.76 -43.39
C ALA A 649 -42.07 10.29 -43.13
N PHE A 650 -41.71 10.47 -41.86
CA PHE A 650 -40.42 11.02 -41.50
C PHE A 650 -39.31 10.06 -41.94
N ALA A 651 -39.53 8.76 -41.74
CA ALA A 651 -38.57 7.74 -42.12
C ALA A 651 -38.63 7.47 -43.62
N GLY A 652 -39.86 7.31 -44.14
CA GLY A 652 -40.08 6.91 -45.52
C GLY A 652 -39.60 7.96 -46.52
N LEU A 653 -40.24 9.14 -46.52
CA LEU A 653 -40.03 10.12 -47.57
C LEU A 653 -38.65 10.74 -47.45
N GLY A 654 -38.10 11.13 -48.60
CA GLY A 654 -36.73 11.61 -48.71
C GLY A 654 -36.62 13.13 -48.65
N ILE A 655 -37.75 13.84 -48.84
CA ILE A 655 -37.76 15.29 -48.74
C ILE A 655 -37.40 15.73 -47.33
N VAL A 656 -37.63 14.85 -46.35
CA VAL A 656 -37.38 15.18 -44.95
C VAL A 656 -35.89 15.46 -44.74
N PRO A 657 -34.97 14.48 -44.91
CA PRO A 657 -33.55 14.75 -44.75
C PRO A 657 -33.02 15.77 -45.76
N GLU A 658 -33.68 15.85 -46.92
CA GLU A 658 -33.30 16.79 -47.96
C GLU A 658 -33.44 18.23 -47.44
N THR A 659 -34.51 18.50 -46.69
CA THR A 659 -34.75 19.84 -46.18
C THR A 659 -33.86 20.12 -44.97
N ILE A 660 -33.68 19.13 -44.10
CA ILE A 660 -32.85 19.29 -42.93
C ILE A 660 -31.43 19.64 -43.36
N ASN A 661 -31.06 19.16 -44.56
CA ASN A 661 -29.73 19.39 -45.11
C ASN A 661 -29.48 20.88 -45.36
N LEU A 662 -30.55 21.69 -45.46
CA LEU A 662 -30.41 23.12 -45.72
C LEU A 662 -30.20 23.92 -44.43
N ALA A 663 -30.23 23.26 -43.26
CA ALA A 663 -30.39 23.96 -41.99
C ALA A 663 -29.26 24.95 -41.73
N LYS A 664 -28.03 24.63 -42.16
CA LYS A 664 -26.87 25.43 -41.81
C LYS A 664 -26.30 26.14 -43.04
N LEU A 665 -27.05 26.20 -44.14
CA LEU A 665 -26.58 26.85 -45.35
C LEU A 665 -26.81 28.35 -45.25
N ARG A 666 -25.92 29.13 -45.89
CA ARG A 666 -25.86 30.57 -45.73
C ARG A 666 -27.18 31.22 -46.12
N GLY A 667 -27.75 30.81 -47.25
CA GLY A 667 -28.98 31.42 -47.75
C GLY A 667 -30.25 30.77 -47.20
N TYR A 668 -30.12 29.76 -46.34
CA TYR A 668 -31.27 28.97 -45.91
C TYR A 668 -31.37 28.87 -44.38
N ASP A 669 -30.35 29.33 -43.66
CA ASP A 669 -30.29 29.15 -42.21
C ASP A 669 -31.37 30.00 -41.55
N VAL A 670 -32.12 29.38 -40.62
CA VAL A 670 -33.18 30.06 -39.90
C VAL A 670 -32.99 29.93 -38.40
N GLY A 671 -31.78 29.53 -37.98
CA GLY A 671 -31.46 29.43 -36.58
C GLY A 671 -31.96 28.15 -35.93
N GLY A 672 -32.21 27.13 -36.76
CA GLY A 672 -32.61 25.82 -36.26
C GLY A 672 -34.11 25.62 -36.31
N THR A 673 -34.53 24.38 -36.59
CA THR A 673 -35.92 23.99 -36.64
C THR A 673 -36.20 23.03 -35.49
N ILE A 674 -37.35 23.21 -34.82
CA ILE A 674 -37.80 22.26 -33.82
C ILE A 674 -38.68 21.22 -34.52
N HIS A 675 -38.20 19.98 -34.56
CA HIS A 675 -38.94 18.89 -35.20
C HIS A 675 -39.65 18.07 -34.14
N ILE A 676 -40.95 17.83 -34.35
CA ILE A 676 -41.70 16.91 -33.52
C ILE A 676 -42.19 15.77 -34.42
N VAL A 677 -41.75 14.56 -34.11
CA VAL A 677 -42.23 13.37 -34.79
C VAL A 677 -43.28 12.70 -33.91
N VAL A 678 -44.53 12.67 -34.39
CA VAL A 678 -45.62 12.00 -33.70
C VAL A 678 -45.49 10.51 -33.99
N ASN A 679 -44.78 9.80 -33.10
CA ASN A 679 -44.48 8.40 -33.30
C ASN A 679 -45.60 7.56 -32.69
N ASN A 680 -46.66 7.33 -33.47
CA ASN A 680 -47.77 6.51 -33.03
C ASN A 680 -47.55 5.05 -33.44
N GLN A 681 -46.34 4.75 -33.93
CA GLN A 681 -45.86 3.39 -34.10
C GLN A 681 -46.62 2.67 -35.20
N ILE A 682 -47.17 3.43 -36.16
CA ILE A 682 -47.93 2.85 -37.27
C ILE A 682 -48.11 3.91 -38.35
N GLY A 683 -48.24 3.44 -39.60
CA GLY A 683 -48.65 4.27 -40.72
C GLY A 683 -50.16 4.18 -40.93
N PHE A 684 -50.57 3.76 -42.14
CA PHE A 684 -51.95 3.43 -42.41
C PHE A 684 -52.21 2.04 -41.85
N THR A 685 -51.51 1.03 -42.41
CA THR A 685 -51.54 -0.33 -41.91
C THR A 685 -50.13 -0.87 -41.71
N THR A 686 -49.15 -0.28 -42.41
CA THR A 686 -47.78 -0.74 -42.36
C THR A 686 -47.18 -0.45 -40.98
N THR A 687 -46.67 -1.50 -40.33
CA THR A 687 -45.98 -1.37 -39.06
C THR A 687 -44.55 -0.89 -39.29
N PRO A 688 -43.87 -0.35 -38.27
CA PRO A 688 -42.49 0.13 -38.43
C PRO A 688 -41.48 -0.89 -38.96
N ASP A 689 -41.76 -2.18 -38.76
CA ASP A 689 -40.92 -3.24 -39.28
C ASP A 689 -40.90 -3.19 -40.81
N SER A 690 -42.07 -2.88 -41.40
CA SER A 690 -42.23 -2.81 -42.85
C SER A 690 -42.18 -1.37 -43.34
N SER A 691 -41.85 -0.42 -42.44
CA SER A 691 -41.87 1.00 -42.77
C SER A 691 -40.47 1.58 -42.84
N ARG A 692 -39.57 1.13 -41.95
CA ARG A 692 -38.23 1.65 -41.95
C ARG A 692 -37.24 0.56 -41.58
N SER A 693 -35.96 0.85 -41.84
CA SER A 693 -34.86 -0.03 -41.48
C SER A 693 -34.08 0.54 -40.28
N MET A 694 -34.29 1.83 -39.99
CA MET A 694 -33.67 2.48 -38.84
C MET A 694 -34.34 1.95 -37.58
N HIS A 695 -33.62 2.02 -36.45
CA HIS A 695 -34.18 1.62 -35.17
C HIS A 695 -35.22 2.65 -34.74
N TYR A 696 -34.86 3.93 -34.82
CA TYR A 696 -35.75 5.03 -34.50
C TYR A 696 -36.11 5.79 -35.76
N ALA A 697 -37.32 6.37 -35.78
CA ALA A 697 -37.76 7.20 -36.88
C ALA A 697 -36.90 8.45 -36.97
N THR A 698 -36.48 8.99 -35.82
CA THR A 698 -35.76 10.24 -35.76
C THR A 698 -34.25 10.06 -35.95
N ASP A 699 -33.84 8.91 -36.50
CA ASP A 699 -32.43 8.56 -36.58
C ASP A 699 -31.69 9.46 -37.59
N TYR A 700 -32.43 10.18 -38.43
CA TYR A 700 -31.81 11.14 -39.33
C TYR A 700 -31.04 12.22 -38.57
N ALA A 701 -31.42 12.47 -37.31
CA ALA A 701 -30.76 13.48 -36.49
C ALA A 701 -29.29 13.12 -36.25
N LYS A 702 -28.98 11.81 -36.18
CA LYS A 702 -27.61 11.38 -36.01
C LYS A 702 -26.75 11.81 -37.20
N ALA A 703 -27.35 11.83 -38.39
CA ALA A 703 -26.65 12.26 -39.58
C ALA A 703 -26.21 13.72 -39.45
N PHE A 704 -27.10 14.56 -38.90
CA PHE A 704 -26.87 16.00 -38.88
C PHE A 704 -26.26 16.46 -37.57
N GLY A 705 -26.04 15.53 -36.63
CA GLY A 705 -25.37 15.85 -35.39
C GLY A 705 -26.25 16.70 -34.48
N CYS A 706 -27.52 16.32 -34.38
CA CYS A 706 -28.51 17.07 -33.62
C CYS A 706 -29.03 16.20 -32.47
N PRO A 707 -29.38 16.79 -31.32
CA PRO A 707 -29.92 16.02 -30.20
C PRO A 707 -31.30 15.44 -30.52
N VAL A 708 -31.60 14.29 -29.93
CA VAL A 708 -32.92 13.70 -30.03
C VAL A 708 -33.43 13.48 -28.61
N PHE A 709 -34.71 13.80 -28.41
CA PHE A 709 -35.40 13.49 -27.16
C PHE A 709 -36.56 12.55 -27.46
N HIS A 710 -36.48 11.33 -26.94
CA HIS A 710 -37.61 10.42 -26.99
C HIS A 710 -38.38 10.57 -25.68
N VAL A 711 -39.66 10.91 -25.77
CA VAL A 711 -40.45 11.17 -24.57
C VAL A 711 -41.73 10.35 -24.63
N ASN A 712 -42.10 9.80 -23.47
CA ASN A 712 -43.31 9.01 -23.31
C ASN A 712 -44.52 9.91 -23.39
N GLY A 713 -45.45 9.58 -24.29
CA GLY A 713 -46.62 10.40 -24.55
C GLY A 713 -47.70 10.29 -23.48
N ASP A 714 -47.50 9.42 -22.47
CA ASP A 714 -48.43 9.31 -21.37
C ASP A 714 -47.89 9.96 -20.10
N ASP A 715 -46.77 10.70 -20.19
CA ASP A 715 -46.26 11.46 -19.06
C ASP A 715 -46.24 12.95 -19.41
N PRO A 716 -47.34 13.69 -19.18
CA PRO A 716 -47.46 15.07 -19.66
C PRO A 716 -46.37 16.01 -19.13
N GLU A 717 -45.95 15.82 -17.88
CA GLU A 717 -44.97 16.71 -17.27
C GLU A 717 -43.62 16.56 -17.97
N ALA A 718 -43.23 15.33 -18.28
CA ALA A 718 -42.00 15.09 -19.01
C ALA A 718 -42.09 15.66 -20.43
N VAL A 719 -43.28 15.56 -21.04
CA VAL A 719 -43.49 16.06 -22.38
C VAL A 719 -43.28 17.58 -22.38
N VAL A 720 -43.85 18.26 -21.39
CA VAL A 720 -43.77 19.71 -21.32
C VAL A 720 -42.32 20.15 -21.09
N TRP A 721 -41.59 19.41 -20.26
CA TRP A 721 -40.20 19.72 -19.99
C TRP A 721 -39.35 19.61 -21.25
N VAL A 722 -39.58 18.55 -22.03
CA VAL A 722 -38.81 18.30 -23.24
C VAL A 722 -39.05 19.44 -24.24
N GLY A 723 -40.29 19.91 -24.32
CA GLY A 723 -40.62 21.02 -25.19
C GLY A 723 -39.86 22.29 -24.84
N GLN A 724 -39.73 22.56 -23.54
CA GLN A 724 -39.01 23.72 -23.05
C GLN A 724 -37.52 23.54 -23.34
N LEU A 725 -36.99 22.35 -23.07
CA LEU A 725 -35.56 22.09 -23.24
C LEU A 725 -35.17 22.21 -24.70
N ALA A 726 -36.02 21.72 -25.61
CA ALA A 726 -35.73 21.77 -27.03
C ALA A 726 -35.66 23.22 -27.50
N THR A 727 -36.60 24.05 -27.03
CA THR A 727 -36.69 25.43 -27.46
C THR A 727 -35.49 26.22 -26.94
N GLU A 728 -35.05 25.91 -25.71
CA GLU A 728 -33.89 26.55 -25.12
C GLU A 728 -32.63 26.16 -25.88
N TYR A 729 -32.53 24.89 -26.29
CA TYR A 729 -31.39 24.41 -27.03
C TYR A 729 -31.29 25.15 -28.36
N ARG A 730 -32.42 25.33 -29.05
CA ARG A 730 -32.44 26.01 -30.32
C ARG A 730 -31.92 27.44 -30.17
N ARG A 731 -32.39 28.14 -29.13
CA ARG A 731 -32.03 29.53 -28.93
C ARG A 731 -30.53 29.64 -28.64
N ARG A 732 -30.00 28.71 -27.84
CA ARG A 732 -28.62 28.78 -27.38
C ARG A 732 -27.66 28.48 -28.53
N PHE A 733 -27.95 27.45 -29.34
CA PHE A 733 -26.99 26.89 -30.26
C PHE A 733 -27.38 27.06 -31.72
N GLY A 734 -28.63 27.43 -31.98
CA GLY A 734 -29.07 27.72 -33.34
C GLY A 734 -29.04 26.50 -34.25
N LYS A 735 -29.34 25.33 -33.69
CA LYS A 735 -29.34 24.09 -34.46
C LYS A 735 -30.70 23.41 -34.36
N ASP A 736 -30.94 22.47 -35.27
CA ASP A 736 -32.15 21.66 -35.27
C ASP A 736 -32.16 20.76 -34.04
N VAL A 737 -33.36 20.50 -33.54
CA VAL A 737 -33.57 19.61 -32.42
C VAL A 737 -34.77 18.72 -32.75
N PHE A 738 -34.71 17.46 -32.34
CA PHE A 738 -35.71 16.48 -32.73
C PHE A 738 -36.37 15.90 -31.48
N ILE A 739 -37.70 15.94 -31.45
CA ILE A 739 -38.47 15.34 -30.37
C ILE A 739 -39.23 14.15 -30.95
N ASP A 740 -39.01 12.97 -30.37
CA ASP A 740 -39.75 11.78 -30.72
C ASP A 740 -40.84 11.56 -29.67
N LEU A 741 -42.06 11.99 -29.99
CA LEU A 741 -43.18 11.81 -29.09
C LEU A 741 -43.77 10.42 -29.28
N VAL A 742 -43.44 9.50 -28.37
CA VAL A 742 -43.85 8.11 -28.50
C VAL A 742 -45.27 7.97 -27.95
N CYS A 743 -46.19 7.64 -28.84
CA CYS A 743 -47.61 7.57 -28.51
C CYS A 743 -48.24 6.43 -29.30
N TYR A 744 -49.57 6.44 -29.41
CA TYR A 744 -50.26 5.44 -30.21
C TYR A 744 -51.43 6.10 -30.93
N ARG A 745 -52.05 5.36 -31.85
CA ARG A 745 -53.21 5.81 -32.60
C ARG A 745 -54.41 4.99 -32.16
N LEU A 746 -55.33 5.63 -31.43
CA LEU A 746 -56.41 4.91 -30.76
C LEU A 746 -57.32 4.22 -31.77
N ARG A 747 -57.68 4.95 -32.82
CA ARG A 747 -58.59 4.44 -33.84
C ARG A 747 -57.79 3.98 -35.06
N GLY A 748 -58.50 3.64 -36.14
CA GLY A 748 -57.87 3.35 -37.41
C GLY A 748 -57.18 4.58 -37.99
N HIS A 749 -56.63 4.43 -39.20
CA HIS A 749 -55.96 5.53 -39.86
C HIS A 749 -56.92 6.71 -39.97
N ASN A 750 -58.13 6.43 -40.47
CA ASN A 750 -59.23 7.37 -40.46
C ASN A 750 -60.28 6.84 -39.50
N GLU A 751 -61.42 7.55 -39.39
CA GLU A 751 -62.44 7.23 -38.41
C GLU A 751 -63.39 6.16 -38.93
N ALA A 752 -63.25 5.76 -40.21
CA ALA A 752 -64.11 4.75 -40.81
C ALA A 752 -63.27 3.58 -41.33
N ASP A 753 -62.35 3.09 -40.49
CA ASP A 753 -61.47 2.00 -40.85
C ASP A 753 -61.27 1.10 -39.63
N ASP A 754 -61.18 -0.21 -39.86
CA ASP A 754 -61.01 -1.19 -38.80
C ASP A 754 -59.55 -1.67 -38.81
N PRO A 755 -58.73 -1.29 -37.79
CA PRO A 755 -57.33 -1.70 -37.74
C PRO A 755 -57.08 -3.10 -37.16
N SER A 756 -58.15 -3.76 -36.70
CA SER A 756 -58.04 -5.06 -36.06
C SER A 756 -57.86 -6.17 -37.09
N MET A 757 -58.18 -5.88 -38.36
CA MET A 757 -58.07 -6.86 -39.43
C MET A 757 -56.60 -7.22 -39.67
N THR A 758 -55.71 -6.23 -39.54
CA THR A 758 -54.32 -6.36 -39.94
C THR A 758 -53.36 -6.27 -38.76
N GLN A 759 -53.75 -5.52 -37.72
CA GLN A 759 -52.98 -5.45 -36.48
C GLN A 759 -53.87 -5.87 -35.30
N PRO A 760 -54.22 -7.18 -35.16
CA PRO A 760 -55.08 -7.61 -34.06
C PRO A 760 -54.40 -7.54 -32.70
N LYS A 761 -53.11 -7.89 -32.64
CA LYS A 761 -52.39 -7.98 -31.38
C LYS A 761 -52.08 -6.59 -30.84
N MET A 762 -51.71 -5.67 -31.73
CA MET A 762 -51.37 -4.31 -31.32
C MET A 762 -52.59 -3.62 -30.76
N TYR A 763 -53.76 -3.83 -31.38
CA TYR A 763 -54.98 -3.15 -30.99
C TYR A 763 -55.74 -3.91 -29.91
N GLU A 764 -55.19 -5.03 -29.43
CA GLU A 764 -55.67 -5.65 -28.20
C GLU A 764 -55.15 -4.86 -27.00
N LEU A 765 -53.94 -4.29 -27.14
CA LEU A 765 -53.37 -3.46 -26.11
C LEU A 765 -54.01 -2.07 -26.10
N ILE A 766 -54.27 -1.51 -27.29
CA ILE A 766 -54.72 -0.14 -27.41
C ILE A 766 -56.18 -0.03 -26.95
N THR A 767 -57.03 -0.94 -27.42
CA THR A 767 -58.45 -0.88 -27.13
C THR A 767 -58.67 -1.08 -25.62
N GLY A 768 -59.42 -0.15 -25.02
CA GLY A 768 -59.82 -0.27 -23.63
C GLY A 768 -58.93 0.50 -22.66
N ARG A 769 -57.85 1.11 -23.16
CA ARG A 769 -56.94 1.87 -22.31
C ARG A 769 -57.63 3.11 -21.77
N GLU A 770 -57.20 3.55 -20.58
CA GLU A 770 -57.59 4.85 -20.07
C GLU A 770 -56.71 5.91 -20.72
N THR A 771 -57.30 7.06 -21.04
CA THR A 771 -56.62 8.10 -21.79
C THR A 771 -55.57 8.79 -20.92
N VAL A 772 -54.70 9.57 -21.57
CA VAL A 772 -53.65 10.29 -20.88
C VAL A 772 -54.26 11.33 -19.94
N ARG A 773 -55.37 11.95 -20.36
CA ARG A 773 -56.08 12.90 -19.53
C ARG A 773 -56.57 12.23 -18.27
N ALA A 774 -57.22 11.07 -18.42
CA ALA A 774 -57.71 10.32 -17.28
C ALA A 774 -56.56 9.95 -16.36
N GLN A 775 -55.45 9.49 -16.94
CA GLN A 775 -54.29 9.04 -16.18
C GLN A 775 -53.73 10.21 -15.37
N TYR A 776 -53.61 11.37 -16.02
CA TYR A 776 -53.01 12.53 -15.38
C TYR A 776 -53.93 13.06 -14.29
N THR A 777 -55.24 13.05 -14.53
CA THR A 777 -56.19 13.51 -13.53
C THR A 777 -56.08 12.65 -12.27
N GLU A 778 -56.03 11.33 -12.46
CA GLU A 778 -55.91 10.39 -11.35
C GLU A 778 -54.60 10.62 -10.61
N ASP A 779 -53.54 10.92 -11.35
CA ASP A 779 -52.21 11.15 -10.78
C ASP A 779 -52.24 12.39 -9.90
N LEU A 780 -52.86 13.48 -10.41
CA LEU A 780 -52.92 14.74 -9.68
C LEU A 780 -53.76 14.58 -8.41
N LEU A 781 -54.88 13.86 -8.51
CA LEU A 781 -55.75 13.63 -7.36
C LEU A 781 -55.03 12.77 -6.32
N GLY A 782 -54.28 11.77 -6.79
CA GLY A 782 -53.56 10.87 -5.91
C GLY A 782 -52.51 11.59 -5.07
N ARG A 783 -51.79 12.53 -5.70
CA ARG A 783 -50.71 13.26 -5.04
C ARG A 783 -51.26 14.45 -4.24
N GLY A 784 -52.56 14.73 -4.40
CA GLY A 784 -53.20 15.82 -3.67
C GLY A 784 -52.89 17.19 -4.25
N ASP A 785 -52.40 17.20 -5.50
CA ASP A 785 -52.03 18.44 -6.18
C ASP A 785 -53.27 19.09 -6.78
N LEU A 786 -54.35 18.32 -6.94
CA LEU A 786 -55.60 18.82 -7.48
C LEU A 786 -56.75 18.32 -6.61
N SER A 787 -57.82 19.13 -6.52
CA SER A 787 -59.02 18.77 -5.79
C SER A 787 -60.08 18.26 -6.76
N ASN A 788 -61.10 17.58 -6.22
CA ASN A 788 -62.10 16.90 -7.03
C ASN A 788 -62.95 17.91 -7.80
N GLU A 789 -63.46 18.93 -7.11
CA GLU A 789 -64.38 19.89 -7.70
C GLU A 789 -63.68 20.68 -8.82
N ASP A 790 -62.36 20.88 -8.68
CA ASP A 790 -61.58 21.54 -9.71
C ASP A 790 -61.46 20.63 -10.94
N ALA A 791 -61.32 19.32 -10.71
CA ALA A 791 -61.20 18.36 -11.78
C ALA A 791 -62.48 18.32 -12.61
N GLU A 792 -63.64 18.32 -11.94
CA GLU A 792 -64.92 18.28 -12.63
C GLU A 792 -65.20 19.62 -13.30
N ALA A 793 -64.68 20.71 -12.71
CA ALA A 793 -64.89 22.04 -13.26
C ALA A 793 -64.22 22.17 -14.63
N VAL A 794 -63.00 21.63 -14.76
CA VAL A 794 -62.23 21.71 -15.98
C VAL A 794 -63.00 21.04 -17.11
N VAL A 795 -63.54 19.84 -16.84
CA VAL A 795 -64.25 19.06 -17.85
C VAL A 795 -65.56 19.77 -18.22
N ARG A 796 -66.29 20.26 -17.21
CA ARG A 796 -67.61 20.81 -17.41
C ARG A 796 -67.53 22.15 -18.12
N ASP A 797 -66.58 23.00 -17.71
CA ASP A 797 -66.45 24.34 -18.25
C ASP A 797 -66.17 24.28 -19.75
N PHE A 798 -65.27 23.38 -20.16
CA PHE A 798 -64.88 23.28 -21.56
C PHE A 798 -66.00 22.69 -22.41
N HIS A 799 -66.73 21.72 -21.85
CA HIS A 799 -67.83 21.10 -22.57
C HIS A 799 -68.95 22.11 -22.82
N ASP A 800 -69.22 22.96 -21.82
CA ASP A 800 -70.26 23.98 -21.95
C ASP A 800 -69.87 24.99 -23.02
N GLN A 801 -68.57 25.29 -23.12
CA GLN A 801 -68.07 26.21 -24.14
C GLN A 801 -68.38 25.66 -25.52
N MET A 802 -68.11 24.37 -25.74
CA MET A 802 -68.26 23.72 -27.03
C MET A 802 -69.74 23.59 -27.40
N GLU A 803 -70.59 23.28 -26.40
CA GLU A 803 -72.01 23.12 -26.63
C GLU A 803 -72.64 24.45 -27.04
N SER A 804 -72.26 25.54 -26.37
CA SER A 804 -72.81 26.85 -26.66
C SER A 804 -72.48 27.27 -28.08
N VAL A 805 -71.23 27.07 -28.49
CA VAL A 805 -70.77 27.44 -29.82
C VAL A 805 -71.47 26.57 -30.87
N PHE A 806 -71.63 25.28 -30.58
CA PHE A 806 -72.26 24.35 -31.50
C PHE A 806 -73.70 24.78 -31.78
N ASN A 807 -74.40 25.27 -30.75
CA ASN A 807 -75.80 25.66 -30.87
C ASN A 807 -75.94 26.88 -31.77
N GLU A 808 -75.00 27.83 -31.66
CA GLU A 808 -75.05 29.05 -32.45
C GLU A 808 -74.81 28.75 -33.93
N VAL A 809 -74.00 27.73 -34.21
CA VAL A 809 -73.73 27.32 -35.58
C VAL A 809 -74.97 26.63 -36.16
N LYS A 810 -75.66 25.85 -35.31
CA LYS A 810 -76.79 25.05 -35.77
C LYS A 810 -77.99 25.94 -36.08
N GLU A 811 -78.20 26.98 -35.26
CA GLU A 811 -79.36 27.86 -35.43
C GLU A 811 -79.21 28.68 -36.71
N GLY A 812 -77.97 28.93 -37.13
CA GLY A 812 -77.72 29.61 -38.41
C GLY A 812 -78.20 28.79 -39.59
N GLY A 813 -78.66 29.48 -40.64
CA GLY A 813 -79.18 28.84 -41.84
C GLY A 813 -78.09 28.13 -42.63
N LYS A 814 -78.42 26.94 -43.15
CA LYS A 814 -77.49 26.14 -43.93
C LYS A 814 -77.70 26.44 -45.41
N LYS A 815 -76.78 27.24 -45.98
CA LYS A 815 -76.80 27.60 -47.38
C LYS A 815 -76.60 26.35 -48.23
N GLN A 816 -77.32 26.29 -49.37
CA GLN A 816 -77.25 25.16 -50.28
C GLN A 816 -75.96 25.24 -51.10
N ALA A 817 -75.67 24.16 -51.83
CA ALA A 817 -74.49 24.09 -52.68
C ALA A 817 -74.65 25.03 -53.87
N GLU A 818 -73.53 25.63 -54.29
CA GLU A 818 -73.52 26.55 -55.42
C GLU A 818 -72.32 26.23 -56.31
N ALA A 819 -72.43 26.57 -57.59
CA ALA A 819 -71.37 26.33 -58.55
C ALA A 819 -70.25 27.34 -58.34
N GLN A 820 -69.00 26.86 -58.45
CA GLN A 820 -67.82 27.69 -58.24
C GLN A 820 -67.37 28.22 -59.59
N THR A 821 -67.15 29.53 -59.67
CA THR A 821 -66.95 30.21 -60.94
C THR A 821 -65.52 30.02 -61.43
N GLY A 822 -64.55 30.56 -60.67
CA GLY A 822 -63.15 30.52 -61.05
C GLY A 822 -62.40 31.75 -60.55
N ILE A 823 -61.07 31.76 -60.77
CA ILE A 823 -60.20 32.78 -60.22
C ILE A 823 -59.58 33.61 -61.33
N THR A 824 -60.19 33.59 -62.52
CA THR A 824 -59.61 34.22 -63.69
C THR A 824 -59.49 35.73 -63.46
N GLY A 825 -60.59 36.37 -63.05
CA GLY A 825 -60.63 37.81 -62.90
C GLY A 825 -60.55 38.27 -61.45
N SER A 826 -60.01 37.41 -60.57
CA SER A 826 -59.91 37.71 -59.15
C SER A 826 -58.81 38.74 -58.88
N GLN A 827 -57.85 38.84 -59.80
CA GLN A 827 -56.79 39.84 -59.71
C GLN A 827 -56.77 40.66 -61.00
N LYS A 828 -56.27 41.89 -60.88
CA LYS A 828 -56.34 42.86 -61.97
C LYS A 828 -55.02 42.88 -62.73
N LEU A 829 -55.10 43.04 -64.05
CA LEU A 829 -53.93 43.21 -64.89
C LEU A 829 -53.44 44.64 -64.81
N PRO A 830 -52.11 44.88 -64.81
CA PRO A 830 -51.55 46.23 -64.76
C PRO A 830 -51.64 46.98 -66.08
N HIS A 831 -52.83 47.52 -66.38
CA HIS A 831 -53.05 48.30 -67.59
C HIS A 831 -52.41 49.68 -67.43
N GLY A 832 -51.61 50.07 -68.43
CA GLY A 832 -51.03 51.40 -68.48
C GLY A 832 -49.66 51.48 -67.78
N LEU A 833 -49.17 50.35 -67.27
CA LEU A 833 -47.92 50.34 -66.52
C LEU A 833 -46.75 50.41 -67.50
N GLU A 834 -45.81 51.32 -67.23
CA GLU A 834 -44.62 51.50 -68.04
C GLU A 834 -43.41 50.98 -67.27
N THR A 835 -42.59 50.15 -67.92
CA THR A 835 -41.53 49.41 -67.25
C THR A 835 -40.15 49.90 -67.69
N ASN A 836 -40.10 50.96 -68.50
CA ASN A 836 -38.83 51.51 -68.93
C ASN A 836 -38.18 52.29 -67.78
N ILE A 837 -36.85 52.37 -67.82
CA ILE A 837 -36.08 53.16 -66.87
C ILE A 837 -35.46 54.35 -67.59
N SER A 838 -34.95 55.31 -66.83
CA SER A 838 -34.32 56.50 -67.40
C SER A 838 -32.90 56.15 -67.87
N ARG A 839 -32.35 57.01 -68.74
CA ARG A 839 -30.99 56.85 -69.21
C ARG A 839 -30.01 56.93 -68.05
N GLU A 840 -30.27 57.87 -67.13
CA GLU A 840 -29.41 58.05 -65.98
C GLU A 840 -29.37 56.78 -65.15
N GLU A 841 -30.53 56.13 -64.98
CA GLU A 841 -30.62 54.89 -64.22
C GLU A 841 -29.81 53.80 -64.94
N LEU A 842 -29.92 53.75 -66.26
CA LEU A 842 -29.26 52.72 -67.05
C LEU A 842 -27.74 52.91 -66.97
N LEU A 843 -27.28 54.16 -67.13
CA LEU A 843 -25.86 54.48 -67.07
C LEU A 843 -25.30 54.14 -65.70
N GLU A 844 -26.05 54.42 -64.65
CA GLU A 844 -25.61 54.17 -63.29
C GLU A 844 -25.47 52.66 -63.05
N LEU A 845 -26.41 51.87 -63.60
CA LEU A 845 -26.38 50.43 -63.46
C LEU A 845 -25.14 49.86 -64.15
N GLY A 846 -24.82 50.42 -65.33
CA GLY A 846 -23.61 50.04 -66.04
C GLY A 846 -22.34 50.36 -65.26
N GLN A 847 -22.33 51.52 -64.61
CA GLN A 847 -21.15 51.99 -63.91
C GLN A 847 -20.88 51.17 -62.66
N ALA A 848 -21.86 50.37 -62.22
CA ALA A 848 -21.72 49.59 -61.01
C ALA A 848 -20.57 48.58 -61.14
N PHE A 849 -20.35 48.10 -62.37
CA PHE A 849 -19.34 47.08 -62.62
C PHE A 849 -17.94 47.69 -62.76
N ALA A 850 -17.88 49.02 -62.91
CA ALA A 850 -16.61 49.74 -62.94
C ALA A 850 -16.20 50.21 -61.55
N ASN A 851 -17.16 50.31 -60.62
CA ASN A 851 -16.87 50.81 -59.28
C ASN A 851 -16.44 49.67 -58.38
N THR A 852 -15.29 49.07 -58.71
CA THR A 852 -14.77 47.95 -57.95
C THR A 852 -14.19 48.48 -56.63
N PRO A 853 -14.16 47.66 -55.55
CA PRO A 853 -13.47 48.04 -54.32
C PRO A 853 -12.00 48.39 -54.54
N GLU A 854 -11.35 48.90 -53.50
CA GLU A 854 -10.04 49.53 -53.63
C GLU A 854 -9.00 48.53 -54.14
N GLY A 855 -8.91 47.36 -53.49
CA GLY A 855 -7.90 46.38 -53.83
C GLY A 855 -8.45 45.19 -54.63
N PHE A 856 -9.53 45.41 -55.38
CA PHE A 856 -10.21 44.33 -56.09
C PHE A 856 -9.80 44.36 -57.55
N ASN A 857 -9.56 43.17 -58.11
CA ASN A 857 -9.32 43.00 -59.54
C ASN A 857 -10.16 41.83 -60.02
N TYR A 858 -10.67 41.94 -61.25
CA TYR A 858 -11.48 40.90 -61.86
C TYR A 858 -10.58 39.75 -62.33
N HIS A 859 -11.15 38.54 -62.35
CA HIS A 859 -10.54 37.40 -63.01
C HIS A 859 -10.34 37.76 -64.48
N PRO A 860 -9.17 37.44 -65.09
CA PRO A 860 -8.88 37.82 -66.47
C PRO A 860 -9.94 37.45 -67.51
N ARG A 861 -10.71 36.38 -67.26
CA ARG A 861 -11.75 35.95 -68.17
C ARG A 861 -13.10 36.57 -67.81
N VAL A 862 -13.17 37.27 -66.67
CA VAL A 862 -14.38 37.95 -66.25
C VAL A 862 -14.27 39.44 -66.57
N ALA A 863 -13.05 39.99 -66.61
CA ALA A 863 -12.84 41.41 -66.82
C ALA A 863 -13.48 41.87 -68.13
N PRO A 864 -13.35 41.14 -69.26
CA PRO A 864 -14.02 41.51 -70.51
C PRO A 864 -15.54 41.62 -70.38
N VAL A 865 -16.14 40.75 -69.56
CA VAL A 865 -17.57 40.74 -69.36
C VAL A 865 -17.97 42.02 -68.62
N ALA A 866 -17.22 42.35 -67.57
CA ALA A 866 -17.47 43.55 -66.78
C ALA A 866 -17.29 44.80 -67.64
N LYS A 867 -16.24 44.82 -68.48
CA LYS A 867 -15.96 45.97 -69.32
C LYS A 867 -17.08 46.17 -70.34
N LYS A 868 -17.61 45.06 -70.86
CA LYS A 868 -18.66 45.12 -71.87
C LYS A 868 -19.95 45.67 -71.25
N ARG A 869 -20.21 45.30 -70.00
CA ARG A 869 -21.40 45.76 -69.30
C ARG A 869 -21.35 47.27 -69.10
N VAL A 870 -20.15 47.81 -68.85
CA VAL A 870 -19.98 49.23 -68.63
C VAL A 870 -20.20 49.98 -69.94
N SER A 871 -19.80 49.39 -71.07
CA SER A 871 -19.84 50.08 -72.36
C SER A 871 -21.16 49.84 -73.09
N SER A 872 -21.83 48.72 -72.80
CA SER A 872 -23.02 48.32 -73.54
C SER A 872 -24.18 49.27 -73.28
N VAL A 873 -24.22 49.88 -72.09
CA VAL A 873 -25.31 50.75 -71.69
C VAL A 873 -25.32 52.04 -72.51
N THR A 874 -24.25 52.32 -73.26
CA THR A 874 -24.20 53.47 -74.16
C THR A 874 -24.07 53.01 -75.61
N GLU A 875 -23.18 52.04 -75.87
CA GLU A 875 -22.86 51.63 -77.23
C GLU A 875 -23.93 50.67 -77.76
N GLY A 876 -24.32 49.70 -76.92
CA GLY A 876 -25.31 48.70 -77.30
C GLY A 876 -24.75 47.29 -77.16
N GLY A 877 -25.45 46.33 -77.76
CA GLY A 877 -25.05 44.93 -77.68
C GLY A 877 -25.20 44.38 -76.27
N ILE A 878 -26.36 44.67 -75.66
CA ILE A 878 -26.69 44.13 -74.35
C ILE A 878 -27.19 42.71 -74.54
N ASP A 879 -26.50 41.75 -73.88
CA ASP A 879 -26.81 40.33 -74.03
C ASP A 879 -27.85 39.94 -72.98
N TRP A 880 -28.28 38.68 -73.04
CA TRP A 880 -29.37 38.19 -72.21
C TRP A 880 -29.07 38.37 -70.72
N ALA A 881 -27.89 37.90 -70.30
CA ALA A 881 -27.55 37.91 -68.88
C ALA A 881 -27.55 39.34 -68.34
N TRP A 882 -27.02 40.28 -69.12
CA TRP A 882 -26.94 41.67 -68.70
C TRP A 882 -28.35 42.27 -68.64
N GLY A 883 -29.19 41.91 -69.61
CA GLY A 883 -30.58 42.34 -69.62
C GLY A 883 -31.33 41.89 -68.37
N GLU A 884 -31.07 40.66 -67.93
CA GLU A 884 -31.70 40.10 -66.75
C GLU A 884 -31.22 40.83 -65.50
N LEU A 885 -29.90 41.05 -65.38
CA LEU A 885 -29.33 41.71 -64.22
C LEU A 885 -29.80 43.17 -64.15
N LEU A 886 -29.98 43.82 -65.30
CA LEU A 886 -30.47 45.19 -65.34
C LEU A 886 -31.87 45.27 -64.73
N ALA A 887 -32.70 44.24 -64.97
CA ALA A 887 -34.03 44.19 -64.39
C ALA A 887 -33.95 44.06 -62.88
N PHE A 888 -33.17 43.09 -62.40
CA PHE A 888 -33.06 42.84 -60.97
C PHE A 888 -32.38 44.01 -60.27
N GLY A 889 -31.38 44.60 -60.92
CA GLY A 889 -30.68 45.74 -60.37
C GLY A 889 -31.61 46.95 -60.20
N SER A 890 -32.38 47.25 -61.24
CA SER A 890 -33.28 48.39 -61.23
C SER A 890 -34.34 48.24 -60.13
N LEU A 891 -34.79 47.00 -59.91
CA LEU A 891 -35.80 46.73 -58.90
C LEU A 891 -35.19 46.88 -57.50
N ALA A 892 -33.96 46.40 -57.32
CA ALA A 892 -33.28 46.53 -56.05
C ALA A 892 -32.99 48.00 -55.72
N ASN A 893 -32.73 48.81 -56.75
CA ASN A 893 -32.49 50.23 -56.57
C ASN A 893 -33.72 50.92 -55.98
N SER A 894 -34.92 50.49 -56.40
CA SER A 894 -36.16 51.10 -55.98
C SER A 894 -36.44 50.82 -54.50
N GLY A 895 -35.79 49.80 -53.94
CA GLY A 895 -35.86 49.51 -52.52
C GLY A 895 -36.35 48.11 -52.21
N ARG A 896 -36.46 47.24 -53.24
CA ARG A 896 -37.00 45.91 -53.07
C ARG A 896 -35.89 44.92 -52.73
N LEU A 897 -36.27 43.88 -51.98
CA LEU A 897 -35.40 42.77 -51.70
C LEU A 897 -35.52 41.77 -52.86
N VAL A 898 -34.44 41.67 -53.65
CA VAL A 898 -34.40 40.78 -54.79
C VAL A 898 -33.53 39.59 -54.42
N ARG A 899 -34.11 38.38 -54.47
CA ARG A 899 -33.42 37.16 -54.12
C ARG A 899 -33.39 36.23 -55.33
N LEU A 900 -32.17 35.86 -55.74
CA LEU A 900 -31.97 34.91 -56.82
C LEU A 900 -31.23 33.70 -56.26
N ALA A 901 -31.87 32.53 -56.35
CA ALA A 901 -31.27 31.30 -55.83
C ALA A 901 -31.37 30.22 -56.90
N GLY A 902 -30.46 29.25 -56.81
CA GLY A 902 -30.43 28.14 -57.75
C GLY A 902 -29.03 27.53 -57.82
N GLU A 903 -28.94 26.35 -58.44
CA GLU A 903 -27.67 25.65 -58.56
C GLU A 903 -26.75 26.43 -59.48
N ASP A 904 -25.63 26.88 -58.91
CA ASP A 904 -24.57 27.55 -59.65
C ASP A 904 -25.07 28.89 -60.20
N SER A 905 -25.87 29.61 -59.41
CA SER A 905 -26.56 30.80 -59.89
C SER A 905 -25.66 32.03 -59.86
N ARG A 906 -24.70 32.07 -58.92
CA ARG A 906 -23.89 33.27 -58.74
C ARG A 906 -23.01 33.49 -59.97
N ARG A 907 -22.43 32.41 -60.50
CA ARG A 907 -21.64 32.49 -61.71
C ARG A 907 -22.55 32.29 -62.93
N GLY A 908 -23.51 31.37 -62.80
CA GLY A 908 -24.33 30.95 -63.93
C GLY A 908 -23.85 29.61 -64.48
N THR A 909 -24.80 28.74 -64.83
CA THR A 909 -24.50 27.43 -65.37
C THR A 909 -23.67 27.55 -66.64
N PHE A 910 -23.96 28.57 -67.45
CA PHE A 910 -23.33 28.76 -68.74
C PHE A 910 -22.34 29.92 -68.68
N THR A 911 -21.88 30.25 -67.46
CA THR A 911 -20.83 31.24 -67.26
C THR A 911 -21.23 32.57 -67.90
N GLN A 912 -22.48 32.99 -67.68
CA GLN A 912 -23.02 34.16 -68.36
C GLN A 912 -23.31 35.28 -67.37
N ARG A 913 -23.62 34.94 -66.11
CA ARG A 913 -24.21 35.91 -65.19
C ARG A 913 -23.11 36.72 -64.50
N HIS A 914 -22.24 36.05 -63.73
CA HIS A 914 -21.21 36.72 -62.96
C HIS A 914 -21.85 37.80 -62.09
N ALA A 915 -22.86 37.42 -61.30
CA ALA A 915 -23.52 38.34 -60.39
C ALA A 915 -22.56 38.71 -59.26
N VAL A 916 -21.80 37.72 -58.78
CA VAL A 916 -20.78 37.93 -57.78
C VAL A 916 -19.43 37.56 -58.40
N ALA A 917 -18.51 38.53 -58.45
CA ALA A 917 -17.17 38.31 -58.98
C ALA A 917 -16.21 38.03 -57.83
N ILE A 918 -15.22 37.15 -58.10
CA ILE A 918 -14.25 36.76 -57.11
C ILE A 918 -12.86 37.19 -57.59
N ASP A 919 -12.10 37.83 -56.70
CA ASP A 919 -10.73 38.22 -56.97
C ASP A 919 -9.86 36.96 -56.93
N PRO A 920 -9.15 36.60 -58.02
CA PRO A 920 -8.30 35.40 -58.03
C PRO A 920 -7.30 35.35 -56.89
N ALA A 921 -6.70 36.51 -56.58
CA ALA A 921 -5.63 36.60 -55.60
C ALA A 921 -6.18 36.39 -54.19
N THR A 922 -7.09 37.26 -53.76
CA THR A 922 -7.49 37.37 -52.37
C THR A 922 -8.74 36.52 -52.08
N ALA A 923 -9.40 36.03 -53.13
CA ALA A 923 -10.67 35.31 -53.01
C ALA A 923 -11.75 36.22 -52.42
N GLU A 924 -11.64 37.52 -52.67
CA GLU A 924 -12.59 38.49 -52.17
C GLU A 924 -13.80 38.55 -53.11
N GLU A 925 -15.00 38.52 -52.54
CA GLU A 925 -16.24 38.57 -53.31
C GLU A 925 -16.63 40.01 -53.57
N PHE A 926 -17.28 40.25 -54.71
CA PHE A 926 -17.81 41.57 -55.05
C PHE A 926 -19.16 41.40 -55.75
N ASN A 927 -20.19 42.06 -55.18
CA ASN A 927 -21.54 42.03 -55.71
C ASN A 927 -21.90 43.44 -56.18
N PRO A 928 -21.62 43.81 -57.44
CA PRO A 928 -21.78 45.19 -57.90
C PRO A 928 -23.18 45.76 -57.68
N LEU A 929 -24.22 44.97 -57.96
CA LEU A 929 -25.58 45.46 -57.98
C LEU A 929 -26.10 45.63 -56.55
N HIS A 930 -25.65 44.78 -55.62
CA HIS A 930 -26.03 44.92 -54.24
C HIS A 930 -25.45 46.22 -53.68
N GLU A 931 -24.20 46.52 -54.00
CA GLU A 931 -23.53 47.71 -53.49
C GLU A 931 -24.23 48.95 -54.02
N LEU A 932 -24.65 48.92 -55.28
CA LEU A 932 -25.33 50.06 -55.88
C LEU A 932 -26.66 50.28 -55.17
N ALA A 933 -27.40 49.19 -54.93
CA ALA A 933 -28.72 49.27 -54.34
C ALA A 933 -28.64 49.88 -52.95
N GLN A 934 -27.64 49.44 -52.17
CA GLN A 934 -27.47 49.90 -50.81
C GLN A 934 -27.05 51.37 -50.76
N SER A 935 -26.49 51.89 -51.85
CA SER A 935 -26.03 53.27 -51.90
C SER A 935 -27.12 54.23 -52.35
N LYS A 936 -28.28 53.72 -52.74
CA LYS A 936 -29.36 54.56 -53.25
C LYS A 936 -30.28 55.02 -52.12
N GLY A 937 -30.12 54.43 -50.93
CA GLY A 937 -30.81 54.91 -49.75
C GLY A 937 -32.28 54.50 -49.69
N ASN A 938 -32.63 53.39 -50.36
CA ASN A 938 -33.95 52.81 -50.25
C ASN A 938 -33.87 51.44 -49.58
N ASN A 939 -32.68 51.08 -49.09
CA ASN A 939 -32.45 49.82 -48.40
C ASN A 939 -32.80 48.63 -49.28
N GLY A 940 -32.54 48.75 -50.59
CA GLY A 940 -32.70 47.65 -51.50
C GLY A 940 -31.58 46.64 -51.36
N LYS A 941 -31.86 45.38 -51.71
CA LYS A 941 -30.89 44.31 -51.59
C LYS A 941 -30.96 43.42 -52.83
N PHE A 942 -29.79 42.96 -53.28
CA PHE A 942 -29.69 41.96 -54.33
C PHE A 942 -28.90 40.77 -53.78
N LEU A 943 -29.63 39.72 -53.38
CA LEU A 943 -29.04 38.55 -52.76
C LEU A 943 -29.00 37.40 -53.77
N VAL A 944 -27.81 36.85 -53.98
CA VAL A 944 -27.63 35.74 -54.91
C VAL A 944 -27.00 34.58 -54.14
N TYR A 945 -27.60 33.39 -54.25
CA TYR A 945 -27.15 32.23 -53.50
C TYR A 945 -26.94 31.04 -54.44
N ASN A 946 -25.94 30.22 -54.13
CA ASN A 946 -25.79 28.90 -54.71
C ASN A 946 -26.55 27.91 -53.86
N SER A 947 -27.56 27.27 -54.45
CA SER A 947 -28.39 26.32 -53.74
C SER A 947 -27.61 25.02 -53.51
N ALA A 948 -28.18 24.13 -52.69
CA ALA A 948 -27.70 22.76 -52.59
C ALA A 948 -28.20 21.97 -53.79
N LEU A 949 -27.71 20.74 -53.92
CA LEU A 949 -28.12 19.86 -55.00
C LEU A 949 -29.51 19.32 -54.69
N THR A 950 -30.52 20.11 -55.04
CA THR A 950 -31.91 19.77 -54.76
C THR A 950 -32.82 20.67 -55.59
N GLU A 951 -33.84 20.06 -56.19
CA GLU A 951 -34.87 20.80 -56.89
C GLU A 951 -36.11 20.88 -56.00
N TYR A 952 -36.48 19.74 -55.41
CA TYR A 952 -37.64 19.65 -54.54
C TYR A 952 -37.50 20.71 -53.44
N ALA A 953 -36.45 20.60 -52.61
CA ALA A 953 -36.27 21.51 -51.49
C ALA A 953 -35.86 22.89 -52.00
N GLY A 954 -35.08 22.93 -53.08
CA GLY A 954 -34.60 24.18 -53.64
C GLY A 954 -35.75 25.10 -54.06
N MET A 955 -36.65 24.59 -54.90
CA MET A 955 -37.74 25.39 -55.44
C MET A 955 -38.79 25.62 -54.35
N GLY A 956 -39.01 24.60 -53.52
CA GLY A 956 -39.94 24.70 -52.40
C GLY A 956 -39.59 25.86 -51.47
N PHE A 957 -38.30 26.00 -51.18
CA PHE A 957 -37.82 27.05 -50.30
C PHE A 957 -38.09 28.42 -50.91
N GLU A 958 -37.87 28.57 -52.22
CA GLU A 958 -38.07 29.86 -52.87
C GLU A 958 -39.56 30.18 -52.92
N TYR A 959 -40.40 29.17 -53.13
CA TYR A 959 -41.84 29.38 -53.10
C TYR A 959 -42.25 29.91 -51.73
N GLY A 960 -41.74 29.26 -50.68
CA GLY A 960 -42.00 29.66 -49.32
C GLY A 960 -41.58 31.11 -49.06
N TYR A 961 -40.43 31.49 -49.62
CA TYR A 961 -39.91 32.83 -49.46
C TYR A 961 -40.88 33.85 -50.04
N SER A 962 -41.46 33.52 -51.20
CA SER A 962 -42.38 34.42 -51.88
C SER A 962 -43.68 34.58 -51.08
N VAL A 963 -44.02 33.58 -50.27
CA VAL A 963 -45.24 33.60 -49.46
C VAL A 963 -44.97 34.37 -48.17
N GLY A 964 -43.79 34.14 -47.57
CA GLY A 964 -43.41 34.78 -46.34
C GLY A 964 -43.18 36.29 -46.47
N ASN A 965 -42.78 36.73 -47.68
CA ASN A 965 -42.60 38.15 -47.95
C ASN A 965 -43.13 38.45 -49.36
N GLU A 966 -44.31 39.07 -49.40
CA GLU A 966 -45.04 39.28 -50.65
C GLU A 966 -44.38 40.37 -51.48
N ASP A 967 -43.60 41.25 -50.82
CA ASP A 967 -43.02 42.41 -51.48
C ASP A 967 -41.67 42.07 -52.10
N SER A 968 -41.10 40.91 -51.73
CA SER A 968 -39.81 40.50 -52.25
C SER A 968 -39.96 39.99 -53.68
N ILE A 969 -38.88 40.09 -54.46
CA ILE A 969 -38.80 39.50 -55.78
C ILE A 969 -37.90 38.27 -55.68
N VAL A 970 -38.49 37.09 -55.88
CA VAL A 970 -37.78 35.83 -55.69
C VAL A 970 -37.76 35.09 -57.02
N ALA A 971 -36.56 34.65 -57.42
CA ALA A 971 -36.41 33.87 -58.64
C ALA A 971 -35.63 32.60 -58.30
N TRP A 972 -36.19 31.45 -58.70
CA TRP A 972 -35.48 30.18 -58.62
C TRP A 972 -35.02 29.80 -60.02
N GLU A 973 -33.73 29.44 -60.14
CA GLU A 973 -33.17 29.06 -61.43
C GLU A 973 -32.80 27.57 -61.38
N ALA A 974 -33.32 26.80 -62.33
CA ALA A 974 -32.89 25.43 -62.53
C ALA A 974 -31.62 25.44 -63.36
N GLN A 975 -30.75 24.45 -63.14
CA GLN A 975 -29.54 24.31 -63.92
C GLN A 975 -29.92 24.02 -65.37
N PHE A 976 -30.81 23.04 -65.54
CA PHE A 976 -31.53 22.84 -66.79
C PHE A 976 -33.00 22.64 -66.46
N GLY A 977 -33.88 23.08 -67.36
CA GLY A 977 -35.32 22.92 -67.19
C GLY A 977 -35.73 21.46 -67.03
N ASP A 978 -34.91 20.54 -67.58
CA ASP A 978 -35.21 19.12 -67.58
C ASP A 978 -35.28 18.56 -66.16
N PHE A 979 -34.55 19.18 -65.23
CA PHE A 979 -34.45 18.68 -63.86
C PHE A 979 -35.58 19.22 -62.98
N ALA A 980 -36.40 20.13 -63.51
CA ALA A 980 -37.48 20.73 -62.74
C ALA A 980 -38.54 19.69 -62.36
N ASN A 981 -38.58 18.56 -63.08
CA ASN A 981 -39.56 17.51 -62.81
C ASN A 981 -39.24 16.79 -61.51
N GLY A 982 -38.04 17.02 -60.97
CA GLY A 982 -37.69 16.54 -59.64
C GLY A 982 -38.53 17.21 -58.55
N ALA A 983 -38.89 18.47 -58.79
CA ALA A 983 -39.75 19.22 -57.90
C ALA A 983 -41.17 19.28 -58.45
N GLN A 984 -41.73 18.12 -58.83
CA GLN A 984 -43.03 18.07 -59.47
C GLN A 984 -44.13 18.32 -58.43
N THR A 985 -43.89 17.87 -57.19
CA THR A 985 -44.87 18.06 -56.11
C THR A 985 -45.05 19.55 -55.84
N ILE A 986 -43.97 20.33 -55.85
CA ILE A 986 -44.02 21.75 -55.58
C ILE A 986 -44.74 22.47 -56.72
N ILE A 987 -44.46 22.08 -57.97
CA ILE A 987 -45.10 22.69 -59.12
C ILE A 987 -46.60 22.38 -59.12
N ASP A 988 -46.94 21.12 -58.85
CA ASP A 988 -48.32 20.67 -58.97
C ASP A 988 -49.17 21.18 -57.82
N GLU A 989 -48.64 21.08 -56.59
CA GLU A 989 -49.45 21.25 -55.40
C GLU A 989 -49.40 22.67 -54.85
N TYR A 990 -48.31 23.41 -55.14
CA TYR A 990 -48.12 24.74 -54.57
C TYR A 990 -48.17 25.81 -55.66
N VAL A 991 -47.25 25.77 -56.61
CA VAL A 991 -47.04 26.88 -57.53
C VAL A 991 -48.26 27.05 -58.44
N SER A 992 -48.77 25.95 -58.99
CA SER A 992 -49.79 26.01 -60.03
C SER A 992 -51.19 26.17 -59.42
N SER A 993 -51.45 25.50 -58.30
CA SER A 993 -52.80 25.36 -57.77
C SER A 993 -52.96 25.98 -56.38
N GLY A 994 -51.95 26.74 -55.94
CA GLY A 994 -51.97 27.30 -54.59
C GLY A 994 -53.07 28.33 -54.39
N GLU A 995 -53.28 29.18 -55.39
CA GLU A 995 -54.26 30.24 -55.31
C GLU A 995 -55.68 29.67 -55.32
N ALA A 996 -55.92 28.69 -56.19
CA ALA A 996 -57.26 28.15 -56.38
C ALA A 996 -57.71 27.31 -55.18
N LYS A 997 -56.76 26.71 -54.46
CA LYS A 997 -57.07 25.80 -53.38
C LYS A 997 -57.20 26.53 -52.05
N TRP A 998 -56.30 27.48 -51.78
CA TRP A 998 -56.19 28.09 -50.47
C TRP A 998 -56.27 29.62 -50.52
N GLY A 999 -56.32 30.21 -51.71
CA GLY A 999 -56.22 31.65 -51.83
C GLY A 999 -54.83 32.19 -51.48
N GLN A 1000 -53.82 31.30 -51.52
CA GLN A 1000 -52.45 31.68 -51.23
C GLN A 1000 -51.77 32.09 -52.53
N THR A 1001 -51.35 33.35 -52.62
CA THR A 1001 -50.77 33.89 -53.82
C THR A 1001 -49.25 33.90 -53.71
N SER A 1002 -48.58 33.86 -54.86
CA SER A 1002 -47.12 33.90 -54.94
C SER A 1002 -46.69 34.60 -56.22
N LYS A 1003 -45.58 35.32 -56.15
CA LYS A 1003 -45.00 35.98 -57.32
C LYS A 1003 -43.67 35.30 -57.70
N LEU A 1004 -43.50 34.04 -57.35
CA LEU A 1004 -42.27 33.32 -57.62
C LEU A 1004 -41.96 33.32 -59.11
N ILE A 1005 -40.69 33.57 -59.45
CA ILE A 1005 -40.22 33.48 -60.81
C ILE A 1005 -39.43 32.18 -60.97
N LEU A 1006 -39.77 31.40 -62.00
CA LEU A 1006 -38.99 30.22 -62.37
C LEU A 1006 -38.20 30.52 -63.63
N LEU A 1007 -36.86 30.48 -63.52
CA LEU A 1007 -35.97 30.62 -64.66
C LEU A 1007 -35.52 29.23 -65.10
N LEU A 1008 -36.07 28.73 -66.20
CA LEU A 1008 -35.85 27.36 -66.65
C LEU A 1008 -35.13 27.38 -67.99
N PRO A 1009 -33.81 27.09 -68.05
CA PRO A 1009 -33.09 27.02 -69.33
C PRO A 1009 -33.71 25.99 -70.28
N HIS A 1010 -33.90 26.40 -71.53
CA HIS A 1010 -34.59 25.61 -72.51
C HIS A 1010 -33.99 25.89 -73.89
N GLY A 1011 -33.92 24.85 -74.73
CA GLY A 1011 -33.46 25.01 -76.09
C GLY A 1011 -32.90 23.71 -76.65
N TYR A 1012 -33.30 23.38 -77.89
CA TYR A 1012 -32.83 22.19 -78.57
C TYR A 1012 -31.55 22.52 -79.33
N GLU A 1013 -30.41 22.08 -78.78
CA GLU A 1013 -29.11 22.40 -79.33
C GLU A 1013 -28.25 21.14 -79.50
N GLY A 1014 -28.86 19.97 -79.36
CA GLY A 1014 -28.15 18.70 -79.50
C GLY A 1014 -27.27 18.37 -78.29
N GLN A 1015 -27.86 18.40 -77.09
CA GLN A 1015 -27.16 18.07 -75.86
C GLN A 1015 -27.82 16.87 -75.17
N GLY A 1016 -28.76 16.21 -75.84
CA GLY A 1016 -29.33 14.97 -75.34
C GLY A 1016 -30.72 15.17 -74.75
N PRO A 1017 -31.43 14.07 -74.37
CA PRO A 1017 -32.81 14.17 -73.91
C PRO A 1017 -33.03 14.82 -72.54
N ASP A 1018 -31.95 15.03 -71.77
CA ASP A 1018 -32.09 15.59 -70.43
C ASP A 1018 -31.36 16.92 -70.32
N HIS A 1019 -31.06 17.56 -71.46
CA HIS A 1019 -30.44 18.87 -71.47
C HIS A 1019 -31.01 19.72 -72.62
N SER A 1020 -32.28 19.48 -72.97
CA SER A 1020 -32.87 20.12 -74.13
C SER A 1020 -34.18 20.83 -73.78
N SER A 1021 -35.10 20.11 -73.12
CA SER A 1021 -36.45 20.61 -72.94
C SER A 1021 -36.75 20.88 -71.46
N ALA A 1022 -37.46 21.98 -71.20
CA ALA A 1022 -37.95 22.30 -69.88
C ALA A 1022 -39.39 21.81 -69.71
N ARG A 1023 -39.89 21.04 -70.69
CA ARG A 1023 -41.23 20.49 -70.68
C ARG A 1023 -42.25 21.62 -70.66
N ILE A 1024 -42.25 22.41 -71.74
CA ILE A 1024 -43.16 23.52 -71.91
C ILE A 1024 -44.60 23.00 -71.92
N GLU A 1025 -44.82 21.83 -72.55
CA GLU A 1025 -46.15 21.27 -72.72
C GLU A 1025 -46.77 20.94 -71.37
N ARG A 1026 -45.94 20.62 -70.37
CA ARG A 1026 -46.45 20.22 -69.07
C ARG A 1026 -46.91 21.44 -68.28
N PHE A 1027 -46.14 22.54 -68.38
CA PHE A 1027 -46.48 23.80 -67.72
C PHE A 1027 -47.77 24.38 -68.32
N LEU A 1028 -47.94 24.27 -69.64
CA LEU A 1028 -49.12 24.81 -70.30
C LEU A 1028 -50.36 23.99 -69.98
N GLN A 1029 -50.17 22.71 -69.61
CA GLN A 1029 -51.30 21.84 -69.27
C GLN A 1029 -51.84 22.17 -67.89
N LEU A 1030 -50.96 22.65 -67.00
CA LEU A 1030 -51.36 23.05 -65.65
C LEU A 1030 -52.05 24.41 -65.69
N CYS A 1031 -51.68 25.24 -66.67
CA CYS A 1031 -52.22 26.59 -66.78
C CYS A 1031 -53.71 26.56 -67.08
N ALA A 1032 -54.50 27.16 -66.17
CA ALA A 1032 -55.93 27.35 -66.37
C ALA A 1032 -56.40 28.54 -65.55
N GLU A 1033 -57.51 29.15 -65.98
CA GLU A 1033 -58.09 30.32 -65.33
C GLU A 1033 -57.01 31.34 -64.99
N GLY A 1034 -56.07 31.56 -65.92
CA GLY A 1034 -55.01 32.54 -65.75
C GLY A 1034 -54.16 32.32 -64.51
N SER A 1035 -53.80 31.06 -64.23
CA SER A 1035 -53.13 30.69 -62.99
C SER A 1035 -51.73 31.28 -62.91
N MET A 1036 -50.97 31.26 -64.02
CA MET A 1036 -49.63 31.80 -64.04
C MET A 1036 -49.28 32.29 -65.44
N THR A 1037 -48.22 33.11 -65.51
CA THR A 1037 -47.71 33.62 -66.76
C THR A 1037 -46.58 32.71 -67.24
N VAL A 1038 -46.65 32.29 -68.50
CA VAL A 1038 -45.61 31.47 -69.11
C VAL A 1038 -45.11 32.19 -70.35
N ALA A 1039 -43.80 32.46 -70.39
CA ALA A 1039 -43.22 33.27 -71.46
C ALA A 1039 -41.90 32.65 -71.94
N GLN A 1040 -41.57 32.92 -73.20
CA GLN A 1040 -40.29 32.53 -73.78
C GLN A 1040 -39.75 33.72 -74.57
N PRO A 1041 -39.13 34.71 -73.90
CA PRO A 1041 -38.69 35.94 -74.58
C PRO A 1041 -37.53 35.68 -75.54
N SER A 1042 -37.46 36.48 -76.61
CA SER A 1042 -36.48 36.30 -77.66
C SER A 1042 -35.36 37.34 -77.58
N THR A 1043 -35.58 38.45 -76.86
CA THR A 1043 -34.57 39.48 -76.74
C THR A 1043 -34.32 39.80 -75.26
N PRO A 1044 -33.09 40.23 -74.88
CA PRO A 1044 -32.81 40.63 -73.50
C PRO A 1044 -33.69 41.77 -72.97
N ALA A 1045 -34.01 42.72 -73.84
CA ALA A 1045 -34.84 43.86 -73.47
C ALA A 1045 -36.25 43.39 -73.13
N ASN A 1046 -36.78 42.48 -73.93
CA ASN A 1046 -38.13 41.98 -73.73
C ASN A 1046 -38.19 41.20 -72.41
N HIS A 1047 -37.11 40.47 -72.12
CA HIS A 1047 -37.01 39.74 -70.87
C HIS A 1047 -36.93 40.72 -69.70
N PHE A 1048 -36.23 41.85 -69.93
CA PHE A 1048 -36.12 42.89 -68.94
C PHE A 1048 -37.52 43.44 -68.61
N HIS A 1049 -38.30 43.74 -69.66
CA HIS A 1049 -39.62 44.33 -69.46
C HIS A 1049 -40.58 43.33 -68.82
N LEU A 1050 -40.46 42.04 -69.18
CA LEU A 1050 -41.32 41.02 -68.62
C LEU A 1050 -41.11 40.92 -67.11
N LEU A 1051 -39.85 40.94 -66.67
CA LEU A 1051 -39.53 40.80 -65.25
C LEU A 1051 -40.05 42.01 -64.48
N ARG A 1052 -39.93 43.20 -65.06
CA ARG A 1052 -40.30 44.42 -64.37
C ARG A 1052 -41.83 44.56 -64.30
N ARG A 1053 -42.53 44.15 -65.36
CA ARG A 1053 -43.98 44.18 -65.35
C ARG A 1053 -44.49 43.29 -64.21
N HIS A 1054 -43.90 42.11 -64.06
CA HIS A 1054 -44.30 41.16 -63.04
C HIS A 1054 -44.09 41.78 -61.66
N ALA A 1055 -42.92 42.40 -61.44
CA ALA A 1055 -42.53 42.88 -60.13
C ALA A 1055 -43.33 44.12 -59.74
N LEU A 1056 -43.63 45.00 -60.70
CA LEU A 1056 -44.25 46.29 -60.41
C LEU A 1056 -45.78 46.22 -60.45
N SER A 1057 -46.35 45.06 -60.79
CA SER A 1057 -47.80 44.92 -60.89
C SER A 1057 -48.40 44.46 -59.56
N ASP A 1058 -49.74 44.39 -59.53
CA ASP A 1058 -50.46 43.85 -58.39
C ASP A 1058 -51.02 42.47 -58.73
N LEU A 1059 -50.56 41.87 -59.83
CA LEU A 1059 -50.96 40.52 -60.20
C LEU A 1059 -50.06 39.52 -59.49
N LYS A 1060 -50.55 38.99 -58.37
CA LYS A 1060 -49.77 38.11 -57.52
C LYS A 1060 -49.93 36.68 -58.01
N ARG A 1061 -49.26 36.37 -59.13
CA ARG A 1061 -49.28 35.04 -59.71
C ARG A 1061 -47.89 34.69 -60.19
N PRO A 1062 -47.50 33.39 -60.19
CA PRO A 1062 -46.16 32.98 -60.61
C PRO A 1062 -45.83 33.33 -62.06
N LEU A 1063 -44.53 33.48 -62.34
CA LEU A 1063 -44.04 33.73 -63.69
C LEU A 1063 -43.02 32.66 -64.05
N VAL A 1064 -43.29 31.94 -65.14
CA VAL A 1064 -42.40 30.89 -65.63
C VAL A 1064 -41.75 31.37 -66.92
N ILE A 1065 -40.41 31.47 -66.90
CA ILE A 1065 -39.66 31.97 -68.05
C ILE A 1065 -38.74 30.87 -68.55
N PHE A 1066 -38.86 30.55 -69.84
CA PHE A 1066 -37.95 29.62 -70.50
C PHE A 1066 -36.78 30.41 -71.07
N THR A 1067 -35.64 30.33 -70.39
CA THR A 1067 -34.46 31.13 -70.71
C THR A 1067 -33.59 30.36 -71.71
N PRO A 1068 -32.80 31.06 -72.56
CA PRO A 1068 -31.99 30.39 -73.56
C PRO A 1068 -30.64 29.91 -73.04
N LYS A 1069 -29.93 29.15 -73.89
CA LYS A 1069 -28.62 28.62 -73.56
C LYS A 1069 -27.60 29.15 -74.56
N SER A 1070 -27.81 28.85 -75.85
CA SER A 1070 -26.90 29.31 -76.88
C SER A 1070 -27.18 30.76 -77.26
N MET A 1071 -28.43 31.20 -77.08
CA MET A 1071 -28.85 32.54 -77.48
C MET A 1071 -28.32 33.58 -76.50
N LEU A 1072 -27.73 33.12 -75.38
CA LEU A 1072 -27.08 33.99 -74.42
C LEU A 1072 -25.96 34.80 -75.09
N ARG A 1073 -25.30 34.22 -76.10
CA ARG A 1073 -24.15 34.85 -76.72
C ARG A 1073 -24.37 35.01 -78.22
N ASN A 1074 -25.63 35.18 -78.64
CA ASN A 1074 -25.97 35.39 -80.04
C ASN A 1074 -26.06 36.89 -80.31
N LYS A 1075 -25.23 37.37 -81.24
CA LYS A 1075 -25.10 38.80 -81.52
C LYS A 1075 -26.40 39.35 -82.10
N ALA A 1076 -27.12 38.53 -82.87
CA ALA A 1076 -28.35 38.98 -83.51
C ALA A 1076 -29.44 39.24 -82.49
N ALA A 1077 -29.32 38.66 -81.29
CA ALA A 1077 -30.35 38.75 -80.27
C ALA A 1077 -30.13 39.96 -79.35
N ALA A 1078 -28.93 40.55 -79.37
CA ALA A 1078 -28.58 41.62 -78.44
C ALA A 1078 -29.50 42.82 -78.62
N SER A 1079 -29.72 43.56 -77.51
CA SER A 1079 -30.63 44.70 -77.48
C SER A 1079 -29.86 46.01 -77.41
N ALA A 1080 -30.45 47.07 -77.97
CA ALA A 1080 -29.91 48.41 -77.91
C ALA A 1080 -30.34 49.07 -76.60
N PRO A 1081 -29.64 50.12 -76.12
CA PRO A 1081 -30.04 50.82 -74.89
C PRO A 1081 -31.43 51.45 -74.95
N GLU A 1082 -31.86 51.87 -76.13
CA GLU A 1082 -33.15 52.52 -76.32
C GLU A 1082 -34.29 51.54 -76.01
N ASP A 1083 -34.02 50.23 -76.14
CA ASP A 1083 -35.02 49.21 -75.87
C ASP A 1083 -35.31 49.11 -74.37
N PHE A 1084 -34.42 49.66 -73.54
CA PHE A 1084 -34.62 49.67 -72.11
C PHE A 1084 -35.17 51.01 -71.61
N THR A 1085 -35.03 52.07 -72.43
CA THR A 1085 -35.35 53.43 -71.96
C THR A 1085 -36.50 54.03 -72.75
N GLU A 1086 -36.59 53.76 -74.06
CA GLU A 1086 -37.61 54.36 -74.91
C GLU A 1086 -38.83 53.45 -75.01
N VAL A 1087 -38.59 52.14 -75.19
CA VAL A 1087 -39.67 51.17 -75.26
C VAL A 1087 -40.26 51.01 -73.85
N THR A 1088 -41.58 51.20 -73.74
CA THR A 1088 -42.22 51.40 -72.45
C THR A 1088 -42.78 50.09 -71.90
N LYS A 1089 -43.18 49.16 -72.77
CA LYS A 1089 -43.93 47.98 -72.34
C LYS A 1089 -43.30 46.71 -72.90
N PHE A 1090 -43.53 45.60 -72.18
CA PHE A 1090 -43.25 44.26 -72.67
C PHE A 1090 -44.09 43.97 -73.91
N GLN A 1091 -43.48 43.26 -74.87
CA GLN A 1091 -44.17 42.87 -76.09
C GLN A 1091 -44.48 41.37 -76.03
N SER A 1092 -45.76 41.03 -76.07
CA SER A 1092 -46.20 39.66 -76.05
C SER A 1092 -46.03 39.03 -77.42
N VAL A 1093 -46.19 39.83 -78.47
CA VAL A 1093 -46.03 39.40 -79.85
C VAL A 1093 -45.14 40.41 -80.57
N ILE A 1094 -44.05 39.93 -81.18
CA ILE A 1094 -43.16 40.77 -81.95
C ILE A 1094 -43.34 40.43 -83.43
N ASN A 1095 -43.83 41.40 -84.20
CA ASN A 1095 -44.07 41.23 -85.62
C ASN A 1095 -42.71 41.19 -86.33
N ASP A 1096 -42.72 40.73 -87.59
CA ASP A 1096 -41.50 40.55 -88.37
C ASP A 1096 -40.91 41.92 -88.69
N PRO A 1097 -39.66 42.22 -88.23
CA PRO A 1097 -39.03 43.51 -88.53
C PRO A 1097 -38.34 43.61 -89.89
N ASN A 1098 -38.46 42.57 -90.72
CA ASN A 1098 -37.78 42.53 -92.01
C ASN A 1098 -38.80 42.21 -93.10
N VAL A 1099 -39.89 42.97 -93.14
CA VAL A 1099 -40.88 42.86 -94.20
C VAL A 1099 -40.88 44.17 -94.99
N ALA A 1100 -40.48 44.08 -96.27
CA ALA A 1100 -40.43 45.25 -97.14
C ALA A 1100 -41.86 45.67 -97.51
N ASP A 1101 -42.67 44.69 -97.95
CA ASP A 1101 -44.04 44.93 -98.33
C ASP A 1101 -44.94 43.85 -97.72
N ALA A 1102 -45.95 44.28 -96.98
CA ALA A 1102 -46.84 43.36 -96.27
C ALA A 1102 -47.83 42.71 -97.23
N ALA A 1103 -48.10 43.36 -98.37
CA ALA A 1103 -49.04 42.87 -99.35
C ALA A 1103 -48.51 41.62 -100.05
N LYS A 1104 -47.18 41.48 -100.10
CA LYS A 1104 -46.55 40.38 -100.81
C LYS A 1104 -46.50 39.12 -99.95
N VAL A 1105 -46.75 39.25 -98.64
CA VAL A 1105 -46.63 38.12 -97.73
C VAL A 1105 -47.78 37.14 -97.98
N LYS A 1106 -47.42 35.90 -98.27
CA LYS A 1106 -48.39 34.84 -98.55
C LYS A 1106 -48.40 33.79 -97.44
N LYS A 1107 -47.31 33.71 -96.67
CA LYS A 1107 -47.18 32.70 -95.63
C LYS A 1107 -46.69 33.37 -94.35
N VAL A 1108 -47.33 33.02 -93.22
CA VAL A 1108 -46.95 33.57 -91.93
C VAL A 1108 -46.49 32.43 -91.03
N MET A 1109 -45.29 32.60 -90.45
CA MET A 1109 -44.71 31.61 -89.56
C MET A 1109 -44.81 32.11 -88.12
N LEU A 1110 -45.45 31.31 -87.25
CA LEU A 1110 -45.47 31.56 -85.82
C LEU A 1110 -44.36 30.74 -85.16
N VAL A 1111 -43.54 31.42 -84.36
CA VAL A 1111 -42.42 30.79 -83.69
C VAL A 1111 -42.30 31.37 -82.29
N SER A 1112 -41.65 30.63 -81.39
CA SER A 1112 -41.36 31.10 -80.06
C SER A 1112 -39.98 30.62 -79.63
N GLY A 1113 -39.10 31.56 -79.26
CA GLY A 1113 -37.80 31.23 -78.72
C GLY A 1113 -36.69 31.40 -79.75
N LYS A 1114 -35.60 30.65 -79.56
CA LYS A 1114 -34.36 30.87 -80.30
C LYS A 1114 -34.50 30.50 -81.77
N LEU A 1115 -35.49 29.66 -82.10
CA LEU A 1115 -35.65 29.16 -83.46
C LEU A 1115 -35.92 30.31 -84.44
N TYR A 1116 -36.41 31.46 -83.93
CA TYR A 1116 -36.68 32.60 -84.78
C TYR A 1116 -35.44 33.00 -85.57
N TYR A 1117 -34.28 33.03 -84.90
CA TYR A 1117 -33.07 33.57 -85.48
C TYR A 1117 -32.56 32.69 -86.61
N GLU A 1118 -32.77 31.37 -86.48
CA GLU A 1118 -32.45 30.44 -87.55
C GLU A 1118 -33.38 30.67 -88.74
N LEU A 1119 -34.68 30.87 -88.46
CA LEU A 1119 -35.66 31.10 -89.51
C LEU A 1119 -35.41 32.44 -90.19
N ALA A 1120 -35.06 33.46 -89.39
CA ALA A 1120 -34.82 34.79 -89.91
C ALA A 1120 -33.58 34.79 -90.82
N LYS A 1121 -32.56 34.03 -90.41
CA LYS A 1121 -31.31 33.93 -91.17
C LYS A 1121 -31.58 33.29 -92.52
N ARG A 1122 -32.41 32.24 -92.53
CA ARG A 1122 -32.74 31.52 -93.75
C ARG A 1122 -33.55 32.42 -94.68
N LYS A 1123 -34.46 33.21 -94.11
CA LYS A 1123 -35.32 34.09 -94.89
C LYS A 1123 -34.48 35.13 -95.63
N GLU A 1124 -33.49 35.70 -94.94
CA GLU A 1124 -32.63 36.71 -95.52
C GLU A 1124 -31.77 36.09 -96.62
N LYS A 1125 -31.25 34.88 -96.36
CA LYS A 1125 -30.37 34.19 -97.29
C LYS A 1125 -31.11 33.89 -98.59
N ASP A 1126 -32.34 33.38 -98.49
CA ASP A 1126 -33.10 32.96 -99.65
C ASP A 1126 -33.85 34.13 -100.28
N GLY A 1127 -33.96 35.25 -99.55
CA GLY A 1127 -34.64 36.44 -100.05
C GLY A 1127 -36.14 36.20 -100.23
N ARG A 1128 -36.76 35.60 -99.21
CA ARG A 1128 -38.17 35.25 -99.25
C ARG A 1128 -39.00 36.42 -98.76
N ASP A 1129 -39.50 37.23 -99.71
CA ASP A 1129 -40.32 38.40 -99.40
C ASP A 1129 -41.76 38.00 -99.13
N ASP A 1130 -42.11 36.74 -99.39
CA ASP A 1130 -43.48 36.26 -99.26
C ASP A 1130 -43.69 35.60 -97.89
N ILE A 1131 -42.68 35.63 -97.01
CA ILE A 1131 -42.77 35.03 -95.69
C ILE A 1131 -42.68 36.13 -94.64
N ALA A 1132 -43.51 36.01 -93.59
CA ALA A 1132 -43.40 36.84 -92.41
C ALA A 1132 -43.28 35.94 -91.17
N ILE A 1133 -42.28 36.21 -90.33
CA ILE A 1133 -42.02 35.42 -89.14
C ILE A 1133 -42.44 36.21 -87.91
N VAL A 1134 -43.45 35.70 -87.18
CA VAL A 1134 -44.03 36.40 -86.04
C VAL A 1134 -43.66 35.63 -84.78
N ARG A 1135 -43.12 36.34 -83.77
CA ARG A 1135 -42.71 35.71 -82.52
C ARG A 1135 -43.82 35.82 -81.49
N ILE A 1136 -44.04 34.74 -80.74
CA ILE A 1136 -44.93 34.75 -79.60
C ILE A 1136 -44.07 34.65 -78.34
N GLU A 1137 -44.00 35.76 -77.60
CA GLU A 1137 -43.10 35.90 -76.47
C GLU A 1137 -43.78 35.40 -75.20
N MET A 1138 -45.09 35.66 -75.08
CA MET A 1138 -45.87 35.20 -73.94
C MET A 1138 -46.77 34.07 -74.41
N LEU A 1139 -46.59 32.88 -73.81
CA LEU A 1139 -47.29 31.68 -74.24
C LEU A 1139 -48.65 31.59 -73.56
N HIS A 1140 -48.67 31.76 -72.23
CA HIS A 1140 -49.90 31.82 -71.45
C HIS A 1140 -49.86 33.05 -70.54
N PRO A 1141 -50.92 33.90 -70.50
CA PRO A 1141 -52.11 33.76 -71.35
C PRO A 1141 -51.80 33.97 -72.83
N ILE A 1142 -52.69 33.48 -73.68
CA ILE A 1142 -52.53 33.59 -75.12
C ILE A 1142 -52.86 35.02 -75.53
N PRO A 1143 -51.92 35.76 -76.15
CA PRO A 1143 -52.20 37.10 -76.66
C PRO A 1143 -52.87 37.08 -78.02
N PHE A 1144 -54.12 36.59 -78.06
CA PHE A 1144 -54.80 36.32 -79.31
C PHE A 1144 -55.18 37.62 -80.02
N ASN A 1145 -55.38 38.71 -79.27
CA ASN A 1145 -55.68 40.00 -79.86
C ASN A 1145 -54.46 40.50 -80.64
N ARG A 1146 -53.27 40.34 -80.06
CA ARG A 1146 -52.04 40.75 -80.69
C ARG A 1146 -51.73 39.85 -81.90
N ILE A 1147 -51.97 38.55 -81.75
CA ILE A 1147 -51.73 37.60 -82.83
C ILE A 1147 -52.70 37.89 -83.98
N SER A 1148 -53.96 38.17 -83.65
CA SER A 1148 -54.96 38.50 -84.66
C SER A 1148 -54.55 39.77 -85.40
N GLU A 1149 -54.06 40.76 -84.65
CA GLU A 1149 -53.67 42.05 -85.21
C GLU A 1149 -52.51 41.85 -86.19
N ALA A 1150 -51.54 41.01 -85.80
CA ALA A 1150 -50.40 40.71 -86.64
C ALA A 1150 -50.84 40.01 -87.92
N LEU A 1151 -51.73 39.03 -87.80
CA LEU A 1151 -52.23 38.29 -88.95
C LEU A 1151 -53.06 39.20 -89.87
N ALA A 1152 -53.79 40.15 -89.28
CA ALA A 1152 -54.62 41.06 -90.04
C ALA A 1152 -53.75 42.00 -90.88
N GLY A 1153 -52.49 42.19 -90.46
CA GLY A 1153 -51.56 43.05 -91.16
C GLY A 1153 -51.00 42.42 -92.44
N TYR A 1154 -51.35 41.16 -92.70
CA TYR A 1154 -50.97 40.47 -93.92
C TYR A 1154 -52.24 39.98 -94.63
N PRO A 1155 -52.93 40.86 -95.40
CA PRO A 1155 -54.23 40.51 -96.00
C PRO A 1155 -54.20 39.30 -96.94
N ASN A 1156 -53.07 39.09 -97.62
CA ASN A 1156 -52.97 38.09 -98.66
C ASN A 1156 -52.32 36.80 -98.11
N ALA A 1157 -52.28 36.65 -96.78
CA ALA A 1157 -51.73 35.44 -96.18
C ALA A 1157 -52.68 34.28 -96.40
N GLU A 1158 -52.18 33.22 -97.04
CA GLU A 1158 -52.99 32.08 -97.42
C GLU A 1158 -52.91 31.00 -96.35
N GLU A 1159 -51.71 30.79 -95.78
CA GLU A 1159 -51.51 29.74 -94.79
C GLU A 1159 -50.70 30.27 -93.61
N VAL A 1160 -50.92 29.67 -92.44
CA VAL A 1160 -50.21 29.99 -91.21
C VAL A 1160 -49.48 28.73 -90.75
N LEU A 1161 -48.17 28.88 -90.51
CA LEU A 1161 -47.35 27.79 -90.03
C LEU A 1161 -47.00 28.00 -88.56
N PHE A 1162 -47.10 26.95 -87.77
CA PHE A 1162 -46.62 26.96 -86.39
C PHE A 1162 -45.34 26.15 -86.32
N VAL A 1163 -44.20 26.84 -86.19
CA VAL A 1163 -42.89 26.22 -86.26
C VAL A 1163 -42.31 26.16 -84.85
N GLN A 1164 -41.85 24.97 -84.46
CA GLN A 1164 -41.19 24.78 -83.18
C GLN A 1164 -40.09 23.75 -83.32
N ASP A 1165 -39.10 23.80 -82.41
CA ASP A 1165 -38.02 22.84 -82.39
C ASP A 1165 -38.47 21.53 -81.73
N GLU A 1166 -39.46 21.60 -80.83
CA GLU A 1166 -39.79 20.47 -79.98
C GLU A 1166 -40.51 19.40 -80.80
N PRO A 1167 -40.52 18.12 -80.36
CA PRO A 1167 -41.38 17.10 -80.93
C PRO A 1167 -42.85 17.49 -80.99
N ALA A 1168 -43.63 16.76 -81.80
CA ALA A 1168 -45.02 17.11 -82.07
C ALA A 1168 -45.87 17.05 -80.81
N ASN A 1169 -45.61 16.07 -79.93
CA ASN A 1169 -46.39 15.88 -78.72
C ASN A 1169 -45.80 16.66 -77.56
N GLN A 1170 -44.90 17.60 -77.86
CA GLN A 1170 -44.24 18.42 -76.86
C GLN A 1170 -44.20 19.88 -77.35
N GLY A 1171 -43.65 20.76 -76.51
CA GLY A 1171 -43.55 22.17 -76.85
C GLY A 1171 -44.90 22.87 -76.74
N PRO A 1172 -45.04 24.11 -77.27
CA PRO A 1172 -46.31 24.84 -77.21
C PRO A 1172 -47.37 24.46 -78.24
N TRP A 1173 -47.06 23.55 -79.16
CA TRP A 1173 -48.00 23.20 -80.24
C TRP A 1173 -49.29 22.61 -79.68
N PRO A 1174 -49.25 21.55 -78.83
CA PRO A 1174 -50.48 20.91 -78.35
C PRO A 1174 -51.44 21.88 -77.68
N PHE A 1175 -50.90 22.88 -76.97
CA PHE A 1175 -51.69 23.89 -76.31
C PHE A 1175 -52.32 24.81 -77.35
N TYR A 1176 -51.50 25.32 -78.29
CA TYR A 1176 -51.95 26.32 -79.24
C TYR A 1176 -52.86 25.71 -80.31
N GLN A 1177 -52.69 24.40 -80.58
CA GLN A 1177 -53.51 23.71 -81.57
C GLN A 1177 -54.96 23.67 -81.10
N GLU A 1178 -55.18 23.45 -79.81
CA GLU A 1178 -56.52 23.28 -79.26
C GLU A 1178 -57.22 24.63 -79.11
N HIS A 1179 -56.48 25.67 -78.69
CA HIS A 1179 -57.08 26.89 -78.19
C HIS A 1179 -57.09 28.00 -79.24
N LEU A 1180 -56.00 28.18 -79.99
CA LEU A 1180 -55.85 29.36 -80.82
C LEU A 1180 -56.91 29.43 -81.91
N PRO A 1181 -57.27 28.32 -82.61
CA PRO A 1181 -58.32 28.37 -83.62
C PRO A 1181 -59.66 28.91 -83.12
N GLU A 1182 -59.98 28.61 -81.85
CA GLU A 1182 -61.22 29.07 -81.25
C GLU A 1182 -61.16 30.58 -81.01
N LEU A 1183 -59.99 31.06 -80.55
CA LEU A 1183 -59.81 32.46 -80.19
C LEU A 1183 -59.73 33.33 -81.44
N ILE A 1184 -59.27 32.77 -82.56
CA ILE A 1184 -59.20 33.50 -83.83
C ILE A 1184 -59.93 32.67 -84.89
N PRO A 1185 -61.28 32.78 -84.98
CA PRO A 1185 -62.04 31.97 -85.93
C PRO A 1185 -61.65 32.15 -87.39
N ASN A 1186 -61.31 33.38 -87.78
CA ASN A 1186 -61.04 33.72 -89.17
C ASN A 1186 -59.63 33.29 -89.60
N MET A 1187 -58.77 32.91 -88.64
CA MET A 1187 -57.41 32.52 -88.96
C MET A 1187 -57.44 31.23 -89.79
N PRO A 1188 -56.60 31.10 -90.84
CA PRO A 1188 -56.52 29.86 -91.62
C PRO A 1188 -56.03 28.68 -90.80
N LYS A 1189 -56.28 27.47 -91.31
CA LYS A 1189 -55.90 26.23 -90.64
C LYS A 1189 -54.38 26.24 -90.45
N MET A 1190 -53.94 26.08 -89.19
CA MET A 1190 -52.54 26.08 -88.85
C MET A 1190 -51.92 24.74 -89.25
N ARG A 1191 -50.73 24.80 -89.85
CA ARG A 1191 -49.95 23.61 -90.19
C ARG A 1191 -48.74 23.55 -89.27
N ARG A 1192 -48.55 22.40 -88.62
CA ARG A 1192 -47.42 22.19 -87.73
C ARG A 1192 -46.17 21.93 -88.55
N VAL A 1193 -45.05 22.54 -88.14
CA VAL A 1193 -43.74 22.20 -88.64
C VAL A 1193 -42.84 22.01 -87.42
N SER A 1194 -42.46 20.76 -87.14
CA SER A 1194 -41.66 20.43 -85.98
C SER A 1194 -40.98 19.08 -86.16
N ARG A 1195 -40.33 18.60 -85.09
CA ARG A 1195 -39.85 17.24 -85.03
C ARG A 1195 -41.02 16.29 -84.81
N ARG A 1196 -40.82 15.00 -85.13
CA ARG A 1196 -41.83 13.97 -84.98
C ARG A 1196 -42.09 13.75 -83.49
N ALA A 1197 -43.25 13.13 -83.18
CA ALA A 1197 -43.59 12.78 -81.81
C ALA A 1197 -42.67 11.67 -81.32
N GLN A 1198 -42.20 11.79 -80.07
CA GLN A 1198 -41.29 10.81 -79.48
C GLN A 1198 -41.75 10.47 -78.06
N SER A 1199 -41.44 9.25 -77.61
CA SER A 1199 -41.67 8.83 -76.24
C SER A 1199 -40.61 9.42 -75.32
N SER A 1200 -39.49 9.86 -75.90
CA SER A 1200 -38.43 10.56 -75.18
C SER A 1200 -38.49 12.04 -75.50
N THR A 1201 -37.52 12.82 -74.98
CA THR A 1201 -37.50 14.26 -75.15
C THR A 1201 -36.79 14.65 -76.44
N ALA A 1202 -35.58 14.14 -76.63
CA ALA A 1202 -34.75 14.44 -77.79
C ALA A 1202 -33.81 13.28 -78.07
N THR A 1203 -33.17 13.33 -79.24
CA THR A 1203 -32.24 12.29 -79.66
C THR A 1203 -30.94 12.43 -78.87
N GLY A 1204 -30.37 11.27 -78.51
CA GLY A 1204 -29.08 11.21 -77.84
C GLY A 1204 -27.92 11.51 -78.78
N VAL A 1205 -28.13 11.32 -80.09
CA VAL A 1205 -27.08 11.46 -81.08
C VAL A 1205 -27.05 12.91 -81.56
N ALA A 1206 -25.87 13.54 -81.50
CA ALA A 1206 -25.72 14.96 -81.80
C ALA A 1206 -25.80 15.22 -83.31
N LYS A 1207 -25.31 14.27 -84.12
CA LYS A 1207 -25.28 14.47 -85.56
C LYS A 1207 -26.69 14.34 -86.13
N VAL A 1208 -27.54 13.56 -85.45
CA VAL A 1208 -28.94 13.44 -85.84
C VAL A 1208 -29.64 14.78 -85.63
N HIS A 1209 -29.29 15.48 -84.54
CA HIS A 1209 -29.90 16.76 -84.21
C HIS A 1209 -29.70 17.76 -85.35
N GLN A 1210 -28.49 17.81 -85.90
CA GLN A 1210 -28.19 18.73 -87.00
C GLN A 1210 -29.03 18.37 -88.22
N LEU A 1211 -29.22 17.06 -88.46
CA LEU A 1211 -29.97 16.60 -89.62
C LEU A 1211 -31.43 17.03 -89.50
N GLU A 1212 -32.02 16.83 -88.31
CA GLU A 1212 -33.43 17.11 -88.10
C GLU A 1212 -33.66 18.62 -88.14
N GLU A 1213 -32.69 19.39 -87.62
CA GLU A 1213 -32.78 20.84 -87.63
C GLU A 1213 -32.83 21.35 -89.07
N LYS A 1214 -31.94 20.83 -89.93
CA LYS A 1214 -31.91 21.21 -91.33
C LYS A 1214 -33.22 20.81 -91.99
N GLN A 1215 -33.73 19.62 -91.65
CA GLN A 1215 -34.97 19.11 -92.22
C GLN A 1215 -36.13 20.01 -91.80
N LEU A 1216 -36.10 20.46 -90.53
CA LEU A 1216 -37.16 21.26 -89.96
C LEU A 1216 -37.27 22.60 -90.70
N ILE A 1217 -36.13 23.25 -90.94
CA ILE A 1217 -36.11 24.55 -91.59
C ILE A 1217 -36.53 24.40 -93.04
N ASP A 1218 -36.09 23.34 -93.71
CA ASP A 1218 -36.42 23.11 -95.11
C ASP A 1218 -37.93 22.93 -95.26
N GLU A 1219 -38.55 22.24 -94.30
CA GLU A 1219 -39.98 21.99 -94.36
C GLU A 1219 -40.76 23.30 -94.21
N ALA A 1220 -40.25 24.19 -93.35
CA ALA A 1220 -40.88 25.48 -93.12
C ALA A 1220 -40.91 26.30 -94.41
N PHE A 1221 -39.79 26.32 -95.13
CA PHE A 1221 -39.69 27.08 -96.37
C PHE A 1221 -40.03 26.18 -97.56
N GLU A 1222 -41.22 25.55 -97.51
CA GLU A 1222 -41.70 24.67 -98.56
C GLU A 1222 -40.65 23.58 -98.84
N PRO B 102 53.81 8.92 -28.77
CA PRO B 102 54.14 9.86 -29.84
C PRO B 102 55.63 10.20 -29.88
N GLU B 103 56.13 10.55 -31.06
CA GLU B 103 57.53 10.87 -31.26
C GLU B 103 57.82 12.27 -30.72
N PRO B 104 58.69 12.43 -29.69
CA PRO B 104 59.04 13.75 -29.17
C PRO B 104 59.81 14.60 -30.18
N GLY B 105 60.02 15.88 -29.84
CA GLY B 105 60.68 16.83 -30.72
C GLY B 105 59.85 18.09 -30.93
N GLN B 106 60.42 19.03 -31.70
CA GLN B 106 59.80 20.32 -31.95
C GLN B 106 59.54 20.46 -33.44
N THR B 107 58.26 20.63 -33.80
CA THR B 107 57.85 20.74 -35.19
C THR B 107 57.15 22.08 -35.41
N PRO B 108 57.60 22.91 -36.38
CA PRO B 108 56.91 24.17 -36.69
C PRO B 108 55.45 23.95 -37.11
N ILE B 109 54.58 24.86 -36.68
CA ILE B 109 53.17 24.81 -37.03
C ILE B 109 52.99 25.51 -38.37
N ARG B 110 52.32 24.81 -39.31
CA ARG B 110 52.14 25.33 -40.66
C ARG B 110 50.81 24.84 -41.21
N GLY B 111 50.30 25.53 -42.24
CA GLY B 111 49.05 25.19 -42.88
C GLY B 111 47.86 25.84 -42.19
N ILE B 112 46.75 25.10 -42.10
CA ILE B 112 45.53 25.56 -41.46
C ILE B 112 45.78 25.75 -39.96
N PHE B 113 46.64 24.91 -39.37
CA PHE B 113 46.91 24.93 -37.95
C PHE B 113 47.62 26.23 -37.55
N LYS B 114 48.46 26.74 -38.45
CA LYS B 114 49.19 27.98 -38.20
C LYS B 114 48.21 29.16 -38.16
N SER B 115 47.22 29.15 -39.06
CA SER B 115 46.23 30.20 -39.12
C SER B 115 45.34 30.17 -37.88
N ILE B 116 45.03 28.97 -37.39
CA ILE B 116 44.25 28.79 -36.18
C ILE B 116 45.02 29.36 -34.99
N ALA B 117 46.31 29.03 -34.90
CA ALA B 117 47.15 29.50 -33.81
C ALA B 117 47.25 31.02 -33.81
N LYS B 118 47.35 31.62 -35.00
CA LYS B 118 47.49 33.06 -35.13
C LYS B 118 46.20 33.75 -34.68
N ASN B 119 45.05 33.19 -35.08
CA ASN B 119 43.75 33.77 -34.77
C ASN B 119 43.51 33.73 -33.26
N MET B 120 43.97 32.68 -32.59
CA MET B 120 43.80 32.52 -31.16
C MET B 120 44.64 33.56 -30.41
N ASP B 121 45.81 33.90 -30.97
CA ASP B 121 46.67 34.93 -30.40
C ASP B 121 46.00 36.29 -30.53
N ILE B 122 45.31 36.52 -31.65
CA ILE B 122 44.63 37.79 -31.88
C ILE B 122 43.44 37.92 -30.92
N SER B 123 42.82 36.79 -30.58
CA SER B 123 41.61 36.79 -29.75
C SER B 123 41.91 37.22 -28.31
N LEU B 124 43.19 37.28 -27.93
CA LEU B 124 43.58 37.69 -26.59
C LEU B 124 43.19 39.14 -26.31
N GLU B 125 42.94 39.94 -27.36
CA GLU B 125 42.66 41.36 -27.20
C GLU B 125 41.17 41.60 -26.98
N ILE B 126 40.36 40.53 -26.89
CA ILE B 126 38.93 40.66 -26.68
C ILE B 126 38.61 40.32 -25.23
N PRO B 127 38.14 41.30 -24.41
CA PRO B 127 37.68 41.01 -23.06
C PRO B 127 36.29 40.37 -23.07
N THR B 128 36.24 39.06 -22.77
CA THR B 128 35.01 38.29 -22.90
C THR B 128 34.48 37.94 -21.52
N ALA B 129 33.15 37.85 -21.43
CA ALA B 129 32.47 37.28 -20.28
C ALA B 129 31.53 36.18 -20.76
N THR B 130 31.14 35.29 -19.86
CA THR B 130 30.33 34.13 -20.21
C THR B 130 29.09 34.08 -19.32
N SER B 131 27.93 33.83 -19.94
CA SER B 131 26.70 33.50 -19.24
C SER B 131 26.40 32.02 -19.47
N VAL B 132 25.95 31.33 -18.42
CA VAL B 132 25.64 29.91 -18.49
C VAL B 132 24.19 29.72 -18.05
N ARG B 133 23.40 29.00 -18.84
CA ARG B 133 22.03 28.70 -18.49
C ARG B 133 21.68 27.26 -18.87
N ASP B 134 21.06 26.54 -17.94
CA ASP B 134 20.58 25.19 -18.16
C ASP B 134 19.09 25.24 -18.48
N MET B 135 18.67 24.48 -19.50
CA MET B 135 17.30 24.54 -20.02
C MET B 135 16.74 23.13 -20.06
N PRO B 136 15.42 22.93 -19.79
CA PRO B 136 14.78 21.63 -19.99
C PRO B 136 14.85 21.20 -21.45
N ALA B 137 15.11 19.91 -21.69
CA ALA B 137 15.28 19.41 -23.05
C ALA B 137 14.23 18.34 -23.39
N ARG B 138 13.29 18.06 -22.48
CA ARG B 138 12.33 16.98 -22.67
C ARG B 138 11.52 17.23 -23.94
N LEU B 139 10.97 18.45 -24.08
CA LEU B 139 10.06 18.75 -25.17
C LEU B 139 10.81 18.71 -26.49
N MET B 140 12.12 19.02 -26.46
CA MET B 140 12.94 18.99 -27.65
C MET B 140 13.12 17.55 -28.13
N PHE B 141 13.27 16.62 -27.18
CA PHE B 141 13.39 15.20 -27.50
C PHE B 141 12.08 14.67 -28.11
N GLU B 142 10.94 15.06 -27.52
CA GLU B 142 9.66 14.51 -27.91
C GLU B 142 9.26 15.01 -29.30
N ASN B 143 9.40 16.33 -29.52
CA ASN B 143 8.92 16.96 -30.74
C ASN B 143 9.85 16.65 -31.91
N ARG B 144 11.15 16.47 -31.64
CA ARG B 144 12.10 16.11 -32.69
C ARG B 144 11.78 14.71 -33.19
N ALA B 145 11.37 13.82 -32.28
CA ALA B 145 11.02 12.45 -32.62
C ALA B 145 9.83 12.44 -33.58
N MET B 146 8.85 13.31 -33.31
CA MET B 146 7.65 13.39 -34.12
C MET B 146 7.99 13.87 -35.53
N VAL B 147 8.88 14.87 -35.63
CA VAL B 147 9.29 15.41 -36.91
C VAL B 147 10.05 14.34 -37.70
N ASN B 148 10.94 13.61 -37.04
CA ASN B 148 11.74 12.57 -37.68
C ASN B 148 10.85 11.41 -38.13
N ASP B 149 9.76 11.16 -37.38
CA ASP B 149 8.80 10.13 -37.74
C ASP B 149 8.10 10.52 -39.04
N GLN B 150 7.76 11.80 -39.18
CA GLN B 150 7.11 12.29 -40.39
C GLN B 150 8.06 12.21 -41.58
N LEU B 151 9.34 12.53 -41.36
CA LEU B 151 10.34 12.50 -42.42
C LEU B 151 10.61 11.05 -42.84
N LYS B 152 10.47 10.11 -41.90
CA LYS B 152 10.70 8.69 -42.19
C LYS B 152 9.63 8.18 -43.15
N ARG B 153 8.36 8.49 -42.88
CA ARG B 153 7.26 8.06 -43.74
C ARG B 153 7.38 8.74 -45.11
N THR B 154 7.83 10.01 -45.11
CA THR B 154 8.02 10.77 -46.33
C THR B 154 9.28 10.29 -47.06
N ARG B 155 10.17 9.62 -46.33
CA ARG B 155 11.44 9.15 -46.86
C ARG B 155 12.32 10.35 -47.20
N GLY B 156 12.28 11.36 -46.32
CA GLY B 156 13.09 12.56 -46.47
C GLY B 156 14.43 12.42 -45.77
N GLY B 157 14.79 13.44 -44.98
CA GLY B 157 16.04 13.45 -44.23
C GLY B 157 15.80 13.17 -42.74
N LYS B 158 16.57 13.88 -41.90
CA LYS B 158 16.49 13.72 -40.46
C LYS B 158 17.11 14.95 -39.80
N ILE B 159 16.31 15.67 -38.99
CA ILE B 159 16.79 16.85 -38.30
C ILE B 159 17.54 16.42 -37.04
N SER B 160 18.43 17.31 -36.58
CA SER B 160 19.23 17.08 -35.38
C SER B 160 18.90 18.17 -34.36
N PHE B 161 19.49 18.04 -33.16
CA PHE B 161 19.28 19.01 -32.10
C PHE B 161 19.91 20.35 -32.46
N THR B 162 21.01 20.31 -33.22
CA THR B 162 21.72 21.53 -33.60
C THR B 162 20.88 22.35 -34.57
N HIS B 163 20.07 21.69 -35.41
CA HIS B 163 19.17 22.38 -36.32
C HIS B 163 18.14 23.19 -35.52
N ILE B 164 17.56 22.56 -34.49
CA ILE B 164 16.51 23.17 -33.70
C ILE B 164 17.10 24.30 -32.87
N ILE B 165 18.22 24.02 -32.19
CA ILE B 165 18.86 24.99 -31.32
C ILE B 165 19.42 26.13 -32.17
N GLY B 166 20.01 25.77 -33.33
CA GLY B 166 20.52 26.74 -34.28
C GLY B 166 19.44 27.71 -34.73
N TYR B 167 18.24 27.19 -35.04
CA TYR B 167 17.15 28.02 -35.52
C TYR B 167 16.60 28.88 -34.38
N ALA B 168 16.47 28.28 -33.19
CA ALA B 168 16.01 29.00 -32.02
C ALA B 168 16.98 30.14 -31.69
N MET B 169 18.27 29.89 -31.90
CA MET B 169 19.31 30.88 -31.63
C MET B 169 19.14 32.07 -32.58
N VAL B 170 18.84 31.78 -33.85
CA VAL B 170 18.64 32.83 -34.85
C VAL B 170 17.45 33.70 -34.44
N LYS B 171 16.37 33.07 -33.98
CA LYS B 171 15.17 33.78 -33.55
C LYS B 171 15.50 34.68 -32.35
N ALA B 172 16.35 34.18 -31.44
CA ALA B 172 16.70 34.90 -30.22
C ALA B 172 17.58 36.10 -30.53
N VAL B 173 18.45 35.98 -31.55
CA VAL B 173 19.31 37.09 -31.97
C VAL B 173 18.44 38.19 -32.57
N MET B 174 17.37 37.81 -33.27
CA MET B 174 16.46 38.78 -33.86
C MET B 174 15.72 39.54 -32.76
N ALA B 175 15.39 38.83 -31.68
CA ALA B 175 14.70 39.43 -30.54
C ALA B 175 15.66 40.32 -29.74
N HIS B 176 16.96 40.01 -29.78
CA HIS B 176 17.97 40.77 -29.07
C HIS B 176 19.10 41.13 -30.04
N PRO B 177 18.92 42.14 -30.92
CA PRO B 177 19.89 42.44 -31.98
C PRO B 177 21.28 42.84 -31.49
N ASP B 178 21.38 43.28 -30.22
CA ASP B 178 22.65 43.71 -29.65
C ASP B 178 23.67 42.57 -29.66
N MET B 179 23.20 41.32 -29.62
CA MET B 179 24.07 40.16 -29.57
C MET B 179 24.80 39.97 -30.90
N ASN B 180 24.33 40.64 -31.97
CA ASN B 180 24.91 40.47 -33.29
C ASN B 180 25.98 41.52 -33.56
N ASN B 181 26.08 42.54 -32.69
CA ASN B 181 27.00 43.65 -32.88
C ASN B 181 28.43 43.21 -32.53
N SER B 182 29.42 43.89 -33.12
CA SER B 182 30.82 43.60 -32.86
C SER B 182 31.58 44.91 -32.59
N TYR B 183 32.85 44.77 -32.20
CA TYR B 183 33.70 45.91 -31.86
C TYR B 183 34.84 46.00 -32.87
N ASP B 184 35.28 47.23 -33.15
CA ASP B 184 36.44 47.47 -33.99
C ASP B 184 36.97 48.87 -33.74
N VAL B 185 38.24 49.09 -34.08
CA VAL B 185 38.87 50.39 -33.97
C VAL B 185 39.09 50.93 -35.39
N ILE B 186 38.24 51.87 -35.81
CA ILE B 186 38.32 52.47 -37.13
C ILE B 186 38.89 53.89 -36.98
N ASP B 187 39.99 54.15 -37.70
CA ASP B 187 40.66 55.43 -37.74
C ASP B 187 41.16 55.84 -36.35
N GLY B 188 41.33 54.86 -35.47
CA GLY B 188 41.82 55.11 -34.11
C GLY B 188 40.73 55.52 -33.14
N LYS B 189 39.47 55.19 -33.46
CA LYS B 189 38.35 55.44 -32.57
C LYS B 189 37.57 54.15 -32.36
N PRO B 190 37.14 53.84 -31.11
CA PRO B 190 36.24 52.70 -30.86
C PRO B 190 34.90 52.86 -31.58
N THR B 191 34.54 51.84 -32.36
CA THR B 191 33.33 51.87 -33.18
C THR B 191 32.49 50.63 -32.90
N LEU B 192 31.16 50.82 -32.83
CA LEU B 192 30.21 49.73 -32.73
C LEU B 192 29.74 49.36 -34.13
N ILE B 193 30.11 48.15 -34.59
CA ILE B 193 29.72 47.65 -35.90
C ILE B 193 28.38 46.93 -35.77
N VAL B 194 27.40 47.38 -36.55
CA VAL B 194 26.10 46.73 -36.63
C VAL B 194 26.00 46.03 -37.98
N PRO B 195 26.12 44.68 -38.05
CA PRO B 195 26.03 43.97 -39.32
C PRO B 195 24.65 44.07 -39.97
N GLU B 196 24.61 43.86 -41.28
CA GLU B 196 23.42 44.03 -42.08
C GLU B 196 22.59 42.75 -42.07
N HIS B 197 23.23 41.59 -41.87
CA HIS B 197 22.55 40.31 -41.77
C HIS B 197 23.07 39.54 -40.57
N ILE B 198 22.37 38.45 -40.23
CA ILE B 198 22.80 37.51 -39.20
C ILE B 198 23.41 36.29 -39.90
N ASN B 199 24.74 36.28 -39.99
CA ASN B 199 25.46 35.17 -40.60
C ASN B 199 25.90 34.20 -39.51
N LEU B 200 25.26 33.03 -39.46
CA LEU B 200 25.51 32.05 -38.41
C LEU B 200 26.70 31.17 -38.81
N GLY B 201 27.76 31.21 -37.98
CA GLY B 201 28.93 30.37 -38.18
C GLY B 201 28.80 29.04 -37.45
N LEU B 202 28.95 27.93 -38.20
CA LEU B 202 28.95 26.60 -37.62
C LEU B 202 30.38 26.14 -37.41
N ALA B 203 30.70 25.72 -36.18
CA ALA B 203 31.97 25.06 -35.89
C ALA B 203 31.88 23.60 -36.34
N ILE B 204 32.53 23.29 -37.47
CA ILE B 204 32.48 21.95 -38.04
C ILE B 204 33.84 21.28 -37.82
N ASP B 205 33.82 20.16 -37.09
CA ASP B 205 35.01 19.36 -36.88
C ASP B 205 35.25 18.49 -38.12
N LEU B 206 36.45 18.60 -38.70
CA LEU B 206 36.79 17.92 -39.94
C LEU B 206 37.99 17.00 -39.71
N PRO B 207 37.78 15.71 -39.37
CA PRO B 207 38.86 14.72 -39.38
C PRO B 207 39.36 14.48 -40.80
N GLN B 208 40.55 14.98 -41.10
CA GLN B 208 41.11 14.90 -42.44
C GLN B 208 41.63 13.50 -42.71
N LYS B 209 41.85 13.19 -43.99
CA LYS B 209 42.31 11.88 -44.42
C LYS B 209 43.78 11.67 -44.04
N ASP B 210 44.51 12.78 -43.84
CA ASP B 210 45.91 12.72 -43.45
C ASP B 210 46.04 12.06 -42.08
N GLY B 211 45.09 12.36 -41.18
CA GLY B 211 45.09 11.81 -39.83
C GLY B 211 44.70 12.85 -38.79
N SER B 212 45.22 14.08 -38.97
CA SER B 212 44.92 15.19 -38.09
C SER B 212 43.49 15.69 -38.34
N ARG B 213 42.92 16.33 -37.32
CA ARG B 213 41.58 16.90 -37.40
C ARG B 213 41.68 18.41 -37.22
N ALA B 214 40.83 19.14 -37.96
CA ALA B 214 40.82 20.60 -37.91
C ALA B 214 39.38 21.08 -37.78
N LEU B 215 39.21 22.24 -37.14
CA LEU B 215 37.91 22.87 -36.97
C LEU B 215 37.83 24.10 -37.87
N VAL B 216 36.72 24.24 -38.59
CA VAL B 216 36.47 25.40 -39.44
C VAL B 216 35.11 25.99 -39.07
N VAL B 217 34.96 27.29 -39.32
CA VAL B 217 33.71 27.99 -39.05
C VAL B 217 33.14 28.47 -40.39
N ALA B 218 32.20 27.69 -40.93
CA ALA B 218 31.52 28.03 -42.17
C ALA B 218 30.24 28.79 -41.85
N ALA B 219 29.93 29.80 -42.68
CA ALA B 219 28.84 30.73 -42.41
C ALA B 219 27.58 30.32 -43.16
N ILE B 220 26.44 30.35 -42.46
CA ILE B 220 25.13 30.36 -43.07
C ILE B 220 24.66 31.82 -43.11
N LYS B 221 24.56 32.38 -44.31
CA LYS B 221 24.39 33.81 -44.48
C LYS B 221 22.91 34.15 -44.63
N GLU B 222 22.53 35.32 -44.09
CA GLU B 222 21.19 35.87 -44.21
C GLU B 222 20.16 34.92 -43.58
N THR B 223 20.38 34.56 -42.31
CA THR B 223 19.51 33.63 -41.61
C THR B 223 18.26 34.35 -41.09
N GLU B 224 18.31 35.68 -41.03
CA GLU B 224 17.21 36.46 -40.49
C GLU B 224 15.99 36.47 -41.43
N LYS B 225 16.19 36.03 -42.68
CA LYS B 225 15.13 36.00 -43.67
C LYS B 225 14.87 34.57 -44.12
N MET B 226 14.94 33.62 -43.19
CA MET B 226 14.67 32.22 -43.48
C MET B 226 13.61 31.69 -42.52
N ASN B 227 12.86 30.69 -42.98
CA ASN B 227 12.04 29.86 -42.11
C ASN B 227 12.86 28.61 -41.78
N PHE B 228 12.25 27.67 -41.05
CA PHE B 228 12.95 26.47 -40.62
C PHE B 228 13.37 25.62 -41.82
N SER B 229 12.48 25.51 -42.82
CA SER B 229 12.75 24.73 -44.01
C SER B 229 13.96 25.29 -44.75
N GLU B 230 13.99 26.60 -44.95
CA GLU B 230 15.08 27.28 -45.62
C GLU B 230 16.37 27.13 -44.80
N PHE B 231 16.25 27.30 -43.48
CA PHE B 231 17.39 27.22 -42.58
C PHE B 231 18.00 25.83 -42.63
N LEU B 232 17.15 24.80 -42.61
CA LEU B 232 17.62 23.42 -42.63
C LEU B 232 18.36 23.11 -43.93
N ALA B 233 17.83 23.62 -45.05
CA ALA B 233 18.44 23.41 -46.35
C ALA B 233 19.81 24.06 -46.40
N ALA B 234 19.88 25.31 -45.93
CA ALA B 234 21.13 26.07 -45.92
C ALA B 234 22.14 25.42 -44.99
N TYR B 235 21.67 24.90 -43.85
CA TYR B 235 22.51 24.22 -42.88
C TYR B 235 23.13 22.98 -43.52
N GLU B 236 22.29 22.16 -44.17
CA GLU B 236 22.72 20.89 -44.74
C GLU B 236 23.67 21.13 -45.91
N ASP B 237 23.44 22.22 -46.67
CA ASP B 237 24.28 22.56 -47.81
C ASP B 237 25.71 22.81 -47.34
N ILE B 238 25.85 23.60 -46.27
CA ILE B 238 27.17 23.94 -45.73
C ILE B 238 27.86 22.67 -45.22
N VAL B 239 27.11 21.83 -44.49
CA VAL B 239 27.68 20.64 -43.89
C VAL B 239 28.09 19.66 -44.97
N ALA B 240 27.24 19.48 -45.99
CA ALA B 240 27.49 18.54 -47.07
C ALA B 240 28.77 18.92 -47.81
N ARG B 241 28.91 20.21 -48.15
CA ARG B 241 30.03 20.70 -48.93
C ARG B 241 31.33 20.61 -48.11
N SER B 242 31.21 20.78 -46.79
CA SER B 242 32.37 20.76 -45.90
C SER B 242 33.02 19.37 -45.88
N ARG B 243 32.18 18.33 -45.89
CA ARG B 243 32.65 16.95 -45.83
C ARG B 243 33.41 16.60 -47.11
N LYS B 244 32.83 16.95 -48.26
CA LYS B 244 33.45 16.67 -49.54
C LYS B 244 34.56 17.68 -49.82
N GLY B 245 34.50 18.85 -49.16
CA GLY B 245 35.58 19.83 -49.20
C GLY B 245 35.48 20.75 -50.41
N LYS B 246 34.26 21.25 -50.66
CA LYS B 246 34.00 22.17 -51.76
C LYS B 246 33.61 23.53 -51.20
N LEU B 247 34.24 23.94 -50.08
CA LEU B 247 33.97 25.23 -49.46
C LEU B 247 34.85 26.29 -50.10
N THR B 248 34.22 27.40 -50.52
CA THR B 248 34.93 28.52 -51.10
C THR B 248 35.38 29.47 -49.99
N MET B 249 36.11 30.51 -50.37
CA MET B 249 36.62 31.48 -49.40
C MET B 249 35.47 32.32 -48.85
N ASP B 250 34.43 32.52 -49.66
CA ASP B 250 33.30 33.35 -49.27
C ASP B 250 32.53 32.71 -48.10
N ASP B 251 32.60 31.38 -47.98
CA ASP B 251 31.91 30.65 -46.94
C ASP B 251 32.50 30.99 -45.56
N TYR B 252 33.80 31.31 -45.52
CA TYR B 252 34.50 31.55 -44.27
C TYR B 252 34.39 33.00 -43.84
N GLN B 253 33.92 33.89 -44.73
CA GLN B 253 33.91 35.32 -44.47
C GLN B 253 32.52 35.76 -44.01
N GLY B 254 32.49 36.83 -43.22
CA GLY B 254 31.26 37.55 -42.91
C GLY B 254 30.49 36.98 -41.73
N VAL B 255 31.14 36.13 -40.92
CA VAL B 255 30.49 35.53 -39.77
C VAL B 255 30.24 36.62 -38.73
N THR B 256 28.98 36.71 -38.26
CA THR B 256 28.59 37.71 -37.29
C THR B 256 28.38 37.07 -35.91
N VAL B 257 27.96 35.80 -35.90
CA VAL B 257 27.73 35.07 -34.66
C VAL B 257 28.00 33.59 -34.90
N SER B 258 28.54 32.90 -33.89
CA SER B 258 29.01 31.54 -34.04
C SER B 258 28.23 30.60 -33.13
N LEU B 259 28.13 29.33 -33.55
CA LEU B 259 27.52 28.27 -32.77
C LEU B 259 28.46 27.07 -32.75
N THR B 260 28.75 26.57 -31.55
CA THR B 260 29.59 25.40 -31.37
C THR B 260 28.84 24.38 -30.52
N ASN B 261 29.10 23.09 -30.79
CA ASN B 261 28.35 22.02 -30.16
C ASN B 261 29.33 20.98 -29.60
N PRO B 262 30.01 21.28 -28.47
CA PRO B 262 30.83 20.28 -27.78
C PRO B 262 30.03 19.21 -27.04
N GLY B 263 28.70 19.40 -26.96
CA GLY B 263 27.81 18.49 -26.27
C GLY B 263 27.67 17.13 -26.94
N GLY B 264 28.00 17.04 -28.24
CA GLY B 264 27.99 15.77 -28.96
C GLY B 264 28.93 14.74 -28.34
N ILE B 265 30.11 15.21 -27.89
CA ILE B 265 31.11 14.34 -27.27
C ILE B 265 30.65 13.98 -25.86
N GLY B 266 29.86 14.85 -25.22
CA GLY B 266 29.33 14.61 -23.89
C GLY B 266 29.80 15.65 -22.87
N THR B 267 30.49 16.69 -23.33
CA THR B 267 30.87 17.81 -22.48
C THR B 267 29.61 18.50 -21.98
N ARG B 268 29.55 18.75 -20.66
CA ARG B 268 28.39 19.33 -20.04
C ARG B 268 28.22 20.77 -20.51
N HIS B 269 29.29 21.55 -20.41
CA HIS B 269 29.33 22.90 -20.98
C HIS B 269 30.79 23.28 -21.18
N SER B 270 31.00 24.41 -21.86
CA SER B 270 32.34 24.87 -22.14
C SER B 270 32.41 26.38 -22.09
N VAL B 271 33.64 26.90 -22.00
CA VAL B 271 33.90 28.32 -22.08
C VAL B 271 34.81 28.53 -23.30
N PRO B 272 34.24 28.68 -24.52
CA PRO B 272 35.04 28.80 -25.73
C PRO B 272 35.65 30.19 -25.89
N ARG B 273 36.54 30.32 -26.88
CA ARG B 273 37.17 31.59 -27.22
C ARG B 273 36.33 32.30 -28.28
N LEU B 274 36.31 33.63 -28.21
CA LEU B 274 35.61 34.45 -29.18
C LEU B 274 36.60 34.96 -30.21
N THR B 275 36.28 34.78 -31.50
CA THR B 275 37.11 35.22 -32.60
C THR B 275 36.88 36.71 -32.84
N LYS B 276 37.91 37.41 -33.32
CA LYS B 276 37.82 38.83 -33.62
C LYS B 276 36.82 39.04 -34.76
N GLY B 277 36.06 40.14 -34.67
CA GLY B 277 35.09 40.50 -35.68
C GLY B 277 33.69 39.93 -35.39
N GLN B 278 33.53 39.33 -34.21
CA GLN B 278 32.25 38.75 -33.81
C GLN B 278 31.87 39.29 -32.43
N GLY B 279 30.57 39.25 -32.13
CA GLY B 279 30.05 39.75 -30.86
C GLY B 279 29.98 38.66 -29.80
N THR B 280 29.50 37.47 -30.19
CA THR B 280 29.28 36.38 -29.26
C THR B 280 29.42 35.04 -29.95
N ILE B 281 29.69 34.01 -29.14
CA ILE B 281 29.67 32.63 -29.57
C ILE B 281 28.81 31.85 -28.59
N ILE B 282 27.98 30.94 -29.12
CA ILE B 282 27.06 30.16 -28.33
C ILE B 282 27.54 28.70 -28.31
N GLY B 283 27.69 28.16 -27.10
CA GLY B 283 28.10 26.78 -26.91
C GLY B 283 26.94 25.91 -26.44
N VAL B 284 26.76 24.74 -27.07
CA VAL B 284 25.69 23.83 -26.73
C VAL B 284 26.30 22.62 -26.00
N GLY B 285 25.85 22.39 -24.78
CA GLY B 285 26.37 21.30 -23.96
C GLY B 285 25.62 19.99 -24.21
N SER B 286 26.01 18.96 -23.46
CA SER B 286 25.43 17.64 -23.58
C SER B 286 23.95 17.66 -23.19
N MET B 287 23.13 16.99 -23.99
CA MET B 287 21.70 16.86 -23.71
C MET B 287 21.48 15.48 -23.09
N ASP B 288 21.62 15.43 -21.77
CA ASP B 288 21.63 14.16 -21.03
C ASP B 288 21.17 14.42 -19.60
N TYR B 289 20.87 13.33 -18.88
CA TYR B 289 20.59 13.42 -17.47
C TYR B 289 21.83 13.93 -16.74
N PRO B 290 21.67 14.66 -15.62
CA PRO B 290 22.79 14.99 -14.74
C PRO B 290 23.48 13.72 -14.23
N ALA B 291 24.78 13.85 -13.93
CA ALA B 291 25.61 12.70 -13.53
C ALA B 291 25.02 11.97 -12.32
N GLU B 292 24.34 12.70 -11.43
CA GLU B 292 23.77 12.10 -10.22
C GLU B 292 22.61 11.17 -10.52
N PHE B 293 22.10 11.17 -11.77
CA PHE B 293 20.96 10.37 -12.15
C PHE B 293 21.35 9.28 -13.15
N GLN B 294 22.63 9.15 -13.48
CA GLN B 294 23.05 8.28 -14.56
C GLN B 294 23.04 6.81 -14.13
N GLY B 295 22.89 6.56 -12.81
CA GLY B 295 22.79 5.21 -12.30
C GLY B 295 21.35 4.80 -11.95
N ALA B 296 20.42 5.78 -11.96
CA ALA B 296 19.05 5.53 -11.55
C ALA B 296 18.31 4.74 -12.63
N SER B 297 17.34 3.93 -12.20
CA SER B 297 16.52 3.16 -13.13
C SER B 297 15.54 4.09 -13.85
N GLU B 298 15.08 3.66 -15.03
CA GLU B 298 14.14 4.43 -15.82
C GLU B 298 12.79 4.53 -15.10
N ASP B 299 12.44 3.50 -14.33
CA ASP B 299 11.18 3.48 -13.60
C ASP B 299 11.15 4.61 -12.57
N ARG B 300 12.24 4.76 -11.80
CA ARG B 300 12.31 5.76 -10.75
C ARG B 300 12.37 7.16 -11.34
N LEU B 301 13.09 7.32 -12.46
CA LEU B 301 13.20 8.60 -13.14
C LEU B 301 11.84 9.01 -13.71
N ALA B 302 11.16 8.04 -14.34
CA ALA B 302 9.85 8.29 -14.92
C ALA B 302 8.83 8.63 -13.84
N GLU B 303 8.91 7.94 -12.70
CA GLU B 303 7.98 8.15 -11.60
C GLU B 303 8.14 9.58 -11.05
N LEU B 304 9.39 10.00 -10.86
CA LEU B 304 9.66 11.32 -10.27
C LEU B 304 9.38 12.41 -11.29
N GLY B 305 9.61 12.12 -12.57
CA GLY B 305 9.41 13.09 -13.64
C GLY B 305 10.67 13.92 -13.88
N VAL B 306 11.84 13.26 -13.87
CA VAL B 306 13.11 13.91 -14.16
C VAL B 306 13.27 13.98 -15.67
N GLY B 307 13.54 15.19 -16.17
CA GLY B 307 13.80 15.41 -17.58
C GLY B 307 15.27 15.63 -17.85
N LYS B 308 15.68 15.42 -19.11
CA LYS B 308 17.02 15.76 -19.55
C LYS B 308 17.12 17.28 -19.69
N LEU B 309 18.34 17.79 -19.58
CA LEU B 309 18.59 19.21 -19.70
C LEU B 309 19.69 19.44 -20.74
N VAL B 310 19.75 20.68 -21.23
CA VAL B 310 20.83 21.14 -22.07
C VAL B 310 21.38 22.42 -21.46
N THR B 311 22.71 22.54 -21.43
CA THR B 311 23.36 23.73 -20.91
C THR B 311 23.87 24.55 -22.08
N ILE B 312 23.45 25.82 -22.16
CA ILE B 312 23.86 26.71 -23.22
C ILE B 312 24.68 27.84 -22.61
N THR B 313 25.83 28.13 -23.24
CA THR B 313 26.70 29.20 -22.78
C THR B 313 26.71 30.31 -23.83
N SER B 314 26.90 31.54 -23.36
CA SER B 314 27.04 32.70 -24.21
C SER B 314 28.31 33.45 -23.83
N THR B 315 29.33 33.38 -24.71
CA THR B 315 30.58 34.10 -24.53
C THR B 315 30.58 35.30 -25.47
N TYR B 316 30.67 36.50 -24.91
CA TYR B 316 30.43 37.72 -25.67
C TYR B 316 31.53 38.74 -25.39
N ASP B 317 31.70 39.67 -26.33
CA ASP B 317 32.61 40.80 -26.17
C ASP B 317 31.96 41.82 -25.25
N HIS B 318 32.60 42.07 -24.11
CA HIS B 318 31.99 42.85 -23.03
C HIS B 318 32.06 44.35 -23.33
N ARG B 319 32.83 44.74 -24.35
CA ARG B 319 32.96 46.15 -24.71
C ARG B 319 31.68 46.65 -25.38
N VAL B 320 30.95 45.76 -26.06
CA VAL B 320 29.79 46.16 -26.85
C VAL B 320 28.52 45.46 -26.37
N ILE B 321 28.65 44.33 -25.66
CA ILE B 321 27.50 43.58 -25.18
C ILE B 321 27.51 43.56 -23.66
N GLN B 322 26.38 43.93 -23.05
CA GLN B 322 26.25 43.93 -21.60
C GLN B 322 25.82 42.55 -21.12
N GLY B 323 26.06 42.29 -19.83
CA GLY B 323 25.73 41.01 -19.22
C GLY B 323 24.22 40.76 -19.17
N ALA B 324 23.44 41.84 -18.98
CA ALA B 324 22.00 41.73 -18.92
C ALA B 324 21.44 41.31 -20.28
N VAL B 325 22.03 41.81 -21.36
CA VAL B 325 21.57 41.52 -22.70
C VAL B 325 21.85 40.05 -23.01
N SER B 326 23.04 39.57 -22.63
CA SER B 326 23.41 38.18 -22.83
C SER B 326 22.50 37.26 -22.04
N GLY B 327 22.17 37.66 -20.80
CA GLY B 327 21.26 36.91 -19.96
C GLY B 327 19.86 36.81 -20.56
N GLU B 328 19.35 37.94 -21.07
CA GLU B 328 18.02 37.98 -21.66
C GLU B 328 17.99 37.17 -22.95
N PHE B 329 19.11 37.18 -23.69
CA PHE B 329 19.25 36.37 -24.88
C PHE B 329 19.06 34.89 -24.56
N LEU B 330 19.72 34.40 -23.51
CA LEU B 330 19.63 33.00 -23.13
C LEU B 330 18.23 32.67 -22.61
N ARG B 331 17.61 33.64 -21.91
CA ARG B 331 16.26 33.46 -21.43
C ARG B 331 15.28 33.28 -22.59
N THR B 332 15.46 34.07 -23.66
CA THR B 332 14.63 33.98 -24.84
C THR B 332 14.77 32.61 -25.49
N MET B 333 16.01 32.13 -25.59
CA MET B 333 16.28 30.83 -26.18
C MET B 333 15.58 29.74 -25.37
N SER B 334 15.62 29.85 -24.04
CA SER B 334 15.00 28.86 -23.17
C SER B 334 13.48 28.85 -23.37
N ARG B 335 12.89 30.05 -23.52
CA ARG B 335 11.45 30.19 -23.71
C ARG B 335 11.04 29.58 -25.05
N LEU B 336 11.81 29.86 -26.11
CA LEU B 336 11.50 29.40 -27.45
C LEU B 336 11.45 27.87 -27.51
N LEU B 337 12.40 27.20 -26.84
CA LEU B 337 12.53 25.76 -26.92
C LEU B 337 11.38 25.05 -26.22
N THR B 338 10.57 25.79 -25.45
CA THR B 338 9.42 25.20 -24.77
C THR B 338 8.14 25.98 -25.14
N ASP B 339 8.20 26.74 -26.24
CA ASP B 339 7.07 27.55 -26.66
C ASP B 339 6.21 26.77 -27.65
N ASP B 340 4.89 26.91 -27.52
CA ASP B 340 3.96 26.23 -28.41
C ASP B 340 4.08 26.80 -29.82
N SER B 341 4.18 28.13 -29.93
CA SER B 341 4.25 28.81 -31.20
C SER B 341 5.51 28.40 -31.98
N PHE B 342 6.64 28.28 -31.26
CA PHE B 342 7.92 27.92 -31.87
C PHE B 342 7.82 26.54 -32.53
N TRP B 343 7.21 25.58 -31.81
CA TRP B 343 7.13 24.20 -32.28
C TRP B 343 6.04 24.06 -33.35
N ASP B 344 4.99 24.87 -33.27
CA ASP B 344 3.95 24.91 -34.28
C ASP B 344 4.55 25.34 -35.61
N GLU B 345 5.45 26.33 -35.57
CA GLU B 345 6.11 26.84 -36.77
C GLU B 345 6.93 25.74 -37.43
N ILE B 346 7.66 24.97 -36.62
CA ILE B 346 8.52 23.90 -37.13
C ILE B 346 7.66 22.78 -37.71
N PHE B 347 6.57 22.42 -37.01
CA PHE B 347 5.69 21.35 -37.45
C PHE B 347 5.04 21.69 -38.79
N ASP B 348 4.62 22.95 -38.95
CA ASP B 348 3.98 23.41 -40.17
C ASP B 348 4.98 23.36 -41.33
N ALA B 349 6.24 23.74 -41.05
CA ALA B 349 7.29 23.76 -42.05
C ALA B 349 7.62 22.33 -42.51
N MET B 350 7.54 21.37 -41.58
CA MET B 350 7.94 19.99 -41.87
C MET B 350 6.70 19.14 -42.16
N ASN B 351 5.51 19.75 -42.11
CA ASN B 351 4.26 19.10 -42.50
C ASN B 351 3.96 17.89 -41.60
N VAL B 352 3.86 18.14 -40.28
CA VAL B 352 3.50 17.10 -39.33
C VAL B 352 2.02 17.22 -38.99
N PRO B 353 1.21 16.15 -39.19
CA PRO B 353 -0.25 16.26 -39.03
C PRO B 353 -0.77 16.30 -37.60
N TYR B 354 -0.02 15.71 -36.65
CA TYR B 354 -0.48 15.62 -35.27
C TYR B 354 -0.19 16.92 -34.53
N THR B 355 -0.91 17.12 -33.43
CA THR B 355 -0.67 18.23 -32.52
C THR B 355 0.61 17.96 -31.74
N PRO B 356 1.56 18.93 -31.65
CA PRO B 356 2.78 18.74 -30.85
C PRO B 356 2.46 18.45 -29.38
N MET B 357 3.33 17.67 -28.73
CA MET B 357 3.19 17.40 -27.31
C MET B 357 3.35 18.73 -26.56
N ARG B 358 2.52 18.94 -25.55
CA ARG B 358 2.49 20.21 -24.83
C ARG B 358 3.27 20.10 -23.53
N TRP B 359 4.04 21.14 -23.23
CA TRP B 359 4.74 21.25 -21.96
C TRP B 359 3.71 21.42 -20.84
N ALA B 360 3.80 20.55 -19.83
CA ALA B 360 2.88 20.59 -18.69
C ALA B 360 3.48 19.87 -17.51
N GLN B 361 3.03 20.21 -16.31
CA GLN B 361 3.51 19.57 -15.09
C GLN B 361 2.77 18.24 -14.91
N ASP B 362 3.45 17.28 -14.29
CA ASP B 362 2.86 15.99 -13.97
C ASP B 362 1.66 16.19 -13.06
N VAL B 363 0.63 15.37 -13.25
CA VAL B 363 -0.60 15.45 -12.47
C VAL B 363 -0.64 14.26 -11.51
N PRO B 364 -1.10 14.45 -10.25
CA PRO B 364 -1.19 13.35 -9.31
C PRO B 364 -2.28 12.35 -9.68
N ASN B 365 -2.10 11.09 -9.27
CA ASN B 365 -3.08 10.04 -9.55
C ASN B 365 -4.17 10.10 -8.48
N THR B 366 -4.81 11.28 -8.38
CA THR B 366 -5.87 11.51 -7.41
C THR B 366 -7.19 11.69 -8.16
N GLY B 367 -8.29 11.46 -7.44
CA GLY B 367 -9.62 11.47 -8.06
C GLY B 367 -9.78 10.28 -9.00
N VAL B 368 -10.22 10.56 -10.23
CA VAL B 368 -10.36 9.53 -11.26
C VAL B 368 -8.99 8.90 -11.53
N ASP B 369 -8.93 7.57 -11.48
CA ASP B 369 -7.69 6.85 -11.66
C ASP B 369 -7.21 7.00 -13.10
N LYS B 370 -5.89 6.97 -13.28
CA LYS B 370 -5.30 7.13 -14.60
C LYS B 370 -5.64 5.94 -15.49
N ASN B 371 -5.82 4.76 -14.90
CA ASN B 371 -6.29 3.60 -15.64
C ASN B 371 -7.64 3.90 -16.29
N THR B 372 -8.51 4.60 -15.55
CA THR B 372 -9.80 5.01 -16.05
C THR B 372 -9.63 5.94 -17.25
N ARG B 373 -8.69 6.88 -17.10
CA ARG B 373 -8.50 7.92 -18.09
C ARG B 373 -8.00 7.27 -19.38
N VAL B 374 -7.15 6.25 -19.25
CA VAL B 374 -6.52 5.62 -20.40
C VAL B 374 -7.60 4.92 -21.22
N MET B 375 -8.53 4.25 -20.53
CA MET B 375 -9.55 3.47 -21.20
C MET B 375 -10.63 4.39 -21.77
N GLN B 376 -10.76 5.61 -21.22
CA GLN B 376 -11.59 6.64 -21.81
C GLN B 376 -10.94 7.15 -23.09
N LEU B 377 -9.61 7.26 -23.10
CA LEU B 377 -8.89 7.67 -24.28
C LEU B 377 -9.08 6.63 -25.39
N ILE B 378 -9.04 5.34 -25.03
CA ILE B 378 -9.20 4.28 -26.01
C ILE B 378 -10.57 4.39 -26.66
N GLU B 379 -11.62 4.62 -25.86
CA GLU B 379 -12.97 4.72 -26.40
C GLU B 379 -13.11 6.00 -27.23
N ALA B 380 -12.39 7.05 -26.86
CA ALA B 380 -12.43 8.29 -27.61
C ALA B 380 -11.94 8.05 -29.03
N TYR B 381 -10.82 7.33 -29.18
CA TYR B 381 -10.22 7.11 -30.49
C TYR B 381 -11.08 6.17 -31.32
N ARG B 382 -11.63 5.13 -30.69
CA ARG B 382 -12.49 4.19 -31.38
C ARG B 382 -13.75 4.88 -31.90
N SER B 383 -14.22 5.92 -31.19
CA SER B 383 -15.45 6.59 -31.54
C SER B 383 -15.20 7.77 -32.48
N ARG B 384 -14.20 8.61 -32.17
CA ARG B 384 -14.06 9.90 -32.82
C ARG B 384 -12.70 10.06 -33.48
N GLY B 385 -11.92 8.97 -33.54
CA GLY B 385 -10.58 9.03 -34.10
C GLY B 385 -10.59 9.44 -35.58
N HIS B 386 -11.70 9.14 -36.25
CA HIS B 386 -11.88 9.42 -37.66
C HIS B 386 -11.85 10.93 -37.95
N LEU B 387 -12.15 11.76 -36.94
CA LEU B 387 -12.21 13.20 -37.12
C LEU B 387 -10.84 13.78 -37.47
N ILE B 388 -9.75 13.12 -37.07
CA ILE B 388 -8.42 13.62 -37.33
C ILE B 388 -7.65 12.67 -38.23
N ALA B 389 -8.35 11.72 -38.88
CA ALA B 389 -7.70 10.74 -39.72
C ALA B 389 -7.20 11.40 -41.00
N ASP B 390 -6.09 10.88 -41.55
CA ASP B 390 -5.47 11.43 -42.74
C ASP B 390 -6.16 10.86 -43.97
N THR B 391 -7.42 11.25 -44.17
CA THR B 391 -8.24 10.67 -45.23
C THR B 391 -8.31 11.60 -46.43
N ASN B 392 -7.95 12.88 -46.24
CA ASN B 392 -8.08 13.86 -47.31
C ASN B 392 -6.78 13.92 -48.11
N PRO B 393 -6.79 13.60 -49.42
CA PRO B 393 -5.59 13.72 -50.24
C PRO B 393 -5.05 15.14 -50.34
N LEU B 394 -5.95 16.13 -50.26
CA LEU B 394 -5.58 17.54 -50.31
C LEU B 394 -5.37 18.06 -48.89
N SER B 395 -4.46 19.03 -48.75
CA SER B 395 -4.33 19.79 -47.52
C SER B 395 -5.34 20.94 -47.56
N TRP B 396 -6.62 20.58 -47.54
CA TRP B 396 -7.70 21.50 -47.82
C TRP B 396 -8.75 21.42 -46.71
N VAL B 397 -9.14 22.58 -46.20
CA VAL B 397 -10.28 22.71 -45.32
C VAL B 397 -11.22 23.74 -45.94
N GLN B 398 -12.49 23.34 -46.09
CA GLN B 398 -13.49 24.19 -46.72
C GLN B 398 -13.80 25.37 -45.79
N PRO B 399 -13.52 26.62 -46.20
CA PRO B 399 -13.70 27.79 -45.34
C PRO B 399 -15.04 27.96 -44.64
N GLY B 400 -16.15 27.59 -45.30
CA GLY B 400 -17.47 27.79 -44.73
C GLY B 400 -17.99 26.58 -43.96
N MET B 401 -17.20 25.50 -43.91
CA MET B 401 -17.63 24.26 -43.28
C MET B 401 -17.28 24.33 -41.80
N PRO B 402 -18.24 24.10 -40.88
CA PRO B 402 -17.95 24.09 -39.44
C PRO B 402 -16.99 22.96 -39.06
N VAL B 403 -15.86 23.32 -38.45
CA VAL B 403 -14.87 22.34 -38.02
C VAL B 403 -15.33 21.74 -36.70
N PRO B 404 -15.57 20.41 -36.62
CA PRO B 404 -15.98 19.77 -35.37
C PRO B 404 -14.88 19.82 -34.31
N ASP B 405 -15.29 19.80 -33.05
CA ASP B 405 -14.36 19.80 -31.93
C ASP B 405 -13.86 18.38 -31.72
N HIS B 406 -12.54 18.23 -31.60
CA HIS B 406 -11.92 16.93 -31.42
C HIS B 406 -10.90 16.99 -30.29
N ARG B 407 -11.27 17.68 -29.19
CA ARG B 407 -10.42 17.80 -28.03
C ARG B 407 -10.40 16.48 -27.25
N ASP B 408 -11.38 15.61 -27.51
CA ASP B 408 -11.49 14.32 -26.84
C ASP B 408 -10.30 13.42 -27.19
N LEU B 409 -9.59 13.75 -28.27
CA LEU B 409 -8.48 12.92 -28.75
C LEU B 409 -7.15 13.37 -28.15
N ASP B 410 -7.15 14.50 -27.44
CA ASP B 410 -5.94 14.96 -26.75
C ASP B 410 -5.90 14.35 -25.35
N ILE B 411 -4.70 13.96 -24.93
CA ILE B 411 -4.51 13.32 -23.63
C ILE B 411 -4.76 14.33 -22.50
N GLU B 412 -4.60 15.62 -22.78
CA GLU B 412 -4.82 16.67 -21.80
C GLU B 412 -6.27 16.66 -21.34
N THR B 413 -7.20 16.40 -22.28
CA THR B 413 -8.61 16.36 -21.98
C THR B 413 -8.94 15.25 -20.98
N HIS B 414 -8.15 14.18 -20.99
CA HIS B 414 -8.36 13.03 -20.12
C HIS B 414 -7.46 13.11 -18.89
N ASN B 415 -6.89 14.29 -18.61
CA ASN B 415 -6.06 14.52 -17.45
C ASN B 415 -4.86 13.57 -17.46
N LEU B 416 -4.26 13.42 -18.65
CA LEU B 416 -2.99 12.72 -18.81
C LEU B 416 -1.97 13.69 -19.38
N THR B 417 -0.69 13.46 -19.08
CA THR B 417 0.38 14.35 -19.49
C THR B 417 1.48 13.53 -20.16
N ILE B 418 2.50 14.23 -20.67
CA ILE B 418 3.67 13.60 -21.29
C ILE B 418 4.38 12.70 -20.28
N TRP B 419 4.23 12.99 -18.98
CA TRP B 419 4.93 12.25 -17.94
C TRP B 419 4.28 10.88 -17.69
N ASP B 420 3.11 10.66 -18.29
CA ASP B 420 2.42 9.38 -18.15
C ASP B 420 2.77 8.43 -19.30
N LEU B 421 3.50 8.92 -20.31
CA LEU B 421 3.72 8.18 -21.54
C LEU B 421 4.39 6.83 -21.25
N ASP B 422 5.37 6.82 -20.34
CA ASP B 422 6.17 5.63 -20.09
C ASP B 422 5.62 4.84 -18.91
N ARG B 423 4.51 5.29 -18.31
CA ARG B 423 3.88 4.57 -17.22
C ARG B 423 2.98 3.47 -17.77
N THR B 424 2.89 2.36 -17.04
CA THR B 424 2.12 1.20 -17.47
C THR B 424 0.71 1.27 -16.90
N PHE B 425 -0.27 0.91 -17.73
CA PHE B 425 -1.67 0.94 -17.35
C PHE B 425 -2.32 -0.36 -17.79
N ASN B 426 -3.38 -0.76 -17.08
CA ASN B 426 -4.17 -1.93 -17.44
C ASN B 426 -5.20 -1.54 -18.49
N VAL B 427 -5.14 -2.19 -19.65
CA VAL B 427 -5.91 -1.77 -20.82
C VAL B 427 -7.00 -2.81 -21.13
N GLY B 428 -7.13 -3.83 -20.28
CA GLY B 428 -8.25 -4.74 -20.33
C GLY B 428 -8.38 -5.45 -21.68
N GLY B 429 -7.26 -6.00 -22.16
CA GLY B 429 -7.26 -6.84 -23.35
C GLY B 429 -7.15 -6.05 -24.65
N PHE B 430 -6.92 -4.73 -24.56
CA PHE B 430 -6.68 -3.92 -25.73
C PHE B 430 -5.38 -4.37 -26.40
N GLY B 431 -5.42 -4.55 -27.72
CA GLY B 431 -4.26 -4.99 -28.47
C GLY B 431 -3.80 -6.38 -28.03
N GLY B 432 -4.73 -7.18 -27.50
CA GLY B 432 -4.43 -8.53 -27.02
C GLY B 432 -3.42 -8.54 -25.88
N LYS B 433 -3.40 -7.47 -25.07
CA LYS B 433 -2.51 -7.40 -23.92
C LYS B 433 -3.30 -6.88 -22.73
N GLU B 434 -2.92 -7.32 -21.52
CA GLU B 434 -3.59 -6.91 -20.30
C GLU B 434 -3.03 -5.58 -19.82
N THR B 435 -1.72 -5.36 -20.01
CA THR B 435 -1.07 -4.14 -19.56
C THR B 435 -0.30 -3.53 -20.73
N MET B 436 -0.13 -2.21 -20.67
CA MET B 436 0.48 -1.43 -21.74
C MET B 436 0.90 -0.08 -21.19
N THR B 437 1.93 0.51 -21.81
CA THR B 437 2.29 1.89 -21.57
C THR B 437 1.34 2.79 -22.34
N LEU B 438 1.20 4.03 -21.90
CA LEU B 438 0.36 4.99 -22.60
C LEU B 438 0.94 5.28 -23.98
N ARG B 439 2.27 5.26 -24.09
CA ARG B 439 2.94 5.48 -25.36
C ARG B 439 2.49 4.42 -26.35
N GLU B 440 2.46 3.16 -25.93
CA GLU B 440 2.08 2.08 -26.82
C GLU B 440 0.59 2.15 -27.15
N VAL B 441 -0.22 2.55 -26.16
CA VAL B 441 -1.65 2.69 -26.38
C VAL B 441 -1.89 3.76 -27.45
N LEU B 442 -1.21 4.89 -27.33
CA LEU B 442 -1.38 5.99 -28.27
C LEU B 442 -0.95 5.54 -29.66
N SER B 443 0.17 4.81 -29.74
CA SER B 443 0.70 4.34 -31.01
C SER B 443 -0.31 3.44 -31.71
N ARG B 444 -0.89 2.50 -30.96
CA ARG B 444 -1.83 1.54 -31.54
C ARG B 444 -3.12 2.23 -31.95
N LEU B 445 -3.59 3.18 -31.14
CA LEU B 445 -4.82 3.89 -31.45
C LEU B 445 -4.65 4.73 -32.70
N ARG B 446 -3.51 5.40 -32.81
CA ARG B 446 -3.25 6.29 -33.94
C ARG B 446 -3.09 5.47 -35.22
N ALA B 447 -2.45 4.30 -35.12
CA ALA B 447 -2.19 3.47 -36.27
C ALA B 447 -3.49 2.90 -36.83
N ALA B 448 -4.47 2.67 -35.95
CA ALA B 448 -5.70 1.99 -36.34
C ALA B 448 -6.77 2.97 -36.78
N TYR B 449 -6.75 4.21 -36.28
CA TYR B 449 -7.89 5.09 -36.43
C TYR B 449 -7.55 6.44 -37.04
N THR B 450 -6.27 6.77 -37.23
CA THR B 450 -5.94 8.12 -37.66
C THR B 450 -5.05 8.13 -38.89
N LEU B 451 -4.80 6.95 -39.50
CA LEU B 451 -4.03 6.90 -40.74
C LEU B 451 -4.99 7.02 -41.91
N LYS B 452 -4.77 6.26 -42.99
CA LYS B 452 -5.45 6.48 -44.25
C LYS B 452 -6.90 6.01 -44.20
N VAL B 453 -7.27 5.26 -43.16
CA VAL B 453 -8.62 4.74 -43.04
C VAL B 453 -9.27 5.28 -41.76
N GLY B 454 -10.38 6.00 -41.93
CA GLY B 454 -11.18 6.49 -40.82
C GLY B 454 -12.48 5.71 -40.71
N SER B 455 -12.72 5.12 -39.54
CA SER B 455 -13.84 4.20 -39.35
C SER B 455 -14.86 4.81 -38.40
N GLU B 456 -16.13 4.62 -38.73
CA GLU B 456 -17.23 4.92 -37.82
C GLU B 456 -18.03 3.64 -37.62
N TYR B 457 -17.88 3.01 -36.46
CA TYR B 457 -18.55 1.75 -36.19
C TYR B 457 -19.09 1.69 -34.77
N THR B 458 -18.63 2.57 -33.87
CA THR B 458 -19.01 2.47 -32.47
C THR B 458 -20.49 2.74 -32.28
N HIS B 459 -21.11 3.43 -33.24
CA HIS B 459 -22.53 3.70 -33.22
C HIS B 459 -23.36 2.42 -33.43
N ILE B 460 -22.71 1.36 -33.94
CA ILE B 460 -23.42 0.11 -34.18
C ILE B 460 -23.78 -0.50 -32.84
N LEU B 461 -25.03 -0.95 -32.72
CA LEU B 461 -25.59 -1.34 -31.44
C LEU B 461 -25.25 -2.80 -31.12
N ASP B 462 -25.11 -3.64 -32.16
CA ASP B 462 -24.78 -5.04 -31.98
C ASP B 462 -23.31 -5.17 -31.61
N ARG B 463 -23.04 -5.92 -30.52
CA ARG B 463 -21.71 -6.04 -29.97
C ARG B 463 -20.85 -6.97 -30.83
N ASP B 464 -21.46 -8.05 -31.33
CA ASP B 464 -20.76 -9.00 -32.17
C ASP B 464 -20.31 -8.32 -33.47
N GLU B 465 -21.19 -7.49 -34.06
CA GLU B 465 -20.83 -6.69 -35.21
C GLU B 465 -19.68 -5.75 -34.85
N ARG B 466 -19.83 -5.04 -33.72
CA ARG B 466 -18.88 -4.02 -33.33
C ARG B 466 -17.53 -4.65 -33.05
N THR B 467 -17.54 -5.82 -32.40
CA THR B 467 -16.32 -6.53 -32.06
C THR B 467 -15.64 -7.04 -33.32
N TRP B 468 -16.44 -7.56 -34.25
CA TRP B 468 -15.93 -8.07 -35.50
C TRP B 468 -15.17 -6.97 -36.24
N LEU B 469 -15.77 -5.79 -36.33
CA LEU B 469 -15.15 -4.65 -37.00
C LEU B 469 -13.94 -4.16 -36.21
N GLN B 470 -14.09 -4.10 -34.89
CA GLN B 470 -13.04 -3.60 -34.01
C GLN B 470 -11.79 -4.46 -34.17
N ASP B 471 -11.95 -5.77 -34.17
CA ASP B 471 -10.81 -6.69 -34.22
C ASP B 471 -10.07 -6.52 -35.54
N ARG B 472 -10.82 -6.36 -36.64
CA ARG B 472 -10.22 -6.29 -37.96
C ARG B 472 -9.55 -4.93 -38.18
N LEU B 473 -10.15 -3.86 -37.68
CA LEU B 473 -9.59 -2.53 -37.83
C LEU B 473 -8.32 -2.37 -37.01
N GLU B 474 -8.27 -3.01 -35.83
CA GLU B 474 -7.13 -2.87 -34.94
C GLU B 474 -6.02 -3.86 -35.30
N ALA B 475 -6.37 -4.92 -36.06
CA ALA B 475 -5.36 -5.83 -36.57
C ALA B 475 -4.57 -5.15 -37.69
N GLY B 476 -5.24 -4.28 -38.43
CA GLY B 476 -4.61 -3.49 -39.47
C GLY B 476 -4.67 -4.17 -40.83
N MET B 477 -4.26 -3.43 -41.87
CA MET B 477 -4.22 -3.96 -43.23
C MET B 477 -3.06 -4.94 -43.33
N PRO B 478 -3.28 -6.19 -43.82
CA PRO B 478 -2.19 -7.12 -44.06
C PRO B 478 -1.33 -6.68 -45.23
N LYS B 479 -0.02 -6.94 -45.13
CA LYS B 479 0.93 -6.53 -46.14
C LYS B 479 0.64 -7.28 -47.44
N PRO B 480 0.31 -6.59 -48.56
CA PRO B 480 0.03 -7.28 -49.82
C PRO B 480 1.29 -7.82 -50.48
N THR B 481 1.11 -8.84 -51.32
CA THR B 481 2.21 -9.45 -52.05
C THR B 481 2.60 -8.56 -53.22
N GLN B 482 3.79 -8.81 -53.79
CA GLN B 482 4.29 -8.02 -54.89
C GLN B 482 3.39 -8.18 -56.12
N ALA B 483 2.86 -9.39 -56.31
CA ALA B 483 1.94 -9.65 -57.40
C ALA B 483 0.66 -8.83 -57.22
N GLU B 484 0.19 -8.75 -55.97
CA GLU B 484 -1.00 -7.98 -55.65
C GLU B 484 -0.73 -6.49 -55.86
N GLN B 485 0.46 -6.04 -55.46
CA GLN B 485 0.84 -4.65 -55.61
C GLN B 485 0.91 -4.30 -57.10
N LYS B 486 1.49 -5.21 -57.90
CA LYS B 486 1.62 -4.95 -59.33
C LYS B 486 0.25 -4.91 -59.99
N TYR B 487 -0.68 -5.74 -59.51
CA TYR B 487 -2.02 -5.78 -60.06
C TYR B 487 -2.75 -4.46 -59.77
N ILE B 488 -2.52 -3.89 -58.58
CA ILE B 488 -3.14 -2.62 -58.23
C ILE B 488 -2.62 -1.53 -59.16
N LEU B 489 -1.32 -1.57 -59.49
CA LEU B 489 -0.73 -0.57 -60.35
C LEU B 489 -1.33 -0.68 -61.76
N GLN B 490 -1.51 -1.91 -62.25
CA GLN B 490 -2.08 -2.10 -63.57
C GLN B 490 -3.46 -1.46 -63.65
N LYS B 491 -4.26 -1.60 -62.59
CA LYS B 491 -5.62 -1.08 -62.58
C LYS B 491 -5.57 0.45 -62.51
N LEU B 492 -4.66 1.00 -61.71
CA LEU B 492 -4.48 2.43 -61.63
C LEU B 492 -4.03 2.97 -62.98
N ASN B 493 -3.09 2.27 -63.63
CA ASN B 493 -2.57 2.70 -64.91
C ASN B 493 -3.72 2.73 -65.93
N ALA B 494 -4.51 1.66 -65.96
CA ALA B 494 -5.59 1.55 -66.93
C ALA B 494 -6.59 2.69 -66.76
N ALA B 495 -6.87 3.02 -65.49
CA ALA B 495 -7.84 4.07 -65.18
C ALA B 495 -7.35 5.43 -65.69
N GLU B 496 -6.09 5.76 -65.43
CA GLU B 496 -5.54 7.06 -65.80
C GLU B 496 -5.30 7.12 -67.30
N ALA B 497 -4.73 6.05 -67.88
CA ALA B 497 -4.34 6.05 -69.27
C ALA B 497 -5.58 6.13 -70.17
N PHE B 498 -6.68 5.48 -69.75
CA PHE B 498 -7.92 5.53 -70.48
C PHE B 498 -8.44 6.96 -70.55
N GLU B 499 -8.40 7.65 -69.40
CA GLU B 499 -8.90 9.02 -69.31
C GLU B 499 -8.03 9.94 -70.17
N ASN B 500 -6.70 9.73 -70.14
CA ASN B 500 -5.76 10.56 -70.88
C ASN B 500 -5.91 10.34 -72.38
N PHE B 501 -6.25 9.11 -72.78
CA PHE B 501 -6.39 8.79 -74.20
C PHE B 501 -7.58 9.53 -74.78
N LEU B 502 -8.69 9.57 -74.04
CA LEU B 502 -9.90 10.25 -74.49
C LEU B 502 -9.65 11.76 -74.58
N GLN B 503 -8.88 12.30 -73.63
CA GLN B 503 -8.54 13.71 -73.61
C GLN B 503 -7.78 14.07 -74.88
N THR B 504 -6.89 13.18 -75.34
CA THR B 504 -6.05 13.43 -76.49
C THR B 504 -6.86 13.32 -77.78
N LYS B 505 -7.64 12.24 -77.91
CA LYS B 505 -8.31 11.92 -79.16
C LYS B 505 -9.60 12.73 -79.32
N TYR B 506 -10.31 12.97 -78.22
CA TYR B 506 -11.56 13.71 -78.25
C TYR B 506 -11.50 14.82 -77.20
N VAL B 507 -10.84 15.92 -77.57
CA VAL B 507 -10.56 17.01 -76.63
C VAL B 507 -11.84 17.76 -76.30
N GLY B 508 -12.69 17.99 -77.33
CA GLY B 508 -13.89 18.78 -77.18
C GLY B 508 -15.15 17.93 -77.07
N GLN B 509 -15.09 16.88 -76.25
CA GLN B 509 -16.24 16.01 -76.02
C GLN B 509 -16.38 15.75 -74.52
N LYS B 510 -17.61 15.79 -74.03
CA LYS B 510 -17.92 15.60 -72.61
C LYS B 510 -17.79 14.13 -72.28
N ARG B 511 -17.03 13.82 -71.21
CA ARG B 511 -16.82 12.43 -70.80
C ARG B 511 -16.95 12.25 -69.29
N PHE B 512 -16.93 13.32 -68.50
CA PHE B 512 -16.99 13.24 -67.05
C PHE B 512 -15.87 12.35 -66.52
N SER B 513 -14.64 12.85 -66.61
CA SER B 513 -13.46 12.03 -66.34
C SER B 513 -13.40 11.64 -64.86
N LEU B 514 -12.70 10.54 -64.60
CA LEU B 514 -12.52 10.03 -63.24
C LEU B 514 -11.22 10.57 -62.65
N GLU B 515 -10.51 11.44 -63.39
CA GLU B 515 -9.22 11.93 -62.96
C GLU B 515 -9.34 12.56 -61.58
N GLY B 516 -8.44 12.15 -60.67
CA GLY B 516 -8.51 12.57 -59.28
C GLY B 516 -9.17 11.52 -58.40
N ALA B 517 -9.87 10.56 -59.01
CA ALA B 517 -10.55 9.51 -58.28
C ALA B 517 -10.27 8.15 -58.91
N GLU B 518 -9.04 7.94 -59.40
CA GLU B 518 -8.71 6.73 -60.13
C GLU B 518 -8.71 5.51 -59.20
N ALA B 519 -8.61 5.73 -57.89
CA ALA B 519 -8.58 4.64 -56.92
C ALA B 519 -9.93 3.92 -56.87
N LEU B 520 -10.96 4.49 -57.48
CA LEU B 520 -12.26 3.84 -57.55
C LEU B 520 -12.16 2.50 -58.28
N ILE B 521 -11.34 2.43 -59.33
CA ILE B 521 -11.27 1.24 -60.15
C ILE B 521 -10.71 0.07 -59.35
N PRO B 522 -9.53 0.17 -58.69
CA PRO B 522 -9.08 -0.89 -57.79
C PRO B 522 -10.02 -1.18 -56.61
N LEU B 523 -10.76 -0.17 -56.14
CA LEU B 523 -11.72 -0.37 -55.07
C LEU B 523 -12.85 -1.29 -55.53
N MET B 524 -13.43 -0.98 -56.69
CA MET B 524 -14.53 -1.77 -57.22
C MET B 524 -14.03 -3.17 -57.56
N ASP B 525 -12.82 -3.26 -58.10
CA ASP B 525 -12.24 -4.54 -58.48
C ASP B 525 -12.02 -5.40 -57.23
N SER B 526 -11.60 -4.77 -56.14
CA SER B 526 -11.36 -5.46 -54.88
C SER B 526 -12.65 -6.06 -54.35
N ALA B 527 -13.73 -5.29 -54.40
CA ALA B 527 -15.01 -5.72 -53.87
C ALA B 527 -15.57 -6.87 -54.71
N ILE B 528 -15.47 -6.75 -56.04
CA ILE B 528 -15.98 -7.75 -56.95
C ILE B 528 -15.15 -9.03 -56.84
N ASP B 529 -13.84 -8.89 -56.69
CA ASP B 529 -12.96 -10.03 -56.55
C ASP B 529 -13.30 -10.80 -55.27
N THR B 530 -13.59 -10.06 -54.19
CA THR B 530 -13.92 -10.67 -52.91
C THR B 530 -15.24 -11.43 -53.02
N ALA B 531 -16.21 -10.86 -53.74
CA ALA B 531 -17.49 -11.51 -53.94
C ALA B 531 -17.32 -12.79 -54.74
N ALA B 532 -16.40 -12.80 -55.72
CA ALA B 532 -16.15 -13.99 -56.51
C ALA B 532 -15.57 -15.08 -55.62
N GLY B 533 -14.69 -14.69 -54.69
CA GLY B 533 -14.08 -15.64 -53.77
C GLY B 533 -15.07 -16.18 -52.74
N GLN B 534 -16.15 -15.45 -52.47
CA GLN B 534 -17.19 -15.88 -51.55
C GLN B 534 -18.13 -16.86 -52.24
N GLY B 535 -17.99 -17.03 -53.57
CA GLY B 535 -18.79 -17.99 -54.31
C GLY B 535 -20.15 -17.43 -54.72
N LEU B 536 -20.25 -16.10 -54.85
CA LEU B 536 -21.51 -15.46 -55.19
C LEU B 536 -21.68 -15.45 -56.70
N ASP B 537 -22.89 -15.08 -57.14
CA ASP B 537 -23.34 -15.33 -58.50
C ASP B 537 -23.14 -14.12 -59.40
N GLU B 538 -23.52 -12.93 -58.92
CA GLU B 538 -23.51 -11.74 -59.76
C GLU B 538 -23.28 -10.50 -58.90
N VAL B 539 -22.74 -9.46 -59.53
CA VAL B 539 -22.67 -8.13 -58.96
C VAL B 539 -23.41 -7.18 -59.89
N VAL B 540 -24.39 -6.46 -59.35
CA VAL B 540 -25.16 -5.49 -60.12
C VAL B 540 -24.71 -4.10 -59.69
N ILE B 541 -24.28 -3.30 -60.66
CA ILE B 541 -23.77 -1.96 -60.40
C ILE B 541 -24.80 -0.93 -60.85
N GLY B 542 -25.04 0.05 -59.98
CA GLY B 542 -25.69 1.29 -60.36
C GLY B 542 -24.78 2.46 -60.02
N MET B 543 -24.55 3.36 -60.97
CA MET B 543 -23.64 4.47 -60.73
C MET B 543 -24.11 5.70 -61.50
N PRO B 544 -23.63 6.91 -61.11
CA PRO B 544 -23.85 8.11 -61.91
C PRO B 544 -22.86 8.26 -63.06
N HIS B 545 -22.85 9.47 -63.64
CA HIS B 545 -22.01 9.84 -64.76
C HIS B 545 -20.51 9.71 -64.46
N ARG B 546 -20.11 10.06 -63.23
CA ARG B 546 -18.70 10.27 -62.91
C ARG B 546 -17.90 8.98 -63.13
N GLY B 547 -17.11 8.97 -64.21
CA GLY B 547 -16.21 7.87 -64.50
C GLY B 547 -16.93 6.61 -64.99
N ARG B 548 -18.05 6.79 -65.69
CA ARG B 548 -18.86 5.66 -66.10
C ARG B 548 -18.16 4.88 -67.21
N LEU B 549 -17.58 5.59 -68.17
CA LEU B 549 -16.89 4.94 -69.28
C LEU B 549 -15.69 4.15 -68.76
N ASN B 550 -15.03 4.70 -67.74
CA ASN B 550 -13.88 4.07 -67.15
C ASN B 550 -14.31 2.74 -66.52
N VAL B 551 -15.45 2.77 -65.81
CA VAL B 551 -15.98 1.59 -65.14
C VAL B 551 -16.43 0.57 -66.18
N LEU B 552 -17.11 1.03 -67.24
CA LEU B 552 -17.59 0.14 -68.28
C LEU B 552 -16.44 -0.66 -68.89
N PHE B 553 -15.29 -0.02 -69.10
CA PHE B 553 -14.16 -0.68 -69.74
C PHE B 553 -13.38 -1.53 -68.74
N ASN B 554 -13.02 -0.95 -67.59
CA ASN B 554 -12.04 -1.55 -66.70
C ASN B 554 -12.67 -2.53 -65.72
N ILE B 555 -13.98 -2.40 -65.45
CA ILE B 555 -14.64 -3.24 -64.46
C ILE B 555 -15.59 -4.21 -65.14
N VAL B 556 -16.55 -3.69 -65.93
CA VAL B 556 -17.58 -4.52 -66.53
C VAL B 556 -16.97 -5.35 -67.65
N GLY B 557 -16.12 -4.72 -68.46
CA GLY B 557 -15.43 -5.40 -69.55
C GLY B 557 -16.07 -5.15 -70.91
N LYS B 558 -16.71 -3.99 -71.06
CA LYS B 558 -17.26 -3.58 -72.35
C LYS B 558 -16.10 -3.42 -73.33
N PRO B 559 -16.20 -3.93 -74.58
CA PRO B 559 -15.11 -3.85 -75.54
C PRO B 559 -14.75 -2.41 -75.85
N LEU B 560 -13.45 -2.15 -76.03
CA LEU B 560 -12.93 -0.80 -76.19
C LEU B 560 -13.38 -0.22 -77.54
N ALA B 561 -13.59 -1.09 -78.53
CA ALA B 561 -14.04 -0.66 -79.84
C ALA B 561 -15.40 0.05 -79.73
N SER B 562 -16.29 -0.53 -78.91
CA SER B 562 -17.64 0.01 -78.74
C SER B 562 -17.57 1.44 -78.18
N ILE B 563 -16.70 1.67 -77.20
CA ILE B 563 -16.59 2.97 -76.55
C ILE B 563 -16.06 4.00 -77.54
N PHE B 564 -15.06 3.61 -78.34
CA PHE B 564 -14.48 4.51 -79.33
C PHE B 564 -15.51 4.86 -80.41
N ASN B 565 -16.35 3.88 -80.79
CA ASN B 565 -17.37 4.10 -81.80
C ASN B 565 -18.37 5.16 -81.32
N GLU B 566 -18.69 5.15 -80.02
CA GLU B 566 -19.65 6.09 -79.46
C GLU B 566 -19.15 7.53 -79.59
N PHE B 567 -17.84 7.72 -79.37
CA PHE B 567 -17.23 9.04 -79.50
C PHE B 567 -17.20 9.49 -80.95
N GLU B 568 -17.09 8.54 -81.88
CA GLU B 568 -17.06 8.85 -83.31
C GLU B 568 -18.45 9.27 -83.78
N GLY B 569 -19.51 8.76 -83.13
CA GLY B 569 -20.87 9.07 -83.48
C GLY B 569 -21.74 7.83 -83.68
N GLN B 570 -21.08 6.68 -83.92
CA GLN B 570 -21.77 5.41 -84.14
C GLN B 570 -22.21 4.84 -82.79
N MET B 571 -23.51 4.95 -82.50
CA MET B 571 -24.08 4.52 -81.23
C MET B 571 -24.79 3.18 -81.44
N GLU B 572 -24.63 2.28 -80.47
CA GLU B 572 -25.28 0.98 -80.52
C GLU B 572 -26.76 1.14 -80.20
N GLN B 573 -27.62 0.63 -81.09
CA GLN B 573 -29.06 0.76 -80.95
C GLN B 573 -29.60 -0.37 -80.08
N GLY B 574 -30.38 -0.02 -79.07
CA GLY B 574 -31.00 -0.99 -78.18
C GLY B 574 -32.22 -1.64 -78.83
N GLN B 575 -33.24 -0.83 -79.10
CA GLN B 575 -34.47 -1.28 -79.75
C GLN B 575 -34.46 -0.78 -81.20
N ILE B 576 -35.13 -1.52 -82.08
CA ILE B 576 -35.21 -1.17 -83.49
C ILE B 576 -35.98 0.13 -83.61
N GLY B 577 -35.31 1.15 -84.15
CA GLY B 577 -35.90 2.47 -84.33
C GLY B 577 -35.96 3.26 -83.02
N GLY B 578 -35.11 2.90 -82.05
CA GLY B 578 -35.05 3.60 -80.78
C GLY B 578 -34.39 4.97 -80.91
N SER B 579 -34.69 5.86 -79.96
CA SER B 579 -34.19 7.23 -79.99
C SER B 579 -32.75 7.29 -79.47
N GLY B 580 -32.44 6.40 -78.51
CA GLY B 580 -31.09 6.30 -77.98
C GLY B 580 -30.87 7.25 -76.81
N ASP B 581 -29.61 7.32 -76.34
CA ASP B 581 -29.24 8.17 -75.24
C ASP B 581 -27.73 8.42 -75.30
N VAL B 582 -27.26 9.37 -74.50
CA VAL B 582 -25.84 9.71 -74.44
C VAL B 582 -25.06 8.52 -73.92
N LYS B 583 -23.74 8.53 -74.17
CA LYS B 583 -22.87 7.37 -73.98
C LYS B 583 -22.80 6.97 -72.51
N TYR B 584 -22.94 7.94 -71.60
CA TYR B 584 -22.73 7.68 -70.18
C TYR B 584 -24.05 7.44 -69.47
N HIS B 585 -25.02 6.80 -70.16
CA HIS B 585 -26.26 6.39 -69.55
C HIS B 585 -26.58 4.92 -69.86
N LEU B 586 -25.63 4.23 -70.51
CA LEU B 586 -25.88 2.90 -71.03
C LEU B 586 -25.40 1.85 -70.03
N GLY B 587 -26.03 0.68 -70.07
CA GLY B 587 -25.62 -0.47 -69.28
C GLY B 587 -24.78 -1.45 -70.09
N SER B 588 -24.28 -2.49 -69.41
CA SER B 588 -23.51 -3.54 -70.04
C SER B 588 -23.39 -4.74 -69.11
N GLU B 589 -23.05 -5.90 -69.66
CA GLU B 589 -22.84 -7.13 -68.91
C GLU B 589 -21.47 -7.70 -69.25
N GLY B 590 -20.85 -8.37 -68.28
CA GLY B 590 -19.55 -8.98 -68.49
C GLY B 590 -19.22 -10.01 -67.41
N GLN B 591 -18.08 -10.67 -67.57
CA GLN B 591 -17.58 -11.67 -66.64
C GLN B 591 -16.32 -11.13 -65.97
N HIS B 592 -16.19 -11.40 -64.67
CA HIS B 592 -14.98 -11.07 -63.92
C HIS B 592 -14.36 -12.38 -63.43
N LEU B 593 -13.09 -12.61 -63.80
CA LEU B 593 -12.33 -13.75 -63.33
C LEU B 593 -11.38 -13.29 -62.22
N GLN B 594 -11.28 -14.07 -61.15
CA GLN B 594 -10.34 -13.79 -60.07
C GLN B 594 -8.92 -13.89 -60.61
N MET B 595 -8.10 -12.87 -60.30
CA MET B 595 -6.73 -12.80 -60.75
C MET B 595 -5.89 -13.83 -59.98
N PHE B 596 -6.16 -13.93 -58.67
CA PHE B 596 -5.43 -14.82 -57.78
C PHE B 596 -6.40 -15.81 -57.14
N GLY B 597 -7.17 -16.50 -57.99
CA GLY B 597 -8.15 -17.48 -57.53
C GLY B 597 -8.88 -18.11 -58.70
N ASP B 598 -9.70 -19.14 -58.40
CA ASP B 598 -10.44 -19.87 -59.42
C ASP B 598 -11.88 -19.36 -59.49
N GLY B 599 -12.21 -18.34 -58.69
CA GLY B 599 -13.54 -17.77 -58.68
C GLY B 599 -13.87 -17.02 -59.97
N GLU B 600 -15.16 -16.94 -60.27
CA GLU B 600 -15.67 -16.21 -61.42
C GLU B 600 -17.05 -15.67 -61.07
N ILE B 601 -17.32 -14.41 -61.41
CA ILE B 601 -18.59 -13.78 -61.08
C ILE B 601 -19.04 -12.94 -62.26
N LYS B 602 -20.37 -12.83 -62.40
CA LYS B 602 -20.98 -12.02 -63.46
C LYS B 602 -21.09 -10.58 -62.96
N VAL B 603 -20.83 -9.62 -63.86
CA VAL B 603 -20.92 -8.21 -63.53
C VAL B 603 -21.88 -7.56 -64.51
N SER B 604 -22.83 -6.79 -63.97
CA SER B 604 -23.83 -6.10 -64.78
C SER B 604 -23.92 -4.65 -64.34
N LEU B 605 -24.06 -3.74 -65.31
CA LEU B 605 -24.28 -2.33 -65.04
C LEU B 605 -25.65 -1.95 -65.59
N THR B 606 -26.48 -1.28 -64.77
CA THR B 606 -27.84 -0.96 -65.16
C THR B 606 -27.89 0.42 -65.81
N ALA B 607 -28.80 0.59 -66.76
CA ALA B 607 -29.03 1.87 -67.41
C ALA B 607 -29.72 2.82 -66.43
N ASN B 608 -29.45 4.12 -66.58
CA ASN B 608 -30.03 5.13 -65.73
C ASN B 608 -30.16 6.44 -66.49
N PRO B 609 -31.10 7.34 -66.11
CA PRO B 609 -31.18 8.67 -66.70
C PRO B 609 -30.18 9.64 -66.08
N SER B 610 -30.20 10.88 -66.56
CA SER B 610 -29.30 11.92 -66.06
C SER B 610 -29.73 12.36 -64.66
N HIS B 611 -30.97 12.06 -64.27
CA HIS B 611 -31.48 12.41 -62.96
C HIS B 611 -30.77 11.58 -61.89
N LEU B 612 -29.99 12.27 -61.05
CA LEU B 612 -29.09 11.60 -60.11
C LEU B 612 -29.89 10.78 -59.10
N GLU B 613 -29.36 9.60 -58.77
CA GLU B 613 -29.82 8.75 -57.68
C GLU B 613 -31.18 8.10 -57.98
N ALA B 614 -31.69 8.26 -59.21
CA ALA B 614 -32.95 7.63 -59.57
C ALA B 614 -32.79 6.12 -59.77
N VAL B 615 -31.54 5.68 -60.01
CA VAL B 615 -31.24 4.28 -60.26
C VAL B 615 -31.27 3.48 -58.96
N ASN B 616 -31.18 4.15 -57.81
CA ASN B 616 -31.00 3.48 -56.53
C ASN B 616 -32.11 2.46 -56.31
N PRO B 617 -33.41 2.83 -56.31
CA PRO B 617 -34.47 1.84 -56.09
C PRO B 617 -34.56 0.80 -57.21
N VAL B 618 -34.23 1.20 -58.44
CA VAL B 618 -34.36 0.32 -59.59
C VAL B 618 -33.34 -0.81 -59.48
N MET B 619 -32.10 -0.50 -59.13
CA MET B 619 -31.06 -1.50 -59.09
C MET B 619 -31.33 -2.47 -57.92
N GLU B 620 -31.92 -1.99 -56.83
CA GLU B 620 -32.27 -2.83 -55.71
C GLU B 620 -33.33 -3.86 -56.13
N GLY B 621 -34.32 -3.41 -56.91
CA GLY B 621 -35.34 -4.30 -57.42
C GLY B 621 -34.79 -5.35 -58.37
N ILE B 622 -33.83 -4.96 -59.21
CA ILE B 622 -33.18 -5.88 -60.13
C ILE B 622 -32.49 -6.98 -59.32
N VAL B 623 -31.79 -6.60 -58.25
CA VAL B 623 -31.04 -7.56 -57.46
C VAL B 623 -32.02 -8.54 -56.81
N ARG B 624 -33.12 -8.00 -56.26
CA ARG B 624 -34.08 -8.83 -55.56
C ARG B 624 -34.69 -9.84 -56.52
N ALA B 625 -35.03 -9.40 -57.75
CA ALA B 625 -35.64 -10.28 -58.72
C ALA B 625 -34.66 -11.40 -59.09
N LYS B 626 -33.37 -11.06 -59.21
CA LYS B 626 -32.35 -12.03 -59.56
C LYS B 626 -32.18 -13.05 -58.43
N GLN B 627 -32.17 -12.57 -57.18
CA GLN B 627 -32.02 -13.45 -56.03
C GLN B 627 -33.21 -14.41 -55.93
N ASP B 628 -34.42 -13.90 -56.17
CA ASP B 628 -35.62 -14.72 -56.10
C ASP B 628 -35.58 -15.83 -57.16
N TYR B 629 -35.06 -15.50 -58.34
CA TYR B 629 -34.96 -16.47 -59.42
C TYR B 629 -34.00 -17.61 -59.04
N LEU B 630 -32.89 -17.28 -58.39
CA LEU B 630 -31.91 -18.27 -57.98
C LEU B 630 -32.49 -19.17 -56.89
N ASP B 631 -33.25 -18.58 -55.97
CA ASP B 631 -34.02 -19.31 -54.98
C ASP B 631 -33.07 -20.16 -54.13
N LYS B 632 -32.21 -19.49 -53.37
CA LYS B 632 -31.24 -20.15 -52.50
C LYS B 632 -31.61 -19.94 -51.03
N GLY B 633 -32.77 -19.32 -50.78
CA GLY B 633 -33.26 -19.16 -49.42
C GLY B 633 -32.58 -18.02 -48.68
N VAL B 634 -32.76 -18.00 -47.36
CA VAL B 634 -32.28 -16.93 -46.50
C VAL B 634 -30.76 -16.97 -46.41
N ASP B 635 -30.17 -18.16 -46.57
CA ASP B 635 -28.73 -18.33 -46.54
C ASP B 635 -28.11 -17.90 -47.88
N GLY B 636 -28.94 -17.55 -48.86
CA GLY B 636 -28.47 -17.19 -50.18
C GLY B 636 -28.09 -15.71 -50.27
N LYS B 637 -28.89 -14.94 -51.03
CA LYS B 637 -28.62 -13.54 -51.30
C LYS B 637 -27.25 -13.39 -51.95
N THR B 638 -27.10 -14.04 -53.12
CA THR B 638 -25.81 -14.22 -53.76
C THR B 638 -25.67 -13.27 -54.96
N VAL B 639 -26.50 -12.23 -55.00
CA VAL B 639 -26.33 -11.15 -55.96
C VAL B 639 -26.04 -9.88 -55.18
N VAL B 640 -24.86 -9.30 -55.43
CA VAL B 640 -24.38 -8.17 -54.66
C VAL B 640 -24.82 -6.87 -55.34
N PRO B 641 -25.54 -5.97 -54.64
CA PRO B 641 -25.76 -4.62 -55.15
C PRO B 641 -24.56 -3.74 -54.80
N LEU B 642 -23.91 -3.21 -55.84
CA LEU B 642 -22.81 -2.28 -55.67
C LEU B 642 -23.25 -0.92 -56.23
N LEU B 643 -23.49 0.04 -55.32
CA LEU B 643 -24.13 1.28 -55.70
C LEU B 643 -23.16 2.44 -55.47
N LEU B 644 -22.91 3.21 -56.52
CA LEU B 644 -22.01 4.35 -56.48
C LEU B 644 -22.81 5.64 -56.40
N HIS B 645 -22.24 6.65 -55.72
CA HIS B 645 -22.88 7.93 -55.53
C HIS B 645 -21.85 9.05 -55.61
N GLY B 646 -22.30 10.26 -55.97
CA GLY B 646 -21.54 11.48 -55.75
C GLY B 646 -21.86 12.08 -54.38
N ASP B 647 -20.93 12.83 -53.81
CA ASP B 647 -21.08 13.36 -52.46
C ASP B 647 -22.22 14.36 -52.38
N ALA B 648 -22.32 15.26 -53.37
CA ALA B 648 -23.38 16.27 -53.38
C ALA B 648 -24.74 15.59 -53.53
N ALA B 649 -24.83 14.61 -54.44
CA ALA B 649 -26.08 13.93 -54.70
C ALA B 649 -26.48 13.06 -53.52
N PHE B 650 -25.49 12.41 -52.88
CA PHE B 650 -25.77 11.52 -51.77
C PHE B 650 -26.35 12.30 -50.60
N ALA B 651 -25.80 13.49 -50.34
CA ALA B 651 -26.26 14.35 -49.26
C ALA B 651 -27.55 15.08 -49.68
N GLY B 652 -27.54 15.65 -50.88
CA GLY B 652 -28.62 16.49 -51.38
C GLY B 652 -29.93 15.73 -51.56
N LEU B 653 -29.95 14.78 -52.49
CA LEU B 653 -31.20 14.14 -52.90
C LEU B 653 -31.73 13.26 -51.78
N GLY B 654 -33.05 13.14 -51.72
CA GLY B 654 -33.75 12.43 -50.67
C GLY B 654 -34.07 10.97 -51.02
N ILE B 655 -33.99 10.64 -52.31
CA ILE B 655 -34.24 9.27 -52.75
C ILE B 655 -33.18 8.33 -52.16
N VAL B 656 -32.01 8.88 -51.82
CA VAL B 656 -30.91 8.09 -51.30
C VAL B 656 -31.32 7.44 -49.98
N PRO B 657 -31.59 8.20 -48.90
CA PRO B 657 -32.02 7.58 -47.64
C PRO B 657 -33.34 6.84 -47.76
N GLU B 658 -34.18 7.29 -48.72
CA GLU B 658 -35.46 6.65 -48.97
C GLU B 658 -35.26 5.19 -49.39
N THR B 659 -34.26 4.93 -50.23
CA THR B 659 -34.01 3.59 -50.73
C THR B 659 -33.30 2.76 -49.66
N ILE B 660 -32.34 3.37 -48.95
CA ILE B 660 -31.62 2.66 -47.90
C ILE B 660 -32.61 2.17 -46.85
N ASN B 661 -33.71 2.90 -46.70
CA ASN B 661 -34.75 2.57 -45.74
C ASN B 661 -35.38 1.22 -46.04
N LEU B 662 -35.27 0.74 -47.30
CA LEU B 662 -35.89 -0.52 -47.68
C LEU B 662 -34.98 -1.72 -47.37
N ALA B 663 -33.76 -1.48 -46.87
CA ALA B 663 -32.70 -2.49 -46.86
C ALA B 663 -33.10 -3.74 -46.09
N LYS B 664 -33.86 -3.58 -44.99
CA LYS B 664 -34.15 -4.68 -44.09
C LYS B 664 -35.62 -5.09 -44.14
N LEU B 665 -36.36 -4.62 -45.16
CA LEU B 665 -37.78 -4.95 -45.27
C LEU B 665 -37.94 -6.32 -45.91
N ARG B 666 -39.01 -7.02 -45.53
CA ARG B 666 -39.23 -8.41 -45.88
C ARG B 666 -39.24 -8.60 -47.40
N GLY B 667 -39.97 -7.74 -48.10
CA GLY B 667 -40.11 -7.88 -49.54
C GLY B 667 -39.02 -7.18 -50.35
N TYR B 668 -38.06 -6.55 -49.67
CA TYR B 668 -37.08 -5.71 -50.34
C TYR B 668 -35.64 -6.06 -49.97
N ASP B 669 -35.45 -6.94 -48.98
CA ASP B 669 -34.12 -7.24 -48.46
C ASP B 669 -33.32 -8.00 -49.52
N VAL B 670 -32.08 -7.57 -49.74
CA VAL B 670 -31.20 -8.18 -50.71
C VAL B 670 -29.87 -8.58 -50.06
N GLY B 671 -29.85 -8.60 -48.73
CA GLY B 671 -28.67 -9.03 -48.00
C GLY B 671 -27.62 -7.93 -47.88
N GLY B 672 -28.04 -6.67 -48.03
CA GLY B 672 -27.16 -5.54 -47.83
C GLY B 672 -26.61 -5.00 -49.16
N THR B 673 -26.44 -3.68 -49.21
CA THR B 673 -25.90 -2.99 -50.37
C THR B 673 -24.54 -2.41 -50.00
N ILE B 674 -23.56 -2.53 -50.90
CA ILE B 674 -22.28 -1.88 -50.74
C ILE B 674 -22.37 -0.50 -51.40
N HIS B 675 -22.29 0.55 -50.60
CA HIS B 675 -22.37 1.92 -51.10
C HIS B 675 -20.96 2.50 -51.19
N ILE B 676 -20.64 3.08 -52.34
CA ILE B 676 -19.41 3.83 -52.52
C ILE B 676 -19.79 5.27 -52.85
N VAL B 677 -19.40 6.20 -51.98
CA VAL B 677 -19.58 7.62 -52.25
C VAL B 677 -18.25 8.19 -52.74
N VAL B 678 -18.23 8.64 -53.99
CA VAL B 678 -17.06 9.29 -54.57
C VAL B 678 -17.04 10.72 -54.07
N ASN B 679 -16.35 10.94 -52.95
CA ASN B 679 -16.31 12.23 -52.30
C ASN B 679 -15.17 13.06 -52.88
N ASN B 680 -15.44 13.76 -53.99
CA ASN B 680 -14.46 14.62 -54.62
C ASN B 680 -14.58 16.04 -54.08
N GLN B 681 -15.40 16.22 -53.02
CA GLN B 681 -15.41 17.42 -52.21
C GLN B 681 -15.97 18.61 -53.00
N ILE B 682 -16.81 18.33 -54.00
CA ILE B 682 -17.40 19.39 -54.81
C ILE B 682 -18.57 18.81 -55.62
N GLY B 683 -19.53 19.67 -55.94
CA GLY B 683 -20.58 19.35 -56.89
C GLY B 683 -20.21 19.84 -58.29
N PHE B 684 -21.06 20.70 -58.87
CA PHE B 684 -20.74 21.38 -60.10
C PHE B 684 -19.81 22.55 -59.75
N THR B 685 -20.34 23.51 -58.96
CA THR B 685 -19.56 24.61 -58.43
C THR B 685 -19.77 24.74 -56.92
N THR B 686 -20.88 24.22 -56.41
CA THR B 686 -21.23 24.32 -55.01
C THR B 686 -20.26 23.48 -54.17
N THR B 687 -19.62 24.14 -53.19
CA THR B 687 -18.74 23.47 -52.25
C THR B 687 -19.59 22.79 -51.18
N PRO B 688 -19.03 21.81 -50.43
CA PRO B 688 -19.77 21.11 -49.38
C PRO B 688 -20.38 22.00 -48.30
N ASP B 689 -19.80 23.19 -48.09
CA ASP B 689 -20.35 24.15 -47.13
C ASP B 689 -21.74 24.58 -47.57
N SER B 690 -21.93 24.74 -48.89
CA SER B 690 -23.20 25.16 -49.46
C SER B 690 -23.99 23.97 -50.00
N SER B 691 -23.51 22.75 -49.76
CA SER B 691 -24.11 21.54 -50.32
C SER B 691 -24.81 20.72 -49.24
N ARG B 692 -24.22 20.65 -48.05
CA ARG B 692 -24.82 19.86 -46.98
C ARG B 692 -24.60 20.54 -45.64
N SER B 693 -25.36 20.08 -44.64
CA SER B 693 -25.22 20.53 -43.26
C SER B 693 -24.56 19.46 -42.41
N MET B 694 -24.51 18.22 -42.91
CA MET B 694 -23.84 17.12 -42.24
C MET B 694 -22.33 17.34 -42.32
N HIS B 695 -21.59 16.76 -41.37
CA HIS B 695 -20.14 16.84 -41.39
C HIS B 695 -19.61 15.98 -42.54
N TYR B 696 -20.11 14.74 -42.62
CA TYR B 696 -19.74 13.83 -43.68
C TYR B 696 -20.94 13.60 -44.61
N ALA B 697 -20.64 13.34 -45.89
CA ALA B 697 -21.67 13.02 -46.86
C ALA B 697 -22.35 11.70 -46.50
N THR B 698 -21.56 10.75 -45.95
CA THR B 698 -22.05 9.41 -45.68
C THR B 698 -22.73 9.32 -44.31
N ASP B 699 -23.12 10.47 -43.72
CA ASP B 699 -23.63 10.50 -42.37
C ASP B 699 -25.00 9.84 -42.27
N TYR B 700 -25.66 9.58 -43.40
CA TYR B 700 -26.92 8.85 -43.39
C TYR B 700 -26.74 7.44 -42.82
N ALA B 701 -25.53 6.90 -42.89
CA ALA B 701 -25.24 5.56 -42.37
C ALA B 701 -25.48 5.49 -40.86
N LYS B 702 -25.24 6.61 -40.17
CA LYS B 702 -25.45 6.68 -38.73
C LYS B 702 -26.93 6.45 -38.42
N ALA B 703 -27.81 6.93 -39.30
CA ALA B 703 -29.25 6.76 -39.12
C ALA B 703 -29.61 5.28 -39.17
N PHE B 704 -28.98 4.52 -40.07
CA PHE B 704 -29.37 3.14 -40.31
C PHE B 704 -28.50 2.16 -39.52
N GLY B 705 -27.54 2.68 -38.77
CA GLY B 705 -26.72 1.83 -37.91
C GLY B 705 -25.77 0.95 -38.71
N CYS B 706 -25.13 1.55 -39.71
CA CYS B 706 -24.26 0.83 -40.63
C CYS B 706 -22.85 1.38 -40.50
N PRO B 707 -21.82 0.54 -40.68
CA PRO B 707 -20.44 1.02 -40.62
C PRO B 707 -20.10 1.95 -41.77
N VAL B 708 -19.20 2.89 -41.52
CA VAL B 708 -18.68 3.77 -42.56
C VAL B 708 -17.17 3.64 -42.56
N PHE B 709 -16.59 3.56 -43.76
CA PHE B 709 -15.15 3.60 -43.92
C PHE B 709 -14.80 4.81 -44.77
N HIS B 710 -14.08 5.76 -44.17
CA HIS B 710 -13.50 6.87 -44.91
C HIS B 710 -12.09 6.47 -45.29
N VAL B 711 -11.78 6.47 -46.59
CA VAL B 711 -10.47 6.03 -47.04
C VAL B 711 -9.88 7.09 -47.95
N ASN B 712 -8.57 7.32 -47.80
CA ASN B 712 -7.82 8.26 -48.59
C ASN B 712 -7.66 7.71 -50.00
N GLY B 713 -8.07 8.51 -50.98
CA GLY B 713 -8.06 8.11 -52.37
C GLY B 713 -6.68 8.10 -53.02
N ASP B 714 -5.64 8.53 -52.28
CA ASP B 714 -4.28 8.49 -52.78
C ASP B 714 -3.47 7.37 -52.13
N ASP B 715 -4.12 6.47 -51.37
CA ASP B 715 -3.46 5.30 -50.83
C ASP B 715 -4.12 4.04 -51.38
N PRO B 716 -3.68 3.53 -52.55
CA PRO B 716 -4.38 2.43 -53.22
C PRO B 716 -4.49 1.15 -52.38
N GLU B 717 -3.47 0.84 -51.58
CA GLU B 717 -3.47 -0.39 -50.81
C GLU B 717 -4.56 -0.33 -49.74
N ALA B 718 -4.70 0.82 -49.07
CA ALA B 718 -5.76 1.01 -48.09
C ALA B 718 -7.14 0.94 -48.76
N VAL B 719 -7.24 1.49 -49.97
CA VAL B 719 -8.49 1.49 -50.71
C VAL B 719 -8.90 0.05 -51.00
N VAL B 720 -7.95 -0.77 -51.43
CA VAL B 720 -8.24 -2.15 -51.80
C VAL B 720 -8.66 -2.95 -50.56
N TRP B 721 -8.00 -2.68 -49.43
CA TRP B 721 -8.33 -3.37 -48.19
C TRP B 721 -9.74 -3.05 -47.74
N VAL B 722 -10.14 -1.78 -47.85
CA VAL B 722 -11.45 -1.34 -47.41
C VAL B 722 -12.52 -2.02 -48.25
N GLY B 723 -12.26 -2.16 -49.56
CA GLY B 723 -13.17 -2.83 -50.47
C GLY B 723 -13.41 -4.28 -50.06
N GLN B 724 -12.34 -4.97 -49.66
CA GLN B 724 -12.42 -6.34 -49.22
C GLN B 724 -13.18 -6.42 -47.90
N LEU B 725 -12.86 -5.52 -46.98
CA LEU B 725 -13.47 -5.55 -45.66
C LEU B 725 -14.96 -5.28 -45.74
N ALA B 726 -15.37 -4.36 -46.62
CA ALA B 726 -16.77 -4.02 -46.78
C ALA B 726 -17.55 -5.23 -47.30
N THR B 727 -16.97 -5.93 -48.28
CA THR B 727 -17.63 -7.06 -48.92
C THR B 727 -17.77 -8.21 -47.93
N GLU B 728 -16.74 -8.41 -47.09
CA GLU B 728 -16.77 -9.44 -46.06
C GLU B 728 -17.83 -9.12 -45.02
N TYR B 729 -17.94 -7.84 -44.65
CA TYR B 729 -18.93 -7.42 -43.67
C TYR B 729 -20.34 -7.69 -44.18
N ARG B 730 -20.58 -7.40 -45.46
CA ARG B 730 -21.88 -7.63 -46.06
C ARG B 730 -22.24 -9.11 -45.98
N ARG B 731 -21.29 -9.97 -46.34
CA ARG B 731 -21.54 -11.40 -46.39
C ARG B 731 -21.85 -11.94 -44.98
N ARG B 732 -21.12 -11.43 -43.98
CA ARG B 732 -21.21 -11.95 -42.63
C ARG B 732 -22.53 -11.52 -41.98
N PHE B 733 -22.92 -10.25 -42.15
CA PHE B 733 -23.98 -9.65 -41.36
C PHE B 733 -25.20 -9.27 -42.19
N GLY B 734 -25.07 -9.25 -43.52
CA GLY B 734 -26.22 -9.00 -44.38
C GLY B 734 -26.78 -7.59 -44.25
N LYS B 735 -25.90 -6.61 -44.00
CA LYS B 735 -26.30 -5.23 -43.82
C LYS B 735 -25.58 -4.33 -44.81
N ASP B 736 -26.11 -3.12 -44.98
CA ASP B 736 -25.49 -2.10 -45.82
C ASP B 736 -24.17 -1.66 -45.20
N VAL B 737 -23.22 -1.31 -46.08
CA VAL B 737 -21.93 -0.79 -45.66
C VAL B 737 -21.61 0.39 -46.58
N PHE B 738 -20.98 1.41 -46.01
CA PHE B 738 -20.74 2.67 -46.72
C PHE B 738 -19.25 2.95 -46.77
N ILE B 739 -18.75 3.19 -47.99
CA ILE B 739 -17.36 3.57 -48.20
C ILE B 739 -17.35 5.02 -48.67
N ASP B 740 -16.64 5.87 -47.93
CA ASP B 740 -16.42 7.25 -48.34
C ASP B 740 -15.04 7.36 -48.95
N LEU B 741 -14.98 7.33 -50.29
CA LEU B 741 -13.73 7.46 -51.00
C LEU B 741 -13.38 8.94 -51.14
N VAL B 742 -12.47 9.43 -50.30
CA VAL B 742 -12.13 10.84 -50.27
C VAL B 742 -11.09 11.12 -51.35
N CYS B 743 -11.49 11.90 -52.35
CA CYS B 743 -10.67 12.17 -53.51
C CYS B 743 -10.89 13.61 -53.95
N TYR B 744 -10.53 13.93 -55.19
CA TYR B 744 -10.77 15.26 -55.73
C TYR B 744 -11.15 15.13 -57.21
N ARG B 745 -11.59 16.25 -57.79
CA ARG B 745 -11.95 16.32 -59.20
C ARG B 745 -10.94 17.21 -59.90
N LEU B 746 -10.09 16.60 -60.74
CA LEU B 746 -8.93 17.28 -61.30
C LEU B 746 -9.36 18.44 -62.19
N ARG B 747 -10.35 18.18 -63.05
CA ARG B 747 -10.82 19.18 -64.00
C ARG B 747 -12.10 19.81 -63.48
N GLY B 748 -12.75 20.62 -64.33
CA GLY B 748 -14.06 21.16 -64.02
C GLY B 748 -15.12 20.06 -63.94
N HIS B 749 -16.37 20.46 -63.74
CA HIS B 749 -17.47 19.50 -63.67
C HIS B 749 -17.48 18.66 -64.93
N ASN B 750 -17.44 19.35 -66.09
CA ASN B 750 -17.25 18.72 -67.38
C ASN B 750 -15.86 19.13 -67.90
N GLU B 751 -15.53 18.69 -69.11
CA GLU B 751 -14.20 18.89 -69.66
C GLU B 751 -14.08 20.25 -70.34
N ALA B 752 -15.19 21.00 -70.44
CA ALA B 752 -15.19 22.31 -71.08
C ALA B 752 -15.70 23.37 -70.10
N ASP B 753 -15.16 23.35 -68.88
CA ASP B 753 -15.56 24.30 -67.84
C ASP B 753 -14.33 24.68 -67.02
N ASP B 754 -14.27 25.96 -66.61
CA ASP B 754 -13.16 26.48 -65.84
C ASP B 754 -13.57 26.61 -64.38
N PRO B 755 -13.03 25.76 -63.46
CA PRO B 755 -13.40 25.82 -62.04
C PRO B 755 -12.64 26.87 -61.22
N SER B 756 -11.68 27.56 -61.86
CA SER B 756 -10.84 28.53 -61.17
C SER B 756 -11.58 29.85 -60.95
N MET B 757 -12.68 30.05 -61.69
CA MET B 757 -13.46 31.28 -61.59
C MET B 757 -14.13 31.37 -60.22
N THR B 758 -14.57 30.22 -59.69
CA THR B 758 -15.41 30.17 -58.50
C THR B 758 -14.71 29.49 -57.33
N GLN B 759 -13.79 28.55 -57.60
CA GLN B 759 -12.96 27.94 -56.58
C GLN B 759 -11.49 28.14 -56.92
N PRO B 760 -10.93 29.37 -56.78
CA PRO B 760 -9.53 29.61 -57.12
C PRO B 760 -8.57 28.96 -56.13
N LYS B 761 -8.91 28.99 -54.83
CA LYS B 761 -8.01 28.51 -53.79
C LYS B 761 -7.95 26.98 -53.80
N MET B 762 -9.10 26.33 -54.01
CA MET B 762 -9.17 24.88 -54.00
C MET B 762 -8.37 24.33 -55.18
N TYR B 763 -8.47 24.98 -56.34
CA TYR B 763 -7.83 24.49 -57.56
C TYR B 763 -6.40 25.02 -57.70
N GLU B 764 -5.91 25.78 -56.71
CA GLU B 764 -4.49 26.06 -56.60
C GLU B 764 -3.77 24.83 -56.03
N LEU B 765 -4.46 24.09 -55.16
CA LEU B 765 -3.93 22.85 -54.60
C LEU B 765 -4.01 21.72 -55.62
N ILE B 766 -5.12 21.65 -56.36
CA ILE B 766 -5.37 20.51 -57.24
C ILE B 766 -4.45 20.58 -58.46
N THR B 767 -4.37 21.76 -59.09
CA THR B 767 -3.59 21.92 -60.30
C THR B 767 -2.12 21.67 -60.02
N GLY B 768 -1.51 20.79 -60.81
CA GLY B 768 -0.07 20.54 -60.75
C GLY B 768 0.31 19.34 -59.89
N ARG B 769 -0.67 18.69 -59.25
CA ARG B 769 -0.41 17.53 -58.41
C ARG B 769 0.07 16.36 -59.28
N GLU B 770 0.87 15.48 -58.67
CA GLU B 770 1.18 14.19 -59.25
C GLU B 770 0.00 13.25 -59.01
N THR B 771 -0.31 12.42 -60.00
CA THR B 771 -1.46 11.54 -59.94
C THR B 771 -1.21 10.40 -58.96
N VAL B 772 -2.28 9.70 -58.59
CA VAL B 772 -2.19 8.58 -57.66
C VAL B 772 -1.35 7.46 -58.28
N ARG B 773 -1.47 7.28 -59.61
CA ARG B 773 -0.68 6.28 -60.32
C ARG B 773 0.80 6.62 -60.19
N ALA B 774 1.15 7.88 -60.45
CA ALA B 774 2.52 8.33 -60.34
C ALA B 774 3.02 8.12 -58.92
N GLN B 775 2.21 8.49 -57.94
CA GLN B 775 2.58 8.40 -56.54
C GLN B 775 2.86 6.95 -56.18
N TYR B 776 1.97 6.05 -56.60
CA TYR B 776 2.07 4.66 -56.23
C TYR B 776 3.27 4.02 -56.93
N THR B 777 3.53 4.39 -58.18
CA THR B 777 4.67 3.86 -58.91
C THR B 777 5.96 4.23 -58.18
N GLU B 778 6.08 5.51 -57.78
CA GLU B 778 7.25 5.99 -57.07
C GLU B 778 7.41 5.27 -55.74
N ASP B 779 6.28 5.00 -55.08
CA ASP B 779 6.27 4.31 -53.79
C ASP B 779 6.80 2.88 -53.96
N LEU B 780 6.31 2.18 -54.99
CA LEU B 780 6.72 0.80 -55.24
C LEU B 780 8.20 0.73 -55.59
N LEU B 781 8.67 1.67 -56.41
CA LEU B 781 10.07 1.72 -56.81
C LEU B 781 10.95 2.01 -55.60
N GLY B 782 10.49 2.93 -54.73
CA GLY B 782 11.23 3.32 -53.55
C GLY B 782 11.45 2.16 -52.58
N ARG B 783 10.42 1.33 -52.40
CA ARG B 783 10.46 0.22 -51.47
C ARG B 783 11.10 -1.01 -52.11
N GLY B 784 11.36 -0.95 -53.42
CA GLY B 784 12.02 -2.03 -54.14
C GLY B 784 11.07 -3.19 -54.45
N ASP B 785 9.76 -2.91 -54.36
CA ASP B 785 8.74 -3.91 -54.60
C ASP B 785 8.48 -4.05 -56.10
N LEU B 786 8.91 -3.05 -56.89
CA LEU B 786 8.76 -3.07 -58.33
C LEU B 786 10.07 -2.63 -58.97
N SER B 787 10.34 -3.17 -60.17
CA SER B 787 11.53 -2.80 -60.94
C SER B 787 11.14 -1.78 -62.01
N ASN B 788 12.15 -1.11 -62.58
CA ASN B 788 11.92 0.00 -63.50
C ASN B 788 11.31 -0.51 -64.80
N GLU B 789 11.89 -1.56 -65.39
CA GLU B 789 11.46 -2.05 -66.69
C GLU B 789 10.03 -2.58 -66.62
N ASP B 790 9.63 -3.11 -65.44
CA ASP B 790 8.26 -3.56 -65.24
C ASP B 790 7.33 -2.36 -65.20
N ALA B 791 7.77 -1.26 -64.59
CA ALA B 791 6.96 -0.05 -64.47
C ALA B 791 6.68 0.53 -65.86
N GLU B 792 7.71 0.57 -66.72
CA GLU B 792 7.57 1.11 -68.06
C GLU B 792 6.75 0.15 -68.93
N ALA B 793 6.86 -1.15 -68.64
CA ALA B 793 6.14 -2.17 -69.40
C ALA B 793 4.64 -2.00 -69.22
N VAL B 794 4.21 -1.73 -67.98
CA VAL B 794 2.79 -1.60 -67.66
C VAL B 794 2.19 -0.44 -68.46
N VAL B 795 2.90 0.70 -68.49
CA VAL B 795 2.41 1.88 -69.17
C VAL B 795 2.39 1.65 -70.68
N ARG B 796 3.45 1.05 -71.21
CA ARG B 796 3.63 0.90 -72.65
C ARG B 796 2.66 -0.14 -73.20
N ASP B 797 2.50 -1.26 -72.49
CA ASP B 797 1.67 -2.36 -72.95
C ASP B 797 0.22 -1.90 -73.10
N PHE B 798 -0.27 -1.14 -72.11
CA PHE B 798 -1.67 -0.70 -72.11
C PHE B 798 -1.90 0.36 -73.18
N HIS B 799 -0.91 1.23 -73.40
CA HIS B 799 -1.03 2.28 -74.40
C HIS B 799 -1.09 1.68 -75.79
N ASP B 800 -0.27 0.64 -76.03
CA ASP B 800 -0.22 -0.03 -77.32
C ASP B 800 -1.57 -0.71 -77.60
N GLN B 801 -2.19 -1.24 -76.55
CA GLN B 801 -3.49 -1.88 -76.66
C GLN B 801 -4.52 -0.87 -77.17
N MET B 802 -4.51 0.32 -76.57
CA MET B 802 -5.50 1.34 -76.88
C MET B 802 -5.26 1.92 -78.28
N GLU B 803 -3.99 2.08 -78.67
CA GLU B 803 -3.64 2.61 -79.97
C GLU B 803 -4.09 1.66 -81.08
N SER B 804 -3.86 0.36 -80.88
CA SER B 804 -4.21 -0.65 -81.88
C SER B 804 -5.72 -0.65 -82.11
N VAL B 805 -6.49 -0.62 -81.03
CA VAL B 805 -7.95 -0.64 -81.10
C VAL B 805 -8.45 0.64 -81.76
N PHE B 806 -7.84 1.78 -81.42
CA PHE B 806 -8.23 3.06 -81.97
C PHE B 806 -8.07 3.08 -83.49
N ASN B 807 -6.99 2.45 -83.98
CA ASN B 807 -6.68 2.43 -85.40
C ASN B 807 -7.72 1.62 -86.16
N GLU B 808 -8.18 0.51 -85.57
CA GLU B 808 -9.15 -0.36 -86.23
C GLU B 808 -10.51 0.33 -86.34
N VAL B 809 -10.82 1.19 -85.36
CA VAL B 809 -12.07 1.95 -85.38
C VAL B 809 -11.98 3.03 -86.44
N LYS B 810 -10.79 3.63 -86.60
CA LYS B 810 -10.62 4.77 -87.49
C LYS B 810 -10.67 4.31 -88.95
N GLU B 811 -10.09 3.14 -89.24
CA GLU B 811 -10.03 2.64 -90.60
C GLU B 811 -11.42 2.26 -91.09
N GLY B 812 -12.32 1.90 -90.17
CA GLY B 812 -13.71 1.62 -90.52
C GLY B 812 -14.43 2.87 -91.02
N GLY B 813 -15.37 2.66 -91.95
CA GLY B 813 -16.11 3.76 -92.56
C GLY B 813 -17.06 4.43 -91.57
N LYS B 814 -17.14 5.76 -91.65
CA LYS B 814 -18.01 6.54 -90.79
C LYS B 814 -19.34 6.78 -91.50
N LYS B 815 -20.37 6.02 -91.08
CA LYS B 815 -21.71 6.14 -91.63
C LYS B 815 -22.27 7.53 -91.31
N GLN B 816 -23.02 8.09 -92.27
CA GLN B 816 -23.62 9.41 -92.14
C GLN B 816 -24.85 9.33 -91.24
N ALA B 817 -25.38 10.49 -90.88
CA ALA B 817 -26.56 10.60 -90.03
C ALA B 817 -27.79 10.08 -90.79
N GLU B 818 -28.70 9.43 -90.04
CA GLU B 818 -29.93 8.90 -90.61
C GLU B 818 -31.09 9.25 -89.67
N ALA B 819 -32.30 9.31 -90.24
CA ALA B 819 -33.49 9.57 -89.45
C ALA B 819 -33.89 8.32 -88.68
N GLN B 820 -34.32 8.50 -87.42
CA GLN B 820 -34.74 7.41 -86.57
C GLN B 820 -36.26 7.26 -86.70
N THR B 821 -36.71 6.02 -86.95
CA THR B 821 -38.08 5.75 -87.34
C THR B 821 -39.00 5.77 -86.12
N GLY B 822 -38.79 4.81 -85.21
CA GLY B 822 -39.63 4.66 -84.03
C GLY B 822 -39.73 3.20 -83.58
N ILE B 823 -40.40 2.98 -82.45
CA ILE B 823 -40.44 1.66 -81.83
C ILE B 823 -41.87 1.12 -81.84
N THR B 824 -42.72 1.65 -82.72
CA THR B 824 -44.14 1.31 -82.72
C THR B 824 -44.32 -0.18 -83.02
N GLY B 825 -43.69 -0.66 -84.10
CA GLY B 825 -43.87 -2.03 -84.55
C GLY B 825 -42.68 -2.93 -84.20
N SER B 826 -41.89 -2.53 -83.18
CA SER B 826 -40.70 -3.29 -82.80
C SER B 826 -41.09 -4.56 -82.05
N GLN B 827 -42.29 -4.58 -81.46
CA GLN B 827 -42.82 -5.75 -80.79
C GLN B 827 -44.17 -6.13 -81.40
N LYS B 828 -44.52 -7.41 -81.30
CA LYS B 828 -45.69 -7.95 -81.97
C LYS B 828 -46.86 -8.02 -80.99
N LEU B 829 -48.07 -7.74 -81.50
CA LEU B 829 -49.28 -7.88 -80.72
C LEU B 829 -49.71 -9.35 -80.70
N PRO B 830 -50.24 -9.85 -79.57
CA PRO B 830 -50.70 -11.25 -79.47
C PRO B 830 -52.03 -11.50 -80.17
N HIS B 831 -51.99 -11.64 -81.49
CA HIS B 831 -53.18 -11.93 -82.28
C HIS B 831 -53.57 -13.39 -82.08
N GLY B 832 -54.86 -13.62 -81.78
CA GLY B 832 -55.41 -14.96 -81.68
C GLY B 832 -55.29 -15.56 -80.28
N LEU B 833 -54.74 -14.79 -79.32
CA LEU B 833 -54.52 -15.29 -77.97
C LEU B 833 -55.85 -15.31 -77.20
N GLU B 834 -56.14 -16.45 -76.57
CA GLU B 834 -57.35 -16.62 -75.77
C GLU B 834 -56.97 -16.66 -74.30
N THR B 835 -57.68 -15.86 -73.48
CA THR B 835 -57.28 -15.63 -72.10
C THR B 835 -58.28 -16.24 -71.12
N ASN B 836 -59.27 -16.98 -71.64
CA ASN B 836 -60.25 -17.63 -70.79
C ASN B 836 -59.62 -18.86 -70.12
N ILE B 837 -60.15 -19.22 -68.94
CA ILE B 837 -59.74 -20.41 -68.23
C ILE B 837 -60.88 -21.42 -68.24
N SER B 838 -60.59 -22.66 -67.86
CA SER B 838 -61.60 -23.71 -67.82
C SER B 838 -62.45 -23.56 -66.56
N ARG B 839 -63.63 -24.20 -66.58
CA ARG B 839 -64.52 -24.20 -65.41
C ARG B 839 -63.83 -24.87 -64.24
N GLU B 840 -63.11 -25.95 -64.50
CA GLU B 840 -62.41 -26.69 -63.46
C GLU B 840 -61.39 -25.77 -62.78
N GLU B 841 -60.68 -24.97 -63.59
CA GLU B 841 -59.69 -24.04 -63.07
C GLU B 841 -60.37 -23.00 -62.19
N LEU B 842 -61.53 -22.51 -62.66
CA LEU B 842 -62.25 -21.46 -61.95
C LEU B 842 -62.77 -22.00 -60.61
N LEU B 843 -63.35 -23.20 -60.64
CA LEU B 843 -63.88 -23.82 -59.43
C LEU B 843 -62.77 -24.07 -58.42
N GLU B 844 -61.60 -24.50 -58.90
CA GLU B 844 -60.47 -24.78 -58.03
C GLU B 844 -59.97 -23.49 -57.37
N LEU B 845 -59.97 -22.39 -58.13
CA LEU B 845 -59.52 -21.11 -57.61
C LEU B 845 -60.46 -20.64 -56.50
N GLY B 846 -61.77 -20.86 -56.71
CA GLY B 846 -62.77 -20.53 -55.71
C GLY B 846 -62.58 -21.35 -54.44
N GLN B 847 -62.26 -22.64 -54.61
CA GLN B 847 -62.17 -23.56 -53.49
C GLN B 847 -60.94 -23.26 -52.63
N ALA B 848 -60.01 -22.45 -53.15
CA ALA B 848 -58.78 -22.13 -52.43
C ALA B 848 -59.09 -21.41 -51.11
N PHE B 849 -60.18 -20.63 -51.11
CA PHE B 849 -60.55 -19.83 -49.95
C PHE B 849 -61.30 -20.66 -48.91
N ALA B 850 -61.76 -21.86 -49.31
CA ALA B 850 -62.41 -22.79 -48.40
C ALA B 850 -61.40 -23.75 -47.77
N ASN B 851 -60.23 -23.93 -48.41
CA ASN B 851 -59.24 -24.87 -47.92
C ASN B 851 -58.32 -24.20 -46.92
N THR B 852 -58.90 -23.78 -45.79
CA THR B 852 -58.15 -23.11 -44.74
C THR B 852 -57.28 -24.13 -44.01
N PRO B 853 -56.13 -23.73 -43.42
CA PRO B 853 -55.34 -24.62 -42.57
C PRO B 853 -56.15 -25.19 -41.41
N GLU B 854 -55.55 -26.14 -40.69
CA GLU B 854 -56.26 -26.96 -39.72
C GLU B 854 -56.87 -26.10 -38.63
N GLY B 855 -56.06 -25.24 -38.00
CA GLY B 855 -56.52 -24.45 -36.86
C GLY B 855 -56.77 -22.99 -37.21
N PHE B 856 -57.11 -22.72 -38.48
CA PHE B 856 -57.29 -21.35 -38.96
C PHE B 856 -58.77 -21.01 -39.01
N ASN B 857 -59.09 -19.78 -38.57
CA ASN B 857 -60.43 -19.23 -38.71
C ASN B 857 -60.31 -17.81 -39.25
N TYR B 858 -61.27 -17.43 -40.09
CA TYR B 858 -61.30 -16.09 -40.67
C TYR B 858 -61.77 -15.08 -39.63
N HIS B 859 -61.32 -13.83 -39.78
CA HIS B 859 -61.87 -12.71 -39.05
C HIS B 859 -63.36 -12.61 -39.40
N PRO B 860 -64.25 -12.38 -38.41
CA PRO B 860 -65.70 -12.34 -38.67
C PRO B 860 -66.17 -11.43 -39.81
N ARG B 861 -65.41 -10.37 -40.09
CA ARG B 861 -65.77 -9.44 -41.16
C ARG B 861 -65.11 -9.85 -42.48
N VAL B 862 -64.21 -10.85 -42.43
CA VAL B 862 -63.56 -11.36 -43.63
C VAL B 862 -64.23 -12.65 -44.08
N ALA B 863 -64.83 -13.40 -43.15
CA ALA B 863 -65.40 -14.69 -43.46
C ALA B 863 -66.47 -14.57 -44.56
N PRO B 864 -67.38 -13.57 -44.51
CA PRO B 864 -68.36 -13.38 -45.59
C PRO B 864 -67.73 -13.18 -46.98
N VAL B 865 -66.58 -12.50 -47.02
CA VAL B 865 -65.87 -12.25 -48.27
C VAL B 865 -65.35 -13.56 -48.82
N ALA B 866 -64.74 -14.37 -47.93
CA ALA B 866 -64.20 -15.66 -48.31
C ALA B 866 -65.33 -16.59 -48.79
N LYS B 867 -66.46 -16.57 -48.09
CA LYS B 867 -67.57 -17.44 -48.42
C LYS B 867 -68.16 -17.05 -49.78
N LYS B 868 -68.19 -15.75 -50.07
CA LYS B 868 -68.74 -15.26 -51.32
C LYS B 868 -67.84 -15.67 -52.49
N ARG B 869 -66.52 -15.67 -52.26
CA ARG B 869 -65.57 -16.05 -53.28
C ARG B 869 -65.73 -17.52 -53.65
N VAL B 870 -66.06 -18.36 -52.67
CA VAL B 870 -66.24 -19.78 -52.90
C VAL B 870 -67.51 -20.02 -53.70
N SER B 871 -68.55 -19.20 -53.47
CA SER B 871 -69.85 -19.44 -54.08
C SER B 871 -70.00 -18.69 -55.42
N SER B 872 -69.24 -17.59 -55.59
CA SER B 872 -69.39 -16.73 -56.75
C SER B 872 -68.95 -17.43 -58.03
N VAL B 873 -68.00 -18.36 -57.92
CA VAL B 873 -67.43 -19.05 -59.07
C VAL B 873 -68.44 -19.98 -59.72
N THR B 874 -69.58 -20.24 -59.04
CA THR B 874 -70.66 -21.03 -59.61
C THR B 874 -71.92 -20.18 -59.77
N GLU B 875 -72.27 -19.40 -58.73
CA GLU B 875 -73.52 -18.67 -58.70
C GLU B 875 -73.41 -17.38 -59.51
N GLY B 876 -72.30 -16.66 -59.33
CA GLY B 876 -72.06 -15.41 -60.01
C GLY B 876 -71.82 -14.27 -59.03
N GLY B 877 -71.91 -13.03 -59.54
CA GLY B 877 -71.67 -11.86 -58.71
C GLY B 877 -70.21 -11.76 -58.28
N ILE B 878 -69.30 -11.96 -59.25
CA ILE B 878 -67.88 -11.79 -59.00
C ILE B 878 -67.55 -10.32 -59.06
N ASP B 879 -67.01 -9.78 -57.96
CA ASP B 879 -66.70 -8.37 -57.84
C ASP B 879 -65.29 -8.10 -58.35
N TRP B 880 -64.90 -6.82 -58.37
CA TRP B 880 -63.66 -6.40 -58.98
C TRP B 880 -62.46 -7.09 -58.33
N ALA B 881 -62.39 -7.06 -56.99
CA ALA B 881 -61.22 -7.57 -56.29
C ALA B 881 -61.05 -9.07 -56.58
N TRP B 882 -62.17 -9.81 -56.62
CA TRP B 882 -62.12 -11.24 -56.86
C TRP B 882 -61.69 -11.50 -58.30
N GLY B 883 -62.19 -10.69 -59.23
CA GLY B 883 -61.80 -10.77 -60.63
C GLY B 883 -60.29 -10.58 -60.82
N GLU B 884 -59.72 -9.64 -60.07
CA GLU B 884 -58.30 -9.35 -60.13
C GLU B 884 -57.49 -10.54 -59.57
N LEU B 885 -57.92 -11.06 -58.41
CA LEU B 885 -57.22 -12.16 -57.78
C LEU B 885 -57.31 -13.43 -58.63
N LEU B 886 -58.43 -13.63 -59.33
CA LEU B 886 -58.59 -14.77 -60.21
C LEU B 886 -57.55 -14.73 -61.33
N ALA B 887 -57.25 -13.52 -61.83
CA ALA B 887 -56.24 -13.35 -62.86
C ALA B 887 -54.86 -13.74 -62.33
N PHE B 888 -54.49 -13.16 -61.17
CA PHE B 888 -53.18 -13.40 -60.60
C PHE B 888 -53.04 -14.85 -60.14
N GLY B 889 -54.14 -15.42 -59.61
CA GLY B 889 -54.14 -16.80 -59.17
C GLY B 889 -53.92 -17.77 -60.33
N SER B 890 -54.65 -17.54 -61.43
CA SER B 890 -54.57 -18.41 -62.59
C SER B 890 -53.17 -18.38 -63.20
N LEU B 891 -52.53 -17.21 -63.16
CA LEU B 891 -51.19 -17.04 -63.70
C LEU B 891 -50.18 -17.76 -62.81
N ALA B 892 -50.34 -17.64 -61.49
CA ALA B 892 -49.46 -18.31 -60.55
C ALA B 892 -49.60 -19.83 -60.66
N ASN B 893 -50.81 -20.32 -60.96
CA ASN B 893 -51.04 -21.75 -61.12
C ASN B 893 -50.23 -22.29 -62.30
N SER B 894 -50.08 -21.50 -63.37
CA SER B 894 -49.38 -21.93 -64.56
C SER B 894 -47.88 -22.08 -64.30
N GLY B 895 -47.38 -21.44 -63.24
CA GLY B 895 -46.00 -21.61 -62.82
C GLY B 895 -45.23 -20.29 -62.74
N ARG B 896 -45.94 -19.17 -62.85
CA ARG B 896 -45.29 -17.87 -62.89
C ARG B 896 -45.16 -17.29 -61.48
N LEU B 897 -44.12 -16.48 -61.29
CA LEU B 897 -43.93 -15.73 -60.07
C LEU B 897 -44.71 -14.42 -60.18
N VAL B 898 -45.79 -14.32 -59.42
CA VAL B 898 -46.64 -13.13 -59.40
C VAL B 898 -46.33 -12.35 -58.13
N ARG B 899 -45.91 -11.09 -58.30
CA ARG B 899 -45.56 -10.23 -57.18
C ARG B 899 -46.46 -8.99 -57.20
N LEU B 900 -47.20 -8.78 -56.11
CA LEU B 900 -48.04 -7.60 -55.93
C LEU B 900 -47.52 -6.84 -54.73
N ALA B 901 -47.11 -5.59 -54.95
CA ALA B 901 -46.59 -4.75 -53.89
C ALA B 901 -47.27 -3.39 -53.95
N GLY B 902 -47.28 -2.71 -52.80
CA GLY B 902 -47.90 -1.40 -52.68
C GLY B 902 -48.34 -1.13 -51.25
N GLU B 903 -48.67 0.15 -50.97
CA GLU B 903 -49.06 0.55 -49.64
C GLU B 903 -50.41 -0.10 -49.30
N ASP B 904 -50.39 -0.94 -48.26
CA ASP B 904 -51.60 -1.56 -47.73
C ASP B 904 -52.22 -2.50 -48.76
N SER B 905 -51.37 -3.23 -49.48
CA SER B 905 -51.82 -4.03 -50.61
C SER B 905 -52.38 -5.39 -50.18
N ARG B 906 -51.90 -5.94 -49.06
CA ARG B 906 -52.30 -7.28 -48.64
C ARG B 906 -53.78 -7.29 -48.28
N ARG B 907 -54.22 -6.26 -47.55
CA ARG B 907 -55.62 -6.11 -47.21
C ARG B 907 -56.35 -5.36 -48.31
N GLY B 908 -55.69 -4.33 -48.86
CA GLY B 908 -56.31 -3.41 -49.79
C GLY B 908 -56.69 -2.11 -49.10
N THR B 909 -56.47 -0.98 -49.80
CA THR B 909 -56.77 0.34 -49.25
C THR B 909 -58.26 0.43 -48.89
N PHE B 910 -59.11 -0.18 -49.71
CA PHE B 910 -60.55 -0.10 -49.56
C PHE B 910 -61.11 -1.40 -49.00
N THR B 911 -60.25 -2.19 -48.34
CA THR B 911 -60.65 -3.40 -47.65
C THR B 911 -61.39 -4.34 -48.60
N GLN B 912 -60.84 -4.52 -49.81
CA GLN B 912 -61.53 -5.27 -50.85
C GLN B 912 -60.77 -6.56 -51.20
N ARG B 913 -59.45 -6.57 -51.01
CA ARG B 913 -58.63 -7.62 -51.58
C ARG B 913 -58.57 -8.83 -50.64
N HIS B 914 -58.03 -8.63 -49.44
CA HIS B 914 -57.85 -9.72 -48.49
C HIS B 914 -57.09 -10.86 -49.17
N ALA B 915 -55.92 -10.53 -49.74
CA ALA B 915 -55.06 -11.52 -50.37
C ALA B 915 -54.48 -12.44 -49.30
N VAL B 916 -54.08 -11.84 -48.17
CA VAL B 916 -53.59 -12.58 -47.02
C VAL B 916 -54.55 -12.35 -45.86
N ALA B 917 -55.15 -13.43 -45.35
CA ALA B 917 -56.06 -13.35 -44.21
C ALA B 917 -55.30 -13.66 -42.93
N ILE B 918 -55.71 -12.99 -41.84
CA ILE B 918 -55.07 -13.15 -40.54
C ILE B 918 -56.09 -13.69 -39.56
N ASP B 919 -55.71 -14.74 -38.82
CA ASP B 919 -56.53 -15.31 -37.78
C ASP B 919 -56.51 -14.35 -36.58
N PRO B 920 -57.68 -13.83 -36.14
CA PRO B 920 -57.72 -12.90 -35.00
C PRO B 920 -57.03 -13.43 -33.74
N ALA B 921 -57.22 -14.74 -33.47
CA ALA B 921 -56.74 -15.35 -32.25
C ALA B 921 -55.22 -15.48 -32.29
N THR B 922 -54.71 -16.23 -33.27
CA THR B 922 -53.31 -16.67 -33.26
C THR B 922 -52.42 -15.72 -34.06
N ALA B 923 -53.03 -14.78 -34.81
CA ALA B 923 -52.31 -13.88 -35.71
C ALA B 923 -51.58 -14.67 -36.79
N GLU B 924 -52.15 -15.83 -37.17
CA GLU B 924 -51.57 -16.68 -38.20
C GLU B 924 -52.00 -16.16 -39.57
N GLU B 925 -51.05 -16.06 -40.50
CA GLU B 925 -51.31 -15.58 -41.84
C GLU B 925 -51.72 -16.75 -42.72
N PHE B 926 -52.59 -16.47 -43.71
CA PHE B 926 -53.01 -17.46 -44.69
C PHE B 926 -53.11 -16.78 -46.06
N ASN B 927 -52.38 -17.34 -47.04
CA ASN B 927 -52.38 -16.85 -48.41
C ASN B 927 -52.98 -17.93 -49.30
N PRO B 928 -54.31 -17.93 -49.52
CA PRO B 928 -54.97 -19.03 -50.23
C PRO B 928 -54.39 -19.32 -51.62
N LEU B 929 -54.11 -18.26 -52.38
CA LEU B 929 -53.74 -18.41 -53.79
C LEU B 929 -52.29 -18.91 -53.91
N HIS B 930 -51.43 -18.51 -52.97
CA HIS B 930 -50.07 -19.00 -52.96
C HIS B 930 -50.05 -20.49 -52.69
N GLU B 931 -50.87 -20.95 -51.74
CA GLU B 931 -50.90 -22.35 -51.36
C GLU B 931 -51.42 -23.18 -52.53
N LEU B 932 -52.41 -22.66 -53.26
CA LEU B 932 -52.95 -23.37 -54.39
C LEU B 932 -51.88 -23.51 -55.47
N ALA B 933 -51.16 -22.41 -55.74
CA ALA B 933 -50.17 -22.39 -56.80
C ALA B 933 -49.06 -23.40 -56.51
N GLN B 934 -48.63 -23.46 -55.25
CA GLN B 934 -47.54 -24.35 -54.85
C GLN B 934 -47.99 -25.82 -54.92
N SER B 935 -49.30 -26.08 -54.89
CA SER B 935 -49.81 -27.44 -54.91
C SER B 935 -50.04 -27.95 -56.33
N LYS B 936 -49.86 -27.08 -57.34
CA LYS B 936 -50.13 -27.47 -58.72
C LYS B 936 -48.87 -28.06 -59.37
N GLY B 937 -47.72 -27.92 -58.70
CA GLY B 937 -46.50 -28.58 -59.14
C GLY B 937 -45.83 -27.89 -60.32
N ASN B 938 -46.06 -26.58 -60.48
CA ASN B 938 -45.37 -25.78 -61.47
C ASN B 938 -44.47 -24.75 -60.78
N ASN B 939 -44.38 -24.83 -59.45
CA ASN B 939 -43.55 -23.93 -58.66
C ASN B 939 -43.96 -22.48 -58.86
N GLY B 940 -45.27 -22.25 -59.02
CA GLY B 940 -45.81 -20.90 -59.08
C GLY B 940 -45.86 -20.26 -57.70
N LYS B 941 -45.79 -18.92 -57.68
CA LYS B 941 -45.79 -18.17 -56.43
C LYS B 941 -46.69 -16.96 -56.56
N PHE B 942 -47.42 -16.65 -55.49
CA PHE B 942 -48.17 -15.42 -55.36
C PHE B 942 -47.69 -14.66 -54.13
N LEU B 943 -46.83 -13.65 -54.35
CA LEU B 943 -46.22 -12.90 -53.27
C LEU B 943 -46.89 -11.54 -53.17
N VAL B 944 -47.38 -11.21 -51.97
CA VAL B 944 -48.04 -9.94 -51.72
C VAL B 944 -47.31 -9.25 -50.56
N TYR B 945 -46.93 -7.99 -50.76
CA TYR B 945 -46.16 -7.25 -49.77
C TYR B 945 -46.82 -5.90 -49.49
N ASN B 946 -46.70 -5.45 -48.24
CA ASN B 946 -47.00 -4.08 -47.86
C ASN B 946 -45.72 -3.25 -48.00
N SER B 947 -45.75 -2.26 -48.88
CA SER B 947 -44.61 -1.41 -49.14
C SER B 947 -44.38 -0.45 -47.96
N ALA B 948 -43.24 0.23 -47.96
CA ALA B 948 -43.00 1.34 -47.06
C ALA B 948 -43.71 2.58 -47.60
N LEU B 949 -43.71 3.65 -46.80
CA LEU B 949 -44.32 4.92 -47.18
C LEU B 949 -43.43 5.61 -48.21
N THR B 950 -43.60 5.20 -49.47
CA THR B 950 -42.78 5.72 -50.55
C THR B 950 -43.41 5.36 -51.90
N GLU B 951 -43.47 6.33 -52.80
CA GLU B 951 -43.89 6.09 -54.17
C GLU B 951 -42.66 6.02 -55.06
N TYR B 952 -41.73 6.96 -54.87
CA TYR B 952 -40.51 7.02 -55.65
C TYR B 952 -39.80 5.67 -55.55
N ALA B 953 -39.41 5.28 -54.33
CA ALA B 953 -38.66 4.04 -54.13
C ALA B 953 -39.57 2.84 -54.33
N GLY B 954 -40.84 2.97 -53.95
CA GLY B 954 -41.81 1.89 -54.06
C GLY B 954 -41.98 1.43 -55.51
N MET B 955 -42.31 2.37 -56.40
CA MET B 955 -42.58 2.03 -57.79
C MET B 955 -41.26 1.71 -58.50
N GLY B 956 -40.20 2.44 -58.15
CA GLY B 956 -38.88 2.19 -58.72
C GLY B 956 -38.42 0.76 -58.49
N PHE B 957 -38.66 0.25 -57.28
CA PHE B 957 -38.27 -1.10 -56.93
C PHE B 957 -39.03 -2.12 -57.77
N GLU B 958 -40.34 -1.89 -57.98
CA GLU B 958 -41.13 -2.83 -58.76
C GLU B 958 -40.72 -2.80 -60.23
N TYR B 959 -40.38 -1.61 -60.73
CA TYR B 959 -39.88 -1.49 -62.09
C TYR B 959 -38.62 -2.32 -62.24
N GLY B 960 -37.70 -2.17 -61.28
CA GLY B 960 -36.46 -2.91 -61.26
C GLY B 960 -36.70 -4.41 -61.26
N TYR B 961 -37.71 -4.85 -60.49
CA TYR B 961 -38.06 -6.25 -60.38
C TYR B 961 -38.46 -6.79 -61.74
N SER B 962 -39.22 -6.00 -62.50
CA SER B 962 -39.70 -6.41 -63.81
C SER B 962 -38.56 -6.52 -64.81
N VAL B 963 -37.47 -5.77 -64.59
CA VAL B 963 -36.31 -5.80 -65.47
C VAL B 963 -35.41 -6.97 -65.08
N GLY B 964 -35.25 -7.20 -63.78
CA GLY B 964 -34.39 -8.27 -63.29
C GLY B 964 -34.94 -9.66 -63.59
N ASN B 965 -36.26 -9.78 -63.70
CA ASN B 965 -36.91 -11.04 -64.06
C ASN B 965 -38.04 -10.76 -65.04
N GLU B 966 -37.80 -11.05 -66.31
CA GLU B 966 -38.71 -10.71 -67.39
C GLU B 966 -39.94 -11.60 -67.38
N ASP B 967 -39.82 -12.78 -66.76
CA ASP B 967 -40.88 -13.78 -66.78
C ASP B 967 -41.85 -13.57 -65.62
N SER B 968 -41.47 -12.74 -64.64
CA SER B 968 -42.32 -12.47 -63.50
C SER B 968 -43.45 -11.52 -63.88
N ILE B 969 -44.57 -11.61 -63.16
CA ILE B 969 -45.66 -10.65 -63.27
C ILE B 969 -45.61 -9.76 -62.04
N VAL B 970 -45.31 -8.48 -62.25
CA VAL B 970 -45.13 -7.53 -61.16
C VAL B 970 -46.18 -6.44 -61.29
N ALA B 971 -46.88 -6.17 -60.19
CA ALA B 971 -47.86 -5.10 -60.14
C ALA B 971 -47.55 -4.20 -58.95
N TRP B 972 -47.44 -2.90 -59.21
CA TRP B 972 -47.35 -1.92 -58.15
C TRP B 972 -48.69 -1.21 -58.01
N GLU B 973 -49.19 -1.13 -56.77
CA GLU B 973 -50.46 -0.50 -56.50
C GLU B 973 -50.22 0.77 -55.68
N ALA B 974 -50.72 1.90 -56.19
CA ALA B 974 -50.75 3.14 -55.43
C ALA B 974 -51.97 3.12 -54.51
N GLN B 975 -51.84 3.77 -53.35
CA GLN B 975 -52.96 3.88 -52.43
C GLN B 975 -54.07 4.69 -53.09
N PHE B 976 -53.69 5.85 -53.65
CA PHE B 976 -54.51 6.58 -54.58
C PHE B 976 -53.64 6.97 -55.76
N GLY B 977 -54.24 7.05 -56.96
CA GLY B 977 -53.53 7.46 -58.16
C GLY B 977 -52.91 8.85 -58.03
N ASP B 978 -53.49 9.69 -57.16
CA ASP B 978 -53.07 11.08 -56.99
C ASP B 978 -51.64 11.16 -56.47
N PHE B 979 -51.20 10.13 -55.74
CA PHE B 979 -49.88 10.14 -55.11
C PHE B 979 -48.79 9.62 -56.05
N ALA B 980 -49.19 9.13 -57.23
CA ALA B 980 -48.23 8.59 -58.18
C ALA B 980 -47.27 9.66 -58.69
N ASN B 981 -47.66 10.95 -58.58
CA ASN B 981 -46.82 12.05 -59.06
C ASN B 981 -45.59 12.22 -58.17
N GLY B 982 -45.60 11.57 -57.00
CA GLY B 982 -44.42 11.51 -56.16
C GLY B 982 -43.27 10.75 -56.82
N ALA B 983 -43.64 9.73 -57.62
CA ALA B 983 -42.69 8.95 -58.39
C ALA B 983 -42.69 9.39 -59.85
N GLN B 984 -42.57 10.70 -60.08
CA GLN B 984 -42.66 11.24 -61.44
C GLN B 984 -41.39 10.91 -62.21
N THR B 985 -40.25 10.88 -61.52
CA THR B 985 -38.97 10.58 -62.15
C THR B 985 -38.99 9.17 -62.72
N ILE B 986 -39.56 8.22 -61.97
CA ILE B 986 -39.62 6.82 -62.39
C ILE B 986 -40.55 6.67 -63.58
N ILE B 987 -41.69 7.37 -63.56
CA ILE B 987 -42.66 7.30 -64.66
C ILE B 987 -42.05 7.92 -65.91
N ASP B 988 -41.40 9.08 -65.77
CA ASP B 988 -40.91 9.84 -66.91
C ASP B 988 -39.68 9.18 -67.52
N GLU B 989 -38.73 8.77 -66.66
CA GLU B 989 -37.39 8.41 -67.11
C GLU B 989 -37.24 6.92 -67.34
N TYR B 990 -38.06 6.09 -66.67
CA TYR B 990 -37.91 4.64 -66.76
C TYR B 990 -39.11 4.00 -67.45
N VAL B 991 -40.30 4.15 -66.86
CA VAL B 991 -41.46 3.37 -67.27
C VAL B 991 -41.89 3.76 -68.69
N SER B 992 -41.95 5.06 -68.96
CA SER B 992 -42.53 5.55 -70.21
C SER B 992 -41.52 5.51 -71.35
N SER B 993 -40.25 5.85 -71.06
CA SER B 993 -39.27 6.11 -72.10
C SER B 993 -38.09 5.14 -72.04
N GLY B 994 -38.21 4.07 -71.24
CA GLY B 994 -37.11 3.14 -71.04
C GLY B 994 -36.76 2.37 -72.31
N GLU B 995 -37.79 1.94 -73.06
CA GLU B 995 -37.59 1.15 -74.26
C GLU B 995 -36.96 2.00 -75.37
N ALA B 996 -37.44 3.24 -75.53
CA ALA B 996 -37.01 4.09 -76.62
C ALA B 996 -35.58 4.58 -76.42
N LYS B 997 -35.13 4.70 -75.17
CA LYS B 997 -33.84 5.27 -74.86
C LYS B 997 -32.75 4.19 -74.83
N TRP B 998 -33.05 3.04 -74.23
CA TRP B 998 -32.03 2.03 -73.95
C TRP B 998 -32.38 0.66 -74.52
N GLY B 999 -33.58 0.49 -75.07
CA GLY B 999 -34.05 -0.82 -75.48
C GLY B 999 -34.36 -1.72 -74.28
N GLN B 1000 -34.55 -1.12 -73.11
CA GLN B 1000 -34.87 -1.86 -71.90
C GLN B 1000 -36.39 -1.97 -71.78
N THR B 1001 -36.90 -3.21 -71.82
CA THR B 1001 -38.33 -3.45 -71.80
C THR B 1001 -38.77 -3.83 -70.38
N SER B 1002 -40.05 -3.59 -70.09
CA SER B 1002 -40.65 -3.91 -68.81
C SER B 1002 -42.12 -4.26 -69.01
N LYS B 1003 -42.62 -5.20 -68.21
CA LYS B 1003 -44.03 -5.55 -68.22
C LYS B 1003 -44.72 -5.11 -66.92
N LEU B 1004 -44.16 -4.09 -66.25
CA LEU B 1004 -44.69 -3.62 -64.98
C LEU B 1004 -46.15 -3.22 -65.14
N ILE B 1005 -46.97 -3.62 -64.17
CA ILE B 1005 -48.37 -3.22 -64.10
C ILE B 1005 -48.50 -2.15 -63.02
N LEU B 1006 -49.16 -1.03 -63.37
CA LEU B 1006 -49.50 0.00 -62.41
C LEU B 1006 -51.00 -0.06 -62.14
N LEU B 1007 -51.36 -0.34 -60.89
CA LEU B 1007 -52.75 -0.31 -60.44
C LEU B 1007 -52.99 1.01 -59.71
N LEU B 1008 -53.68 1.94 -60.38
CA LEU B 1008 -53.86 3.29 -59.87
C LEU B 1008 -55.34 3.54 -59.61
N PRO B 1009 -55.80 3.54 -58.33
CA PRO B 1009 -57.20 3.85 -58.03
C PRO B 1009 -57.60 5.23 -58.52
N HIS B 1010 -58.76 5.29 -59.18
CA HIS B 1010 -59.23 6.49 -59.83
C HIS B 1010 -60.76 6.53 -59.76
N GLY B 1011 -61.31 7.74 -59.62
CA GLY B 1011 -62.75 7.92 -59.64
C GLY B 1011 -63.17 9.17 -58.88
N TYR B 1012 -64.07 9.95 -59.50
CA TYR B 1012 -64.59 11.17 -58.91
C TYR B 1012 -65.82 10.81 -58.06
N GLU B 1013 -65.61 10.80 -56.73
CA GLU B 1013 -66.65 10.40 -55.79
C GLU B 1013 -66.84 11.43 -54.68
N GLY B 1014 -66.21 12.60 -54.82
CA GLY B 1014 -66.32 13.67 -53.83
C GLY B 1014 -65.47 13.40 -52.58
N GLN B 1015 -64.18 13.12 -52.80
CA GLN B 1015 -63.23 12.89 -51.72
C GLN B 1015 -62.10 13.91 -51.72
N GLY B 1016 -62.23 14.95 -52.56
CA GLY B 1016 -61.27 16.06 -52.56
C GLY B 1016 -60.29 15.99 -53.72
N PRO B 1017 -59.45 17.04 -53.90
CA PRO B 1017 -58.55 17.11 -55.06
C PRO B 1017 -57.39 16.13 -55.08
N ASP B 1018 -57.12 15.45 -53.95
CA ASP B 1018 -55.99 14.54 -53.85
C ASP B 1018 -56.46 13.11 -53.59
N HIS B 1019 -57.74 12.82 -53.83
CA HIS B 1019 -58.27 11.48 -53.68
C HIS B 1019 -59.28 11.17 -54.78
N SER B 1020 -59.10 11.78 -55.96
CA SER B 1020 -60.09 11.68 -57.03
C SER B 1020 -59.46 11.20 -58.33
N SER B 1021 -58.36 11.86 -58.76
CA SER B 1021 -57.82 11.64 -60.09
C SER B 1021 -56.44 10.99 -60.03
N ALA B 1022 -56.20 10.06 -60.94
CA ALA B 1022 -54.90 9.44 -61.12
C ALA B 1022 -54.11 10.18 -62.21
N ARG B 1023 -54.64 11.30 -62.69
CA ARG B 1023 -54.03 12.10 -63.74
C ARG B 1023 -53.91 11.28 -65.01
N ILE B 1024 -55.07 10.89 -65.57
CA ILE B 1024 -55.14 10.11 -66.79
C ILE B 1024 -54.52 10.92 -67.93
N GLU B 1025 -54.75 12.24 -67.94
CA GLU B 1025 -54.30 13.11 -69.02
C GLU B 1025 -52.77 13.12 -69.09
N ARG B 1026 -52.09 12.93 -67.97
CA ARG B 1026 -50.63 13.00 -67.93
C ARG B 1026 -50.03 11.72 -68.50
N PHE B 1027 -50.64 10.57 -68.18
CA PHE B 1027 -50.21 9.28 -68.70
C PHE B 1027 -50.41 9.21 -70.20
N LEU B 1028 -51.52 9.76 -70.71
CA LEU B 1028 -51.82 9.73 -72.13
C LEU B 1028 -50.90 10.67 -72.91
N GLN B 1029 -50.35 11.70 -72.24
CA GLN B 1029 -49.45 12.64 -72.88
C GLN B 1029 -48.08 12.01 -73.09
N LEU B 1030 -47.68 11.11 -72.19
CA LEU B 1030 -46.41 10.40 -72.30
C LEU B 1030 -46.51 9.30 -73.36
N CYS B 1031 -47.71 8.76 -73.57
CA CYS B 1031 -47.92 7.67 -74.51
C CYS B 1031 -47.64 8.13 -75.93
N ALA B 1032 -46.68 7.46 -76.58
CA ALA B 1032 -46.38 7.68 -77.98
C ALA B 1032 -45.72 6.43 -78.55
N GLU B 1033 -45.85 6.24 -79.87
CA GLU B 1033 -45.31 5.10 -80.59
C GLU B 1033 -45.61 3.80 -79.83
N GLY B 1034 -46.84 3.69 -79.32
CA GLY B 1034 -47.29 2.49 -78.62
C GLY B 1034 -46.41 2.11 -77.43
N SER B 1035 -46.02 3.11 -76.62
CA SER B 1035 -45.07 2.92 -75.54
C SER B 1035 -45.64 2.02 -74.44
N MET B 1036 -46.91 2.22 -74.07
CA MET B 1036 -47.53 1.44 -73.02
C MET B 1036 -49.03 1.33 -73.25
N THR B 1037 -49.65 0.36 -72.57
CA THR B 1037 -51.09 0.17 -72.62
C THR B 1037 -51.73 0.91 -71.45
N VAL B 1038 -52.76 1.70 -71.74
CA VAL B 1038 -53.50 2.43 -70.71
C VAL B 1038 -54.97 2.04 -70.84
N ALA B 1039 -55.54 1.51 -69.74
CA ALA B 1039 -56.90 0.99 -69.77
C ALA B 1039 -57.66 1.41 -68.52
N GLN B 1040 -58.98 1.47 -68.66
CA GLN B 1040 -59.88 1.74 -67.54
C GLN B 1040 -61.05 0.77 -67.64
N PRO B 1041 -60.90 -0.50 -67.20
CA PRO B 1041 -61.94 -1.51 -67.38
C PRO B 1041 -63.17 -1.22 -66.52
N SER B 1042 -64.35 -1.64 -67.00
CA SER B 1042 -65.62 -1.36 -66.36
C SER B 1042 -66.18 -2.60 -65.65
N THR B 1043 -65.70 -3.79 -65.99
CA THR B 1043 -66.18 -5.02 -65.36
C THR B 1043 -65.00 -5.82 -64.81
N PRO B 1044 -65.19 -6.62 -63.73
CA PRO B 1044 -64.12 -7.48 -63.21
C PRO B 1044 -63.59 -8.49 -64.21
N ALA B 1045 -64.47 -9.04 -65.06
CA ALA B 1045 -64.10 -10.02 -66.05
C ALA B 1045 -63.17 -9.39 -67.09
N ASN B 1046 -63.50 -8.17 -67.52
CA ASN B 1046 -62.72 -7.48 -68.53
C ASN B 1046 -61.35 -7.16 -67.97
N HIS B 1047 -61.30 -6.81 -66.68
CA HIS B 1047 -60.04 -6.56 -66.00
C HIS B 1047 -59.23 -7.85 -65.90
N PHE B 1048 -59.93 -8.97 -65.69
CA PHE B 1048 -59.31 -10.27 -65.64
C PHE B 1048 -58.64 -10.57 -66.98
N HIS B 1049 -59.36 -10.36 -68.07
CA HIS B 1049 -58.85 -10.66 -69.40
C HIS B 1049 -57.70 -9.73 -69.78
N LEU B 1050 -57.78 -8.46 -69.37
CA LEU B 1050 -56.74 -7.49 -69.66
C LEU B 1050 -55.42 -7.93 -69.02
N LEU B 1051 -55.48 -8.35 -67.76
CA LEU B 1051 -54.28 -8.74 -67.03
C LEU B 1051 -53.66 -9.98 -67.66
N ARG B 1052 -54.49 -10.94 -68.09
CA ARG B 1052 -54.00 -12.19 -68.61
C ARG B 1052 -53.42 -12.00 -70.01
N ARG B 1053 -54.05 -11.14 -70.82
CA ARG B 1053 -53.51 -10.85 -72.14
C ARG B 1053 -52.10 -10.28 -72.00
N HIS B 1054 -51.92 -9.36 -71.06
CA HIS B 1054 -50.64 -8.72 -70.82
C HIS B 1054 -49.59 -9.75 -70.44
N ALA B 1055 -49.96 -10.66 -69.51
CA ALA B 1055 -49.01 -11.61 -68.95
C ALA B 1055 -48.65 -12.70 -69.95
N LEU B 1056 -49.60 -13.13 -70.77
CA LEU B 1056 -49.40 -14.28 -71.64
C LEU B 1056 -48.87 -13.86 -73.02
N SER B 1057 -48.72 -12.55 -73.27
CA SER B 1057 -48.26 -12.07 -74.57
C SER B 1057 -46.75 -11.93 -74.59
N ASP B 1058 -46.22 -11.59 -75.77
CA ASP B 1058 -44.80 -11.29 -75.95
C ASP B 1058 -44.59 -9.77 -76.12
N LEU B 1059 -45.63 -8.98 -75.82
CA LEU B 1059 -45.52 -7.54 -75.86
C LEU B 1059 -44.97 -7.03 -74.53
N LYS B 1060 -43.66 -6.79 -74.49
CA LYS B 1060 -42.98 -6.42 -73.27
C LYS B 1060 -43.05 -4.90 -73.10
N ARG B 1061 -44.23 -4.41 -72.72
CA ARG B 1061 -44.45 -3.00 -72.48
C ARG B 1061 -45.31 -2.83 -71.25
N PRO B 1062 -45.16 -1.71 -70.49
CA PRO B 1062 -45.94 -1.52 -69.27
C PRO B 1062 -47.45 -1.45 -69.49
N LEU B 1063 -48.20 -1.79 -68.43
CA LEU B 1063 -49.65 -1.70 -68.45
C LEU B 1063 -50.12 -0.83 -67.30
N VAL B 1064 -50.85 0.24 -67.62
CA VAL B 1064 -51.37 1.17 -66.63
C VAL B 1064 -52.88 0.98 -66.56
N ILE B 1065 -53.38 0.59 -65.36
CA ILE B 1065 -54.79 0.32 -65.17
C ILE B 1065 -55.33 1.29 -64.12
N PHE B 1066 -56.38 2.02 -64.50
CA PHE B 1066 -57.10 2.88 -63.58
C PHE B 1066 -58.22 2.08 -62.93
N THR B 1067 -57.99 1.69 -61.67
CA THR B 1067 -58.88 0.79 -60.95
C THR B 1067 -59.93 1.62 -60.20
N PRO B 1068 -61.13 1.07 -59.94
CA PRO B 1068 -62.19 1.82 -59.28
C PRO B 1068 -62.10 1.81 -57.76
N LYS B 1069 -62.96 2.62 -57.13
CA LYS B 1069 -62.99 2.72 -55.68
C LYS B 1069 -64.39 2.32 -55.20
N SER B 1070 -65.42 3.04 -55.66
CA SER B 1070 -66.78 2.75 -55.27
C SER B 1070 -67.35 1.58 -56.09
N MET B 1071 -66.83 1.39 -57.31
CA MET B 1071 -67.35 0.38 -58.21
C MET B 1071 -66.88 -1.01 -57.78
N LEU B 1072 -65.97 -1.06 -56.79
CA LEU B 1072 -65.54 -2.32 -56.20
C LEU B 1072 -66.72 -3.10 -55.64
N ARG B 1073 -67.74 -2.40 -55.13
CA ARG B 1073 -68.86 -3.03 -54.46
C ARG B 1073 -70.18 -2.66 -55.14
N ASN B 1074 -70.14 -2.42 -56.45
CA ASN B 1074 -71.33 -2.09 -57.21
C ASN B 1074 -71.89 -3.37 -57.85
N LYS B 1075 -73.13 -3.70 -57.50
CA LYS B 1075 -73.74 -4.96 -57.91
C LYS B 1075 -73.94 -5.00 -59.43
N ALA B 1076 -74.19 -3.84 -60.04
CA ALA B 1076 -74.44 -3.78 -61.48
C ALA B 1076 -73.17 -4.12 -62.26
N ALA B 1077 -72.00 -3.98 -61.63
CA ALA B 1077 -70.73 -4.16 -62.30
C ALA B 1077 -70.25 -5.62 -62.23
N ALA B 1078 -70.83 -6.42 -61.33
CA ALA B 1078 -70.35 -7.77 -61.08
C ALA B 1078 -70.44 -8.63 -62.35
N SER B 1079 -69.53 -9.60 -62.46
CA SER B 1079 -69.42 -10.47 -63.64
C SER B 1079 -69.93 -11.87 -63.33
N ALA B 1080 -70.47 -12.54 -64.35
CA ALA B 1080 -70.91 -13.92 -64.26
C ALA B 1080 -69.71 -14.84 -64.50
N PRO B 1081 -69.76 -16.12 -64.05
CA PRO B 1081 -68.65 -17.07 -64.29
C PRO B 1081 -68.34 -17.31 -65.77
N GLU B 1082 -69.36 -17.24 -66.62
CA GLU B 1082 -69.21 -17.49 -68.05
C GLU B 1082 -68.29 -16.44 -68.68
N ASP B 1083 -68.22 -15.26 -68.06
CA ASP B 1083 -67.40 -14.17 -68.58
C ASP B 1083 -65.92 -14.48 -68.39
N PHE B 1084 -65.60 -15.44 -67.51
CA PHE B 1084 -64.23 -15.87 -67.29
C PHE B 1084 -63.89 -17.14 -68.07
N THR B 1085 -64.91 -17.89 -68.51
CA THR B 1085 -64.68 -19.21 -69.09
C THR B 1085 -65.11 -19.27 -70.56
N GLU B 1086 -66.20 -18.59 -70.91
CA GLU B 1086 -66.73 -18.65 -72.27
C GLU B 1086 -66.19 -17.51 -73.11
N VAL B 1087 -66.14 -16.30 -72.55
CA VAL B 1087 -65.59 -15.13 -73.23
C VAL B 1087 -64.08 -15.31 -73.32
N THR B 1088 -63.55 -15.23 -74.54
CA THR B 1088 -62.19 -15.67 -74.83
C THR B 1088 -61.20 -14.51 -74.76
N LYS B 1089 -61.63 -13.29 -75.08
CA LYS B 1089 -60.72 -12.18 -75.27
C LYS B 1089 -61.16 -10.96 -74.46
N PHE B 1090 -60.18 -10.11 -74.12
CA PHE B 1090 -60.43 -8.78 -73.58
C PHE B 1090 -61.19 -7.95 -74.60
N GLN B 1091 -62.12 -7.12 -74.10
CA GLN B 1091 -62.89 -6.22 -74.95
C GLN B 1091 -62.40 -4.79 -74.74
N SER B 1092 -61.88 -4.18 -75.81
CA SER B 1092 -61.39 -2.82 -75.77
C SER B 1092 -62.57 -1.84 -75.81
N VAL B 1093 -63.64 -2.23 -76.50
CA VAL B 1093 -64.85 -1.43 -76.61
C VAL B 1093 -66.06 -2.33 -76.33
N ILE B 1094 -66.89 -1.93 -75.36
CA ILE B 1094 -68.09 -2.66 -75.03
C ILE B 1094 -69.30 -1.85 -75.51
N ASN B 1095 -70.03 -2.40 -76.47
CA ASN B 1095 -71.20 -1.74 -77.04
C ASN B 1095 -72.32 -1.77 -76.00
N ASP B 1096 -73.35 -0.96 -76.22
CA ASP B 1096 -74.44 -0.82 -75.28
C ASP B 1096 -75.27 -2.10 -75.26
N PRO B 1097 -75.36 -2.80 -74.11
CA PRO B 1097 -76.15 -4.04 -74.01
C PRO B 1097 -77.65 -3.87 -73.82
N ASN B 1098 -78.13 -2.62 -73.82
CA ASN B 1098 -79.53 -2.32 -73.56
C ASN B 1098 -80.09 -1.46 -74.69
N VAL B 1099 -79.90 -1.91 -75.93
CA VAL B 1099 -80.48 -1.25 -77.09
C VAL B 1099 -81.49 -2.20 -77.73
N ALA B 1100 -82.76 -1.82 -77.70
CA ALA B 1100 -83.84 -2.62 -78.28
C ALA B 1100 -83.76 -2.57 -79.80
N ASP B 1101 -83.64 -1.36 -80.34
CA ASP B 1101 -83.55 -1.14 -81.78
C ASP B 1101 -82.44 -0.14 -82.06
N ALA B 1102 -81.49 -0.55 -82.92
CA ALA B 1102 -80.32 0.27 -83.23
C ALA B 1102 -80.68 1.39 -84.20
N ALA B 1103 -81.76 1.21 -84.96
CA ALA B 1103 -82.19 2.19 -85.95
C ALA B 1103 -82.75 3.43 -85.27
N LYS B 1104 -83.24 3.29 -84.04
CA LYS B 1104 -83.87 4.39 -83.32
C LYS B 1104 -82.83 5.27 -82.63
N VAL B 1105 -81.59 4.79 -82.51
CA VAL B 1105 -80.55 5.52 -81.80
C VAL B 1105 -80.15 6.75 -82.61
N LYS B 1106 -80.26 7.93 -81.97
CA LYS B 1106 -79.95 9.20 -82.60
C LYS B 1106 -78.69 9.82 -81.97
N LYS B 1107 -78.36 9.41 -80.73
CA LYS B 1107 -77.24 9.98 -80.01
C LYS B 1107 -76.40 8.86 -79.41
N VAL B 1108 -75.08 8.96 -79.57
CA VAL B 1108 -74.17 7.97 -79.03
C VAL B 1108 -73.27 8.63 -78.00
N MET B 1109 -73.21 8.02 -76.80
CA MET B 1109 -72.38 8.53 -75.72
C MET B 1109 -71.15 7.63 -75.57
N LEU B 1110 -69.96 8.24 -75.66
CA LEU B 1110 -68.71 7.56 -75.35
C LEU B 1110 -68.33 7.86 -73.90
N VAL B 1111 -68.05 6.81 -73.13
CA VAL B 1111 -67.72 6.93 -71.73
C VAL B 1111 -66.62 5.93 -71.40
N SER B 1112 -65.88 6.18 -70.32
CA SER B 1112 -64.87 5.26 -69.83
C SER B 1112 -64.88 5.28 -68.30
N GLY B 1113 -65.06 4.09 -67.70
CA GLY B 1113 -64.97 3.94 -66.26
C GLY B 1113 -66.34 3.87 -65.60
N LYS B 1114 -66.40 4.26 -64.33
CA LYS B 1114 -67.56 4.02 -63.48
C LYS B 1114 -68.76 4.86 -63.91
N LEU B 1115 -68.51 5.95 -64.65
CA LEU B 1115 -69.58 6.87 -65.03
C LEU B 1115 -70.62 6.17 -65.91
N TYR B 1116 -70.24 5.06 -66.57
CA TYR B 1116 -71.17 4.32 -67.40
C TYR B 1116 -72.42 3.92 -66.64
N TYR B 1117 -72.24 3.44 -65.41
CA TYR B 1117 -73.31 2.85 -64.63
C TYR B 1117 -74.33 3.92 -64.23
N GLU B 1118 -73.85 5.15 -63.96
CA GLU B 1118 -74.73 6.27 -63.68
C GLU B 1118 -75.51 6.63 -64.93
N LEU B 1119 -74.84 6.64 -66.09
CA LEU B 1119 -75.49 6.98 -67.35
C LEU B 1119 -76.49 5.90 -67.74
N ALA B 1120 -76.12 4.63 -67.52
CA ALA B 1120 -76.98 3.50 -67.85
C ALA B 1120 -78.24 3.52 -67.00
N LYS B 1121 -78.08 3.86 -65.71
CA LYS B 1121 -79.18 3.91 -64.77
C LYS B 1121 -80.18 5.00 -65.20
N ARG B 1122 -79.65 6.15 -65.61
CA ARG B 1122 -80.47 7.28 -66.03
C ARG B 1122 -81.23 6.92 -67.31
N LYS B 1123 -80.57 6.20 -68.22
CA LYS B 1123 -81.16 5.82 -69.50
C LYS B 1123 -82.36 4.91 -69.27
N GLU B 1124 -82.22 3.95 -68.35
CA GLU B 1124 -83.27 3.00 -68.06
C GLU B 1124 -84.44 3.73 -67.39
N LYS B 1125 -84.12 4.66 -66.47
CA LYS B 1125 -85.13 5.38 -65.72
C LYS B 1125 -85.99 6.23 -66.66
N ASP B 1126 -85.34 6.94 -67.58
CA ASP B 1126 -86.02 7.87 -68.47
C ASP B 1126 -86.58 7.15 -69.69
N GLY B 1127 -86.12 5.91 -69.94
CA GLY B 1127 -86.60 5.12 -71.06
C GLY B 1127 -86.18 5.73 -72.40
N ARG B 1128 -84.90 6.10 -72.49
CA ARG B 1128 -84.36 6.76 -73.67
C ARG B 1128 -83.87 5.71 -74.66
N ASP B 1129 -84.71 5.38 -75.63
CA ASP B 1129 -84.41 4.39 -76.65
C ASP B 1129 -83.55 4.99 -77.76
N ASP B 1130 -83.38 6.32 -77.74
CA ASP B 1130 -82.65 7.01 -78.79
C ASP B 1130 -81.19 7.23 -78.39
N ILE B 1131 -80.77 6.69 -77.25
CA ILE B 1131 -79.41 6.86 -76.76
C ILE B 1131 -78.72 5.50 -76.73
N ALA B 1132 -77.46 5.47 -77.15
CA ALA B 1132 -76.60 4.31 -76.99
C ALA B 1132 -75.33 4.72 -76.24
N ILE B 1133 -74.99 3.97 -75.18
CA ILE B 1133 -73.82 4.29 -74.36
C ILE B 1133 -72.74 3.25 -74.64
N VAL B 1134 -71.60 3.71 -75.19
CA VAL B 1134 -70.51 2.84 -75.61
C VAL B 1134 -69.33 3.07 -74.67
N ARG B 1135 -68.77 1.98 -74.13
CA ARG B 1135 -67.65 2.08 -73.21
C ARG B 1135 -66.34 1.89 -73.96
N ILE B 1136 -65.35 2.71 -73.60
CA ILE B 1136 -63.98 2.55 -74.09
C ILE B 1136 -63.14 2.04 -72.92
N GLU B 1137 -62.74 0.77 -73.00
CA GLU B 1137 -62.06 0.09 -71.91
C GLU B 1137 -60.56 0.31 -72.00
N MET B 1138 -60.03 0.31 -73.23
CA MET B 1138 -58.62 0.56 -73.46
C MET B 1138 -58.46 1.95 -74.07
N LEU B 1139 -57.73 2.83 -73.37
CA LEU B 1139 -57.59 4.22 -73.75
C LEU B 1139 -56.46 4.39 -74.75
N HIS B 1140 -55.30 3.81 -74.45
CA HIS B 1140 -54.17 3.79 -75.36
C HIS B 1140 -53.62 2.36 -75.46
N PRO B 1141 -53.40 1.80 -76.67
CA PRO B 1141 -53.70 2.46 -77.94
C PRO B 1141 -55.20 2.66 -78.15
N ILE B 1142 -55.55 3.59 -79.05
CA ILE B 1142 -56.94 3.90 -79.34
C ILE B 1142 -57.51 2.78 -80.21
N PRO B 1143 -58.58 2.08 -79.76
CA PRO B 1143 -59.22 1.06 -80.58
C PRO B 1143 -60.22 1.67 -81.57
N PHE B 1144 -59.69 2.40 -82.55
CA PHE B 1144 -60.52 3.19 -83.45
C PHE B 1144 -61.32 2.30 -84.40
N ASN B 1145 -60.81 1.10 -84.70
CA ASN B 1145 -61.52 0.15 -85.54
C ASN B 1145 -62.78 -0.32 -84.82
N ARG B 1146 -62.65 -0.63 -83.52
CA ARG B 1146 -63.77 -1.08 -82.72
C ARG B 1146 -64.76 0.05 -82.50
N ILE B 1147 -64.25 1.28 -82.27
CA ILE B 1147 -65.11 2.43 -82.06
C ILE B 1147 -65.86 2.74 -83.35
N SER B 1148 -65.17 2.66 -84.50
CA SER B 1148 -65.80 2.88 -85.79
C SER B 1148 -66.91 1.85 -86.03
N GLU B 1149 -66.62 0.60 -85.67
CA GLU B 1149 -67.55 -0.50 -85.87
C GLU B 1149 -68.82 -0.26 -85.04
N ALA B 1150 -68.62 0.18 -83.79
CA ALA B 1150 -69.73 0.46 -82.89
C ALA B 1150 -70.58 1.61 -83.44
N LEU B 1151 -69.93 2.67 -83.91
CA LEU B 1151 -70.62 3.83 -84.45
C LEU B 1151 -71.35 3.46 -85.75
N ALA B 1152 -70.77 2.56 -86.54
CA ALA B 1152 -71.37 2.14 -87.80
C ALA B 1152 -72.66 1.35 -87.54
N GLY B 1153 -72.78 0.76 -86.35
CA GLY B 1153 -73.93 -0.02 -85.97
C GLY B 1153 -75.16 0.84 -85.63
N TYR B 1154 -74.97 2.18 -85.61
CA TYR B 1154 -76.06 3.11 -85.41
C TYR B 1154 -76.13 4.06 -86.60
N PRO B 1155 -76.77 3.66 -87.72
CA PRO B 1155 -76.78 4.46 -88.95
C PRO B 1155 -77.38 5.85 -88.82
N ASN B 1156 -78.36 6.01 -87.92
CA ASN B 1156 -79.10 7.25 -87.80
C ASN B 1156 -78.56 8.11 -86.66
N ALA B 1157 -77.34 7.82 -86.20
CA ALA B 1157 -76.71 8.61 -85.15
C ALA B 1157 -76.32 9.97 -85.71
N GLU B 1158 -76.84 11.04 -85.10
CA GLU B 1158 -76.63 12.40 -85.59
C GLU B 1158 -75.44 13.05 -84.88
N GLU B 1159 -75.30 12.79 -83.58
CA GLU B 1159 -74.24 13.40 -82.79
C GLU B 1159 -73.60 12.35 -81.89
N VAL B 1160 -72.32 12.60 -81.56
CA VAL B 1160 -71.54 11.75 -80.68
C VAL B 1160 -71.10 12.60 -79.49
N LEU B 1161 -71.39 12.11 -78.28
CA LEU B 1161 -71.00 12.79 -77.05
C LEU B 1161 -69.85 12.04 -76.38
N PHE B 1162 -68.86 12.79 -75.92
CA PHE B 1162 -67.78 12.24 -75.10
C PHE B 1162 -68.00 12.68 -73.66
N VAL B 1163 -68.46 11.74 -72.82
CA VAL B 1163 -68.85 12.05 -71.45
C VAL B 1163 -67.76 11.54 -70.52
N GLN B 1164 -67.31 12.41 -69.60
CA GLN B 1164 -66.34 12.04 -68.59
C GLN B 1164 -66.65 12.79 -67.30
N ASP B 1165 -66.18 12.24 -66.17
CA ASP B 1165 -66.34 12.90 -64.88
C ASP B 1165 -65.29 13.99 -64.70
N GLU B 1166 -64.13 13.86 -65.36
CA GLU B 1166 -62.99 14.72 -65.07
C GLU B 1166 -63.24 16.12 -65.62
N PRO B 1167 -62.54 17.16 -65.10
CA PRO B 1167 -62.53 18.49 -65.73
C PRO B 1167 -62.15 18.46 -67.21
N ALA B 1168 -62.44 19.56 -67.91
CA ALA B 1168 -62.27 19.64 -69.35
C ALA B 1168 -60.79 19.48 -69.74
N ASN B 1169 -59.88 20.06 -68.95
CA ASN B 1169 -58.46 20.03 -69.27
C ASN B 1169 -57.79 18.80 -68.64
N GLN B 1170 -58.59 17.82 -68.20
CA GLN B 1170 -58.10 16.61 -67.58
C GLN B 1170 -58.88 15.42 -68.14
N GLY B 1171 -58.53 14.22 -67.67
CA GLY B 1171 -59.17 13.00 -68.12
C GLY B 1171 -58.74 12.61 -69.53
N PRO B 1172 -59.45 11.67 -70.19
CA PRO B 1172 -59.11 11.26 -71.56
C PRO B 1172 -59.58 12.16 -72.70
N TRP B 1173 -60.32 13.23 -72.39
CA TRP B 1173 -60.89 14.09 -73.43
C TRP B 1173 -59.78 14.75 -74.26
N PRO B 1174 -58.79 15.45 -73.66
CA PRO B 1174 -57.78 16.16 -74.43
C PRO B 1174 -57.02 15.27 -75.41
N PHE B 1175 -56.81 14.00 -75.03
CA PHE B 1175 -56.15 13.04 -75.89
C PHE B 1175 -57.06 12.66 -77.04
N TYR B 1176 -58.31 12.29 -76.72
CA TYR B 1176 -59.25 11.77 -77.71
C TYR B 1176 -59.75 12.87 -78.64
N GLN B 1177 -59.76 14.12 -78.17
CA GLN B 1177 -60.21 15.25 -78.96
C GLN B 1177 -59.26 15.47 -80.13
N GLU B 1178 -57.96 15.31 -79.89
CA GLU B 1178 -56.95 15.59 -80.91
C GLU B 1178 -56.85 14.46 -81.92
N HIS B 1179 -56.96 13.20 -81.45
CA HIS B 1179 -56.57 12.04 -82.23
C HIS B 1179 -57.76 11.35 -82.90
N LEU B 1180 -58.87 11.19 -82.18
CA LEU B 1180 -59.95 10.32 -82.64
C LEU B 1180 -60.56 10.83 -83.94
N PRO B 1181 -60.82 12.15 -84.12
CA PRO B 1181 -61.36 12.67 -85.37
C PRO B 1181 -60.54 12.30 -86.60
N GLU B 1182 -59.22 12.24 -86.45
CA GLU B 1182 -58.32 11.90 -87.54
C GLU B 1182 -58.47 10.42 -87.89
N LEU B 1183 -58.58 9.58 -86.86
CA LEU B 1183 -58.65 8.13 -87.03
C LEU B 1183 -60.00 7.70 -87.58
N ILE B 1184 -61.05 8.48 -87.31
CA ILE B 1184 -62.38 8.19 -87.83
C ILE B 1184 -62.89 9.44 -88.54
N PRO B 1185 -62.51 9.68 -89.81
CA PRO B 1185 -62.91 10.90 -90.53
C PRO B 1185 -64.42 11.11 -90.65
N ASN B 1186 -65.17 10.01 -90.82
CA ASN B 1186 -66.61 10.08 -91.09
C ASN B 1186 -67.41 10.30 -89.79
N MET B 1187 -66.76 10.15 -88.63
CA MET B 1187 -67.45 10.31 -87.35
C MET B 1187 -67.91 11.76 -87.21
N PRO B 1188 -69.14 12.02 -86.71
CA PRO B 1188 -69.60 13.39 -86.47
C PRO B 1188 -68.76 14.12 -85.41
N LYS B 1189 -68.85 15.46 -85.41
CA LYS B 1189 -68.09 16.27 -84.47
C LYS B 1189 -68.46 15.89 -83.05
N MET B 1190 -67.46 15.52 -82.25
CA MET B 1190 -67.67 15.12 -80.87
C MET B 1190 -67.96 16.34 -80.01
N ARG B 1191 -68.95 16.22 -79.12
CA ARG B 1191 -69.28 17.24 -78.16
C ARG B 1191 -68.89 16.76 -76.76
N ARG B 1192 -68.10 17.57 -76.04
CA ARG B 1192 -67.66 17.23 -74.71
C ARG B 1192 -68.79 17.46 -73.72
N VAL B 1193 -68.96 16.52 -72.80
CA VAL B 1193 -69.81 16.69 -71.63
C VAL B 1193 -68.99 16.30 -70.41
N SER B 1194 -68.60 17.28 -69.60
CA SER B 1194 -67.75 17.04 -68.44
C SER B 1194 -67.85 18.20 -67.46
N ARG B 1195 -67.02 18.16 -66.42
CA ARG B 1195 -66.83 19.30 -65.53
C ARG B 1195 -66.00 20.36 -66.24
N ARG B 1196 -66.08 21.61 -65.74
CA ARG B 1196 -65.34 22.73 -66.30
C ARG B 1196 -63.85 22.53 -66.06
N ALA B 1197 -63.02 23.26 -66.83
CA ALA B 1197 -61.58 23.24 -66.63
C ALA B 1197 -61.23 23.91 -65.32
N GLN B 1198 -60.29 23.30 -64.57
CA GLN B 1198 -59.86 23.81 -63.27
C GLN B 1198 -58.34 23.80 -63.19
N SER B 1199 -57.80 24.73 -62.38
CA SER B 1199 -56.39 24.77 -62.06
C SER B 1199 -56.04 23.69 -61.03
N SER B 1200 -57.06 23.19 -60.32
CA SER B 1200 -56.92 22.09 -59.39
C SER B 1200 -57.50 20.82 -59.99
N THR B 1201 -57.54 19.73 -59.21
CA THR B 1201 -58.02 18.45 -59.69
C THR B 1201 -59.53 18.34 -59.54
N ALA B 1202 -60.02 18.60 -58.33
CA ALA B 1202 -61.44 18.50 -58.00
C ALA B 1202 -61.77 19.46 -56.87
N THR B 1203 -63.07 19.65 -56.63
CA THR B 1203 -63.55 20.52 -55.57
C THR B 1203 -63.31 19.86 -54.22
N GLY B 1204 -62.94 20.70 -53.24
CA GLY B 1204 -62.79 20.27 -51.86
C GLY B 1204 -64.13 20.04 -51.17
N VAL B 1205 -65.18 20.69 -51.67
CA VAL B 1205 -66.49 20.65 -51.07
C VAL B 1205 -67.27 19.46 -51.63
N ALA B 1206 -67.78 18.60 -50.74
CA ALA B 1206 -68.41 17.35 -51.12
C ALA B 1206 -69.80 17.60 -51.70
N LYS B 1207 -70.51 18.62 -51.19
CA LYS B 1207 -71.87 18.91 -51.61
C LYS B 1207 -71.86 19.48 -53.02
N VAL B 1208 -70.77 20.18 -53.37
CA VAL B 1208 -70.60 20.71 -54.71
C VAL B 1208 -70.47 19.56 -55.70
N HIS B 1209 -69.74 18.50 -55.30
CA HIS B 1209 -69.51 17.34 -56.15
C HIS B 1209 -70.83 16.73 -56.61
N GLN B 1210 -71.79 16.59 -55.68
CA GLN B 1210 -73.07 16.00 -56.00
C GLN B 1210 -73.82 16.89 -56.98
N LEU B 1211 -73.69 18.21 -56.82
CA LEU B 1211 -74.38 19.16 -57.68
C LEU B 1211 -73.86 19.05 -59.11
N GLU B 1212 -72.52 19.01 -59.25
CA GLU B 1212 -71.90 19.00 -60.57
C GLU B 1212 -72.16 17.66 -61.26
N GLU B 1213 -72.20 16.58 -60.47
CA GLU B 1213 -72.49 15.26 -61.00
C GLU B 1213 -73.90 15.23 -61.60
N LYS B 1214 -74.87 15.77 -60.86
CA LYS B 1214 -76.24 15.84 -61.34
C LYS B 1214 -76.31 16.70 -62.60
N GLN B 1215 -75.56 17.81 -62.61
CA GLN B 1215 -75.53 18.73 -63.73
C GLN B 1215 -74.92 18.03 -64.95
N LEU B 1216 -73.88 17.23 -64.70
CA LEU B 1216 -73.16 16.53 -65.76
C LEU B 1216 -74.09 15.55 -66.48
N ILE B 1217 -74.85 14.77 -65.72
CA ILE B 1217 -75.74 13.77 -66.29
C ILE B 1217 -76.88 14.45 -67.03
N ASP B 1218 -77.41 15.55 -66.47
CA ASP B 1218 -78.51 16.27 -67.09
C ASP B 1218 -78.07 16.82 -68.45
N GLU B 1219 -76.83 17.29 -68.54
CA GLU B 1219 -76.30 17.86 -69.77
C GLU B 1219 -76.19 16.78 -70.84
N ALA B 1220 -75.79 15.57 -70.43
CA ALA B 1220 -75.64 14.45 -71.34
C ALA B 1220 -76.98 14.10 -71.98
N PHE B 1221 -78.05 14.07 -71.17
CA PHE B 1221 -79.38 13.74 -71.67
C PHE B 1221 -80.13 15.02 -72.03
N GLU B 1222 -79.52 15.85 -72.89
CA GLU B 1222 -80.10 17.10 -73.34
C GLU B 1222 -80.48 17.96 -72.13
N PRO C 102 -49.02 -34.28 -9.52
CA PRO C 102 -49.29 -35.65 -9.06
C PRO C 102 -50.78 -35.95 -8.94
N GLU C 103 -51.13 -37.24 -9.06
CA GLU C 103 -52.52 -37.67 -9.03
C GLU C 103 -53.01 -37.67 -7.58
N PRO C 104 -54.04 -36.85 -7.22
CA PRO C 104 -54.59 -36.85 -5.87
C PRO C 104 -55.28 -38.16 -5.50
N GLY C 105 -55.67 -38.27 -4.24
CA GLY C 105 -56.33 -39.46 -3.71
C GLY C 105 -55.62 -40.02 -2.48
N GLN C 106 -56.16 -41.13 -1.96
CA GLN C 106 -55.63 -41.79 -0.78
C GLN C 106 -55.18 -43.19 -1.17
N THR C 107 -53.89 -43.48 -0.97
CA THR C 107 -53.31 -44.77 -1.30
C THR C 107 -52.72 -45.38 -0.02
N PRO C 108 -53.11 -46.61 0.37
CA PRO C 108 -52.51 -47.29 1.52
C PRO C 108 -51.01 -47.48 1.36
N ILE C 109 -50.28 -47.33 2.48
CA ILE C 109 -48.83 -47.49 2.49
C ILE C 109 -48.53 -48.97 2.69
N ARG C 110 -47.67 -49.52 1.82
CA ARG C 110 -47.36 -50.94 1.84
C ARG C 110 -45.91 -51.14 1.38
N GLY C 111 -45.35 -52.30 1.75
CA GLY C 111 -43.99 -52.66 1.38
C GLY C 111 -42.98 -52.13 2.39
N ILE C 112 -41.83 -51.68 1.88
CA ILE C 112 -40.75 -51.13 2.71
C ILE C 112 -41.23 -49.84 3.37
N PHE C 113 -42.07 -49.07 2.67
CA PHE C 113 -42.54 -47.78 3.15
C PHE C 113 -43.41 -47.95 4.39
N LYS C 114 -44.17 -49.05 4.44
CA LYS C 114 -45.04 -49.34 5.58
C LYS C 114 -44.20 -49.63 6.81
N SER C 115 -43.09 -50.37 6.63
CA SER C 115 -42.20 -50.71 7.72
C SER C 115 -41.50 -49.45 8.25
N ILE C 116 -41.16 -48.54 7.34
CA ILE C 116 -40.53 -47.28 7.72
C ILE C 116 -41.52 -46.45 8.55
N ALA C 117 -42.76 -46.38 8.09
CA ALA C 117 -43.80 -45.62 8.79
C ALA C 117 -44.02 -46.18 10.19
N LYS C 118 -44.02 -47.51 10.32
CA LYS C 118 -44.26 -48.17 11.59
C LYS C 118 -43.12 -47.87 12.56
N ASN C 119 -41.88 -47.92 12.06
CA ASN C 119 -40.70 -47.71 12.88
C ASN C 119 -40.67 -46.28 13.41
N MET C 120 -41.12 -45.33 12.59
CA MET C 120 -41.14 -43.92 12.97
C MET C 120 -42.17 -43.69 14.08
N ASP C 121 -43.28 -44.45 14.03
CA ASP C 121 -44.30 -44.37 15.07
C ASP C 121 -43.75 -44.91 16.39
N ILE C 122 -42.94 -45.97 16.31
CA ILE C 122 -42.34 -46.58 17.50
C ILE C 122 -41.32 -45.61 18.12
N SER C 123 -40.65 -44.82 17.26
CA SER C 123 -39.58 -43.94 17.71
C SER C 123 -40.10 -42.79 18.57
N LEU C 124 -41.43 -42.59 18.58
CA LEU C 124 -42.05 -41.52 19.37
C LEU C 124 -41.82 -41.74 20.87
N GLU C 125 -41.51 -42.98 21.28
CA GLU C 125 -41.38 -43.31 22.69
C GLU C 125 -39.96 -43.05 23.19
N ILE C 126 -39.09 -42.50 22.34
CA ILE C 126 -37.72 -42.22 22.72
C ILE C 126 -37.56 -40.72 22.96
N PRO C 127 -37.30 -40.27 24.21
CA PRO C 127 -37.00 -38.86 24.48
C PRO C 127 -35.57 -38.52 24.07
N THR C 128 -35.45 -37.78 22.96
CA THR C 128 -34.15 -37.49 22.36
C THR C 128 -33.78 -36.04 22.59
N ALA C 129 -32.47 -35.80 22.71
CA ALA C 129 -31.90 -34.46 22.69
C ALA C 129 -30.80 -34.43 21.63
N THR C 130 -30.46 -33.23 21.16
CA THR C 130 -29.50 -33.07 20.08
C THR C 130 -28.40 -32.10 20.50
N SER C 131 -27.15 -32.48 20.22
CA SER C 131 -26.01 -31.59 20.33
C SER C 131 -25.52 -31.24 18.92
N VAL C 132 -25.17 -29.97 18.70
CA VAL C 132 -24.72 -29.50 17.40
C VAL C 132 -23.34 -28.89 17.58
N ARG C 133 -22.39 -29.29 16.74
CA ARG C 133 -21.05 -28.73 16.77
C ARG C 133 -20.53 -28.53 15.35
N ASP C 134 -19.97 -27.35 15.10
CA ASP C 134 -19.34 -27.03 13.82
C ASP C 134 -17.83 -27.20 13.97
N MET C 135 -17.21 -27.83 12.97
CA MET C 135 -15.80 -28.21 13.03
C MET C 135 -15.11 -27.69 11.78
N PRO C 136 -13.83 -27.24 11.87
CA PRO C 136 -13.05 -26.89 10.67
C PRO C 136 -12.86 -28.12 9.78
N ALA C 137 -12.97 -27.91 8.46
CA ALA C 137 -12.91 -29.02 7.51
C ALA C 137 -11.74 -28.87 6.54
N ARG C 138 -10.90 -27.84 6.72
CA ARG C 138 -9.82 -27.55 5.78
C ARG C 138 -8.87 -28.74 5.69
N LEU C 139 -8.44 -29.25 6.85
CA LEU C 139 -7.44 -30.30 6.90
C LEU C 139 -7.98 -31.59 6.29
N MET C 140 -9.31 -31.79 6.40
CA MET C 140 -9.96 -32.96 5.84
C MET C 140 -9.92 -32.89 4.32
N PHE C 141 -10.10 -31.69 3.77
CA PHE C 141 -10.05 -31.49 2.32
C PHE C 141 -8.63 -31.75 1.80
N GLU C 142 -7.62 -31.24 2.52
CA GLU C 142 -6.24 -31.30 2.06
C GLU C 142 -5.72 -32.74 2.11
N ASN C 143 -5.95 -33.42 3.23
CA ASN C 143 -5.39 -34.74 3.46
C ASN C 143 -6.12 -35.80 2.64
N ARG C 144 -7.43 -35.60 2.38
CA ARG C 144 -8.18 -36.51 1.55
C ARG C 144 -7.65 -36.46 0.11
N ALA C 145 -7.28 -35.25 -0.33
CA ALA C 145 -6.74 -35.05 -1.67
C ALA C 145 -5.42 -35.82 -1.82
N MET C 146 -4.59 -35.81 -0.78
CA MET C 146 -3.32 -36.50 -0.80
C MET C 146 -3.53 -38.01 -0.90
N VAL C 147 -4.49 -38.53 -0.15
CA VAL C 147 -4.80 -39.95 -0.15
C VAL C 147 -5.30 -40.37 -1.54
N ASN C 148 -6.19 -39.56 -2.11
CA ASN C 148 -6.77 -39.84 -3.41
C ASN C 148 -5.71 -39.76 -4.51
N ASP C 149 -4.71 -38.88 -4.32
CA ASP C 149 -3.60 -38.77 -5.25
C ASP C 149 -2.77 -40.06 -5.24
N GLN C 150 -2.57 -40.63 -4.04
CA GLN C 150 -1.81 -41.87 -3.90
C GLN C 150 -2.58 -43.01 -4.56
N LEU C 151 -3.91 -43.03 -4.37
CA LEU C 151 -4.75 -44.08 -4.93
C LEU C 151 -4.79 -43.97 -6.46
N LYS C 152 -4.69 -42.75 -6.97
CA LYS C 152 -4.74 -42.52 -8.42
C LYS C 152 -3.51 -43.12 -9.09
N ARG C 153 -2.32 -42.87 -8.52
CA ARG C 153 -1.09 -43.42 -9.07
C ARG C 153 -1.07 -44.94 -8.92
N THR C 154 -1.63 -45.43 -7.81
CA THR C 154 -1.74 -46.86 -7.56
C THR C 154 -2.82 -47.49 -8.43
N ARG C 155 -3.74 -46.64 -8.94
CA ARG C 155 -4.88 -47.08 -9.74
C ARG C 155 -5.81 -47.91 -8.87
N GLY C 156 -6.00 -47.47 -7.62
CA GLY C 156 -6.91 -48.10 -6.68
C GLY C 156 -8.30 -47.49 -6.77
N GLY C 157 -8.87 -47.15 -5.60
CA GLY C 157 -10.21 -46.59 -5.52
C GLY C 157 -10.17 -45.09 -5.22
N LYS C 158 -11.12 -44.64 -4.38
CA LYS C 158 -11.22 -43.24 -3.99
C LYS C 158 -12.03 -43.13 -2.71
N ILE C 159 -11.42 -42.57 -1.66
CA ILE C 159 -12.10 -42.40 -0.38
C ILE C 159 -12.97 -41.15 -0.44
N SER C 160 -13.99 -41.11 0.43
CA SER C 160 -14.92 -40.00 0.53
C SER C 160 -14.82 -39.40 1.93
N PHE C 161 -15.55 -38.30 2.15
CA PHE C 161 -15.59 -37.64 3.44
C PHE C 161 -16.29 -38.52 4.48
N THR C 162 -17.27 -39.31 4.02
CA THR C 162 -18.03 -40.16 4.92
C THR C 162 -17.15 -41.29 5.47
N HIS C 163 -16.18 -41.76 4.68
CA HIS C 163 -15.23 -42.75 5.13
C HIS C 163 -14.41 -42.21 6.30
N ILE C 164 -13.92 -40.97 6.15
CA ILE C 164 -13.05 -40.36 7.14
C ILE C 164 -13.86 -40.05 8.40
N ILE C 165 -15.02 -39.41 8.22
CA ILE C 165 -15.87 -39.03 9.33
C ILE C 165 -16.41 -40.28 10.01
N GLY C 166 -16.79 -41.28 9.19
CA GLY C 166 -17.25 -42.56 9.70
C GLY C 166 -16.22 -43.24 10.60
N TYR C 167 -14.96 -43.21 10.18
CA TYR C 167 -13.88 -43.85 10.92
C TYR C 167 -13.58 -43.04 12.18
N ALA C 168 -13.56 -41.71 12.06
CA ALA C 168 -13.33 -40.83 13.20
C ALA C 168 -14.44 -41.02 14.24
N MET C 169 -15.66 -41.26 13.76
CA MET C 169 -16.80 -41.47 14.64
C MET C 169 -16.62 -42.77 15.43
N VAL C 170 -16.11 -43.82 14.77
CA VAL C 170 -15.87 -45.09 15.43
C VAL C 170 -14.83 -44.92 16.53
N LYS C 171 -13.78 -44.15 16.25
CA LYS C 171 -12.72 -43.89 17.22
C LYS C 171 -13.29 -43.13 18.42
N ALA C 172 -14.21 -42.19 18.15
CA ALA C 172 -14.78 -41.35 19.20
C ALA C 172 -15.72 -42.15 20.09
N VAL C 173 -16.42 -43.14 19.51
CA VAL C 173 -17.31 -44.00 20.27
C VAL C 173 -16.48 -44.88 21.22
N MET C 174 -15.28 -45.30 20.76
CA MET C 174 -14.39 -46.10 21.58
C MET C 174 -13.89 -45.27 22.76
N ALA C 175 -13.64 -43.98 22.53
CA ALA C 175 -13.17 -43.07 23.57
C ALA C 175 -14.30 -42.74 24.55
N HIS C 176 -15.56 -42.81 24.07
CA HIS C 176 -16.73 -42.51 24.88
C HIS C 176 -17.74 -43.64 24.71
N PRO C 177 -17.53 -44.81 25.37
CA PRO C 177 -18.38 -45.99 25.16
C PRO C 177 -19.85 -45.82 25.51
N ASP C 178 -20.17 -44.82 26.33
CA ASP C 178 -21.54 -44.55 26.76
C ASP C 178 -22.44 -44.25 25.55
N MET C 179 -21.85 -43.71 24.47
CA MET C 179 -22.61 -43.32 23.29
C MET C 179 -23.13 -44.56 22.56
N ASN C 180 -22.59 -45.75 22.87
CA ASN C 180 -22.95 -46.97 22.18
C ASN C 180 -24.08 -47.71 22.92
N ASN C 181 -24.39 -47.27 24.15
CA ASN C 181 -25.38 -47.94 24.98
C ASN C 181 -26.78 -47.58 24.50
N SER C 182 -27.75 -48.47 24.80
CA SER C 182 -29.14 -48.26 24.43
C SER C 182 -30.04 -48.55 25.63
N TYR C 183 -31.34 -48.27 25.47
CA TYR C 183 -32.33 -48.44 26.52
C TYR C 183 -33.33 -49.50 26.12
N ASP C 184 -33.84 -50.24 27.11
CA ASP C 184 -34.89 -51.23 26.89
C ASP C 184 -35.57 -51.53 28.22
N VAL C 185 -36.80 -52.05 28.14
CA VAL C 185 -37.55 -52.48 29.31
C VAL C 185 -37.62 -54.00 29.30
N ILE C 186 -36.79 -54.64 30.14
CA ILE C 186 -36.74 -56.09 30.26
C ILE C 186 -37.42 -56.48 31.56
N ASP C 187 -38.41 -57.36 31.46
CA ASP C 187 -39.13 -57.94 32.60
C ASP C 187 -39.85 -56.82 33.38
N GLY C 188 -40.11 -55.69 32.71
CA GLY C 188 -40.83 -54.57 33.30
C GLY C 188 -39.93 -53.67 34.13
N LYS C 189 -38.62 -53.72 33.89
CA LYS C 189 -37.66 -52.85 34.56
C LYS C 189 -36.81 -52.12 33.52
N PRO C 190 -36.53 -50.81 33.70
CA PRO C 190 -35.57 -50.10 32.86
C PRO C 190 -34.18 -50.71 32.93
N THR C 191 -33.62 -51.05 31.76
CA THR C 191 -32.32 -51.71 31.68
C THR C 191 -31.41 -50.95 30.72
N LEU C 192 -30.14 -50.83 31.10
CA LEU C 192 -29.12 -50.26 30.25
C LEU C 192 -28.42 -51.39 29.48
N ILE C 193 -28.62 -51.42 28.15
CA ILE C 193 -28.02 -52.42 27.30
C ILE C 193 -26.65 -51.92 26.85
N VAL C 194 -25.61 -52.71 27.12
CA VAL C 194 -24.26 -52.44 26.67
C VAL C 194 -23.91 -53.44 25.57
N PRO C 195 -23.89 -53.04 24.28
CA PRO C 195 -23.57 -53.96 23.19
C PRO C 195 -22.13 -54.46 23.26
N GLU C 196 -21.88 -55.61 22.61
CA GLU C 196 -20.58 -56.26 22.66
C GLU C 196 -19.66 -55.70 21.58
N HIS C 197 -20.24 -55.17 20.50
CA HIS C 197 -19.47 -54.57 19.43
C HIS C 197 -20.08 -53.21 19.05
N ILE C 198 -19.33 -52.44 18.25
CA ILE C 198 -19.81 -51.20 17.68
C ILE C 198 -20.19 -51.47 16.23
N ASN C 199 -21.49 -51.67 16.00
CA ASN C 199 -22.01 -51.92 14.66
C ASN C 199 -22.51 -50.60 14.08
N LEU C 200 -21.77 -50.07 13.10
CA LEU C 200 -22.07 -48.77 12.51
C LEU C 200 -23.10 -48.92 11.40
N GLY C 201 -24.26 -48.28 11.58
CA GLY C 201 -25.31 -48.27 10.57
C GLY C 201 -25.16 -47.10 9.61
N LEU C 202 -25.10 -47.41 8.30
CA LEU C 202 -25.04 -46.39 7.27
C LEU C 202 -26.44 -46.16 6.70
N ALA C 203 -26.88 -44.90 6.70
CA ALA C 203 -28.11 -44.52 6.02
C ALA C 203 -27.82 -44.39 4.53
N ILE C 204 -28.28 -45.38 3.75
CA ILE C 204 -28.03 -45.41 2.32
C ILE C 204 -29.33 -45.10 1.58
N ASP C 205 -29.32 -44.02 0.81
CA ASP C 205 -30.45 -43.64 -0.03
C ASP C 205 -30.42 -44.50 -1.29
N LEU C 206 -31.53 -45.20 -1.56
CA LEU C 206 -31.63 -46.12 -2.68
C LEU C 206 -32.76 -45.70 -3.61
N PRO C 207 -32.47 -44.89 -4.67
CA PRO C 207 -33.44 -44.66 -5.73
C PRO C 207 -33.70 -45.94 -6.52
N GLN C 208 -34.88 -46.53 -6.32
CA GLN C 208 -35.22 -47.80 -6.92
C GLN C 208 -35.57 -47.59 -8.40
N LYS C 209 -35.58 -48.70 -9.16
CA LYS C 209 -35.85 -48.68 -10.57
C LYS C 209 -37.33 -48.41 -10.84
N ASP C 210 -38.18 -48.69 -9.85
CA ASP C 210 -39.61 -48.46 -9.95
C ASP C 210 -39.88 -46.96 -10.12
N GLY C 211 -39.11 -46.14 -9.40
CA GLY C 211 -39.25 -44.69 -9.45
C GLY C 211 -39.11 -44.05 -8.07
N SER C 212 -39.71 -44.71 -7.07
CA SER C 212 -39.64 -44.26 -5.68
C SER C 212 -38.25 -44.52 -5.12
N ARG C 213 -37.88 -43.73 -4.09
CA ARG C 213 -36.61 -43.88 -3.41
C ARG C 213 -36.87 -44.26 -1.95
N ALA C 214 -36.01 -45.13 -1.41
CA ALA C 214 -36.14 -45.60 -0.04
C ALA C 214 -34.79 -45.52 0.66
N LEU C 215 -34.82 -45.34 1.98
CA LEU C 215 -33.61 -45.29 2.79
C LEU C 215 -33.53 -46.57 3.63
N VAL C 216 -32.35 -47.17 3.67
CA VAL C 216 -32.10 -48.35 4.47
C VAL C 216 -30.87 -48.09 5.34
N VAL C 217 -30.80 -48.77 6.49
CA VAL C 217 -29.67 -48.67 7.39
C VAL C 217 -28.97 -50.02 7.46
N ALA C 218 -27.89 -50.16 6.68
CA ALA C 218 -27.09 -51.37 6.66
C ALA C 218 -25.94 -51.23 7.65
N ALA C 219 -25.62 -52.32 8.34
CA ALA C 219 -24.68 -52.31 9.45
C ALA C 219 -23.29 -52.75 8.99
N ILE C 220 -22.28 -52.00 9.41
CA ILE C 220 -20.89 -52.45 9.39
C ILE C 220 -20.57 -52.96 10.79
N LYS C 221 -20.36 -54.28 10.92
CA LYS C 221 -20.30 -54.93 12.22
C LYS C 221 -18.84 -55.05 12.68
N GLU C 222 -18.66 -54.92 14.00
CA GLU C 222 -17.37 -55.11 14.66
C GLU C 222 -16.36 -54.10 14.13
N THR C 223 -16.71 -52.81 14.20
CA THR C 223 -15.86 -51.74 13.70
C THR C 223 -14.77 -51.39 14.71
N GLU C 224 -14.94 -51.83 15.97
CA GLU C 224 -14.01 -51.50 17.03
C GLU C 224 -12.69 -52.27 16.88
N LYS C 225 -12.67 -53.30 16.02
CA LYS C 225 -11.49 -54.10 15.79
C LYS C 225 -11.03 -53.98 14.33
N MET C 226 -11.14 -52.78 13.77
CA MET C 226 -10.71 -52.53 12.41
C MET C 226 -9.75 -51.34 12.39
N ASN C 227 -8.85 -51.34 11.40
CA ASN C 227 -8.09 -50.16 11.04
C ASN C 227 -8.82 -49.48 9.89
N PHE C 228 -8.25 -48.40 9.34
CA PHE C 228 -8.91 -47.65 8.29
C PHE C 228 -9.06 -48.49 7.03
N SER C 229 -8.02 -49.29 6.70
CA SER C 229 -8.06 -50.15 5.53
C SER C 229 -9.21 -51.15 5.63
N GLU C 230 -9.32 -51.81 6.79
CA GLU C 230 -10.37 -52.78 7.03
C GLU C 230 -11.74 -52.09 7.01
N PHE C 231 -11.82 -50.91 7.63
CA PHE C 231 -13.06 -50.15 7.71
C PHE C 231 -13.53 -49.75 6.31
N LEU C 232 -12.60 -49.29 5.48
CA LEU C 232 -12.92 -48.85 4.13
C LEU C 232 -13.44 -50.02 3.30
N ALA C 233 -12.80 -51.19 3.45
CA ALA C 233 -13.20 -52.38 2.72
C ALA C 233 -14.62 -52.80 3.13
N ALA C 234 -14.88 -52.81 4.44
CA ALA C 234 -16.17 -53.19 4.98
C ALA C 234 -17.24 -52.19 4.54
N TYR C 235 -16.88 -50.90 4.52
CA TYR C 235 -17.78 -49.84 4.11
C TYR C 235 -18.18 -50.05 2.65
N GLU C 236 -17.18 -50.26 1.79
CA GLU C 236 -17.41 -50.37 0.35
C GLU C 236 -18.19 -51.64 0.04
N ASP C 237 -17.98 -52.71 0.81
CA ASP C 237 -18.68 -53.96 0.61
C ASP C 237 -20.18 -53.75 0.80
N ILE C 238 -20.55 -53.06 1.89
CA ILE C 238 -21.94 -52.81 2.22
C ILE C 238 -22.57 -51.94 1.11
N VAL C 239 -21.86 -50.89 0.70
CA VAL C 239 -22.39 -49.94 -0.28
C VAL C 239 -22.54 -50.64 -1.63
N ALA C 240 -21.54 -51.43 -2.02
CA ALA C 240 -21.55 -52.11 -3.31
C ALA C 240 -22.75 -53.06 -3.40
N ARG C 241 -22.97 -53.85 -2.35
CA ARG C 241 -24.03 -54.85 -2.31
C ARG C 241 -25.40 -54.17 -2.28
N SER C 242 -25.48 -53.00 -1.65
CA SER C 242 -26.74 -52.28 -1.51
C SER C 242 -27.24 -51.79 -2.87
N ARG C 243 -26.32 -51.35 -3.74
CA ARG C 243 -26.66 -50.83 -5.06
C ARG C 243 -27.20 -51.96 -5.93
N LYS C 244 -26.52 -53.11 -5.93
CA LYS C 244 -26.95 -54.25 -6.71
C LYS C 244 -28.11 -54.96 -6.03
N GLY C 245 -28.24 -54.77 -4.71
CA GLY C 245 -29.39 -55.24 -3.95
C GLY C 245 -29.23 -56.69 -3.49
N LYS C 246 -28.04 -57.03 -2.98
CA LYS C 246 -27.77 -58.37 -2.47
C LYS C 246 -27.55 -58.29 -0.96
N LEU C 247 -28.35 -57.46 -0.28
CA LEU C 247 -28.27 -57.34 1.17
C LEU C 247 -29.16 -58.39 1.83
N THR C 248 -28.58 -59.12 2.79
CA THR C 248 -29.29 -60.14 3.53
C THR C 248 -29.98 -59.49 4.73
N MET C 249 -30.74 -60.29 5.49
CA MET C 249 -31.47 -59.80 6.65
C MET C 249 -30.49 -59.47 7.78
N ASP C 250 -29.37 -60.20 7.82
CA ASP C 250 -28.37 -60.03 8.88
C ASP C 250 -27.73 -58.65 8.80
N ASP C 251 -27.68 -58.07 7.59
CA ASP C 251 -27.08 -56.77 7.38
C ASP C 251 -27.88 -55.67 8.09
N TYR C 252 -29.20 -55.88 8.22
CA TYR C 252 -30.08 -54.86 8.79
C TYR C 252 -30.17 -54.98 10.31
N GLN C 253 -29.67 -56.08 10.87
CA GLN C 253 -29.83 -56.36 12.29
C GLN C 253 -28.56 -55.96 13.05
N GLY C 254 -28.74 -55.60 14.33
CA GLY C 254 -27.64 -55.47 15.27
C GLY C 254 -27.00 -54.09 15.25
N VAL C 255 -27.66 -53.09 14.65
CA VAL C 255 -27.13 -51.73 14.59
C VAL C 255 -27.12 -51.15 16.01
N THR C 256 -25.96 -50.63 16.43
CA THR C 256 -25.80 -50.05 17.74
C THR C 256 -25.71 -48.52 17.65
N VAL C 257 -25.19 -48.01 16.52
CA VAL C 257 -25.06 -46.58 16.32
C VAL C 257 -25.15 -46.29 14.82
N SER C 258 -25.75 -45.15 14.46
CA SER C 258 -26.07 -44.85 13.07
C SER C 258 -25.34 -43.58 12.62
N LEU C 259 -25.07 -43.52 11.32
CA LEU C 259 -24.47 -42.35 10.68
C LEU C 259 -25.28 -41.99 9.45
N THR C 260 -25.69 -40.72 9.36
CA THR C 260 -26.44 -40.21 8.22
C THR C 260 -25.72 -38.99 7.67
N ASN C 261 -25.81 -38.79 6.34
CA ASN C 261 -25.07 -37.75 5.66
C ASN C 261 -26.01 -36.95 4.76
N PRO C 262 -26.86 -36.07 5.33
CA PRO C 262 -27.67 -35.16 4.52
C PRO C 262 -26.87 -34.00 3.90
N GLY C 263 -25.60 -33.88 4.29
CA GLY C 263 -24.73 -32.82 3.81
C GLY C 263 -24.37 -32.94 2.33
N GLY C 264 -24.51 -34.15 1.76
CA GLY C 264 -24.28 -34.35 0.34
C GLY C 264 -25.20 -33.50 -0.54
N ILE C 265 -26.46 -33.36 -0.12
CA ILE C 265 -27.44 -32.57 -0.84
C ILE C 265 -27.15 -31.08 -0.62
N GLY C 266 -26.55 -30.74 0.52
CA GLY C 266 -26.18 -29.37 0.83
C GLY C 266 -26.89 -28.83 2.08
N THR C 267 -27.60 -29.70 2.79
CA THR C 267 -28.20 -29.35 4.07
C THR C 267 -27.09 -29.01 5.06
N ARG C 268 -27.24 -27.87 5.75
CA ARG C 268 -26.23 -27.39 6.66
C ARG C 268 -26.14 -28.34 7.86
N HIS C 269 -27.28 -28.62 8.49
CA HIS C 269 -27.37 -29.64 9.52
C HIS C 269 -28.81 -30.11 9.61
N SER C 270 -29.04 -31.16 10.39
CA SER C 270 -30.37 -31.71 10.53
C SER C 270 -30.58 -32.24 11.95
N VAL C 271 -31.85 -32.44 12.29
CA VAL C 271 -32.24 -33.06 13.55
C VAL C 271 -32.98 -34.35 13.20
N PRO C 272 -32.26 -35.48 12.99
CA PRO C 272 -32.90 -36.73 12.58
C PRO C 272 -33.61 -37.44 13.72
N ARG C 273 -34.35 -38.50 13.38
CA ARG C 273 -35.04 -39.32 14.36
C ARG C 273 -34.14 -40.47 14.77
N LEU C 274 -34.25 -40.89 16.04
CA LEU C 274 -33.50 -42.01 16.56
C LEU C 274 -34.40 -43.25 16.53
N THR C 275 -33.88 -44.34 15.97
CA THR C 275 -34.61 -45.61 15.89
C THR C 275 -34.47 -46.34 17.22
N LYS C 276 -35.50 -47.13 17.57
CA LYS C 276 -35.49 -47.91 18.79
C LYS C 276 -34.37 -48.95 18.73
N GLY C 277 -33.74 -49.19 19.89
CA GLY C 277 -32.67 -50.16 20.01
C GLY C 277 -31.29 -49.56 19.75
N GLN C 278 -31.23 -48.22 19.63
CA GLN C 278 -29.97 -47.53 19.41
C GLN C 278 -29.84 -46.41 20.44
N GLY C 279 -28.59 -46.00 20.68
CA GLY C 279 -28.30 -44.95 21.65
C GLY C 279 -28.28 -43.56 21.02
N THR C 280 -27.63 -43.46 19.84
CA THR C 280 -27.44 -42.17 19.20
C THR C 280 -27.36 -42.35 17.68
N ILE C 281 -27.65 -41.25 16.97
CA ILE C 281 -27.44 -41.16 15.54
C ILE C 281 -26.65 -39.88 15.27
N ILE C 282 -25.68 -39.97 14.36
CA ILE C 282 -24.80 -38.86 14.03
C ILE C 282 -25.15 -38.37 12.62
N GLY C 283 -25.40 -37.06 12.51
CA GLY C 283 -25.71 -36.43 11.24
C GLY C 283 -24.54 -35.56 10.76
N VAL C 284 -24.18 -35.72 9.48
CA VAL C 284 -23.08 -34.96 8.89
C VAL C 284 -23.67 -33.93 7.94
N GLY C 285 -23.37 -32.65 8.21
CA GLY C 285 -23.89 -31.56 7.41
C GLY C 285 -22.99 -31.24 6.22
N SER C 286 -23.38 -30.21 5.47
CA SER C 286 -22.66 -29.80 4.27
C SER C 286 -21.26 -29.30 4.63
N MET C 287 -20.27 -29.74 3.85
CA MET C 287 -18.90 -29.30 4.01
C MET C 287 -18.64 -28.20 2.99
N ASP C 288 -18.94 -26.96 3.37
CA ASP C 288 -18.94 -25.84 2.45
C ASP C 288 -18.70 -24.56 3.25
N TYR C 289 -18.41 -23.47 2.53
CA TYR C 289 -18.32 -22.15 3.14
C TYR C 289 -19.70 -21.78 3.70
N PRO C 290 -19.75 -20.98 4.79
CA PRO C 290 -21.02 -20.40 5.24
C PRO C 290 -21.64 -19.54 4.15
N ALA C 291 -22.98 -19.42 4.19
CA ALA C 291 -23.74 -18.73 3.16
C ALA C 291 -23.27 -17.28 2.98
N GLU C 292 -22.78 -16.65 4.05
CA GLU C 292 -22.34 -15.26 3.99
C GLU C 292 -21.06 -15.09 3.18
N PHE C 293 -20.39 -16.21 2.82
CA PHE C 293 -19.14 -16.15 2.09
C PHE C 293 -19.28 -16.74 0.68
N GLN C 294 -20.49 -17.12 0.28
CA GLN C 294 -20.68 -17.86 -0.96
C GLN C 294 -20.58 -16.94 -2.18
N GLY C 295 -20.58 -15.62 -1.95
CA GLY C 295 -20.42 -14.66 -3.02
C GLY C 295 -19.02 -14.04 -3.07
N ALA C 296 -18.20 -14.30 -2.05
CA ALA C 296 -16.87 -13.70 -1.94
C ALA C 296 -15.92 -14.37 -2.93
N SER C 297 -14.94 -13.59 -3.41
CA SER C 297 -13.93 -14.10 -4.33
C SER C 297 -12.96 -15.00 -3.57
N GLU C 298 -12.30 -15.91 -4.32
CA GLU C 298 -11.35 -16.84 -3.74
C GLU C 298 -10.13 -16.08 -3.22
N ASP C 299 -9.79 -14.96 -3.86
CA ASP C 299 -8.64 -14.15 -3.47
C ASP C 299 -8.86 -13.60 -2.06
N ARG C 300 -10.05 -13.04 -1.81
CA ARG C 300 -10.36 -12.41 -0.54
C ARG C 300 -10.47 -13.46 0.56
N LEU C 301 -11.04 -14.63 0.22
CA LEU C 301 -11.19 -15.72 1.18
C LEU C 301 -9.81 -16.28 1.55
N ALA C 302 -8.95 -16.44 0.54
CA ALA C 302 -7.60 -16.94 0.75
C ALA C 302 -6.78 -15.95 1.58
N GLU C 303 -6.95 -14.66 1.30
CA GLU C 303 -6.23 -13.61 2.02
C GLU C 303 -6.60 -13.63 3.50
N LEU C 304 -7.89 -13.73 3.80
CA LEU C 304 -8.37 -13.69 5.17
C LEU C 304 -8.05 -15.00 5.89
N GLY C 305 -8.07 -16.11 5.14
CA GLY C 305 -7.82 -17.42 5.70
C GLY C 305 -9.10 -18.07 6.22
N VAL C 306 -10.19 -17.93 5.45
CA VAL C 306 -11.46 -18.55 5.77
C VAL C 306 -11.42 -20.00 5.29
N GLY C 307 -11.73 -20.93 6.21
CA GLY C 307 -11.80 -22.34 5.88
C GLY C 307 -13.24 -22.83 5.79
N LYS C 308 -13.44 -23.95 5.11
CA LYS C 308 -14.73 -24.61 5.08
C LYS C 308 -14.96 -25.29 6.42
N LEU C 309 -16.23 -25.49 6.76
CA LEU C 309 -16.60 -26.13 8.01
C LEU C 309 -17.57 -27.27 7.72
N VAL C 310 -17.67 -28.18 8.69
CA VAL C 310 -18.68 -29.24 8.67
C VAL C 310 -19.41 -29.17 10.01
N THR C 311 -20.74 -29.31 9.95
CA THR C 311 -21.56 -29.32 11.15
C THR C 311 -21.98 -30.75 11.42
N ILE C 312 -21.68 -31.23 12.63
CA ILE C 312 -22.03 -32.58 13.04
C ILE C 312 -23.03 -32.50 14.19
N THR C 313 -24.10 -33.29 14.08
CA THR C 313 -25.12 -33.34 15.10
C THR C 313 -25.09 -34.70 15.78
N SER C 314 -25.46 -34.73 17.07
CA SER C 314 -25.58 -35.96 17.82
C SER C 314 -26.96 -35.99 18.47
N THR C 315 -27.83 -36.87 17.96
CA THR C 315 -29.16 -37.08 18.52
C THR C 315 -29.14 -38.39 19.31
N TYR C 316 -29.42 -38.31 20.61
CA TYR C 316 -29.20 -39.44 21.51
C TYR C 316 -30.41 -39.64 22.40
N ASP C 317 -30.54 -40.87 22.92
CA ASP C 317 -31.56 -41.21 23.89
C ASP C 317 -31.14 -40.66 25.25
N HIS C 318 -31.96 -39.75 25.79
CA HIS C 318 -31.57 -38.97 26.97
C HIS C 318 -31.74 -39.79 28.26
N ARG C 319 -32.40 -40.95 28.16
CA ARG C 319 -32.60 -41.81 29.32
C ARG C 319 -31.31 -42.49 29.73
N VAL C 320 -30.40 -42.73 28.76
CA VAL C 320 -29.19 -43.50 29.02
C VAL C 320 -27.94 -42.69 28.71
N ILE C 321 -28.06 -41.63 27.90
CA ILE C 321 -26.91 -40.81 27.52
C ILE C 321 -27.14 -39.39 28.03
N GLN C 322 -26.14 -38.85 28.73
CA GLN C 322 -26.21 -37.49 29.26
C GLN C 322 -25.73 -36.51 28.20
N GLY C 323 -26.11 -35.24 28.37
CA GLY C 323 -25.75 -34.18 27.44
C GLY C 323 -24.26 -33.90 27.43
N ALA C 324 -23.61 -34.04 28.60
CA ALA C 324 -22.18 -33.81 28.72
C ALA C 324 -21.40 -34.86 27.94
N VAL C 325 -21.89 -36.11 27.96
CA VAL C 325 -21.23 -37.21 27.27
C VAL C 325 -21.32 -36.99 25.76
N SER C 326 -22.50 -36.57 25.29
CA SER C 326 -22.71 -36.31 23.88
C SER C 326 -21.83 -35.14 23.43
N GLY C 327 -21.72 -34.11 24.27
CA GLY C 327 -20.86 -32.96 23.99
C GLY C 327 -19.39 -33.35 23.88
N GLU C 328 -18.92 -34.19 24.82
CA GLU C 328 -17.54 -34.64 24.85
C GLU C 328 -17.26 -35.54 23.64
N PHE C 329 -18.25 -36.33 23.24
CA PHE C 329 -18.14 -37.16 22.06
C PHE C 329 -17.87 -36.31 20.82
N LEU C 330 -18.63 -35.22 20.65
CA LEU C 330 -18.46 -34.35 19.49
C LEU C 330 -17.12 -33.62 19.57
N ARG C 331 -16.69 -33.27 20.78
CA ARG C 331 -15.40 -32.61 20.97
C ARG C 331 -14.27 -33.55 20.54
N THR C 332 -14.38 -34.83 20.87
CA THR C 332 -13.37 -35.82 20.50
C THR C 332 -13.31 -35.94 18.98
N MET C 333 -14.47 -35.99 18.32
CA MET C 333 -14.54 -36.07 16.88
C MET C 333 -13.85 -34.86 16.25
N SER C 334 -14.08 -33.67 16.80
CA SER C 334 -13.49 -32.45 16.28
C SER C 334 -11.97 -32.50 16.41
N ARG C 335 -11.48 -33.01 17.54
CA ARG C 335 -10.05 -33.10 17.80
C ARG C 335 -9.41 -34.09 16.83
N LEU C 336 -10.06 -35.24 16.62
CA LEU C 336 -9.53 -36.29 15.77
C LEU C 336 -9.33 -35.78 14.33
N LEU C 337 -10.28 -35.00 13.82
CA LEU C 337 -10.26 -34.57 12.43
C LEU C 337 -9.13 -33.57 12.17
N THR C 338 -8.52 -33.03 13.24
CA THR C 338 -7.39 -32.13 13.09
C THR C 338 -6.17 -32.65 13.86
N ASP C 339 -6.16 -33.95 14.17
CA ASP C 339 -5.09 -34.54 14.97
C ASP C 339 -4.04 -35.13 14.04
N ASP C 340 -2.76 -34.96 14.42
CA ASP C 340 -1.64 -35.49 13.67
C ASP C 340 -1.69 -37.02 13.67
N SER C 341 -1.94 -37.60 14.86
CA SER C 341 -1.92 -39.04 15.04
C SER C 341 -3.03 -39.69 14.21
N PHE C 342 -4.20 -39.06 14.15
CA PHE C 342 -5.34 -39.59 13.43
C PHE C 342 -5.01 -39.72 11.94
N TRP C 343 -4.40 -38.67 11.39
CA TRP C 343 -4.09 -38.61 9.96
C TRP C 343 -2.88 -39.49 9.62
N ASP C 344 -1.94 -39.63 10.56
CA ASP C 344 -0.82 -40.52 10.41
C ASP C 344 -1.32 -41.96 10.26
N GLU C 345 -2.32 -42.33 11.07
CA GLU C 345 -2.88 -43.68 11.06
C GLU C 345 -3.50 -43.97 9.70
N ILE C 346 -4.24 -42.99 9.14
CA ILE C 346 -4.92 -43.16 7.87
C ILE C 346 -3.88 -43.27 6.75
N PHE C 347 -2.84 -42.42 6.80
CA PHE C 347 -1.83 -42.40 5.76
C PHE C 347 -1.07 -43.72 5.72
N ASP C 348 -0.76 -44.26 6.91
CA ASP C 348 -0.04 -45.53 7.02
C ASP C 348 -0.91 -46.66 6.44
N ALA C 349 -2.21 -46.61 6.71
CA ALA C 349 -3.13 -47.64 6.24
C ALA C 349 -3.28 -47.59 4.72
N MET C 350 -3.19 -46.39 4.14
CA MET C 350 -3.39 -46.21 2.71
C MET C 350 -2.05 -46.14 1.97
N ASN C 351 -0.94 -46.20 2.73
CA ASN C 351 0.40 -46.24 2.16
C ASN C 351 0.67 -44.96 1.37
N VAL C 352 0.55 -43.81 2.05
CA VAL C 352 0.90 -42.52 1.49
C VAL C 352 2.27 -42.15 2.04
N PRO C 353 3.28 -41.88 1.18
CA PRO C 353 4.66 -41.67 1.63
C PRO C 353 4.94 -40.33 2.31
N TYR C 354 4.13 -39.31 1.99
CA TYR C 354 4.34 -37.95 2.45
C TYR C 354 3.83 -37.78 3.88
N THR C 355 4.36 -36.77 4.58
CA THR C 355 3.83 -36.37 5.87
C THR C 355 2.51 -35.65 5.66
N PRO C 356 1.43 -35.99 6.41
CA PRO C 356 0.16 -35.28 6.28
C PRO C 356 0.29 -33.80 6.63
N MET C 357 -0.56 -32.98 6.00
CA MET C 357 -0.67 -31.57 6.35
C MET C 357 -1.06 -31.46 7.82
N ARG C 358 -0.41 -30.52 8.51
CA ARG C 358 -0.62 -30.34 9.94
C ARG C 358 -1.54 -29.15 10.16
N TRP C 359 -2.49 -29.30 11.08
CA TRP C 359 -3.35 -28.20 11.48
C TRP C 359 -2.51 -27.16 12.20
N ALA C 360 -2.60 -25.92 11.71
CA ALA C 360 -1.98 -24.78 12.35
C ALA C 360 -2.77 -23.52 12.01
N GLN C 361 -2.58 -22.47 12.82
CA GLN C 361 -3.16 -21.17 12.55
C GLN C 361 -2.36 -20.47 11.47
N ASP C 362 -3.03 -19.63 10.69
CA ASP C 362 -2.39 -18.84 9.66
C ASP C 362 -1.36 -17.92 10.32
N VAL C 363 -0.24 -17.70 9.62
CA VAL C 363 0.84 -16.87 10.13
C VAL C 363 0.83 -15.57 9.34
N PRO C 364 1.08 -14.41 9.98
CA PRO C 364 1.18 -13.14 9.26
C PRO C 364 2.39 -13.09 8.34
N ASN C 365 2.29 -12.30 7.27
CA ASN C 365 3.38 -12.15 6.32
C ASN C 365 4.35 -11.09 6.86
N THR C 366 4.85 -11.34 8.07
CA THR C 366 5.75 -10.43 8.76
C THR C 366 7.10 -11.12 8.90
N GLY C 367 8.15 -10.31 9.12
CA GLY C 367 9.51 -10.81 9.11
C GLY C 367 9.91 -11.26 7.71
N VAL C 368 10.45 -12.49 7.62
CA VAL C 368 10.81 -13.08 6.33
C VAL C 368 9.54 -13.21 5.48
N ASP C 369 9.61 -12.70 4.25
CA ASP C 369 8.46 -12.71 3.34
C ASP C 369 8.15 -14.14 2.94
N LYS C 370 6.87 -14.41 2.66
CA LYS C 370 6.44 -15.74 2.31
C LYS C 370 6.99 -16.13 0.94
N ASN C 371 7.21 -15.15 0.05
CA ASN C 371 7.87 -15.41 -1.21
C ASN C 371 9.25 -15.99 -0.97
N THR C 372 9.94 -15.47 0.05
CA THR C 372 11.25 -15.99 0.43
C THR C 372 11.13 -17.44 0.87
N ARG C 373 10.11 -17.71 1.68
CA ARG C 373 9.94 -19.02 2.28
C ARG C 373 9.68 -20.04 1.18
N VAL C 374 8.91 -19.63 0.17
CA VAL C 374 8.50 -20.54 -0.89
C VAL C 374 9.73 -20.96 -1.69
N MET C 375 10.61 -20.00 -1.95
CA MET C 375 11.78 -20.26 -2.77
C MET C 375 12.84 -21.02 -1.97
N GLN C 376 12.78 -20.93 -0.63
CA GLN C 376 13.58 -21.77 0.25
C GLN C 376 13.06 -23.21 0.20
N LEU C 377 11.73 -23.36 0.13
CA LEU C 377 11.13 -24.68 0.02
C LEU C 377 11.55 -25.33 -1.31
N ILE C 378 11.58 -24.54 -2.39
CA ILE C 378 11.97 -25.06 -3.70
C ILE C 378 13.41 -25.58 -3.63
N GLU C 379 14.31 -24.82 -3.01
CA GLU C 379 15.70 -25.23 -2.92
C GLU C 379 15.83 -26.44 -2.00
N ALA C 380 14.98 -26.54 -0.98
CA ALA C 380 15.00 -27.67 -0.09
C ALA C 380 14.72 -28.96 -0.85
N TYR C 381 13.70 -28.94 -1.72
CA TYR C 381 13.31 -30.13 -2.45
C TYR C 381 14.35 -30.49 -3.50
N ARG C 382 14.91 -29.48 -4.17
CA ARG C 382 15.94 -29.71 -5.17
C ARG C 382 17.19 -30.33 -4.54
N SER C 383 17.45 -29.99 -3.27
CA SER C 383 18.66 -30.45 -2.60
C SER C 383 18.43 -31.76 -1.86
N ARG C 384 17.33 -31.86 -1.10
CA ARG C 384 17.16 -32.95 -0.14
C ARG C 384 15.88 -33.72 -0.41
N GLY C 385 15.22 -33.47 -1.54
CA GLY C 385 13.97 -34.15 -1.86
C GLY C 385 14.15 -35.66 -1.99
N HIS C 386 15.36 -36.08 -2.35
CA HIS C 386 15.70 -37.48 -2.54
C HIS C 386 15.58 -38.28 -1.25
N LEU C 387 15.66 -37.61 -0.09
CA LEU C 387 15.60 -38.29 1.20
C LEU C 387 14.26 -38.95 1.43
N ILE C 388 13.18 -38.44 0.80
CA ILE C 388 11.85 -38.99 1.01
C ILE C 388 11.30 -39.56 -0.28
N ALA C 389 12.16 -39.76 -1.29
CA ALA C 389 11.72 -40.25 -2.58
C ALA C 389 11.35 -41.73 -2.48
N ASP C 390 10.37 -42.14 -3.29
CA ASP C 390 9.87 -43.51 -3.27
C ASP C 390 10.77 -44.40 -4.13
N THR C 391 12.01 -44.61 -3.68
CA THR C 391 13.01 -45.30 -4.47
C THR C 391 13.15 -46.75 -4.00
N ASN C 392 12.66 -47.07 -2.80
CA ASN C 392 12.84 -48.39 -2.24
C ASN C 392 11.67 -49.28 -2.64
N PRO C 393 11.88 -50.38 -3.39
CA PRO C 393 10.80 -51.30 -3.72
C PRO C 393 10.14 -51.95 -2.50
N LEU C 394 10.93 -52.15 -1.44
CA LEU C 394 10.44 -52.73 -0.20
C LEU C 394 9.99 -51.62 0.75
N SER C 395 8.99 -51.93 1.58
CA SER C 395 8.63 -51.07 2.69
C SER C 395 9.53 -51.41 3.88
N TRP C 396 10.83 -51.13 3.71
CA TRP C 396 11.85 -51.62 4.62
C TRP C 396 12.75 -50.46 5.05
N VAL C 397 12.95 -50.37 6.37
CA VAL C 397 13.95 -49.48 6.93
C VAL C 397 14.88 -50.33 7.79
N GLN C 398 16.18 -50.20 7.55
CA GLN C 398 17.18 -50.99 8.25
C GLN C 398 17.26 -50.51 9.70
N PRO C 399 16.93 -51.37 10.68
CA PRO C 399 16.88 -50.96 12.10
C PRO C 399 18.10 -50.23 12.66
N GLY C 400 19.30 -50.61 12.25
CA GLY C 400 20.51 -50.02 12.81
C GLY C 400 21.03 -48.83 12.00
N MET C 401 20.34 -48.48 10.92
CA MET C 401 20.78 -47.41 10.04
C MET C 401 20.25 -46.09 10.56
N PRO C 402 21.09 -45.06 10.79
CA PRO C 402 20.62 -43.76 11.25
C PRO C 402 19.73 -43.08 10.21
N VAL C 403 18.50 -42.73 10.61
CA VAL C 403 17.55 -42.08 9.73
C VAL C 403 17.89 -40.59 9.67
N PRO C 404 18.23 -40.02 8.50
CA PRO C 404 18.52 -38.60 8.38
C PRO C 404 17.29 -37.73 8.65
N ASP C 405 17.53 -36.51 9.12
CA ASP C 405 16.46 -35.56 9.39
C ASP C 405 16.06 -34.91 8.07
N HIS C 406 14.75 -34.88 7.80
CA HIS C 406 14.22 -34.31 6.57
C HIS C 406 13.06 -33.37 6.89
N ARG C 407 13.22 -32.57 7.95
CA ARG C 407 12.21 -31.60 8.35
C ARG C 407 12.21 -30.42 7.38
N ASP C 408 13.29 -30.26 6.61
CA ASP C 408 13.42 -29.17 5.65
C ASP C 408 12.38 -29.29 4.53
N LEU C 409 11.78 -30.48 4.38
CA LEU C 409 10.83 -30.73 3.31
C LEU C 409 9.39 -30.45 3.76
N ASP C 410 9.19 -30.19 5.06
CA ASP C 410 7.88 -29.83 5.57
C ASP C 410 7.70 -28.32 5.48
N ILE C 411 6.49 -27.88 5.11
CA ILE C 411 6.21 -26.47 4.92
C ILE C 411 6.22 -25.75 6.27
N GLU C 412 5.97 -26.47 7.37
CA GLU C 412 5.98 -25.89 8.69
C GLU C 412 7.36 -25.34 9.03
N THR C 413 8.41 -26.04 8.58
CA THR C 413 9.78 -25.63 8.84
C THR C 413 10.07 -24.27 8.19
N HIS C 414 9.38 -23.97 7.08
CA HIS C 414 9.60 -22.74 6.34
C HIS C 414 8.55 -21.69 6.71
N ASN C 415 7.85 -21.90 7.83
CA ASN C 415 6.84 -20.97 8.31
C ASN C 415 5.75 -20.76 7.27
N LEU C 416 5.34 -21.85 6.64
CA LEU C 416 4.20 -21.87 5.76
C LEU C 416 3.16 -22.84 6.34
N THR C 417 1.89 -22.56 6.05
CA THR C 417 0.79 -23.33 6.60
C THR C 417 -0.14 -23.75 5.47
N ILE C 418 -1.15 -24.54 5.80
CA ILE C 418 -2.18 -24.98 4.87
C ILE C 418 -2.90 -23.78 4.27
N TRP C 419 -2.92 -22.66 5.00
CA TRP C 419 -3.66 -21.47 4.58
C TRP C 419 -2.92 -20.74 3.46
N ASP C 420 -1.67 -21.13 3.19
CA ASP C 420 -0.88 -20.52 2.14
C ASP C 420 -1.02 -21.28 0.83
N LEU C 421 -1.67 -22.45 0.86
CA LEU C 421 -1.66 -23.36 -0.28
C LEU C 421 -2.25 -22.72 -1.53
N ASP C 422 -3.33 -21.94 -1.36
CA ASP C 422 -4.03 -21.36 -2.48
C ASP C 422 -3.59 -19.93 -2.75
N ARG C 423 -2.60 -19.43 -1.99
CA ARG C 423 -2.06 -18.11 -2.22
C ARG C 423 -1.00 -18.16 -3.31
N THR C 424 -0.90 -17.09 -4.09
CA THR C 424 0.02 -17.00 -5.21
C THR C 424 1.33 -16.37 -4.75
N PHE C 425 2.43 -16.93 -5.24
CA PHE C 425 3.77 -16.46 -4.90
C PHE C 425 4.58 -16.35 -6.18
N ASN C 426 5.58 -15.45 -6.16
CA ASN C 426 6.51 -15.30 -7.27
C ASN C 426 7.61 -16.33 -7.12
N VAL C 427 7.77 -17.19 -8.14
CA VAL C 427 8.63 -18.36 -8.04
C VAL C 427 9.84 -18.20 -8.95
N GLY C 428 9.95 -17.04 -9.61
CA GLY C 428 11.16 -16.67 -10.33
C GLY C 428 11.52 -17.68 -11.42
N GLY C 429 10.52 -18.04 -12.24
CA GLY C 429 10.75 -18.85 -13.41
C GLY C 429 10.72 -20.35 -13.14
N PHE C 430 10.36 -20.73 -11.91
CA PHE C 430 10.19 -22.14 -11.57
C PHE C 430 9.04 -22.72 -12.39
N GLY C 431 9.26 -23.89 -12.99
CA GLY C 431 8.26 -24.52 -13.82
C GLY C 431 7.87 -23.67 -15.03
N GLY C 432 8.80 -22.81 -15.47
CA GLY C 432 8.58 -21.93 -16.60
C GLY C 432 7.43 -20.94 -16.37
N LYS C 433 7.21 -20.55 -15.10
CA LYS C 433 6.18 -19.59 -14.76
C LYS C 433 6.76 -18.59 -13.77
N GLU C 434 6.27 -17.34 -13.83
CA GLU C 434 6.76 -16.29 -12.96
C GLU C 434 6.02 -16.34 -11.62
N THR C 435 4.73 -16.71 -11.66
CA THR C 435 3.92 -16.79 -10.45
C THR C 435 3.25 -18.16 -10.37
N MET C 436 2.97 -18.59 -9.15
CA MET C 436 2.43 -19.91 -8.88
C MET C 436 1.82 -19.92 -7.48
N THR C 437 0.82 -20.78 -7.29
CA THR C 437 0.30 -21.10 -5.97
C THR C 437 1.25 -22.06 -5.28
N LEU C 438 1.24 -22.06 -3.94
CA LEU C 438 2.07 -22.97 -3.18
C LEU C 438 1.64 -24.41 -3.45
N ARG C 439 0.33 -24.63 -3.67
CA ARG C 439 -0.19 -25.94 -3.99
C ARG C 439 0.48 -26.48 -5.25
N GLU C 440 0.58 -25.63 -6.29
CA GLU C 440 1.16 -26.05 -7.55
C GLU C 440 2.66 -26.25 -7.39
N VAL C 441 3.31 -25.40 -6.58
CA VAL C 441 4.73 -25.53 -6.33
C VAL C 441 5.01 -26.88 -5.67
N LEU C 442 4.21 -27.23 -4.66
CA LEU C 442 4.40 -28.48 -3.94
C LEU C 442 4.19 -29.65 -4.88
N SER C 443 3.17 -29.57 -5.74
CA SER C 443 2.86 -30.63 -6.68
C SER C 443 4.03 -30.88 -7.62
N ARG C 444 4.60 -29.80 -8.16
CA ARG C 444 5.68 -29.91 -9.13
C ARG C 444 6.95 -30.42 -8.45
N LEU C 445 7.22 -29.96 -7.23
CA LEU C 445 8.42 -30.38 -6.50
C LEU C 445 8.34 -31.86 -6.18
N ARG C 446 7.16 -32.32 -5.75
CA ARG C 446 6.97 -33.70 -5.36
C ARG C 446 7.06 -34.61 -6.57
N ALA C 447 6.53 -34.16 -7.71
CA ALA C 447 6.50 -34.97 -8.92
C ALA C 447 7.91 -35.15 -9.47
N ALA C 448 8.79 -34.16 -9.25
CA ALA C 448 10.12 -34.17 -9.84
C ALA C 448 11.14 -34.83 -8.92
N TYR C 449 10.93 -34.80 -7.61
CA TYR C 449 12.00 -35.16 -6.68
C TYR C 449 11.62 -36.24 -5.69
N THR C 450 10.35 -36.65 -5.62
CA THR C 450 9.95 -37.56 -4.55
C THR C 450 9.24 -38.80 -5.10
N LEU C 451 9.20 -38.97 -6.42
CA LEU C 451 8.61 -40.16 -7.00
C LEU C 451 9.69 -41.23 -7.16
N LYS C 452 9.70 -41.97 -8.27
CA LYS C 452 10.52 -43.15 -8.40
C LYS C 452 11.99 -42.80 -8.62
N VAL C 453 12.29 -41.54 -8.91
CA VAL C 453 13.65 -41.11 -9.17
C VAL C 453 14.06 -40.05 -8.14
N GLY C 454 15.12 -40.36 -7.38
CA GLY C 454 15.70 -39.42 -6.44
C GLY C 454 17.05 -38.92 -6.95
N SER C 455 17.18 -37.61 -7.07
CA SER C 455 18.34 -36.99 -7.70
C SER C 455 19.17 -36.22 -6.68
N GLU C 456 20.49 -36.33 -6.80
CA GLU C 456 21.41 -35.49 -6.07
C GLU C 456 22.30 -34.77 -7.07
N TYR C 457 22.05 -33.48 -7.28
CA TYR C 457 22.80 -32.72 -8.26
C TYR C 457 23.15 -31.32 -7.77
N THR C 458 22.49 -30.83 -6.71
CA THR C 458 22.68 -29.47 -6.25
C THR C 458 24.10 -29.25 -5.76
N HIS C 459 24.78 -30.33 -5.36
CA HIS C 459 26.16 -30.26 -4.91
C HIS C 459 27.10 -29.93 -6.08
N ILE C 460 26.64 -30.08 -7.32
CA ILE C 460 27.47 -29.79 -8.48
C ILE C 460 27.71 -28.28 -8.54
N LEU C 461 28.97 -27.90 -8.74
CA LEU C 461 29.38 -26.52 -8.60
C LEU C 461 29.13 -25.74 -9.89
N ASP C 462 29.20 -26.42 -11.04
CA ASP C 462 28.99 -25.78 -12.33
C ASP C 462 27.50 -25.52 -12.51
N ARG C 463 27.16 -24.28 -12.89
CA ARG C 463 25.77 -23.85 -12.97
C ARG C 463 25.13 -24.40 -14.24
N ASP C 464 25.89 -24.43 -15.34
CA ASP C 464 25.40 -24.94 -16.61
C ASP C 464 25.07 -26.43 -16.47
N GLU C 465 25.94 -27.19 -15.80
CA GLU C 465 25.67 -28.58 -15.48
C GLU C 465 24.41 -28.69 -14.63
N ARG C 466 24.34 -27.87 -13.57
CA ARG C 466 23.26 -27.97 -12.60
C ARG C 466 21.93 -27.62 -13.28
N THR C 467 21.97 -26.59 -14.15
CA THR C 467 20.77 -26.13 -14.85
C THR C 467 20.32 -27.19 -15.85
N TRP C 468 21.29 -27.80 -16.54
CA TRP C 468 20.99 -28.83 -17.52
C TRP C 468 20.24 -29.98 -16.85
N LEU C 469 20.75 -30.42 -15.70
CA LEU C 469 20.14 -31.52 -14.96
C LEU C 469 18.79 -31.07 -14.39
N GLN C 470 18.75 -29.85 -13.86
CA GLN C 470 17.54 -29.31 -13.24
C GLN C 470 16.40 -29.27 -14.25
N ASP C 471 16.69 -28.80 -15.46
CA ASP C 471 15.66 -28.63 -16.47
C ASP C 471 15.09 -29.98 -16.86
N ARG C 472 15.96 -30.99 -17.00
CA ARG C 472 15.54 -32.30 -17.46
C ARG C 472 14.78 -33.05 -16.37
N LEU C 473 15.22 -32.91 -15.11
CA LEU C 473 14.56 -33.58 -14.01
C LEU C 473 13.18 -32.98 -13.75
N GLU C 474 13.03 -31.68 -13.94
CA GLU C 474 11.77 -30.99 -13.66
C GLU C 474 10.83 -31.09 -14.86
N ALA C 475 11.35 -31.39 -16.04
CA ALA C 475 10.52 -31.63 -17.21
C ALA C 475 9.83 -32.98 -17.07
N GLY C 476 10.52 -33.93 -16.42
CA GLY C 476 9.96 -35.24 -16.12
C GLY C 476 10.27 -36.25 -17.23
N MET C 477 9.94 -37.52 -16.96
CA MET C 477 10.12 -38.59 -17.91
C MET C 477 9.08 -38.45 -19.02
N PRO C 478 9.49 -38.44 -20.31
CA PRO C 478 8.53 -38.42 -21.41
C PRO C 478 7.80 -39.76 -21.51
N LYS C 479 6.52 -39.69 -21.91
CA LYS C 479 5.67 -40.87 -21.99
C LYS C 479 6.20 -41.78 -23.10
N PRO C 480 6.62 -43.03 -22.80
CA PRO C 480 7.13 -43.94 -23.82
C PRO C 480 6.03 -44.47 -24.73
N THR C 481 6.41 -44.87 -25.94
CA THR C 481 5.48 -45.43 -26.91
C THR C 481 5.18 -46.88 -26.54
N GLN C 482 4.10 -47.43 -27.11
CA GLN C 482 3.68 -48.78 -26.82
C GLN C 482 4.76 -49.78 -27.27
N ALA C 483 5.42 -49.48 -28.40
CA ALA C 483 6.50 -50.32 -28.89
C ALA C 483 7.65 -50.32 -27.90
N GLU C 484 7.95 -49.14 -27.33
CA GLU C 484 9.01 -49.01 -26.35
C GLU C 484 8.62 -49.76 -25.08
N GLN C 485 7.36 -49.65 -24.67
CA GLN C 485 6.87 -50.33 -23.48
C GLN C 485 6.98 -51.84 -23.68
N LYS C 486 6.61 -52.32 -24.87
CA LYS C 486 6.64 -53.74 -25.15
C LYS C 486 8.08 -54.25 -25.14
N TYR C 487 9.00 -53.42 -25.62
CA TYR C 487 10.41 -53.78 -25.68
C TYR C 487 10.96 -53.92 -24.26
N ILE C 488 10.53 -53.05 -23.35
CA ILE C 488 10.97 -53.10 -21.96
C ILE C 488 10.49 -54.41 -21.34
N LEU C 489 9.25 -54.82 -21.67
CA LEU C 489 8.70 -56.05 -21.11
C LEU C 489 9.48 -57.26 -21.61
N GLN C 490 9.84 -57.26 -22.90
CA GLN C 490 10.61 -58.36 -23.47
C GLN C 490 11.93 -58.53 -22.72
N LYS C 491 12.58 -57.42 -22.37
CA LYS C 491 13.87 -57.47 -21.70
C LYS C 491 13.68 -57.96 -20.26
N LEU C 492 12.61 -57.49 -19.60
CA LEU C 492 12.29 -57.95 -18.27
C LEU C 492 11.98 -59.45 -18.29
N ASN C 493 11.21 -59.88 -19.29
CA ASN C 493 10.84 -61.28 -19.40
C ASN C 493 12.09 -62.13 -19.57
N ALA C 494 12.98 -61.70 -20.47
CA ALA C 494 14.19 -62.45 -20.76
C ALA C 494 15.04 -62.60 -19.51
N ALA C 495 15.13 -61.53 -18.72
CA ALA C 495 15.94 -61.52 -17.51
C ALA C 495 15.41 -62.52 -16.50
N GLU C 496 14.10 -62.52 -16.27
CA GLU C 496 13.48 -63.38 -15.26
C GLU C 496 13.45 -64.82 -15.75
N ALA C 497 13.05 -65.02 -17.02
CA ALA C 497 12.87 -66.36 -17.55
C ALA C 497 14.20 -67.11 -17.61
N PHE C 498 15.28 -66.38 -17.93
CA PHE C 498 16.61 -66.96 -17.98
C PHE C 498 17.00 -67.49 -16.59
N GLU C 499 16.74 -66.66 -15.56
CA GLU C 499 17.09 -67.02 -14.20
C GLU C 499 16.27 -68.23 -13.75
N ASN C 500 14.98 -68.25 -14.11
CA ASN C 500 14.08 -69.32 -13.73
C ASN C 500 14.45 -70.63 -14.43
N PHE C 501 14.94 -70.53 -15.66
CA PHE C 501 15.30 -71.72 -16.43
C PHE C 501 16.49 -72.42 -15.78
N LEU C 502 17.48 -71.64 -15.34
CA LEU C 502 18.68 -72.18 -14.71
C LEU C 502 18.31 -72.82 -13.37
N GLN C 503 17.37 -72.20 -12.64
CA GLN C 503 16.91 -72.73 -11.37
C GLN C 503 16.30 -74.12 -11.57
N THR C 504 15.56 -74.30 -12.67
CA THR C 504 14.86 -75.55 -12.95
C THR C 504 15.85 -76.63 -13.38
N LYS C 505 16.74 -76.28 -14.32
CA LYS C 505 17.60 -77.27 -14.97
C LYS C 505 18.81 -77.59 -14.10
N TYR C 506 19.35 -76.57 -13.41
CA TYR C 506 20.51 -76.75 -12.56
C TYR C 506 20.22 -76.17 -11.18
N VAL C 507 19.52 -76.97 -10.35
CA VAL C 507 19.01 -76.51 -9.07
C VAL C 507 20.18 -76.35 -8.09
N GLY C 508 21.12 -77.29 -8.11
CA GLY C 508 22.22 -77.32 -7.15
C GLY C 508 23.52 -76.80 -7.75
N GLN C 509 23.45 -75.67 -8.47
CA GLN C 509 24.64 -75.04 -9.03
C GLN C 509 24.57 -73.54 -8.76
N LYS C 510 25.74 -72.98 -8.38
CA LYS C 510 25.86 -71.58 -8.02
C LYS C 510 25.82 -70.73 -9.30
N ARG C 511 24.95 -69.71 -9.31
CA ARG C 511 24.81 -68.86 -10.48
C ARG C 511 24.74 -67.37 -10.13
N PHE C 512 24.52 -67.03 -8.86
CA PHE C 512 24.38 -65.65 -8.42
C PHE C 512 23.28 -64.95 -9.23
N SER C 513 22.03 -65.33 -8.97
CA SER C 513 20.91 -64.89 -9.77
C SER C 513 20.70 -63.39 -9.64
N LEU C 514 20.07 -62.81 -10.66
CA LEU C 514 19.75 -61.39 -10.69
C LEU C 514 18.33 -61.16 -10.17
N GLU C 515 17.66 -62.23 -9.69
CA GLU C 515 16.28 -62.13 -9.27
C GLU C 515 16.14 -61.06 -8.19
N GLY C 516 15.18 -60.17 -8.38
CA GLY C 516 15.01 -59.02 -7.51
C GLY C 516 15.64 -57.76 -8.08
N ALA C 517 16.51 -57.92 -9.09
CA ALA C 517 17.18 -56.79 -9.73
C ALA C 517 17.11 -56.91 -11.24
N GLU C 518 15.98 -57.41 -11.77
CA GLU C 518 15.86 -57.69 -13.19
C GLU C 518 15.85 -56.39 -14.00
N ALA C 519 15.56 -55.26 -13.36
CA ALA C 519 15.49 -53.98 -14.04
C ALA C 519 16.88 -53.53 -14.51
N LEU C 520 17.93 -54.21 -14.06
CA LEU C 520 19.28 -53.93 -14.51
C LEU C 520 19.41 -54.13 -16.01
N ILE C 521 18.75 -55.16 -16.55
CA ILE C 521 18.90 -55.51 -17.96
C ILE C 521 18.34 -54.39 -18.83
N PRO C 522 17.08 -53.92 -18.67
CA PRO C 522 16.61 -52.75 -19.42
C PRO C 522 17.41 -51.47 -19.15
N LEU C 523 17.98 -51.32 -17.95
CA LEU C 523 18.81 -50.17 -17.63
C LEU C 523 20.06 -50.16 -18.49
N MET C 524 20.76 -51.29 -18.53
CA MET C 524 22.00 -51.40 -19.30
C MET C 524 21.68 -51.26 -20.79
N ASP C 525 20.57 -51.85 -21.22
CA ASP C 525 20.16 -51.80 -22.61
C ASP C 525 19.85 -50.35 -23.01
N SER C 526 19.23 -49.60 -22.11
CA SER C 526 18.88 -48.21 -22.35
C SER C 526 20.15 -47.37 -22.55
N ALA C 527 21.15 -47.59 -21.71
CA ALA C 527 22.38 -46.84 -21.76
C ALA C 527 23.15 -47.14 -23.04
N ILE C 528 23.22 -48.43 -23.39
CA ILE C 528 23.94 -48.88 -24.57
C ILE C 528 23.23 -48.39 -25.83
N ASP C 529 21.89 -48.43 -25.83
CA ASP C 529 21.11 -47.97 -26.96
C ASP C 529 21.34 -46.48 -27.19
N THR C 530 21.41 -45.71 -26.09
CA THR C 530 21.62 -44.27 -26.16
C THR C 530 23.00 -43.97 -26.74
N ALA C 531 24.00 -44.75 -26.33
CA ALA C 531 25.36 -44.59 -26.82
C ALA C 531 25.42 -44.89 -28.31
N ALA C 532 24.65 -45.88 -28.78
CA ALA C 532 24.61 -46.21 -30.19
C ALA C 532 24.02 -45.05 -30.98
N GLY C 533 23.00 -44.41 -30.43
CA GLY C 533 22.35 -43.27 -31.06
C GLY C 533 23.23 -42.03 -31.08
N GLN C 534 24.20 -41.95 -30.16
CA GLN C 534 25.14 -40.84 -30.11
C GLN C 534 26.26 -41.03 -31.13
N GLY C 535 26.31 -42.21 -31.77
CA GLY C 535 27.28 -42.49 -32.80
C GLY C 535 28.63 -42.94 -32.24
N LEU C 536 28.63 -43.52 -31.04
CA LEU C 536 29.85 -43.95 -30.39
C LEU C 536 30.22 -45.34 -30.87
N ASP C 537 31.45 -45.78 -30.51
CA ASP C 537 32.11 -46.90 -31.16
C ASP C 537 31.92 -48.19 -30.37
N GLU C 538 32.11 -48.13 -29.05
CA GLU C 538 32.11 -49.33 -28.23
C GLU C 538 31.67 -49.00 -26.82
N VAL C 539 31.12 -50.02 -26.15
CA VAL C 539 30.84 -49.96 -24.72
C VAL C 539 31.62 -51.10 -24.06
N VAL C 540 32.44 -50.75 -23.07
CA VAL C 540 33.21 -51.74 -22.34
C VAL C 540 32.59 -51.90 -20.95
N ILE C 541 32.22 -53.12 -20.60
CA ILE C 541 31.55 -53.39 -19.33
C ILE C 541 32.53 -54.08 -18.39
N GLY C 542 32.56 -53.60 -17.15
CA GLY C 542 33.15 -54.34 -16.04
C GLY C 542 32.10 -54.52 -14.95
N MET C 543 31.91 -55.76 -14.49
CA MET C 543 30.88 -56.02 -13.50
C MET C 543 31.34 -57.12 -12.56
N PRO C 544 30.70 -57.24 -11.37
CA PRO C 544 30.91 -58.38 -10.50
C PRO C 544 30.09 -59.62 -10.89
N HIS C 545 30.04 -60.58 -9.97
CA HIS C 545 29.33 -61.84 -10.11
C HIS C 545 27.82 -61.64 -10.33
N ARG C 546 27.23 -60.67 -9.64
CA ARG C 546 25.78 -60.58 -9.53
C ARG C 546 25.14 -60.40 -10.91
N GLY C 547 24.51 -61.47 -11.39
CA GLY C 547 23.75 -61.44 -12.64
C GLY C 547 24.65 -61.37 -13.87
N ARG C 548 25.83 -61.98 -13.81
CA ARG C 548 26.80 -61.89 -14.88
C ARG C 548 26.33 -62.70 -16.08
N LEU C 549 25.82 -63.91 -15.83
CA LEU C 549 25.36 -64.77 -16.90
C LEU C 549 24.17 -64.12 -17.62
N ASN C 550 23.32 -63.43 -16.85
CA ASN C 550 22.16 -62.76 -17.39
C ASN C 550 22.63 -61.66 -18.34
N VAL C 551 23.65 -60.91 -17.92
CA VAL C 551 24.19 -59.82 -18.72
C VAL C 551 24.88 -60.37 -19.97
N LEU C 552 25.65 -61.45 -19.81
CA LEU C 552 26.34 -62.06 -20.93
C LEU C 552 25.37 -62.45 -22.04
N PHE C 553 24.19 -62.99 -21.66
CA PHE C 553 23.23 -63.45 -22.65
C PHE C 553 22.41 -62.29 -23.20
N ASN C 554 21.84 -61.47 -22.31
CA ASN C 554 20.80 -60.52 -22.70
C ASN C 554 21.39 -59.20 -23.19
N ILE C 555 22.62 -58.86 -22.80
CA ILE C 555 23.22 -57.59 -23.14
C ILE C 555 24.35 -57.78 -24.15
N VAL C 556 25.34 -58.61 -23.81
CA VAL C 556 26.52 -58.77 -24.65
C VAL C 556 26.14 -59.57 -25.89
N GLY C 557 25.36 -60.64 -25.70
CA GLY C 557 24.88 -61.46 -26.80
C GLY C 557 25.69 -62.75 -26.95
N LYS C 558 26.23 -63.25 -25.84
CA LYS C 558 26.90 -64.54 -25.83
C LYS C 558 25.88 -65.62 -26.17
N PRO C 559 26.20 -66.58 -27.08
CA PRO C 559 25.24 -67.61 -27.48
C PRO C 559 24.79 -68.45 -26.29
N LEU C 560 23.52 -68.83 -26.28
CA LEU C 560 22.90 -69.52 -25.15
C LEU C 560 23.48 -70.92 -25.01
N ALA C 561 23.90 -71.52 -26.13
CA ALA C 561 24.49 -72.86 -26.13
C ALA C 561 25.75 -72.87 -25.26
N SER C 562 26.57 -71.82 -25.38
CA SER C 562 27.82 -71.71 -24.64
C SER C 562 27.56 -71.71 -23.14
N ILE C 563 26.53 -70.98 -22.71
CA ILE C 563 26.23 -70.84 -21.29
C ILE C 563 25.74 -72.19 -20.75
N PHE C 564 24.91 -72.89 -21.51
CA PHE C 564 24.39 -74.18 -21.09
C PHE C 564 25.51 -75.21 -21.00
N ASN C 565 26.48 -75.12 -21.92
CA ASN C 565 27.61 -76.04 -21.93
C ASN C 565 28.44 -75.88 -20.67
N GLU C 566 28.57 -74.64 -20.17
CA GLU C 566 29.36 -74.35 -18.98
C GLU C 566 28.74 -75.05 -17.76
N PHE C 567 27.41 -75.05 -17.67
CA PHE C 567 26.71 -75.69 -16.57
C PHE C 567 26.86 -77.21 -16.67
N GLU C 568 26.95 -77.75 -17.89
CA GLU C 568 27.11 -79.18 -18.10
C GLU C 568 28.51 -79.63 -17.69
N GLY C 569 29.50 -78.73 -17.80
CA GLY C 569 30.87 -79.04 -17.45
C GLY C 569 31.85 -78.69 -18.57
N GLN C 570 31.35 -78.57 -19.80
CA GLN C 570 32.17 -78.24 -20.96
C GLN C 570 32.46 -76.74 -20.95
N MET C 571 33.69 -76.38 -20.60
CA MET C 571 34.12 -75.00 -20.47
C MET C 571 34.96 -74.64 -21.69
N GLU C 572 34.76 -73.43 -22.22
CA GLU C 572 35.51 -72.94 -23.37
C GLU C 572 36.92 -72.57 -22.91
N GLN C 573 37.93 -73.13 -23.59
CA GLN C 573 39.32 -72.93 -23.22
C GLN C 573 39.85 -71.67 -23.90
N GLY C 574 40.45 -70.78 -23.11
CA GLY C 574 41.05 -69.55 -23.61
C GLY C 574 42.40 -69.82 -24.27
N GLN C 575 43.36 -70.28 -23.46
CA GLN C 575 44.70 -70.59 -23.93
C GLN C 575 44.84 -72.12 -23.96
N ILE C 576 45.69 -72.61 -24.88
CA ILE C 576 45.93 -74.03 -25.02
C ILE C 576 46.58 -74.54 -23.74
N GLY C 577 45.90 -75.47 -23.06
CA GLY C 577 46.39 -76.05 -21.83
C GLY C 577 46.21 -75.11 -20.63
N GLY C 578 45.27 -74.16 -20.74
CA GLY C 578 44.97 -73.24 -19.66
C GLY C 578 44.22 -73.91 -18.52
N SER C 579 44.30 -73.33 -17.33
CA SER C 579 43.69 -73.87 -16.13
C SER C 579 42.21 -73.56 -16.09
N GLY C 580 41.83 -72.38 -16.62
CA GLY C 580 40.45 -71.98 -16.72
C GLY C 580 39.97 -71.25 -15.47
N ASP C 581 38.67 -70.97 -15.41
CA ASP C 581 38.06 -70.28 -14.28
C ASP C 581 36.57 -70.56 -14.29
N VAL C 582 35.90 -70.21 -13.18
CA VAL C 582 34.46 -70.41 -13.04
C VAL C 582 33.73 -69.57 -14.09
N LYS C 583 32.46 -69.94 -14.34
CA LYS C 583 31.70 -69.43 -15.46
C LYS C 583 31.45 -67.93 -15.35
N TYR C 584 31.38 -67.42 -14.12
CA TYR C 584 30.99 -66.04 -13.89
C TYR C 584 32.22 -65.14 -13.69
N HIS C 585 33.32 -65.47 -14.38
CA HIS C 585 34.51 -64.64 -14.39
C HIS C 585 35.00 -64.38 -15.82
N LEU C 586 34.23 -64.83 -16.81
CA LEU C 586 34.67 -64.80 -18.20
C LEU C 586 34.14 -63.54 -18.89
N GLY C 587 34.87 -63.11 -19.92
CA GLY C 587 34.46 -62.00 -20.76
C GLY C 587 33.83 -62.49 -22.06
N SER C 588 33.33 -61.53 -22.87
CA SER C 588 32.76 -61.82 -24.16
C SER C 588 32.63 -60.53 -24.97
N GLU C 589 32.46 -60.67 -26.29
CA GLU C 589 32.27 -59.54 -27.18
C GLU C 589 31.03 -59.80 -28.02
N GLY C 590 30.34 -58.71 -28.40
CA GLY C 590 29.15 -58.81 -29.21
C GLY C 590 28.77 -57.47 -29.84
N GLN C 591 27.72 -57.49 -30.65
CA GLN C 591 27.19 -56.32 -31.32
C GLN C 591 25.81 -56.01 -30.77
N HIS C 592 25.53 -54.72 -30.59
CA HIS C 592 24.21 -54.25 -30.20
C HIS C 592 23.64 -53.38 -31.33
N LEU C 593 22.47 -53.77 -31.84
CA LEU C 593 21.75 -52.99 -32.83
C LEU C 593 20.63 -52.22 -32.15
N GLN C 594 20.46 -50.96 -32.52
CA GLN C 594 19.36 -50.15 -32.01
C GLN C 594 18.03 -50.74 -32.48
N MET C 595 17.09 -50.90 -31.54
CA MET C 595 15.79 -51.48 -31.82
C MET C 595 14.95 -50.47 -32.61
N PHE C 596 15.05 -49.19 -32.22
CA PHE C 596 14.30 -48.12 -32.84
C PHE C 596 15.25 -47.08 -33.40
N GLY C 597 16.20 -47.54 -34.24
CA GLY C 597 17.18 -46.68 -34.86
C GLY C 597 18.12 -47.46 -35.76
N ASP C 598 18.97 -46.75 -36.49
CA ASP C 598 19.92 -47.35 -37.42
C ASP C 598 21.30 -47.47 -36.78
N GLY C 599 21.43 -47.06 -35.52
CA GLY C 599 22.68 -47.12 -34.80
C GLY C 599 23.12 -48.56 -34.51
N GLU C 600 24.43 -48.75 -34.37
CA GLU C 600 25.02 -50.03 -34.01
C GLU C 600 26.28 -49.76 -33.20
N ILE C 601 26.48 -50.51 -32.12
CA ILE C 601 27.62 -50.30 -31.26
C ILE C 601 28.16 -51.66 -30.81
N LYS C 602 29.48 -51.70 -30.58
CA LYS C 602 30.14 -52.91 -30.11
C LYS C 602 30.05 -52.96 -28.58
N VAL C 603 29.83 -54.15 -28.05
CA VAL C 603 29.74 -54.34 -26.60
C VAL C 603 30.77 -55.40 -26.21
N SER C 604 31.57 -55.08 -25.18
CA SER C 604 32.59 -55.98 -24.68
C SER C 604 32.48 -56.08 -23.16
N LEU C 605 32.68 -57.29 -22.65
CA LEU C 605 32.73 -57.53 -21.21
C LEU C 605 34.13 -58.05 -20.86
N THR C 606 34.76 -57.45 -19.84
CA THR C 606 36.13 -57.78 -19.49
C THR C 606 36.14 -58.89 -18.43
N ALA C 607 37.16 -59.74 -18.49
CA ALA C 607 37.36 -60.77 -17.49
C ALA C 607 37.81 -60.13 -16.17
N ASN C 608 37.45 -60.77 -15.05
CA ASN C 608 37.82 -60.27 -13.74
C ASN C 608 37.92 -61.45 -12.77
N PRO C 609 38.72 -61.33 -11.69
CA PRO C 609 38.77 -62.33 -10.63
C PRO C 609 37.61 -62.20 -9.66
N SER C 610 37.57 -63.10 -8.66
CA SER C 610 36.54 -63.08 -7.64
C SER C 610 36.72 -61.90 -6.69
N HIS C 611 37.93 -61.31 -6.67
CA HIS C 611 38.23 -60.15 -5.84
C HIS C 611 37.44 -58.94 -6.34
N LEU C 612 36.49 -58.48 -5.52
CA LEU C 612 35.55 -57.46 -5.93
C LEU C 612 36.26 -56.14 -6.23
N GLU C 613 35.81 -55.47 -7.28
CA GLU C 613 36.19 -54.10 -7.64
C GLU C 613 37.63 -54.02 -8.15
N ALA C 614 38.30 -55.16 -8.36
CA ALA C 614 39.64 -55.17 -8.91
C ALA C 614 39.64 -54.83 -10.40
N VAL C 615 38.49 -55.01 -11.05
CA VAL C 615 38.36 -54.78 -12.49
C VAL C 615 38.27 -53.28 -12.77
N ASN C 616 37.96 -52.46 -11.76
CA ASN C 616 37.68 -51.06 -11.97
C ASN C 616 38.84 -50.37 -12.71
N PRO C 617 40.08 -50.38 -12.19
CA PRO C 617 41.18 -49.72 -12.90
C PRO C 617 41.51 -50.38 -14.22
N VAL C 618 41.33 -51.71 -14.32
CA VAL C 618 41.69 -52.45 -15.51
C VAL C 618 40.78 -52.04 -16.66
N MET C 619 39.47 -51.94 -16.41
CA MET C 619 38.52 -51.64 -17.47
C MET C 619 38.73 -50.19 -17.94
N GLU C 620 39.13 -49.29 -17.03
CA GLU C 620 39.39 -47.91 -17.39
C GLU C 620 40.58 -47.85 -18.34
N GLY C 621 41.63 -48.63 -18.06
CA GLY C 621 42.79 -48.69 -18.93
C GLY C 621 42.47 -49.25 -20.31
N ILE C 622 41.61 -50.27 -20.36
CA ILE C 622 41.17 -50.84 -21.62
C ILE C 622 40.49 -49.78 -22.46
N VAL C 623 39.61 -48.99 -21.83
CA VAL C 623 38.85 -47.98 -22.56
C VAL C 623 39.81 -46.93 -23.10
N ARG C 624 40.77 -46.51 -22.27
CA ARG C 624 41.71 -45.47 -22.67
C ARG C 624 42.54 -45.95 -23.86
N ALA C 625 42.99 -47.20 -23.82
CA ALA C 625 43.80 -47.75 -24.90
C ALA C 625 42.99 -47.79 -26.20
N LYS C 626 41.70 -48.14 -26.09
CA LYS C 626 40.83 -48.21 -27.26
C LYS C 626 40.61 -46.81 -27.83
N GLN C 627 40.39 -45.82 -26.95
CA GLN C 627 40.16 -44.45 -27.40
C GLN C 627 41.41 -43.90 -28.09
N ASP C 628 42.60 -44.19 -27.55
CA ASP C 628 43.84 -43.72 -28.12
C ASP C 628 44.05 -44.32 -29.52
N TYR C 629 43.65 -45.59 -29.70
CA TYR C 629 43.80 -46.24 -30.98
C TYR C 629 42.91 -45.57 -32.04
N LEU C 630 41.69 -45.19 -31.65
CA LEU C 630 40.76 -44.55 -32.57
C LEU C 630 41.27 -43.16 -32.95
N ASP C 631 41.84 -42.44 -31.98
CA ASP C 631 42.52 -41.19 -32.22
C ASP C 631 41.57 -40.18 -32.84
N LYS C 632 40.54 -39.80 -32.07
CA LYS C 632 39.53 -38.86 -32.51
C LYS C 632 39.67 -37.53 -31.77
N GLY C 633 40.72 -37.40 -30.95
CA GLY C 633 41.01 -36.15 -30.27
C GLY C 633 40.14 -35.94 -29.04
N VAL C 634 40.13 -34.69 -28.55
CA VAL C 634 39.43 -34.32 -27.32
C VAL C 634 37.92 -34.36 -27.53
N ASP C 635 37.48 -34.15 -28.77
CA ASP C 635 36.07 -34.20 -29.12
C ASP C 635 35.60 -35.65 -29.27
N GLY C 636 36.53 -36.61 -29.16
CA GLY C 636 36.21 -38.03 -29.33
C GLY C 636 35.70 -38.66 -28.04
N LYS C 637 36.52 -39.57 -27.49
CA LYS C 637 36.16 -40.35 -26.31
C LYS C 637 34.89 -41.15 -26.58
N THR C 638 34.96 -42.00 -27.61
CA THR C 638 33.79 -42.66 -28.17
C THR C 638 33.73 -44.12 -27.73
N VAL C 639 34.47 -44.46 -26.66
CA VAL C 639 34.32 -45.74 -26.01
C VAL C 639 33.81 -45.50 -24.60
N VAL C 640 32.63 -46.06 -24.29
CA VAL C 640 31.95 -45.79 -23.04
C VAL C 640 32.35 -46.84 -22.02
N PRO C 641 32.89 -46.46 -20.85
CA PRO C 641 33.06 -47.38 -19.73
C PRO C 641 31.74 -47.49 -18.96
N LEU C 642 31.19 -48.70 -18.91
CA LEU C 642 30.00 -48.98 -18.13
C LEU C 642 30.38 -49.94 -17.00
N LEU C 643 30.41 -49.43 -15.78
CA LEU C 643 30.98 -50.15 -14.66
C LEU C 643 29.89 -50.44 -13.64
N LEU C 644 29.71 -51.73 -13.31
CA LEU C 644 28.71 -52.18 -12.36
C LEU C 644 29.37 -52.50 -11.03
N HIS C 645 28.63 -52.28 -9.94
CA HIS C 645 29.12 -52.49 -8.59
C HIS C 645 28.01 -53.06 -7.72
N GLY C 646 28.40 -53.78 -6.66
CA GLY C 646 27.51 -54.08 -5.54
C GLY C 646 27.59 -52.99 -4.48
N ASP C 647 26.51 -52.82 -3.71
CA ASP C 647 26.43 -51.74 -2.73
C ASP C 647 27.46 -51.91 -1.62
N ALA C 648 27.60 -53.13 -1.10
CA ALA C 648 28.56 -53.40 -0.03
C ALA C 648 29.98 -53.15 -0.53
N ALA C 649 30.29 -53.65 -1.74
CA ALA C 649 31.63 -53.54 -2.29
C ALA C 649 31.93 -52.08 -2.65
N PHE C 650 30.93 -51.36 -3.16
CA PHE C 650 31.13 -49.99 -3.58
C PHE C 650 31.48 -49.12 -2.38
N ALA C 651 30.79 -49.34 -1.26
CA ALA C 651 31.02 -48.60 -0.04
C ALA C 651 32.26 -49.10 0.68
N GLY C 652 32.37 -50.44 0.81
CA GLY C 652 33.43 -51.08 1.58
C GLY C 652 34.81 -50.83 0.99
N LEU C 653 35.06 -51.38 -0.21
CA LEU C 653 36.39 -51.43 -0.77
C LEU C 653 36.85 -50.03 -1.17
N GLY C 654 38.17 -49.82 -1.09
CA GLY C 654 38.78 -48.52 -1.29
C GLY C 654 39.28 -48.29 -2.72
N ILE C 655 39.41 -49.38 -3.49
CA ILE C 655 39.83 -49.28 -4.88
C ILE C 655 38.79 -48.50 -5.68
N VAL C 656 37.54 -48.49 -5.21
CA VAL C 656 36.46 -47.83 -5.93
C VAL C 656 36.75 -46.32 -6.02
N PRO C 657 36.80 -45.56 -4.91
CA PRO C 657 37.10 -44.13 -4.98
C PRO C 657 38.50 -43.87 -5.54
N GLU C 658 39.41 -44.82 -5.35
CA GLU C 658 40.76 -44.71 -5.84
C GLU C 658 40.76 -44.61 -7.37
N THR C 659 39.91 -45.39 -8.04
CA THR C 659 39.86 -45.39 -9.49
C THR C 659 39.09 -44.17 -10.00
N ILE C 660 38.00 -43.81 -9.31
CA ILE C 660 37.21 -42.66 -9.70
C ILE C 660 38.09 -41.41 -9.67
N ASN C 661 39.09 -41.43 -8.79
CA ASN C 661 40.00 -40.32 -8.63
C ASN C 661 40.81 -40.07 -9.90
N LEU C 662 40.90 -41.06 -10.79
CA LEU C 662 41.67 -40.91 -12.02
C LEU C 662 40.84 -40.29 -13.15
N ALA C 663 39.56 -40.01 -12.90
CA ALA C 663 38.60 -39.76 -13.98
C ALA C 663 39.01 -38.55 -14.82
N LYS C 664 39.58 -37.51 -14.20
CA LYS C 664 39.84 -36.26 -14.90
C LYS C 664 41.34 -36.03 -15.08
N LEU C 665 42.16 -37.07 -14.89
CA LEU C 665 43.61 -36.92 -15.05
C LEU C 665 43.99 -37.03 -16.53
N ARG C 666 45.05 -36.32 -16.90
CA ARG C 666 45.44 -36.13 -18.29
C ARG C 666 45.68 -37.47 -18.99
N GLY C 667 46.41 -38.37 -18.32
CA GLY C 667 46.76 -39.65 -18.92
C GLY C 667 45.72 -40.74 -18.69
N TYR C 668 44.62 -40.43 -17.99
CA TYR C 668 43.67 -41.44 -17.58
C TYR C 668 42.24 -41.10 -17.98
N ASP C 669 41.99 -39.89 -18.48
CA ASP C 669 40.64 -39.43 -18.76
C ASP C 669 40.07 -40.22 -19.93
N VAL C 670 38.83 -40.70 -19.77
CA VAL C 670 38.15 -41.47 -20.79
C VAL C 670 36.79 -40.85 -21.11
N GLY C 671 36.58 -39.61 -20.68
CA GLY C 671 35.36 -38.89 -20.99
C GLY C 671 34.20 -39.26 -20.07
N GLY C 672 34.53 -39.81 -18.89
CA GLY C 672 33.53 -40.13 -17.88
C GLY C 672 33.12 -41.59 -17.91
N THR C 673 32.83 -42.13 -16.73
CA THR C 673 32.40 -43.51 -16.56
C THR C 673 30.95 -43.50 -16.07
N ILE C 674 30.12 -44.39 -16.63
CA ILE C 674 28.77 -44.59 -16.14
C ILE C 674 28.82 -45.70 -15.08
N HIS C 675 28.55 -45.33 -13.82
CA HIS C 675 28.56 -46.27 -12.72
C HIS C 675 27.13 -46.70 -12.40
N ILE C 676 26.92 -48.01 -12.31
CA ILE C 676 25.66 -48.55 -11.83
C ILE C 676 25.95 -49.35 -10.56
N VAL C 677 25.36 -48.91 -9.44
CA VAL C 677 25.44 -49.64 -8.19
C VAL C 677 24.15 -50.43 -8.01
N VAL C 678 24.26 -51.75 -8.02
CA VAL C 678 23.12 -52.64 -7.78
C VAL C 678 22.89 -52.69 -6.27
N ASN C 679 22.04 -51.79 -5.78
CA ASN C 679 21.80 -51.65 -4.37
C ASN C 679 20.67 -52.59 -3.94
N ASN C 680 21.03 -53.85 -3.65
CA ASN C 680 20.07 -54.84 -3.20
C ASN C 680 19.98 -54.83 -1.67
N GLN C 681 20.63 -53.84 -1.04
CA GLN C 681 20.43 -53.51 0.36
C GLN C 681 20.98 -54.61 1.27
N ILE C 682 21.97 -55.36 0.78
CA ILE C 682 22.57 -56.43 1.55
C ILE C 682 23.87 -56.86 0.88
N GLY C 683 24.80 -57.37 1.69
CA GLY C 683 26.00 -58.03 1.21
C GLY C 683 25.79 -59.55 1.13
N PHE C 684 26.62 -60.30 1.84
CA PHE C 684 26.41 -61.73 2.02
C PHE C 684 25.34 -61.89 3.10
N THR C 685 25.66 -61.46 4.32
CA THR C 685 24.73 -61.43 5.44
C THR C 685 24.72 -60.05 6.11
N THR C 686 25.80 -59.29 5.94
CA THR C 686 25.94 -57.99 6.56
C THR C 686 24.95 -57.00 5.94
N THR C 687 24.13 -56.39 6.79
CA THR C 687 23.19 -55.36 6.37
C THR C 687 23.94 -54.03 6.23
N PRO C 688 23.38 -53.05 5.49
CA PRO C 688 24.03 -51.74 5.30
C PRO C 688 24.41 -51.01 6.59
N ASP C 689 23.70 -51.28 7.69
CA ASP C 689 24.01 -50.68 8.97
C ASP C 689 25.42 -51.11 9.41
N SER C 690 25.77 -52.38 9.14
CA SER C 690 27.06 -52.94 9.50
C SER C 690 28.02 -52.95 8.32
N SER C 691 27.62 -52.33 7.19
CA SER C 691 28.41 -52.36 5.97
C SER C 691 29.03 -51.00 5.67
N ARG C 692 28.28 -49.92 5.94
CA ARG C 692 28.81 -48.59 5.66
C ARG C 692 28.34 -47.60 6.73
N SER C 693 29.00 -46.44 6.73
CA SER C 693 28.65 -45.34 7.61
C SER C 693 27.98 -44.22 6.82
N MET C 694 28.10 -44.25 5.49
CA MET C 694 27.45 -43.29 4.61
C MET C 694 25.95 -43.59 4.60
N HIS C 695 25.14 -42.57 4.29
CA HIS C 695 23.70 -42.76 4.16
C HIS C 695 23.42 -43.58 2.90
N TYR C 696 24.03 -43.17 1.79
CA TYR C 696 23.90 -43.87 0.52
C TYR C 696 25.21 -44.53 0.15
N ALA C 697 25.12 -45.66 -0.57
CA ALA C 697 26.30 -46.35 -1.06
C ALA C 697 27.03 -45.47 -2.08
N THR C 698 26.28 -44.70 -2.87
CA THR C 698 26.85 -43.93 -3.96
C THR C 698 27.34 -42.55 -3.49
N ASP C 699 27.54 -42.38 -2.17
CA ASP C 699 27.84 -41.08 -1.62
C ASP C 699 29.25 -40.61 -2.00
N TYR C 700 30.07 -41.51 -2.54
CA TYR C 700 31.39 -41.12 -3.06
C TYR C 700 31.26 -40.10 -4.18
N ALA C 701 30.12 -40.09 -4.88
CA ALA C 701 29.89 -39.16 -5.97
C ALA C 701 29.93 -37.71 -5.49
N LYS C 702 29.48 -37.47 -4.25
CA LYS C 702 29.52 -36.13 -3.67
C LYS C 702 30.95 -35.64 -3.58
N ALA C 703 31.88 -36.55 -3.31
CA ALA C 703 33.29 -36.19 -3.21
C ALA C 703 33.80 -35.66 -4.55
N PHE C 704 33.37 -36.28 -5.66
CA PHE C 704 33.92 -35.99 -6.97
C PHE C 704 33.03 -35.00 -7.73
N GLY C 705 31.92 -34.57 -7.13
CA GLY C 705 31.08 -33.56 -7.72
C GLY C 705 30.33 -34.07 -8.94
N CYS C 706 29.79 -35.29 -8.81
CA CYS C 706 29.11 -35.96 -9.90
C CYS C 706 27.66 -36.19 -9.53
N PRO C 707 26.72 -36.14 -10.50
CA PRO C 707 25.31 -36.38 -10.22
C PRO C 707 25.06 -37.82 -9.79
N VAL C 708 24.05 -38.02 -8.95
CA VAL C 708 23.59 -39.34 -8.56
C VAL C 708 22.11 -39.44 -8.88
N PHE C 709 21.71 -40.58 -9.45
CA PHE C 709 20.30 -40.89 -9.66
C PHE C 709 19.97 -42.14 -8.88
N HIS C 710 19.08 -42.00 -7.88
CA HIS C 710 18.52 -43.14 -7.18
C HIS C 710 17.21 -43.49 -7.86
N VAL C 711 17.08 -44.72 -8.34
CA VAL C 711 15.90 -45.11 -9.10
C VAL C 711 15.33 -46.40 -8.51
N ASN C 712 14.00 -46.45 -8.42
CA ASN C 712 13.27 -47.59 -7.92
C ASN C 712 13.36 -48.73 -8.93
N GLY C 713 13.83 -49.89 -8.47
CA GLY C 713 14.05 -51.03 -9.33
C GLY C 713 12.77 -51.76 -9.74
N ASP C 714 11.61 -51.33 -9.22
CA ASP C 714 10.33 -51.91 -9.61
C ASP C 714 9.55 -50.99 -10.55
N ASP C 715 10.18 -49.90 -11.03
CA ASP C 715 9.55 -49.03 -12.02
C ASP C 715 10.40 -49.03 -13.30
N PRO C 716 10.17 -49.97 -14.23
CA PRO C 716 11.05 -50.14 -15.39
C PRO C 716 11.18 -48.90 -16.27
N GLU C 717 10.08 -48.14 -16.42
CA GLU C 717 10.08 -46.97 -17.29
C GLU C 717 11.01 -45.90 -16.74
N ALA C 718 10.96 -45.68 -15.41
CA ALA C 718 11.85 -44.74 -14.76
C ALA C 718 13.29 -45.21 -14.86
N VAL C 719 13.51 -46.53 -14.76
CA VAL C 719 14.85 -47.08 -14.84
C VAL C 719 15.43 -46.79 -16.22
N VAL C 720 14.62 -47.00 -17.27
CA VAL C 720 15.09 -46.82 -18.63
C VAL C 720 15.41 -45.34 -18.89
N TRP C 721 14.59 -44.45 -18.33
CA TRP C 721 14.79 -43.03 -18.52
C TRP C 721 16.10 -42.59 -17.87
N VAL C 722 16.39 -43.10 -16.67
CA VAL C 722 17.58 -42.73 -15.94
C VAL C 722 18.82 -43.18 -16.71
N GLY C 723 18.75 -44.35 -17.34
CA GLY C 723 19.84 -44.86 -18.14
C GLY C 723 20.15 -43.96 -19.32
N GLN C 724 19.10 -43.44 -19.96
CA GLN C 724 19.25 -42.54 -21.09
C GLN C 724 19.82 -41.21 -20.60
N LEU C 725 19.30 -40.70 -19.48
CA LEU C 725 19.71 -39.40 -18.97
C LEU C 725 21.18 -39.44 -18.56
N ALA C 726 21.62 -40.55 -17.95
CA ALA C 726 23.00 -40.68 -17.51
C ALA C 726 23.94 -40.66 -18.70
N THR C 727 23.56 -41.37 -19.77
CA THR C 727 24.41 -41.50 -20.94
C THR C 727 24.51 -40.15 -21.65
N GLU C 728 23.40 -39.39 -21.69
CA GLU C 728 23.39 -38.08 -22.29
C GLU C 728 24.26 -37.12 -21.49
N TYR C 729 24.21 -37.23 -20.15
CA TYR C 729 25.01 -36.37 -19.30
C TYR C 729 26.49 -36.61 -19.54
N ARG C 730 26.89 -37.89 -19.67
CA ARG C 730 28.27 -38.23 -19.92
C ARG C 730 28.74 -37.60 -21.23
N ARG C 731 27.94 -37.71 -22.28
CA ARG C 731 28.33 -37.22 -23.59
C ARG C 731 28.49 -35.70 -23.55
N ARG C 732 27.58 -35.02 -22.86
CA ARG C 732 27.54 -33.56 -22.85
C ARG C 732 28.71 -32.99 -22.06
N PHE C 733 29.00 -33.57 -20.89
CA PHE C 733 29.88 -32.94 -19.91
C PHE C 733 31.17 -33.74 -19.68
N GLY C 734 31.22 -34.99 -20.13
CA GLY C 734 32.44 -35.78 -20.05
C GLY C 734 32.84 -36.09 -18.61
N LYS C 735 31.86 -36.29 -17.73
CA LYS C 735 32.11 -36.59 -16.33
C LYS C 735 31.44 -37.89 -15.94
N ASP C 736 31.88 -38.44 -14.80
CA ASP C 736 31.29 -39.64 -14.24
C ASP C 736 29.87 -39.35 -13.78
N VAL C 737 29.02 -40.38 -13.89
CA VAL C 737 27.64 -40.30 -13.43
C VAL C 737 27.34 -41.60 -12.69
N PHE C 738 26.54 -41.50 -11.62
CA PHE C 738 26.29 -42.62 -10.74
C PHE C 738 24.80 -42.92 -10.69
N ILE C 739 24.46 -44.18 -10.95
CA ILE C 739 23.08 -44.64 -10.85
C ILE C 739 23.00 -45.61 -9.67
N ASP C 740 22.12 -45.30 -8.73
CA ASP C 740 21.83 -46.18 -7.60
C ASP C 740 20.54 -46.93 -7.91
N LEU C 741 20.66 -48.16 -8.40
CA LEU C 741 19.50 -48.99 -8.69
C LEU C 741 19.04 -49.69 -7.41
N VAL C 742 17.99 -49.16 -6.80
CA VAL C 742 17.52 -49.67 -5.52
C VAL C 742 16.62 -50.87 -5.78
N CYS C 743 17.07 -52.04 -5.33
CA CYS C 743 16.40 -53.30 -5.60
C CYS C 743 16.54 -54.20 -4.38
N TYR C 744 16.32 -55.50 -4.56
CA TYR C 744 16.52 -56.46 -3.47
C TYR C 744 17.11 -57.75 -4.05
N ARG C 745 17.52 -58.65 -3.16
CA ARG C 745 18.06 -59.94 -3.53
C ARG C 745 17.08 -61.01 -3.08
N LEU C 746 16.41 -61.66 -4.05
CA LEU C 746 15.27 -62.52 -3.77
C LEU C 746 15.72 -63.73 -2.95
N ARG C 747 16.84 -64.35 -3.34
CA ARG C 747 17.35 -65.54 -2.68
C ARG C 747 18.49 -65.14 -1.74
N GLY C 748 19.17 -66.16 -1.20
CA GLY C 748 20.38 -65.95 -0.42
C GLY C 748 21.50 -65.36 -1.27
N HIS C 749 22.67 -65.20 -0.66
CA HIS C 749 23.83 -64.70 -1.37
C HIS C 749 24.09 -65.57 -2.60
N ASN C 750 24.15 -66.88 -2.37
CA ASN C 750 24.20 -67.88 -3.42
C ASN C 750 22.88 -68.63 -3.40
N GLU C 751 22.75 -69.65 -4.26
CA GLU C 751 21.49 -70.36 -4.44
C GLU C 751 21.35 -71.49 -3.41
N ALA C 752 22.39 -71.74 -2.61
CA ALA C 752 22.36 -72.79 -1.61
C ALA C 752 22.64 -72.21 -0.23
N ASP C 753 21.93 -71.12 0.11
CA ASP C 753 22.09 -70.45 1.38
C ASP C 753 20.73 -69.95 1.86
N ASP C 754 20.51 -70.01 3.18
CA ASP C 754 19.25 -69.60 3.79
C ASP C 754 19.45 -68.25 4.46
N PRO C 755 18.87 -67.15 3.91
CA PRO C 755 19.03 -65.82 4.50
C PRO C 755 18.06 -65.49 5.65
N SER C 756 17.15 -66.42 5.96
CA SER C 756 16.13 -66.21 6.98
C SER C 756 16.72 -66.40 8.37
N MET C 757 17.89 -67.06 8.46
CA MET C 757 18.53 -67.34 9.74
C MET C 757 18.99 -66.03 10.38
N THR C 758 19.46 -65.09 9.55
CA THR C 758 20.13 -63.88 10.02
C THR C 758 19.34 -62.61 9.70
N GLN C 759 18.56 -62.63 8.61
CA GLN C 759 17.67 -61.52 8.29
C GLN C 759 16.23 -62.05 8.16
N PRO C 760 15.56 -62.42 9.27
CA PRO C 760 14.20 -62.96 9.20
C PRO C 760 13.17 -61.90 8.80
N LYS C 761 13.33 -60.68 9.31
CA LYS C 761 12.33 -59.63 9.11
C LYS C 761 12.41 -59.10 7.67
N MET C 762 13.63 -58.95 7.15
CA MET C 762 13.82 -58.42 5.81
C MET C 762 13.25 -59.40 4.79
N TYR C 763 13.45 -60.70 5.01
CA TYR C 763 13.02 -61.72 4.06
C TYR C 763 11.59 -62.17 4.31
N GLU C 764 10.90 -61.58 5.30
CA GLU C 764 9.46 -61.71 5.41
C GLU C 764 8.78 -60.82 4.36
N LEU C 765 9.40 -59.68 4.06
CA LEU C 765 8.91 -58.78 3.02
C LEU C 765 9.23 -59.32 1.64
N ILE C 766 10.43 -59.87 1.46
CA ILE C 766 10.90 -60.26 0.13
C ILE C 766 10.16 -61.51 -0.33
N THR C 767 10.08 -62.52 0.54
CA THR C 767 9.49 -63.79 0.18
C THR C 767 8.01 -63.61 -0.13
N GLY C 768 7.60 -64.10 -1.31
CA GLY C 768 6.21 -64.12 -1.70
C GLY C 768 5.81 -62.98 -2.64
N ARG C 769 6.65 -61.94 -2.75
CA ARG C 769 6.26 -60.77 -3.52
C ARG C 769 6.32 -61.09 -5.02
N GLU C 770 5.49 -60.37 -5.77
CA GLU C 770 5.39 -60.57 -7.20
C GLU C 770 6.53 -59.81 -7.89
N THR C 771 7.06 -60.42 -8.95
CA THR C 771 8.26 -59.91 -9.61
C THR C 771 7.97 -58.63 -10.36
N VAL C 772 9.04 -57.94 -10.76
CA VAL C 772 8.93 -56.68 -11.49
C VAL C 772 8.28 -56.94 -12.85
N ARG C 773 8.60 -58.09 -13.46
CA ARG C 773 8.01 -58.48 -14.73
C ARG C 773 6.51 -58.62 -14.58
N ALA C 774 6.08 -59.34 -13.53
CA ALA C 774 4.67 -59.53 -13.26
C ALA C 774 3.99 -58.18 -13.04
N GLN C 775 4.65 -57.33 -12.25
CA GLN C 775 4.08 -56.04 -11.91
C GLN C 775 3.90 -55.19 -13.17
N TYR C 776 4.92 -55.19 -14.03
CA TYR C 776 4.90 -54.37 -15.22
C TYR C 776 3.87 -54.88 -16.21
N THR C 777 3.75 -56.21 -16.32
CA THR C 777 2.76 -56.80 -17.22
C THR C 777 1.36 -56.39 -16.79
N GLU C 778 1.08 -56.48 -15.49
CA GLU C 778 -0.22 -56.10 -14.94
C GLU C 778 -0.48 -54.61 -15.19
N ASP C 779 0.57 -53.79 -15.07
CA ASP C 779 0.45 -52.36 -15.26
C ASP C 779 0.09 -52.05 -16.72
N LEU C 780 0.78 -52.72 -17.66
CA LEU C 780 0.54 -52.49 -19.08
C LEU C 780 -0.87 -52.94 -19.47
N LEU C 781 -1.31 -54.08 -18.93
CA LEU C 781 -2.65 -54.59 -19.23
C LEU C 781 -3.71 -53.66 -18.64
N GLY C 782 -3.45 -53.14 -17.43
CA GLY C 782 -4.37 -52.25 -16.76
C GLY C 782 -4.62 -50.95 -17.53
N ARG C 783 -3.55 -50.40 -18.11
CA ARG C 783 -3.62 -49.14 -18.83
C ARG C 783 -4.05 -49.35 -20.28
N GLY C 784 -4.14 -50.62 -20.70
CA GLY C 784 -4.59 -50.96 -22.04
C GLY C 784 -3.50 -50.75 -23.08
N ASP C 785 -2.24 -50.63 -22.63
CA ASP C 785 -1.11 -50.41 -23.52
C ASP C 785 -0.64 -51.72 -24.12
N LEU C 786 -1.04 -52.84 -23.52
CA LEU C 786 -0.71 -54.16 -24.02
C LEU C 786 -1.95 -55.06 -24.00
N SER C 787 -2.01 -55.98 -24.95
CA SER C 787 -3.10 -56.95 -25.04
C SER C 787 -2.66 -58.27 -24.41
N ASN C 788 -3.65 -59.13 -24.11
CA ASN C 788 -3.41 -60.37 -23.38
C ASN C 788 -2.57 -61.33 -24.21
N GLU C 789 -2.98 -61.56 -25.46
CA GLU C 789 -2.33 -62.55 -26.31
C GLU C 789 -0.88 -62.16 -26.58
N ASP C 790 -0.59 -60.85 -26.61
CA ASP C 790 0.77 -60.36 -26.79
C ASP C 790 1.58 -60.67 -25.53
N ALA C 791 0.95 -60.54 -24.36
CA ALA C 791 1.62 -60.79 -23.09
C ALA C 791 2.03 -62.26 -22.98
N GLU C 792 1.13 -63.17 -23.38
CA GLU C 792 1.41 -64.60 -23.33
C GLU C 792 2.42 -64.98 -24.41
N ALA C 793 2.39 -64.25 -25.54
CA ALA C 793 3.30 -64.51 -26.64
C ALA C 793 4.75 -64.27 -26.23
N VAL C 794 4.98 -63.17 -25.49
CA VAL C 794 6.32 -62.79 -25.05
C VAL C 794 6.91 -63.90 -24.18
N VAL C 795 6.12 -64.40 -23.23
CA VAL C 795 6.57 -65.42 -22.29
C VAL C 795 6.83 -66.73 -23.04
N ARG C 796 5.91 -67.11 -23.92
CA ARG C 796 5.94 -68.40 -24.58
C ARG C 796 7.07 -68.45 -25.61
N ASP C 797 7.23 -67.37 -26.39
CA ASP C 797 8.22 -67.33 -27.45
C ASP C 797 9.62 -67.48 -26.87
N PHE C 798 9.91 -66.81 -25.76
CA PHE C 798 11.23 -66.84 -25.17
C PHE C 798 11.51 -68.20 -24.52
N HIS C 799 10.48 -68.79 -23.91
CA HIS C 799 10.63 -70.08 -23.27
C HIS C 799 10.94 -71.16 -24.31
N ASP C 800 10.27 -71.08 -25.46
CA ASP C 800 10.46 -72.05 -26.54
C ASP C 800 11.89 -71.94 -27.08
N GLN C 801 12.42 -70.71 -27.13
CA GLN C 801 13.77 -70.46 -27.59
C GLN C 801 14.76 -71.20 -26.68
N MET C 802 14.56 -71.07 -25.36
CA MET C 802 15.48 -71.64 -24.38
C MET C 802 15.38 -73.17 -24.37
N GLU C 803 14.16 -73.70 -24.53
CA GLU C 803 13.95 -75.13 -24.52
C GLU C 803 14.64 -75.77 -25.73
N SER C 804 14.49 -75.15 -26.91
CA SER C 804 15.07 -75.68 -28.13
C SER C 804 16.59 -75.76 -28.02
N VAL C 805 17.21 -74.69 -27.50
CA VAL C 805 18.65 -74.62 -27.35
C VAL C 805 19.13 -75.64 -26.32
N PHE C 806 18.37 -75.78 -25.24
CA PHE C 806 18.72 -76.72 -24.17
C PHE C 806 18.76 -78.15 -24.70
N ASN C 807 17.81 -78.48 -25.59
CA ASN C 807 17.71 -79.82 -26.14
C ASN C 807 18.92 -80.15 -27.02
N GLU C 808 19.38 -79.16 -27.79
CA GLU C 808 20.51 -79.36 -28.71
C GLU C 808 21.79 -79.58 -27.92
N VAL C 809 21.90 -78.95 -26.73
CA VAL C 809 23.06 -79.12 -25.88
C VAL C 809 23.03 -80.50 -25.25
N LYS C 810 21.83 -80.98 -24.89
CA LYS C 810 21.67 -82.23 -24.18
C LYS C 810 21.97 -83.41 -25.09
N GLU C 811 21.54 -83.32 -26.35
CA GLU C 811 21.70 -84.42 -27.31
C GLU C 811 23.18 -84.59 -27.65
N GLY C 812 23.97 -83.52 -27.54
CA GLY C 812 25.41 -83.61 -27.75
C GLY C 812 26.08 -84.47 -26.68
N GLY C 813 27.15 -85.16 -27.06
CA GLY C 813 27.87 -86.05 -26.17
C GLY C 813 28.62 -85.28 -25.09
N LYS C 814 28.59 -85.82 -23.86
CA LYS C 814 29.27 -85.21 -22.72
C LYS C 814 30.66 -85.82 -22.58
N LYS C 815 31.68 -85.07 -23.01
CA LYS C 815 33.06 -85.49 -22.89
C LYS C 815 33.45 -85.60 -21.42
N GLN C 816 34.26 -86.62 -21.10
CA GLN C 816 34.71 -86.87 -19.73
C GLN C 816 35.80 -85.88 -19.36
N ALA C 817 36.15 -85.87 -18.06
CA ALA C 817 37.17 -84.99 -17.54
C ALA C 817 38.54 -85.42 -18.07
N GLU C 818 39.42 -84.44 -18.31
CA GLU C 818 40.76 -84.69 -18.81
C GLU C 818 41.75 -83.84 -18.03
N ALA C 819 43.01 -84.29 -17.99
CA ALA C 819 44.07 -83.57 -17.32
C ALA C 819 44.48 -82.38 -18.17
N GLN C 820 44.74 -81.24 -17.50
CA GLN C 820 45.13 -80.00 -18.15
C GLN C 820 46.66 -79.93 -18.15
N THR C 821 47.24 -79.67 -19.33
CA THR C 821 48.67 -79.81 -19.54
C THR C 821 49.41 -78.59 -18.97
N GLY C 822 49.16 -77.43 -19.57
CA GLY C 822 49.84 -76.20 -19.19
C GLY C 822 50.01 -75.26 -20.38
N ILE C 823 50.53 -74.06 -20.11
CA ILE C 823 50.62 -73.00 -21.11
C ILE C 823 52.08 -72.68 -21.43
N THR C 824 52.98 -73.61 -21.13
CA THR C 824 54.41 -73.35 -21.25
C THR C 824 54.76 -73.08 -22.72
N GLY C 825 54.34 -73.98 -23.62
CA GLY C 825 54.69 -73.89 -25.03
C GLY C 825 53.55 -73.35 -25.90
N SER C 826 52.60 -72.63 -25.30
CA SER C 826 51.45 -72.13 -26.01
C SER C 826 51.83 -70.93 -26.88
N GLN C 827 52.95 -70.27 -26.54
CA GLN C 827 53.49 -69.18 -27.34
C GLN C 827 54.92 -69.49 -27.72
N LYS C 828 55.38 -68.91 -28.83
CA LYS C 828 56.69 -69.22 -29.38
C LYS C 828 57.70 -68.16 -28.95
N LEU C 829 58.94 -68.61 -28.69
CA LEU C 829 60.05 -67.73 -28.39
C LEU C 829 60.60 -67.15 -29.68
N PRO C 830 61.02 -65.87 -29.70
CA PRO C 830 61.58 -65.24 -30.89
C PRO C 830 63.03 -65.67 -31.18
N HIS C 831 63.18 -66.86 -31.77
CA HIS C 831 64.49 -67.37 -32.12
C HIS C 831 65.00 -66.63 -33.36
N GLY C 832 66.25 -66.13 -33.28
CA GLY C 832 66.92 -65.50 -34.40
C GLY C 832 66.63 -64.00 -34.53
N LEU C 833 65.88 -63.44 -33.57
CA LEU C 833 65.52 -62.04 -33.61
C LEU C 833 66.72 -61.19 -33.19
N GLU C 834 67.03 -60.16 -33.99
CA GLU C 834 68.13 -59.25 -33.72
C GLU C 834 67.55 -57.90 -33.29
N THR C 835 68.07 -57.36 -32.17
CA THR C 835 67.48 -56.20 -31.53
C THR C 835 68.39 -54.98 -31.63
N ASN C 836 69.50 -55.10 -32.35
CA ASN C 836 70.41 -53.98 -32.55
C ASN C 836 69.81 -52.99 -33.53
N ILE C 837 70.20 -51.71 -33.40
CA ILE C 837 69.81 -50.66 -34.31
C ILE C 837 71.03 -50.20 -35.10
N SER C 838 70.82 -49.43 -36.17
CA SER C 838 71.90 -48.92 -36.99
C SER C 838 72.56 -47.73 -36.31
N ARG C 839 73.79 -47.40 -36.74
CA ARG C 839 74.50 -46.24 -36.22
C ARG C 839 73.72 -44.97 -36.52
N GLU C 840 73.14 -44.89 -37.73
CA GLU C 840 72.38 -43.73 -38.14
C GLU C 840 71.20 -43.52 -37.20
N GLU C 841 70.53 -44.63 -36.83
CA GLU C 841 69.40 -44.56 -35.92
C GLU C 841 69.86 -44.07 -34.56
N LEU C 842 71.02 -44.57 -34.10
CA LEU C 842 71.53 -44.22 -32.79
C LEU C 842 71.91 -42.74 -32.76
N LEU C 843 72.61 -42.27 -33.80
CA LEU C 843 73.02 -40.88 -33.89
C LEU C 843 71.80 -39.96 -33.93
N GLU C 844 70.75 -40.37 -34.64
CA GLU C 844 69.55 -39.57 -34.77
C GLU C 844 68.85 -39.46 -33.42
N LEU C 845 68.84 -40.55 -32.65
CA LEU C 845 68.22 -40.57 -31.33
C LEU C 845 68.96 -39.62 -30.39
N GLY C 846 70.29 -39.62 -30.49
CA GLY C 846 71.11 -38.71 -29.72
C GLY C 846 70.83 -37.25 -30.06
N GLN C 847 70.65 -36.98 -31.36
CA GLN C 847 70.49 -35.61 -31.84
C GLN C 847 69.13 -35.05 -31.43
N ALA C 848 68.21 -35.90 -30.97
CA ALA C 848 66.88 -35.46 -30.59
C ALA C 848 66.94 -34.47 -29.44
N PHE C 849 67.93 -34.63 -28.56
CA PHE C 849 68.07 -33.81 -27.37
C PHE C 849 68.75 -32.48 -27.69
N ALA C 850 69.37 -32.37 -28.87
CA ALA C 850 69.97 -31.14 -29.34
C ALA C 850 68.98 -30.31 -30.15
N ASN C 851 67.93 -30.94 -30.69
CA ASN C 851 66.96 -30.26 -31.55
C ASN C 851 65.86 -29.65 -30.69
N THR C 852 66.24 -28.69 -29.84
CA THR C 852 65.29 -28.03 -28.97
C THR C 852 64.43 -27.07 -29.78
N PRO C 853 63.18 -26.78 -29.35
CA PRO C 853 62.37 -25.74 -29.99
C PRO C 853 63.07 -24.38 -30.03
N GLU C 854 62.46 -23.43 -30.73
CA GLU C 854 63.11 -22.17 -31.08
C GLU C 854 63.50 -21.40 -29.82
N GLY C 855 62.53 -21.19 -28.91
CA GLY C 855 62.76 -20.38 -27.73
C GLY C 855 62.93 -21.20 -26.46
N PHE C 856 63.42 -22.45 -26.59
CA PHE C 856 63.52 -23.36 -25.47
C PHE C 856 64.96 -23.40 -24.95
N ASN C 857 65.10 -23.40 -23.63
CA ASN C 857 66.39 -23.59 -22.98
C ASN C 857 66.21 -24.62 -21.85
N TYR C 858 67.24 -25.45 -21.65
CA TYR C 858 67.21 -26.45 -20.61
C TYR C 858 67.46 -25.80 -19.25
N HIS C 859 66.91 -26.42 -18.20
CA HIS C 859 67.27 -26.10 -16.83
C HIS C 859 68.77 -26.31 -16.66
N PRO C 860 69.50 -25.39 -15.99
CA PRO C 860 70.95 -25.50 -15.86
C PRO C 860 71.49 -26.84 -15.34
N ARG C 861 70.69 -27.56 -14.54
CA ARG C 861 71.11 -28.85 -14.02
C ARG C 861 70.66 -29.99 -14.93
N VAL C 862 69.85 -29.68 -15.95
CA VAL C 862 69.41 -30.67 -16.92
C VAL C 862 70.25 -30.57 -18.19
N ALA C 863 70.78 -29.38 -18.50
CA ALA C 863 71.52 -29.16 -19.73
C ALA C 863 72.71 -30.12 -19.84
N PRO C 864 73.50 -30.36 -18.78
CA PRO C 864 74.59 -31.34 -18.83
C PRO C 864 74.14 -32.75 -19.21
N VAL C 865 72.94 -33.14 -18.75
CA VAL C 865 72.40 -34.46 -19.04
C VAL C 865 72.07 -34.55 -20.52
N ALA C 866 71.42 -33.50 -21.05
CA ALA C 866 71.07 -33.43 -22.46
C ALA C 866 72.32 -33.45 -23.33
N LYS C 867 73.35 -32.69 -22.92
CA LYS C 867 74.58 -32.58 -23.68
C LYS C 867 75.29 -33.93 -23.72
N LYS C 868 75.23 -34.66 -22.60
CA LYS C 868 75.91 -35.95 -22.49
C LYS C 868 75.21 -36.97 -23.41
N ARG C 869 73.88 -36.89 -23.50
CA ARG C 869 73.12 -37.79 -24.34
C ARG C 869 73.47 -37.59 -25.81
N VAL C 870 73.74 -36.34 -26.21
CA VAL C 870 74.09 -36.03 -27.58
C VAL C 870 75.47 -36.58 -27.91
N SER C 871 76.39 -36.56 -26.93
CA SER C 871 77.77 -36.92 -27.17
C SER C 871 78.02 -38.40 -26.91
N SER C 872 77.21 -39.03 -26.06
CA SER C 872 77.44 -40.41 -25.64
C SER C 872 77.24 -41.38 -26.79
N VAL C 873 76.37 -41.04 -27.75
CA VAL C 873 76.03 -41.92 -28.86
C VAL C 873 77.22 -42.08 -29.81
N THR C 874 78.26 -41.25 -29.67
CA THR C 874 79.48 -41.41 -30.45
C THR C 874 80.67 -41.73 -29.53
N GLU C 875 80.79 -41.02 -28.40
CA GLU C 875 81.95 -41.13 -27.54
C GLU C 875 81.83 -42.36 -26.63
N GLY C 876 80.64 -42.55 -26.06
CA GLY C 876 80.38 -43.65 -25.17
C GLY C 876 79.91 -43.18 -23.80
N GLY C 877 79.94 -44.07 -22.82
CA GLY C 877 79.49 -43.76 -21.48
C GLY C 877 77.98 -43.53 -21.42
N ILE C 878 77.23 -44.43 -22.07
CA ILE C 878 75.78 -44.40 -22.03
C ILE C 878 75.33 -45.01 -20.72
N ASP C 879 74.59 -44.24 -19.92
CA ASP C 879 74.14 -44.66 -18.61
C ASP C 879 72.80 -45.37 -18.73
N TRP C 880 72.30 -45.88 -17.60
CA TRP C 880 71.11 -46.70 -17.58
C TRP C 880 69.90 -45.98 -18.16
N ALA C 881 69.65 -44.75 -17.68
CA ALA C 881 68.46 -44.02 -18.09
C ALA C 881 68.46 -43.78 -19.59
N TRP C 882 69.63 -43.45 -20.14
CA TRP C 882 69.75 -43.16 -21.56
C TRP C 882 69.56 -44.44 -22.36
N GLY C 883 70.11 -45.55 -21.85
CA GLY C 883 69.91 -46.86 -22.47
C GLY C 883 68.44 -47.24 -22.56
N GLU C 884 67.68 -46.95 -21.50
CA GLU C 884 66.25 -47.23 -21.45
C GLU C 884 65.50 -46.37 -22.46
N LEU C 885 65.81 -45.06 -22.50
CA LEU C 885 65.13 -44.14 -23.40
C LEU C 885 65.45 -44.48 -24.85
N LEU C 886 66.68 -44.95 -25.12
CA LEU C 886 67.06 -45.34 -26.47
C LEU C 886 66.18 -46.50 -26.95
N ALA C 887 65.83 -47.42 -26.05
CA ALA C 887 64.97 -48.54 -26.39
C ALA C 887 63.57 -48.02 -26.74
N PHE C 888 63.00 -47.20 -25.86
CA PHE C 888 61.65 -46.70 -26.06
C PHE C 888 61.59 -45.77 -27.27
N GLY C 889 62.63 -44.97 -27.46
CA GLY C 889 62.70 -44.07 -28.60
C GLY C 889 62.75 -44.83 -29.93
N SER C 890 63.59 -45.86 -29.99
CA SER C 890 63.75 -46.63 -31.21
C SER C 890 62.45 -47.34 -31.58
N LEU C 891 61.71 -47.79 -30.56
CA LEU C 891 60.44 -48.47 -30.78
C LEU C 891 59.39 -47.48 -31.28
N ALA C 892 59.36 -46.28 -30.69
CA ALA C 892 58.42 -45.25 -31.11
C ALA C 892 58.72 -44.80 -32.54
N ASN C 893 60.00 -44.80 -32.93
CA ASN C 893 60.38 -44.42 -34.28
C ASN C 893 59.79 -45.39 -35.30
N SER C 894 59.71 -46.67 -34.95
CA SER C 894 59.22 -47.71 -35.85
C SER C 894 57.72 -47.55 -36.11
N GLY C 895 57.02 -46.84 -35.22
CA GLY C 895 55.63 -46.51 -35.42
C GLY C 895 54.73 -46.98 -34.27
N ARG C 896 55.34 -47.42 -33.16
CA ARG C 896 54.59 -47.98 -32.05
C ARG C 896 54.20 -46.88 -31.06
N LEU C 897 53.07 -47.09 -30.38
CA LEU C 897 52.66 -46.23 -29.29
C LEU C 897 53.32 -46.75 -28.02
N VAL C 898 54.28 -45.96 -27.50
CA VAL C 898 55.01 -46.30 -26.29
C VAL C 898 54.47 -45.43 -25.17
N ARG C 899 53.96 -46.08 -24.11
CA ARG C 899 53.39 -45.39 -22.97
C ARG C 899 54.16 -45.76 -21.72
N LEU C 900 54.72 -44.75 -21.04
CA LEU C 900 55.41 -44.92 -19.78
C LEU C 900 54.67 -44.12 -18.71
N ALA C 901 54.17 -44.82 -17.69
CA ALA C 901 53.44 -44.18 -16.61
C ALA C 901 54.00 -44.65 -15.27
N GLY C 902 53.81 -43.82 -14.25
CA GLY C 902 54.28 -44.12 -12.92
C GLY C 902 54.49 -42.85 -12.10
N GLU C 903 54.65 -43.01 -10.79
CA GLU C 903 54.83 -41.87 -9.90
C GLU C 903 56.17 -41.20 -10.20
N ASP C 904 56.10 -39.94 -10.64
CA ASP C 904 57.27 -39.11 -10.86
C ASP C 904 58.10 -39.67 -12.02
N SER C 905 57.43 -40.16 -13.06
CA SER C 905 58.11 -40.88 -14.13
C SER C 905 58.72 -39.95 -15.16
N ARG C 906 58.15 -38.75 -15.35
CA ARG C 906 58.61 -37.86 -16.39
C ARG C 906 60.02 -37.37 -16.08
N ARG C 907 60.26 -37.02 -14.81
CA ARG C 907 61.58 -36.61 -14.37
C ARG C 907 62.38 -37.85 -13.95
N GLY C 908 61.70 -38.79 -13.27
CA GLY C 908 62.37 -39.92 -12.65
C GLY C 908 62.52 -39.70 -11.14
N THR C 909 62.30 -40.77 -10.37
CA THR C 909 62.40 -40.71 -8.93
C THR C 909 63.81 -40.28 -8.51
N PHE C 910 64.81 -40.73 -9.25
CA PHE C 910 66.21 -40.49 -8.92
C PHE C 910 66.80 -39.45 -9.87
N THR C 911 65.95 -38.64 -10.49
CA THR C 911 66.36 -37.52 -11.32
C THR C 911 67.31 -38.01 -12.43
N GLN C 912 66.94 -39.11 -13.08
CA GLN C 912 67.82 -39.75 -14.03
C GLN C 912 67.24 -39.69 -15.45
N ARG C 913 65.91 -39.64 -15.58
CA ARG C 913 65.26 -39.87 -16.87
C ARG C 913 65.20 -38.58 -17.67
N HIS C 914 64.50 -37.58 -17.15
CA HIS C 914 64.28 -36.32 -17.87
C HIS C 914 63.72 -36.61 -19.26
N ALA C 915 62.62 -37.37 -19.30
CA ALA C 915 61.96 -37.68 -20.55
C ALA C 915 61.31 -36.42 -21.11
N VAL C 916 60.71 -35.61 -20.21
CA VAL C 916 60.15 -34.33 -20.57
C VAL C 916 60.91 -33.24 -19.83
N ALA C 917 61.52 -32.32 -20.57
CA ALA C 917 62.26 -31.21 -20.00
C ALA C 917 61.37 -29.97 -19.94
N ILE C 918 61.56 -29.16 -18.88
CA ILE C 918 60.77 -27.96 -18.69
C ILE C 918 61.70 -26.75 -18.71
N ASP C 919 61.31 -25.73 -19.49
CA ASP C 919 62.05 -24.48 -19.55
C ASP C 919 61.79 -23.71 -18.25
N PRO C 920 62.82 -23.38 -17.46
CA PRO C 920 62.63 -22.64 -16.20
C PRO C 920 61.83 -21.34 -16.36
N ALA C 921 62.11 -20.62 -17.44
CA ALA C 921 61.52 -19.31 -17.68
C ALA C 921 60.04 -19.42 -18.02
N THR C 922 59.74 -20.12 -19.12
CA THR C 922 58.41 -20.10 -19.72
C THR C 922 57.55 -21.25 -19.22
N ALA C 923 58.15 -22.22 -18.53
CA ALA C 923 57.48 -23.44 -18.09
C ALA C 923 56.98 -24.24 -19.29
N GLU C 924 57.68 -24.14 -20.42
CA GLU C 924 57.34 -24.85 -21.64
C GLU C 924 57.90 -26.27 -21.56
N GLU C 925 57.06 -27.26 -21.90
CA GLU C 925 57.47 -28.66 -21.89
C GLU C 925 58.10 -29.02 -23.23
N PHE C 926 59.06 -29.96 -23.18
CA PHE C 926 59.69 -30.48 -24.38
C PHE C 926 59.92 -31.98 -24.21
N ASN C 927 59.39 -32.76 -25.17
CA ASN C 927 59.52 -34.21 -25.18
C ASN C 927 60.33 -34.61 -26.41
N PRO C 928 61.67 -34.67 -26.31
CA PRO C 928 62.52 -34.89 -27.48
C PRO C 928 62.17 -36.13 -28.31
N LEU C 929 61.90 -37.25 -27.62
CA LEU C 929 61.74 -38.53 -28.29
C LEU C 929 60.38 -38.60 -28.99
N HIS C 930 59.36 -37.95 -28.41
CA HIS C 930 58.06 -37.89 -29.05
C HIS C 930 58.14 -37.10 -30.36
N GLU C 931 58.86 -35.98 -30.33
CA GLU C 931 58.97 -35.13 -31.51
C GLU C 931 59.72 -35.88 -32.61
N LEU C 932 60.75 -36.64 -32.25
CA LEU C 932 61.50 -37.39 -33.23
C LEU C 932 60.60 -38.45 -33.87
N ALA C 933 59.83 -39.16 -33.03
CA ALA C 933 58.99 -40.25 -33.51
C ALA C 933 57.95 -39.72 -34.51
N GLN C 934 57.35 -38.57 -34.19
CA GLN C 934 56.32 -37.99 -35.02
C GLN C 934 56.90 -37.49 -36.35
N SER C 935 58.21 -37.23 -36.40
CA SER C 935 58.85 -36.71 -37.60
C SER C 935 59.31 -37.83 -38.53
N LYS C 936 59.20 -39.09 -38.11
CA LYS C 936 59.68 -40.22 -38.90
C LYS C 936 58.59 -40.73 -39.84
N GLY C 937 57.35 -40.27 -39.63
CA GLY C 937 56.27 -40.55 -40.56
C GLY C 937 55.70 -41.97 -40.42
N ASN C 938 55.83 -42.56 -39.23
CA ASN C 938 55.20 -43.83 -38.92
C ASN C 938 54.14 -43.65 -37.84
N ASN C 939 53.86 -42.39 -37.48
CA ASN C 939 52.86 -42.04 -36.48
C ASN C 939 53.17 -42.71 -35.14
N GLY C 940 54.46 -42.82 -34.80
CA GLY C 940 54.86 -43.31 -33.51
C GLY C 940 54.67 -42.26 -32.43
N LYS C 941 54.47 -42.71 -31.19
CA LYS C 941 54.23 -41.81 -30.06
C LYS C 941 55.03 -42.29 -28.86
N PHE C 942 55.57 -41.33 -28.10
CA PHE C 942 56.18 -41.60 -26.82
C PHE C 942 55.48 -40.76 -25.76
N LEU C 943 54.56 -41.40 -25.01
CA LEU C 943 53.74 -40.73 -24.02
C LEU C 943 54.27 -41.06 -22.63
N VAL C 944 54.57 -40.01 -21.85
CA VAL C 944 55.06 -40.17 -20.49
C VAL C 944 54.13 -39.41 -19.55
N TYR C 945 53.67 -40.08 -18.50
CA TYR C 945 52.71 -39.49 -17.58
C TYR C 945 53.20 -39.66 -16.15
N ASN C 946 52.88 -38.65 -15.31
CA ASN C 946 52.98 -38.76 -13.88
C ASN C 946 51.67 -39.30 -13.33
N SER C 947 51.72 -40.47 -12.71
CA SER C 947 50.53 -41.12 -12.17
C SER C 947 50.08 -40.39 -10.91
N ALA C 948 48.88 -40.75 -10.43
CA ALA C 948 48.43 -40.34 -9.12
C ALA C 948 49.11 -41.22 -8.06
N LEU C 949 48.93 -40.86 -6.80
CA LEU C 949 49.50 -41.61 -5.68
C LEU C 949 48.68 -42.88 -5.50
N THR C 950 49.01 -43.91 -6.28
CA THR C 950 48.30 -45.16 -6.26
C THR C 950 49.13 -46.22 -6.98
N GLU C 951 49.21 -47.41 -6.38
CA GLU C 951 49.84 -48.56 -7.01
C GLU C 951 48.75 -49.47 -7.55
N TYR C 952 47.72 -49.73 -6.74
CA TYR C 952 46.61 -50.59 -7.11
C TYR C 952 46.02 -50.07 -8.43
N ALA C 953 45.50 -48.83 -8.42
CA ALA C 953 44.85 -48.28 -9.60
C ALA C 953 45.90 -47.96 -10.66
N GLY C 954 47.09 -47.53 -10.24
CA GLY C 954 48.15 -47.15 -11.16
C GLY C 954 48.55 -48.32 -12.06
N MET C 955 48.91 -49.45 -11.46
CA MET C 955 49.40 -50.60 -12.20
C MET C 955 48.23 -51.28 -12.93
N GLY C 956 47.07 -51.31 -12.27
CA GLY C 956 45.87 -51.87 -12.87
C GLY C 956 45.51 -51.20 -14.19
N PHE C 957 45.63 -49.86 -14.22
CA PHE C 957 45.31 -49.10 -15.41
C PHE C 957 46.28 -49.44 -16.53
N GLU C 958 47.56 -49.61 -16.22
CA GLU C 958 48.55 -49.92 -17.25
C GLU C 958 48.33 -51.32 -17.77
N TYR C 959 47.96 -52.26 -16.89
CA TYR C 959 47.65 -53.61 -17.31
C TYR C 959 46.48 -53.57 -18.31
N GLY C 960 45.45 -52.82 -17.95
CA GLY C 960 44.29 -52.65 -18.80
C GLY C 960 44.66 -52.09 -20.16
N TYR C 961 45.59 -51.12 -20.17
CA TYR C 961 46.05 -50.49 -21.39
C TYR C 961 46.68 -51.53 -22.31
N SER C 962 47.46 -52.45 -21.73
CA SER C 962 48.15 -53.46 -22.50
C SER C 962 47.17 -54.47 -23.11
N VAL C 963 45.99 -54.62 -22.47
CA VAL C 963 44.97 -55.54 -22.94
C VAL C 963 44.14 -54.86 -24.03
N GLY C 964 43.82 -53.58 -23.82
CA GLY C 964 43.02 -52.82 -24.76
C GLY C 964 43.72 -52.55 -26.09
N ASN C 965 45.06 -52.49 -26.06
CA ASN C 965 45.85 -52.31 -27.27
C ASN C 965 47.08 -53.20 -27.18
N GLU C 966 47.05 -54.32 -27.93
CA GLU C 966 48.06 -55.36 -27.86
C GLU C 966 49.35 -54.90 -28.51
N ASP C 967 49.27 -53.91 -29.41
CA ASP C 967 50.41 -53.48 -30.21
C ASP C 967 51.19 -52.38 -29.48
N SER C 968 50.60 -51.80 -28.43
CA SER C 968 51.25 -50.75 -27.67
C SER C 968 52.33 -51.34 -26.76
N ILE C 969 53.34 -50.52 -26.45
CA ILE C 969 54.35 -50.87 -25.47
C ILE C 969 54.05 -50.05 -24.21
N VAL C 970 53.68 -50.75 -23.13
CA VAL C 970 53.25 -50.09 -21.91
C VAL C 970 54.20 -50.49 -20.79
N ALA C 971 54.71 -49.50 -20.06
CA ALA C 971 55.58 -49.75 -18.92
C ALA C 971 55.03 -48.99 -17.72
N TRP C 972 54.84 -49.71 -16.61
CA TRP C 972 54.52 -49.08 -15.34
C TRP C 972 55.75 -49.07 -14.46
N GLU C 973 56.07 -47.90 -13.90
CA GLU C 973 57.23 -47.75 -13.04
C GLU C 973 56.76 -47.47 -11.61
N ALA C 974 57.23 -48.30 -10.66
CA ALA C 974 57.04 -48.02 -9.25
C ALA C 974 58.12 -47.05 -8.80
N GLN C 975 57.79 -46.21 -7.81
CA GLN C 975 58.74 -45.29 -7.24
C GLN C 975 59.86 -46.10 -6.57
N PHE C 976 59.45 -47.05 -5.74
CA PHE C 976 60.33 -48.12 -5.27
C PHE C 976 59.58 -49.44 -5.42
N GLY C 977 60.33 -50.51 -5.68
CA GLY C 977 59.76 -51.84 -5.81
C GLY C 977 59.00 -52.28 -4.56
N ASP C 978 59.38 -51.72 -3.40
CA ASP C 978 58.82 -52.09 -2.11
C ASP C 978 57.32 -51.77 -2.06
N PHE C 979 56.88 -50.76 -2.81
CA PHE C 979 55.50 -50.31 -2.76
C PHE C 979 54.60 -51.09 -3.71
N ALA C 980 55.19 -51.98 -4.53
CA ALA C 980 54.44 -52.75 -5.49
C ALA C 980 53.46 -53.71 -4.80
N ASN C 981 53.71 -54.03 -3.52
CA ASN C 981 52.85 -54.95 -2.78
C ASN C 981 51.50 -54.30 -2.47
N GLY C 982 51.41 -52.98 -2.67
CA GLY C 982 50.13 -52.30 -2.59
C GLY C 982 49.16 -52.75 -3.68
N ALA C 983 49.72 -53.09 -4.85
CA ALA C 983 48.96 -53.61 -5.97
C ALA C 983 49.12 -55.12 -6.07
N GLN C 984 48.92 -55.83 -4.94
CA GLN C 984 49.15 -57.26 -4.91
C GLN C 984 48.03 -58.00 -5.63
N THR C 985 46.81 -57.45 -5.57
CA THR C 985 45.66 -58.03 -6.24
C THR C 985 45.89 -58.07 -7.75
N ILE C 986 46.44 -56.98 -8.30
CA ILE C 986 46.67 -56.86 -9.73
C ILE C 986 47.77 -57.83 -10.15
N ILE C 987 48.83 -57.95 -9.35
CA ILE C 987 49.93 -58.85 -9.65
C ILE C 987 49.44 -60.30 -9.60
N ASP C 988 48.68 -60.64 -8.55
CA ASP C 988 48.29 -62.03 -8.30
C ASP C 988 47.21 -62.47 -9.29
N GLU C 989 46.19 -61.61 -9.51
CA GLU C 989 44.96 -62.02 -10.16
C GLU C 989 44.98 -61.72 -11.66
N TYR C 990 45.78 -60.74 -12.09
CA TYR C 990 45.77 -60.31 -13.48
C TYR C 990 47.10 -60.61 -14.15
N VAL C 991 48.19 -60.00 -13.66
CA VAL C 991 49.46 -60.00 -14.37
C VAL C 991 50.04 -61.41 -14.44
N SER C 992 50.02 -62.13 -13.31
CA SER C 992 50.72 -63.40 -13.21
C SER C 992 49.89 -64.55 -13.76
N SER C 993 48.56 -64.52 -13.53
CA SER C 993 47.71 -65.66 -13.78
C SER C 993 46.63 -65.38 -14.82
N GLY C 994 46.74 -64.24 -15.52
CA GLY C 994 45.71 -63.83 -16.47
C GLY C 994 45.61 -64.77 -17.67
N GLU C 995 46.75 -65.21 -18.18
CA GLU C 995 46.81 -66.06 -19.36
C GLU C 995 46.26 -67.45 -19.04
N ALA C 996 46.64 -68.00 -17.88
CA ALA C 996 46.29 -69.36 -17.51
C ALA C 996 44.81 -69.49 -17.19
N LYS C 997 44.19 -68.41 -16.70
CA LYS C 997 42.81 -68.45 -16.24
C LYS C 997 41.83 -68.15 -17.37
N TRP C 998 42.15 -67.15 -18.20
CA TRP C 998 41.19 -66.63 -19.18
C TRP C 998 41.75 -66.63 -20.60
N GLY C 999 43.03 -66.98 -20.79
CA GLY C 999 43.66 -66.83 -22.08
C GLY C 999 43.88 -65.37 -22.47
N GLN C 1000 43.86 -64.48 -21.48
CA GLN C 1000 44.07 -63.06 -21.71
C GLN C 1000 45.56 -62.77 -21.57
N THR C 1001 46.18 -62.31 -22.66
CA THR C 1001 47.62 -62.06 -22.69
C THR C 1001 47.90 -60.58 -22.50
N SER C 1002 49.10 -60.27 -22.00
CA SER C 1002 49.53 -58.91 -21.78
C SER C 1002 51.04 -58.83 -21.97
N LYS C 1003 51.52 -57.69 -22.49
CA LYS C 1003 52.95 -57.45 -22.63
C LYS C 1003 53.40 -56.33 -21.68
N LEU C 1004 52.67 -56.14 -20.59
CA LEU C 1004 52.98 -55.08 -19.64
C LEU C 1004 54.40 -55.22 -19.12
N ILE C 1005 55.11 -54.10 -19.04
CA ILE C 1005 56.45 -54.04 -18.46
C ILE C 1005 56.33 -53.42 -17.07
N LEU C 1006 56.91 -54.08 -16.07
CA LEU C 1006 57.02 -53.52 -14.74
C LEU C 1006 58.48 -53.11 -14.49
N LEU C 1007 58.69 -51.81 -14.27
CA LEU C 1007 59.99 -51.28 -13.91
C LEU C 1007 60.02 -51.05 -12.40
N LEU C 1008 60.70 -51.94 -11.67
CA LEU C 1008 60.69 -51.92 -10.21
C LEU C 1008 62.09 -51.63 -9.69
N PRO C 1009 62.36 -50.40 -9.19
CA PRO C 1009 63.68 -50.09 -8.61
C PRO C 1009 64.02 -51.02 -7.44
N HIS C 1010 65.24 -51.53 -7.46
CA HIS C 1010 65.69 -52.54 -6.51
C HIS C 1010 67.17 -52.34 -6.25
N GLY C 1011 67.59 -52.58 -5.00
CA GLY C 1011 69.00 -52.53 -4.64
C GLY C 1011 69.20 -52.23 -3.17
N TYR C 1012 70.09 -52.99 -2.53
CA TYR C 1012 70.41 -52.83 -1.13
C TYR C 1012 71.53 -51.79 -1.00
N GLU C 1013 71.16 -50.57 -0.58
CA GLU C 1013 72.10 -49.47 -0.50
C GLU C 1013 72.04 -48.77 0.86
N GLY C 1014 71.34 -49.38 1.82
CA GLY C 1014 71.21 -48.83 3.16
C GLY C 1014 70.24 -47.66 3.23
N GLN C 1015 69.01 -47.88 2.72
CA GLN C 1015 67.96 -46.87 2.75
C GLN C 1015 66.74 -47.36 3.55
N GLY C 1016 66.89 -48.49 4.24
CA GLY C 1016 65.84 -48.96 5.14
C GLY C 1016 65.03 -50.11 4.55
N PRO C 1017 64.13 -50.73 5.35
CA PRO C 1017 63.40 -51.92 4.90
C PRO C 1017 62.34 -51.69 3.82
N ASP C 1018 61.99 -50.43 3.54
CA ASP C 1018 60.94 -50.13 2.57
C ASP C 1018 61.50 -49.33 1.40
N HIS C 1019 62.82 -49.34 1.22
CA HIS C 1019 63.46 -48.67 0.09
C HIS C 1019 64.63 -49.49 -0.43
N SER C 1020 64.55 -50.82 -0.29
CA SER C 1020 65.67 -51.68 -0.60
C SER C 1020 65.27 -52.79 -1.58
N SER C 1021 64.20 -53.52 -1.27
CA SER C 1021 63.85 -54.73 -2.00
C SER C 1021 62.54 -54.57 -2.76
N ALA C 1022 62.52 -55.11 -3.98
CA ALA C 1022 61.30 -55.18 -4.79
C ALA C 1022 60.62 -56.54 -4.60
N ARG C 1023 61.12 -57.33 -3.65
CA ARG C 1023 60.58 -58.65 -3.34
C ARG C 1023 60.71 -59.55 -4.56
N ILE C 1024 61.95 -59.82 -4.96
CA ILE C 1024 62.25 -60.68 -6.09
C ILE C 1024 61.74 -62.08 -5.82
N GLU C 1025 61.84 -62.54 -4.56
CA GLU C 1025 61.46 -63.89 -4.19
C GLU C 1025 59.96 -64.12 -4.42
N ARG C 1026 59.16 -63.06 -4.29
CA ARG C 1026 57.71 -63.18 -4.41
C ARG C 1026 57.31 -63.32 -5.88
N PHE C 1027 57.98 -62.56 -6.75
CA PHE C 1027 57.74 -62.61 -8.19
C PHE C 1027 58.15 -63.97 -8.75
N LEU C 1028 59.27 -64.52 -8.25
CA LEU C 1028 59.76 -65.81 -8.74
C LEU C 1028 58.86 -66.96 -8.25
N GLN C 1029 58.14 -66.75 -7.15
CA GLN C 1029 57.25 -67.77 -6.61
C GLN C 1029 55.98 -67.87 -7.45
N LEU C 1030 55.56 -66.74 -8.05
CA LEU C 1030 54.38 -66.72 -8.90
C LEU C 1030 54.71 -67.30 -10.27
N CYS C 1031 55.99 -67.20 -10.68
CA CYS C 1031 56.42 -67.65 -11.99
C CYS C 1031 56.30 -69.17 -12.10
N ALA C 1032 55.50 -69.62 -13.07
CA ALA C 1032 55.38 -71.04 -13.39
C ALA C 1032 54.93 -71.18 -14.84
N GLU C 1033 55.26 -72.33 -15.45
CA GLU C 1033 54.92 -72.63 -16.84
C GLU C 1033 55.22 -71.43 -17.73
N GLY C 1034 56.38 -70.79 -17.51
CA GLY C 1034 56.84 -69.68 -18.31
C GLY C 1034 55.84 -68.53 -18.37
N SER C 1035 55.26 -68.16 -17.23
CA SER C 1035 54.19 -67.18 -17.16
C SER C 1035 54.68 -65.78 -17.53
N MET C 1036 55.86 -65.40 -17.04
CA MET C 1036 56.41 -64.08 -17.33
C MET C 1036 57.92 -64.11 -17.29
N THR C 1037 58.53 -63.08 -17.88
CA THR C 1037 59.98 -62.92 -17.88
C THR C 1037 60.37 -62.03 -16.71
N VAL C 1038 61.36 -62.48 -15.92
CA VAL C 1038 61.88 -61.72 -14.79
C VAL C 1038 63.38 -61.56 -15.00
N ALA C 1039 63.84 -60.31 -15.03
CA ALA C 1039 65.24 -60.02 -15.35
C ALA C 1039 65.78 -58.94 -14.42
N GLN C 1040 67.10 -58.96 -14.23
CA GLN C 1040 67.81 -57.94 -13.48
C GLN C 1040 69.07 -57.57 -14.25
N PRO C 1041 68.97 -56.72 -15.31
CA PRO C 1041 70.12 -56.43 -16.16
C PRO C 1041 71.19 -55.61 -15.44
N SER C 1042 72.44 -55.81 -15.83
CA SER C 1042 73.59 -55.19 -15.18
C SER C 1042 74.16 -54.04 -16.00
N THR C 1043 73.84 -53.96 -17.29
CA THR C 1043 74.34 -52.90 -18.16
C THR C 1043 73.18 -52.21 -18.87
N PRO C 1044 73.30 -50.91 -19.21
CA PRO C 1044 72.25 -50.22 -19.97
C PRO C 1044 71.96 -50.83 -21.35
N ALA C 1045 73.00 -51.34 -22.02
CA ALA C 1045 72.85 -51.95 -23.33
C ALA C 1045 72.01 -53.22 -23.22
N ASN C 1046 72.29 -54.03 -22.18
CA ASN C 1046 71.60 -55.28 -22.01
C ASN C 1046 70.13 -55.00 -21.69
N HIS C 1047 69.87 -53.93 -20.93
CA HIS C 1047 68.52 -53.52 -20.63
C HIS C 1047 67.83 -53.04 -21.91
N PHE C 1048 68.60 -52.38 -22.78
CA PHE C 1048 68.09 -51.92 -24.06
C PHE C 1048 67.63 -53.13 -24.89
N HIS C 1049 68.48 -54.16 -24.96
CA HIS C 1049 68.19 -55.33 -25.77
C HIS C 1049 67.01 -56.12 -25.20
N LEU C 1050 66.93 -56.19 -23.87
CA LEU C 1050 65.84 -56.91 -23.21
C LEU C 1050 64.50 -56.27 -23.56
N LEU C 1051 64.43 -54.94 -23.53
CA LEU C 1051 63.18 -54.24 -23.79
C LEU C 1051 62.77 -54.44 -25.25
N ARG C 1052 63.74 -54.42 -26.16
CA ARG C 1052 63.44 -54.50 -27.59
C ARG C 1052 63.03 -55.92 -27.97
N ARG C 1053 63.68 -56.92 -27.37
CA ARG C 1053 63.31 -58.31 -27.62
C ARG C 1053 61.85 -58.51 -27.24
N HIS C 1054 61.46 -57.98 -26.07
CA HIS C 1054 60.10 -58.12 -25.57
C HIS C 1054 59.12 -57.48 -26.55
N ALA C 1055 59.43 -56.27 -27.01
CA ALA C 1055 58.52 -55.48 -27.82
C ALA C 1055 58.38 -56.05 -29.23
N LEU C 1056 59.48 -56.57 -29.80
CA LEU C 1056 59.51 -56.99 -31.19
C LEU C 1056 59.13 -58.48 -31.35
N SER C 1057 58.90 -59.19 -30.25
CA SER C 1057 58.58 -60.61 -30.31
C SER C 1057 57.07 -60.83 -30.39
N ASP C 1058 56.68 -62.10 -30.55
CA ASP C 1058 55.28 -62.50 -30.51
C ASP C 1058 54.97 -63.22 -29.20
N LEU C 1059 55.87 -63.13 -28.21
CA LEU C 1059 55.64 -63.70 -26.91
C LEU C 1059 54.87 -62.70 -26.06
N LYS C 1060 53.55 -62.88 -25.99
CA LYS C 1060 52.67 -61.93 -25.32
C LYS C 1060 52.58 -62.31 -23.85
N ARG C 1061 53.65 -62.02 -23.10
CA ARG C 1061 53.70 -62.30 -21.67
C ARG C 1061 54.37 -61.11 -20.97
N PRO C 1062 54.02 -60.83 -19.70
CA PRO C 1062 54.60 -59.68 -18.98
C PRO C 1062 56.11 -59.78 -18.80
N LEU C 1063 56.73 -58.61 -18.64
CA LEU C 1063 58.17 -58.52 -18.38
C LEU C 1063 58.37 -57.71 -17.10
N VAL C 1064 59.05 -58.32 -16.12
CA VAL C 1064 59.34 -57.69 -14.85
C VAL C 1064 60.84 -57.40 -14.79
N ILE C 1065 61.20 -56.12 -14.68
CA ILE C 1065 62.60 -55.71 -14.67
C ILE C 1065 62.89 -55.04 -13.33
N PHE C 1066 63.92 -55.54 -12.65
CA PHE C 1066 64.42 -54.91 -11.43
C PHE C 1066 65.51 -53.93 -11.81
N THR C 1067 65.15 -52.64 -11.77
CA THR C 1067 66.01 -51.56 -12.23
C THR C 1067 66.86 -51.07 -11.07
N PRO C 1068 68.08 -50.51 -11.33
CA PRO C 1068 68.95 -50.07 -10.26
C PRO C 1068 68.66 -48.66 -9.76
N LYS C 1069 69.35 -48.27 -8.68
CA LYS C 1069 69.18 -46.96 -8.08
C LYS C 1069 70.53 -46.24 -8.09
N SER C 1070 71.53 -46.83 -7.44
CA SER C 1070 72.86 -46.24 -7.40
C SER C 1070 73.63 -46.53 -8.68
N MET C 1071 73.30 -47.64 -9.35
CA MET C 1071 74.03 -48.08 -10.53
C MET C 1071 73.64 -47.22 -11.73
N LEU C 1072 72.61 -46.37 -11.57
CA LEU C 1072 72.23 -45.41 -12.59
C LEU C 1072 73.40 -44.50 -12.97
N ARG C 1073 74.26 -44.19 -12.00
CA ARG C 1073 75.34 -43.22 -12.21
C ARG C 1073 76.70 -43.86 -11.91
N ASN C 1074 76.81 -45.18 -12.14
CA ASN C 1074 78.05 -45.89 -11.94
C ASN C 1074 78.80 -45.97 -13.27
N LYS C 1075 80.01 -45.41 -13.30
CA LYS C 1075 80.78 -45.30 -14.53
C LYS C 1075 81.20 -46.67 -15.06
N ALA C 1076 81.42 -47.63 -14.16
CA ALA C 1076 81.85 -48.96 -14.56
C ALA C 1076 80.74 -49.70 -15.31
N ALA C 1077 79.49 -49.25 -15.13
CA ALA C 1077 78.33 -49.93 -15.69
C ALA C 1077 77.98 -49.39 -17.08
N ALA C 1078 78.50 -48.22 -17.44
CA ALA C 1078 78.12 -47.54 -18.68
C ALA C 1078 78.47 -48.40 -19.89
N SER C 1079 77.68 -48.25 -20.97
CA SER C 1079 77.81 -49.03 -22.18
C SER C 1079 78.41 -48.20 -23.32
N ALA C 1080 79.13 -48.86 -24.21
CA ALA C 1080 79.68 -48.24 -25.41
C ALA C 1080 78.62 -48.24 -26.51
N PRO C 1081 78.73 -47.37 -27.54
CA PRO C 1081 77.76 -47.34 -28.64
C PRO C 1081 77.67 -48.66 -29.43
N GLU C 1082 78.79 -49.39 -29.52
CA GLU C 1082 78.86 -50.64 -30.26
C GLU C 1082 77.95 -51.69 -29.62
N ASP C 1083 77.68 -51.55 -28.32
CA ASP C 1083 76.84 -52.49 -27.60
C ASP C 1083 75.38 -52.34 -28.03
N PHE C 1084 75.03 -51.21 -28.66
CA PHE C 1084 73.69 -50.99 -29.16
C PHE C 1084 73.58 -51.28 -30.66
N THR C 1085 74.71 -51.33 -31.37
CA THR C 1085 74.69 -51.42 -32.83
C THR C 1085 75.33 -52.72 -33.32
N GLU C 1086 76.38 -53.19 -32.67
CA GLU C 1086 77.11 -54.37 -33.12
C GLU C 1086 76.58 -55.62 -32.41
N VAL C 1087 76.34 -55.53 -31.10
CA VAL C 1087 75.78 -56.64 -30.34
C VAL C 1087 74.33 -56.79 -30.73
N THR C 1088 73.96 -58.01 -31.14
CA THR C 1088 72.70 -58.25 -31.85
C THR C 1088 71.60 -58.70 -30.89
N LYS C 1089 71.96 -59.39 -29.81
CA LYS C 1089 70.98 -60.05 -28.96
C LYS C 1089 71.19 -59.70 -27.49
N PHE C 1090 70.10 -59.78 -26.71
CA PHE C 1090 70.15 -59.73 -25.27
C PHE C 1090 70.96 -60.90 -24.73
N GLN C 1091 71.73 -60.65 -23.67
CA GLN C 1091 72.52 -61.68 -23.02
C GLN C 1091 71.87 -62.04 -21.68
N SER C 1092 71.46 -63.31 -21.56
CA SER C 1092 70.84 -63.81 -20.34
C SER C 1092 71.91 -64.08 -19.29
N VAL C 1093 73.11 -64.48 -19.74
CA VAL C 1093 74.23 -64.75 -18.88
C VAL C 1093 75.47 -64.06 -19.46
N ILE C 1094 76.12 -63.23 -18.63
CA ILE C 1094 77.34 -62.55 -19.04
C ILE C 1094 78.51 -63.17 -18.29
N ASN C 1095 79.41 -63.79 -19.03
CA ASN C 1095 80.58 -64.45 -18.45
C ASN C 1095 81.55 -63.37 -17.98
N ASP C 1096 82.52 -63.76 -17.16
CA ASP C 1096 83.46 -62.83 -16.54
C ASP C 1096 84.38 -62.27 -17.63
N PRO C 1097 84.39 -60.94 -17.86
CA PRO C 1097 85.26 -60.34 -18.87
C PRO C 1097 86.70 -60.07 -18.45
N ASN C 1098 87.06 -60.48 -17.22
CA ASN C 1098 88.39 -60.21 -16.67
C ASN C 1098 89.00 -61.52 -16.17
N VAL C 1099 89.03 -62.53 -17.05
CA VAL C 1099 89.69 -63.78 -16.76
C VAL C 1099 90.87 -63.94 -17.73
N ALA C 1100 92.09 -63.92 -17.18
CA ALA C 1100 93.30 -64.08 -17.97
C ALA C 1100 93.43 -65.51 -18.47
N ASP C 1101 93.27 -66.46 -17.55
CA ASP C 1101 93.36 -67.89 -17.86
C ASP C 1101 92.20 -68.61 -17.19
N ALA C 1102 91.42 -69.35 -17.99
CA ALA C 1102 90.24 -70.04 -17.50
C ALA C 1102 90.63 -71.31 -16.74
N ALA C 1103 91.81 -71.86 -17.03
CA ALA C 1103 92.28 -73.08 -16.40
C ALA C 1103 92.62 -72.85 -14.93
N LYS C 1104 92.95 -71.60 -14.58
CA LYS C 1104 93.37 -71.28 -13.22
C LYS C 1104 92.17 -71.05 -12.30
N VAL C 1105 90.97 -70.90 -12.88
CA VAL C 1105 89.78 -70.59 -12.11
C VAL C 1105 89.39 -71.82 -11.29
N LYS C 1106 89.30 -71.63 -9.96
CA LYS C 1106 88.95 -72.71 -9.04
C LYS C 1106 87.58 -72.46 -8.42
N LYS C 1107 87.12 -71.20 -8.41
CA LYS C 1107 85.87 -70.84 -7.77
C LYS C 1107 85.06 -69.95 -8.72
N VAL C 1108 83.77 -70.25 -8.86
CA VAL C 1108 82.88 -69.49 -9.72
C VAL C 1108 81.80 -68.84 -8.86
N MET C 1109 81.63 -67.53 -9.02
CA MET C 1109 80.63 -66.78 -8.29
C MET C 1109 79.48 -66.42 -9.23
N LEU C 1110 78.26 -66.83 -8.85
CA LEU C 1110 77.05 -66.44 -9.56
C LEU C 1110 76.43 -65.25 -8.85
N VAL C 1111 76.16 -64.18 -9.60
CA VAL C 1111 75.62 -62.95 -9.04
C VAL C 1111 74.58 -62.39 -10.02
N SER C 1112 73.68 -61.55 -9.50
CA SER C 1112 72.71 -60.86 -10.32
C SER C 1112 72.50 -59.45 -9.78
N GLY C 1113 72.72 -58.45 -10.65
CA GLY C 1113 72.45 -57.06 -10.30
C GLY C 1113 73.73 -56.29 -9.96
N LYS C 1114 73.57 -55.24 -9.15
CA LYS C 1114 74.61 -54.25 -8.93
C LYS C 1114 75.78 -54.85 -8.14
N LEU C 1115 75.54 -55.93 -7.40
CA LEU C 1115 76.56 -56.52 -6.54
C LEU C 1115 77.76 -57.00 -7.34
N TYR C 1116 77.58 -57.25 -8.65
CA TYR C 1116 78.68 -57.68 -9.51
C TYR C 1116 79.85 -56.70 -9.44
N TYR C 1117 79.54 -55.39 -9.49
CA TYR C 1117 80.57 -54.37 -9.63
C TYR C 1117 81.40 -54.28 -8.35
N GLU C 1118 80.77 -54.51 -7.20
CA GLU C 1118 81.50 -54.57 -5.94
C GLU C 1118 82.41 -55.79 -5.93
N LEU C 1119 81.91 -56.93 -6.40
CA LEU C 1119 82.69 -58.16 -6.44
C LEU C 1119 83.83 -58.04 -7.44
N ALA C 1120 83.55 -57.41 -8.60
CA ALA C 1120 84.55 -57.25 -9.63
C ALA C 1120 85.67 -56.33 -9.15
N LYS C 1121 85.31 -55.27 -8.42
CA LYS C 1121 86.27 -54.32 -7.90
C LYS C 1121 87.20 -55.00 -6.90
N ARG C 1122 86.62 -55.86 -6.04
CA ARG C 1122 87.39 -56.58 -5.03
C ARG C 1122 88.35 -57.56 -5.70
N LYS C 1123 87.88 -58.21 -6.77
CA LYS C 1123 88.67 -59.21 -7.47
C LYS C 1123 89.92 -58.56 -8.08
N GLU C 1124 89.74 -57.38 -8.68
CA GLU C 1124 90.84 -56.66 -9.31
C GLU C 1124 91.82 -56.19 -8.25
N LYS C 1125 91.30 -55.71 -7.11
CA LYS C 1125 92.12 -55.17 -6.05
C LYS C 1125 93.01 -56.27 -5.46
N ASP C 1126 92.43 -57.45 -5.21
CA ASP C 1126 93.14 -58.54 -4.57
C ASP C 1126 93.93 -59.36 -5.58
N GLY C 1127 93.63 -59.19 -6.88
CA GLY C 1127 94.31 -59.91 -7.93
C GLY C 1127 94.02 -61.40 -7.89
N ARG C 1128 92.73 -61.74 -7.74
CA ARG C 1128 92.31 -63.12 -7.62
C ARG C 1128 92.05 -63.71 -8.99
N ASP C 1129 93.05 -64.41 -9.53
CA ASP C 1129 92.97 -65.02 -10.85
C ASP C 1129 92.23 -66.35 -10.79
N ASP C 1130 91.94 -66.84 -9.58
CA ASP C 1130 91.31 -68.13 -9.38
C ASP C 1130 89.79 -67.98 -9.24
N ILE C 1131 89.27 -66.76 -9.39
CA ILE C 1131 87.85 -66.50 -9.24
C ILE C 1131 87.29 -66.03 -10.59
N ALA C 1132 86.11 -66.54 -10.94
CA ALA C 1132 85.35 -66.04 -12.08
C ALA C 1132 83.95 -65.63 -11.62
N ILE C 1133 83.53 -64.41 -11.99
CA ILE C 1133 82.25 -63.86 -11.58
C ILE C 1133 81.31 -63.86 -12.78
N VAL C 1134 80.22 -64.64 -12.69
CA VAL C 1134 79.28 -64.82 -13.79
C VAL C 1134 77.97 -64.15 -13.41
N ARG C 1135 77.44 -63.30 -14.32
CA ARG C 1135 76.20 -62.59 -14.06
C ARG C 1135 75.03 -63.35 -14.68
N ILE C 1136 73.92 -63.40 -13.93
CA ILE C 1136 72.66 -63.93 -14.43
C ILE C 1136 71.72 -62.74 -14.61
N GLU C 1137 71.45 -62.39 -15.88
CA GLU C 1137 70.70 -61.20 -16.22
C GLU C 1137 69.21 -61.50 -16.25
N MET C 1138 68.86 -62.70 -16.74
CA MET C 1138 67.48 -63.14 -16.79
C MET C 1138 67.27 -64.22 -15.72
N LEU C 1139 66.36 -63.94 -14.77
CA LEU C 1139 66.17 -64.81 -13.62
C LEU C 1139 65.16 -65.91 -13.96
N HIS C 1140 64.03 -65.53 -14.55
CA HIS C 1140 63.04 -66.48 -15.04
C HIS C 1140 62.66 -66.10 -16.47
N PRO C 1141 62.65 -67.04 -17.45
CA PRO C 1141 63.07 -68.44 -17.24
C PRO C 1141 64.54 -68.57 -16.91
N ILE C 1142 64.93 -69.69 -16.32
CA ILE C 1142 66.31 -69.95 -15.94
C ILE C 1142 67.10 -70.30 -17.20
N PRO C 1143 68.15 -69.53 -17.56
CA PRO C 1143 69.00 -69.87 -18.70
C PRO C 1143 70.06 -70.91 -18.34
N PHE C 1144 69.60 -72.14 -18.06
CA PHE C 1144 70.47 -73.17 -17.53
C PHE C 1144 71.47 -73.66 -18.57
N ASN C 1145 71.12 -73.56 -19.85
CA ASN C 1145 72.03 -73.94 -20.93
C ASN C 1145 73.22 -72.97 -20.95
N ARG C 1146 72.93 -71.68 -20.81
CA ARG C 1146 73.96 -70.65 -20.80
C ARG C 1146 74.81 -70.77 -19.53
N ILE C 1147 74.16 -71.04 -18.39
CA ILE C 1147 74.87 -71.19 -17.12
C ILE C 1147 75.76 -72.42 -17.18
N SER C 1148 75.25 -73.52 -17.75
CA SER C 1148 76.03 -74.74 -17.90
C SER C 1148 77.24 -74.48 -18.78
N GLU C 1149 77.03 -73.73 -19.87
CA GLU C 1149 78.08 -73.44 -20.83
C GLU C 1149 79.18 -72.63 -20.16
N ALA C 1150 78.78 -71.65 -19.35
CA ALA C 1150 79.73 -70.80 -18.62
C ALA C 1150 80.54 -71.64 -17.63
N LEU C 1151 79.85 -72.53 -16.89
CA LEU C 1151 80.52 -73.38 -15.91
C LEU C 1151 81.44 -74.38 -16.60
N ALA C 1152 81.06 -74.85 -17.79
CA ALA C 1152 81.86 -75.81 -18.53
C ALA C 1152 83.16 -75.16 -19.01
N GLY C 1153 83.17 -73.83 -19.12
CA GLY C 1153 84.34 -73.09 -19.56
C GLY C 1153 85.41 -72.96 -18.48
N TYR C 1154 85.11 -73.45 -17.26
CA TYR C 1154 86.08 -73.49 -16.17
C TYR C 1154 86.22 -74.93 -15.70
N PRO C 1155 87.04 -75.76 -16.37
CA PRO C 1155 87.15 -77.19 -16.06
C PRO C 1155 87.58 -77.52 -14.63
N ASN C 1156 88.41 -76.65 -14.05
CA ASN C 1156 89.01 -76.91 -12.75
C ASN C 1156 88.24 -76.21 -11.63
N ALA C 1157 87.00 -75.80 -11.90
CA ALA C 1157 86.17 -75.17 -10.89
C ALA C 1157 85.73 -76.21 -9.87
N GLU C 1158 86.06 -75.98 -8.59
CA GLU C 1158 85.80 -76.94 -7.53
C GLU C 1158 84.47 -76.62 -6.84
N GLU C 1159 84.19 -75.32 -6.66
CA GLU C 1159 82.98 -74.91 -5.94
C GLU C 1159 82.31 -73.75 -6.69
N VAL C 1160 80.99 -73.67 -6.53
CA VAL C 1160 80.18 -72.62 -7.12
C VAL C 1160 79.49 -71.86 -5.99
N LEU C 1161 79.66 -70.52 -5.98
CA LEU C 1161 79.04 -69.67 -4.99
C LEU C 1161 77.89 -68.90 -5.60
N PHE C 1162 76.77 -68.83 -4.88
CA PHE C 1162 75.66 -67.98 -5.26
C PHE C 1162 75.64 -66.78 -4.33
N VAL C 1163 76.06 -65.61 -4.84
CA VAL C 1163 76.23 -64.41 -4.03
C VAL C 1163 75.09 -63.46 -4.33
N GLN C 1164 74.43 -62.97 -3.27
CA GLN C 1164 73.37 -61.98 -3.40
C GLN C 1164 73.42 -61.03 -2.21
N ASP C 1165 72.87 -59.83 -2.40
CA ASP C 1165 72.79 -58.84 -1.34
C ASP C 1165 71.62 -59.16 -0.40
N GLU C 1166 70.59 -59.84 -0.89
CA GLU C 1166 69.34 -59.97 -0.16
C GLU C 1166 69.53 -60.96 0.99
N PRO C 1167 68.67 -60.92 2.05
CA PRO C 1167 68.63 -61.97 3.05
C PRO C 1167 68.44 -63.38 2.47
N ALA C 1168 68.73 -64.39 3.29
CA ALA C 1168 68.75 -65.78 2.85
C ALA C 1168 67.37 -66.22 2.37
N ASN C 1169 66.30 -65.78 3.05
CA ASN C 1169 64.95 -66.19 2.72
C ASN C 1169 64.31 -65.25 1.70
N GLN C 1170 65.14 -64.42 1.06
CA GLN C 1170 64.69 -63.44 0.08
C GLN C 1170 65.64 -63.46 -1.11
N GLY C 1171 65.34 -62.64 -2.13
CA GLY C 1171 66.15 -62.56 -3.33
C GLY C 1171 65.95 -63.78 -4.23
N PRO C 1172 66.83 -63.98 -5.24
CA PRO C 1172 66.72 -65.13 -6.13
C PRO C 1172 67.25 -66.47 -5.63
N TRP C 1173 67.84 -66.50 -4.42
CA TRP C 1173 68.45 -67.72 -3.90
C TRP C 1173 67.42 -68.83 -3.73
N PRO C 1174 66.30 -68.62 -3.00
CA PRO C 1174 65.33 -69.69 -2.74
C PRO C 1174 64.80 -70.36 -4.01
N PHE C 1175 64.66 -69.56 -5.09
CA PHE C 1175 64.22 -70.07 -6.37
C PHE C 1175 65.31 -70.93 -6.99
N TYR C 1176 66.54 -70.38 -7.05
CA TYR C 1176 67.64 -71.03 -7.75
C TYR C 1176 68.16 -72.24 -6.98
N GLN C 1177 67.99 -72.24 -5.65
CA GLN C 1177 68.44 -73.34 -4.82
C GLN C 1177 67.64 -74.59 -5.14
N GLU C 1178 66.33 -74.44 -5.38
CA GLU C 1178 65.45 -75.58 -5.61
C GLU C 1178 65.61 -76.12 -7.03
N HIS C 1179 65.77 -75.22 -8.02
CA HIS C 1179 65.59 -75.58 -9.42
C HIS C 1179 66.93 -75.84 -10.13
N LEU C 1180 67.94 -75.01 -9.88
CA LEU C 1180 69.14 -75.03 -10.70
C LEU C 1180 69.88 -76.36 -10.58
N PRO C 1181 70.02 -76.97 -9.38
CA PRO C 1181 70.69 -78.27 -9.26
C PRO C 1181 70.09 -79.36 -10.14
N GLU C 1182 68.76 -79.32 -10.32
CA GLU C 1182 68.05 -80.30 -11.14
C GLU C 1182 68.38 -80.08 -12.61
N LEU C 1183 68.44 -78.81 -13.02
CA LEU C 1183 68.66 -78.44 -14.42
C LEU C 1183 70.11 -78.67 -14.83
N ILE C 1184 71.04 -78.59 -13.87
CA ILE C 1184 72.44 -78.85 -14.13
C ILE C 1184 72.93 -79.91 -13.15
N PRO C 1185 72.70 -81.21 -13.42
CA PRO C 1185 73.09 -82.28 -12.48
C PRO C 1185 74.58 -82.32 -12.12
N ASN C 1186 75.44 -82.02 -13.10
CA ASN C 1186 76.88 -82.15 -12.93
C ASN C 1186 77.48 -80.95 -12.19
N MET C 1187 76.70 -79.88 -12.01
CA MET C 1187 77.19 -78.68 -11.33
C MET C 1187 77.49 -79.03 -9.87
N PRO C 1188 78.62 -78.53 -9.29
CA PRO C 1188 78.92 -78.76 -7.88
C PRO C 1188 77.88 -78.13 -6.94
N LYS C 1189 77.87 -78.59 -5.69
CA LYS C 1189 76.92 -78.11 -4.70
C LYS C 1189 77.12 -76.60 -4.51
N MET C 1190 76.04 -75.84 -4.69
CA MET C 1190 76.09 -74.39 -4.58
C MET C 1190 76.14 -74.00 -3.10
N ARG C 1191 76.99 -73.03 -2.78
CA ARG C 1191 77.08 -72.46 -1.45
C ARG C 1191 76.54 -71.04 -1.48
N ARG C 1192 75.60 -70.74 -0.59
CA ARG C 1192 75.01 -69.41 -0.50
C ARG C 1192 75.98 -68.47 0.20
N VAL C 1193 76.11 -67.25 -0.33
CA VAL C 1193 76.77 -66.15 0.35
C VAL C 1193 75.83 -64.95 0.28
N SER C 1194 75.25 -64.59 1.43
CA SER C 1194 74.27 -63.50 1.48
C SER C 1194 74.14 -62.99 2.91
N ARG C 1195 73.18 -62.08 3.12
CA ARG C 1195 72.77 -61.68 4.45
C ARG C 1195 71.95 -62.80 5.09
N ARG C 1196 71.85 -62.77 6.42
CA ARG C 1196 71.08 -63.75 7.18
C ARG C 1196 69.60 -63.59 6.88
N ALA C 1197 68.81 -64.63 7.18
CA ALA C 1197 67.37 -64.60 7.04
C ALA C 1197 66.77 -63.63 8.05
N GLN C 1198 65.80 -62.82 7.61
CA GLN C 1198 65.16 -61.84 8.48
C GLN C 1198 63.65 -61.89 8.30
N SER C 1199 62.92 -61.52 9.35
CA SER C 1199 61.48 -61.38 9.31
C SER C 1199 61.10 -60.07 8.60
N SER C 1200 62.05 -59.13 8.53
CA SER C 1200 61.88 -57.89 7.79
C SER C 1200 62.65 -57.96 6.48
N THR C 1201 62.70 -56.84 5.75
CA THR C 1201 63.37 -56.76 4.46
C THR C 1201 64.86 -56.43 4.64
N ALA C 1202 65.13 -55.36 5.39
CA ALA C 1202 66.50 -54.89 5.58
C ALA C 1202 66.60 -54.13 6.90
N THR C 1203 67.83 -53.85 7.32
CA THR C 1203 68.07 -53.13 8.56
C THR C 1203 67.72 -51.65 8.37
N GLY C 1204 67.16 -51.06 9.43
CA GLY C 1204 66.87 -49.64 9.48
C GLY C 1204 68.12 -48.80 9.69
N VAL C 1205 69.16 -49.41 10.25
CA VAL C 1205 70.39 -48.70 10.59
C VAL C 1205 71.33 -48.74 9.40
N ALA C 1206 71.81 -47.56 8.97
CA ALA C 1206 72.61 -47.41 7.77
C ALA C 1206 74.04 -47.92 8.00
N LYS C 1207 74.56 -47.74 9.22
CA LYS C 1207 75.93 -48.12 9.53
C LYS C 1207 76.05 -49.65 9.58
N VAL C 1208 74.94 -50.32 9.95
CA VAL C 1208 74.91 -51.77 9.97
C VAL C 1208 75.02 -52.29 8.53
N HIS C 1209 74.35 -51.60 7.59
CA HIS C 1209 74.35 -52.00 6.20
C HIS C 1209 75.78 -52.08 5.65
N GLN C 1210 76.61 -51.08 5.97
CA GLN C 1210 77.99 -51.05 5.50
C GLN C 1210 78.76 -52.23 6.08
N LEU C 1211 78.47 -52.56 7.35
CA LEU C 1211 79.17 -53.64 8.04
C LEU C 1211 78.85 -54.97 7.37
N GLU C 1212 77.56 -55.20 7.09
CA GLU C 1212 77.13 -56.48 6.54
C GLU C 1212 77.61 -56.62 5.10
N GLU C 1213 77.66 -55.49 4.37
CA GLU C 1213 78.14 -55.49 3.00
C GLU C 1213 79.61 -55.92 2.97
N LYS C 1214 80.42 -55.35 3.87
CA LYS C 1214 81.82 -55.70 3.96
C LYS C 1214 81.97 -57.17 4.33
N GLN C 1215 81.12 -57.63 5.26
CA GLN C 1215 81.15 -59.00 5.73
C GLN C 1215 80.78 -59.94 4.58
N LEU C 1216 79.80 -59.52 3.78
CA LEU C 1216 79.29 -60.33 2.67
C LEU C 1216 80.40 -60.58 1.65
N ILE C 1217 81.13 -59.51 1.28
CA ILE C 1217 82.16 -59.61 0.27
C ILE C 1217 83.34 -60.43 0.81
N ASP C 1218 83.67 -60.25 2.08
CA ASP C 1218 84.77 -60.98 2.69
C ASP C 1218 84.48 -62.48 2.68
N GLU C 1219 83.21 -62.85 2.92
CA GLU C 1219 82.82 -64.25 2.96
C GLU C 1219 82.95 -64.86 1.57
N ALA C 1220 82.61 -64.08 0.54
CA ALA C 1220 82.69 -64.54 -0.84
C ALA C 1220 84.13 -64.88 -1.20
N PHE C 1221 85.08 -64.01 -0.82
CA PHE C 1221 86.49 -64.22 -1.11
C PHE C 1221 87.17 -64.95 0.05
N GLU C 1222 86.60 -66.10 0.43
CA GLU C 1222 87.12 -66.92 1.53
C GLU C 1222 87.26 -66.07 2.79
N PRO D 102 42.56 43.68 9.22
CA PRO D 102 43.95 43.66 8.74
C PRO D 102 44.58 45.04 8.68
N GLU D 103 45.92 45.09 8.76
CA GLU D 103 46.67 46.33 8.75
C GLU D 103 46.71 46.89 7.33
N PRO D 104 46.12 48.09 7.07
CA PRO D 104 46.16 48.70 5.74
C PRO D 104 47.57 49.10 5.31
N GLY D 105 47.70 49.52 4.05
CA GLY D 105 48.95 50.01 3.50
C GLY D 105 49.32 49.31 2.20
N GLN D 106 50.48 49.68 1.65
CA GLN D 106 51.02 49.09 0.44
C GLN D 106 52.35 48.41 0.78
N THR D 107 52.41 47.10 0.54
CA THR D 107 53.60 46.31 0.82
C THR D 107 54.09 45.66 -0.47
N PRO D 108 55.36 45.86 -0.87
CA PRO D 108 55.91 45.18 -2.05
C PRO D 108 55.85 43.67 -1.94
N ILE D 109 55.56 43.01 -3.08
CA ILE D 109 55.48 41.56 -3.14
C ILE D 109 56.89 41.03 -3.38
N ARG D 110 57.31 40.08 -2.55
CA ARG D 110 58.67 39.53 -2.62
C ARG D 110 58.64 38.06 -2.21
N GLY D 111 59.69 37.33 -2.62
CA GLY D 111 59.84 35.92 -2.31
C GLY D 111 59.12 35.04 -3.32
N ILE D 112 58.51 33.96 -2.83
CA ILE D 112 57.78 33.02 -3.67
C ILE D 112 56.55 33.71 -4.28
N PHE D 113 55.95 34.64 -3.53
CA PHE D 113 54.74 35.33 -3.97
C PHE D 113 55.03 36.19 -5.19
N LYS D 114 56.24 36.77 -5.25
CA LYS D 114 56.63 37.62 -6.37
C LYS D 114 56.75 36.77 -7.64
N SER D 115 57.31 35.57 -7.50
CA SER D 115 57.47 34.66 -8.62
C SER D 115 56.12 34.19 -9.14
N ILE D 116 55.18 33.96 -8.21
CA ILE D 116 53.82 33.55 -8.56
C ILE D 116 53.15 34.68 -9.35
N ALA D 117 53.28 35.91 -8.86
CA ALA D 117 52.67 37.06 -9.50
C ALA D 117 53.23 37.25 -10.91
N LYS D 118 54.53 37.04 -11.07
CA LYS D 118 55.19 37.22 -12.36
C LYS D 118 54.70 36.17 -13.36
N ASN D 119 54.58 34.92 -12.90
CA ASN D 119 54.17 33.81 -13.74
C ASN D 119 52.73 34.02 -14.23
N MET D 120 51.88 34.58 -13.36
CA MET D 120 50.49 34.82 -13.70
C MET D 120 50.38 35.91 -14.77
N ASP D 121 51.29 36.90 -14.72
CA ASP D 121 51.35 37.94 -15.73
C ASP D 121 51.77 37.35 -17.08
N ILE D 122 52.69 36.38 -17.06
CA ILE D 122 53.16 35.74 -18.27
C ILE D 122 52.05 34.89 -18.88
N SER D 123 51.19 34.33 -18.03
CA SER D 123 50.14 33.42 -18.48
C SER D 123 49.06 34.14 -19.29
N LEU D 124 49.07 35.48 -19.26
CA LEU D 124 48.09 36.27 -20.00
C LEU D 124 48.24 36.07 -21.51
N GLU D 125 49.40 35.58 -21.97
CA GLU D 125 49.67 35.43 -23.38
C GLU D 125 49.18 34.09 -23.92
N ILE D 126 48.52 33.29 -23.07
CA ILE D 126 48.01 31.99 -23.47
C ILE D 126 46.50 32.08 -23.68
N PRO D 127 45.99 31.93 -24.92
CA PRO D 127 44.55 31.87 -25.15
C PRO D 127 43.99 30.50 -24.76
N THR D 128 43.26 30.46 -23.64
CA THR D 128 42.80 29.21 -23.07
C THR D 128 41.28 29.07 -23.26
N ALA D 129 40.84 27.82 -23.41
CA ALA D 129 39.43 27.48 -23.35
C ALA D 129 39.24 26.37 -22.32
N THR D 130 38.02 26.20 -21.83
CA THR D 130 37.73 25.25 -20.76
C THR D 130 36.60 24.33 -21.18
N SER D 131 36.78 23.02 -20.93
CA SER D 131 35.71 22.04 -21.04
C SER D 131 35.33 21.58 -19.64
N VAL D 132 34.03 21.42 -19.39
CA VAL D 132 33.53 21.01 -18.09
C VAL D 132 32.69 19.75 -18.28
N ARG D 133 32.98 18.72 -17.48
CA ARG D 133 32.19 17.49 -17.53
C ARG D 133 31.95 16.96 -16.12
N ASP D 134 30.70 16.59 -15.84
CA ASP D 134 30.32 15.98 -14.57
C ASP D 134 30.24 14.48 -14.76
N MET D 135 30.79 13.72 -13.80
CA MET D 135 30.92 12.29 -13.90
C MET D 135 30.34 11.64 -12.66
N PRO D 136 29.69 10.44 -12.77
CA PRO D 136 29.26 9.70 -11.58
C PRO D 136 30.46 9.30 -10.72
N ALA D 137 30.30 9.40 -9.39
CA ALA D 137 31.39 9.13 -8.47
C ALA D 137 31.07 7.97 -7.53
N ARG D 138 29.90 7.32 -7.71
CA ARG D 138 29.45 6.28 -6.79
C ARG D 138 30.48 5.15 -6.75
N LEU D 139 30.89 4.67 -7.93
CA LEU D 139 31.75 3.49 -8.01
C LEU D 139 33.12 3.82 -7.44
N MET D 140 33.53 5.10 -7.54
CA MET D 140 34.81 5.53 -7.00
C MET D 140 34.77 5.47 -5.47
N PHE D 141 33.63 5.83 -4.87
CA PHE D 141 33.46 5.76 -3.43
C PHE D 141 33.49 4.31 -2.95
N GLU D 142 32.80 3.42 -3.67
CA GLU D 142 32.65 2.03 -3.25
C GLU D 142 33.98 1.29 -3.34
N ASN D 143 34.67 1.43 -4.48
CA ASN D 143 35.87 0.67 -4.76
C ASN D 143 37.05 1.19 -3.96
N ARG D 144 37.08 2.50 -3.68
CA ARG D 144 38.14 3.07 -2.86
C ARG D 144 38.02 2.54 -1.43
N ALA D 145 36.79 2.36 -0.95
CA ALA D 145 36.55 1.83 0.38
C ALA D 145 37.10 0.42 0.50
N MET D 146 36.91 -0.38 -0.56
CA MET D 146 37.36 -1.76 -0.57
C MET D 146 38.89 -1.81 -0.51
N VAL D 147 39.54 -0.93 -1.27
CA VAL D 147 41.00 -0.88 -1.32
C VAL D 147 41.54 -0.46 0.06
N ASN D 148 40.90 0.54 0.67
CA ASN D 148 41.33 1.04 1.97
C ASN D 148 41.10 -0.01 3.05
N ASP D 149 40.07 -0.84 2.89
CA ASP D 149 39.79 -1.93 3.80
C ASP D 149 40.92 -2.96 3.74
N GLN D 150 41.41 -3.25 2.53
CA GLN D 150 42.50 -4.19 2.34
C GLN D 150 43.79 -3.63 2.94
N LEU D 151 44.02 -2.33 2.78
CA LEU D 151 45.22 -1.69 3.31
C LEU D 151 45.17 -1.65 4.84
N LYS D 152 43.96 -1.57 5.40
CA LYS D 152 43.80 -1.53 6.84
C LYS D 152 44.21 -2.86 7.46
N ARG D 153 43.75 -3.98 6.88
CA ARG D 153 44.10 -5.30 7.37
C ARG D 153 45.61 -5.55 7.19
N THR D 154 46.15 -5.04 6.07
CA THR D 154 47.58 -5.16 5.77
C THR D 154 48.38 -4.20 6.65
N ARG D 155 47.72 -3.18 7.20
CA ARG D 155 48.35 -2.15 8.01
C ARG D 155 49.30 -1.34 7.13
N GLY D 156 48.85 -1.05 5.90
CA GLY D 156 49.61 -0.26 4.95
C GLY D 156 49.27 1.22 5.06
N GLY D 157 49.01 1.85 3.92
CA GLY D 157 48.65 3.26 3.86
C GLY D 157 47.16 3.47 3.63
N LYS D 158 46.84 4.49 2.83
CA LYS D 158 45.46 4.84 2.50
C LYS D 158 45.45 5.70 1.25
N ILE D 159 44.75 5.22 0.20
CA ILE D 159 44.65 5.96 -1.05
C ILE D 159 43.56 7.02 -0.91
N SER D 160 43.67 8.06 -1.76
CA SER D 160 42.72 9.16 -1.79
C SER D 160 42.08 9.21 -3.17
N PHE D 161 41.10 10.11 -3.34
CA PHE D 161 40.42 10.28 -4.61
C PHE D 161 41.38 10.88 -5.66
N THR D 162 42.33 11.70 -5.20
CA THR D 162 43.27 12.34 -6.11
C THR D 162 44.23 11.31 -6.72
N HIS D 163 44.55 10.25 -5.96
CA HIS D 163 45.38 9.16 -6.46
C HIS D 163 44.67 8.47 -7.63
N ILE D 164 43.38 8.18 -7.45
CA ILE D 164 42.61 7.44 -8.45
C ILE D 164 42.41 8.32 -9.67
N ILE D 165 41.97 9.56 -9.45
CA ILE D 165 41.69 10.50 -10.52
C ILE D 165 43.01 10.85 -11.23
N GLY D 166 44.07 11.05 -10.43
CA GLY D 166 45.39 11.32 -10.97
C GLY D 166 45.87 10.22 -11.91
N TYR D 167 45.66 8.96 -11.51
CA TYR D 167 46.09 7.82 -12.30
C TYR D 167 45.23 7.68 -13.55
N ALA D 168 43.91 7.86 -13.39
CA ALA D 168 42.99 7.81 -14.51
C ALA D 168 43.33 8.91 -15.52
N MET D 169 43.76 10.07 -15.02
CA MET D 169 44.14 11.20 -15.86
C MET D 169 45.36 10.84 -16.70
N VAL D 170 46.33 10.16 -16.09
CA VAL D 170 47.54 9.74 -16.78
C VAL D 170 47.18 8.78 -17.91
N LYS D 171 46.27 7.83 -17.63
CA LYS D 171 45.83 6.87 -18.64
C LYS D 171 45.13 7.59 -19.79
N ALA D 172 44.36 8.64 -19.48
CA ALA D 172 43.60 9.37 -20.49
C ALA D 172 44.52 10.20 -21.37
N VAL D 173 45.60 10.72 -20.80
CA VAL D 173 46.58 11.48 -21.57
C VAL D 173 47.30 10.55 -22.55
N MET D 174 47.53 9.31 -22.14
CA MET D 174 48.17 8.32 -23.01
C MET D 174 47.24 7.99 -24.18
N ALA D 175 45.93 7.94 -23.92
CA ALA D 175 44.94 7.67 -24.94
C ALA D 175 44.76 8.85 -25.88
N HIS D 176 45.04 10.06 -25.36
CA HIS D 176 44.91 11.29 -26.14
C HIS D 176 46.19 12.10 -25.98
N PRO D 177 47.30 11.74 -26.68
CA PRO D 177 48.60 12.38 -26.48
C PRO D 177 48.66 13.88 -26.80
N ASP D 178 47.69 14.37 -27.58
CA ASP D 178 47.64 15.77 -27.96
C ASP D 178 47.52 16.67 -26.73
N MET D 179 46.92 16.15 -25.66
CA MET D 179 46.69 16.93 -24.45
C MET D 179 48.01 17.23 -23.74
N ASN D 180 49.09 16.51 -24.09
CA ASN D 180 50.38 16.66 -23.43
C ASN D 180 51.25 17.68 -24.16
N ASN D 181 50.84 18.09 -25.38
CA ASN D 181 51.64 18.98 -26.19
C ASN D 181 51.53 20.42 -25.68
N SER D 182 52.55 21.23 -25.97
CA SER D 182 52.56 22.63 -25.57
C SER D 182 52.96 23.51 -26.75
N TYR D 183 52.89 24.83 -26.55
CA TYR D 183 53.19 25.80 -27.58
C TYR D 183 54.41 26.62 -27.17
N ASP D 184 55.21 27.03 -28.17
CA ASP D 184 56.35 27.91 -27.93
C ASP D 184 56.75 28.57 -29.25
N VAL D 185 57.45 29.70 -29.14
CA VAL D 185 57.97 30.41 -30.30
C VAL D 185 59.49 30.24 -30.32
N ILE D 186 59.97 29.37 -31.21
CA ILE D 186 61.39 29.11 -31.36
C ILE D 186 61.89 29.80 -32.63
N ASP D 187 62.90 30.66 -32.47
CA ASP D 187 63.57 31.38 -33.56
C ASP D 187 62.57 32.27 -34.30
N GLY D 188 61.46 32.63 -33.63
CA GLY D 188 60.46 33.51 -34.21
C GLY D 188 59.43 32.77 -35.05
N LYS D 189 59.30 31.45 -34.86
CA LYS D 189 58.31 30.65 -35.55
C LYS D 189 57.46 29.88 -34.53
N PRO D 190 56.12 29.82 -34.69
CA PRO D 190 55.28 28.95 -33.86
C PRO D 190 55.65 27.48 -33.99
N THR D 191 55.91 26.83 -32.84
CA THR D 191 56.36 25.45 -32.81
C THR D 191 55.46 24.65 -31.86
N LEU D 192 55.14 23.41 -32.27
CA LEU D 192 54.42 22.47 -31.42
C LEU D 192 55.44 21.59 -30.71
N ILE D 193 55.52 21.73 -29.39
CA ILE D 193 56.43 20.94 -28.57
C ILE D 193 55.73 19.67 -28.14
N VAL D 194 56.35 18.52 -28.47
CA VAL D 194 55.87 17.22 -28.04
C VAL D 194 56.83 16.69 -26.97
N PRO D 195 56.45 16.69 -25.67
CA PRO D 195 57.34 16.19 -24.62
C PRO D 195 57.59 14.68 -24.74
N GLU D 196 58.70 14.24 -24.13
CA GLU D 196 59.15 12.86 -24.25
C GLU D 196 58.46 12.00 -23.17
N HIS D 197 58.06 12.62 -22.06
CA HIS D 197 57.37 11.92 -20.99
C HIS D 197 56.14 12.72 -20.56
N ILE D 198 55.28 12.08 -19.76
CA ILE D 198 54.14 12.74 -19.14
C ILE D 198 54.51 13.04 -17.68
N ASN D 199 54.92 14.28 -17.42
CA ASN D 199 55.28 14.71 -16.09
C ASN D 199 54.07 15.39 -15.45
N LEU D 200 53.45 14.73 -14.47
CA LEU D 200 52.23 15.20 -13.85
C LEU D 200 52.58 16.17 -12.71
N GLY D 201 52.12 17.42 -12.84
CA GLY D 201 52.31 18.43 -11.81
C GLY D 201 51.15 18.44 -10.81
N LEU D 202 51.48 18.29 -9.52
CA LEU D 202 50.50 18.36 -8.45
C LEU D 202 50.50 19.76 -7.85
N ALA D 203 49.33 20.40 -7.80
CA ALA D 203 49.17 21.65 -7.08
C ALA D 203 49.04 21.35 -5.60
N ILE D 204 50.10 21.62 -4.84
CA ILE D 204 50.14 21.33 -3.41
C ILE D 204 50.05 22.64 -2.63
N ASP D 205 49.00 22.79 -1.83
CA ASP D 205 48.84 23.93 -0.95
C ASP D 205 49.72 23.73 0.27
N LEU D 206 50.59 24.71 0.55
CA LEU D 206 51.55 24.63 1.64
C LEU D 206 51.33 25.80 2.61
N PRO D 207 50.53 25.61 3.68
CA PRO D 207 50.47 26.57 4.78
C PRO D 207 51.80 26.61 5.53
N GLN D 208 52.55 27.69 5.34
CA GLN D 208 53.88 27.82 5.91
C GLN D 208 53.78 28.16 7.39
N LYS D 209 54.89 27.97 8.11
CA LYS D 209 54.96 28.21 9.55
C LYS D 209 54.91 29.70 9.85
N ASP D 210 55.30 30.53 8.86
CA ASP D 210 55.29 31.97 9.00
C ASP D 210 53.86 32.46 9.23
N GLY D 211 52.91 31.85 8.52
CA GLY D 211 51.50 32.20 8.63
C GLY D 211 50.81 32.19 7.27
N SER D 212 51.51 32.72 6.25
CA SER D 212 51.01 32.76 4.88
C SER D 212 51.05 31.36 4.28
N ARG D 213 50.20 31.14 3.27
CA ARG D 213 50.13 29.88 2.55
C ARG D 213 50.51 30.12 1.09
N ALA D 214 51.22 29.15 0.51
CA ALA D 214 51.67 29.24 -0.88
C ALA D 214 51.36 27.93 -1.60
N LEU D 215 51.15 28.04 -2.92
CA LEU D 215 50.89 26.88 -3.75
C LEU D 215 52.10 26.62 -4.64
N VAL D 216 52.52 25.35 -4.72
CA VAL D 216 53.62 24.95 -5.57
C VAL D 216 53.15 23.79 -6.45
N VAL D 217 53.79 23.65 -7.62
CA VAL D 217 53.47 22.58 -8.55
C VAL D 217 54.69 21.68 -8.67
N ALA D 218 54.68 20.57 -7.92
CA ALA D 218 55.74 19.58 -7.94
C ALA D 218 55.40 18.50 -8.96
N ALA D 219 56.42 18.03 -9.69
CA ALA D 219 56.23 17.13 -10.83
C ALA D 219 56.45 15.67 -10.41
N ILE D 220 55.53 14.81 -10.84
CA ILE D 220 55.76 13.37 -10.86
C ILE D 220 56.18 13.00 -12.28
N LYS D 221 57.44 12.60 -12.45
CA LYS D 221 58.03 12.47 -13.77
C LYS D 221 57.91 11.04 -14.27
N GLU D 222 57.73 10.91 -15.60
CA GLU D 222 57.68 9.62 -16.29
C GLU D 222 56.54 8.77 -15.76
N THR D 223 55.32 9.33 -15.78
CA THR D 223 54.15 8.64 -15.26
C THR D 223 53.60 7.65 -16.29
N GLU D 224 54.02 7.79 -17.56
CA GLU D 224 53.52 6.95 -18.63
C GLU D 224 54.07 5.53 -18.54
N LYS D 225 55.10 5.32 -17.70
CA LYS D 225 55.72 4.01 -17.54
C LYS D 225 55.55 3.53 -16.09
N MET D 226 54.40 3.82 -15.48
CA MET D 226 54.12 3.39 -14.13
C MET D 226 52.79 2.63 -14.11
N ASN D 227 52.67 1.71 -13.14
CA ASN D 227 51.39 1.13 -12.76
C ASN D 227 50.87 1.92 -11.57
N PHE D 228 49.73 1.51 -11.01
CA PHE D 228 49.10 2.22 -9.92
C PHE D 228 50.01 2.22 -8.68
N SER D 229 50.64 1.07 -8.41
CA SER D 229 51.51 0.93 -7.26
C SER D 229 52.68 1.91 -7.35
N GLU D 230 53.32 1.95 -8.53
CA GLU D 230 54.43 2.85 -8.76
C GLU D 230 53.98 4.30 -8.69
N PHE D 231 52.81 4.58 -9.28
CA PHE D 231 52.26 5.93 -9.31
C PHE D 231 51.98 6.41 -7.89
N LEU D 232 51.39 5.55 -7.06
CA LEU D 232 51.03 5.90 -5.69
C LEU D 232 52.30 6.21 -4.88
N ALA D 233 53.34 5.40 -5.09
CA ALA D 233 54.61 5.58 -4.38
C ALA D 233 55.23 6.93 -4.77
N ALA D 234 55.25 7.21 -6.07
CA ALA D 234 55.83 8.45 -6.58
C ALA D 234 55.02 9.65 -6.10
N TYR D 235 53.69 9.49 -6.06
CA TYR D 235 52.80 10.54 -5.59
C TYR D 235 53.10 10.87 -4.13
N GLU D 236 53.18 9.83 -3.29
CA GLU D 236 53.37 9.99 -1.86
C GLU D 236 54.75 10.56 -1.56
N ASP D 237 55.76 10.19 -2.37
CA ASP D 237 57.11 10.68 -2.19
C ASP D 237 57.14 12.20 -2.35
N ILE D 238 56.48 12.71 -3.40
CA ILE D 238 56.44 14.13 -3.69
C ILE D 238 55.72 14.86 -2.56
N VAL D 239 54.57 14.31 -2.12
CA VAL D 239 53.76 14.96 -1.10
C VAL D 239 54.51 14.97 0.23
N ALA D 240 55.14 13.84 0.57
CA ALA D 240 55.84 13.71 1.84
C ALA D 240 56.97 14.74 1.93
N ARG D 241 57.77 14.85 0.85
CA ARG D 241 58.92 15.74 0.82
C ARG D 241 58.47 17.20 0.84
N SER D 242 57.31 17.49 0.25
CA SER D 242 56.79 18.85 0.16
C SER D 242 56.43 19.39 1.54
N ARG D 243 55.87 18.52 2.40
CA ARG D 243 55.44 18.90 3.74
C ARG D 243 56.66 19.23 4.60
N LYS D 244 57.69 18.37 4.55
CA LYS D 244 58.91 18.59 5.31
C LYS D 244 59.77 19.65 4.64
N GLY D 245 59.58 19.84 3.32
CA GLY D 245 60.21 20.93 2.59
C GLY D 245 61.60 20.55 2.09
N LYS D 246 61.73 19.33 1.53
CA LYS D 246 62.99 18.87 0.97
C LYS D 246 62.84 18.70 -0.54
N LEU D 247 62.14 19.65 -1.18
CA LEU D 247 61.96 19.63 -2.62
C LEU D 247 63.13 20.36 -3.29
N THR D 248 63.73 19.71 -4.29
CA THR D 248 64.84 20.28 -5.04
C THR D 248 64.27 21.09 -6.21
N MET D 249 65.16 21.74 -6.96
CA MET D 249 64.76 22.58 -8.09
C MET D 249 64.27 21.69 -9.23
N ASP D 250 64.80 20.46 -9.33
CA ASP D 250 64.45 19.55 -10.41
C ASP D 250 62.98 19.12 -10.30
N ASP D 251 62.43 19.14 -9.07
CA ASP D 251 61.06 18.74 -8.84
C ASP D 251 60.08 19.72 -9.49
N TYR D 252 60.49 21.00 -9.60
CA TYR D 252 59.62 22.04 -10.10
C TYR D 252 59.70 22.16 -11.62
N GLN D 253 60.70 21.51 -12.24
CA GLN D 253 60.95 21.66 -13.67
C GLN D 253 60.35 20.50 -14.44
N GLY D 254 60.00 20.76 -15.71
CA GLY D 254 59.66 19.72 -16.67
C GLY D 254 58.20 19.30 -16.62
N VAL D 255 57.33 20.10 -15.98
CA VAL D 255 55.91 19.79 -15.88
C VAL D 255 55.30 19.92 -17.28
N THR D 256 54.59 18.87 -17.71
CA THR D 256 53.96 18.83 -19.02
C THR D 256 52.43 18.99 -18.88
N VAL D 257 51.88 18.52 -17.75
CA VAL D 257 50.45 18.61 -17.50
C VAL D 257 50.23 18.71 -15.99
N SER D 258 49.21 19.48 -15.59
CA SER D 258 48.99 19.79 -14.18
C SER D 258 47.63 19.25 -13.72
N LEU D 259 47.56 18.96 -12.41
CA LEU D 259 46.33 18.53 -11.76
C LEU D 259 46.13 19.36 -10.50
N THR D 260 44.94 19.96 -10.36
CA THR D 260 44.60 20.75 -9.19
C THR D 260 43.28 20.22 -8.62
N ASN D 261 43.14 20.29 -7.29
CA ASN D 261 42.01 19.71 -6.59
C ASN D 261 41.40 20.74 -5.65
N PRO D 262 40.65 21.74 -6.18
CA PRO D 262 39.89 22.65 -5.33
C PRO D 262 38.65 22.04 -4.68
N GLY D 263 38.30 20.81 -5.10
CA GLY D 263 37.13 20.11 -4.61
C GLY D 263 37.23 19.68 -3.15
N GLY D 264 38.45 19.62 -2.61
CA GLY D 264 38.66 19.32 -1.20
C GLY D 264 37.98 20.33 -0.29
N ILE D 265 38.02 21.62 -0.67
CA ILE D 265 37.42 22.69 0.10
C ILE D 265 35.90 22.65 -0.08
N GLY D 266 35.44 22.13 -1.22
CA GLY D 266 34.02 22.00 -1.51
C GLY D 266 33.58 22.82 -2.72
N THR D 267 34.53 23.41 -3.44
CA THR D 267 34.26 24.08 -4.70
C THR D 267 33.72 23.08 -5.70
N ARG D 268 32.61 23.42 -6.36
CA ARG D 268 31.94 22.53 -7.28
C ARG D 268 32.84 22.32 -8.51
N HIS D 269 33.28 23.42 -9.11
CA HIS D 269 34.28 23.38 -10.17
C HIS D 269 34.96 24.73 -10.24
N SER D 270 36.02 24.81 -11.04
CA SER D 270 36.78 26.04 -11.16
C SER D 270 37.29 26.21 -12.60
N VAL D 271 37.69 27.45 -12.91
CA VAL D 271 38.33 27.76 -14.17
C VAL D 271 39.73 28.28 -13.84
N PRO D 272 40.73 27.39 -13.67
CA PRO D 272 42.08 27.81 -13.28
C PRO D 272 42.86 28.43 -14.43
N ARG D 273 44.03 29.00 -14.11
CA ARG D 273 44.92 29.57 -15.09
C ARG D 273 45.91 28.50 -15.56
N LEU D 274 46.31 28.59 -16.84
CA LEU D 274 47.29 27.69 -17.40
C LEU D 274 48.66 28.38 -17.39
N THR D 275 49.67 27.68 -16.87
CA THR D 275 51.03 28.19 -16.81
C THR D 275 51.69 27.99 -18.18
N LYS D 276 52.64 28.87 -18.52
CA LYS D 276 53.37 28.79 -19.76
C LYS D 276 54.23 27.52 -19.76
N GLY D 277 54.33 26.89 -20.94
CA GLY D 277 55.12 25.68 -21.11
C GLY D 277 54.31 24.40 -20.87
N GLN D 278 52.99 24.55 -20.72
CA GLN D 278 52.10 23.42 -20.50
C GLN D 278 50.95 23.49 -21.50
N GLY D 279 50.33 22.34 -21.76
CA GLY D 279 49.23 22.23 -22.70
C GLY D 279 47.88 22.40 -22.03
N THR D 280 47.70 21.76 -20.87
CA THR D 280 46.42 21.75 -20.19
C THR D 280 46.62 21.60 -18.68
N ILE D 281 45.60 22.04 -17.94
CA ILE D 281 45.50 21.80 -16.51
C ILE D 281 44.13 21.22 -16.22
N ILE D 282 44.08 20.22 -15.33
CA ILE D 282 42.86 19.52 -15.00
C ILE D 282 42.47 19.89 -13.57
N GLY D 283 41.22 20.35 -13.42
CA GLY D 283 40.67 20.72 -12.12
C GLY D 283 39.65 19.69 -11.64
N VAL D 284 39.77 19.26 -10.37
CA VAL D 284 38.87 18.28 -9.80
C VAL D 284 37.96 19.00 -8.80
N GLY D 285 36.64 18.92 -9.04
CA GLY D 285 35.67 19.58 -8.20
C GLY D 285 35.24 18.71 -7.01
N SER D 286 34.31 19.24 -6.23
CA SER D 286 33.81 18.56 -5.04
C SER D 286 33.09 17.26 -5.43
N MET D 287 33.38 16.20 -4.67
CA MET D 287 32.73 14.91 -4.85
C MET D 287 31.63 14.80 -3.80
N ASP D 288 30.45 15.31 -4.14
CA ASP D 288 29.36 15.46 -3.19
C ASP D 288 28.03 15.45 -3.95
N TYR D 289 26.94 15.31 -3.21
CA TYR D 289 25.61 15.46 -3.79
C TYR D 289 25.45 16.89 -4.29
N PRO D 290 24.64 17.11 -5.35
CA PRO D 290 24.26 18.46 -5.75
C PRO D 290 23.52 19.18 -4.63
N ALA D 291 23.62 20.51 -4.62
CA ALA D 291 23.08 21.35 -3.55
C ALA D 291 21.58 21.09 -3.35
N GLU D 292 20.85 20.74 -4.43
CA GLU D 292 19.42 20.53 -4.34
C GLU D 292 19.07 19.26 -3.56
N PHE D 293 20.06 18.42 -3.25
CA PHE D 293 19.84 17.16 -2.55
C PHE D 293 20.46 17.16 -1.15
N GLN D 294 21.04 18.29 -0.73
CA GLN D 294 21.81 18.33 0.50
C GLN D 294 20.91 18.34 1.73
N GLY D 295 19.60 18.57 1.53
CA GLY D 295 18.63 18.53 2.61
C GLY D 295 17.82 17.24 2.65
N ALA D 296 17.93 16.41 1.61
CA ALA D 296 17.12 15.20 1.49
C ALA D 296 17.64 14.13 2.44
N SER D 297 16.73 13.27 2.92
CA SER D 297 17.10 12.17 3.79
C SER D 297 17.81 11.09 3.00
N GLU D 298 18.62 10.28 3.70
CA GLU D 298 19.37 9.21 3.08
C GLU D 298 18.42 8.14 2.54
N ASP D 299 17.27 7.95 3.21
CA ASP D 299 16.29 6.96 2.80
C ASP D 299 15.75 7.31 1.41
N ARG D 300 15.38 8.58 1.21
CA ARG D 300 14.78 9.02 -0.04
C ARG D 300 15.82 9.00 -1.17
N LEU D 301 17.06 9.37 -0.84
CA LEU D 301 18.15 9.36 -1.83
C LEU D 301 18.47 7.92 -2.23
N ALA D 302 18.52 7.01 -1.24
CA ALA D 302 18.80 5.61 -1.50
C ALA D 302 17.69 4.98 -2.33
N GLU D 303 16.44 5.35 -2.02
CA GLU D 303 15.28 4.80 -2.71
C GLU D 303 15.33 5.21 -4.19
N LEU D 304 15.62 6.48 -4.47
CA LEU D 304 15.62 6.99 -5.82
C LEU D 304 16.86 6.50 -6.58
N GLY D 305 17.96 6.32 -5.86
CA GLY D 305 19.21 5.88 -6.45
C GLY D 305 20.04 7.06 -6.96
N VAL D 306 20.10 8.13 -6.16
CA VAL D 306 20.90 9.30 -6.46
C VAL D 306 22.34 9.03 -6.04
N GLY D 307 23.27 9.21 -6.96
CA GLY D 307 24.69 9.06 -6.68
C GLY D 307 25.39 10.40 -6.57
N LYS D 308 26.55 10.41 -5.92
CA LYS D 308 27.41 11.58 -5.88
C LYS D 308 28.07 11.74 -7.24
N LEU D 309 28.46 12.97 -7.56
CA LEU D 309 29.13 13.26 -8.81
C LEU D 309 30.42 14.02 -8.53
N VAL D 310 31.31 14.00 -9.53
CA VAL D 310 32.51 14.82 -9.52
C VAL D 310 32.54 15.61 -10.82
N THR D 311 32.88 16.90 -10.74
CA THR D 311 33.00 17.74 -11.91
C THR D 311 34.47 17.93 -12.22
N ILE D 312 34.87 17.60 -13.46
CA ILE D 312 36.25 17.73 -13.89
C ILE D 312 36.29 18.77 -15.01
N THR D 313 37.25 19.70 -14.90
CA THR D 313 37.43 20.74 -15.91
C THR D 313 38.76 20.51 -16.61
N SER D 314 38.81 20.91 -17.89
CA SER D 314 40.03 20.87 -18.68
C SER D 314 40.26 22.23 -19.29
N THR D 315 41.28 22.94 -18.79
CA THR D 315 41.68 24.23 -19.33
C THR D 315 42.96 24.03 -20.15
N TYR D 316 42.89 24.35 -21.44
CA TYR D 316 43.94 23.99 -22.37
C TYR D 316 44.32 25.17 -23.26
N ASP D 317 45.53 25.12 -23.81
CA ASP D 317 46.01 26.11 -24.76
C ASP D 317 45.36 25.82 -26.11
N HIS D 318 44.58 26.78 -26.61
CA HIS D 318 43.72 26.56 -27.77
C HIS D 318 44.52 26.64 -29.07
N ARG D 319 45.78 27.10 -29.00
CA ARG D 319 46.62 27.20 -30.18
C ARG D 319 47.09 25.82 -30.64
N VAL D 320 47.20 24.87 -29.71
CA VAL D 320 47.76 23.56 -30.01
C VAL D 320 46.77 22.44 -29.71
N ILE D 321 45.76 22.70 -28.86
CA ILE D 321 44.78 21.69 -28.48
C ILE D 321 43.40 22.15 -28.95
N GLN D 322 42.70 21.27 -29.65
CA GLN D 322 41.36 21.54 -30.16
C GLN D 322 40.34 21.21 -29.08
N GLY D 323 39.14 21.80 -29.20
CA GLY D 323 38.07 21.59 -28.25
C GLY D 323 37.55 20.15 -28.26
N ALA D 324 37.56 19.52 -29.44
CA ALA D 324 37.10 18.15 -29.59
C ALA D 324 38.04 17.19 -28.85
N VAL D 325 39.34 17.48 -28.90
CA VAL D 325 40.34 16.63 -28.26
C VAL D 325 40.17 16.71 -26.75
N SER D 326 39.96 17.94 -26.23
CA SER D 326 39.75 18.14 -24.81
C SER D 326 38.49 17.44 -24.35
N GLY D 327 37.43 17.51 -25.16
CA GLY D 327 36.17 16.85 -24.87
C GLY D 327 36.33 15.34 -24.81
N GLU D 328 37.05 14.77 -25.78
CA GLU D 328 37.27 13.32 -25.85
C GLU D 328 38.14 12.87 -24.68
N PHE D 329 39.10 13.72 -24.28
CA PHE D 329 39.93 13.45 -23.13
C PHE D 329 39.08 13.28 -21.88
N LEU D 330 38.12 14.18 -21.65
CA LEU D 330 37.27 14.13 -20.47
C LEU D 330 36.34 12.93 -20.55
N ARG D 331 35.89 12.59 -21.77
CA ARG D 331 35.03 11.43 -21.98
C ARG D 331 35.79 10.15 -21.58
N THR D 332 37.06 10.06 -21.96
CA THR D 332 37.88 8.90 -21.64
C THR D 332 38.03 8.76 -20.13
N MET D 333 38.28 9.90 -19.45
CA MET D 333 38.41 9.89 -18.01
C MET D 333 37.13 9.39 -17.35
N SER D 334 35.98 9.83 -17.87
CA SER D 334 34.70 9.43 -17.32
C SER D 334 34.48 7.93 -17.50
N ARG D 335 34.88 7.39 -18.65
CA ARG D 335 34.74 5.98 -18.95
C ARG D 335 35.63 5.16 -18.02
N LEU D 336 36.88 5.59 -17.83
CA LEU D 336 37.85 4.88 -17.02
C LEU D 336 37.36 4.72 -15.58
N LEU D 337 36.76 5.78 -15.02
CA LEU D 337 36.38 5.79 -13.61
C LEU D 337 35.20 4.84 -13.35
N THR D 338 34.54 4.36 -14.41
CA THR D 338 33.45 3.41 -14.27
C THR D 338 33.73 2.14 -15.07
N ASP D 339 35.00 1.91 -15.43
CA ASP D 339 35.38 0.77 -16.25
C ASP D 339 35.78 -0.39 -15.35
N ASP D 340 35.37 -1.61 -15.73
CA ASP D 340 35.70 -2.80 -14.97
C ASP D 340 37.21 -3.05 -15.04
N SER D 341 37.79 -2.90 -16.24
CA SER D 341 39.20 -3.16 -16.47
C SER D 341 40.08 -2.21 -15.63
N PHE D 342 39.68 -0.94 -15.56
CA PHE D 342 40.42 0.07 -14.83
C PHE D 342 40.51 -0.30 -13.35
N TRP D 343 39.39 -0.73 -12.78
CA TRP D 343 39.31 -1.05 -11.36
C TRP D 343 39.95 -2.40 -11.06
N ASP D 344 39.89 -3.32 -12.02
CA ASP D 344 40.56 -4.61 -11.90
C ASP D 344 42.06 -4.39 -11.79
N GLU D 345 42.59 -3.46 -12.58
CA GLU D 345 44.02 -3.15 -12.58
C GLU D 345 44.45 -2.63 -11.21
N ILE D 346 43.62 -1.75 -10.62
CA ILE D 346 43.94 -1.15 -9.34
C ILE D 346 43.86 -2.21 -8.24
N PHE D 347 42.82 -3.06 -8.29
CA PHE D 347 42.63 -4.10 -7.28
C PHE D 347 43.79 -5.09 -7.29
N ASP D 348 44.26 -5.46 -8.49
CA ASP D 348 45.37 -6.40 -8.63
C ASP D 348 46.64 -5.78 -8.06
N ALA D 349 46.84 -4.48 -8.31
CA ALA D 349 48.02 -3.77 -7.85
C ALA D 349 48.03 -3.67 -6.31
N MET D 350 46.84 -3.54 -5.71
CA MET D 350 46.71 -3.34 -4.28
C MET D 350 46.36 -4.65 -3.58
N ASN D 351 46.22 -5.75 -4.35
CA ASN D 351 46.03 -7.09 -3.83
C ASN D 351 44.74 -7.18 -3.03
N VAL D 352 43.60 -6.88 -3.69
CA VAL D 352 42.29 -7.00 -3.07
C VAL D 352 41.64 -8.31 -3.53
N PRO D 353 41.26 -9.22 -2.60
CA PRO D 353 40.79 -10.54 -2.98
C PRO D 353 39.37 -10.62 -3.56
N TYR D 354 38.51 -9.66 -3.19
CA TYR D 354 37.11 -9.70 -3.60
C TYR D 354 36.96 -9.12 -5.00
N THR D 355 35.85 -9.47 -5.66
CA THR D 355 35.48 -8.91 -6.94
C THR D 355 35.00 -7.47 -6.72
N PRO D 356 35.49 -6.49 -7.51
CA PRO D 356 35.01 -5.10 -7.39
C PRO D 356 33.51 -4.99 -7.63
N MET D 357 32.86 -4.02 -6.96
CA MET D 357 31.47 -3.75 -7.20
C MET D 357 31.30 -3.30 -8.65
N ARG D 358 30.23 -3.78 -9.31
CA ARG D 358 30.03 -3.53 -10.72
C ARG D 358 29.01 -2.41 -10.90
N TRP D 359 29.30 -1.51 -11.84
CA TRP D 359 28.37 -0.47 -12.25
C TRP D 359 27.16 -1.11 -12.93
N ALA D 360 25.97 -0.80 -12.43
CA ALA D 360 24.74 -1.38 -12.97
C ALA D 360 23.54 -0.53 -12.55
N GLN D 361 22.47 -0.59 -13.33
CA GLN D 361 21.27 0.19 -13.04
C GLN D 361 20.44 -0.53 -11.98
N ASP D 362 19.72 0.25 -11.17
CA ASP D 362 18.83 -0.30 -10.16
C ASP D 362 17.77 -1.16 -10.83
N VAL D 363 17.39 -2.25 -10.16
CA VAL D 363 16.41 -3.19 -10.67
C VAL D 363 15.11 -3.02 -9.87
N PRO D 364 13.93 -3.08 -10.51
CA PRO D 364 12.66 -2.96 -9.79
C PRO D 364 12.38 -4.18 -8.91
N ASN D 365 11.62 -3.97 -7.84
CA ASN D 365 11.26 -5.04 -6.93
C ASN D 365 10.05 -5.77 -7.49
N THR D 366 10.20 -6.28 -8.73
CA THR D 366 9.14 -7.00 -9.42
C THR D 366 9.54 -8.46 -9.56
N GLY D 367 8.54 -9.33 -9.75
CA GLY D 367 8.77 -10.76 -9.77
C GLY D 367 9.16 -11.27 -8.39
N VAL D 368 10.25 -12.03 -8.33
CA VAL D 368 10.79 -12.53 -7.07
C VAL D 368 11.16 -11.35 -6.18
N ASP D 369 10.68 -11.36 -4.93
CA ASP D 369 10.89 -10.27 -4.00
C ASP D 369 12.37 -10.22 -3.62
N LYS D 370 12.86 -9.01 -3.32
CA LYS D 370 14.25 -8.82 -2.97
C LYS D 370 14.56 -9.48 -1.63
N ASN D 371 13.57 -9.56 -0.74
CA ASN D 371 13.73 -10.30 0.51
C ASN D 371 14.06 -11.76 0.22
N THR D 372 13.42 -12.31 -0.82
CA THR D 372 13.70 -13.68 -1.24
C THR D 372 15.14 -13.80 -1.70
N ARG D 373 15.57 -12.81 -2.48
CA ARG D 373 16.87 -12.85 -3.10
C ARG D 373 17.94 -12.79 -2.02
N VAL D 374 17.69 -12.00 -0.97
CA VAL D 374 18.65 -11.78 0.09
C VAL D 374 18.87 -13.09 0.84
N MET D 375 17.79 -13.81 1.09
CA MET D 375 17.87 -15.03 1.87
C MET D 375 18.43 -16.17 1.02
N GLN D 376 18.32 -16.05 -0.30
CA GLN D 376 19.00 -16.96 -1.21
C GLN D 376 20.51 -16.69 -1.18
N LEU D 377 20.88 -15.41 -1.07
CA LEU D 377 22.27 -15.04 -0.97
C LEU D 377 22.87 -15.59 0.32
N ILE D 378 22.11 -15.54 1.42
CA ILE D 378 22.59 -16.04 2.70
C ILE D 378 22.86 -17.54 2.58
N GLU D 379 21.96 -18.29 1.96
CA GLU D 379 22.13 -19.72 1.82
C GLU D 379 23.29 -20.03 0.87
N ALA D 380 23.51 -19.16 -0.12
CA ALA D 380 24.61 -19.35 -1.05
C ALA D 380 25.93 -19.30 -0.31
N TYR D 381 26.10 -18.32 0.59
CA TYR D 381 27.35 -18.14 1.30
C TYR D 381 27.56 -19.26 2.32
N ARG D 382 26.49 -19.66 3.00
CA ARG D 382 26.57 -20.75 3.97
C ARG D 382 26.97 -22.05 3.29
N SER D 383 26.57 -22.24 2.03
CA SER D 383 26.80 -23.47 1.31
C SER D 383 28.13 -23.44 0.55
N ARG D 384 28.38 -22.34 -0.19
CA ARG D 384 29.47 -22.33 -1.17
C ARG D 384 30.44 -21.19 -0.90
N GLY D 385 30.33 -20.53 0.25
CA GLY D 385 31.20 -19.42 0.59
C GLY D 385 32.67 -19.83 0.68
N HIS D 386 32.89 -21.10 0.99
CA HIS D 386 34.23 -21.66 1.14
C HIS D 386 35.01 -21.64 -0.18
N LEU D 387 34.31 -21.58 -1.32
CA LEU D 387 34.96 -21.59 -2.62
C LEU D 387 35.82 -20.36 -2.84
N ILE D 388 35.50 -19.24 -2.17
CA ILE D 388 36.25 -18.01 -2.36
C ILE D 388 36.92 -17.59 -1.06
N ALA D 389 37.00 -18.51 -0.09
CA ALA D 389 37.59 -18.19 1.20
C ALA D 389 39.11 -18.05 1.06
N ASP D 390 39.69 -17.18 1.90
CA ASP D 390 41.12 -16.90 1.85
C ASP D 390 41.87 -17.95 2.67
N THR D 391 41.86 -19.19 2.19
CA THR D 391 42.40 -20.31 2.93
C THR D 391 43.79 -20.68 2.42
N ASN D 392 44.16 -20.20 1.22
CA ASN D 392 45.43 -20.58 0.62
C ASN D 392 46.50 -19.57 1.01
N PRO D 393 47.57 -19.97 1.73
CA PRO D 393 48.66 -19.05 2.06
C PRO D 393 49.38 -18.48 0.83
N LEU D 394 49.42 -19.26 -0.26
CA LEU D 394 50.04 -18.83 -1.50
C LEU D 394 48.99 -18.20 -2.40
N SER D 395 49.43 -17.23 -3.22
CA SER D 395 48.61 -16.70 -4.29
C SER D 395 48.77 -17.60 -5.51
N TRP D 396 48.29 -18.86 -5.38
CA TRP D 396 48.61 -19.91 -6.33
C TRP D 396 47.33 -20.60 -6.76
N VAL D 397 47.18 -20.76 -8.08
CA VAL D 397 46.14 -21.59 -8.66
C VAL D 397 46.82 -22.61 -9.57
N GLN D 398 46.50 -23.90 -9.37
CA GLN D 398 47.14 -24.96 -10.11
C GLN D 398 46.66 -24.93 -11.56
N PRO D 399 47.56 -24.71 -12.55
CA PRO D 399 47.22 -24.86 -13.95
C PRO D 399 46.82 -26.33 -14.16
N GLY D 400 45.61 -26.51 -14.69
CA GLY D 400 45.14 -27.86 -14.98
C GLY D 400 44.21 -28.38 -13.90
N MET D 401 44.06 -27.64 -12.78
CA MET D 401 42.98 -27.92 -11.83
C MET D 401 41.74 -27.15 -12.29
N PRO D 402 40.58 -27.83 -12.46
CA PRO D 402 39.36 -27.14 -12.89
C PRO D 402 38.87 -26.16 -11.82
N VAL D 403 38.73 -24.89 -12.20
CA VAL D 403 38.25 -23.87 -11.29
C VAL D 403 36.73 -23.96 -11.21
N PRO D 404 36.14 -24.22 -10.01
CA PRO D 404 34.69 -24.28 -9.89
C PRO D 404 34.03 -22.93 -10.11
N ASP D 405 32.76 -22.96 -10.56
CA ASP D 405 31.99 -21.76 -10.76
C ASP D 405 31.45 -21.30 -9.41
N HIS D 406 31.60 -20.01 -9.13
CA HIS D 406 31.16 -19.44 -7.86
C HIS D 406 30.41 -18.14 -8.12
N ARG D 407 29.57 -18.13 -9.16
CA ARG D 407 28.78 -16.96 -9.50
C ARG D 407 27.63 -16.79 -8.51
N ASP D 408 27.31 -17.86 -7.77
CA ASP D 408 26.23 -17.85 -6.79
C ASP D 408 26.54 -16.88 -5.64
N LEU D 409 27.81 -16.49 -5.49
CA LEU D 409 28.23 -15.63 -4.41
C LEU D 409 28.19 -14.15 -4.81
N ASP D 410 27.93 -13.87 -6.09
CA ASP D 410 27.78 -12.50 -6.55
C ASP D 410 26.32 -12.08 -6.42
N ILE D 411 26.10 -10.83 -6.00
CA ILE D 411 24.76 -10.31 -5.78
C ILE D 411 24.01 -10.17 -7.11
N GLU D 412 24.76 -10.01 -8.21
CA GLU D 412 24.19 -9.86 -9.54
C GLU D 412 23.40 -11.13 -9.90
N THR D 413 23.91 -12.29 -9.50
CA THR D 413 23.28 -13.56 -9.79
C THR D 413 21.91 -13.65 -9.12
N HIS D 414 21.75 -12.96 -7.99
CA HIS D 414 20.51 -12.99 -7.23
C HIS D 414 19.65 -11.76 -7.54
N ASN D 415 19.95 -11.07 -8.64
CA ASN D 415 19.19 -9.92 -9.09
C ASN D 415 19.19 -8.83 -8.02
N LEU D 416 20.36 -8.62 -7.40
CA LEU D 416 20.58 -7.50 -6.49
C LEU D 416 21.70 -6.63 -7.07
N THR D 417 21.67 -5.33 -6.74
CA THR D 417 22.62 -4.37 -7.27
C THR D 417 23.21 -3.56 -6.12
N ILE D 418 24.18 -2.70 -6.45
CA ILE D 418 24.80 -1.81 -5.49
C ILE D 418 23.77 -0.88 -4.85
N TRP D 419 22.65 -0.63 -5.56
CA TRP D 419 21.63 0.29 -5.08
C TRP D 419 20.77 -0.34 -3.99
N ASP D 420 20.94 -1.65 -3.77
CA ASP D 420 20.20 -2.35 -2.73
C ASP D 420 20.99 -2.40 -1.43
N LEU D 421 22.26 -1.95 -1.45
CA LEU D 421 23.16 -2.16 -0.33
C LEU D 421 22.61 -1.52 0.95
N ASP D 422 22.03 -0.32 0.83
CA ASP D 422 21.59 0.44 1.98
C ASP D 422 20.10 0.21 2.26
N ARG D 423 19.45 -0.65 1.48
CA ARG D 423 18.05 -0.97 1.70
C ARG D 423 17.94 -2.08 2.76
N THR D 424 16.87 -2.02 3.56
CA THR D 424 16.66 -2.94 4.66
C THR D 424 15.81 -4.11 4.19
N PHE D 425 16.19 -5.32 4.63
CA PHE D 425 15.50 -6.54 4.27
C PHE D 425 15.29 -7.37 5.52
N ASN D 426 14.24 -8.20 5.51
CA ASN D 426 13.96 -9.12 6.59
C ASN D 426 14.78 -10.40 6.40
N VAL D 427 15.62 -10.72 7.38
CA VAL D 427 16.62 -11.76 7.25
C VAL D 427 16.27 -12.95 8.15
N GLY D 428 15.12 -12.90 8.81
CA GLY D 428 14.56 -14.04 9.51
C GLY D 428 15.51 -14.59 10.57
N GLY D 429 16.04 -13.70 11.41
CA GLY D 429 16.82 -14.10 12.57
C GLY D 429 18.30 -14.30 12.26
N PHE D 430 18.72 -13.98 11.03
CA PHE D 430 20.14 -14.05 10.69
C PHE D 430 20.90 -13.02 11.52
N GLY D 431 22.03 -13.46 12.09
CA GLY D 431 22.84 -12.59 12.93
C GLY D 431 22.08 -12.11 14.16
N GLY D 432 21.08 -12.89 14.60
CA GLY D 432 20.27 -12.55 15.75
C GLY D 432 19.49 -11.25 15.56
N LYS D 433 19.13 -10.94 14.31
CA LYS D 433 18.32 -9.75 14.02
C LYS D 433 17.23 -10.13 13.03
N GLU D 434 16.09 -9.44 13.12
CA GLU D 434 14.96 -9.71 12.25
C GLU D 434 15.12 -8.95 10.93
N THR D 435 15.70 -7.75 11.00
CA THR D 435 15.89 -6.93 9.82
C THR D 435 17.35 -6.49 9.73
N MET D 436 17.79 -6.23 8.50
CA MET D 436 19.18 -5.91 8.21
C MET D 436 19.28 -5.27 6.84
N THR D 437 20.29 -4.42 6.66
CA THR D 437 20.64 -3.92 5.34
C THR D 437 21.42 -5.00 4.59
N LEU D 438 21.41 -4.94 3.26
CA LEU D 438 22.16 -5.88 2.45
C LEU D 438 23.65 -5.70 2.72
N ARG D 439 24.08 -4.47 2.97
CA ARG D 439 25.48 -4.19 3.27
C ARG D 439 25.90 -4.98 4.50
N GLU D 440 25.07 -4.95 5.54
CA GLU D 440 25.40 -5.63 6.78
C GLU D 440 25.35 -7.15 6.58
N VAL D 441 24.40 -7.62 5.77
CA VAL D 441 24.28 -9.04 5.48
C VAL D 441 25.54 -9.52 4.78
N LEU D 442 26.01 -8.76 3.79
CA LEU D 442 27.19 -9.13 3.03
C LEU D 442 28.40 -9.15 3.96
N SER D 443 28.50 -8.15 4.83
CA SER D 443 29.63 -8.04 5.75
C SER D 443 29.70 -9.26 6.67
N ARG D 444 28.55 -9.65 7.22
CA ARG D 444 28.51 -10.76 8.16
C ARG D 444 28.78 -12.08 7.44
N LEU D 445 28.26 -12.25 6.22
CA LEU D 445 28.47 -13.47 5.46
C LEU D 445 29.94 -13.62 5.10
N ARG D 446 30.57 -12.51 4.68
CA ARG D 446 31.95 -12.54 4.25
C ARG D 446 32.87 -12.80 5.45
N ALA D 447 32.53 -12.24 6.60
CA ALA D 447 33.35 -12.38 7.79
C ALA D 447 33.32 -13.82 8.30
N ALA D 448 32.20 -14.51 8.09
CA ALA D 448 32.01 -15.84 8.65
C ALA D 448 32.48 -16.93 7.70
N TYR D 449 32.45 -16.69 6.39
CA TYR D 449 32.61 -17.77 5.43
C TYR D 449 33.72 -17.54 4.42
N THR D 450 34.33 -16.34 4.36
CA THR D 450 35.27 -16.06 3.29
C THR D 450 36.61 -15.58 3.81
N LEU D 451 36.81 -15.59 5.13
CA LEU D 451 38.10 -15.21 5.70
C LEU D 451 38.97 -16.47 5.80
N LYS D 452 39.73 -16.62 6.89
CA LYS D 452 40.78 -17.62 6.97
C LYS D 452 40.20 -19.02 7.17
N VAL D 453 38.91 -19.13 7.49
CA VAL D 453 38.28 -20.41 7.71
C VAL D 453 37.15 -20.62 6.72
N GLY D 454 37.26 -21.69 5.92
CA GLY D 454 36.23 -22.09 4.98
C GLY D 454 35.54 -23.36 5.47
N SER D 455 34.21 -23.28 5.63
CA SER D 455 33.45 -24.35 6.25
C SER D 455 32.53 -25.02 5.23
N GLU D 456 32.44 -26.34 5.30
CA GLU D 456 31.45 -27.10 4.57
C GLU D 456 30.63 -27.89 5.58
N TYR D 457 29.39 -27.45 5.82
CA TYR D 457 28.56 -28.08 6.82
C TYR D 457 27.10 -28.19 6.34
N THR D 458 26.71 -27.43 5.31
CA THR D 458 25.31 -27.39 4.89
C THR D 458 24.87 -28.74 4.35
N HIS D 459 25.82 -29.57 3.91
CA HIS D 459 25.55 -30.91 3.44
C HIS D 459 25.08 -31.83 4.57
N ILE D 460 25.34 -31.44 5.82
CA ILE D 460 24.95 -32.24 6.97
C ILE D 460 23.42 -32.25 7.05
N LEU D 461 22.84 -33.43 7.23
CA LEU D 461 21.41 -33.62 7.11
C LEU D 461 20.71 -33.28 8.43
N ASP D 462 21.39 -33.50 9.56
CA ASP D 462 20.82 -33.23 10.88
C ASP D 462 20.80 -31.72 11.11
N ARG D 463 19.64 -31.19 11.51
CA ARG D 463 19.43 -29.76 11.65
C ARG D 463 20.09 -29.25 12.92
N ASP D 464 20.02 -30.04 14.00
CA ASP D 464 20.64 -29.68 15.27
C ASP D 464 22.15 -29.58 15.10
N GLU D 465 22.75 -30.54 14.39
CA GLU D 465 24.17 -30.49 14.05
C GLU D 465 24.46 -29.23 13.24
N ARG D 466 23.65 -29.00 12.20
CA ARG D 466 23.88 -27.92 11.25
C ARG D 466 23.75 -26.58 11.99
N THR D 467 22.75 -26.48 12.86
CA THR D 467 22.51 -25.25 13.62
C THR D 467 23.64 -25.00 14.61
N TRP D 468 24.11 -26.07 15.25
CA TRP D 468 25.18 -25.97 16.21
C TRP D 468 26.43 -25.39 15.53
N LEU D 469 26.77 -25.93 14.35
CA LEU D 469 27.92 -25.46 13.60
C LEU D 469 27.68 -24.06 13.07
N GLN D 470 26.47 -23.80 12.58
CA GLN D 470 26.12 -22.51 12.01
C GLN D 470 26.28 -21.40 13.05
N ASP D 471 25.78 -21.65 14.27
CA ASP D 471 25.80 -20.64 15.30
C ASP D 471 27.23 -20.30 15.68
N ARG D 472 28.10 -21.32 15.76
CA ARG D 472 29.47 -21.12 16.20
C ARG D 472 30.30 -20.46 15.11
N LEU D 473 30.07 -20.83 13.84
CA LEU D 473 30.81 -20.26 12.73
C LEU D 473 30.44 -18.79 12.52
N GLU D 474 29.17 -18.45 12.77
CA GLU D 474 28.69 -17.10 12.53
C GLU D 474 28.96 -16.20 13.74
N ALA D 475 29.19 -16.81 14.92
CA ALA D 475 29.60 -16.05 16.09
C ALA D 475 31.03 -15.58 15.93
N GLY D 476 31.85 -16.40 15.24
CA GLY D 476 33.22 -16.04 14.93
C GLY D 476 34.20 -16.53 15.99
N MET D 477 35.48 -16.39 15.69
CA MET D 477 36.54 -16.78 16.60
C MET D 477 36.59 -15.77 17.75
N PRO D 478 36.55 -16.20 19.03
CA PRO D 478 36.71 -15.29 20.16
C PRO D 478 38.15 -14.78 20.25
N LYS D 479 38.30 -13.52 20.66
CA LYS D 479 39.59 -12.88 20.74
C LYS D 479 40.43 -13.57 21.81
N PRO D 480 41.59 -14.17 21.47
CA PRO D 480 42.43 -14.85 22.46
C PRO D 480 43.16 -13.86 23.38
N THR D 481 43.51 -14.34 24.57
CA THR D 481 44.23 -13.54 25.54
C THR D 481 45.70 -13.46 25.14
N GLN D 482 46.43 -12.51 25.73
CA GLN D 482 47.83 -12.29 25.41
C GLN D 482 48.65 -13.52 25.80
N ALA D 483 48.27 -14.16 26.92
CA ALA D 483 48.94 -15.38 27.37
C ALA D 483 48.73 -16.49 26.35
N GLU D 484 47.51 -16.58 25.81
CA GLU D 484 47.19 -17.57 24.80
C GLU D 484 47.97 -17.27 23.52
N GLN D 485 48.05 -16.00 23.15
CA GLN D 485 48.77 -15.59 21.95
C GLN D 485 50.25 -15.94 22.11
N LYS D 486 50.81 -15.68 23.29
CA LYS D 486 52.22 -15.95 23.53
C LYS D 486 52.48 -17.46 23.48
N TYR D 487 51.52 -18.24 23.96
CA TYR D 487 51.67 -19.68 23.97
C TYR D 487 51.69 -20.22 22.53
N ILE D 488 50.87 -19.62 21.65
CA ILE D 488 50.83 -20.03 20.26
C ILE D 488 52.18 -19.74 19.61
N LEU D 489 52.80 -18.60 19.96
CA LEU D 489 54.07 -18.23 19.38
C LEU D 489 55.15 -19.20 19.83
N GLN D 490 55.13 -19.60 21.12
CA GLN D 490 56.10 -20.55 21.63
C GLN D 490 56.06 -21.85 20.84
N LYS D 491 54.85 -22.32 20.51
CA LYS D 491 54.68 -23.57 19.80
C LYS D 491 55.15 -23.41 18.36
N LEU D 492 54.84 -22.27 17.74
CA LEU D 492 55.32 -21.99 16.39
C LEU D 492 56.84 -21.92 16.39
N ASN D 493 57.42 -21.25 17.39
CA ASN D 493 58.85 -21.11 17.47
C ASN D 493 59.51 -22.49 17.59
N ALA D 494 58.96 -23.32 18.48
CA ALA D 494 59.52 -24.64 18.73
C ALA D 494 59.50 -25.47 17.45
N ALA D 495 58.41 -25.36 16.68
CA ALA D 495 58.25 -26.13 15.46
C ALA D 495 59.29 -25.73 14.43
N GLU D 496 59.51 -24.42 14.24
CA GLU D 496 60.42 -23.94 13.22
C GLU D 496 61.87 -24.13 13.67
N ALA D 497 62.15 -23.81 14.94
CA ALA D 497 63.51 -23.86 15.44
C ALA D 497 64.04 -25.29 15.44
N PHE D 498 63.16 -26.26 15.77
CA PHE D 498 63.53 -27.66 15.76
C PHE D 498 63.95 -28.08 14.35
N GLU D 499 63.16 -27.67 13.35
CA GLU D 499 63.43 -28.02 11.97
C GLU D 499 64.75 -27.40 11.51
N ASN D 500 64.97 -26.14 11.90
CA ASN D 500 66.17 -25.40 11.50
C ASN D 500 67.41 -25.99 12.17
N PHE D 501 67.27 -26.51 13.39
CA PHE D 501 68.40 -27.06 14.12
C PHE D 501 68.89 -28.33 13.41
N LEU D 502 67.95 -29.18 12.97
CA LEU D 502 68.28 -30.42 12.29
C LEU D 502 68.95 -30.11 10.94
N GLN D 503 68.47 -29.06 10.27
CA GLN D 503 69.03 -28.65 8.99
C GLN D 503 70.50 -28.27 9.17
N THR D 504 70.82 -27.60 10.29
CA THR D 504 72.17 -27.11 10.54
C THR D 504 73.09 -28.27 10.92
N LYS D 505 72.64 -29.12 11.85
CA LYS D 505 73.49 -30.15 12.44
C LYS D 505 73.59 -31.37 11.54
N TYR D 506 72.49 -31.72 10.86
CA TYR D 506 72.46 -32.88 9.98
C TYR D 506 71.92 -32.45 8.62
N VAL D 507 72.79 -31.85 7.80
CA VAL D 507 72.38 -31.25 6.54
C VAL D 507 72.03 -32.34 5.53
N GLY D 508 72.81 -33.43 5.51
CA GLY D 508 72.65 -34.48 4.52
C GLY D 508 71.94 -35.72 5.09
N GLN D 509 70.86 -35.48 5.84
CA GLN D 509 70.06 -36.57 6.39
C GLN D 509 68.57 -36.27 6.16
N LYS D 510 67.83 -37.31 5.77
CA LYS D 510 66.42 -37.21 5.45
C LYS D 510 65.62 -37.07 6.75
N ARG D 511 64.74 -36.06 6.81
CA ARG D 511 63.96 -35.82 8.01
C ARG D 511 62.49 -35.52 7.69
N PHE D 512 62.16 -35.21 6.44
CA PHE D 512 60.80 -34.84 6.04
C PHE D 512 60.30 -33.68 6.89
N SER D 513 60.86 -32.49 6.66
CA SER D 513 60.62 -31.34 7.51
C SER D 513 59.17 -30.89 7.41
N LEU D 514 58.71 -30.21 8.46
CA LEU D 514 57.37 -29.67 8.54
C LEU D 514 57.36 -28.22 8.05
N GLU D 515 58.50 -27.72 7.58
CA GLU D 515 58.62 -26.32 7.19
C GLU D 515 57.55 -25.99 6.15
N GLY D 516 56.83 -24.90 6.38
CA GLY D 516 55.70 -24.53 5.54
C GLY D 516 54.36 -24.98 6.13
N ALA D 517 54.41 -25.89 7.12
CA ALA D 517 53.21 -26.38 7.76
C ALA D 517 53.38 -26.38 9.28
N GLU D 518 54.05 -25.36 9.83
CA GLU D 518 54.38 -25.32 11.24
C GLU D 518 53.12 -25.13 12.09
N ALA D 519 52.04 -24.64 11.48
CA ALA D 519 50.80 -24.40 12.20
C ALA D 519 50.15 -25.71 12.65
N LEU D 520 50.65 -26.85 12.16
CA LEU D 520 50.16 -28.15 12.58
C LEU D 520 50.37 -28.35 14.08
N ILE D 521 51.50 -27.87 14.61
CA ILE D 521 51.86 -28.11 15.99
C ILE D 521 50.85 -27.41 16.92
N PRO D 522 50.60 -26.09 16.80
CA PRO D 522 49.54 -25.46 17.57
C PRO D 522 48.14 -26.04 17.33
N LEU D 523 47.88 -26.55 16.12
CA LEU D 523 46.59 -27.17 15.81
C LEU D 523 46.41 -28.43 16.65
N MET D 524 47.41 -29.31 16.63
CA MET D 524 47.34 -30.56 17.37
C MET D 524 47.29 -30.27 18.87
N ASP D 525 48.05 -29.28 19.31
CA ASP D 525 48.10 -28.91 20.72
C ASP D 525 46.73 -28.39 21.17
N SER D 526 46.07 -27.63 20.29
CA SER D 526 44.76 -27.08 20.58
C SER D 526 43.73 -28.18 20.78
N ALA D 527 43.78 -29.19 19.90
CA ALA D 527 42.83 -30.29 19.94
C ALA D 527 43.05 -31.14 21.19
N ILE D 528 44.31 -31.42 21.51
CA ILE D 528 44.66 -32.24 22.66
C ILE D 528 44.32 -31.49 23.95
N ASP D 529 44.57 -30.18 23.97
CA ASP D 529 44.27 -29.37 25.14
C ASP D 529 42.76 -29.37 25.40
N THR D 530 41.97 -29.29 24.33
CA THR D 530 40.53 -29.27 24.43
C THR D 530 40.02 -30.61 24.98
N ALA D 531 40.63 -31.70 24.53
CA ALA D 531 40.26 -33.03 24.99
C ALA D 531 40.58 -33.19 26.47
N ALA D 532 41.68 -32.59 26.92
CA ALA D 532 42.05 -32.64 28.33
C ALA D 532 41.02 -31.90 29.17
N GLY D 533 40.53 -30.78 28.65
CA GLY D 533 39.52 -29.98 29.33
C GLY D 533 38.15 -30.66 29.37
N GLN D 534 37.90 -31.56 28.42
CA GLN D 534 36.66 -32.32 28.37
C GLN D 534 36.70 -33.48 29.36
N GLY D 535 37.87 -33.74 29.96
CA GLY D 535 38.01 -34.78 30.97
C GLY D 535 38.23 -36.16 30.37
N LEU D 536 38.78 -36.21 29.15
CA LEU D 536 39.00 -37.48 28.46
C LEU D 536 40.32 -38.08 28.90
N ASP D 537 40.55 -39.33 28.50
CA ASP D 537 41.57 -40.18 29.10
C ASP D 537 42.86 -40.17 28.27
N GLU D 538 42.74 -40.31 26.96
CA GLU D 538 43.91 -40.48 26.11
C GLU D 538 43.63 -39.95 24.71
N VAL D 539 44.70 -39.56 24.02
CA VAL D 539 44.66 -39.23 22.61
C VAL D 539 45.64 -40.16 21.90
N VAL D 540 45.15 -40.88 20.90
CA VAL D 540 45.98 -41.79 20.12
C VAL D 540 46.19 -41.15 18.75
N ILE D 541 47.46 -40.97 18.38
CA ILE D 541 47.80 -40.32 17.12
C ILE D 541 48.31 -41.36 16.14
N GLY D 542 47.81 -41.29 14.90
CA GLY D 542 48.42 -41.93 13.76
C GLY D 542 48.74 -40.91 12.70
N MET D 543 49.99 -40.91 12.19
CA MET D 543 50.38 -39.91 11.22
C MET D 543 51.38 -40.49 10.24
N PRO D 544 51.56 -39.85 9.06
CA PRO D 544 52.64 -40.21 8.14
C PRO D 544 53.99 -39.61 8.52
N HIS D 545 54.93 -39.68 7.58
CA HIS D 545 56.29 -39.17 7.71
C HIS D 545 56.34 -37.67 7.96
N ARG D 546 55.46 -36.90 7.31
CA ARG D 546 55.59 -35.46 7.25
C ARG D 546 55.55 -34.84 8.64
N GLY D 547 56.71 -34.41 9.12
CA GLY D 547 56.82 -33.70 10.39
C GLY D 547 56.65 -34.62 11.60
N ARG D 548 57.06 -35.89 11.48
CA ARG D 548 56.85 -36.86 12.54
C ARG D 548 57.76 -36.53 13.73
N LEU D 549 59.03 -36.20 13.45
CA LEU D 549 59.97 -35.91 14.52
C LEU D 549 59.53 -34.66 15.28
N ASN D 550 58.96 -33.70 14.55
CA ASN D 550 58.49 -32.46 15.14
C ASN D 550 57.36 -32.78 16.11
N VAL D 551 56.44 -33.67 15.69
CA VAL D 551 55.30 -34.05 16.49
C VAL D 551 55.77 -34.85 17.71
N LEU D 552 56.72 -35.77 17.50
CA LEU D 552 57.24 -36.59 18.59
C LEU D 552 57.79 -35.71 19.71
N PHE D 553 58.49 -34.63 19.36
CA PHE D 553 59.12 -33.77 20.35
C PHE D 553 58.12 -32.79 20.95
N ASN D 554 57.37 -32.08 20.10
CA ASN D 554 56.61 -30.92 20.54
C ASN D 554 55.24 -31.30 21.05
N ILE D 555 54.70 -32.46 20.63
CA ILE D 555 53.35 -32.85 21.01
C ILE D 555 53.39 -34.02 21.99
N VAL D 556 54.03 -35.12 21.59
CA VAL D 556 54.03 -36.33 22.40
C VAL D 556 54.91 -36.13 23.63
N GLY D 557 56.08 -35.53 23.43
CA GLY D 557 57.00 -35.22 24.51
C GLY D 557 58.15 -36.21 24.61
N LYS D 558 58.53 -36.80 23.47
CA LYS D 558 59.70 -37.66 23.40
C LYS D 558 60.94 -36.83 23.74
N PRO D 559 61.85 -37.33 24.61
CA PRO D 559 63.03 -36.55 25.01
C PRO D 559 63.91 -36.21 23.80
N LEU D 560 64.48 -35.01 23.82
CA LEU D 560 65.22 -34.49 22.70
C LEU D 560 66.53 -35.27 22.50
N ALA D 561 67.07 -35.81 23.60
CA ALA D 561 68.30 -36.60 23.54
C ALA D 561 68.10 -37.82 22.64
N SER D 562 66.93 -38.47 22.77
CA SER D 562 66.62 -39.66 22.00
C SER D 562 66.62 -39.36 20.51
N ILE D 563 66.04 -38.21 20.12
CA ILE D 563 65.94 -37.85 18.71
C ILE D 563 67.32 -37.58 18.14
N PHE D 564 68.17 -36.87 18.91
CA PHE D 564 69.51 -36.55 18.47
C PHE D 564 70.35 -37.82 18.32
N ASN D 565 70.14 -38.80 19.23
CA ASN D 565 70.86 -40.06 19.18
C ASN D 565 70.55 -40.81 17.89
N GLU D 566 69.29 -40.73 17.44
CA GLU D 566 68.86 -41.43 16.23
C GLU D 566 69.60 -40.90 15.01
N PHE D 567 69.82 -39.58 14.96
CA PHE D 567 70.54 -38.95 13.86
C PHE D 567 72.03 -39.33 13.90
N GLU D 568 72.55 -39.55 15.11
CA GLU D 568 73.95 -39.93 15.27
C GLU D 568 74.17 -41.37 14.80
N GLY D 569 73.13 -42.21 14.92
CA GLY D 569 73.21 -43.60 14.53
C GLY D 569 72.74 -44.56 15.63
N GLN D 570 72.73 -44.07 16.87
CA GLN D 570 72.30 -44.87 18.01
C GLN D 570 70.78 -44.92 18.06
N MET D 571 70.23 -46.07 17.67
CA MET D 571 68.80 -46.28 17.59
C MET D 571 68.33 -47.09 18.79
N GLU D 572 67.18 -46.70 19.36
CA GLU D 572 66.61 -47.42 20.49
C GLU D 572 66.01 -48.74 20.01
N GLN D 573 66.42 -49.84 20.64
CA GLN D 573 65.99 -51.18 20.25
C GLN D 573 64.68 -51.51 20.96
N GLY D 574 63.68 -51.95 20.17
CA GLY D 574 62.39 -52.34 20.69
C GLY D 574 62.44 -53.74 21.32
N GLN D 575 62.72 -54.74 20.48
CA GLN D 575 62.84 -56.12 20.91
C GLN D 575 64.32 -56.51 20.89
N ILE D 576 64.69 -57.45 21.78
CA ILE D 576 66.06 -57.91 21.88
C ILE D 576 66.44 -58.60 20.56
N GLY D 577 67.46 -58.05 19.89
CA GLY D 577 67.92 -58.59 18.62
C GLY D 577 66.98 -58.23 17.45
N GLY D 578 66.22 -57.15 17.62
CA GLY D 578 65.32 -56.68 16.58
C GLY D 578 66.08 -56.01 15.44
N SER D 579 65.45 -55.97 14.25
CA SER D 579 66.07 -55.42 13.06
C SER D 579 65.98 -53.89 13.07
N GLY D 580 64.90 -53.37 13.64
CA GLY D 580 64.72 -51.93 13.79
C GLY D 580 64.05 -51.31 12.58
N ASP D 581 63.98 -49.98 12.57
CA ASP D 581 63.37 -49.23 11.48
C ASP D 581 63.88 -47.80 11.53
N VAL D 582 63.66 -47.05 10.45
CA VAL D 582 64.09 -45.67 10.34
C VAL D 582 63.35 -44.84 11.39
N LYS D 583 63.91 -43.65 11.66
CA LYS D 583 63.56 -42.83 12.82
C LYS D 583 62.10 -42.36 12.73
N TYR D 584 61.58 -42.18 11.52
CA TYR D 584 60.26 -41.58 11.34
C TYR D 584 59.19 -42.64 11.15
N HIS D 585 59.36 -43.81 11.80
CA HIS D 585 58.36 -44.85 11.79
C HIS D 585 58.07 -45.34 13.21
N LEU D 586 58.65 -44.68 14.21
CA LEU D 586 58.59 -45.14 15.59
C LEU D 586 57.45 -44.41 16.31
N GLY D 587 56.91 -45.08 17.33
CA GLY D 587 55.90 -44.51 18.20
C GLY D 587 56.49 -44.01 19.51
N SER D 588 55.65 -43.41 20.35
CA SER D 588 56.05 -42.95 21.67
C SER D 588 54.82 -42.65 22.52
N GLU D 589 55.02 -42.55 23.84
CA GLU D 589 53.95 -42.21 24.77
C GLU D 589 54.41 -41.04 25.64
N GLY D 590 53.46 -40.21 26.06
CA GLY D 590 53.76 -39.06 26.90
C GLY D 590 52.51 -38.51 27.57
N GLN D 591 52.72 -37.50 28.42
CA GLN D 591 51.65 -36.81 29.13
C GLN D 591 51.55 -35.38 28.62
N HIS D 592 50.32 -34.90 28.48
CA HIS D 592 50.05 -33.51 28.13
C HIS D 592 49.31 -32.84 29.30
N LEU D 593 49.89 -31.77 29.83
CA LEU D 593 49.25 -30.97 30.87
C LEU D 593 48.65 -29.72 30.23
N GLN D 594 47.43 -29.36 30.64
CA GLN D 594 46.81 -28.13 30.18
C GLN D 594 47.61 -26.93 30.66
N MET D 595 47.90 -26.00 29.74
CA MET D 595 48.68 -24.81 30.03
C MET D 595 47.83 -23.86 30.87
N PHE D 596 46.55 -23.73 30.51
CA PHE D 596 45.63 -22.83 31.18
C PHE D 596 44.46 -23.64 31.75
N GLY D 597 44.79 -24.66 32.54
CA GLY D 597 43.78 -25.52 33.17
C GLY D 597 44.43 -26.60 34.02
N ASP D 598 43.60 -27.34 34.75
CA ASP D 598 44.07 -28.40 35.64
C ASP D 598 43.95 -29.76 34.97
N GLY D 599 43.50 -29.78 33.71
CA GLY D 599 43.35 -31.02 32.97
C GLY D 599 44.70 -31.65 32.63
N GLU D 600 44.67 -32.98 32.44
CA GLU D 600 45.84 -33.75 32.04
C GLU D 600 45.35 -34.93 31.21
N ILE D 601 46.04 -35.21 30.10
CA ILE D 601 45.64 -36.30 29.21
C ILE D 601 46.89 -37.02 28.73
N LYS D 602 46.72 -38.32 28.44
CA LYS D 602 47.79 -39.15 27.93
C LYS D 602 47.82 -39.03 26.42
N VAL D 603 49.04 -38.98 25.84
CA VAL D 603 49.19 -38.88 24.40
C VAL D 603 50.06 -40.05 23.95
N SER D 604 49.60 -40.76 22.91
CA SER D 604 50.32 -41.90 22.37
C SER D 604 50.40 -41.78 20.85
N LEU D 605 51.56 -42.12 20.28
CA LEU D 605 51.75 -42.19 18.85
C LEU D 605 52.04 -43.63 18.45
N THR D 606 51.32 -44.13 17.44
CA THR D 606 51.44 -45.52 17.04
C THR D 606 52.50 -45.67 15.95
N ALA D 607 53.19 -46.82 15.95
CA ALA D 607 54.16 -47.14 14.92
C ALA D 607 53.42 -47.45 13.62
N ASN D 608 54.09 -47.17 12.50
CA ASN D 608 53.51 -47.42 11.18
C ASN D 608 54.63 -47.67 10.18
N PRO D 609 54.35 -48.42 9.08
CA PRO D 609 55.32 -48.59 8.00
C PRO D 609 55.33 -47.39 7.06
N SER D 610 56.24 -47.42 6.08
CA SER D 610 56.35 -46.38 5.07
C SER D 610 55.15 -46.38 4.13
N HIS D 611 54.39 -47.48 4.10
CA HIS D 611 53.18 -47.57 3.29
C HIS D 611 52.11 -46.63 3.82
N LEU D 612 51.78 -45.60 3.04
CA LEU D 612 50.92 -44.51 3.50
C LEU D 612 49.52 -45.03 3.82
N GLU D 613 48.96 -44.49 4.90
CA GLU D 613 47.56 -44.66 5.29
C GLU D 613 47.27 -46.08 5.78
N ALA D 614 48.29 -46.92 5.95
CA ALA D 614 48.09 -48.28 6.45
C ALA D 614 47.78 -48.26 7.95
N VAL D 615 48.16 -47.18 8.64
CA VAL D 615 47.97 -47.04 10.07
C VAL D 615 46.51 -46.74 10.41
N ASN D 616 45.74 -46.28 9.42
CA ASN D 616 44.39 -45.77 9.67
C ASN D 616 43.55 -46.83 10.40
N PRO D 617 43.36 -48.05 9.84
CA PRO D 617 42.54 -49.05 10.53
C PRO D 617 43.17 -49.53 11.85
N VAL D 618 44.51 -49.56 11.91
CA VAL D 618 45.20 -50.06 13.07
C VAL D 618 44.97 -49.13 14.26
N MET D 619 45.08 -47.81 14.04
CA MET D 619 44.94 -46.87 15.14
C MET D 619 43.50 -46.85 15.63
N GLU D 620 42.53 -47.08 14.74
CA GLU D 620 41.13 -47.14 15.13
C GLU D 620 40.90 -48.32 16.06
N GLY D 621 41.49 -49.47 15.72
CA GLY D 621 41.39 -50.65 16.56
C GLY D 621 42.02 -50.46 17.94
N ILE D 622 43.17 -49.77 17.98
CA ILE D 622 43.83 -49.47 19.24
C ILE D 622 42.90 -48.65 20.12
N VAL D 623 42.25 -47.64 19.54
CA VAL D 623 41.39 -46.76 20.31
C VAL D 623 40.21 -47.56 20.85
N ARG D 624 39.62 -48.41 20.01
CA ARG D 624 38.46 -49.19 20.40
C ARG D 624 38.83 -50.11 21.57
N ALA D 625 40.00 -50.75 21.48
CA ALA D 625 40.42 -51.67 22.54
C ALA D 625 40.61 -50.92 23.84
N LYS D 626 41.17 -49.70 23.76
CA LYS D 626 41.41 -48.89 24.94
C LYS D 626 40.07 -48.45 25.56
N GLN D 627 39.10 -48.07 24.72
CA GLN D 627 37.80 -47.64 25.20
C GLN D 627 37.08 -48.80 25.88
N ASP D 628 37.16 -50.00 25.30
CA ASP D 628 36.52 -51.17 25.86
C ASP D 628 37.11 -51.50 27.23
N TYR D 629 38.42 -51.33 27.39
CA TYR D 629 39.07 -51.60 28.65
C TYR D 629 38.58 -50.66 29.74
N LEU D 630 38.38 -49.38 29.39
CA LEU D 630 37.92 -48.38 30.35
C LEU D 630 36.48 -48.69 30.76
N ASP D 631 35.66 -49.11 29.79
CA ASP D 631 34.31 -49.59 30.05
C ASP D 631 33.48 -48.49 30.72
N LYS D 632 33.26 -47.41 29.99
CA LYS D 632 32.49 -46.28 30.48
C LYS D 632 31.14 -46.18 29.77
N GLY D 633 30.83 -47.18 28.93
CA GLY D 633 29.54 -47.25 28.27
C GLY D 633 29.44 -46.32 27.07
N VAL D 634 28.19 -46.10 26.61
CA VAL D 634 27.92 -45.33 25.41
C VAL D 634 28.20 -43.85 25.66
N ASP D 635 28.09 -43.41 26.92
CA ASP D 635 28.37 -42.04 27.29
C ASP D 635 29.88 -41.80 27.41
N GLY D 636 30.68 -42.86 27.25
CA GLY D 636 32.12 -42.78 27.40
C GLY D 636 32.81 -42.34 26.11
N LYS D 637 33.56 -43.28 25.51
CA LYS D 637 34.36 -43.01 24.33
C LYS D 637 35.35 -41.89 24.61
N THR D 638 36.21 -42.12 25.61
CA THR D 638 37.06 -41.10 26.18
C THR D 638 38.49 -41.25 25.70
N VAL D 639 38.69 -41.99 24.61
CA VAL D 639 39.97 -42.04 23.93
C VAL D 639 39.78 -41.46 22.53
N VAL D 640 40.51 -40.37 22.25
CA VAL D 640 40.33 -39.62 21.01
C VAL D 640 41.28 -40.15 19.95
N PRO D 641 40.78 -40.59 18.78
CA PRO D 641 41.65 -40.86 17.64
C PRO D 641 41.95 -39.56 16.90
N LEU D 642 43.23 -39.20 16.83
CA LEU D 642 43.68 -38.05 16.07
C LEU D 642 44.54 -38.55 14.91
N LEU D 643 43.99 -38.47 13.69
CA LEU D 643 44.61 -39.10 12.54
C LEU D 643 45.04 -38.04 11.54
N LEU D 644 46.33 -38.05 11.19
CA LEU D 644 46.90 -37.11 10.25
C LEU D 644 47.09 -37.78 8.89
N HIS D 645 46.96 -36.97 7.82
CA HIS D 645 47.07 -37.45 6.46
C HIS D 645 47.80 -36.42 5.60
N GLY D 646 48.42 -36.88 4.52
CA GLY D 646 48.84 -36.03 3.42
C GLY D 646 47.73 -35.90 2.38
N ASP D 647 47.70 -34.80 1.63
CA ASP D 647 46.63 -34.52 0.69
C ASP D 647 46.63 -35.53 -0.45
N ALA D 648 47.80 -35.84 -1.00
CA ALA D 648 47.90 -36.79 -2.09
C ALA D 648 47.46 -38.18 -1.63
N ALA D 649 47.91 -38.59 -0.44
CA ALA D 649 47.61 -39.91 0.09
C ALA D 649 46.13 -39.99 0.47
N PHE D 650 45.58 -38.91 1.02
CA PHE D 650 44.20 -38.90 1.47
C PHE D 650 43.27 -39.08 0.27
N ALA D 651 43.58 -38.41 -0.83
CA ALA D 651 42.78 -38.48 -2.06
C ALA D 651 43.09 -39.79 -2.81
N GLY D 652 44.38 -40.09 -2.95
CA GLY D 652 44.85 -41.21 -3.76
C GLY D 652 44.42 -42.56 -3.20
N LEU D 653 44.93 -42.92 -2.01
CA LEU D 653 44.77 -44.26 -1.47
C LEU D 653 43.31 -44.49 -1.09
N GLY D 654 42.88 -45.76 -1.20
CA GLY D 654 41.51 -46.15 -0.98
C GLY D 654 41.24 -46.65 0.44
N ILE D 655 42.30 -46.98 1.18
CA ILE D 655 42.17 -47.42 2.57
C ILE D 655 41.58 -46.29 3.41
N VAL D 656 41.77 -45.03 2.98
CA VAL D 656 41.29 -43.89 3.73
C VAL D 656 39.77 -43.93 3.86
N PRO D 657 38.98 -43.83 2.76
CA PRO D 657 37.53 -43.92 2.87
C PRO D 657 37.06 -45.26 3.39
N GLU D 658 37.86 -46.30 3.16
CA GLU D 658 37.53 -47.64 3.62
C GLU D 658 37.47 -47.66 5.15
N THR D 659 38.39 -46.97 5.81
CA THR D 659 38.43 -46.96 7.27
C THR D 659 37.35 -46.02 7.82
N ILE D 660 37.17 -44.87 7.18
CA ILE D 660 36.16 -43.91 7.61
C ILE D 660 34.79 -44.58 7.61
N ASN D 661 34.63 -45.55 6.70
CA ASN D 661 33.38 -46.27 6.53
C ASN D 661 33.03 -47.06 7.80
N LEU D 662 34.02 -47.35 8.66
CA LEU D 662 33.78 -48.11 9.87
C LEU D 662 33.31 -47.23 11.03
N ALA D 663 33.24 -45.91 10.83
CA ALA D 663 33.15 -44.96 11.93
C ALA D 663 31.92 -45.19 12.81
N LYS D 664 30.79 -45.58 12.20
CA LYS D 664 29.53 -45.66 12.92
C LYS D 664 29.06 -47.11 13.06
N LEU D 665 29.95 -48.08 12.83
CA LEU D 665 29.59 -49.48 12.95
C LEU D 665 29.64 -49.92 14.41
N ARG D 666 28.79 -50.87 14.78
CA ARG D 666 28.57 -51.26 16.17
C ARG D 666 29.86 -51.73 16.82
N GLY D 667 30.61 -52.57 16.12
CA GLY D 667 31.83 -53.14 16.68
C GLY D 667 33.08 -52.29 16.45
N TYR D 668 32.93 -51.14 15.79
CA TYR D 668 34.08 -50.34 15.38
C TYR D 668 33.98 -48.88 15.82
N ASP D 669 32.83 -48.46 16.36
CA ASP D 669 32.59 -47.06 16.68
C ASP D 669 33.48 -46.66 17.84
N VAL D 670 34.14 -45.50 17.70
CA VAL D 670 35.04 -44.99 18.73
C VAL D 670 34.64 -43.56 19.10
N GLY D 671 33.44 -43.13 18.70
CA GLY D 671 32.93 -41.84 19.06
C GLY D 671 33.46 -40.73 18.15
N GLY D 672 33.92 -41.10 16.96
CA GLY D 672 34.36 -40.13 15.97
C GLY D 672 35.88 -39.96 15.97
N THR D 673 36.44 -39.73 14.77
CA THR D 673 37.86 -39.51 14.58
C THR D 673 38.07 -38.06 14.14
N ILE D 674 39.09 -37.40 14.70
CA ILE D 674 39.50 -36.08 14.22
C ILE D 674 40.55 -36.28 13.13
N HIS D 675 40.20 -35.91 11.90
CA HIS D 675 41.11 -36.04 10.77
C HIS D 675 41.75 -34.69 10.48
N ILE D 676 43.07 -34.69 10.35
CA ILE D 676 43.80 -33.52 9.88
C ILE D 676 44.51 -33.89 8.59
N VAL D 677 44.14 -33.20 7.50
CA VAL D 677 44.82 -33.37 6.23
C VAL D 677 45.81 -32.20 6.06
N VAL D 678 47.10 -32.52 6.03
CA VAL D 678 48.13 -31.54 5.79
C VAL D 678 48.19 -31.28 4.29
N ASN D 679 47.44 -30.28 3.85
CA ASN D 679 47.30 -29.98 2.44
C ASN D 679 48.39 -29.00 2.02
N ASN D 680 49.57 -29.55 1.67
CA ASN D 680 50.70 -28.74 1.22
C ASN D 680 50.66 -28.61 -0.30
N GLN D 681 49.57 -29.08 -0.92
CA GLN D 681 49.25 -28.78 -2.31
C GLN D 681 50.23 -29.46 -3.26
N ILE D 682 50.83 -30.58 -2.81
CA ILE D 682 51.78 -31.32 -3.64
C ILE D 682 52.00 -32.70 -3.02
N GLY D 683 52.36 -33.67 -3.87
CA GLY D 683 52.84 -34.96 -3.43
C GLY D 683 54.37 -34.98 -3.39
N PHE D 684 54.97 -35.91 -4.15
CA PHE D 684 56.40 -35.93 -4.36
C PHE D 684 56.72 -34.87 -5.41
N THR D 685 56.22 -35.09 -6.63
CA THR D 685 56.32 -34.13 -7.71
C THR D 685 54.96 -33.88 -8.36
N THR D 686 54.03 -34.83 -8.19
CA THR D 686 52.71 -34.75 -8.79
C THR D 686 51.91 -33.63 -8.11
N THR D 687 51.42 -32.70 -8.93
CA THR D 687 50.55 -31.62 -8.46
C THR D 687 49.13 -32.16 -8.30
N PRO D 688 48.26 -31.46 -7.52
CA PRO D 688 46.88 -31.91 -7.32
C PRO D 688 46.06 -32.12 -8.59
N ASP D 689 46.43 -31.44 -9.68
CA ASP D 689 45.76 -31.62 -10.96
C ASP D 689 45.95 -33.06 -11.45
N SER D 690 47.15 -33.61 -11.21
CA SER D 690 47.49 -34.97 -11.62
C SER D 690 47.37 -35.94 -10.46
N SER D 691 46.84 -35.49 -9.31
CA SER D 691 46.78 -36.31 -8.11
C SER D 691 45.34 -36.71 -7.79
N ARG D 692 44.39 -35.80 -8.01
CA ARG D 692 43.01 -36.11 -7.70
C ARG D 692 42.08 -35.46 -8.73
N SER D 693 40.83 -35.93 -8.72
CA SER D 693 39.79 -35.38 -9.56
C SER D 693 38.80 -34.55 -8.72
N MET D 694 38.84 -34.73 -7.39
CA MET D 694 38.01 -33.96 -6.48
C MET D 694 38.54 -32.53 -6.43
N HIS D 695 37.66 -31.59 -6.07
CA HIS D 695 38.07 -30.20 -5.92
C HIS D 695 38.94 -30.08 -4.67
N TYR D 696 38.46 -30.65 -3.56
CA TYR D 696 39.20 -30.66 -2.31
C TYR D 696 39.66 -32.09 -1.99
N ALA D 697 40.80 -32.19 -1.30
CA ALA D 697 41.31 -33.48 -0.85
C ALA D 697 40.36 -34.09 0.17
N THR D 698 39.73 -33.25 1.00
CA THR D 698 38.88 -33.72 2.09
C THR D 698 37.45 -33.97 1.63
N ASP D 699 37.23 -34.11 0.33
CA ASP D 699 35.88 -34.21 -0.22
C ASP D 699 35.22 -35.53 0.17
N TYR D 700 35.99 -36.50 0.66
CA TYR D 700 35.41 -37.74 1.14
C TYR D 700 34.45 -37.49 2.31
N ALA D 701 34.62 -36.39 3.03
CA ALA D 701 33.76 -36.04 4.15
C ALA D 701 32.32 -35.84 3.71
N LYS D 702 32.13 -35.35 2.47
CA LYS D 702 30.80 -35.14 1.93
C LYS D 702 30.07 -36.47 1.81
N ALA D 703 30.82 -37.54 1.51
CA ALA D 703 30.25 -38.87 1.40
C ALA D 703 29.67 -39.32 2.74
N PHE D 704 30.38 -39.02 3.83
CA PHE D 704 30.02 -39.54 5.14
C PHE D 704 29.19 -38.54 5.94
N GLY D 705 28.94 -37.36 5.37
CA GLY D 705 28.07 -36.39 6.00
C GLY D 705 28.73 -35.76 7.23
N CYS D 706 30.01 -35.42 7.08
CA CYS D 706 30.80 -34.89 8.19
C CYS D 706 31.23 -33.48 7.84
N PRO D 707 31.36 -32.58 8.85
CA PRO D 707 31.81 -31.22 8.60
C PRO D 707 33.27 -31.17 8.14
N VAL D 708 33.60 -30.18 7.32
CA VAL D 708 34.96 -29.93 6.91
C VAL D 708 35.30 -28.50 7.27
N PHE D 709 36.50 -28.30 7.82
CA PHE D 709 37.03 -26.96 8.06
C PHE D 709 38.30 -26.81 7.24
N HIS D 710 38.28 -25.88 6.28
CA HIS D 710 39.47 -25.48 5.56
C HIS D 710 40.03 -24.26 6.27
N VAL D 711 41.28 -24.35 6.73
CA VAL D 711 41.87 -23.25 7.49
C VAL D 711 43.21 -22.89 6.88
N ASN D 712 43.47 -21.58 6.82
CA ASN D 712 44.71 -21.03 6.30
C ASN D 712 45.84 -21.32 7.29
N GLY D 713 46.91 -21.96 6.79
CA GLY D 713 48.02 -22.38 7.60
C GLY D 713 48.94 -21.24 8.02
N ASP D 714 48.69 -20.01 7.55
CA ASP D 714 49.48 -18.86 7.96
C ASP D 714 48.70 -17.97 8.94
N ASP D 715 47.55 -18.42 9.43
CA ASP D 715 46.81 -17.70 10.46
C ASP D 715 46.71 -18.56 11.71
N PRO D 716 47.69 -18.52 12.63
CA PRO D 716 47.74 -19.45 13.77
C PRO D 716 46.51 -19.40 14.67
N GLU D 717 45.94 -18.20 14.87
CA GLU D 717 44.81 -18.05 15.77
C GLU D 717 43.59 -18.77 15.21
N ALA D 718 43.36 -18.66 13.90
CA ALA D 718 42.27 -19.37 13.26
C ALA D 718 42.51 -20.87 13.32
N VAL D 719 43.77 -21.28 13.17
CA VAL D 719 44.10 -22.70 13.20
C VAL D 719 43.77 -23.27 14.58
N VAL D 720 44.12 -22.53 15.64
CA VAL D 720 43.90 -23.00 17.00
C VAL D 720 42.40 -23.09 17.29
N TRP D 721 41.64 -22.12 16.78
CA TRP D 721 40.20 -22.11 16.99
C TRP D 721 39.54 -23.31 16.33
N VAL D 722 39.98 -23.64 15.11
CA VAL D 722 39.40 -24.74 14.36
C VAL D 722 39.66 -26.05 15.08
N GLY D 723 40.86 -26.19 15.68
CA GLY D 723 41.21 -27.37 16.44
C GLY D 723 40.28 -27.57 17.64
N GLN D 724 39.96 -26.47 18.32
CA GLN D 724 39.07 -26.50 19.46
C GLN D 724 37.65 -26.85 19.00
N LEU D 725 37.21 -26.22 17.91
CA LEU D 725 35.85 -26.41 17.42
C LEU D 725 35.65 -27.85 16.97
N ALA D 726 36.66 -28.45 16.32
CA ALA D 726 36.56 -29.81 15.84
C ALA D 726 36.42 -30.77 17.01
N THR D 727 37.21 -30.55 18.07
CA THR D 727 37.22 -31.44 19.22
C THR D 727 35.90 -31.34 19.96
N GLU D 728 35.32 -30.14 20.04
CA GLU D 728 34.04 -29.92 20.68
C GLU D 728 32.94 -30.62 19.88
N TYR D 729 33.02 -30.54 18.55
CA TYR D 729 32.04 -31.17 17.69
C TYR D 729 32.04 -32.69 17.90
N ARG D 730 33.24 -33.28 17.98
CA ARG D 730 33.36 -34.71 18.18
C ARG D 730 32.70 -35.11 19.49
N ARG D 731 32.96 -34.36 20.57
CA ARG D 731 32.44 -34.70 21.88
C ARG D 731 30.91 -34.62 21.87
N ARG D 732 30.37 -33.60 21.22
CA ARG D 732 28.94 -33.34 21.25
C ARG D 732 28.17 -34.38 20.44
N PHE D 733 28.67 -34.72 19.25
CA PHE D 733 27.89 -35.48 18.27
C PHE D 733 28.47 -36.85 17.99
N GLY D 734 29.71 -37.12 18.40
CA GLY D 734 30.30 -38.43 18.27
C GLY D 734 30.52 -38.84 16.81
N LYS D 735 30.85 -37.87 15.96
CA LYS D 735 31.06 -38.13 14.54
C LYS D 735 32.45 -37.67 14.14
N ASP D 736 32.90 -38.15 12.97
CA ASP D 736 34.16 -37.74 12.39
C ASP D 736 34.09 -36.28 11.98
N VAL D 737 35.24 -35.60 12.08
CA VAL D 737 35.38 -34.22 11.66
C VAL D 737 36.69 -34.11 10.89
N PHE D 738 36.69 -33.27 9.85
CA PHE D 738 37.82 -33.18 8.94
C PHE D 738 38.35 -31.76 8.92
N ILE D 739 39.66 -31.61 9.16
CA ILE D 739 40.33 -30.32 9.08
C ILE D 739 41.26 -30.36 7.88
N ASP D 740 41.08 -29.42 6.95
CA ASP D 740 41.96 -29.24 5.82
C ASP D 740 42.91 -28.09 6.14
N LEU D 741 44.12 -28.42 6.60
CA LEU D 741 45.12 -27.42 6.90
C LEU D 741 45.85 -27.05 5.61
N VAL D 742 45.49 -25.90 5.02
CA VAL D 742 46.04 -25.49 3.75
C VAL D 742 47.38 -24.79 3.99
N CYS D 743 48.45 -25.40 3.50
CA CYS D 743 49.80 -24.94 3.76
C CYS D 743 50.63 -25.21 2.50
N TYR D 744 51.96 -25.19 2.65
CA TYR D 744 52.85 -25.50 1.55
C TYR D 744 54.04 -26.30 2.07
N ARG D 745 54.84 -26.82 1.14
CA ARG D 745 56.05 -27.57 1.45
C ARG D 745 57.25 -26.75 1.01
N LEU D 746 58.01 -26.22 1.98
CA LEU D 746 59.04 -25.24 1.70
C LEU D 746 60.13 -25.84 0.84
N ARG D 747 60.58 -27.05 1.19
CA ARG D 747 61.67 -27.71 0.49
C ARG D 747 61.08 -28.75 -0.47
N GLY D 748 61.98 -29.56 -1.06
CA GLY D 748 61.56 -30.69 -1.86
C GLY D 748 60.82 -31.73 -1.02
N HIS D 749 60.48 -32.86 -1.66
CA HIS D 749 59.80 -33.94 -0.96
C HIS D 749 60.65 -34.37 0.24
N ASN D 750 61.94 -34.63 -0.04
CA ASN D 750 62.93 -34.86 0.99
C ASN D 750 63.89 -33.67 0.98
N GLU D 751 64.93 -33.72 1.82
CA GLU D 751 65.83 -32.60 2.02
C GLU D 751 66.94 -32.60 0.97
N ALA D 752 67.01 -33.65 0.14
CA ALA D 752 68.04 -33.76 -0.88
C ALA D 752 67.39 -33.90 -2.27
N ASP D 753 66.42 -33.04 -2.55
CA ASP D 753 65.71 -33.05 -3.81
C ASP D 753 65.42 -31.62 -4.25
N ASP D 754 65.50 -31.38 -5.56
CA ASP D 754 65.27 -30.05 -6.13
C ASP D 754 63.89 -30.01 -6.78
N PRO D 755 62.91 -29.28 -6.18
CA PRO D 755 61.56 -29.20 -6.75
C PRO D 755 61.38 -28.19 -7.87
N SER D 756 62.43 -27.42 -8.17
CA SER D 756 62.37 -26.37 -9.17
C SER D 756 62.44 -26.93 -10.59
N MET D 757 62.90 -28.18 -10.72
CA MET D 757 63.03 -28.84 -12.01
C MET D 757 61.65 -29.06 -12.63
N THR D 758 60.67 -29.40 -11.79
CA THR D 758 59.37 -29.85 -12.25
C THR D 758 58.24 -28.88 -11.88
N GLN D 759 58.41 -28.14 -10.78
CA GLN D 759 57.48 -27.09 -10.39
C GLN D 759 58.23 -25.77 -10.25
N PRO D 760 58.68 -25.12 -11.35
CA PRO D 760 59.40 -23.87 -11.26
C PRO D 760 58.53 -22.70 -10.80
N LYS D 761 57.28 -22.65 -11.30
CA LYS D 761 56.40 -21.52 -11.04
C LYS D 761 55.89 -21.55 -9.60
N MET D 762 55.56 -22.75 -9.11
CA MET D 762 55.04 -22.91 -7.75
C MET D 762 56.11 -22.51 -6.74
N TYR D 763 57.37 -22.90 -7.00
CA TYR D 763 58.45 -22.67 -6.07
C TYR D 763 59.12 -21.31 -6.29
N GLU D 764 58.61 -20.52 -7.24
CA GLU D 764 58.97 -19.11 -7.31
C GLU D 764 58.20 -18.33 -6.24
N LEU D 765 56.99 -18.78 -5.93
CA LEU D 765 56.18 -18.18 -4.86
C LEU D 765 56.70 -18.62 -3.50
N ILE D 766 57.06 -19.90 -3.36
CA ILE D 766 57.39 -20.46 -2.06
C ILE D 766 58.75 -19.93 -1.59
N THR D 767 59.74 -19.97 -2.48
CA THR D 767 61.11 -19.57 -2.14
C THR D 767 61.12 -18.09 -1.77
N GLY D 768 61.69 -17.79 -0.59
CA GLY D 768 61.91 -16.42 -0.16
C GLY D 768 60.82 -15.88 0.76
N ARG D 769 59.77 -16.67 1.00
CA ARG D 769 58.68 -16.25 1.88
C ARG D 769 59.18 -16.13 3.31
N GLU D 770 58.54 -15.23 4.08
CA GLU D 770 58.73 -15.19 5.52
C GLU D 770 57.85 -16.27 6.15
N THR D 771 58.38 -16.92 7.18
CA THR D 771 57.72 -18.06 7.80
C THR D 771 56.50 -17.59 8.60
N VAL D 772 55.65 -18.55 8.98
CA VAL D 772 54.45 -18.28 9.74
C VAL D 772 54.83 -17.72 11.11
N ARG D 773 55.93 -18.23 11.69
CA ARG D 773 56.43 -17.75 12.96
C ARG D 773 56.80 -16.28 12.85
N ALA D 774 57.57 -15.93 11.80
CA ALA D 774 57.97 -14.57 11.56
C ALA D 774 56.74 -13.68 11.38
N GLN D 775 55.78 -14.17 10.60
CA GLN D 775 54.58 -13.40 10.30
C GLN D 775 53.81 -13.12 11.59
N TYR D 776 53.66 -14.15 12.42
CA TYR D 776 52.88 -14.04 13.63
C TYR D 776 53.57 -13.13 14.63
N THR D 777 54.91 -13.23 14.72
CA THR D 777 55.66 -12.38 15.63
C THR D 777 55.46 -10.91 15.25
N GLU D 778 55.58 -10.61 13.95
CA GLU D 778 55.40 -9.25 13.46
C GLU D 778 53.98 -8.76 13.73
N ASP D 779 53.00 -9.66 13.61
CA ASP D 779 51.61 -9.33 13.84
C ASP D 779 51.40 -8.97 15.31
N LEU D 780 51.97 -9.77 16.22
CA LEU D 780 51.81 -9.55 17.65
C LEU D 780 52.49 -8.24 18.06
N LEU D 781 53.67 -7.97 17.51
CA LEU D 781 54.40 -6.74 17.82
C LEU D 781 53.63 -5.53 17.28
N GLY D 782 53.05 -5.66 16.09
CA GLY D 782 52.31 -4.59 15.46
C GLY D 782 51.08 -4.17 16.28
N ARG D 783 50.37 -5.15 16.84
CA ARG D 783 49.15 -4.91 17.59
C ARG D 783 49.47 -4.55 19.04
N GLY D 784 50.74 -4.68 19.44
CA GLY D 784 51.18 -4.33 20.78
C GLY D 784 50.82 -5.40 21.81
N ASP D 785 50.51 -6.61 21.32
CA ASP D 785 50.11 -7.71 22.19
C ASP D 785 51.36 -8.40 22.75
N LEU D 786 52.51 -8.16 22.12
CA LEU D 786 53.78 -8.72 22.57
C LEU D 786 54.84 -7.63 22.56
N SER D 787 55.81 -7.74 23.49
CA SER D 787 56.92 -6.82 23.57
C SER D 787 58.15 -7.44 22.90
N ASN D 788 59.15 -6.59 22.61
CA ASN D 788 60.31 -7.01 21.83
C ASN D 788 61.15 -8.01 22.62
N GLU D 789 61.47 -7.68 23.88
CA GLU D 789 62.36 -8.50 24.68
C GLU D 789 61.75 -9.87 24.93
N ASP D 790 60.41 -9.94 24.99
CA ASP D 790 59.72 -11.22 25.12
C ASP D 790 59.86 -12.04 23.84
N ALA D 791 59.80 -11.37 22.69
CA ALA D 791 59.93 -12.03 21.40
C ALA D 791 61.30 -12.66 21.26
N GLU D 792 62.36 -11.93 21.64
CA GLU D 792 63.72 -12.44 21.54
C GLU D 792 63.96 -13.52 22.59
N ALA D 793 63.27 -13.41 23.73
CA ALA D 793 63.41 -14.38 24.81
C ALA D 793 62.93 -15.76 24.36
N VAL D 794 61.79 -15.79 23.65
CA VAL D 794 61.20 -17.04 23.19
C VAL D 794 62.17 -17.77 22.27
N VAL D 795 62.78 -17.04 21.34
CA VAL D 795 63.68 -17.63 20.36
C VAL D 795 64.96 -18.10 21.06
N ARG D 796 65.50 -17.27 21.97
CA ARG D 796 66.79 -17.53 22.60
C ARG D 796 66.68 -18.69 23.59
N ASP D 797 65.60 -18.70 24.38
CA ASP D 797 65.42 -19.70 25.42
C ASP D 797 65.35 -21.09 24.81
N PHE D 798 64.61 -21.24 23.70
CA PHE D 798 64.41 -22.53 23.08
C PHE D 798 65.69 -23.00 22.39
N HIS D 799 66.43 -22.07 21.79
CA HIS D 799 67.67 -22.41 21.11
C HIS D 799 68.71 -22.90 22.11
N ASP D 800 68.77 -22.26 23.29
CA ASP D 800 69.71 -22.64 24.33
C ASP D 800 69.38 -24.03 24.84
N GLN D 801 68.09 -24.37 24.91
CA GLN D 801 67.65 -25.68 25.34
C GLN D 801 68.20 -26.74 24.38
N MET D 802 68.08 -26.49 23.08
CA MET D 802 68.46 -27.46 22.06
C MET D 802 69.98 -27.60 22.01
N GLU D 803 70.70 -26.49 22.18
CA GLU D 803 72.17 -26.50 22.15
C GLU D 803 72.71 -27.31 23.32
N SER D 804 72.14 -27.11 24.51
CA SER D 804 72.61 -27.80 25.70
C SER D 804 72.44 -29.31 25.55
N VAL D 805 71.27 -29.73 25.05
CA VAL D 805 70.97 -31.15 24.88
C VAL D 805 71.88 -31.73 23.81
N PHE D 806 72.12 -30.98 22.73
CA PHE D 806 72.97 -31.44 21.64
C PHE D 806 74.38 -31.72 22.13
N ASN D 807 74.89 -30.87 23.03
CA ASN D 807 76.24 -30.99 23.56
C ASN D 807 76.39 -32.25 24.39
N GLU D 808 75.35 -32.59 25.18
CA GLU D 808 75.39 -33.76 26.05
C GLU D 808 75.39 -35.03 25.22
N VAL D 809 74.73 -35.00 24.06
CA VAL D 809 74.69 -36.16 23.16
C VAL D 809 76.06 -36.32 22.50
N LYS D 810 76.72 -35.19 22.17
CA LYS D 810 77.95 -35.21 21.43
C LYS D 810 79.10 -35.72 22.31
N GLU D 811 79.10 -35.32 23.59
CA GLU D 811 80.17 -35.69 24.52
C GLU D 811 80.12 -37.18 24.82
N GLY D 812 78.93 -37.79 24.71
CA GLY D 812 78.80 -39.23 24.85
C GLY D 812 79.52 -39.99 23.74
N GLY D 813 80.05 -41.17 24.08
CA GLY D 813 80.80 -41.99 23.14
C GLY D 813 79.89 -42.58 22.05
N LYS D 814 80.40 -42.58 20.82
CA LYS D 814 79.67 -43.12 19.67
C LYS D 814 80.06 -44.58 19.48
N LYS D 815 79.15 -45.48 19.90
CA LYS D 815 79.35 -46.92 19.74
C LYS D 815 79.38 -47.26 18.25
N GLN D 816 80.24 -48.24 17.89
CA GLN D 816 80.41 -48.68 16.52
C GLN D 816 79.25 -49.59 16.14
N ALA D 817 79.15 -49.90 14.84
CA ALA D 817 78.11 -50.77 14.31
C ALA D 817 78.34 -52.20 14.80
N GLU D 818 77.24 -52.92 15.05
CA GLU D 818 77.29 -54.30 15.51
C GLU D 818 76.28 -55.12 14.72
N ALA D 819 76.52 -56.43 14.64
CA ALA D 819 75.63 -57.35 13.96
C ALA D 819 74.39 -57.59 14.82
N GLN D 820 73.22 -57.64 14.18
CA GLN D 820 71.96 -57.86 14.87
C GLN D 820 71.64 -59.36 14.83
N THR D 821 71.31 -59.93 16.00
CA THR D 821 71.23 -61.36 16.17
C THR D 821 69.89 -61.87 15.63
N GLY D 822 68.79 -61.47 16.26
CA GLY D 822 67.46 -61.94 15.90
C GLY D 822 66.53 -61.99 17.11
N ILE D 823 65.26 -62.31 16.85
CA ILE D 823 64.22 -62.26 17.88
C ILE D 823 63.69 -63.66 18.17
N THR D 824 64.45 -64.69 17.83
CA THR D 824 63.97 -66.06 17.92
C THR D 824 63.68 -66.41 19.38
N GLY D 825 64.65 -66.16 20.27
CA GLY D 825 64.53 -66.54 21.67
C GLY D 825 64.21 -65.36 22.58
N SER D 826 63.63 -64.28 22.02
CA SER D 826 63.33 -63.08 22.78
C SER D 826 62.10 -63.31 23.68
N GLN D 827 61.27 -64.30 23.32
CA GLN D 827 60.13 -64.68 24.14
C GLN D 827 60.21 -66.16 24.46
N LYS D 828 59.62 -66.56 25.58
CA LYS D 828 59.73 -67.92 26.09
C LYS D 828 58.50 -68.73 25.67
N LEU D 829 58.74 -70.02 25.37
CA LEU D 829 57.68 -70.97 25.07
C LEU D 829 57.05 -71.44 26.39
N PRO D 830 55.71 -71.66 26.42
CA PRO D 830 55.03 -72.14 27.62
C PRO D 830 55.24 -73.64 27.87
N HIS D 831 56.40 -73.99 28.42
CA HIS D 831 56.70 -75.38 28.76
C HIS D 831 55.92 -75.79 30.00
N GLY D 832 55.24 -76.93 29.91
CA GLY D 832 54.54 -77.51 31.05
C GLY D 832 53.10 -77.02 31.19
N LEU D 833 52.65 -76.18 30.26
CA LEU D 833 51.30 -75.61 30.34
C LEU D 833 50.28 -76.65 29.90
N GLU D 834 49.23 -76.81 30.72
CA GLU D 834 48.15 -77.75 30.46
C GLU D 834 46.89 -76.96 30.08
N THR D 835 46.25 -77.35 28.97
CA THR D 835 45.19 -76.56 28.37
C THR D 835 43.84 -77.26 28.48
N ASN D 836 43.80 -78.40 29.18
CA ASN D 836 42.55 -79.13 29.37
C ASN D 836 41.68 -78.41 30.41
N ILE D 837 40.37 -78.60 30.29
CA ILE D 837 39.41 -78.06 31.24
C ILE D 837 38.78 -79.22 32.01
N SER D 838 38.08 -78.91 33.11
CA SER D 838 37.43 -79.92 33.92
C SER D 838 36.12 -80.37 33.26
N ARG D 839 35.63 -81.53 33.67
CA ARG D 839 34.36 -82.04 33.17
C ARG D 839 33.23 -81.08 33.52
N GLU D 840 33.28 -80.53 34.74
CA GLU D 840 32.25 -79.61 35.21
C GLU D 840 32.22 -78.39 34.29
N GLU D 841 33.40 -77.89 33.91
CA GLU D 841 33.49 -76.74 33.02
C GLU D 841 32.90 -77.08 31.66
N LEU D 842 33.20 -78.29 31.17
CA LEU D 842 32.74 -78.71 29.86
C LEU D 842 31.22 -78.84 29.86
N LEU D 843 30.67 -79.49 30.90
CA LEU D 843 29.24 -79.68 31.01
C LEU D 843 28.52 -78.34 31.10
N GLU D 844 29.10 -77.39 31.83
CA GLU D 844 28.51 -76.08 32.01
C GLU D 844 28.49 -75.33 30.67
N LEU D 845 29.54 -75.47 29.88
CA LEU D 845 29.63 -74.81 28.58
C LEU D 845 28.55 -75.38 27.65
N GLY D 846 28.34 -76.70 27.71
CA GLY D 846 27.29 -77.34 26.95
C GLY D 846 25.91 -76.84 27.34
N GLN D 847 25.69 -76.66 28.65
CA GLN D 847 24.38 -76.30 29.17
C GLN D 847 24.03 -74.85 28.81
N ALA D 848 25.01 -74.07 28.35
CA ALA D 848 24.78 -72.68 28.02
C ALA D 848 23.77 -72.54 26.88
N PHE D 849 23.75 -73.53 25.98
CA PHE D 849 22.89 -73.50 24.81
C PHE D 849 21.48 -73.97 25.15
N ALA D 850 21.31 -74.60 26.32
CA ALA D 850 19.99 -75.01 26.80
C ALA D 850 19.35 -73.92 27.67
N ASN D 851 20.15 -73.00 28.21
CA ASN D 851 19.65 -71.97 29.10
C ASN D 851 19.21 -70.76 28.28
N THR D 852 18.18 -70.95 27.45
CA THR D 852 17.66 -69.88 26.61
C THR D 852 16.87 -68.91 27.48
N PRO D 853 16.77 -67.62 27.09
CA PRO D 853 15.89 -66.67 27.78
C PRO D 853 14.43 -67.14 27.82
N GLU D 854 13.61 -66.41 28.58
CA GLU D 854 12.27 -66.85 28.93
C GLU D 854 11.42 -67.07 27.68
N GLY D 855 11.36 -66.05 26.81
CA GLY D 855 10.49 -66.10 25.64
C GLY D 855 11.24 -66.38 24.33
N PHE D 856 12.40 -67.06 24.43
CA PHE D 856 13.26 -67.28 23.28
C PHE D 856 13.04 -68.69 22.74
N ASN D 857 13.00 -68.80 21.41
CA ASN D 857 12.97 -70.09 20.73
C ASN D 857 13.98 -70.04 19.57
N TYR D 858 14.64 -71.18 19.33
CA TYR D 858 15.62 -71.29 18.26
C TYR D 858 14.90 -71.39 16.92
N HIS D 859 15.59 -70.92 15.87
CA HIS D 859 15.19 -71.17 14.49
C HIS D 859 15.14 -72.68 14.29
N PRO D 860 14.12 -73.23 13.61
CA PRO D 860 13.99 -74.69 13.45
C PRO D 860 15.21 -75.42 12.88
N ARG D 861 16.04 -74.72 12.09
CA ARG D 861 17.24 -75.32 11.51
C ARG D 861 18.45 -75.08 12.41
N VAL D 862 18.29 -74.27 13.47
CA VAL D 862 19.36 -74.01 14.42
C VAL D 862 19.15 -74.87 15.67
N ALA D 863 17.89 -75.22 15.98
CA ALA D 863 17.58 -75.95 17.21
C ALA D 863 18.34 -77.27 17.27
N PRO D 864 18.43 -78.06 16.18
CA PRO D 864 19.22 -79.30 16.19
C PRO D 864 20.69 -79.08 16.54
N VAL D 865 21.27 -77.96 16.09
CA VAL D 865 22.65 -77.64 16.35
C VAL D 865 22.82 -77.37 17.85
N ALA D 866 21.91 -76.58 18.43
CA ALA D 866 21.93 -76.26 19.84
C ALA D 866 21.76 -77.53 20.67
N LYS D 867 20.85 -78.40 20.26
CA LYS D 867 20.56 -79.63 21.00
C LYS D 867 21.78 -80.54 20.97
N LYS D 868 22.49 -80.57 19.84
CA LYS D 868 23.65 -81.43 19.69
C LYS D 868 24.78 -80.94 20.59
N ARG D 869 24.92 -79.62 20.71
CA ARG D 869 25.95 -79.03 21.55
C ARG D 869 25.73 -79.39 23.01
N VAL D 870 24.47 -79.46 23.44
CA VAL D 870 24.13 -79.79 24.81
C VAL D 870 24.46 -81.26 25.09
N SER D 871 24.27 -82.13 24.09
CA SER D 871 24.41 -83.57 24.29
C SER D 871 25.84 -84.04 23.99
N SER D 872 26.57 -83.31 23.14
CA SER D 872 27.88 -83.73 22.68
C SER D 872 28.90 -83.73 23.80
N VAL D 873 28.72 -82.84 24.79
CA VAL D 873 29.66 -82.68 25.89
C VAL D 873 29.66 -83.90 26.81
N THR D 874 28.67 -84.79 26.65
CA THR D 874 28.64 -86.04 27.41
C THR D 874 28.76 -87.23 26.46
N GLU D 875 28.00 -87.21 25.35
CA GLU D 875 27.92 -88.36 24.45
C GLU D 875 29.14 -88.40 23.53
N GLY D 876 29.50 -87.25 22.96
CA GLY D 876 30.61 -87.14 22.05
C GLY D 876 30.17 -86.57 20.71
N GLY D 877 31.04 -86.71 19.70
CA GLY D 877 30.76 -86.18 18.38
C GLY D 877 30.78 -84.65 18.38
N ILE D 878 31.81 -84.07 19.01
CA ILE D 878 31.99 -82.64 19.00
C ILE D 878 32.65 -82.25 17.69
N ASP D 879 31.98 -81.37 16.93
CA ASP D 879 32.44 -80.97 15.62
C ASP D 879 33.36 -79.75 15.75
N TRP D 880 33.91 -79.31 14.62
CA TRP D 880 34.92 -78.26 14.60
C TRP D 880 34.40 -76.97 15.23
N ALA D 881 33.22 -76.52 14.79
CA ALA D 881 32.69 -75.24 15.24
C ALA D 881 32.48 -75.25 16.74
N TRP D 882 31.98 -76.37 17.28
CA TRP D 882 31.72 -76.49 18.70
C TRP D 882 33.04 -76.51 19.48
N GLY D 883 34.03 -77.21 18.92
CA GLY D 883 35.37 -77.24 19.51
C GLY D 883 35.98 -75.85 19.62
N GLU D 884 35.78 -75.03 18.59
CA GLU D 884 36.29 -73.67 18.57
C GLU D 884 35.57 -72.81 19.62
N LEU D 885 34.24 -72.91 19.69
CA LEU D 885 33.46 -72.12 20.62
C LEU D 885 33.77 -72.53 22.06
N LEU D 886 34.05 -73.82 22.29
CA LEU D 886 34.42 -74.30 23.61
C LEU D 886 35.69 -73.62 24.09
N ALA D 887 36.64 -73.41 23.17
CA ALA D 887 37.89 -72.73 23.50
C ALA D 887 37.61 -71.28 23.89
N PHE D 888 36.87 -70.57 23.05
CA PHE D 888 36.60 -69.16 23.30
C PHE D 888 35.72 -68.99 24.53
N GLY D 889 34.77 -69.90 24.72
CA GLY D 889 33.89 -69.86 25.89
C GLY D 889 34.67 -70.05 27.18
N SER D 890 35.55 -71.06 27.21
CA SER D 890 36.32 -71.38 28.39
C SER D 890 37.24 -70.21 28.78
N LEU D 891 37.77 -69.51 27.77
CA LEU D 891 38.65 -68.38 27.99
C LEU D 891 37.85 -67.20 28.54
N ALA D 892 36.66 -66.97 27.99
CA ALA D 892 35.80 -65.89 28.46
C ALA D 892 35.34 -66.15 29.89
N ASN D 893 35.14 -67.42 30.25
CA ASN D 893 34.74 -67.78 31.60
C ASN D 893 35.81 -67.38 32.62
N SER D 894 37.09 -67.49 32.23
CA SER D 894 38.20 -67.20 33.11
C SER D 894 38.29 -65.70 33.40
N GLY D 895 37.68 -64.87 32.55
CA GLY D 895 37.58 -63.45 32.79
C GLY D 895 38.16 -62.61 31.65
N ARG D 896 38.47 -63.24 30.52
CA ARG D 896 39.12 -62.55 29.42
C ARG D 896 38.07 -61.98 28.47
N LEU D 897 38.44 -60.88 27.80
CA LEU D 897 37.63 -60.30 26.75
C LEU D 897 38.00 -61.00 25.45
N VAL D 898 37.07 -61.81 24.93
CA VAL D 898 37.26 -62.55 23.69
C VAL D 898 36.47 -61.85 22.61
N ARG D 899 37.16 -61.41 21.55
CA ARG D 899 36.54 -60.71 20.44
C ARG D 899 36.75 -61.50 19.15
N LEU D 900 35.65 -61.88 18.50
CA LEU D 900 35.70 -62.55 17.21
C LEU D 900 35.01 -61.65 16.18
N ALA D 901 35.75 -61.25 15.15
CA ALA D 901 35.21 -60.39 14.11
C ALA D 901 35.56 -60.97 12.74
N GLY D 902 34.75 -60.62 11.75
CA GLY D 902 34.96 -61.09 10.39
C GLY D 902 33.65 -61.07 9.61
N GLU D 903 33.75 -61.23 8.29
CA GLU D 903 32.59 -61.20 7.42
C GLU D 903 31.72 -62.43 7.71
N ASP D 904 30.50 -62.17 8.17
CA ASP D 904 29.49 -63.20 8.39
C ASP D 904 29.94 -64.15 9.51
N SER D 905 30.55 -63.59 10.56
CA SER D 905 31.18 -64.40 11.59
C SER D 905 30.18 -64.90 12.63
N ARG D 906 29.09 -64.14 12.87
CA ARG D 906 28.16 -64.48 13.92
C ARG D 906 27.44 -65.79 13.59
N ARG D 907 27.04 -65.94 12.33
CA ARG D 907 26.42 -67.17 11.87
C ARG D 907 27.50 -68.13 11.40
N GLY D 908 28.51 -67.60 10.71
CA GLY D 908 29.52 -68.42 10.05
C GLY D 908 29.25 -68.49 8.54
N THR D 909 30.32 -68.42 7.75
CA THR D 909 30.22 -68.47 6.30
C THR D 909 29.55 -69.78 5.86
N PHE D 910 29.86 -70.87 6.57
CA PHE D 910 29.39 -72.19 6.22
C PHE D 910 28.29 -72.64 7.18
N THR D 911 27.64 -71.68 7.83
CA THR D 911 26.48 -71.94 8.69
C THR D 911 26.83 -72.98 9.76
N GLN D 912 28.00 -72.82 10.39
CA GLN D 912 28.51 -73.81 11.31
C GLN D 912 28.56 -73.27 12.74
N ARG D 913 28.73 -71.95 12.90
CA ARG D 913 29.09 -71.39 14.20
C ARG D 913 27.84 -71.14 15.04
N HIS D 914 26.94 -70.27 14.56
CA HIS D 914 25.77 -69.88 15.31
C HIS D 914 26.16 -69.41 16.70
N ALA D 915 27.09 -68.45 16.75
CA ALA D 915 27.53 -67.88 18.01
C ALA D 915 26.40 -67.07 18.63
N VAL D 916 25.69 -66.32 17.78
CA VAL D 916 24.52 -65.57 18.19
C VAL D 916 23.30 -66.14 17.45
N ALA D 917 22.32 -66.62 18.21
CA ALA D 917 21.09 -67.16 17.64
C ALA D 917 20.00 -66.08 17.64
N ILE D 918 19.15 -66.11 16.61
CA ILE D 918 18.10 -65.13 16.44
C ILE D 918 16.75 -65.86 16.48
N ASP D 919 15.82 -65.33 17.28
CA ASP D 919 14.47 -65.86 17.37
C ASP D 919 13.73 -65.44 16.10
N PRO D 920 13.21 -66.39 15.28
CA PRO D 920 12.50 -66.04 14.05
C PRO D 920 11.35 -65.05 14.26
N ALA D 921 10.61 -65.23 15.36
CA ALA D 921 9.42 -64.46 15.63
C ALA D 921 9.78 -63.02 16.00
N THR D 922 10.55 -62.86 17.09
CA THR D 922 10.74 -61.56 17.72
C THR D 922 12.02 -60.88 17.21
N ALA D 923 12.86 -61.62 16.48
CA ALA D 923 14.16 -61.14 16.03
C ALA D 923 15.06 -60.81 17.23
N GLU D 924 14.86 -61.53 18.34
CA GLU D 924 15.64 -61.33 19.55
C GLU D 924 16.94 -62.11 19.43
N GLU D 925 18.05 -61.45 19.78
CA GLU D 925 19.38 -62.07 19.70
C GLU D 925 19.66 -62.80 21.03
N PHE D 926 20.44 -63.88 20.94
CA PHE D 926 20.87 -64.62 22.10
C PHE D 926 22.31 -65.09 21.89
N ASN D 927 23.18 -64.71 22.83
CA ASN D 927 24.59 -65.06 22.81
C ASN D 927 24.88 -65.96 24.00
N PRO D 928 24.74 -67.30 23.88
CA PRO D 928 24.83 -68.20 25.02
C PRO D 928 26.13 -68.07 25.82
N LEU D 929 27.26 -67.96 25.11
CA LEU D 929 28.57 -68.02 25.75
C LEU D 929 28.87 -66.72 26.48
N HIS D 930 28.38 -65.59 25.94
CA HIS D 930 28.54 -64.31 26.61
C HIS D 930 27.79 -64.31 27.94
N GLU D 931 26.56 -64.83 27.93
CA GLU D 931 25.73 -64.85 29.13
C GLU D 931 26.38 -65.73 30.19
N LEU D 932 26.95 -66.85 29.78
CA LEU D 932 27.60 -67.75 30.72
C LEU D 932 28.80 -67.05 31.34
N ALA D 933 29.60 -66.36 30.51
CA ALA D 933 30.82 -65.73 30.98
C ALA D 933 30.49 -64.65 32.01
N GLN D 934 29.44 -63.87 31.74
CA GLN D 934 29.04 -62.78 32.62
C GLN D 934 28.49 -63.31 33.94
N SER D 935 28.04 -64.57 33.97
CA SER D 935 27.45 -65.14 35.17
C SER D 935 28.51 -65.81 36.05
N LYS D 936 29.77 -65.88 35.59
CA LYS D 936 30.82 -66.56 36.34
C LYS D 936 31.51 -65.58 37.30
N GLY D 937 31.25 -64.28 37.14
CA GLY D 937 31.73 -63.29 38.09
C GLY D 937 33.20 -62.95 37.92
N ASN D 938 33.73 -63.13 36.71
CA ASN D 938 35.09 -62.70 36.38
C ASN D 938 35.04 -61.59 35.33
N ASN D 939 33.84 -61.12 35.00
CA ASN D 939 33.64 -60.04 34.04
C ASN D 939 34.21 -60.41 32.68
N GLY D 940 34.11 -61.69 32.30
CA GLY D 940 34.51 -62.14 30.98
C GLY D 940 33.46 -61.75 29.94
N LYS D 941 33.91 -61.59 28.69
CA LYS D 941 33.04 -61.18 27.61
C LYS D 941 33.35 -62.01 26.36
N PHE D 942 32.30 -62.37 25.62
CA PHE D 942 32.44 -62.98 24.31
C PHE D 942 31.70 -62.12 23.30
N LEU D 943 32.47 -61.31 22.55
CA LEU D 943 31.91 -60.36 21.61
C LEU D 943 32.12 -60.89 20.19
N VAL D 944 31.02 -60.99 19.42
CA VAL D 944 31.08 -61.46 18.05
C VAL D 944 30.46 -60.39 17.15
N TYR D 945 31.18 -60.02 16.09
CA TYR D 945 30.75 -58.94 15.21
C TYR D 945 30.80 -59.40 13.76
N ASN D 946 29.84 -58.90 12.96
CA ASN D 946 29.90 -58.99 11.52
C ASN D 946 30.63 -57.76 10.98
N SER D 947 31.78 -57.99 10.33
CA SER D 947 32.59 -56.92 9.79
C SER D 947 31.92 -56.31 8.56
N ALA D 948 32.44 -55.17 8.10
CA ALA D 948 32.07 -54.61 6.81
C ALA D 948 32.80 -55.37 5.71
N LEU D 949 32.46 -55.08 4.46
CA LEU D 949 33.08 -55.69 3.30
C LEU D 949 34.47 -55.10 3.12
N THR D 950 35.43 -55.65 3.87
CA THR D 950 36.80 -55.15 3.85
C THR D 950 37.71 -56.17 4.52
N GLU D 951 38.86 -56.42 3.88
CA GLU D 951 39.91 -57.24 4.47
C GLU D 951 41.00 -56.33 5.02
N TYR D 952 41.39 -55.33 4.23
CA TYR D 952 42.43 -54.38 4.61
C TYR D 952 42.04 -53.76 5.95
N ALA D 953 40.91 -53.04 5.99
CA ALA D 953 40.49 -52.36 7.19
C ALA D 953 40.02 -53.37 8.24
N GLY D 954 39.40 -54.46 7.80
CA GLY D 954 38.88 -55.47 8.70
C GLY D 954 39.97 -56.09 9.57
N MET D 955 41.03 -56.60 8.92
CA MET D 955 42.10 -57.28 9.63
C MET D 955 42.96 -56.26 10.37
N GLY D 956 43.17 -55.10 9.73
CA GLY D 956 43.92 -54.02 10.35
C GLY D 956 43.33 -53.60 11.69
N PHE D 957 42.01 -53.50 11.74
CA PHE D 957 41.32 -53.10 12.96
C PHE D 957 41.54 -54.14 14.06
N GLU D 958 41.48 -55.43 13.72
CA GLU D 958 41.65 -56.48 14.71
C GLU D 958 43.09 -56.51 15.21
N TYR D 959 44.05 -56.26 14.30
CA TYR D 959 45.44 -56.17 14.70
C TYR D 959 45.61 -55.05 15.72
N GLY D 960 45.02 -53.90 15.42
CA GLY D 960 45.06 -52.75 16.30
C GLY D 960 44.47 -53.07 17.67
N TYR D 961 43.38 -53.83 17.67
CA TYR D 961 42.71 -54.22 18.90
C TYR D 961 43.65 -55.03 19.77
N SER D 962 44.42 -55.94 19.15
CA SER D 962 45.34 -56.80 19.88
C SER D 962 46.49 -56.01 20.48
N VAL D 963 46.81 -54.86 19.88
CA VAL D 963 47.89 -54.00 20.35
C VAL D 963 47.38 -53.11 21.47
N GLY D 964 46.16 -52.58 21.30
CA GLY D 964 45.56 -51.69 22.27
C GLY D 964 45.20 -52.38 23.59
N ASN D 965 44.93 -53.69 23.54
CA ASN D 965 44.66 -54.48 24.73
C ASN D 965 45.35 -55.83 24.60
N GLU D 966 46.46 -55.99 25.31
CA GLU D 966 47.33 -57.15 25.18
C GLU D 966 46.69 -58.38 25.82
N ASP D 967 45.75 -58.16 26.75
CA ASP D 967 45.16 -59.24 27.52
C ASP D 967 43.94 -59.82 26.82
N SER D 968 43.44 -59.11 25.79
CA SER D 968 42.28 -59.58 25.04
C SER D 968 42.67 -60.71 24.09
N ILE D 969 41.70 -61.56 23.78
CA ILE D 969 41.86 -62.59 22.76
C ILE D 969 41.07 -62.13 21.54
N VAL D 970 41.79 -61.84 20.45
CA VAL D 970 41.18 -61.28 19.26
C VAL D 970 41.41 -62.26 18.11
N ALA D 971 40.33 -62.59 17.39
CA ALA D 971 40.41 -63.44 16.22
C ALA D 971 39.73 -62.75 15.05
N TRP D 972 40.45 -62.64 13.93
CA TRP D 972 39.85 -62.19 12.69
C TRP D 972 39.63 -63.38 11.77
N GLU D 973 38.41 -63.49 11.24
CA GLU D 973 38.06 -64.59 10.35
C GLU D 973 37.83 -64.05 8.94
N ALA D 974 38.55 -64.61 7.97
CA ALA D 974 38.29 -64.34 6.57
C ALA D 974 37.14 -65.23 6.11
N GLN D 975 36.35 -64.74 5.15
CA GLN D 975 35.27 -65.53 4.59
C GLN D 975 35.88 -66.73 3.86
N PHE D 976 36.87 -66.46 3.01
CA PHE D 976 37.77 -67.48 2.50
C PHE D 976 39.19 -66.96 2.63
N GLY D 977 40.14 -67.87 2.85
CA GLY D 977 41.55 -67.52 2.96
C GLY D 977 42.07 -66.81 1.70
N ASP D 978 41.43 -67.06 0.56
CA ASP D 978 41.86 -66.53 -0.73
C ASP D 978 41.79 -65.00 -0.74
N PHE D 979 40.87 -64.42 0.06
CA PHE D 979 40.64 -62.98 0.04
C PHE D 979 41.59 -62.25 1.00
N ALA D 980 42.39 -63.00 1.78
CA ALA D 980 43.30 -62.39 2.73
C ALA D 980 44.38 -61.56 2.04
N ASN D 981 44.62 -61.82 0.74
CA ASN D 981 45.65 -61.11 0.00
C ASN D 981 45.22 -59.67 -0.26
N GLY D 982 43.94 -59.36 -0.02
CA GLY D 982 43.46 -57.99 -0.06
C GLY D 982 44.08 -57.14 1.06
N ALA D 983 44.35 -57.78 2.20
CA ALA D 983 45.01 -57.15 3.32
C ALA D 983 46.48 -57.54 3.38
N GLN D 984 47.18 -57.42 2.24
CA GLN D 984 48.57 -57.87 2.14
C GLN D 984 49.48 -56.90 2.89
N THR D 985 49.12 -55.60 2.88
CA THR D 985 49.92 -54.59 3.55
C THR D 985 49.94 -54.85 5.07
N ILE D 986 48.78 -55.24 5.62
CA ILE D 986 48.66 -55.50 7.05
C ILE D 986 49.46 -56.75 7.43
N ILE D 987 49.39 -57.79 6.59
CA ILE D 987 50.11 -59.02 6.84
C ILE D 987 51.62 -58.77 6.76
N ASP D 988 52.05 -58.04 5.72
CA ASP D 988 53.48 -57.86 5.45
C ASP D 988 54.10 -56.89 6.45
N GLU D 989 53.43 -55.77 6.72
CA GLU D 989 54.04 -54.64 7.39
C GLU D 989 53.77 -54.66 8.90
N TYR D 990 52.67 -55.30 9.33
CA TYR D 990 52.28 -55.27 10.73
C TYR D 990 52.38 -56.65 11.37
N VAL D 991 51.60 -57.61 10.86
CA VAL D 991 51.42 -58.88 11.54
C VAL D 991 52.72 -59.68 11.55
N SER D 992 53.41 -59.75 10.41
CA SER D 992 54.56 -60.62 10.26
C SER D 992 55.83 -59.99 10.80
N SER D 993 56.00 -58.68 10.61
CA SER D 993 57.28 -58.02 10.84
C SER D 993 57.18 -56.94 11.92
N GLY D 994 56.07 -56.88 12.64
CA GLY D 994 55.83 -55.84 13.63
C GLY D 994 56.80 -55.92 14.81
N GLU D 995 57.07 -57.14 15.27
CA GLU D 995 57.92 -57.36 16.42
C GLU D 995 59.37 -57.03 16.08
N ALA D 996 59.83 -57.46 14.89
CA ALA D 996 61.23 -57.32 14.51
C ALA D 996 61.59 -55.85 14.22
N LYS D 997 60.60 -55.06 13.78
CA LYS D 997 60.85 -53.70 13.34
C LYS D 997 60.73 -52.72 14.51
N TRP D 998 59.70 -52.89 15.35
CA TRP D 998 59.37 -51.91 16.37
C TRP D 998 59.30 -52.49 17.78
N GLY D 999 59.45 -53.81 17.92
CA GLY D 999 59.25 -54.46 19.20
C GLY D 999 57.78 -54.46 19.62
N GLN D 1000 56.87 -54.26 18.65
CA GLN D 1000 55.44 -54.27 18.92
C GLN D 1000 54.91 -55.69 18.76
N THR D 1001 54.39 -56.26 19.84
CA THR D 1001 53.93 -57.64 19.85
C THR D 1001 52.41 -57.67 19.69
N SER D 1002 51.91 -58.79 19.17
CA SER D 1002 50.48 -59.00 18.98
C SER D 1002 50.17 -60.49 19.13
N LYS D 1003 48.99 -60.79 19.68
CA LYS D 1003 48.52 -62.17 19.79
C LYS D 1003 47.32 -62.41 18.86
N LEU D 1004 47.22 -61.62 17.79
CA LEU D 1004 46.10 -61.74 16.86
C LEU D 1004 46.02 -63.15 16.30
N ILE D 1005 44.79 -63.67 16.25
CA ILE D 1005 44.51 -64.96 15.63
C ILE D 1005 43.88 -64.72 14.26
N LEU D 1006 44.42 -65.36 13.23
CA LEU D 1006 43.82 -65.35 11.90
C LEU D 1006 43.18 -66.71 11.65
N LEU D 1007 41.85 -66.71 11.45
CA LEU D 1007 41.11 -67.91 11.07
C LEU D 1007 40.85 -67.84 9.57
N LEU D 1008 41.61 -68.63 8.80
CA LEU D 1008 41.56 -68.58 7.35
C LEU D 1008 41.04 -69.91 6.80
N PRO D 1009 39.77 -69.97 6.32
CA PRO D 1009 39.25 -71.20 5.72
C PRO D 1009 40.07 -71.64 4.52
N HIS D 1010 40.40 -72.94 4.49
CA HIS D 1010 41.29 -73.50 3.51
C HIS D 1010 40.85 -74.93 3.21
N GLY D 1011 41.00 -75.35 1.95
CA GLY D 1011 40.72 -76.72 1.56
C GLY D 1011 40.36 -76.82 0.09
N TYR D 1012 40.96 -77.82 -0.58
CA TYR D 1012 40.71 -78.06 -2.00
C TYR D 1012 39.52 -79.00 -2.12
N GLU D 1013 38.36 -78.44 -2.49
CA GLU D 1013 37.13 -79.19 -2.58
C GLU D 1013 36.44 -79.00 -3.94
N GLY D 1014 37.14 -78.37 -4.89
CA GLY D 1014 36.60 -78.10 -6.21
C GLY D 1014 35.58 -76.96 -6.22
N GLN D 1015 36.00 -75.80 -5.69
CA GLN D 1015 35.17 -74.60 -5.66
C GLN D 1015 35.84 -73.46 -6.44
N GLY D 1016 36.92 -73.76 -7.17
CA GLY D 1016 37.53 -72.79 -8.06
C GLY D 1016 38.79 -72.17 -7.48
N PRO D 1017 39.53 -71.36 -8.27
CA PRO D 1017 40.83 -70.83 -7.84
C PRO D 1017 40.79 -69.77 -6.73
N ASP D 1018 39.61 -69.24 -6.41
CA ASP D 1018 39.49 -68.18 -5.41
C ASP D 1018 38.64 -68.64 -4.23
N HIS D 1019 38.44 -69.95 -4.09
CA HIS D 1019 37.70 -70.50 -2.96
C HIS D 1019 38.34 -71.81 -2.49
N SER D 1020 39.65 -71.93 -2.64
CA SER D 1020 40.33 -73.19 -2.38
C SER D 1020 41.50 -73.00 -1.42
N SER D 1021 42.40 -72.04 -1.73
CA SER D 1021 43.66 -71.92 -1.02
C SER D 1021 43.72 -70.62 -0.23
N ALA D 1022 44.29 -70.71 0.99
CA ALA D 1022 44.57 -69.55 1.81
C ALA D 1022 46.00 -69.07 1.60
N ARG D 1023 46.69 -69.66 0.61
CA ARG D 1023 48.07 -69.33 0.29
C ARG D 1023 48.97 -69.63 1.49
N ILE D 1024 49.04 -70.92 1.84
CA ILE D 1024 49.87 -71.39 2.94
C ILE D 1024 51.33 -71.09 2.65
N GLU D 1025 51.73 -71.22 1.37
CA GLU D 1025 53.12 -71.05 0.98
C GLU D 1025 53.59 -69.62 1.22
N ARG D 1026 52.67 -68.65 1.15
CA ARG D 1026 53.03 -67.25 1.31
C ARG D 1026 53.25 -66.92 2.78
N PHE D 1027 52.41 -67.49 3.65
CA PHE D 1027 52.54 -67.30 5.10
C PHE D 1027 53.83 -67.93 5.61
N LEU D 1028 54.19 -69.11 5.07
CA LEU D 1028 55.39 -69.81 5.51
C LEU D 1028 56.65 -69.09 5.02
N GLN D 1029 56.55 -68.32 3.94
CA GLN D 1029 57.68 -67.58 3.39
C GLN D 1029 57.99 -66.37 4.25
N LEU D 1030 56.97 -65.80 4.89
CA LEU D 1030 57.14 -64.65 5.77
C LEU D 1030 57.70 -65.11 7.12
N CYS D 1031 57.40 -66.35 7.50
CA CYS D 1031 57.81 -66.89 8.79
C CYS D 1031 59.32 -67.02 8.86
N ALA D 1032 59.93 -66.33 9.83
CA ALA D 1032 61.35 -66.44 10.11
C ALA D 1032 61.59 -66.05 11.57
N GLU D 1033 62.69 -66.57 12.14
CA GLU D 1033 63.07 -66.33 13.52
C GLU D 1033 61.85 -66.46 14.45
N GLY D 1034 61.04 -67.50 14.20
CA GLY D 1034 59.88 -67.81 15.02
C GLY D 1034 58.91 -66.64 15.15
N SER D 1035 58.61 -65.98 14.02
CA SER D 1035 57.81 -64.77 14.00
C SER D 1035 56.37 -65.04 14.41
N MET D 1036 55.78 -66.13 13.91
CA MET D 1036 54.40 -66.46 14.22
C MET D 1036 54.19 -67.98 14.14
N THR D 1037 53.08 -68.43 14.74
CA THR D 1037 52.71 -69.84 14.71
C THR D 1037 51.73 -70.05 13.56
N VAL D 1038 52.00 -71.07 12.74
CA VAL D 1038 51.14 -71.43 11.62
C VAL D 1038 50.75 -72.90 11.80
N ALA D 1039 49.44 -73.16 11.85
CA ALA D 1039 48.94 -74.49 12.15
C ALA D 1039 47.77 -74.84 11.24
N GLN D 1040 47.57 -76.14 11.02
CA GLN D 1040 46.42 -76.65 10.28
C GLN D 1040 45.88 -77.87 11.03
N PRO D 1041 45.09 -77.66 12.10
CA PRO D 1041 44.64 -78.77 12.94
C PRO D 1041 43.66 -79.68 12.21
N SER D 1042 43.65 -80.96 12.58
CA SER D 1042 42.85 -81.98 11.91
C SER D 1042 41.63 -82.38 12.75
N THR D 1043 41.65 -82.09 14.06
CA THR D 1043 40.54 -82.44 14.94
C THR D 1043 40.05 -81.21 15.69
N PRO D 1044 38.76 -81.13 16.07
CA PRO D 1044 38.25 -80.01 16.87
C PRO D 1044 38.94 -79.85 18.23
N ALA D 1045 39.29 -80.98 18.86
CA ALA D 1045 39.94 -80.97 20.16
C ALA D 1045 41.34 -80.35 20.04
N ASN D 1046 42.06 -80.71 18.98
CA ASN D 1046 43.41 -80.21 18.78
C ASN D 1046 43.36 -78.71 18.51
N HIS D 1047 42.32 -78.27 17.79
CA HIS D 1047 42.12 -76.86 17.53
C HIS D 1047 41.79 -76.14 18.84
N PHE D 1048 41.03 -76.81 19.70
CA PHE D 1048 40.70 -76.28 21.00
C PHE D 1048 41.97 -76.05 21.81
N HIS D 1049 42.85 -77.05 21.85
CA HIS D 1049 44.07 -76.97 22.63
C HIS D 1049 45.02 -75.91 22.05
N LEU D 1050 45.08 -75.80 20.72
CA LEU D 1050 45.94 -74.83 20.08
C LEU D 1050 45.54 -73.41 20.49
N LEU D 1051 44.24 -73.12 20.48
CA LEU D 1051 43.75 -71.80 20.79
C LEU D 1051 44.03 -71.46 22.26
N ARG D 1052 43.89 -72.44 23.15
CA ARG D 1052 44.06 -72.20 24.57
C ARG D 1052 45.53 -72.03 24.92
N ARG D 1053 46.40 -72.81 24.28
CA ARG D 1053 47.84 -72.67 24.50
C ARG D 1053 48.26 -71.25 24.15
N HIS D 1054 47.77 -70.75 23.01
CA HIS D 1054 48.10 -69.42 22.54
C HIS D 1054 47.66 -68.38 23.56
N ALA D 1055 46.42 -68.50 24.04
CA ALA D 1055 45.82 -67.50 24.90
C ALA D 1055 46.43 -67.50 26.30
N LEU D 1056 46.77 -68.68 26.82
CA LEU D 1056 47.24 -68.82 28.20
C LEU D 1056 48.75 -68.68 28.33
N SER D 1057 49.47 -68.53 27.21
CA SER D 1057 50.93 -68.45 27.24
C SER D 1057 51.38 -66.99 27.35
N ASP D 1058 52.70 -66.80 27.48
CA ASP D 1058 53.31 -65.48 27.47
C ASP D 1058 54.04 -65.24 26.15
N LEU D 1059 53.79 -66.10 25.15
CA LEU D 1059 54.36 -65.92 23.82
C LEU D 1059 53.47 -64.98 23.02
N LYS D 1060 53.85 -63.71 22.97
CA LYS D 1060 53.05 -62.67 22.35
C LYS D 1060 53.41 -62.61 20.87
N ARG D 1061 52.93 -63.60 20.11
CA ARG D 1061 53.16 -63.65 18.67
C ARG D 1061 51.88 -64.10 17.99
N PRO D 1062 51.62 -63.67 16.74
CA PRO D 1062 50.39 -64.03 16.04
C PRO D 1062 50.24 -65.53 15.81
N LEU D 1063 48.97 -65.98 15.68
CA LEU D 1063 48.65 -67.36 15.39
C LEU D 1063 47.79 -67.41 14.13
N VAL D 1064 48.27 -68.14 13.11
CA VAL D 1064 47.56 -68.30 11.85
C VAL D 1064 47.04 -69.72 11.77
N ILE D 1065 45.71 -69.88 11.68
CA ILE D 1065 45.09 -71.19 11.65
C ILE D 1065 44.34 -71.35 10.33
N PHE D 1066 44.67 -72.42 9.60
CA PHE D 1066 43.94 -72.78 8.40
C PHE D 1066 42.80 -73.71 8.77
N THR D 1067 41.58 -73.15 8.77
CA THR D 1067 40.40 -73.84 9.24
C THR D 1067 39.74 -74.57 8.07
N PRO D 1068 39.02 -75.68 8.32
CA PRO D 1068 38.42 -76.45 7.24
C PRO D 1068 37.06 -75.93 6.78
N LYS D 1069 36.56 -76.51 5.69
CA LYS D 1069 35.27 -76.13 5.13
C LYS D 1069 34.35 -77.35 5.13
N SER D 1070 34.76 -78.41 4.44
CA SER D 1070 33.98 -79.63 4.38
C SER D 1070 34.16 -80.47 5.65
N MET D 1071 35.31 -80.34 6.29
CA MET D 1071 35.65 -81.16 7.45
C MET D 1071 34.90 -80.67 8.69
N LEU D 1072 34.22 -79.52 8.57
CA LEU D 1072 33.35 -79.01 9.62
C LEU D 1072 32.27 -80.03 9.98
N ARG D 1073 31.81 -80.81 9.00
CA ARG D 1073 30.70 -81.72 9.21
C ARG D 1073 31.11 -83.16 8.87
N ASN D 1074 32.38 -83.48 9.07
CA ASN D 1074 32.89 -84.82 8.81
C ASN D 1074 32.87 -85.61 10.12
N LYS D 1075 32.13 -86.72 10.14
CA LYS D 1075 31.90 -87.50 11.35
C LYS D 1075 33.21 -88.13 11.84
N ALA D 1076 34.11 -88.48 10.91
CA ALA D 1076 35.36 -89.13 11.26
C ALA D 1076 36.28 -88.17 12.02
N ALA D 1077 36.04 -86.87 11.88
CA ALA D 1077 36.91 -85.86 12.46
C ALA D 1077 36.46 -85.45 13.86
N ALA D 1078 35.23 -85.79 14.25
CA ALA D 1078 34.66 -85.35 15.50
C ALA D 1078 35.48 -85.87 16.70
N SER D 1079 35.48 -85.08 17.79
CA SER D 1079 36.26 -85.38 18.98
C SER D 1079 35.36 -85.86 20.12
N ALA D 1080 35.93 -86.71 20.99
CA ALA D 1080 35.25 -87.18 22.19
C ALA D 1080 35.45 -86.16 23.31
N PRO D 1081 34.59 -86.16 24.36
CA PRO D 1081 34.76 -85.23 25.48
C PRO D 1081 36.08 -85.38 26.24
N GLU D 1082 36.62 -86.60 26.28
CA GLU D 1082 37.86 -86.88 26.99
C GLU D 1082 39.03 -86.13 26.35
N ASP D 1083 38.91 -85.81 25.05
CA ASP D 1083 39.95 -85.10 24.33
C ASP D 1083 40.05 -83.65 24.79
N PHE D 1084 39.00 -83.16 25.46
CA PHE D 1084 39.00 -81.81 26.01
C PHE D 1084 39.35 -81.78 27.49
N THR D 1085 39.23 -82.93 28.18
CA THR D 1085 39.36 -82.95 29.63
C THR D 1085 40.55 -83.81 30.08
N GLU D 1086 40.84 -84.90 29.38
CA GLU D 1086 41.90 -85.82 29.78
C GLU D 1086 43.20 -85.47 29.07
N VAL D 1087 43.12 -85.19 27.75
CA VAL D 1087 44.28 -84.79 26.98
C VAL D 1087 44.68 -83.38 27.40
N THR D 1088 45.95 -83.22 27.79
CA THR D 1088 46.40 -82.04 28.51
C THR D 1088 46.99 -81.00 27.56
N LYS D 1089 47.59 -81.43 26.44
CA LYS D 1089 48.37 -80.54 25.61
C LYS D 1089 47.95 -80.66 24.14
N PHE D 1090 48.19 -79.57 23.40
CA PHE D 1090 48.09 -79.57 21.95
C PHE D 1090 49.12 -80.54 21.37
N GLN D 1091 48.72 -81.23 20.29
CA GLN D 1091 49.60 -82.16 19.59
C GLN D 1091 50.03 -81.54 18.27
N SER D 1092 51.34 -81.33 18.12
CA SER D 1092 51.90 -80.77 16.90
C SER D 1092 51.98 -81.83 15.82
N VAL D 1093 52.20 -83.09 16.23
CA VAL D 1093 52.26 -84.22 15.33
C VAL D 1093 51.41 -85.34 15.90
N ILE D 1094 50.46 -85.84 15.09
CA ILE D 1094 49.60 -86.94 15.48
C ILE D 1094 50.02 -88.18 14.69
N ASN D 1095 50.51 -89.19 15.39
CA ASN D 1095 50.95 -90.42 14.76
C ASN D 1095 49.72 -91.20 14.29
N ASP D 1096 49.94 -92.20 13.45
CA ASP D 1096 48.86 -92.96 12.84
C ASP D 1096 48.19 -93.82 13.92
N PRO D 1097 46.88 -93.62 14.18
CA PRO D 1097 46.17 -94.42 15.19
C PRO D 1097 45.68 -95.79 14.73
N ASN D 1098 45.99 -96.17 13.49
CA ASN D 1098 45.51 -97.42 12.92
C ASN D 1098 46.69 -98.23 12.37
N VAL D 1099 47.71 -98.43 13.22
CA VAL D 1099 48.83 -99.28 12.88
C VAL D 1099 48.83 -100.48 13.82
N ALA D 1100 48.61 -101.67 13.24
CA ALA D 1100 48.58 -102.91 14.00
C ALA D 1100 49.99 -103.28 14.45
N ASP D 1101 50.94 -103.24 13.50
CA ASP D 1101 52.34 -103.57 13.77
C ASP D 1101 53.22 -102.52 13.11
N ALA D 1102 54.09 -101.88 13.90
CA ALA D 1102 54.95 -100.81 13.42
C ALA D 1102 56.11 -101.37 12.61
N ALA D 1103 56.47 -102.64 12.85
CA ALA D 1103 57.60 -103.27 12.19
C ALA D 1103 57.28 -103.53 10.71
N LYS D 1104 55.99 -103.65 10.39
CA LYS D 1104 55.56 -103.98 9.04
C LYS D 1104 55.50 -102.73 8.15
N VAL D 1105 55.55 -101.53 8.76
CA VAL D 1105 55.42 -100.28 8.02
C VAL D 1105 56.67 -100.08 7.17
N LYS D 1106 56.47 -99.92 5.86
CA LYS D 1106 57.56 -99.72 4.91
C LYS D 1106 57.52 -98.31 4.34
N LYS D 1107 56.34 -97.66 4.38
CA LYS D 1107 56.18 -96.35 3.78
C LYS D 1107 55.45 -95.43 4.78
N VAL D 1108 55.96 -94.20 4.94
CA VAL D 1108 55.36 -93.24 5.85
C VAL D 1108 54.87 -92.04 5.04
N MET D 1109 53.61 -91.67 5.24
CA MET D 1109 53.01 -90.54 4.56
C MET D 1109 52.88 -89.38 5.54
N LEU D 1110 53.47 -88.23 5.18
CA LEU D 1110 53.26 -86.99 5.92
C LEU D 1110 52.15 -86.19 5.23
N VAL D 1111 51.16 -85.76 6.03
CA VAL D 1111 50.02 -85.03 5.52
C VAL D 1111 49.66 -83.95 6.52
N SER D 1112 48.97 -82.91 6.06
CA SER D 1112 48.45 -81.87 6.93
C SER D 1112 47.08 -81.43 6.43
N GLY D 1113 46.08 -81.50 7.31
CA GLY D 1113 44.74 -81.01 7.01
C GLY D 1113 43.78 -82.13 6.67
N LYS D 1114 42.74 -81.79 5.89
CA LYS D 1114 41.60 -82.66 5.66
C LYS D 1114 41.99 -83.90 4.84
N LEU D 1115 43.09 -83.81 4.08
CA LEU D 1115 43.48 -84.88 3.18
C LEU D 1115 43.78 -86.16 3.93
N TYR D 1116 44.09 -86.06 5.24
CA TYR D 1116 44.35 -87.24 6.06
C TYR D 1116 43.20 -88.24 5.99
N TYR D 1117 41.97 -87.73 6.09
CA TYR D 1117 40.80 -88.58 6.23
C TYR D 1117 40.54 -89.36 4.93
N GLU D 1118 40.84 -88.74 3.78
CA GLU D 1118 40.76 -89.43 2.51
C GLU D 1118 41.82 -90.53 2.45
N LEU D 1119 43.04 -90.22 2.90
CA LEU D 1119 44.13 -91.18 2.88
C LEU D 1119 43.85 -92.32 3.86
N ALA D 1120 43.31 -91.98 5.03
CA ALA D 1120 43.01 -92.97 6.06
C ALA D 1120 41.92 -93.92 5.57
N LYS D 1121 40.92 -93.37 4.87
CA LYS D 1121 39.81 -94.16 4.35
C LYS D 1121 40.31 -95.15 3.32
N ARG D 1122 41.23 -94.70 2.46
CA ARG D 1122 41.79 -95.54 1.41
C ARG D 1122 42.63 -96.66 2.03
N LYS D 1123 43.37 -96.33 3.09
CA LYS D 1123 44.25 -97.28 3.75
C LYS D 1123 43.43 -98.43 4.34
N GLU D 1124 42.31 -98.08 4.97
CA GLU D 1124 41.44 -99.07 5.60
C GLU D 1124 40.79 -99.95 4.53
N LYS D 1125 40.36 -99.32 3.42
CA LYS D 1125 39.67 -100.02 2.35
C LYS D 1125 40.61 -101.05 1.72
N ASP D 1126 41.86 -100.66 1.45
CA ASP D 1126 42.81 -101.51 0.75
C ASP D 1126 43.53 -102.45 1.73
N GLY D 1127 43.43 -102.16 3.03
CA GLY D 1127 44.04 -102.99 4.05
C GLY D 1127 45.57 -102.94 3.98
N ARG D 1128 46.11 -101.72 3.86
CA ARG D 1128 47.54 -101.50 3.70
C ARG D 1128 48.19 -101.38 5.07
N ASP D 1129 48.74 -102.50 5.56
CA ASP D 1129 49.40 -102.56 6.85
C ASP D 1129 50.82 -102.03 6.77
N ASP D 1130 51.31 -101.77 5.55
CA ASP D 1130 52.69 -101.34 5.34
C ASP D 1130 52.76 -99.82 5.24
N ILE D 1131 51.64 -99.12 5.45
CA ILE D 1131 51.61 -97.67 5.35
C ILE D 1131 51.28 -97.08 6.72
N ALA D 1132 51.97 -95.99 7.08
CA ALA D 1132 51.63 -95.20 8.25
C ALA D 1132 51.42 -93.75 7.83
N ILE D 1133 50.29 -93.16 8.23
CA ILE D 1133 49.95 -91.78 7.87
C ILE D 1133 50.12 -90.89 9.10
N VAL D 1134 51.06 -89.94 9.02
CA VAL D 1134 51.41 -89.07 10.12
C VAL D 1134 50.95 -87.65 9.80
N ARG D 1135 50.22 -87.03 10.74
CA ARG D 1135 49.70 -85.69 10.53
C ARG D 1135 50.65 -84.67 11.15
N ILE D 1136 50.86 -83.56 10.43
CA ILE D 1136 51.59 -82.42 10.94
C ILE D 1136 50.57 -81.30 11.18
N GLU D 1137 50.30 -81.02 12.45
CA GLU D 1137 49.25 -80.10 12.85
C GLU D 1137 49.79 -78.68 12.92
N MET D 1138 51.04 -78.54 13.38
CA MET D 1138 51.70 -77.24 13.44
C MET D 1138 52.76 -77.18 12.36
N LEU D 1139 52.62 -76.22 11.44
CA LEU D 1139 53.48 -76.11 10.27
C LEU D 1139 54.74 -75.32 10.61
N HIS D 1140 54.55 -74.15 11.23
CA HIS D 1140 55.66 -73.34 11.71
C HIS D 1140 55.38 -72.94 13.16
N PRO D 1141 56.34 -73.11 14.11
CA PRO D 1141 57.64 -73.73 13.85
C PRO D 1141 57.52 -75.21 13.49
N ILE D 1142 58.57 -75.74 12.85
CA ILE D 1142 58.59 -77.13 12.44
C ILE D 1142 58.83 -78.00 13.67
N PRO D 1143 57.92 -78.92 14.02
CA PRO D 1143 58.15 -79.85 15.13
C PRO D 1143 59.00 -81.05 14.72
N PHE D 1144 60.28 -80.79 14.42
CA PHE D 1144 61.15 -81.79 13.83
C PHE D 1144 61.49 -82.88 14.84
N ASN D 1145 61.49 -82.55 16.14
CA ASN D 1145 61.74 -83.54 17.18
C ASN D 1145 60.59 -84.56 17.20
N ARG D 1146 59.36 -84.07 17.09
CA ARG D 1146 58.18 -84.93 17.09
C ARG D 1146 58.13 -85.75 15.80
N ILE D 1147 58.48 -85.13 14.67
CA ILE D 1147 58.47 -85.81 13.39
C ILE D 1147 59.55 -86.87 13.39
N SER D 1148 60.74 -86.56 13.94
CA SER D 1148 61.82 -87.52 14.03
C SER D 1148 61.40 -88.71 14.89
N GLU D 1149 60.72 -88.41 16.01
CA GLU D 1149 60.29 -89.43 16.94
C GLU D 1149 59.31 -90.38 16.27
N ALA D 1150 58.37 -89.80 15.50
CA ALA D 1150 57.38 -90.58 14.76
C ALA D 1150 58.05 -91.49 13.74
N LEU D 1151 59.02 -90.93 12.99
CA LEU D 1151 59.73 -91.68 11.97
C LEU D 1151 60.59 -92.78 12.61
N ALA D 1152 61.14 -92.51 13.79
CA ALA D 1152 61.98 -93.47 14.49
C ALA D 1152 61.15 -94.67 14.95
N GLY D 1153 59.83 -94.46 15.10
CA GLY D 1153 58.93 -95.52 15.52
C GLY D 1153 58.62 -96.53 14.43
N TYR D 1154 59.10 -96.27 13.21
CA TYR D 1154 58.97 -97.21 12.09
C TYR D 1154 60.36 -97.55 11.57
N PRO D 1155 61.07 -98.52 12.20
CA PRO D 1155 62.45 -98.82 11.84
C PRO D 1155 62.67 -99.26 10.40
N ASN D 1156 61.67 -99.94 9.81
CA ASN D 1156 61.79 -100.54 8.50
C ASN D 1156 61.19 -99.64 7.41
N ALA D 1157 60.99 -98.36 7.73
CA ALA D 1157 60.47 -97.40 6.75
C ALA D 1157 61.55 -97.10 5.72
N GLU D 1158 61.24 -97.36 4.44
CA GLU D 1158 62.20 -97.22 3.36
C GLU D 1158 62.07 -95.85 2.71
N GLU D 1159 60.83 -95.36 2.56
CA GLU D 1159 60.62 -94.06 1.93
C GLU D 1159 59.60 -93.25 2.73
N VAL D 1160 59.72 -91.92 2.61
CA VAL D 1160 58.81 -90.98 3.24
C VAL D 1160 58.15 -90.15 2.15
N LEU D 1161 56.81 -90.11 2.18
CA LEU D 1161 56.04 -89.37 1.20
C LEU D 1161 55.46 -88.12 1.86
N PHE D 1162 55.56 -86.98 1.17
CA PHE D 1162 54.90 -85.76 1.60
C PHE D 1162 53.70 -85.52 0.69
N VAL D 1163 52.50 -85.76 1.23
CA VAL D 1163 51.27 -85.72 0.45
C VAL D 1163 50.51 -84.44 0.81
N GLN D 1164 50.11 -83.69 -0.23
CA GLN D 1164 49.31 -82.50 -0.05
C GLN D 1164 48.33 -82.36 -1.21
N ASP D 1165 47.25 -81.62 -0.98
CA ASP D 1165 46.27 -81.37 -2.02
C ASP D 1165 46.74 -80.23 -2.94
N GLU D 1166 47.59 -79.33 -2.42
CA GLU D 1166 47.91 -78.11 -3.14
C GLU D 1166 48.84 -78.42 -4.32
N PRO D 1167 48.91 -77.54 -5.34
CA PRO D 1167 49.93 -77.62 -6.39
C PRO D 1167 51.36 -77.68 -5.84
N ALA D 1168 52.30 -78.10 -6.69
CA ALA D 1168 53.68 -78.35 -6.28
C ALA D 1168 54.35 -77.07 -5.78
N ASN D 1169 54.06 -75.94 -6.42
CA ASN D 1169 54.69 -74.67 -6.07
C ASN D 1169 53.88 -73.92 -5.02
N GLN D 1170 52.95 -74.63 -4.37
CA GLN D 1170 52.08 -74.05 -3.36
C GLN D 1170 51.96 -75.03 -2.18
N GLY D 1171 51.23 -74.63 -1.15
CA GLY D 1171 51.04 -75.45 0.04
C GLY D 1171 52.29 -75.48 0.91
N PRO D 1172 52.38 -76.40 1.89
CA PRO D 1172 53.56 -76.50 2.76
C PRO D 1172 54.78 -77.22 2.19
N TRP D 1173 54.69 -77.77 0.98
CA TRP D 1173 55.78 -78.56 0.42
C TRP D 1173 57.04 -77.72 0.23
N PRO D 1174 56.98 -76.55 -0.46
CA PRO D 1174 58.19 -75.76 -0.72
C PRO D 1174 58.96 -75.38 0.54
N PHE D 1175 58.23 -75.15 1.64
CA PHE D 1175 58.83 -74.81 2.92
C PHE D 1175 59.52 -76.06 3.50
N TYR D 1176 58.78 -77.18 3.53
CA TYR D 1176 59.26 -78.39 4.20
C TYR D 1176 60.36 -79.08 3.38
N GLN D 1177 60.35 -78.87 2.05
CA GLN D 1177 61.36 -79.47 1.18
C GLN D 1177 62.73 -78.88 1.49
N GLU D 1178 62.78 -77.57 1.77
CA GLU D 1178 64.05 -76.89 1.98
C GLU D 1178 64.60 -77.17 3.38
N HIS D 1179 63.71 -77.21 4.39
CA HIS D 1179 64.12 -77.13 5.78
C HIS D 1179 64.17 -78.51 6.46
N LEU D 1180 63.19 -79.37 6.21
CA LEU D 1180 63.03 -80.58 7.00
C LEU D 1180 64.23 -81.51 6.82
N PRO D 1181 64.78 -81.73 5.60
CA PRO D 1181 65.95 -82.59 5.44
C PRO D 1181 67.15 -82.19 6.31
N GLU D 1182 67.33 -80.87 6.50
CA GLU D 1182 68.43 -80.36 7.32
C GLU D 1182 68.19 -80.69 8.79
N LEU D 1183 66.93 -80.55 9.23
CA LEU D 1183 66.56 -80.74 10.63
C LEU D 1183 66.58 -82.23 11.00
N ILE D 1184 66.33 -83.10 10.02
CA ILE D 1184 66.37 -84.54 10.24
C ILE D 1184 67.31 -85.17 9.22
N PRO D 1185 68.64 -85.15 9.45
CA PRO D 1185 69.61 -85.67 8.48
C PRO D 1185 69.40 -87.13 8.08
N ASN D 1186 68.99 -87.97 9.04
CA ASN D 1186 68.89 -89.41 8.84
C ASN D 1186 67.60 -89.79 8.10
N MET D 1187 66.66 -88.84 7.97
CA MET D 1187 65.38 -89.12 7.31
C MET D 1187 65.64 -89.42 5.84
N PRO D 1188 64.97 -90.43 5.24
CA PRO D 1188 65.11 -90.71 3.81
C PRO D 1188 64.63 -89.57 2.92
N LYS D 1189 65.07 -89.57 1.66
CA LYS D 1189 64.69 -88.56 0.70
C LYS D 1189 63.16 -88.52 0.57
N MET D 1190 62.59 -87.34 0.79
CA MET D 1190 61.15 -87.16 0.73
C MET D 1190 60.71 -87.11 -0.73
N ARG D 1191 59.60 -87.80 -1.04
CA ARG D 1191 59.01 -87.77 -2.36
C ARG D 1191 57.68 -87.01 -2.28
N ARG D 1192 57.52 -86.01 -3.15
CA ARG D 1192 56.32 -85.21 -3.18
C ARG D 1192 55.21 -85.99 -3.89
N VAL D 1193 54.00 -85.94 -3.32
CA VAL D 1193 52.80 -86.40 -3.99
C VAL D 1193 51.76 -85.29 -3.87
N SER D 1194 51.47 -84.62 -4.99
CA SER D 1194 50.57 -83.48 -4.99
C SER D 1194 50.05 -83.23 -6.41
N ARG D 1195 49.31 -82.13 -6.57
CA ARG D 1195 48.96 -81.62 -7.89
C ARG D 1195 50.18 -80.97 -8.53
N ARG D 1196 50.14 -80.81 -9.86
CA ARG D 1196 51.22 -80.20 -10.63
C ARG D 1196 51.31 -78.71 -10.28
N ALA D 1197 52.45 -78.11 -10.58
CA ALA D 1197 52.65 -76.67 -10.39
C ALA D 1197 51.78 -75.90 -11.39
N GLN D 1198 51.14 -74.83 -10.90
CA GLN D 1198 50.25 -74.01 -11.73
C GLN D 1198 50.55 -72.53 -11.50
N SER D 1199 50.28 -71.71 -12.53
CA SER D 1199 50.37 -70.27 -12.42
C SER D 1199 49.15 -69.72 -11.68
N SER D 1200 48.07 -70.51 -11.61
CA SER D 1200 46.88 -70.19 -10.86
C SER D 1200 46.83 -71.02 -9.58
N THR D 1201 45.74 -70.90 -8.83
CA THR D 1201 45.61 -71.58 -7.54
C THR D 1201 45.05 -72.99 -7.73
N ALA D 1202 43.92 -73.08 -8.43
CA ALA D 1202 43.24 -74.34 -8.67
C ALA D 1202 42.47 -74.28 -9.98
N THR D 1203 41.99 -75.44 -10.44
CA THR D 1203 41.24 -75.54 -11.67
C THR D 1203 39.83 -74.98 -11.45
N GLY D 1204 39.33 -74.28 -12.48
CA GLY D 1204 37.98 -73.75 -12.48
C GLY D 1204 36.93 -74.84 -12.70
N VAL D 1205 37.35 -75.97 -13.31
CA VAL D 1205 36.44 -77.04 -13.66
C VAL D 1205 36.34 -78.01 -12.49
N ALA D 1206 35.12 -78.29 -12.04
CA ALA D 1206 34.87 -79.09 -10.86
C ALA D 1206 35.13 -80.58 -11.12
N LYS D 1207 34.84 -81.04 -12.35
CA LYS D 1207 34.99 -82.44 -12.68
C LYS D 1207 36.46 -82.80 -12.81
N VAL D 1208 37.30 -81.81 -13.16
CA VAL D 1208 38.74 -82.01 -13.22
C VAL D 1208 39.26 -82.25 -11.81
N HIS D 1209 38.72 -81.50 -10.83
CA HIS D 1209 39.15 -81.60 -9.44
C HIS D 1209 39.01 -83.04 -8.94
N GLN D 1210 37.88 -83.68 -9.24
CA GLN D 1210 37.64 -85.04 -8.79
C GLN D 1210 38.64 -85.98 -9.43
N LEU D 1211 38.99 -85.73 -10.70
CA LEU D 1211 39.92 -86.58 -11.43
C LEU D 1211 41.31 -86.50 -10.78
N GLU D 1212 41.75 -85.27 -10.49
CA GLU D 1212 43.09 -85.07 -9.95
C GLU D 1212 43.17 -85.59 -8.52
N GLU D 1213 42.09 -85.47 -7.77
CA GLU D 1213 42.02 -85.98 -6.41
C GLU D 1213 42.21 -87.50 -6.43
N LYS D 1214 41.49 -88.19 -7.33
CA LYS D 1214 41.60 -89.63 -7.45
C LYS D 1214 43.03 -90.01 -7.86
N GLN D 1215 43.60 -89.22 -8.79
CA GLN D 1215 44.94 -89.46 -9.28
C GLN D 1215 45.95 -89.27 -8.14
N LEU D 1216 45.71 -88.26 -7.31
CA LEU D 1216 46.61 -87.91 -6.21
C LEU D 1216 46.68 -89.06 -5.22
N ILE D 1217 45.53 -89.63 -4.85
CA ILE D 1217 45.48 -90.69 -3.85
C ILE D 1217 46.09 -91.97 -4.43
N ASP D 1218 45.84 -92.23 -5.72
CA ASP D 1218 46.38 -93.42 -6.37
C ASP D 1218 47.90 -93.37 -6.39
N GLU D 1219 48.46 -92.17 -6.61
CA GLU D 1219 49.90 -92.00 -6.67
C GLU D 1219 50.52 -92.27 -5.30
N ALA D 1220 49.83 -91.83 -4.25
CA ALA D 1220 50.29 -92.03 -2.88
C ALA D 1220 50.42 -93.51 -2.56
N PHE D 1221 49.40 -94.30 -2.94
CA PHE D 1221 49.39 -95.74 -2.70
C PHE D 1221 49.98 -96.48 -3.89
N GLU D 1222 51.20 -96.10 -4.30
CA GLU D 1222 51.90 -96.71 -5.41
C GLU D 1222 51.01 -96.67 -6.66
N PRO E 102 -15.70 -51.72 27.30
CA PRO E 102 -16.65 -51.90 28.41
C PRO E 102 -17.25 -53.32 28.42
N GLU E 103 -17.67 -53.76 29.62
CA GLU E 103 -18.21 -55.10 29.80
C GLU E 103 -19.64 -55.14 29.28
N PRO E 104 -19.94 -55.97 28.24
CA PRO E 104 -21.31 -56.10 27.73
C PRO E 104 -22.26 -56.72 28.74
N GLY E 105 -23.55 -56.73 28.38
CA GLY E 105 -24.60 -57.30 29.21
C GLY E 105 -25.74 -56.31 29.44
N GLN E 106 -26.73 -56.75 30.23
CA GLN E 106 -27.90 -55.95 30.56
C GLN E 106 -27.93 -55.71 32.06
N THR E 107 -27.88 -54.43 32.47
CA THR E 107 -27.88 -54.06 33.87
C THR E 107 -29.09 -53.16 34.14
N PRO E 108 -29.95 -53.50 35.12
CA PRO E 108 -31.07 -52.62 35.49
C PRO E 108 -30.61 -51.24 35.94
N ILE E 109 -31.38 -50.22 35.55
CA ILE E 109 -31.10 -48.84 35.93
C ILE E 109 -31.71 -48.59 37.30
N ARG E 110 -30.91 -48.06 38.23
CA ARG E 110 -31.33 -47.83 39.59
C ARG E 110 -30.61 -46.61 40.16
N GLY E 111 -31.19 -46.03 41.22
CA GLY E 111 -30.65 -44.87 41.88
C GLY E 111 -31.12 -43.57 41.23
N ILE E 112 -30.19 -42.59 41.15
CA ILE E 112 -30.48 -41.31 40.53
C ILE E 112 -30.76 -41.48 39.04
N PHE E 113 -30.07 -42.44 38.41
CA PHE E 113 -30.19 -42.67 36.98
C PHE E 113 -31.59 -43.15 36.62
N LYS E 114 -32.21 -43.92 37.52
CA LYS E 114 -33.55 -44.44 37.30
C LYS E 114 -34.55 -43.29 37.32
N SER E 115 -34.37 -42.34 38.23
CA SER E 115 -35.25 -41.18 38.36
C SER E 115 -35.12 -40.28 37.13
N ILE E 116 -33.88 -40.16 36.61
CA ILE E 116 -33.63 -39.38 35.40
C ILE E 116 -34.35 -40.02 34.22
N ALA E 117 -34.24 -41.34 34.10
CA ALA E 117 -34.86 -42.08 33.01
C ALA E 117 -36.38 -41.92 33.05
N LYS E 118 -36.95 -41.97 34.27
CA LYS E 118 -38.39 -41.87 34.44
C LYS E 118 -38.87 -40.48 34.04
N ASN E 119 -38.13 -39.44 34.44
CA ASN E 119 -38.51 -38.06 34.17
C ASN E 119 -38.48 -37.78 32.68
N MET E 120 -37.52 -38.40 31.97
CA MET E 120 -37.38 -38.21 30.53
C MET E 120 -38.56 -38.85 29.80
N ASP E 121 -39.06 -39.98 30.34
CA ASP E 121 -40.22 -40.64 29.78
C ASP E 121 -41.47 -39.76 29.96
N ILE E 122 -41.56 -39.08 31.11
CA ILE E 122 -42.70 -38.21 31.39
C ILE E 122 -42.66 -37.00 30.47
N SER E 123 -41.45 -36.54 30.10
CA SER E 123 -41.28 -35.34 29.31
C SER E 123 -41.78 -35.52 27.88
N LEU E 124 -42.06 -36.77 27.47
CA LEU E 124 -42.56 -37.05 26.13
C LEU E 124 -43.93 -36.42 25.90
N GLU E 125 -44.65 -36.08 26.98
CA GLU E 125 -46.01 -35.57 26.86
C GLU E 125 -46.02 -34.05 26.70
N ILE E 126 -44.84 -33.43 26.58
CA ILE E 126 -44.74 -31.99 26.42
C ILE E 126 -44.39 -31.69 24.96
N PRO E 127 -45.29 -31.04 24.19
CA PRO E 127 -44.98 -30.58 22.84
C PRO E 127 -44.13 -29.32 22.87
N THR E 128 -42.84 -29.47 22.53
CA THR E 128 -41.87 -28.39 22.67
C THR E 128 -41.48 -27.87 21.29
N ALA E 129 -41.18 -26.57 21.23
CA ALA E 129 -40.54 -25.96 20.08
C ALA E 129 -39.30 -25.22 20.57
N THR E 130 -38.37 -24.95 19.64
CA THR E 130 -37.10 -24.35 19.98
C THR E 130 -36.87 -23.10 19.11
N SER E 131 -36.42 -22.02 19.76
CA SER E 131 -35.92 -20.84 19.07
C SER E 131 -34.41 -20.78 19.27
N VAL E 132 -33.69 -20.42 18.20
CA VAL E 132 -32.24 -20.34 18.24
C VAL E 132 -31.83 -18.93 17.83
N ARG E 133 -30.97 -18.29 18.63
CA ARG E 133 -30.47 -16.97 18.29
C ARG E 133 -28.99 -16.86 18.64
N ASP E 134 -28.21 -16.33 17.69
CA ASP E 134 -26.80 -16.08 17.90
C ASP E 134 -26.59 -14.62 18.25
N MET E 135 -25.75 -14.35 19.25
CA MET E 135 -25.58 -13.02 19.81
C MET E 135 -24.09 -12.68 19.82
N PRO E 136 -23.70 -11.41 19.57
CA PRO E 136 -22.30 -11.00 19.75
C PRO E 136 -21.86 -11.15 21.20
N ALA E 137 -20.63 -11.63 21.41
CA ALA E 137 -20.13 -11.92 22.74
C ALA E 137 -18.90 -11.07 23.10
N ARG E 138 -18.50 -10.16 22.20
CA ARG E 138 -17.28 -9.40 22.40
C ARG E 138 -17.37 -8.58 23.69
N LEU E 139 -18.48 -7.87 23.87
CA LEU E 139 -18.64 -6.97 25.00
C LEU E 139 -18.67 -7.75 26.31
N MET E 140 -19.17 -8.98 26.25
CA MET E 140 -19.24 -9.85 27.42
C MET E 140 -17.84 -10.26 27.84
N PHE E 141 -16.96 -10.51 26.86
CA PHE E 141 -15.57 -10.86 27.14
C PHE E 141 -14.83 -9.67 27.76
N GLU E 142 -15.05 -8.47 27.23
CA GLU E 142 -14.30 -7.29 27.64
C GLU E 142 -14.71 -6.87 29.05
N ASN E 143 -16.02 -6.81 29.30
CA ASN E 143 -16.55 -6.29 30.56
C ASN E 143 -16.36 -7.30 31.69
N ARG E 144 -16.39 -8.60 31.37
CA ARG E 144 -16.14 -9.62 32.37
C ARG E 144 -14.69 -9.54 32.85
N ALA E 145 -13.78 -9.23 31.92
CA ALA E 145 -12.36 -9.11 32.24
C ALA E 145 -12.15 -7.95 33.22
N MET E 146 -12.88 -6.85 33.02
CA MET E 146 -12.77 -5.67 33.87
C MET E 146 -13.26 -6.00 35.28
N VAL E 147 -14.37 -6.73 35.38
CA VAL E 147 -14.93 -7.11 36.66
C VAL E 147 -13.96 -8.02 37.40
N ASN E 148 -13.38 -9.00 36.68
CA ASN E 148 -12.46 -9.95 37.28
C ASN E 148 -11.17 -9.26 37.70
N ASP E 149 -10.79 -8.19 36.98
CA ASP E 149 -9.62 -7.40 37.35
C ASP E 149 -9.86 -6.69 38.68
N GLN E 150 -11.08 -6.17 38.87
CA GLN E 150 -11.44 -5.49 40.10
C GLN E 150 -11.45 -6.49 41.27
N LEU E 151 -11.97 -7.70 41.01
CA LEU E 151 -12.05 -8.72 42.05
C LEU E 151 -10.66 -9.23 42.41
N LYS E 152 -9.73 -9.20 41.45
CA LYS E 152 -8.38 -9.67 41.69
C LYS E 152 -7.65 -8.74 42.65
N ARG E 153 -7.77 -7.43 42.42
CA ARG E 153 -7.14 -6.45 43.29
C ARG E 153 -7.79 -6.48 44.68
N THR E 154 -9.11 -6.71 44.70
CA THR E 154 -9.86 -6.81 45.95
C THR E 154 -9.57 -8.15 46.63
N ARG E 155 -9.07 -9.12 45.86
CA ARG E 155 -8.81 -10.47 46.34
C ARG E 155 -10.13 -11.14 46.70
N GLY E 156 -11.15 -10.92 45.86
CA GLY E 156 -12.45 -11.53 46.03
C GLY E 156 -12.53 -12.85 45.27
N GLY E 157 -13.61 -13.03 44.50
CA GLY E 157 -13.85 -14.24 43.73
C GLY E 157 -13.56 -14.03 42.24
N LYS E 158 -14.39 -14.66 41.40
CA LYS E 158 -14.27 -14.56 39.95
C LYS E 158 -15.59 -14.96 39.32
N ILE E 159 -16.18 -14.03 38.55
CA ILE E 159 -17.45 -14.30 37.89
C ILE E 159 -17.18 -15.07 36.59
N SER E 160 -18.21 -15.78 36.13
CA SER E 160 -18.15 -16.57 34.90
C SER E 160 -19.19 -16.04 33.92
N PHE E 161 -19.19 -16.60 32.71
CA PHE E 161 -20.13 -16.21 31.67
C PHE E 161 -21.55 -16.64 32.06
N THR E 162 -21.66 -17.75 32.79
CA THR E 162 -22.97 -18.27 33.18
C THR E 162 -23.63 -17.34 34.21
N HIS E 163 -22.82 -16.67 35.05
CA HIS E 163 -23.34 -15.69 35.99
C HIS E 163 -24.00 -14.54 35.24
N ILE E 164 -23.32 -14.04 34.20
CA ILE E 164 -23.77 -12.87 33.47
C ILE E 164 -25.00 -13.26 32.64
N ILE E 165 -24.91 -14.38 31.93
CA ILE E 165 -26.00 -14.84 31.08
C ILE E 165 -27.19 -15.24 31.95
N GLY E 166 -26.90 -15.91 33.07
CA GLY E 166 -27.92 -16.28 34.04
C GLY E 166 -28.70 -15.07 34.56
N TYR E 167 -27.98 -13.99 34.87
CA TYR E 167 -28.61 -12.79 35.40
C TYR E 167 -29.39 -12.08 34.30
N ALA E 168 -28.81 -12.01 33.09
CA ALA E 168 -29.48 -11.41 31.95
C ALA E 168 -30.77 -12.17 31.63
N MET E 169 -30.73 -13.49 31.81
CA MET E 169 -31.88 -14.34 31.55
C MET E 169 -33.00 -14.01 32.54
N VAL E 170 -32.64 -13.80 33.81
CA VAL E 170 -33.61 -13.46 34.84
C VAL E 170 -34.29 -12.12 34.49
N LYS E 171 -33.50 -11.14 34.03
CA LYS E 171 -34.02 -9.84 33.65
C LYS E 171 -34.97 -9.99 32.47
N ALA E 172 -34.65 -10.88 31.53
CA ALA E 172 -35.45 -11.07 30.33
C ALA E 172 -36.77 -11.76 30.64
N VAL E 173 -36.76 -12.66 31.63
CA VAL E 173 -37.98 -13.34 32.06
C VAL E 173 -38.92 -12.33 32.72
N MET E 174 -38.35 -11.35 33.44
CA MET E 174 -39.15 -10.31 34.08
C MET E 174 -39.81 -9.44 33.01
N ALA E 175 -39.08 -9.18 31.92
CA ALA E 175 -39.59 -8.38 30.82
C ALA E 175 -40.64 -9.15 30.02
N HIS E 176 -40.55 -10.49 30.03
CA HIS E 176 -41.47 -11.35 29.31
C HIS E 176 -41.98 -12.43 30.26
N PRO E 177 -42.93 -12.12 31.18
CA PRO E 177 -43.35 -13.06 32.22
C PRO E 177 -43.98 -14.35 31.71
N ASP E 178 -44.46 -14.35 30.46
CA ASP E 178 -45.10 -15.52 29.87
C ASP E 178 -44.14 -16.71 29.82
N MET E 179 -42.83 -16.43 29.75
CA MET E 179 -41.82 -17.47 29.65
C MET E 179 -41.71 -18.27 30.95
N ASN E 180 -42.27 -17.73 32.05
CA ASN E 180 -42.16 -18.36 33.36
C ASN E 180 -43.37 -19.27 33.63
N ASN E 181 -44.41 -19.17 32.79
CA ASN E 181 -45.64 -19.93 33.00
C ASN E 181 -45.44 -21.39 32.59
N SER E 182 -46.25 -22.27 33.18
CA SER E 182 -46.20 -23.69 32.87
C SER E 182 -47.62 -24.22 32.63
N TYR E 183 -47.70 -25.49 32.21
CA TYR E 183 -48.96 -26.13 31.88
C TYR E 183 -49.21 -27.28 32.85
N ASP E 184 -50.48 -27.53 33.15
CA ASP E 184 -50.88 -28.66 33.97
C ASP E 184 -52.36 -28.95 33.75
N VAL E 185 -52.76 -30.19 34.06
CA VAL E 185 -54.16 -30.60 33.97
C VAL E 185 -54.69 -30.78 35.39
N ILE E 186 -55.47 -29.79 35.86
CA ILE E 186 -56.05 -29.83 37.19
C ILE E 186 -57.54 -30.16 37.06
N ASP E 187 -57.96 -31.22 37.76
CA ASP E 187 -59.35 -31.66 37.83
C ASP E 187 -59.85 -32.06 36.44
N GLY E 188 -58.92 -32.36 35.52
CA GLY E 188 -59.27 -32.77 34.17
C GLY E 188 -59.52 -31.59 33.22
N LYS E 189 -58.99 -30.41 33.57
CA LYS E 189 -59.09 -29.24 32.72
C LYS E 189 -57.69 -28.67 32.49
N PRO E 190 -57.34 -28.25 31.24
CA PRO E 190 -56.09 -27.54 30.99
C PRO E 190 -56.02 -26.21 31.76
N THR E 191 -54.94 -26.04 32.52
CA THR E 191 -54.76 -24.87 33.36
C THR E 191 -53.40 -24.23 33.08
N LEU E 192 -53.39 -22.89 33.06
CA LEU E 192 -52.15 -22.12 32.94
C LEU E 192 -51.67 -21.75 34.34
N ILE E 193 -50.54 -22.32 34.75
CA ILE E 193 -49.95 -22.05 36.06
C ILE E 193 -49.02 -20.84 35.94
N VAL E 194 -49.29 -19.82 36.76
CA VAL E 194 -48.44 -18.64 36.86
C VAL E 194 -47.71 -18.71 38.19
N PRO E 195 -46.39 -19.03 38.22
CA PRO E 195 -45.64 -19.11 39.47
C PRO E 195 -45.52 -17.75 40.15
N GLU E 196 -45.26 -17.77 41.47
CA GLU E 196 -45.22 -16.57 42.28
C GLU E 196 -43.82 -15.96 42.24
N HIS E 197 -42.78 -16.79 41.99
CA HIS E 197 -41.41 -16.32 41.88
C HIS E 197 -40.76 -16.92 40.64
N ILE E 198 -39.59 -16.39 40.28
CA ILE E 198 -38.76 -16.93 39.22
C ILE E 198 -37.64 -17.75 39.88
N ASN E 199 -37.83 -19.07 39.93
CA ASN E 199 -36.84 -19.97 40.50
C ASN E 199 -35.98 -20.53 39.38
N LEU E 200 -34.72 -20.08 39.31
CA LEU E 200 -33.81 -20.45 38.23
C LEU E 200 -33.13 -21.77 38.56
N GLY E 201 -33.36 -22.79 37.72
CA GLY E 201 -32.71 -24.08 37.86
C GLY E 201 -31.40 -24.15 37.08
N LEU E 202 -30.31 -24.49 37.79
CA LEU E 202 -29.00 -24.67 37.18
C LEU E 202 -28.76 -26.15 36.92
N ALA E 203 -28.44 -26.50 35.67
CA ALA E 203 -28.01 -27.85 35.33
C ALA E 203 -26.54 -27.99 35.73
N ILE E 204 -26.29 -28.72 36.82
CA ILE E 204 -24.95 -28.89 37.35
C ILE E 204 -24.51 -30.34 37.07
N ASP E 205 -23.43 -30.48 36.31
CA ASP E 205 -22.83 -31.78 36.04
C ASP E 205 -21.98 -32.17 37.24
N LEU E 206 -22.25 -33.37 37.80
CA LEU E 206 -21.59 -33.84 39.00
C LEU E 206 -20.89 -35.16 38.71
N PRO E 207 -19.58 -35.15 38.34
CA PRO E 207 -18.78 -36.37 38.29
C PRO E 207 -18.58 -36.93 39.69
N GLN E 208 -19.26 -38.04 39.99
CA GLN E 208 -19.24 -38.63 41.31
C GLN E 208 -17.92 -39.38 41.52
N LYS E 209 -17.62 -39.69 42.79
CA LYS E 209 -16.38 -40.36 43.17
C LYS E 209 -16.43 -41.83 42.75
N ASP E 210 -17.64 -42.37 42.57
CA ASP E 210 -17.83 -43.75 42.15
C ASP E 210 -17.22 -43.95 40.77
N GLY E 211 -17.40 -42.95 39.89
CA GLY E 211 -16.89 -43.00 38.53
C GLY E 211 -17.89 -42.42 37.52
N SER E 212 -19.18 -42.74 37.74
CA SER E 212 -20.26 -42.24 36.89
C SER E 212 -20.50 -40.76 37.18
N ARG E 213 -21.07 -40.06 36.19
CA ARG E 213 -21.42 -38.66 36.32
C ARG E 213 -22.93 -38.52 36.19
N ALA E 214 -23.50 -37.59 36.97
CA ALA E 214 -24.93 -37.34 36.97
C ALA E 214 -25.19 -35.84 36.90
N LEU E 215 -26.34 -35.48 36.31
CA LEU E 215 -26.76 -34.09 36.20
C LEU E 215 -27.93 -33.85 37.14
N VAL E 216 -27.86 -32.74 37.89
CA VAL E 216 -28.95 -32.34 38.77
C VAL E 216 -29.33 -30.90 38.46
N VAL E 217 -30.58 -30.54 38.75
CA VAL E 217 -31.08 -29.19 38.53
C VAL E 217 -31.43 -28.59 39.89
N ALA E 218 -30.49 -27.80 40.43
CA ALA E 218 -30.70 -27.12 41.70
C ALA E 218 -31.25 -25.72 41.45
N ALA E 219 -32.17 -25.29 42.31
CA ALA E 219 -32.94 -24.06 42.09
C ALA E 219 -32.32 -22.90 42.87
N ILE E 220 -32.20 -21.75 42.19
CA ILE E 220 -31.98 -20.47 42.84
C ILE E 220 -33.33 -19.78 42.93
N LYS E 221 -33.85 -19.63 44.16
CA LYS E 221 -35.23 -19.23 44.36
C LYS E 221 -35.33 -17.72 44.55
N GLU E 222 -36.44 -17.15 44.06
CA GLU E 222 -36.76 -15.74 44.23
C GLU E 222 -35.68 -14.86 43.60
N THR E 223 -35.39 -15.10 42.32
CA THR E 223 -34.35 -14.37 41.61
C THR E 223 -34.87 -13.01 41.13
N GLU E 224 -36.21 -12.84 41.11
CA GLU E 224 -36.82 -11.62 40.61
C GLU E 224 -36.60 -10.45 41.58
N LYS E 225 -36.17 -10.75 42.81
CA LYS E 225 -35.96 -9.72 43.83
C LYS E 225 -34.49 -9.72 44.26
N MET E 226 -33.58 -9.92 43.30
CA MET E 226 -32.15 -9.87 43.56
C MET E 226 -31.49 -8.89 42.60
N ASN E 227 -30.36 -8.32 43.06
CA ASN E 227 -29.44 -7.63 42.18
C ASN E 227 -28.35 -8.63 41.79
N PHE E 228 -27.33 -8.17 41.04
CA PHE E 228 -26.29 -9.05 40.56
C PHE E 228 -25.49 -9.62 41.72
N SER E 229 -25.21 -8.78 42.73
CA SER E 229 -24.44 -9.19 43.89
C SER E 229 -25.16 -10.32 44.63
N GLU E 230 -26.46 -10.14 44.86
CA GLU E 230 -27.29 -11.13 45.53
C GLU E 230 -27.38 -12.40 44.68
N PHE E 231 -27.56 -12.22 43.37
CA PHE E 231 -27.67 -13.34 42.45
C PHE E 231 -26.39 -14.17 42.43
N LEU E 232 -25.24 -13.50 42.41
CA LEU E 232 -23.96 -14.17 42.37
C LEU E 232 -23.74 -14.98 43.65
N ALA E 233 -24.13 -14.40 44.79
CA ALA E 233 -23.98 -15.07 46.08
C ALA E 233 -24.84 -16.33 46.11
N ALA E 234 -26.11 -16.19 45.67
CA ALA E 234 -27.04 -17.30 45.66
C ALA E 234 -26.58 -18.38 44.68
N TYR E 235 -26.03 -17.96 43.54
CA TYR E 235 -25.52 -18.88 42.54
C TYR E 235 -24.37 -19.70 43.12
N GLU E 236 -23.41 -19.02 43.76
CA GLU E 236 -22.21 -19.65 44.28
C GLU E 236 -22.55 -20.58 45.45
N ASP E 237 -23.57 -20.21 46.23
CA ASP E 237 -24.00 -21.02 47.36
C ASP E 237 -24.49 -22.38 46.87
N ILE E 238 -25.32 -22.37 45.82
CA ILE E 238 -25.88 -23.59 45.25
C ILE E 238 -24.74 -24.46 44.68
N VAL E 239 -23.82 -23.82 43.95
CA VAL E 239 -22.74 -24.55 43.29
C VAL E 239 -21.80 -25.14 44.34
N ALA E 240 -21.48 -24.36 45.37
CA ALA E 240 -20.56 -24.79 46.41
C ALA E 240 -21.11 -26.02 47.14
N ARG E 241 -22.40 -25.96 47.50
CA ARG E 241 -23.03 -27.04 48.25
C ARG E 241 -23.17 -28.30 47.39
N SER E 242 -23.35 -28.11 46.08
CA SER E 242 -23.53 -29.23 45.16
C SER E 242 -22.27 -30.07 45.06
N ARG E 243 -21.11 -29.40 45.07
CA ARG E 243 -19.81 -30.07 44.95
C ARG E 243 -19.55 -30.92 46.19
N LYS E 244 -19.79 -30.35 47.38
CA LYS E 244 -19.58 -31.07 48.63
C LYS E 244 -20.75 -32.04 48.87
N GLY E 245 -21.90 -31.76 48.26
CA GLY E 245 -23.04 -32.66 48.28
C GLY E 245 -23.91 -32.46 49.52
N LYS E 246 -24.19 -31.20 49.86
CA LYS E 246 -25.04 -30.86 50.99
C LYS E 246 -26.33 -30.22 50.50
N LEU E 247 -26.86 -30.73 49.38
CA LEU E 247 -28.11 -30.22 48.81
C LEU E 247 -29.28 -30.95 49.45
N THR E 248 -30.26 -30.16 49.92
CA THR E 248 -31.47 -30.70 50.54
C THR E 248 -32.50 -30.96 49.44
N MET E 249 -33.65 -31.53 49.84
CA MET E 249 -34.71 -31.84 48.89
C MET E 249 -35.37 -30.56 48.40
N ASP E 250 -35.38 -29.51 49.24
CA ASP E 250 -36.02 -28.25 48.91
C ASP E 250 -35.32 -27.57 47.74
N ASP E 251 -34.02 -27.84 47.58
CA ASP E 251 -33.22 -27.24 46.53
C ASP E 251 -33.68 -27.73 45.15
N TYR E 252 -34.20 -28.96 45.09
CA TYR E 252 -34.58 -29.57 43.83
C TYR E 252 -36.02 -29.23 43.43
N GLN E 253 -36.79 -28.66 44.38
CA GLN E 253 -38.21 -28.41 44.16
C GLN E 253 -38.42 -26.95 43.74
N GLY E 254 -39.51 -26.72 43.00
CA GLY E 254 -40.03 -25.39 42.75
C GLY E 254 -39.38 -24.68 41.56
N VAL E 255 -38.67 -25.44 40.71
CA VAL E 255 -38.01 -24.86 39.55
C VAL E 255 -39.08 -24.40 38.55
N THR E 256 -38.98 -23.13 38.12
CA THR E 256 -39.92 -22.56 37.18
C THR E 256 -39.29 -22.42 35.80
N VAL E 257 -37.97 -22.21 35.75
CA VAL E 257 -37.24 -22.06 34.50
C VAL E 257 -35.81 -22.56 34.70
N SER E 258 -35.25 -23.18 33.65
CA SER E 258 -33.97 -23.86 33.75
C SER E 258 -32.95 -23.21 32.83
N LEU E 259 -31.67 -23.34 33.22
CA LEU E 259 -30.55 -22.87 32.42
C LEU E 259 -29.51 -23.98 32.34
N THR E 260 -29.10 -24.32 31.11
CA THR E 260 -28.08 -25.34 30.88
C THR E 260 -26.97 -24.73 30.02
N ASN E 261 -25.73 -25.18 30.24
CA ASN E 261 -24.57 -24.62 29.59
C ASN E 261 -23.72 -25.72 28.97
N PRO E 262 -24.14 -26.32 27.84
CA PRO E 262 -23.30 -27.26 27.10
C PRO E 262 -22.13 -26.61 26.36
N GLY E 263 -22.12 -25.27 26.31
CA GLY E 263 -21.11 -24.51 25.61
C GLY E 263 -19.72 -24.60 26.24
N GLY E 264 -19.65 -24.98 27.53
CA GLY E 264 -18.38 -25.19 28.20
C GLY E 264 -17.53 -26.26 27.53
N ILE E 265 -18.18 -27.34 27.06
CA ILE E 265 -17.49 -28.43 26.39
C ILE E 265 -17.10 -27.99 24.98
N GLY E 266 -17.86 -27.07 24.40
CA GLY E 266 -17.59 -26.55 23.06
C GLY E 266 -18.72 -26.83 22.07
N THR E 267 -19.83 -27.36 22.56
CA THR E 267 -21.02 -27.53 21.74
C THR E 267 -21.52 -26.17 21.27
N ARG E 268 -21.79 -26.04 19.97
CA ARG E 268 -22.19 -24.77 19.40
C ARG E 268 -23.58 -24.40 19.92
N HIS E 269 -24.53 -25.32 19.80
CA HIS E 269 -25.83 -25.17 20.42
C HIS E 269 -26.45 -26.55 20.60
N SER E 270 -27.58 -26.60 21.31
CA SER E 270 -28.23 -27.86 21.58
C SER E 270 -29.75 -27.68 21.59
N VAL E 271 -30.45 -28.82 21.47
CA VAL E 271 -31.89 -28.85 21.60
C VAL E 271 -32.21 -29.75 22.80
N PRO E 272 -32.23 -29.19 24.03
CA PRO E 272 -32.44 -30.01 25.23
C PRO E 272 -33.91 -30.39 25.42
N ARG E 273 -34.15 -31.26 26.40
CA ARG E 273 -35.50 -31.69 26.74
C ARG E 273 -36.04 -30.79 27.84
N LEU E 274 -37.36 -30.55 27.82
CA LEU E 274 -38.02 -29.76 28.82
C LEU E 274 -38.67 -30.70 29.85
N THR E 275 -38.39 -30.43 31.14
CA THR E 275 -38.95 -31.23 32.23
C THR E 275 -40.37 -30.76 32.51
N LYS E 276 -41.21 -31.69 32.98
CA LYS E 276 -42.60 -31.37 33.33
C LYS E 276 -42.62 -30.39 34.49
N GLY E 277 -43.58 -29.46 34.45
CA GLY E 277 -43.76 -28.46 35.50
C GLY E 277 -42.98 -27.18 35.23
N GLN E 278 -42.38 -27.08 34.03
CA GLN E 278 -41.63 -25.90 33.64
C GLN E 278 -42.13 -25.41 32.30
N GLY E 279 -41.89 -24.12 32.03
CA GLY E 279 -42.33 -23.49 30.79
C GLY E 279 -41.27 -23.56 29.70
N THR E 280 -40.02 -23.28 30.07
CA THR E 280 -38.93 -23.21 29.11
C THR E 280 -37.60 -23.59 29.76
N ILE E 281 -36.65 -23.99 28.91
CA ILE E 281 -35.27 -24.21 29.30
C ILE E 281 -34.39 -23.45 28.32
N ILE E 282 -33.35 -22.79 28.84
CA ILE E 282 -32.45 -21.99 28.05
C ILE E 282 -31.10 -22.69 27.98
N GLY E 283 -30.61 -22.89 26.75
CA GLY E 283 -29.31 -23.51 26.50
C GLY E 283 -28.29 -22.48 26.03
N VAL E 284 -27.09 -22.52 26.63
CA VAL E 284 -26.02 -21.60 26.28
C VAL E 284 -24.96 -22.37 25.51
N GLY E 285 -24.68 -21.93 24.28
CA GLY E 285 -23.71 -22.59 23.43
C GLY E 285 -22.30 -22.06 23.65
N SER E 286 -21.37 -22.58 22.85
CA SER E 286 -19.96 -22.22 22.95
C SER E 286 -19.76 -20.75 22.60
N MET E 287 -18.95 -20.06 23.40
CA MET E 287 -18.60 -18.68 23.17
C MET E 287 -17.22 -18.65 22.51
N ASP E 288 -17.22 -18.75 21.18
CA ASP E 288 -16.00 -18.95 20.42
C ASP E 288 -16.21 -18.40 19.01
N TYR E 289 -15.11 -18.26 18.27
CA TYR E 289 -15.18 -17.92 16.86
C TYR E 289 -15.90 -19.05 16.12
N PRO E 290 -16.61 -18.74 15.01
CA PRO E 290 -17.14 -19.77 14.13
C PRO E 290 -16.02 -20.63 13.56
N ALA E 291 -16.35 -21.89 13.23
CA ALA E 291 -15.36 -22.88 12.79
C ALA E 291 -14.58 -22.39 11.58
N GLU E 292 -15.21 -21.57 10.72
CA GLU E 292 -14.57 -21.08 9.51
C GLU E 292 -13.44 -20.08 9.81
N PHE E 293 -13.34 -19.62 11.06
CA PHE E 293 -12.35 -18.62 11.45
C PHE E 293 -11.31 -19.20 12.42
N GLN E 294 -11.39 -20.51 12.71
CA GLN E 294 -10.58 -21.09 13.77
C GLN E 294 -9.13 -21.28 13.31
N GLY E 295 -8.88 -21.14 12.00
CA GLY E 295 -7.53 -21.23 11.47
C GLY E 295 -6.92 -19.87 11.14
N ALA E 296 -7.73 -18.81 11.19
CA ALA E 296 -7.28 -17.48 10.80
C ALA E 296 -6.38 -16.89 11.87
N SER E 297 -5.43 -16.05 11.45
CA SER E 297 -4.52 -15.38 12.37
C SER E 297 -5.27 -14.28 13.12
N GLU E 298 -4.75 -13.92 14.31
CA GLU E 298 -5.35 -12.89 15.13
C GLU E 298 -5.25 -11.54 14.44
N ASP E 299 -4.20 -11.32 13.64
CA ASP E 299 -4.00 -10.08 12.93
C ASP E 299 -5.13 -9.85 11.93
N ARG E 300 -5.46 -10.89 11.15
CA ARG E 300 -6.49 -10.79 10.12
C ARG E 300 -7.86 -10.63 10.75
N LEU E 301 -8.11 -11.34 11.86
CA LEU E 301 -9.38 -11.26 12.57
C LEU E 301 -9.55 -9.88 13.18
N ALA E 302 -8.48 -9.35 13.77
CA ALA E 302 -8.51 -8.03 14.39
C ALA E 302 -8.71 -6.94 13.33
N GLU E 303 -8.07 -7.11 12.17
CA GLU E 303 -8.17 -6.15 11.09
C GLU E 303 -9.61 -6.08 10.59
N LEU E 304 -10.24 -7.24 10.39
CA LEU E 304 -11.59 -7.30 9.84
C LEU E 304 -12.60 -6.86 10.90
N GLY E 305 -12.31 -7.16 12.17
CA GLY E 305 -13.21 -6.84 13.26
C GLY E 305 -14.22 -7.97 13.51
N VAL E 306 -13.75 -9.22 13.45
CA VAL E 306 -14.57 -10.38 13.73
C VAL E 306 -14.63 -10.56 15.25
N GLY E 307 -15.85 -10.66 15.78
CA GLY E 307 -16.07 -10.90 17.20
C GLY E 307 -16.52 -12.34 17.45
N LYS E 308 -16.34 -12.80 18.69
CA LYS E 308 -16.87 -14.09 19.11
C LYS E 308 -18.38 -13.96 19.28
N LEU E 309 -19.08 -15.09 19.16
CA LEU E 309 -20.52 -15.12 19.31
C LEU E 309 -20.90 -16.19 20.32
N VAL E 310 -22.12 -16.06 20.85
CA VAL E 310 -22.73 -17.09 21.68
C VAL E 310 -24.10 -17.41 21.09
N THR E 311 -24.43 -18.70 21.02
CA THR E 311 -25.73 -19.13 20.53
C THR E 311 -26.57 -19.54 21.73
N ILE E 312 -27.76 -18.92 21.84
CA ILE E 312 -28.68 -19.23 22.92
C ILE E 312 -29.94 -19.84 22.33
N THR E 313 -30.38 -20.94 22.93
CA THR E 313 -31.59 -21.62 22.49
C THR E 313 -32.66 -21.49 23.56
N SER E 314 -33.92 -21.47 23.12
CA SER E 314 -35.07 -21.45 24.01
C SER E 314 -36.02 -22.58 23.63
N THR E 315 -36.08 -23.60 24.47
CA THR E 315 -36.99 -24.72 24.28
C THR E 315 -38.15 -24.56 25.27
N TYR E 316 -39.37 -24.43 24.74
CA TYR E 316 -40.52 -24.03 25.54
C TYR E 316 -41.71 -24.94 25.26
N ASP E 317 -42.63 -24.98 26.22
CA ASP E 317 -43.88 -25.71 26.08
C ASP E 317 -44.81 -24.88 25.19
N HIS E 318 -45.20 -25.44 24.04
CA HIS E 318 -45.89 -24.68 23.01
C HIS E 318 -47.38 -24.53 23.34
N ARG E 319 -47.86 -25.25 24.35
CA ARG E 319 -49.25 -25.17 24.76
C ARG E 319 -49.54 -23.84 25.47
N VAL E 320 -48.52 -23.28 26.14
CA VAL E 320 -48.71 -22.10 26.98
C VAL E 320 -47.84 -20.95 26.50
N ILE E 321 -46.76 -21.23 25.75
CA ILE E 321 -45.84 -20.19 25.28
C ILE E 321 -45.87 -20.17 23.75
N GLN E 322 -46.07 -18.97 23.19
CA GLN E 322 -46.09 -18.80 21.75
C GLN E 322 -44.67 -18.59 21.24
N GLY E 323 -44.48 -18.83 19.93
CA GLY E 323 -43.18 -18.69 19.29
C GLY E 323 -42.70 -17.24 19.27
N ALA E 324 -43.63 -16.29 19.13
CA ALA E 324 -43.30 -14.88 19.11
C ALA E 324 -42.77 -14.43 20.46
N VAL E 325 -43.35 -14.97 21.54
CA VAL E 325 -42.93 -14.61 22.89
C VAL E 325 -41.52 -15.13 23.15
N SER E 326 -41.25 -16.36 22.72
CA SER E 326 -39.93 -16.95 22.87
C SER E 326 -38.90 -16.17 22.07
N GLY E 327 -39.28 -15.76 20.86
CA GLY E 327 -38.41 -14.95 20.01
C GLY E 327 -38.08 -13.60 20.64
N GLU E 328 -39.09 -12.93 21.20
CA GLU E 328 -38.92 -11.63 21.83
C GLU E 328 -38.08 -11.77 23.09
N PHE E 329 -38.24 -12.89 23.80
CA PHE E 329 -37.44 -13.18 24.97
C PHE E 329 -35.95 -13.23 24.61
N LEU E 330 -35.61 -13.93 23.52
CA LEU E 330 -34.22 -14.05 23.11
C LEU E 330 -33.69 -12.71 22.60
N ARG E 331 -34.56 -11.92 21.96
CA ARG E 331 -34.18 -10.60 21.50
C ARG E 331 -33.82 -9.70 22.68
N THR E 332 -34.60 -9.79 23.76
CA THR E 332 -34.35 -9.00 24.96
C THR E 332 -33.00 -9.38 25.57
N MET E 333 -32.72 -10.69 25.62
CA MET E 333 -31.46 -11.17 26.16
C MET E 333 -30.29 -10.62 25.33
N SER E 334 -30.45 -10.62 24.01
CA SER E 334 -29.40 -10.13 23.12
C SER E 334 -29.15 -8.64 23.35
N ARG E 335 -30.23 -7.88 23.56
CA ARG E 335 -30.13 -6.44 23.80
C ARG E 335 -29.42 -6.18 25.12
N LEU E 336 -29.81 -6.93 26.17
CA LEU E 336 -29.26 -6.74 27.50
C LEU E 336 -27.75 -6.93 27.51
N LEU E 337 -27.25 -7.95 26.78
CA LEU E 337 -25.84 -8.30 26.83
C LEU E 337 -24.97 -7.24 26.13
N THR E 338 -25.60 -6.31 25.41
CA THR E 338 -24.86 -5.22 24.78
C THR E 338 -25.42 -3.86 25.22
N ASP E 339 -26.16 -3.84 26.34
CA ASP E 339 -26.81 -2.62 26.81
C ASP E 339 -25.90 -1.93 27.83
N ASP E 340 -25.87 -0.59 27.75
CA ASP E 340 -25.08 0.23 28.65
C ASP E 340 -25.63 0.08 30.07
N SER E 341 -26.95 0.16 30.21
CA SER E 341 -27.62 0.13 31.50
C SER E 341 -27.37 -1.20 32.21
N PHE E 342 -27.40 -2.30 31.44
CA PHE E 342 -27.22 -3.64 31.99
C PHE E 342 -25.83 -3.76 32.62
N TRP E 343 -24.81 -3.27 31.91
CA TRP E 343 -23.43 -3.39 32.35
C TRP E 343 -23.12 -2.40 33.47
N ASP E 344 -23.77 -1.24 33.45
CA ASP E 344 -23.66 -0.26 34.52
C ASP E 344 -24.14 -0.88 35.84
N GLU E 345 -25.26 -1.62 35.77
CA GLU E 345 -25.85 -2.24 36.93
C GLU E 345 -24.88 -3.26 37.54
N ILE E 346 -24.23 -4.05 36.67
CA ILE E 346 -23.31 -5.09 37.13
C ILE E 346 -22.08 -4.44 37.75
N PHE E 347 -21.57 -3.38 37.10
CA PHE E 347 -20.36 -2.71 37.57
C PHE E 347 -20.60 -2.08 38.94
N ASP E 348 -21.77 -1.47 39.13
CA ASP E 348 -22.11 -0.84 40.39
C ASP E 348 -22.21 -1.90 41.50
N ALA E 349 -22.77 -3.08 41.16
CA ALA E 349 -22.93 -4.15 42.11
C ALA E 349 -21.58 -4.73 42.53
N MET E 350 -20.61 -4.73 41.59
CA MET E 350 -19.31 -5.33 41.84
C MET E 350 -18.28 -4.27 42.21
N ASN E 351 -18.70 -2.99 42.22
CA ASN E 351 -17.87 -1.88 42.63
C ASN E 351 -16.64 -1.77 41.73
N VAL E 352 -16.89 -1.61 40.42
CA VAL E 352 -15.85 -1.36 39.44
C VAL E 352 -15.87 0.13 39.14
N PRO E 353 -14.73 0.85 39.32
CA PRO E 353 -14.72 2.31 39.19
C PRO E 353 -14.79 2.87 37.77
N TYR E 354 -14.37 2.06 36.79
CA TYR E 354 -14.27 2.49 35.41
C TYR E 354 -15.63 2.43 34.73
N THR E 355 -15.78 3.20 33.65
CA THR E 355 -16.94 3.12 32.78
C THR E 355 -16.85 1.83 31.96
N PRO E 356 -17.92 1.01 31.89
CA PRO E 356 -17.89 -0.20 31.06
C PRO E 356 -17.65 0.12 29.59
N MET E 357 -17.03 -0.83 28.88
CA MET E 357 -16.86 -0.74 27.44
C MET E 357 -18.24 -0.66 26.80
N ARG E 358 -18.39 0.21 25.80
CA ARG E 358 -19.68 0.43 25.16
C ARG E 358 -19.69 -0.31 23.83
N TRP E 359 -20.81 -0.97 23.53
CA TRP E 359 -21.01 -1.60 22.24
C TRP E 359 -21.08 -0.52 21.17
N ALA E 360 -20.24 -0.66 20.14
CA ALA E 360 -20.28 0.20 18.98
C ALA E 360 -19.73 -0.57 17.77
N GLN E 361 -20.05 -0.06 16.59
CA GLN E 361 -19.53 -0.62 15.34
C GLN E 361 -18.11 -0.13 15.15
N ASP E 362 -17.30 -0.96 14.49
CA ASP E 362 -15.92 -0.59 14.18
C ASP E 362 -15.94 0.64 13.28
N VAL E 363 -14.95 1.52 13.46
CA VAL E 363 -14.84 2.75 12.71
C VAL E 363 -13.67 2.59 11.73
N PRO E 364 -13.80 3.10 10.48
CA PRO E 364 -12.69 3.06 9.52
C PRO E 364 -11.53 3.96 9.96
N ASN E 365 -10.31 3.59 9.54
CA ASN E 365 -9.13 4.36 9.85
C ASN E 365 -9.02 5.52 8.85
N THR E 366 -10.07 6.34 8.79
CA THR E 366 -10.17 7.46 7.87
C THR E 366 -10.17 8.74 8.67
N GLY E 367 -9.81 9.85 8.02
CA GLY E 367 -9.64 11.12 8.71
C GLY E 367 -8.42 11.06 9.63
N VAL E 368 -8.62 11.47 10.89
CA VAL E 368 -7.58 11.40 11.90
C VAL E 368 -7.17 9.94 12.09
N ASP E 369 -5.87 9.68 12.01
CA ASP E 369 -5.33 8.32 12.12
C ASP E 369 -5.55 7.81 13.54
N LYS E 370 -5.71 6.49 13.66
CA LYS E 370 -5.96 5.88 14.96
C LYS E 370 -4.71 5.98 15.84
N ASN E 371 -3.52 6.01 15.24
CA ASN E 371 -2.30 6.24 15.98
C ASN E 371 -2.38 7.61 16.67
N THR E 372 -2.94 8.59 15.98
CA THR E 372 -3.13 9.92 16.54
C THR E 372 -4.06 9.85 17.74
N ARG E 373 -5.14 9.09 17.58
CA ARG E 373 -6.17 9.01 18.58
C ARG E 373 -5.60 8.37 19.85
N VAL E 374 -4.73 7.37 19.66
CA VAL E 374 -4.19 6.62 20.77
C VAL E 374 -3.31 7.54 21.62
N MET E 375 -2.52 8.36 20.95
CA MET E 375 -1.58 9.22 21.63
C MET E 375 -2.30 10.41 22.26
N GLN E 376 -3.48 10.75 21.74
CA GLN E 376 -4.37 11.71 22.39
C GLN E 376 -4.94 11.11 23.65
N LEU E 377 -5.27 9.82 23.61
CA LEU E 377 -5.78 9.14 24.79
C LEU E 377 -4.70 9.10 25.88
N ILE E 378 -3.44 8.86 25.48
CA ILE E 378 -2.35 8.82 26.43
C ILE E 378 -2.22 10.17 27.14
N GLU E 379 -2.29 11.27 26.37
CA GLU E 379 -2.16 12.59 26.95
C GLU E 379 -3.37 12.91 27.82
N ALA E 380 -4.54 12.37 27.46
CA ALA E 380 -5.74 12.60 28.24
C ALA E 380 -5.56 12.02 29.64
N TYR E 381 -5.02 10.80 29.74
CA TYR E 381 -4.87 10.14 31.01
C TYR E 381 -3.78 10.81 31.85
N ARG E 382 -2.68 11.20 31.20
CA ARG E 382 -1.60 11.88 31.89
C ARG E 382 -2.06 13.20 32.46
N SER E 383 -3.03 13.86 31.80
CA SER E 383 -3.49 15.18 32.20
C SER E 383 -4.66 15.08 33.17
N ARG E 384 -5.67 14.25 32.85
CA ARG E 384 -6.95 14.30 33.54
C ARG E 384 -7.30 12.95 34.15
N GLY E 385 -6.36 12.00 34.16
CA GLY E 385 -6.62 10.68 34.70
C GLY E 385 -6.98 10.70 36.18
N HIS E 386 -6.49 11.72 36.88
CA HIS E 386 -6.71 11.90 38.30
C HIS E 386 -8.19 12.12 38.63
N LEU E 387 -8.99 12.56 37.65
CA LEU E 387 -10.40 12.85 37.88
C LEU E 387 -11.18 11.58 38.21
N ILE E 388 -10.71 10.41 37.76
CA ILE E 388 -11.42 9.17 37.98
C ILE E 388 -10.58 8.22 38.84
N ALA E 389 -9.52 8.74 39.48
CA ALA E 389 -8.64 7.91 40.27
C ALA E 389 -9.34 7.49 41.56
N ASP E 390 -9.00 6.30 42.06
CA ASP E 390 -9.61 5.74 43.25
C ASP E 390 -8.91 6.28 44.48
N THR E 391 -9.08 7.57 44.73
CA THR E 391 -8.35 8.26 45.79
C THR E 391 -9.23 8.43 47.02
N ASN E 392 -10.54 8.29 46.87
CA ASN E 392 -11.46 8.55 47.96
C ASN E 392 -11.72 7.25 48.72
N PRO E 393 -11.37 7.15 50.03
CA PRO E 393 -11.66 5.96 50.82
C PRO E 393 -13.16 5.67 50.95
N LEU E 394 -13.98 6.72 50.92
CA LEU E 394 -15.42 6.57 51.00
C LEU E 394 -16.01 6.49 49.59
N SER E 395 -17.12 5.76 49.46
CA SER E 395 -17.92 5.79 48.24
C SER E 395 -18.89 6.98 48.34
N TRP E 396 -18.31 8.19 48.34
CA TRP E 396 -19.04 9.40 48.67
C TRP E 396 -18.81 10.45 47.60
N VAL E 397 -19.91 11.03 47.14
CA VAL E 397 -19.87 12.21 46.28
C VAL E 397 -20.70 13.30 46.96
N GLN E 398 -20.09 14.48 47.13
CA GLN E 398 -20.74 15.58 47.81
C GLN E 398 -21.88 16.11 46.92
N PRO E 399 -23.16 16.03 47.36
CA PRO E 399 -24.29 16.43 46.53
C PRO E 399 -24.26 17.80 45.87
N GLY E 400 -23.69 18.80 46.54
CA GLY E 400 -23.69 20.16 46.02
C GLY E 400 -22.43 20.50 45.24
N MET E 401 -21.50 19.55 45.13
CA MET E 401 -20.23 19.78 44.48
C MET E 401 -20.39 19.50 42.99
N PRO E 402 -20.03 20.45 42.09
CA PRO E 402 -20.11 20.20 40.65
C PRO E 402 -19.16 19.09 40.21
N VAL E 403 -19.71 18.06 39.56
CA VAL E 403 -18.92 16.94 39.07
C VAL E 403 -18.28 17.34 37.75
N PRO E 404 -16.94 17.36 37.64
CA PRO E 404 -16.26 17.70 36.39
C PRO E 404 -16.51 16.67 35.30
N ASP E 405 -16.45 17.11 34.04
CA ASP E 405 -16.64 16.24 32.91
C ASP E 405 -15.32 15.50 32.65
N HIS E 406 -15.40 14.18 32.48
CA HIS E 406 -14.24 13.35 32.25
C HIS E 406 -14.50 12.39 31.08
N ARG E 407 -15.15 12.92 30.03
CA ARG E 407 -15.42 12.14 28.84
C ARG E 407 -14.14 11.93 28.03
N ASP E 408 -13.11 12.75 28.30
CA ASP E 408 -11.84 12.67 27.60
C ASP E 408 -11.14 11.34 27.90
N LEU E 409 -11.55 10.65 28.96
CA LEU E 409 -10.91 9.41 29.38
C LEU E 409 -11.60 8.19 28.75
N ASP E 410 -12.73 8.39 28.07
CA ASP E 410 -13.39 7.31 27.36
C ASP E 410 -12.82 7.22 25.95
N ILE E 411 -12.64 5.99 25.46
CA ILE E 411 -12.06 5.74 24.15
C ILE E 411 -13.03 6.20 23.04
N GLU E 412 -14.33 6.24 23.35
CA GLU E 412 -15.34 6.65 22.40
C GLU E 412 -15.10 8.11 21.99
N THR E 413 -14.68 8.94 22.95
CA THR E 413 -14.42 10.35 22.70
C THR E 413 -13.30 10.52 21.68
N HIS E 414 -12.37 9.57 21.64
CA HIS E 414 -11.21 9.63 20.75
C HIS E 414 -11.45 8.81 19.49
N ASN E 415 -12.71 8.44 19.23
CA ASN E 415 -13.09 7.70 18.03
C ASN E 415 -12.35 6.36 17.99
N LEU E 416 -12.26 5.72 19.15
CA LEU E 416 -11.75 4.36 19.27
C LEU E 416 -12.87 3.48 19.83
N THR E 417 -12.84 2.20 19.46
CA THR E 417 -13.88 1.26 19.83
C THR E 417 -13.23 0.03 20.43
N ILE E 418 -14.07 -0.89 20.92
CA ILE E 418 -13.63 -2.17 21.45
C ILE E 418 -12.86 -2.97 20.41
N TRP E 419 -13.14 -2.71 19.12
CA TRP E 419 -12.54 -3.44 18.02
C TRP E 419 -11.09 -3.03 17.79
N ASP E 420 -10.66 -1.94 18.45
CA ASP E 420 -9.30 -1.45 18.32
C ASP E 420 -8.41 -2.02 19.43
N LEU E 421 -9.00 -2.70 20.41
CA LEU E 421 -8.29 -3.08 21.64
C LEU E 421 -7.09 -3.97 21.32
N ASP E 422 -7.24 -4.90 20.38
CA ASP E 422 -6.21 -5.88 20.08
C ASP E 422 -5.35 -5.43 18.89
N ARG E 423 -5.62 -4.24 18.34
CA ARG E 423 -4.82 -3.70 17.24
C ARG E 423 -3.59 -3.00 17.81
N THR E 424 -2.49 -3.07 17.06
CA THR E 424 -1.22 -2.51 17.47
C THR E 424 -1.09 -1.09 16.94
N PHE E 425 -0.55 -0.21 17.79
CA PHE E 425 -0.36 1.20 17.46
C PHE E 425 1.04 1.60 17.87
N ASN E 426 1.57 2.62 17.19
CA ASN E 426 2.86 3.19 17.53
C ASN E 426 2.65 4.23 18.64
N VAL E 427 3.31 4.02 19.79
CA VAL E 427 3.05 4.80 20.99
C VAL E 427 4.23 5.69 21.31
N GLY E 428 5.25 5.69 20.44
CA GLY E 428 6.34 6.66 20.52
C GLY E 428 7.07 6.62 21.86
N GLY E 429 7.44 5.41 22.29
CA GLY E 429 8.29 5.24 23.46
C GLY E 429 7.51 5.19 24.77
N PHE E 430 6.17 5.17 24.69
CA PHE E 430 5.35 5.03 25.88
C PHE E 430 5.60 3.65 26.49
N GLY E 431 5.79 3.61 27.80
CA GLY E 431 6.07 2.37 28.51
C GLY E 431 7.36 1.70 28.02
N GLY E 432 8.29 2.52 27.50
CA GLY E 432 9.56 2.03 26.98
C GLY E 432 9.39 1.06 25.81
N LYS E 433 8.33 1.25 25.02
CA LYS E 433 8.10 0.43 23.84
C LYS E 433 7.69 1.35 22.69
N GLU E 434 8.05 0.95 21.47
CA GLU E 434 7.72 1.71 20.27
C GLU E 434 6.31 1.39 19.80
N THR E 435 5.90 0.12 19.97
CA THR E 435 4.59 -0.32 19.53
C THR E 435 3.87 -1.01 20.68
N MET E 436 2.54 -0.95 20.65
CA MET E 436 1.70 -1.47 21.71
C MET E 436 0.28 -1.64 21.20
N THR E 437 -0.43 -2.60 21.79
CA THR E 437 -1.87 -2.72 21.58
C THR E 437 -2.58 -1.68 22.42
N LEU E 438 -3.80 -1.31 22.01
CA LEU E 438 -4.59 -0.35 22.76
C LEU E 438 -4.95 -0.94 24.12
N ARG E 439 -5.15 -2.26 24.19
CA ARG E 439 -5.44 -2.93 25.44
C ARG E 439 -4.31 -2.69 26.43
N GLU E 440 -3.07 -2.85 25.97
CA GLU E 440 -1.93 -2.69 26.86
C GLU E 440 -1.76 -1.21 27.23
N VAL E 441 -2.03 -0.31 26.29
CA VAL E 441 -1.95 1.11 26.55
C VAL E 441 -2.94 1.48 27.64
N LEU E 442 -4.17 0.99 27.55
CA LEU E 442 -5.20 1.30 28.51
C LEU E 442 -4.81 0.75 29.89
N SER E 443 -4.27 -0.47 29.91
CA SER E 443 -3.86 -1.11 31.15
C SER E 443 -2.79 -0.28 31.86
N ARG E 444 -1.79 0.17 31.10
CA ARG E 444 -0.68 0.92 31.68
C ARG E 444 -1.15 2.30 32.15
N LEU E 445 -2.03 2.94 31.37
CA LEU E 445 -2.52 4.26 31.73
C LEU E 445 -3.35 4.18 33.01
N ARG E 446 -4.19 3.14 33.12
CA ARG E 446 -5.07 3.00 34.26
C ARG E 446 -4.26 2.67 35.51
N ALA E 447 -3.22 1.85 35.34
CA ALA E 447 -2.41 1.43 36.47
C ALA E 447 -1.62 2.61 37.04
N ALA E 448 -1.25 3.57 36.19
CA ALA E 448 -0.39 4.67 36.59
C ALA E 448 -1.18 5.87 37.09
N TYR E 449 -2.42 6.05 36.62
CA TYR E 449 -3.10 7.31 36.84
C TYR E 449 -4.48 7.17 37.47
N THR E 450 -5.00 5.95 37.63
CA THR E 450 -6.38 5.81 38.08
C THR E 450 -6.49 4.91 39.31
N LEU E 451 -5.37 4.47 39.87
CA LEU E 451 -5.40 3.65 41.08
C LEU E 451 -5.36 4.58 42.29
N LYS E 452 -4.60 4.21 43.33
CA LYS E 452 -4.69 4.88 44.61
C LYS E 452 -3.99 6.24 44.59
N VAL E 453 -3.22 6.52 43.54
CA VAL E 453 -2.49 7.78 43.44
C VAL E 453 -2.95 8.53 42.19
N GLY E 454 -3.48 9.74 42.41
CA GLY E 454 -3.86 10.63 41.33
C GLY E 454 -2.89 11.80 41.24
N SER E 455 -2.28 11.99 40.07
CA SER E 455 -1.22 12.95 39.88
C SER E 455 -1.66 14.08 38.97
N GLU E 456 -1.26 15.31 39.32
CA GLU E 456 -1.40 16.45 38.44
C GLU E 456 -0.02 17.05 38.23
N TYR E 457 0.55 16.84 37.04
CA TYR E 457 1.89 17.32 36.76
C TYR E 457 2.01 17.89 35.36
N THR E 458 1.05 17.61 34.47
CA THR E 458 1.16 18.00 33.08
C THR E 458 1.15 19.52 32.93
N HIS E 459 0.60 20.21 33.93
CA HIS E 459 0.56 21.67 33.95
C HIS E 459 1.96 22.26 34.15
N ILE E 460 2.91 21.44 34.61
CA ILE E 460 4.27 21.92 34.83
C ILE E 460 4.90 22.22 33.48
N LEU E 461 5.54 23.39 33.40
CA LEU E 461 6.00 23.93 32.12
C LEU E 461 7.37 23.35 31.76
N ASP E 462 8.19 23.04 32.76
CA ASP E 462 9.52 22.49 32.53
C ASP E 462 9.40 21.03 32.10
N ARG E 463 10.07 20.68 31.00
CA ARG E 463 9.95 19.37 30.40
C ARG E 463 10.74 18.33 31.20
N ASP E 464 11.92 18.73 31.69
CA ASP E 464 12.76 17.87 32.50
C ASP E 464 12.05 17.50 33.79
N GLU E 465 11.39 18.48 34.44
CA GLU E 465 10.56 18.23 35.60
C GLU E 465 9.44 17.26 35.23
N ARG E 466 8.74 17.56 34.13
CA ARG E 466 7.56 16.80 33.74
C ARG E 466 7.97 15.36 33.41
N THR E 467 9.10 15.21 32.73
CA THR E 467 9.60 13.90 32.33
C THR E 467 10.03 13.11 33.55
N TRP E 468 10.68 13.78 34.49
CA TRP E 468 11.15 13.15 35.72
C TRP E 468 9.95 12.56 36.47
N LEU E 469 8.88 13.34 36.62
CA LEU E 469 7.68 12.90 37.30
C LEU E 469 6.98 11.82 36.49
N GLN E 470 6.91 12.01 35.17
CA GLN E 470 6.23 11.07 34.30
C GLN E 470 6.87 9.69 34.38
N ASP E 471 8.21 9.64 34.36
CA ASP E 471 8.91 8.38 34.35
C ASP E 471 8.67 7.63 35.65
N ARG E 472 8.66 8.36 36.78
CA ARG E 472 8.52 7.72 38.08
C ARG E 472 7.08 7.27 38.32
N LEU E 473 6.10 8.06 37.87
CA LEU E 473 4.71 7.72 38.04
C LEU E 473 4.32 6.51 37.18
N GLU E 474 4.92 6.40 35.99
CA GLU E 474 4.58 5.33 35.07
C GLU E 474 5.39 4.07 35.38
N ALA E 475 6.50 4.21 36.10
CA ALA E 475 7.25 3.05 36.56
C ALA E 475 6.49 2.35 37.68
N GLY E 476 5.75 3.14 38.47
CA GLY E 476 4.88 2.59 39.51
C GLY E 476 5.60 2.52 40.85
N MET E 477 4.83 2.19 41.89
CA MET E 477 5.37 2.02 43.22
C MET E 477 6.15 0.71 43.28
N PRO E 478 7.43 0.72 43.75
CA PRO E 478 8.18 -0.52 43.92
C PRO E 478 7.62 -1.34 45.07
N LYS E 479 7.67 -2.67 44.94
CA LYS E 479 7.15 -3.57 45.93
C LYS E 479 7.97 -3.46 47.21
N PRO E 480 7.38 -3.05 48.35
CA PRO E 480 8.13 -2.91 49.60
C PRO E 480 8.48 -4.27 50.21
N THR E 481 9.54 -4.29 51.02
CA THR E 481 9.99 -5.49 51.70
C THR E 481 9.08 -5.76 52.90
N GLN E 482 9.14 -6.99 53.41
CA GLN E 482 8.30 -7.39 54.53
C GLN E 482 8.64 -6.57 55.77
N ALA E 483 9.93 -6.24 55.94
CA ALA E 483 10.36 -5.41 57.06
C ALA E 483 9.76 -4.02 56.93
N GLU E 484 9.72 -3.50 55.70
CA GLU E 484 9.15 -2.19 55.43
C GLU E 484 7.64 -2.23 55.69
N GLN E 485 6.99 -3.33 55.25
CA GLN E 485 5.56 -3.48 55.45
C GLN E 485 5.25 -3.54 56.94
N LYS E 486 6.06 -4.28 57.71
CA LYS E 486 5.83 -4.42 59.13
C LYS E 486 6.03 -3.07 59.83
N TYR E 487 6.98 -2.28 59.34
CA TYR E 487 7.25 -0.98 59.93
C TYR E 487 6.06 -0.04 59.71
N ILE E 488 5.43 -0.13 58.54
CA ILE E 488 4.26 0.68 58.23
C ILE E 488 3.12 0.32 59.18
N LEU E 489 2.97 -0.98 59.47
CA LEU E 489 1.91 -1.42 60.35
C LEU E 489 2.15 -0.90 61.77
N GLN E 490 3.40 -0.93 62.22
CA GLN E 490 3.72 -0.44 63.56
C GLN E 490 3.32 1.02 63.71
N LYS E 491 3.55 1.82 62.66
CA LYS E 491 3.25 3.25 62.69
C LYS E 491 1.74 3.45 62.68
N LEU E 492 1.03 2.66 61.86
CA LEU E 492 -0.42 2.71 61.83
C LEU E 492 -0.99 2.30 63.18
N ASN E 493 -0.43 1.25 63.77
CA ASN E 493 -0.91 0.77 65.06
C ASN E 493 -0.73 1.87 66.10
N ALA E 494 0.46 2.48 66.13
CA ALA E 494 0.77 3.50 67.12
C ALA E 494 -0.20 4.66 67.00
N ALA E 495 -0.53 5.05 65.76
CA ALA E 495 -1.40 6.17 65.51
C ALA E 495 -2.81 5.91 66.05
N GLU E 496 -3.34 4.71 65.76
CA GLU E 496 -4.70 4.37 66.16
C GLU E 496 -4.76 4.09 67.66
N ALA E 497 -3.79 3.33 68.17
CA ALA E 497 -3.81 2.91 69.57
C ALA E 497 -3.68 4.12 70.49
N PHE E 498 -2.87 5.11 70.09
CA PHE E 498 -2.69 6.33 70.85
C PHE E 498 -4.02 7.07 70.98
N GLU E 499 -4.74 7.18 69.85
CA GLU E 499 -6.01 7.88 69.82
C GLU E 499 -7.04 7.15 70.68
N ASN E 500 -7.04 5.81 70.60
CA ASN E 500 -7.99 4.99 71.34
C ASN E 500 -7.71 5.05 72.84
N PHE E 501 -6.44 5.17 73.22
CA PHE E 501 -6.06 5.21 74.62
C PHE E 501 -6.60 6.49 75.27
N LEU E 502 -6.47 7.62 74.56
CA LEU E 502 -6.93 8.91 75.06
C LEU E 502 -8.45 8.90 75.18
N GLN E 503 -9.13 8.25 74.22
CA GLN E 503 -10.58 8.14 74.24
C GLN E 503 -11.03 7.41 75.50
N THR E 504 -10.29 6.38 75.90
CA THR E 504 -10.65 5.55 77.04
C THR E 504 -10.38 6.30 78.35
N LYS E 505 -9.19 6.90 78.47
CA LYS E 505 -8.72 7.46 79.73
C LYS E 505 -9.32 8.86 79.95
N TYR E 506 -9.45 9.64 78.87
CA TYR E 506 -9.98 10.99 78.96
C TYR E 506 -11.12 11.14 77.93
N VAL E 507 -12.31 10.66 78.31
CA VAL E 507 -13.43 10.58 77.39
C VAL E 507 -13.98 11.98 77.12
N GLY E 508 -14.04 12.82 78.16
CA GLY E 508 -14.64 14.14 78.06
C GLY E 508 -13.60 15.26 77.97
N GLN E 509 -12.57 15.04 77.13
CA GLN E 509 -11.55 16.05 76.91
C GLN E 509 -11.28 16.19 75.41
N LYS E 510 -11.15 17.43 74.96
CA LYS E 510 -10.95 17.75 73.55
C LYS E 510 -9.52 17.39 73.15
N ARG E 511 -9.36 16.64 72.05
CA ARG E 511 -8.05 16.20 71.61
C ARG E 511 -7.87 16.35 70.10
N PHE E 512 -8.97 16.52 69.35
CA PHE E 512 -8.91 16.61 67.89
C PHE E 512 -8.23 15.38 67.31
N SER E 513 -8.91 14.23 67.38
CA SER E 513 -8.31 12.96 67.05
C SER E 513 -7.97 12.89 65.57
N LEU E 514 -7.01 12.03 65.24
CA LEU E 514 -6.57 11.82 63.87
C LEU E 514 -7.32 10.62 63.27
N GLU E 515 -8.28 10.06 64.01
CA GLU E 515 -8.99 8.86 63.57
C GLU E 515 -9.62 9.12 62.20
N GLY E 516 -9.39 8.20 61.27
CA GLY E 516 -9.82 8.38 59.90
C GLY E 516 -8.71 8.89 59.00
N ALA E 517 -7.64 9.42 59.59
CA ALA E 517 -6.50 9.93 58.86
C ALA E 517 -5.19 9.43 59.43
N GLU E 518 -5.17 8.16 59.88
CA GLU E 518 -4.01 7.62 60.57
C GLU E 518 -2.83 7.45 59.61
N ALA E 519 -3.10 7.43 58.29
CA ALA E 519 -2.06 7.26 57.30
C ALA E 519 -1.12 8.47 57.25
N LEU E 520 -1.51 9.56 57.92
CA LEU E 520 -0.67 10.74 58.01
C LEU E 520 0.66 10.41 58.69
N ILE E 521 0.63 9.55 59.71
CA ILE E 521 1.82 9.26 60.50
C ILE E 521 2.85 8.55 59.63
N PRO E 522 2.55 7.43 58.95
CA PRO E 522 3.51 6.84 58.01
C PRO E 522 3.91 7.76 56.85
N LEU E 523 3.02 8.66 56.43
CA LEU E 523 3.34 9.63 55.38
C LEU E 523 4.44 10.57 55.84
N MET E 524 4.26 11.16 57.02
CA MET E 524 5.23 12.09 57.56
C MET E 524 6.54 11.38 57.85
N ASP E 525 6.45 10.14 58.36
CA ASP E 525 7.63 9.36 58.68
C ASP E 525 8.41 9.04 57.40
N SER E 526 7.69 8.76 56.32
CA SER E 526 8.30 8.45 55.03
C SER E 526 9.10 9.65 54.52
N ALA E 527 8.50 10.84 54.62
CA ALA E 527 9.12 12.05 54.12
C ALA E 527 10.36 12.39 54.93
N ILE E 528 10.26 12.27 56.26
CA ILE E 528 11.36 12.58 57.16
C ILE E 528 12.48 11.57 56.98
N ASP E 529 12.13 10.29 56.80
CA ASP E 529 13.11 9.25 56.60
C ASP E 529 13.89 9.50 55.31
N THR E 530 13.19 9.95 54.26
CA THR E 530 13.79 10.21 52.97
C THR E 530 14.76 11.39 53.09
N ALA E 531 14.37 12.41 53.86
CA ALA E 531 15.22 13.57 54.08
C ALA E 531 16.49 13.18 54.83
N ALA E 532 16.37 12.24 55.77
CA ALA E 532 17.53 11.76 56.52
C ALA E 532 18.50 11.05 55.59
N GLY E 533 17.95 10.28 54.65
CA GLY E 533 18.75 9.56 53.68
C GLY E 533 19.43 10.47 52.66
N GLN E 534 18.86 11.66 52.45
CA GLN E 534 19.43 12.65 51.55
C GLN E 534 20.57 13.40 52.23
N GLY E 535 20.75 13.20 53.54
CA GLY E 535 21.84 13.81 54.28
C GLY E 535 21.51 15.22 54.74
N LEU E 536 20.22 15.52 54.92
CA LEU E 536 19.80 16.86 55.31
C LEU E 536 19.86 16.99 56.82
N ASP E 537 19.68 18.22 57.31
CA ASP E 537 20.05 18.59 58.67
C ASP E 537 18.85 18.56 59.60
N GLU E 538 17.72 19.13 59.16
CA GLU E 538 16.58 19.29 60.03
C GLU E 538 15.29 19.30 59.21
N VAL E 539 14.19 18.90 59.87
CA VAL E 539 12.85 19.06 59.33
C VAL E 539 12.06 19.92 60.30
N VAL E 540 11.49 21.01 59.81
CA VAL E 540 10.68 21.89 60.63
C VAL E 540 9.22 21.70 60.24
N ILE E 541 8.38 21.37 61.22
CA ILE E 541 6.98 21.08 60.97
C ILE E 541 6.14 22.24 61.48
N GLY E 542 5.19 22.67 60.65
CA GLY E 542 4.09 23.50 61.09
C GLY E 542 2.77 22.80 60.75
N MET E 543 1.87 22.70 61.73
CA MET E 543 0.63 21.98 61.51
C MET E 543 -0.50 22.61 62.31
N PRO E 544 -1.77 22.34 61.95
CA PRO E 544 -2.90 22.72 62.78
C PRO E 544 -3.18 21.74 63.92
N HIS E 545 -4.36 21.90 64.52
CA HIS E 545 -4.85 21.09 65.64
C HIS E 545 -4.95 19.60 65.28
N ARG E 546 -5.39 19.29 64.06
CA ARG E 546 -5.82 17.95 63.69
C ARG E 546 -4.68 16.95 63.86
N GLY E 547 -4.76 16.14 64.92
CA GLY E 547 -3.81 15.06 65.16
C GLY E 547 -2.45 15.55 65.62
N ARG E 548 -2.42 16.67 66.37
CA ARG E 548 -1.17 17.28 66.77
C ARG E 548 -0.48 16.44 67.83
N LEU E 549 -1.26 15.93 68.80
CA LEU E 549 -0.71 15.12 69.88
C LEU E 549 -0.14 13.84 69.30
N ASN E 550 -0.81 13.29 68.28
CA ASN E 550 -0.38 12.07 67.64
C ASN E 550 0.98 12.31 66.98
N VAL E 551 1.12 13.45 66.30
CA VAL E 551 2.35 13.82 65.61
C VAL E 551 3.46 14.07 66.64
N LEU E 552 3.14 14.77 67.72
CA LEU E 552 4.11 15.08 68.76
C LEU E 552 4.73 13.80 69.31
N PHE E 553 3.92 12.76 69.50
CA PHE E 553 4.41 11.52 70.09
C PHE E 553 5.10 10.64 69.04
N ASN E 554 4.44 10.41 67.90
CA ASN E 554 4.85 9.37 66.98
C ASN E 554 5.90 9.88 65.99
N ILE E 555 5.97 11.19 65.75
CA ILE E 555 6.88 11.74 64.76
C ILE E 555 8.00 12.51 65.43
N VAL E 556 7.67 13.50 66.26
CA VAL E 556 8.66 14.38 66.86
C VAL E 556 9.41 13.61 67.94
N GLY E 557 8.67 12.84 68.76
CA GLY E 557 9.27 12.02 69.79
C GLY E 557 9.16 12.65 71.18
N LYS E 558 8.11 13.46 71.39
CA LYS E 558 7.82 14.03 72.70
C LYS E 558 7.51 12.88 73.65
N PRO E 559 8.07 12.87 74.89
CA PRO E 559 7.84 11.76 75.82
C PRO E 559 6.37 11.63 76.17
N LEU E 560 5.90 10.38 76.32
CA LEU E 560 4.50 10.09 76.50
C LEU E 560 4.03 10.57 77.88
N ALA E 561 4.94 10.62 78.85
CA ALA E 561 4.62 11.10 80.19
C ALA E 561 4.16 12.55 80.14
N SER E 562 4.83 13.36 79.33
CA SER E 562 4.51 14.77 79.20
C SER E 562 3.09 14.97 78.68
N ILE E 563 2.70 14.17 77.68
CA ILE E 563 1.39 14.28 77.07
C ILE E 563 0.30 13.90 78.07
N PHE E 564 0.54 12.82 78.84
CA PHE E 564 -0.41 12.37 79.83
C PHE E 564 -0.57 13.41 80.94
N ASN E 565 0.54 14.07 81.32
CA ASN E 565 0.52 15.09 82.36
C ASN E 565 -0.38 16.26 81.94
N GLU E 566 -0.36 16.61 80.65
CA GLU E 566 -1.13 17.72 80.13
C GLU E 566 -2.62 17.44 80.30
N PHE E 567 -3.04 16.20 80.06
CA PHE E 567 -4.43 15.80 80.21
C PHE E 567 -4.84 15.81 81.68
N GLU E 568 -3.90 15.53 82.57
CA GLU E 568 -4.17 15.51 84.01
C GLU E 568 -4.35 16.94 84.53
N GLY E 569 -3.69 17.90 83.88
CA GLY E 569 -3.77 19.30 84.28
C GLY E 569 -2.39 19.94 84.46
N GLN E 570 -1.36 19.11 84.64
CA GLN E 570 -0.01 19.58 84.83
C GLN E 570 0.59 19.95 83.47
N MET E 571 0.69 21.27 83.23
CA MET E 571 1.17 21.80 81.97
C MET E 571 2.62 22.27 82.14
N GLU E 572 3.47 21.99 81.15
CA GLU E 572 4.86 22.41 81.18
C GLU E 572 4.93 23.92 80.91
N GLN E 573 5.60 24.65 81.81
CA GLN E 573 5.70 26.10 81.73
C GLN E 573 6.88 26.47 80.84
N GLY E 574 6.63 27.35 79.86
CA GLY E 574 7.66 27.84 78.97
C GLY E 574 8.51 28.92 79.64
N GLN E 575 7.87 30.05 79.95
CA GLN E 575 8.52 31.17 80.62
C GLN E 575 8.06 31.19 82.08
N ILE E 576 8.92 31.70 82.95
CA ILE E 576 8.63 31.80 84.38
C ILE E 576 7.46 32.77 84.56
N GLY E 577 6.35 32.26 85.12
CA GLY E 577 5.16 33.04 85.34
C GLY E 577 4.36 33.27 84.05
N GLY E 578 4.55 32.40 83.07
CA GLY E 578 3.82 32.49 81.81
C GLY E 578 2.37 32.06 81.96
N SER E 579 1.51 32.52 81.04
CA SER E 579 0.09 32.26 81.09
C SER E 579 -0.22 30.86 80.55
N GLY E 580 0.57 30.44 79.56
CA GLY E 580 0.46 29.10 78.99
C GLY E 580 -0.55 29.07 77.84
N ASP E 581 -0.83 27.85 77.35
CA ASP E 581 -1.76 27.65 76.26
C ASP E 581 -2.24 26.21 76.28
N VAL E 582 -3.29 25.91 75.50
CA VAL E 582 -3.84 24.57 75.40
C VAL E 582 -2.79 23.62 74.83
N LYS E 583 -3.02 22.32 75.04
CA LYS E 583 -2.02 21.29 74.79
C LYS E 583 -1.68 21.18 73.30
N TYR E 584 -2.63 21.53 72.43
CA TYR E 584 -2.47 21.32 71.00
C TYR E 584 -2.02 22.61 70.31
N HIS E 585 -1.21 23.43 71.01
CA HIS E 585 -0.63 24.62 70.42
C HIS E 585 0.88 24.67 70.70
N LEU E 586 1.43 23.61 71.31
CA LEU E 586 2.80 23.62 71.79
C LEU E 586 3.72 23.01 70.75
N GLY E 587 4.99 23.43 70.78
CA GLY E 587 6.04 22.87 69.94
C GLY E 587 6.88 21.85 70.69
N SER E 588 7.81 21.21 69.97
CA SER E 588 8.74 20.27 70.56
C SER E 588 9.89 20.00 69.58
N GLU E 589 10.99 19.45 70.10
CA GLU E 589 12.14 19.07 69.29
C GLU E 589 12.50 17.63 69.59
N GLY E 590 13.04 16.94 68.59
CA GLY E 590 13.44 15.54 68.73
C GLY E 590 14.37 15.09 67.62
N GLN E 591 14.83 13.85 67.73
CA GLN E 591 15.72 13.23 66.76
C GLN E 591 14.98 12.10 66.07
N HIS E 592 15.18 11.96 64.77
CA HIS E 592 14.65 10.85 63.99
C HIS E 592 15.82 10.03 63.44
N LEU E 593 15.86 8.74 63.77
CA LEU E 593 16.85 7.81 63.23
C LEU E 593 16.21 7.00 62.12
N GLN E 594 16.94 6.81 61.02
CA GLN E 594 16.49 5.96 59.93
C GLN E 594 16.37 4.52 60.42
N MET E 595 15.23 3.89 60.12
CA MET E 595 14.95 2.52 60.54
C MET E 595 15.80 1.56 59.71
N PHE E 596 15.91 1.85 58.41
CA PHE E 596 16.65 1.02 57.48
C PHE E 596 17.77 1.84 56.82
N GLY E 597 18.59 2.46 57.67
CA GLY E 597 19.71 3.28 57.21
C GLY E 597 20.48 3.87 58.38
N ASP E 598 21.62 4.52 58.08
CA ASP E 598 22.48 5.10 59.09
C ASP E 598 22.21 6.60 59.22
N GLY E 599 21.24 7.11 58.45
CA GLY E 599 20.89 8.53 58.50
C GLY E 599 20.24 8.92 59.82
N GLU E 600 20.38 10.21 60.17
CA GLU E 600 19.76 10.78 61.36
C GLU E 600 19.45 12.24 61.05
N ILE E 601 18.26 12.69 61.45
CA ILE E 601 17.83 14.06 61.17
C ILE E 601 17.11 14.61 62.39
N LYS E 602 17.20 15.93 62.57
CA LYS E 602 16.52 16.62 63.65
C LYS E 602 15.11 16.99 63.20
N VAL E 603 14.15 16.84 64.12
CA VAL E 603 12.76 17.17 63.84
C VAL E 603 12.30 18.20 64.86
N SER E 604 11.68 19.27 64.38
CA SER E 604 11.19 20.34 65.23
C SER E 604 9.75 20.68 64.84
N LEU E 605 8.90 20.93 65.84
CA LEU E 605 7.54 21.39 65.62
C LEU E 605 7.40 22.78 66.22
N THR E 606 6.85 23.72 65.44
CA THR E 606 6.76 25.11 65.86
C THR E 606 5.43 25.37 66.57
N ALA E 607 5.45 26.26 67.55
CA ALA E 607 4.22 26.68 68.23
C ALA E 607 3.37 27.53 67.29
N ASN E 608 2.06 27.49 67.48
CA ASN E 608 1.12 28.25 66.67
C ASN E 608 -0.13 28.56 67.48
N PRO E 609 -0.86 29.64 67.15
CA PRO E 609 -2.14 29.93 67.78
C PRO E 609 -3.28 29.12 67.17
N SER E 610 -4.49 29.32 67.69
CA SER E 610 -5.67 28.63 67.19
C SER E 610 -6.08 29.17 65.82
N HIS E 611 -5.58 30.35 65.45
CA HIS E 611 -5.86 30.97 64.16
C HIS E 611 -5.19 30.15 63.05
N LEU E 612 -6.01 29.51 62.21
CA LEU E 612 -5.53 28.56 61.24
C LEU E 612 -4.62 29.24 60.21
N GLU E 613 -3.55 28.53 59.83
CA GLU E 613 -2.68 28.88 58.73
C GLU E 613 -1.82 30.10 59.04
N ALA E 614 -1.84 30.60 60.29
CA ALA E 614 -1.01 31.74 60.67
C ALA E 614 0.45 31.32 60.82
N VAL E 615 0.69 30.01 61.02
CA VAL E 615 2.03 29.48 61.22
C VAL E 615 2.78 29.42 59.90
N ASN E 616 2.08 29.47 58.76
CA ASN E 616 2.68 29.24 57.46
C ASN E 616 3.86 30.17 57.23
N PRO E 617 3.71 31.51 57.29
CA PRO E 617 4.85 32.39 57.07
C PRO E 617 5.91 32.28 58.15
N VAL E 618 5.49 31.99 59.40
CA VAL E 618 6.41 31.93 60.52
C VAL E 618 7.36 30.76 60.35
N MET E 619 6.84 29.59 59.97
CA MET E 619 7.66 28.40 59.87
C MET E 619 8.63 28.55 58.69
N GLU E 620 8.22 29.25 57.63
CA GLU E 620 9.09 29.49 56.48
C GLU E 620 10.28 30.35 56.91
N GLY E 621 10.01 31.37 57.73
CA GLY E 621 11.06 32.23 58.24
C GLY E 621 12.04 31.49 59.14
N ILE E 622 11.51 30.58 59.97
CA ILE E 622 12.34 29.76 60.84
C ILE E 622 13.30 28.93 59.99
N VAL E 623 12.79 28.33 58.92
CA VAL E 623 13.60 27.46 58.08
C VAL E 623 14.70 28.30 57.42
N ARG E 624 14.34 29.48 56.91
CA ARG E 624 15.28 30.32 56.22
C ARG E 624 16.41 30.74 57.17
N ALA E 625 16.05 31.10 58.41
CA ALA E 625 17.04 31.52 59.38
C ALA E 625 18.00 30.37 59.69
N LYS E 626 17.46 29.15 59.79
CA LYS E 626 18.27 27.98 60.08
C LYS E 626 19.21 27.68 58.91
N GLN E 627 18.71 27.79 57.68
CA GLN E 627 19.52 27.54 56.49
C GLN E 627 20.65 28.56 56.40
N ASP E 628 20.36 29.84 56.69
CA ASP E 628 21.36 30.88 56.63
C ASP E 628 22.46 30.63 57.66
N TYR E 629 22.10 30.13 58.83
CA TYR E 629 23.07 29.83 59.88
C TYR E 629 24.03 28.74 59.44
N LEU E 630 23.50 27.71 58.75
CA LEU E 630 24.32 26.60 58.30
C LEU E 630 25.27 27.06 57.20
N ASP E 631 24.77 27.94 56.31
CA ASP E 631 25.60 28.62 55.32
C ASP E 631 26.26 27.59 54.41
N LYS E 632 25.44 26.86 53.65
CA LYS E 632 25.90 25.82 52.74
C LYS E 632 25.72 26.27 51.29
N GLY E 633 25.29 27.51 51.08
CA GLY E 633 25.18 28.07 49.74
C GLY E 633 23.93 27.60 49.01
N VAL E 634 23.91 27.82 47.69
CA VAL E 634 22.76 27.53 46.84
C VAL E 634 22.55 26.03 46.72
N ASP E 635 23.63 25.25 46.84
CA ASP E 635 23.57 23.80 46.78
C ASP E 635 23.09 23.21 48.10
N GLY E 636 22.88 24.08 49.12
CA GLY E 636 22.49 23.63 50.44
C GLY E 636 20.98 23.47 50.56
N LYS E 637 20.37 24.36 51.36
CA LYS E 637 18.94 24.31 51.67
C LYS E 637 18.60 22.96 52.29
N THR E 638 19.25 22.67 53.44
CA THR E 638 19.24 21.35 54.04
C THR E 638 18.31 21.32 55.26
N VAL E 639 17.42 22.32 55.36
CA VAL E 639 16.35 22.29 56.34
C VAL E 639 15.03 22.22 55.59
N VAL E 640 14.26 21.15 55.82
CA VAL E 640 13.05 20.88 55.07
C VAL E 640 11.87 21.50 55.80
N PRO E 641 11.08 22.39 55.16
CA PRO E 641 9.80 22.80 55.71
C PRO E 641 8.72 21.77 55.36
N LEU E 642 8.12 21.16 56.40
CA LEU E 642 7.02 20.24 56.22
C LEU E 642 5.77 20.87 56.83
N LEU E 643 4.85 21.29 55.97
CA LEU E 643 3.72 22.11 56.39
C LEU E 643 2.42 21.35 56.17
N LEU E 644 1.64 21.18 57.24
CA LEU E 644 0.37 20.48 57.20
C LEU E 644 -0.77 21.48 57.19
N HIS E 645 -1.87 21.10 56.53
CA HIS E 645 -3.04 21.96 56.38
C HIS E 645 -4.31 21.11 56.47
N GLY E 646 -5.41 21.74 56.88
CA GLY E 646 -6.74 21.20 56.67
C GLY E 646 -7.31 21.67 55.34
N ASP E 647 -8.22 20.88 54.75
CA ASP E 647 -8.75 21.15 53.42
C ASP E 647 -9.54 22.44 53.41
N ALA E 648 -10.40 22.65 54.42
CA ALA E 648 -11.23 23.86 54.48
C ALA E 648 -10.33 25.09 54.64
N ALA E 649 -9.34 25.00 55.53
CA ALA E 649 -8.46 26.12 55.81
C ALA E 649 -7.56 26.40 54.60
N PHE E 650 -7.10 25.35 53.93
CA PHE E 650 -6.19 25.50 52.81
C PHE E 650 -6.89 26.25 51.67
N ALA E 651 -8.16 25.89 51.42
CA ALA E 651 -8.94 26.52 50.37
C ALA E 651 -9.46 27.89 50.83
N GLY E 652 -10.00 27.93 52.05
CA GLY E 652 -10.65 29.12 52.58
C GLY E 652 -9.69 30.30 52.77
N LEU E 653 -8.74 30.14 53.68
CA LEU E 653 -7.90 31.25 54.12
C LEU E 653 -6.95 31.67 53.01
N GLY E 654 -6.62 32.96 53.00
CA GLY E 654 -5.83 33.56 51.93
C GLY E 654 -4.34 33.64 52.25
N ILE E 655 -3.99 33.47 53.53
CA ILE E 655 -2.58 33.47 53.94
C ILE E 655 -1.85 32.30 53.30
N VAL E 656 -2.58 31.25 52.94
CA VAL E 656 -1.99 30.05 52.36
C VAL E 656 -1.31 30.39 51.04
N PRO E 657 -2.04 30.81 49.98
CA PRO E 657 -1.40 31.17 48.72
C PRO E 657 -0.46 32.36 48.86
N GLU E 658 -0.73 33.23 49.84
CA GLU E 658 0.10 34.38 50.11
C GLU E 658 1.51 33.94 50.48
N THR E 659 1.63 32.89 51.30
CA THR E 659 2.93 32.41 51.74
C THR E 659 3.61 31.60 50.64
N ILE E 660 2.84 30.79 49.91
CA ILE E 660 3.39 29.99 48.82
C ILE E 660 4.02 30.92 47.80
N ASN E 661 3.47 32.13 47.69
CA ASN E 661 3.93 33.13 46.74
C ASN E 661 5.37 33.54 47.03
N LEU E 662 5.87 33.31 48.26
CA LEU E 662 7.22 33.69 48.63
C LEU E 662 8.25 32.62 48.26
N ALA E 663 7.79 31.48 47.73
CA ALA E 663 8.62 30.27 47.66
C ALA E 663 9.90 30.49 46.86
N LYS E 664 9.83 31.29 45.79
CA LYS E 664 10.96 31.42 44.87
C LYS E 664 11.59 32.81 44.95
N LEU E 665 11.27 33.59 46.01
CA LEU E 665 11.83 34.92 46.14
C LEU E 665 13.22 34.85 46.76
N ARG E 666 14.08 35.81 46.39
CA ARG E 666 15.49 35.79 46.71
C ARG E 666 15.72 35.72 48.21
N GLY E 667 14.99 36.56 48.97
CA GLY E 667 15.19 36.62 50.40
C GLY E 667 14.34 35.63 51.20
N TYR E 668 13.54 34.80 50.51
CA TYR E 668 12.57 33.94 51.18
C TYR E 668 12.69 32.48 50.75
N ASP E 669 13.50 32.19 49.73
CA ASP E 669 13.56 30.84 49.17
C ASP E 669 14.20 29.90 50.18
N VAL E 670 13.58 28.73 50.38
CA VAL E 670 14.08 27.74 51.32
C VAL E 670 14.23 26.40 50.62
N GLY E 671 14.22 26.40 49.29
CA GLY E 671 14.43 25.19 48.52
C GLY E 671 13.17 24.33 48.40
N GLY E 672 12.01 24.96 48.58
CA GLY E 672 10.74 24.27 48.41
C GLY E 672 10.15 23.78 49.73
N THR E 673 8.83 23.81 49.82
CA THR E 673 8.09 23.35 50.99
C THR E 673 7.29 22.11 50.60
N ILE E 674 7.28 21.10 51.47
CA ILE E 674 6.42 19.94 51.28
C ILE E 674 5.10 20.23 52.00
N HIS E 675 4.02 20.36 51.22
CA HIS E 675 2.71 20.62 51.77
C HIS E 675 1.90 19.32 51.84
N ILE E 676 1.31 19.06 53.00
CA ILE E 676 0.37 17.96 53.16
C ILE E 676 -0.97 18.55 53.55
N VAL E 677 -1.98 18.35 52.69
CA VAL E 677 -3.34 18.75 53.01
C VAL E 677 -4.10 17.51 53.48
N VAL E 678 -4.53 17.52 54.75
CA VAL E 678 -5.33 16.46 55.31
C VAL E 678 -6.77 16.68 54.86
N ASN E 679 -7.12 16.06 53.73
CA ASN E 679 -8.41 16.25 53.11
C ASN E 679 -9.41 15.24 53.68
N ASN E 680 -10.01 15.59 54.82
CA ASN E 680 -11.01 14.74 55.45
C ASN E 680 -12.41 15.09 54.96
N GLN E 681 -12.47 15.97 53.93
CA GLN E 681 -13.67 16.20 53.15
C GLN E 681 -14.73 16.92 53.98
N ILE E 682 -14.30 17.67 55.00
CA ILE E 682 -15.21 18.40 55.86
C ILE E 682 -14.42 19.43 56.68
N GLY E 683 -15.10 20.51 57.06
CA GLY E 683 -14.58 21.47 58.02
C GLY E 683 -15.08 21.14 59.42
N PHE E 684 -15.78 22.10 60.03
CA PHE E 684 -16.49 21.86 61.29
C PHE E 684 -17.80 21.14 60.93
N THR E 685 -18.67 21.85 60.20
CA THR E 685 -19.90 21.28 59.66
C THR E 685 -20.02 21.56 58.16
N THR E 686 -19.33 22.58 57.67
CA THR E 686 -19.41 22.99 56.29
C THR E 686 -18.76 21.93 55.39
N THR E 687 -19.53 21.43 54.43
CA THR E 687 -19.03 20.48 53.45
C THR E 687 -18.25 21.24 52.37
N PRO E 688 -17.40 20.55 51.58
CA PRO E 688 -16.62 21.21 50.52
C PRO E 688 -17.43 21.99 49.49
N ASP E 689 -18.70 21.62 49.30
CA ASP E 689 -19.58 22.33 48.39
C ASP E 689 -19.77 23.77 48.87
N SER E 690 -19.86 23.93 50.21
CA SER E 690 -20.06 25.24 50.83
C SER E 690 -18.75 25.81 51.35
N SER E 691 -17.62 25.14 51.06
CA SER E 691 -16.32 25.54 51.60
C SER E 691 -15.43 26.13 50.51
N ARG E 692 -15.49 25.58 49.29
CA ARG E 692 -14.65 26.08 48.22
C ARG E 692 -15.41 26.01 46.89
N SER E 693 -14.85 26.71 45.90
CA SER E 693 -15.37 26.69 44.54
C SER E 693 -14.43 25.89 43.63
N MET E 694 -13.21 25.62 44.09
CA MET E 694 -12.24 24.82 43.37
C MET E 694 -12.69 23.37 43.43
N HIS E 695 -12.26 22.57 42.44
CA HIS E 695 -12.58 21.15 42.43
C HIS E 695 -11.79 20.45 43.55
N TYR E 696 -10.48 20.74 43.61
CA TYR E 696 -9.62 20.20 44.64
C TYR E 696 -9.17 21.30 45.59
N ALA E 697 -8.93 20.93 46.84
CA ALA E 697 -8.43 21.87 47.84
C ALA E 697 -7.03 22.34 47.45
N THR E 698 -6.24 21.44 46.87
CA THR E 698 -4.85 21.71 46.56
C THR E 698 -4.68 22.40 45.21
N ASP E 699 -5.76 22.98 44.67
CA ASP E 699 -5.73 23.52 43.32
C ASP E 699 -4.87 24.79 43.24
N TYR E 700 -4.48 25.36 44.38
CA TYR E 700 -3.56 26.48 44.39
C TYR E 700 -2.22 26.10 43.76
N ALA E 701 -1.86 24.81 43.78
CA ALA E 701 -0.62 24.34 43.21
C ALA E 701 -0.55 24.60 41.71
N LYS E 702 -1.71 24.58 41.04
CA LYS E 702 -1.77 24.85 39.61
C LYS E 702 -1.31 26.28 39.34
N ALA E 703 -1.62 27.20 40.26
CA ALA E 703 -1.22 28.58 40.11
C ALA E 703 0.30 28.71 40.12
N PHE E 704 0.96 27.94 40.98
CA PHE E 704 2.39 28.09 41.20
C PHE E 704 3.21 27.10 40.37
N GLY E 705 2.52 26.25 39.59
CA GLY E 705 3.19 25.33 38.70
C GLY E 705 3.92 24.23 39.45
N CYS E 706 3.25 23.66 40.46
CA CYS E 706 3.83 22.66 41.32
C CYS E 706 3.06 21.36 41.18
N PRO E 707 3.71 20.19 41.30
CA PRO E 707 3.02 18.91 41.20
C PRO E 707 2.08 18.70 42.38
N VAL E 708 1.00 17.96 42.13
CA VAL E 708 0.08 17.55 43.18
C VAL E 708 -0.04 16.04 43.14
N PHE E 709 -0.02 15.42 44.32
CA PHE E 709 -0.28 14.00 44.45
C PHE E 709 -1.52 13.82 45.33
N HIS E 710 -2.59 13.27 44.75
CA HIS E 710 -3.76 12.87 45.49
C HIS E 710 -3.59 11.39 45.82
N VAL E 711 -3.61 11.05 47.12
CA VAL E 711 -3.37 9.67 47.51
C VAL E 711 -4.49 9.22 48.46
N ASN E 712 -4.92 7.98 48.26
CA ASN E 712 -5.96 7.35 49.06
C ASN E 712 -5.41 7.05 50.45
N GLY E 713 -6.10 7.57 51.47
CA GLY E 713 -5.67 7.45 52.85
C GLY E 713 -5.87 6.06 53.46
N ASP E 714 -6.49 5.13 52.70
CA ASP E 714 -6.66 3.76 53.16
C ASP E 714 -5.69 2.81 52.46
N ASP E 715 -4.72 3.33 51.69
CA ASP E 715 -3.68 2.51 51.08
C ASP E 715 -2.32 2.94 51.62
N PRO E 716 -1.86 2.39 52.76
CA PRO E 716 -0.64 2.87 53.42
C PRO E 716 0.62 2.82 52.55
N GLU E 717 0.74 1.78 51.71
CA GLU E 717 1.93 1.61 50.90
C GLU E 717 2.02 2.73 49.87
N ALA E 718 0.90 3.08 49.25
CA ALA E 718 0.86 4.18 48.29
C ALA E 718 1.15 5.50 48.99
N VAL E 719 0.66 5.65 50.23
CA VAL E 719 0.88 6.86 50.99
C VAL E 719 2.37 7.03 51.25
N VAL E 720 3.04 5.95 51.64
CA VAL E 720 4.46 6.01 51.96
C VAL E 720 5.28 6.33 50.71
N TRP E 721 4.88 5.77 49.58
CA TRP E 721 5.59 6.00 48.33
C TRP E 721 5.49 7.47 47.93
N VAL E 722 4.30 8.06 48.08
CA VAL E 722 4.06 9.44 47.69
C VAL E 722 4.93 10.36 48.55
N GLY E 723 5.06 10.04 49.84
CA GLY E 723 5.89 10.81 50.75
C GLY E 723 7.35 10.83 50.31
N GLN E 724 7.85 9.67 49.86
CA GLN E 724 9.20 9.53 49.38
C GLN E 724 9.37 10.31 48.08
N LEU E 725 8.41 10.18 47.17
CA LEU E 725 8.49 10.81 45.87
C LEU E 725 8.47 12.34 46.01
N ALA E 726 7.65 12.85 46.92
CA ALA E 726 7.55 14.28 47.12
C ALA E 726 8.87 14.84 47.63
N THR E 727 9.50 14.12 48.57
CA THR E 727 10.73 14.59 49.19
C THR E 727 11.87 14.56 48.17
N GLU E 728 11.88 13.55 47.30
CA GLU E 728 12.88 13.44 46.25
C GLU E 728 12.70 14.57 45.24
N TYR E 729 11.44 14.89 44.92
CA TYR E 729 11.16 15.96 43.97
C TYR E 729 11.68 17.29 44.52
N ARG E 730 11.45 17.55 45.81
CA ARG E 730 11.91 18.78 46.43
C ARG E 730 13.42 18.89 46.32
N ARG E 731 14.13 17.80 46.63
CA ARG E 731 15.59 17.83 46.64
C ARG E 731 16.12 18.09 45.24
N ARG E 732 15.49 17.47 44.23
CA ARG E 732 15.98 17.53 42.86
C ARG E 732 15.75 18.92 42.27
N PHE E 733 14.57 19.50 42.49
CA PHE E 733 14.13 20.67 41.74
C PHE E 733 13.96 21.91 42.62
N GLY E 734 13.95 21.74 43.94
CA GLY E 734 13.92 22.88 44.84
C GLY E 734 12.61 23.67 44.76
N LYS E 735 11.50 22.97 44.50
CA LYS E 735 10.20 23.60 44.39
C LYS E 735 9.22 22.99 45.38
N ASP E 736 8.12 23.70 45.60
CA ASP E 736 7.04 23.24 46.46
C ASP E 736 6.37 22.02 45.82
N VAL E 737 5.90 21.12 46.68
CA VAL E 737 5.17 19.93 46.25
C VAL E 737 3.98 19.78 47.19
N PHE E 738 2.85 19.33 46.63
CA PHE E 738 1.59 19.27 47.37
C PHE E 738 1.07 17.85 47.39
N ILE E 739 0.79 17.35 48.60
CA ILE E 739 0.19 16.04 48.78
C ILE E 739 -1.22 16.25 49.30
N ASP E 740 -2.20 15.70 48.57
CA ASP E 740 -3.59 15.70 49.01
C ASP E 740 -3.90 14.32 49.60
N LEU E 741 -3.85 14.22 50.92
CA LEU E 741 -4.16 12.97 51.61
C LEU E 741 -5.67 12.87 51.78
N VAL E 742 -6.32 12.07 50.94
CA VAL E 742 -7.76 11.96 50.94
C VAL E 742 -8.17 10.95 52.00
N CYS E 743 -8.87 11.43 53.02
CA CYS E 743 -9.23 10.63 54.17
C CYS E 743 -10.60 11.07 54.66
N TYR E 744 -10.95 10.72 55.90
CA TYR E 744 -12.21 11.16 56.49
C TYR E 744 -11.98 11.46 57.96
N ARG E 745 -13.00 12.06 58.59
CA ARG E 745 -12.97 12.39 60.01
C ARG E 745 -13.99 11.51 60.72
N LEU E 746 -13.51 10.54 61.52
CA LEU E 746 -14.35 9.49 62.06
C LEU E 746 -15.40 10.08 63.00
N ARG E 747 -14.97 10.99 63.88
CA ARG E 747 -15.84 11.59 64.86
C ARG E 747 -16.27 12.97 64.39
N GLY E 748 -16.94 13.71 65.29
CA GLY E 748 -17.27 15.11 65.03
C GLY E 748 -16.02 15.97 64.93
N HIS E 749 -16.22 17.28 64.79
CA HIS E 749 -15.10 18.21 64.71
C HIS E 749 -14.23 18.04 65.95
N ASN E 750 -14.88 18.08 67.12
CA ASN E 750 -14.25 17.76 68.39
C ASN E 750 -14.88 16.45 68.89
N GLU E 751 -14.47 16.00 70.08
CA GLU E 751 -14.87 14.71 70.60
C GLU E 751 -16.22 14.79 71.32
N ALA E 752 -16.77 16.01 71.46
CA ALA E 752 -18.04 16.20 72.13
C ALA E 752 -19.02 16.92 71.20
N ASP E 753 -19.12 16.41 69.96
CA ASP E 753 -20.01 16.98 68.96
C ASP E 753 -20.62 15.86 68.13
N ASP E 754 -21.89 16.02 67.74
CA ASP E 754 -22.61 15.03 66.96
C ASP E 754 -22.70 15.51 65.51
N PRO E 755 -21.97 14.87 64.57
CA PRO E 755 -22.00 15.28 63.16
C PRO E 755 -23.18 14.73 62.35
N SER E 756 -24.00 13.88 62.97
CA SER E 756 -25.12 13.23 62.29
C SER E 756 -26.30 14.19 62.13
N MET E 757 -26.31 15.28 62.90
CA MET E 757 -27.37 16.27 62.86
C MET E 757 -27.39 16.97 61.52
N THR E 758 -26.20 17.23 60.96
CA THR E 758 -26.05 18.08 59.79
C THR E 758 -25.52 17.32 58.58
N GLN E 759 -24.74 16.25 58.81
CA GLN E 759 -24.28 15.37 57.74
C GLN E 759 -24.72 13.94 58.05
N PRO E 760 -26.03 13.59 57.94
CA PRO E 760 -26.49 12.24 58.25
C PRO E 760 -26.02 11.21 57.22
N LYS E 761 -26.03 11.59 55.94
CA LYS E 761 -25.73 10.65 54.86
C LYS E 761 -24.24 10.34 54.82
N MET E 762 -23.41 11.35 55.03
CA MET E 762 -21.96 11.19 54.99
C MET E 762 -21.52 10.27 56.13
N TYR E 763 -22.12 10.44 57.31
CA TYR E 763 -21.72 9.69 58.50
C TYR E 763 -22.47 8.37 58.61
N GLU E 764 -23.32 8.05 57.64
CA GLU E 764 -23.84 6.69 57.50
C GLU E 764 -22.75 5.80 56.88
N LEU E 765 -21.94 6.37 55.99
CA LEU E 765 -20.83 5.67 55.40
C LEU E 765 -19.66 5.53 56.38
N ILE E 766 -19.39 6.58 57.16
CA ILE E 766 -18.21 6.62 58.01
C ILE E 766 -18.41 5.69 59.20
N THR E 767 -19.56 5.78 59.86
CA THR E 767 -19.82 5.01 61.06
C THR E 767 -19.83 3.52 60.72
N GLY E 768 -19.03 2.75 61.47
CA GLY E 768 -19.03 1.30 61.37
C GLY E 768 -17.92 0.75 60.48
N ARG E 769 -17.14 1.63 59.84
CA ARG E 769 -16.06 1.21 58.97
C ARG E 769 -14.96 0.53 59.78
N GLU E 770 -14.24 -0.39 59.14
CA GLU E 770 -13.02 -0.92 59.71
C GLU E 770 -11.88 0.07 59.42
N THR E 771 -10.99 0.23 60.40
CA THR E 771 -9.94 1.23 60.34
C THR E 771 -8.88 0.83 59.31
N VAL E 772 -8.03 1.79 58.95
CA VAL E 772 -6.96 1.55 57.99
C VAL E 772 -5.97 0.52 58.56
N ARG E 773 -5.74 0.58 59.87
CA ARG E 773 -4.86 -0.38 60.53
C ARG E 773 -5.43 -1.79 60.38
N ALA E 774 -6.73 -1.94 60.65
CA ALA E 774 -7.39 -3.22 60.53
C ALA E 774 -7.30 -3.71 59.08
N GLN E 775 -7.56 -2.81 58.14
CA GLN E 775 -7.57 -3.14 56.73
C GLN E 775 -6.19 -3.63 56.31
N TYR E 776 -5.16 -2.91 56.74
CA TYR E 776 -3.79 -3.22 56.33
C TYR E 776 -3.34 -4.53 56.97
N THR E 777 -3.72 -4.77 58.23
CA THR E 777 -3.36 -6.00 58.91
C THR E 777 -3.96 -7.20 58.15
N GLU E 778 -5.24 -7.09 57.79
CA GLU E 778 -5.93 -8.14 57.05
C GLU E 778 -5.26 -8.37 55.70
N ASP E 779 -4.83 -7.28 55.06
CA ASP E 779 -4.19 -7.35 53.75
C ASP E 779 -2.86 -8.09 53.87
N LEU E 780 -2.06 -7.76 54.89
CA LEU E 780 -0.76 -8.39 55.09
C LEU E 780 -0.92 -9.87 55.40
N LEU E 781 -1.91 -10.22 56.23
CA LEU E 781 -2.17 -11.61 56.59
C LEU E 781 -2.64 -12.39 55.37
N GLY E 782 -3.48 -11.76 54.54
CA GLY E 782 -4.03 -12.39 53.34
C GLY E 782 -2.93 -12.76 52.34
N ARG E 783 -1.95 -11.87 52.17
CA ARG E 783 -0.89 -12.05 51.20
C ARG E 783 0.24 -12.91 51.79
N GLY E 784 0.16 -13.20 53.09
CA GLY E 784 1.15 -14.05 53.76
C GLY E 784 2.44 -13.30 54.06
N ASP E 785 2.39 -11.96 54.01
CA ASP E 785 3.55 -11.12 54.26
C ASP E 785 3.77 -10.95 55.76
N LEU E 786 2.73 -11.22 56.55
CA LEU E 786 2.80 -11.13 58.01
C LEU E 786 2.17 -12.37 58.63
N SER E 787 2.69 -12.77 59.79
CA SER E 787 2.16 -13.90 60.54
C SER E 787 1.24 -13.39 61.66
N ASN E 788 0.43 -14.29 62.21
CA ASN E 788 -0.60 -13.93 63.18
C ASN E 788 0.03 -13.44 64.48
N GLU E 789 0.98 -14.20 65.01
CA GLU E 789 1.57 -13.91 66.32
C GLU E 789 2.32 -12.57 66.26
N ASP E 790 2.87 -12.23 65.09
CA ASP E 790 3.53 -10.95 64.90
C ASP E 790 2.50 -9.82 64.92
N ALA E 791 1.32 -10.07 64.34
CA ALA E 791 0.25 -9.08 64.28
C ALA E 791 -0.23 -8.76 65.69
N GLU E 792 -0.42 -9.78 66.53
CA GLU E 792 -0.89 -9.59 67.89
C GLU E 792 0.21 -8.96 68.74
N ALA E 793 1.48 -9.27 68.41
CA ALA E 793 2.61 -8.75 69.16
C ALA E 793 2.68 -7.23 69.02
N VAL E 794 2.46 -6.72 67.80
CA VAL E 794 2.54 -5.30 67.52
C VAL E 794 1.52 -4.54 68.37
N VAL E 795 0.28 -5.06 68.42
CA VAL E 795 -0.79 -4.41 69.16
C VAL E 795 -0.51 -4.47 70.65
N ARG E 796 -0.07 -5.64 71.14
CA ARG E 796 0.08 -5.87 72.57
C ARG E 796 1.28 -5.10 73.11
N ASP E 797 2.39 -5.11 72.37
CA ASP E 797 3.63 -4.47 72.81
C ASP E 797 3.41 -2.97 73.02
N PHE E 798 2.70 -2.34 72.07
CA PHE E 798 2.49 -0.89 72.12
C PHE E 798 1.51 -0.52 73.23
N HIS E 799 0.50 -1.37 73.44
CA HIS E 799 -0.49 -1.12 74.48
C HIS E 799 0.15 -1.21 75.86
N ASP E 800 1.05 -2.19 76.04
CA ASP E 800 1.74 -2.37 77.31
C ASP E 800 2.63 -1.16 77.60
N GLN E 801 3.23 -0.60 76.54
CA GLN E 801 4.07 0.58 76.68
C GLN E 801 3.25 1.74 77.25
N MET E 802 2.05 1.95 76.68
CA MET E 802 1.21 3.06 77.06
C MET E 802 0.64 2.88 78.47
N GLU E 803 0.29 1.63 78.81
CA GLU E 803 -0.26 1.34 80.13
C GLU E 803 0.79 1.60 81.21
N SER E 804 2.03 1.17 80.97
CA SER E 804 3.09 1.33 81.94
C SER E 804 3.34 2.80 82.23
N VAL E 805 3.42 3.61 81.16
CA VAL E 805 3.67 5.04 81.28
C VAL E 805 2.51 5.72 81.98
N PHE E 806 1.27 5.31 81.67
CA PHE E 806 0.08 5.89 82.26
C PHE E 806 0.09 5.68 83.78
N ASN E 807 0.53 4.50 84.21
CA ASN E 807 0.55 4.15 85.63
C ASN E 807 1.54 5.02 86.39
N GLU E 808 2.70 5.31 85.79
CA GLU E 808 3.73 6.11 86.44
C GLU E 808 3.26 7.55 86.60
N VAL E 809 2.44 8.02 85.67
CA VAL E 809 1.89 9.38 85.74
C VAL E 809 0.84 9.43 86.84
N LYS E 810 0.05 8.36 86.99
CA LYS E 810 -1.06 8.33 87.92
C LYS E 810 -0.55 8.27 89.35
N GLU E 811 0.52 7.50 89.59
CA GLU E 811 1.06 7.31 90.93
C GLU E 811 1.68 8.60 91.44
N GLY E 812 2.15 9.46 90.52
CA GLY E 812 2.66 10.77 90.89
C GLY E 812 1.57 11.65 91.47
N GLY E 813 1.95 12.53 92.42
CA GLY E 813 1.02 13.42 93.09
C GLY E 813 0.48 14.49 92.16
N LYS E 814 -0.82 14.78 92.27
CA LYS E 814 -1.48 15.79 91.45
C LYS E 814 -1.48 17.12 92.19
N LYS E 815 -0.57 18.02 91.78
CA LYS E 815 -0.47 19.35 92.36
C LYS E 815 -1.75 20.13 92.08
N GLN E 816 -2.16 20.94 93.07
CA GLN E 816 -3.37 21.74 92.97
C GLN E 816 -3.10 22.97 92.10
N ALA E 817 -4.17 23.69 91.75
CA ALA E 817 -4.06 24.89 90.93
C ALA E 817 -3.39 26.00 91.74
N GLU E 818 -2.60 26.83 91.05
CA GLU E 818 -1.90 27.94 91.67
C GLU E 818 -2.01 29.15 90.74
N ALA E 819 -1.95 30.35 91.33
CA ALA E 819 -2.08 31.59 90.60
C ALA E 819 -0.79 31.87 89.82
N GLN E 820 -0.94 32.35 88.58
CA GLN E 820 0.18 32.63 87.70
C GLN E 820 0.57 34.10 87.85
N THR E 821 1.87 34.34 88.08
CA THR E 821 2.36 35.64 88.50
C THR E 821 2.45 36.58 87.30
N GLY E 822 3.34 36.25 86.36
CA GLY E 822 3.59 37.09 85.19
C GLY E 822 5.04 36.96 84.71
N ILE E 823 5.34 37.61 83.59
CA ILE E 823 6.64 37.47 82.93
C ILE E 823 7.39 38.79 82.97
N THR E 824 7.03 39.69 83.88
CA THR E 824 7.59 41.03 83.92
C THR E 824 9.10 40.96 84.17
N GLY E 825 9.50 40.23 85.23
CA GLY E 825 10.89 40.16 85.64
C GLY E 825 11.58 38.86 85.24
N SER E 826 11.04 38.18 84.22
CA SER E 826 11.57 36.90 83.78
C SER E 826 12.87 37.09 83.00
N GLN E 827 13.06 38.30 82.44
CA GLN E 827 14.30 38.65 81.75
C GLN E 827 14.89 39.91 82.38
N LYS E 828 16.21 40.06 82.26
CA LYS E 828 16.93 41.12 82.95
C LYS E 828 17.18 42.28 81.99
N LEU E 829 17.09 43.50 82.53
CA LEU E 829 17.41 44.71 81.78
C LEU E 829 18.93 44.88 81.74
N PRO E 830 19.48 45.36 80.61
CA PRO E 830 20.92 45.60 80.48
C PRO E 830 21.40 46.87 81.20
N HIS E 831 21.56 46.76 82.52
CA HIS E 831 22.05 47.87 83.33
C HIS E 831 23.55 48.05 83.10
N GLY E 832 23.95 49.30 82.81
CA GLY E 832 25.35 49.65 82.68
C GLY E 832 25.91 49.45 81.27
N LEU E 833 25.06 49.04 80.32
CA LEU E 833 25.49 48.77 78.96
C LEU E 833 25.69 50.10 78.23
N GLU E 834 26.84 50.22 77.56
CA GLU E 834 27.19 51.41 76.79
C GLU E 834 27.13 51.08 75.30
N THR E 835 26.43 51.93 74.54
CA THR E 835 26.10 51.62 73.16
C THR E 835 26.84 52.54 72.20
N ASN E 836 27.74 53.40 72.71
CA ASN E 836 28.52 54.27 71.86
C ASN E 836 29.60 53.48 71.14
N ILE E 837 30.02 53.98 69.98
CA ILE E 837 31.11 53.41 69.20
C ILE E 837 32.29 54.37 69.22
N SER E 838 33.46 53.89 68.79
CA SER E 838 34.66 54.71 68.74
C SER E 838 34.62 55.63 67.52
N ARG E 839 35.43 56.69 67.55
CA ARG E 839 35.55 57.60 66.43
C ARG E 839 36.06 56.86 65.20
N GLU E 840 37.03 55.96 65.41
CA GLU E 840 37.61 55.18 64.32
C GLU E 840 36.53 54.35 63.65
N GLU E 841 35.65 53.75 64.45
CA GLU E 841 34.56 52.94 63.94
C GLU E 841 33.61 53.82 63.12
N LEU E 842 33.32 55.01 63.63
CA LEU E 842 32.39 55.91 62.97
C LEU E 842 32.97 56.39 61.63
N LEU E 843 34.24 56.78 61.64
CA LEU E 843 34.92 57.23 60.43
C LEU E 843 34.96 56.13 59.38
N GLU E 844 35.20 54.89 59.82
CA GLU E 844 35.28 53.75 58.92
C GLU E 844 33.91 53.49 58.28
N LEU E 845 32.84 53.64 59.06
CA LEU E 845 31.49 53.42 58.57
C LEU E 845 31.16 54.47 57.51
N GLY E 846 31.59 55.71 57.74
CA GLY E 846 31.41 56.78 56.78
C GLY E 846 32.17 56.50 55.48
N GLN E 847 33.39 55.97 55.60
CA GLN E 847 34.25 55.75 54.45
C GLN E 847 33.72 54.63 53.57
N ALA E 848 32.77 53.83 54.09
CA ALA E 848 32.25 52.70 53.34
C ALA E 848 31.55 53.16 52.06
N PHE E 849 30.96 54.36 52.10
CA PHE E 849 30.20 54.89 50.98
C PHE E 849 31.12 55.53 49.94
N ALA E 850 32.39 55.78 50.31
CA ALA E 850 33.38 56.30 49.40
C ALA E 850 34.15 55.16 48.71
N ASN E 851 34.16 53.96 49.31
CA ASN E 851 34.92 52.84 48.78
C ASN E 851 34.07 52.08 47.77
N THR E 852 33.74 52.75 46.66
CA THR E 852 32.93 52.15 45.61
C THR E 852 33.78 51.15 44.84
N PRO E 853 33.18 50.11 44.23
CA PRO E 853 33.91 49.21 43.33
C PRO E 853 34.58 49.96 42.17
N GLU E 854 35.39 49.23 41.40
CA GLU E 854 36.30 49.83 40.44
C GLU E 854 35.53 50.61 39.38
N GLY E 855 34.53 49.96 38.76
CA GLY E 855 33.81 50.58 37.66
C GLY E 855 32.42 51.08 38.06
N PHE E 856 32.23 51.42 39.34
CA PHE E 856 30.92 51.78 39.86
C PHE E 856 30.82 53.30 39.97
N ASN E 857 29.66 53.83 39.59
CA ASN E 857 29.32 55.23 39.77
C ASN E 857 27.92 55.32 40.34
N TYR E 858 27.70 56.31 41.23
CA TYR E 858 26.41 56.52 41.84
C TYR E 858 25.46 57.20 40.85
N HIS E 859 24.16 56.93 41.01
CA HIS E 859 23.13 57.70 40.34
C HIS E 859 23.28 59.16 40.73
N PRO E 860 23.16 60.12 39.77
CA PRO E 860 23.37 61.54 40.07
C PRO E 860 22.59 62.12 41.25
N ARG E 861 21.41 61.53 41.55
CA ARG E 861 20.60 62.00 42.67
C ARG E 861 20.92 61.23 43.94
N VAL E 862 21.75 60.18 43.84
CA VAL E 862 22.18 59.40 45.00
C VAL E 862 23.57 59.85 45.44
N ALA E 863 24.38 60.35 44.50
CA ALA E 863 25.76 60.71 44.80
C ALA E 863 25.83 61.74 45.92
N PRO E 864 24.99 62.80 45.94
CA PRO E 864 24.98 63.75 47.05
C PRO E 864 24.72 63.12 48.42
N VAL E 865 23.87 62.09 48.45
CA VAL E 865 23.53 61.40 49.68
C VAL E 865 24.77 60.64 50.17
N ALA E 866 25.44 59.95 49.25
CA ALA E 866 26.65 59.21 49.58
C ALA E 866 27.75 60.15 50.05
N LYS E 867 27.90 61.29 49.39
CA LYS E 867 28.93 62.25 49.72
C LYS E 867 28.67 62.84 51.11
N LYS E 868 27.40 63.06 51.44
CA LYS E 868 27.03 63.64 52.72
C LYS E 868 27.34 62.65 53.84
N ARG E 869 27.11 61.37 53.59
CA ARG E 869 27.36 60.33 54.58
C ARG E 869 28.86 60.24 54.90
N VAL E 870 29.70 60.46 53.90
CA VAL E 870 31.14 60.41 54.09
C VAL E 870 31.60 61.61 54.93
N SER E 871 30.95 62.77 54.74
CA SER E 871 31.41 64.00 55.38
C SER E 871 30.72 64.22 56.74
N SER E 872 29.53 63.64 56.93
CA SER E 872 28.73 63.89 58.11
C SER E 872 29.39 63.31 59.37
N VAL E 873 30.15 62.21 59.20
CA VAL E 873 30.77 61.52 60.31
C VAL E 873 31.87 62.36 60.95
N THR E 874 32.28 63.45 60.30
CA THR E 874 33.24 64.38 60.88
C THR E 874 32.61 65.75 61.09
N GLU E 875 31.87 66.24 60.09
CA GLU E 875 31.34 67.60 60.11
C GLU E 875 30.07 67.66 60.96
N GLY E 876 29.18 66.69 60.78
CA GLY E 876 27.93 66.62 61.49
C GLY E 876 26.74 66.60 60.53
N GLY E 877 25.55 66.87 61.08
CA GLY E 877 24.33 66.85 60.29
C GLY E 877 23.98 65.43 59.83
N ILE E 878 24.06 64.48 60.75
CA ILE E 878 23.67 63.11 60.47
C ILE E 878 22.16 63.02 60.56
N ASP E 879 21.52 62.59 59.47
CA ASP E 879 20.07 62.52 59.38
C ASP E 879 19.61 61.15 59.88
N TRP E 880 18.28 60.97 59.91
CA TRP E 880 17.68 59.79 60.50
C TRP E 880 18.15 58.52 59.80
N ALA E 881 18.07 58.49 58.47
CA ALA E 881 18.39 57.29 57.71
C ALA E 881 19.84 56.87 57.95
N TRP E 882 20.75 57.85 58.00
CA TRP E 882 22.16 57.58 58.20
C TRP E 882 22.39 57.07 59.62
N GLY E 883 21.69 57.66 60.59
CA GLY E 883 21.74 57.22 61.96
C GLY E 883 21.32 55.76 62.12
N GLU E 884 20.27 55.36 61.39
CA GLU E 884 19.77 53.99 61.42
C GLU E 884 20.80 53.04 60.80
N LEU E 885 21.35 53.40 59.64
CA LEU E 885 22.31 52.56 58.94
C LEU E 885 23.60 52.42 59.76
N LEU E 886 23.99 53.48 60.49
CA LEU E 886 25.16 53.43 61.34
C LEU E 886 24.98 52.37 62.43
N ALA E 887 23.75 52.24 62.96
CA ALA E 887 23.46 51.24 63.97
C ALA E 887 23.60 49.83 63.38
N PHE E 888 22.95 49.60 62.24
CA PHE E 888 22.96 48.29 61.62
C PHE E 888 24.35 47.95 61.12
N GLY E 889 25.07 48.94 60.60
CA GLY E 889 26.43 48.73 60.12
C GLY E 889 27.37 48.33 61.25
N SER E 890 27.30 49.05 62.37
CA SER E 890 28.17 48.80 63.50
C SER E 890 27.93 47.40 64.08
N LEU E 891 26.66 46.95 64.05
CA LEU E 891 26.31 45.64 64.56
C LEU E 891 26.84 44.56 63.62
N ALA E 892 26.70 44.78 62.31
CA ALA E 892 27.20 43.84 61.33
C ALA E 892 28.73 43.73 61.40
N ASN E 893 29.41 44.84 61.71
CA ASN E 893 30.86 44.84 61.84
C ASN E 893 31.30 43.90 62.98
N SER E 894 30.51 43.85 64.06
CA SER E 894 30.86 43.05 65.23
C SER E 894 30.76 41.56 64.93
N GLY E 895 30.02 41.20 63.87
CA GLY E 895 29.97 39.82 63.40
C GLY E 895 28.54 39.28 63.34
N ARG E 896 27.54 40.15 63.52
CA ARG E 896 26.15 39.73 63.56
C ARG E 896 25.54 39.71 62.16
N LEU E 897 24.57 38.82 61.96
CA LEU E 897 23.77 38.80 60.75
C LEU E 897 22.62 39.77 60.94
N VAL E 898 22.66 40.88 60.20
CA VAL E 898 21.64 41.91 60.26
C VAL E 898 20.77 41.79 59.01
N ARG E 899 19.47 41.56 59.21
CA ARG E 899 18.53 41.39 58.11
C ARG E 899 17.47 42.48 58.19
N LEU E 900 17.35 43.27 57.12
CA LEU E 900 16.32 44.28 57.00
C LEU E 900 15.45 43.94 55.81
N ALA E 901 14.15 43.73 56.05
CA ALA E 901 13.21 43.38 55.00
C ALA E 901 11.99 44.28 55.12
N GLY E 902 11.30 44.46 53.98
CA GLY E 902 10.10 45.27 53.92
C GLY E 902 9.87 45.79 52.51
N GLU E 903 8.66 46.32 52.28
CA GLU E 903 8.30 46.82 50.96
C GLU E 903 9.13 48.06 50.65
N ASP E 904 9.94 47.95 49.58
CA ASP E 904 10.73 49.06 49.07
C ASP E 904 11.79 49.48 50.08
N SER E 905 12.40 48.50 50.77
CA SER E 905 13.28 48.78 51.88
C SER E 905 14.70 49.13 51.42
N ARG E 906 15.13 48.60 50.27
CA ARG E 906 16.51 48.79 49.84
C ARG E 906 16.74 50.26 49.50
N ARG E 907 15.77 50.88 48.82
CA ARG E 907 15.84 52.31 48.52
C ARG E 907 15.24 53.11 49.66
N GLY E 908 14.14 52.61 50.22
CA GLY E 908 13.36 53.34 51.20
C GLY E 908 12.11 53.94 50.55
N THR E 909 10.98 53.88 51.27
CA THR E 909 9.72 54.41 50.78
C THR E 909 9.84 55.90 50.47
N PHE E 910 10.62 56.62 51.29
CA PHE E 910 10.75 58.05 51.18
C PHE E 910 12.12 58.43 50.60
N THR E 911 12.74 57.47 49.90
CA THR E 911 13.99 57.70 49.17
C THR E 911 15.05 58.24 50.12
N GLN E 912 15.17 57.63 51.31
CA GLN E 912 16.04 58.15 52.35
C GLN E 912 17.19 57.19 52.64
N ARG E 913 16.99 55.88 52.41
CA ARG E 913 17.92 54.88 52.92
C ARG E 913 19.07 54.67 51.96
N HIS E 914 18.77 54.21 50.74
CA HIS E 914 19.80 53.88 49.76
C HIS E 914 20.81 52.92 50.38
N ALA E 915 20.30 51.80 50.92
CA ALA E 915 21.16 50.78 51.49
C ALA E 915 21.94 50.09 50.38
N VAL E 916 21.26 49.83 49.27
CA VAL E 916 21.88 49.27 48.08
C VAL E 916 21.77 50.30 46.95
N ALA E 917 22.92 50.72 46.42
CA ALA E 917 22.97 51.67 45.32
C ALA E 917 23.11 50.92 43.99
N ILE E 918 22.49 51.46 42.94
CA ILE E 918 22.51 50.84 41.62
C ILE E 918 23.20 51.80 40.65
N ASP E 919 24.15 51.28 39.88
CA ASP E 919 24.83 52.04 38.83
C ASP E 919 23.84 52.22 37.67
N PRO E 920 23.50 53.47 37.28
CA PRO E 920 22.58 53.69 36.17
C PRO E 920 22.96 52.97 34.87
N ALA E 921 24.26 52.96 34.57
CA ALA E 921 24.78 52.42 33.32
C ALA E 921 24.66 50.90 33.30
N THR E 922 25.34 50.25 34.26
CA THR E 922 25.56 48.80 34.20
C THR E 922 24.49 48.05 35.00
N ALA E 923 23.68 48.76 35.78
CA ALA E 923 22.70 48.17 36.68
C ALA E 923 23.38 47.29 37.72
N GLU E 924 24.62 47.65 38.10
CA GLU E 924 25.38 46.91 39.09
C GLU E 924 24.97 47.38 40.48
N GLU E 925 24.73 46.42 41.38
CA GLU E 925 24.34 46.71 42.75
C GLU E 925 25.58 46.90 43.61
N PHE E 926 25.47 47.76 44.63
CA PHE E 926 26.53 47.99 45.59
C PHE E 926 25.92 48.15 46.98
N ASN E 927 26.37 47.31 47.92
CA ASN E 927 25.93 47.33 49.31
C ASN E 927 27.10 47.72 50.19
N PRO E 928 27.33 49.02 50.44
CA PRO E 928 28.53 49.48 51.13
C PRO E 928 28.76 48.83 52.50
N LEU E 929 27.70 48.69 53.29
CA LEU E 929 27.82 48.25 54.68
C LEU E 929 28.07 46.75 54.74
N HIS E 930 27.52 46.00 53.79
CA HIS E 930 27.79 44.56 53.73
C HIS E 930 29.25 44.32 53.42
N GLU E 931 29.81 45.09 52.47
CA GLU E 931 31.20 44.91 52.05
C GLU E 931 32.12 45.24 53.21
N LEU E 932 31.79 46.28 53.99
CA LEU E 932 32.61 46.67 55.12
C LEU E 932 32.59 45.56 56.16
N ALA E 933 31.41 45.01 56.43
CA ALA E 933 31.24 44.00 57.47
C ALA E 933 32.06 42.77 57.12
N GLN E 934 32.02 42.36 55.85
CA GLN E 934 32.72 41.17 55.40
C GLN E 934 34.24 41.37 55.44
N SER E 935 34.70 42.62 55.43
CA SER E 935 36.12 42.91 55.42
C SER E 935 36.70 43.01 56.84
N LYS E 936 35.84 42.94 57.86
CA LYS E 936 36.30 43.10 59.24
C LYS E 936 36.69 41.75 59.85
N GLY E 937 36.36 40.65 59.16
CA GLY E 937 36.83 39.34 59.54
C GLY E 937 36.07 38.74 60.73
N ASN E 938 34.83 39.17 60.93
CA ASN E 938 33.95 38.58 61.92
C ASN E 938 32.77 37.89 61.24
N ASN E 939 32.81 37.82 59.90
CA ASN E 939 31.77 37.17 59.11
C ASN E 939 30.41 37.80 59.36
N GLY E 940 30.38 39.13 59.57
CA GLY E 940 29.14 39.86 59.70
C GLY E 940 28.48 40.06 58.33
N LYS E 941 27.16 40.21 58.33
CA LYS E 941 26.39 40.36 57.11
C LYS E 941 25.34 41.44 57.31
N PHE E 942 25.13 42.24 56.26
CA PHE E 942 24.03 43.19 56.20
C PHE E 942 23.18 42.88 54.98
N LEU E 943 22.05 42.19 55.20
CA LEU E 943 21.18 41.73 54.13
C LEU E 943 19.94 42.62 54.08
N VAL E 944 19.67 43.21 52.91
CA VAL E 944 18.51 44.06 52.72
C VAL E 944 17.70 43.49 51.56
N TYR E 945 16.39 43.31 51.79
CA TYR E 945 15.52 42.70 50.80
C TYR E 945 14.30 43.58 50.57
N ASN E 946 13.81 43.59 49.32
CA ASN E 946 12.50 44.10 49.00
C ASN E 946 11.48 42.97 49.12
N SER E 947 10.53 43.13 50.04
CA SER E 947 9.53 42.11 50.29
C SER E 947 8.52 42.09 49.15
N ALA E 948 7.66 41.06 49.13
CA ALA E 948 6.50 41.03 48.26
C ALA E 948 5.42 41.92 48.86
N LEU E 949 4.34 42.13 48.09
CA LEU E 949 3.24 42.97 48.53
C LEU E 949 2.41 42.17 49.53
N THR E 950 2.84 42.19 50.79
CA THR E 950 2.21 41.43 51.85
C THR E 950 2.70 41.94 53.21
N GLU E 951 1.77 42.12 54.15
CA GLU E 951 2.11 42.46 55.51
C GLU E 951 2.01 41.20 56.36
N TYR E 952 0.93 40.44 56.18
CA TYR E 952 0.69 39.22 56.93
C TYR E 952 1.91 38.30 56.76
N ALA E 953 2.20 37.89 55.52
CA ALA E 953 3.29 36.96 55.27
C ALA E 953 4.64 37.65 55.47
N GLY E 954 4.70 38.95 55.12
CA GLY E 954 5.93 39.71 55.23
C GLY E 954 6.45 39.77 56.66
N MET E 955 5.59 40.21 57.59
CA MET E 955 6.00 40.37 58.98
C MET E 955 6.12 39.01 59.65
N GLY E 956 5.22 38.09 59.30
CA GLY E 956 5.27 36.74 59.82
C GLY E 956 6.59 36.05 59.53
N PHE E 957 7.11 36.25 58.32
CA PHE E 957 8.38 35.65 57.92
C PHE E 957 9.52 36.22 58.75
N GLU E 958 9.51 37.52 59.01
CA GLU E 958 10.58 38.14 59.77
C GLU E 958 10.51 37.69 61.24
N TYR E 959 9.30 37.53 61.76
CA TYR E 959 9.14 37.02 63.12
C TYR E 959 9.75 35.63 63.21
N GLY E 960 9.43 34.79 62.22
CA GLY E 960 9.97 33.44 62.15
C GLY E 960 11.49 33.43 62.10
N TYR E 961 12.05 34.38 61.35
CA TYR E 961 13.49 34.51 61.21
C TYR E 961 14.12 34.77 62.58
N SER E 962 13.48 35.63 63.38
CA SER E 962 14.00 36.00 64.68
C SER E 962 13.96 34.81 65.65
N VAL E 963 13.04 33.88 65.42
CA VAL E 963 12.88 32.70 66.26
C VAL E 963 13.89 31.63 65.82
N GLY E 964 14.06 31.47 64.51
CA GLY E 964 14.97 30.47 63.96
C GLY E 964 16.44 30.78 64.24
N ASN E 965 16.78 32.07 64.38
CA ASN E 965 18.13 32.49 64.70
C ASN E 965 18.05 33.62 65.72
N GLU E 966 18.35 33.29 66.99
CA GLU E 966 18.18 34.21 68.10
C GLU E 966 19.25 35.29 68.09
N ASP E 967 20.38 35.00 67.43
CA ASP E 967 21.54 35.89 67.44
C ASP E 967 21.45 36.91 66.33
N SER E 968 20.55 36.71 65.37
CA SER E 968 20.39 37.62 64.26
C SER E 968 19.64 38.87 64.69
N ILE E 969 19.90 39.99 63.99
CA ILE E 969 19.14 41.21 64.17
C ILE E 969 18.22 41.36 62.97
N VAL E 970 16.91 41.27 63.22
CA VAL E 970 15.92 41.25 62.15
C VAL E 970 15.00 42.47 62.34
N ALA E 971 14.82 43.24 61.26
CA ALA E 971 13.92 44.38 61.27
C ALA E 971 12.96 44.25 60.09
N TRP E 972 11.66 44.35 60.39
CA TRP E 972 10.64 44.45 59.36
C TRP E 972 10.17 45.89 59.28
N GLU E 973 10.14 46.43 58.05
CA GLU E 973 9.71 47.80 57.83
C GLU E 973 8.40 47.79 57.05
N ALA E 974 7.38 48.45 57.60
CA ALA E 974 6.15 48.71 56.87
C ALA E 974 6.35 49.93 55.99
N GLN E 975 5.65 49.96 54.85
CA GLN E 975 5.70 51.10 53.96
C GLN E 975 5.10 52.31 54.68
N PHE E 976 3.91 52.10 55.26
CA PHE E 976 3.33 53.00 56.23
C PHE E 976 2.83 52.16 57.41
N GLY E 977 2.89 52.73 58.62
CA GLY E 977 2.40 52.05 59.81
C GLY E 977 0.92 51.67 59.70
N ASP E 978 0.17 52.41 58.88
CA ASP E 978 -1.27 52.23 58.73
C ASP E 978 -1.58 50.83 58.17
N PHE E 979 -0.66 50.26 57.40
CA PHE E 979 -0.89 48.98 56.73
C PHE E 979 -0.53 47.80 57.63
N ALA E 980 0.05 48.07 58.80
CA ALA E 980 0.47 47.01 59.71
C ALA E 980 -0.73 46.22 60.23
N ASN E 981 -1.94 46.81 60.17
CA ASN E 981 -3.15 46.15 60.67
C ASN E 981 -3.54 44.99 59.75
N GLY E 982 -2.93 44.93 58.56
CA GLY E 982 -3.09 43.78 57.68
C GLY E 982 -2.51 42.51 58.30
N ALA E 983 -1.43 42.68 59.07
CA ALA E 983 -0.78 41.59 59.79
C ALA E 983 -1.18 41.62 61.25
N GLN E 984 -2.48 41.71 61.53
CA GLN E 984 -2.96 41.84 62.90
C GLN E 984 -2.83 40.51 63.64
N THR E 985 -3.00 39.40 62.91
CA THR E 985 -2.90 38.07 63.50
C THR E 985 -1.48 37.84 64.02
N ILE E 986 -0.47 38.28 63.26
CA ILE E 986 0.92 38.09 63.64
C ILE E 986 1.25 38.95 64.86
N ILE E 987 0.75 40.19 64.89
CA ILE E 987 0.98 41.09 66.00
C ILE E 987 0.31 40.55 67.27
N ASP E 988 -0.95 40.10 67.13
CA ASP E 988 -1.75 39.71 68.29
C ASP E 988 -1.28 38.36 68.84
N GLU E 989 -1.04 37.39 67.95
CA GLU E 989 -0.91 35.99 68.34
C GLU E 989 0.56 35.60 68.53
N TYR E 990 1.49 36.29 67.86
CA TYR E 990 2.89 35.91 67.90
C TYR E 990 3.73 36.97 68.61
N VAL E 991 3.77 38.19 68.05
CA VAL E 991 4.73 39.19 68.49
C VAL E 991 4.45 39.63 69.92
N SER E 992 3.18 39.90 70.24
CA SER E 992 2.82 40.50 71.50
C SER E 992 2.72 39.46 72.62
N SER E 993 2.19 38.28 72.30
CA SER E 993 1.79 37.31 73.32
C SER E 993 2.57 36.00 73.20
N GLY E 994 3.62 35.97 72.38
CA GLY E 994 4.36 34.74 72.12
C GLY E 994 5.10 34.23 73.35
N GLU E 995 5.70 35.16 74.10
CA GLU E 995 6.48 34.80 75.28
C GLU E 995 5.57 34.29 76.39
N ALA E 996 4.43 34.95 76.60
CA ALA E 996 3.55 34.63 77.72
C ALA E 996 2.83 33.29 77.50
N LYS E 997 2.61 32.92 76.24
CA LYS E 997 1.83 31.74 75.91
C LYS E 997 2.71 30.50 75.82
N TRP E 998 3.89 30.63 75.19
CA TRP E 998 4.71 29.47 74.87
C TRP E 998 6.13 29.57 75.40
N GLY E 999 6.50 30.72 75.99
CA GLY E 999 7.89 30.95 76.36
C GLY E 999 8.80 31.15 75.14
N GLN E 1000 8.20 31.48 73.99
CA GLN E 1000 8.96 31.71 72.76
C GLN E 1000 9.30 33.19 72.69
N THR E 1001 10.60 33.49 72.70
CA THR E 1001 11.07 34.86 72.71
C THR E 1001 11.49 35.29 71.31
N SER E 1002 11.44 36.60 71.05
CA SER E 1002 11.82 37.17 69.77
C SER E 1002 12.40 38.57 70.00
N LYS E 1003 13.39 38.94 69.19
CA LYS E 1003 13.96 40.28 69.22
C LYS E 1003 13.60 41.05 67.96
N LEU E 1004 12.49 40.70 67.31
CA LEU E 1004 12.07 41.33 66.07
C LEU E 1004 11.92 42.84 66.28
N ILE E 1005 12.42 43.61 65.31
CA ILE E 1005 12.25 45.06 65.29
C ILE E 1005 11.18 45.39 64.26
N LEU E 1006 10.18 46.20 64.65
CA LEU E 1006 9.20 46.72 63.73
C LEU E 1006 9.49 48.21 63.50
N LEU E 1007 9.79 48.57 62.25
CA LEU E 1007 9.98 49.96 61.84
C LEU E 1007 8.70 50.42 61.16
N LEU E 1008 7.90 51.23 61.88
CA LEU E 1008 6.59 51.64 61.41
C LEU E 1008 6.58 53.15 61.20
N PRO E 1009 6.62 53.66 59.93
CA PRO E 1009 6.53 55.09 59.67
C PRO E 1009 5.25 55.70 60.23
N HIS E 1010 5.39 56.83 60.92
CA HIS E 1010 4.29 57.47 61.63
C HIS E 1010 4.50 58.97 61.60
N GLY E 1011 3.39 59.72 61.50
CA GLY E 1011 3.45 61.17 61.57
C GLY E 1011 2.26 61.81 60.85
N TYR E 1012 1.65 62.80 61.51
CA TYR E 1012 0.52 63.53 60.96
C TYR E 1012 1.04 64.70 60.14
N GLU E 1013 0.99 64.55 58.81
CA GLU E 1013 1.54 65.54 57.89
C GLU E 1013 0.54 65.92 56.82
N GLY E 1014 -0.72 65.50 56.97
CA GLY E 1014 -1.77 65.81 56.01
C GLY E 1014 -1.67 64.97 54.73
N GLN E 1015 -1.60 63.64 54.90
CA GLN E 1015 -1.54 62.70 53.78
C GLN E 1015 -2.73 61.76 53.80
N GLY E 1016 -3.72 62.02 54.67
CA GLY E 1016 -4.96 61.27 54.66
C GLY E 1016 -5.03 60.24 55.79
N PRO E 1017 -6.19 59.57 55.97
CA PRO E 1017 -6.39 58.67 57.10
C PRO E 1017 -5.60 57.35 57.06
N ASP E 1018 -5.00 57.01 55.91
CA ASP E 1018 -4.29 55.75 55.78
C ASP E 1018 -2.81 55.99 55.48
N HIS E 1019 -2.32 57.21 55.75
CA HIS E 1019 -0.91 57.52 55.58
C HIS E 1019 -0.42 58.43 56.71
N SER E 1020 -1.03 58.31 57.89
CA SER E 1020 -0.75 59.23 58.97
C SER E 1020 -0.35 58.49 60.26
N SER E 1021 -1.15 57.50 60.66
CA SER E 1021 -1.00 56.89 61.98
C SER E 1021 -0.59 55.42 61.86
N ALA E 1022 0.32 55.00 62.74
CA ALA E 1022 0.72 53.62 62.86
C ALA E 1022 -0.09 52.93 63.96
N ARG E 1023 -1.11 53.62 64.49
CA ARG E 1023 -1.98 53.11 65.54
C ARG E 1023 -1.14 52.82 66.79
N ILE E 1024 -0.56 53.87 67.36
CA ILE E 1024 0.24 53.78 68.56
C ILE E 1024 -0.62 53.26 69.71
N GLU E 1025 -1.89 53.70 69.77
CA GLU E 1025 -2.79 53.36 70.85
C GLU E 1025 -3.05 51.85 70.90
N ARG E 1026 -2.99 51.19 69.73
CA ARG E 1026 -3.29 49.76 69.66
C ARG E 1026 -2.11 48.95 70.18
N PHE E 1027 -0.88 49.38 69.85
CA PHE E 1027 0.33 48.73 70.31
C PHE E 1027 0.47 48.87 71.82
N LEU E 1028 0.11 50.04 72.37
CA LEU E 1028 0.24 50.28 73.80
C LEU E 1028 -0.82 49.49 74.58
N GLN E 1029 -1.94 49.14 73.93
CA GLN E 1029 -3.00 48.38 74.58
C GLN E 1029 -2.60 46.91 74.73
N LEU E 1030 -1.79 46.42 73.79
CA LEU E 1030 -1.29 45.04 73.84
C LEU E 1030 -0.17 44.92 74.87
N CYS E 1031 0.56 46.02 75.10
CA CYS E 1031 1.69 46.02 76.01
C CYS E 1031 1.24 45.77 77.44
N ALA E 1032 1.76 44.69 78.04
CA ALA E 1032 1.54 44.39 79.44
C ALA E 1032 2.69 43.53 79.96
N GLU E 1033 2.92 43.58 81.28
CA GLU E 1033 3.99 42.84 81.93
C GLU E 1033 5.29 42.96 81.14
N GLY E 1034 5.59 44.17 80.66
CA GLY E 1034 6.82 44.46 79.94
C GLY E 1034 7.03 43.56 78.72
N SER E 1035 5.97 43.36 77.93
CA SER E 1035 5.97 42.42 76.82
C SER E 1035 6.91 42.87 75.70
N MET E 1036 6.90 44.17 75.37
CA MET E 1036 7.75 44.69 74.32
C MET E 1036 8.09 46.15 74.59
N THR E 1037 9.12 46.63 73.90
CA THR E 1037 9.55 48.02 73.99
C THR E 1037 8.89 48.79 72.85
N VAL E 1038 8.27 49.93 73.18
CA VAL E 1038 7.65 50.81 72.21
C VAL E 1038 8.27 52.19 72.36
N ALA E 1039 8.85 52.70 71.27
CA ALA E 1039 9.59 53.95 71.32
C ALA E 1039 9.26 54.82 70.11
N GLN E 1040 9.41 56.14 70.28
CA GLN E 1040 9.27 57.09 69.20
C GLN E 1040 10.41 58.10 69.30
N PRO E 1041 11.63 57.76 68.82
CA PRO E 1041 12.79 58.62 69.00
C PRO E 1041 12.69 59.90 68.18
N SER E 1042 13.31 60.97 68.69
CA SER E 1042 13.21 62.29 68.08
C SER E 1042 14.49 62.68 67.36
N THR E 1043 15.62 62.00 67.64
CA THR E 1043 16.88 62.30 66.99
C THR E 1043 17.46 61.02 66.39
N PRO E 1044 18.26 61.12 65.30
CA PRO E 1044 18.92 59.95 64.72
C PRO E 1044 19.88 59.23 65.68
N ALA E 1045 20.56 60.00 66.52
CA ALA E 1045 21.51 59.42 67.48
C ALA E 1045 20.76 58.59 68.50
N ASN E 1046 19.62 59.09 68.98
CA ASN E 1046 18.85 58.39 69.99
C ASN E 1046 18.29 57.10 69.39
N HIS E 1047 17.91 57.15 68.12
CA HIS E 1047 17.44 55.98 67.42
C HIS E 1047 18.58 54.98 67.26
N PHE E 1048 19.78 55.51 67.03
CA PHE E 1048 20.98 54.68 66.93
C PHE E 1048 21.19 53.92 68.24
N HIS E 1049 21.12 54.64 69.36
CA HIS E 1049 21.38 54.04 70.66
C HIS E 1049 20.29 53.04 71.02
N LEU E 1050 19.04 53.33 70.67
CA LEU E 1050 17.92 52.45 70.96
C LEU E 1050 18.13 51.09 70.27
N LEU E 1051 18.53 51.13 68.99
CA LEU E 1051 18.70 49.91 68.22
C LEU E 1051 19.85 49.08 68.79
N ARG E 1052 20.92 49.74 69.21
CA ARG E 1052 22.11 49.04 69.69
C ARG E 1052 21.86 48.44 71.07
N ARG E 1053 21.14 49.17 71.93
CA ARG E 1053 20.78 48.65 73.24
C ARG E 1053 20.01 47.36 73.08
N HIS E 1054 19.04 47.36 72.16
CA HIS E 1054 18.20 46.20 71.91
C HIS E 1054 19.05 45.02 71.47
N ALA E 1055 19.97 45.26 70.53
CA ALA E 1055 20.74 44.20 69.90
C ALA E 1055 21.79 43.63 70.85
N LEU E 1056 22.39 44.48 71.69
CA LEU E 1056 23.51 44.07 72.52
C LEU E 1056 23.05 43.56 73.90
N SER E 1057 21.75 43.61 74.19
CA SER E 1057 21.25 43.20 75.49
C SER E 1057 20.85 41.72 75.47
N ASP E 1058 20.46 41.21 76.65
CA ASP E 1058 19.93 39.86 76.79
C ASP E 1058 18.43 39.90 77.00
N LEU E 1059 17.80 41.06 76.76
CA LEU E 1059 16.35 41.18 76.84
C LEU E 1059 15.73 40.76 75.52
N LYS E 1060 15.28 39.51 75.45
CA LYS E 1060 14.78 38.93 74.22
C LYS E 1060 13.28 39.25 74.09
N ARG E 1061 12.99 40.50 73.76
CA ARG E 1061 11.62 40.95 73.58
C ARG E 1061 11.56 41.87 72.37
N PRO E 1062 10.41 41.93 71.64
CA PRO E 1062 10.31 42.76 70.45
C PRO E 1062 10.49 44.26 70.71
N LEU E 1063 10.91 44.98 69.67
CA LEU E 1063 11.06 46.42 69.73
C LEU E 1063 10.23 47.05 68.61
N VAL E 1064 9.30 47.93 68.99
CA VAL E 1064 8.45 48.63 68.04
C VAL E 1064 8.88 50.09 67.99
N ILE E 1065 9.32 50.56 66.81
CA ILE E 1065 9.80 51.92 66.65
C ILE E 1065 8.90 52.64 65.65
N PHE E 1066 8.36 53.79 66.07
CA PHE E 1066 7.61 54.66 65.19
C PHE E 1066 8.56 55.66 64.55
N THR E 1067 8.87 55.41 63.27
CA THR E 1067 9.89 56.16 62.55
C THR E 1067 9.22 57.35 61.86
N PRO E 1068 9.95 58.46 61.62
CA PRO E 1068 9.36 59.64 61.00
C PRO E 1068 9.33 59.61 59.49
N LYS E 1069 8.64 60.60 58.90
CA LYS E 1069 8.52 60.71 57.45
C LYS E 1069 9.12 62.03 57.00
N SER E 1070 8.58 63.15 57.51
CA SER E 1070 9.08 64.47 57.15
C SER E 1070 10.34 64.81 57.96
N MET E 1071 10.47 64.23 59.15
CA MET E 1071 11.57 64.54 60.04
C MET E 1071 12.86 63.87 59.56
N LEU E 1072 12.75 63.00 58.54
CA LEU E 1072 13.90 62.39 57.90
C LEU E 1072 14.84 63.47 57.35
N ARG E 1073 14.30 64.60 56.89
CA ARG E 1073 15.09 65.62 56.23
C ARG E 1073 14.95 66.96 56.96
N ASN E 1074 14.73 66.92 58.27
CA ASN E 1074 14.60 68.11 59.08
C ASN E 1074 15.97 68.44 59.68
N LYS E 1075 16.50 69.63 59.37
CA LYS E 1075 17.84 70.01 59.76
C LYS E 1075 17.96 70.15 61.28
N ALA E 1076 16.88 70.56 61.93
CA ALA E 1076 16.88 70.77 63.38
C ALA E 1076 17.02 69.44 64.12
N ALA E 1077 16.69 68.33 63.45
CA ALA E 1077 16.68 67.02 64.09
C ALA E 1077 18.03 66.32 63.94
N ALA E 1078 18.90 66.79 63.05
CA ALA E 1078 20.15 66.10 62.74
C ALA E 1078 21.04 66.03 63.98
N SER E 1079 21.86 64.96 64.04
CA SER E 1079 22.73 64.70 65.19
C SER E 1079 24.19 64.99 64.85
N ALA E 1080 24.96 65.37 65.88
CA ALA E 1080 26.39 65.58 65.75
C ALA E 1080 27.12 64.25 65.92
N PRO E 1081 28.38 64.11 65.45
CA PRO E 1081 29.13 62.86 65.62
C PRO E 1081 29.37 62.47 67.07
N GLU E 1082 29.47 63.46 67.96
CA GLU E 1082 29.74 63.23 69.37
C GLU E 1082 28.58 62.47 70.01
N ASP E 1083 27.38 62.60 69.43
CA ASP E 1083 26.19 61.94 69.96
C ASP E 1083 26.26 60.44 69.72
N PHE E 1084 27.14 60.00 68.80
CA PHE E 1084 27.33 58.58 68.53
C PHE E 1084 28.55 58.03 69.26
N THR E 1085 29.47 58.90 69.70
CA THR E 1085 30.74 58.44 70.24
C THR E 1085 30.92 58.81 71.71
N GLU E 1086 30.42 59.99 72.13
CA GLU E 1086 30.60 60.46 73.49
C GLU E 1086 29.41 60.08 74.35
N VAL E 1087 28.19 60.25 73.82
CA VAL E 1087 26.97 59.86 74.52
C VAL E 1087 26.91 58.34 74.57
N THR E 1088 26.77 57.79 75.78
CA THR E 1088 27.00 56.37 76.01
C THR E 1088 25.70 55.58 75.96
N LYS E 1089 24.58 56.19 76.33
CA LYS E 1089 23.33 55.46 76.52
C LYS E 1089 22.18 56.11 75.77
N PHE E 1090 21.18 55.29 75.42
CA PHE E 1090 19.90 55.77 74.93
C PHE E 1090 19.21 56.62 76.00
N GLN E 1091 18.54 57.69 75.55
CA GLN E 1091 17.79 58.56 76.45
C GLN E 1091 16.29 58.30 76.26
N SER E 1092 15.64 57.86 77.34
CA SER E 1092 14.22 57.61 77.33
C SER E 1092 13.44 58.92 77.43
N VAL E 1093 14.01 59.89 78.13
CA VAL E 1093 13.42 61.21 78.30
C VAL E 1093 14.48 62.26 78.03
N ILE E 1094 14.20 63.18 77.10
CA ILE E 1094 15.11 64.27 76.79
C ILE E 1094 14.50 65.56 77.32
N ASN E 1095 15.19 66.17 78.28
CA ASN E 1095 14.74 67.41 78.90
C ASN E 1095 14.92 68.54 77.89
N ASP E 1096 14.30 69.68 78.16
CA ASP E 1096 14.30 70.82 77.26
C ASP E 1096 15.70 71.42 77.22
N PRO E 1097 16.38 71.45 76.04
CA PRO E 1097 17.72 72.02 75.93
C PRO E 1097 17.78 73.54 75.78
N ASN E 1098 16.63 74.22 75.83
CA ASN E 1098 16.56 75.65 75.63
C ASN E 1098 15.82 76.30 76.80
N VAL E 1099 16.27 76.01 78.02
CA VAL E 1099 15.74 76.65 79.21
C VAL E 1099 16.86 77.47 79.85
N ALA E 1100 16.67 78.80 79.86
CA ALA E 1100 17.66 79.71 80.44
C ALA E 1100 17.63 79.58 81.96
N ASP E 1101 16.42 79.64 82.54
CA ASP E 1101 16.25 79.55 83.99
C ASP E 1101 15.09 78.60 84.27
N ALA E 1102 15.36 77.56 85.09
CA ALA E 1102 14.38 76.54 85.39
C ALA E 1102 13.36 77.04 86.40
N ALA E 1103 13.73 78.06 87.19
CA ALA E 1103 12.86 78.61 88.22
C ALA E 1103 11.70 79.37 87.60
N LYS E 1104 11.88 79.87 86.37
CA LYS E 1104 10.89 80.69 85.71
C LYS E 1104 9.82 79.83 85.01
N VAL E 1105 10.10 78.52 84.86
CA VAL E 1105 9.20 77.63 84.14
C VAL E 1105 7.94 77.42 84.98
N LYS E 1106 6.79 77.73 84.37
CA LYS E 1106 5.49 77.60 85.03
C LYS E 1106 4.66 76.49 84.38
N LYS E 1107 4.98 76.13 83.12
CA LYS E 1107 4.22 75.14 82.39
C LYS E 1107 5.18 74.16 81.73
N VAL E 1108 4.87 72.86 81.84
CA VAL E 1108 5.69 71.81 81.26
C VAL E 1108 4.87 71.07 80.21
N MET E 1109 5.42 70.96 78.99
CA MET E 1109 4.76 70.27 77.91
C MET E 1109 5.44 68.92 77.69
N LEU E 1110 4.65 67.84 77.76
CA LEU E 1110 5.12 66.50 77.42
C LEU E 1110 4.74 66.20 75.98
N VAL E 1111 5.71 65.79 75.17
CA VAL E 1111 5.49 65.52 73.76
C VAL E 1111 6.30 64.28 73.38
N SER E 1112 5.90 63.62 72.29
CA SER E 1112 6.64 62.50 71.74
C SER E 1112 6.59 62.56 70.22
N GLY E 1113 7.77 62.57 69.58
CA GLY E 1113 7.87 62.51 68.13
C GLY E 1113 8.15 63.87 67.51
N LYS E 1114 7.74 64.03 66.25
CA LYS E 1114 8.15 65.16 65.43
C LYS E 1114 7.52 66.46 65.91
N LEU E 1115 6.42 66.37 66.67
CA LEU E 1115 5.69 67.56 67.11
C LEU E 1115 6.56 68.45 67.99
N TYR E 1116 7.61 67.88 68.61
CA TYR E 1116 8.51 68.65 69.46
C TYR E 1116 9.07 69.85 68.70
N TYR E 1117 9.50 69.62 67.46
CA TYR E 1117 10.23 70.62 66.70
C TYR E 1117 9.33 71.80 66.35
N GLU E 1118 8.05 71.53 66.11
CA GLU E 1118 7.07 72.58 65.88
C GLU E 1118 6.87 73.38 67.17
N LEU E 1119 6.78 72.68 68.31
CA LEU E 1119 6.58 73.33 69.59
C LEU E 1119 7.81 74.14 69.97
N ALA E 1120 9.00 73.58 69.70
CA ALA E 1120 10.26 74.24 70.03
C ALA E 1120 10.41 75.51 69.21
N LYS E 1121 10.02 75.44 67.93
CA LYS E 1121 10.13 76.58 67.02
C LYS E 1121 9.23 77.72 67.50
N ARG E 1122 8.01 77.37 67.94
CA ARG E 1122 7.05 78.34 68.41
C ARG E 1122 7.55 78.99 69.70
N LYS E 1123 8.17 78.18 70.57
CA LYS E 1123 8.66 78.68 71.86
C LYS E 1123 9.75 79.73 71.63
N GLU E 1124 10.66 79.46 70.69
CA GLU E 1124 11.75 80.37 70.39
C GLU E 1124 11.20 81.65 69.78
N LYS E 1125 10.21 81.52 68.89
CA LYS E 1125 9.65 82.65 68.18
C LYS E 1125 8.96 83.60 69.17
N ASP E 1126 8.18 83.04 70.09
CA ASP E 1126 7.39 83.83 71.03
C ASP E 1126 8.23 84.23 72.25
N GLY E 1127 9.38 83.58 72.44
CA GLY E 1127 10.26 83.88 73.56
C GLY E 1127 9.62 83.52 74.89
N ARG E 1128 9.05 82.31 74.96
CA ARG E 1128 8.35 81.84 76.14
C ARG E 1128 9.33 81.15 77.08
N ASP E 1129 9.83 81.90 78.06
CA ASP E 1129 10.79 81.41 79.03
C ASP E 1129 10.09 80.64 80.15
N ASP E 1130 8.75 80.68 80.17
CA ASP E 1130 7.98 80.04 81.23
C ASP E 1130 7.51 78.65 80.80
N ILE E 1131 7.94 78.19 79.61
CA ILE E 1131 7.54 76.89 79.10
C ILE E 1131 8.78 76.01 79.00
N ALA E 1132 8.63 74.72 79.39
CA ALA E 1132 9.63 73.71 79.16
C ALA E 1132 9.01 72.54 78.40
N ILE E 1133 9.65 72.12 77.31
CA ILE E 1133 9.15 71.04 76.47
C ILE E 1133 10.00 69.80 76.69
N VAL E 1134 9.37 68.73 77.22
CA VAL E 1134 10.07 67.50 77.58
C VAL E 1134 9.63 66.40 76.63
N ARG E 1135 10.60 65.70 76.03
CA ARG E 1135 10.30 64.64 75.08
C ARG E 1135 10.30 63.28 75.80
N ILE E 1136 9.33 62.44 75.44
CA ILE E 1136 9.29 61.06 75.88
C ILE E 1136 9.62 60.18 74.68
N GLU E 1137 10.82 59.58 74.71
CA GLU E 1137 11.35 58.85 73.57
C GLU E 1137 10.89 57.39 73.63
N MET E 1138 10.83 56.84 74.85
CA MET E 1138 10.38 55.47 75.06
C MET E 1138 8.99 55.52 75.69
N LEU E 1139 8.00 54.96 74.99
CA LEU E 1139 6.61 55.04 75.42
C LEU E 1139 6.29 53.91 76.39
N HIS E 1140 6.66 52.68 76.04
CA HIS E 1140 6.53 51.54 76.92
C HIS E 1140 7.85 50.77 76.96
N PRO E 1141 8.41 50.42 78.14
CA PRO E 1141 7.84 50.78 79.44
C PRO E 1141 7.88 52.28 79.70
N ILE E 1142 7.05 52.74 80.64
CA ILE E 1142 6.97 54.15 80.98
C ILE E 1142 8.18 54.52 81.82
N PRO E 1143 9.03 55.48 81.38
CA PRO E 1143 10.16 55.93 82.20
C PRO E 1143 9.75 56.97 83.22
N PHE E 1144 8.96 56.54 84.21
CA PHE E 1144 8.34 57.45 85.16
C PHE E 1144 9.37 58.07 86.10
N ASN E 1145 10.47 57.36 86.35
CA ASN E 1145 11.55 57.90 87.18
C ASN E 1145 12.20 59.09 86.49
N ARG E 1146 12.45 58.94 85.17
CA ARG E 1146 13.05 59.99 84.39
C ARG E 1146 12.08 61.17 84.22
N ILE E 1147 10.79 60.87 84.02
CA ILE E 1147 9.78 61.90 83.87
C ILE E 1147 9.63 62.66 85.18
N SER E 1148 9.63 61.92 86.31
CA SER E 1148 9.53 62.54 87.62
C SER E 1148 10.73 63.46 87.86
N GLU E 1149 11.92 62.99 87.46
CA GLU E 1149 13.16 63.73 87.66
C GLU E 1149 13.10 65.04 86.87
N ALA E 1150 12.61 64.96 85.63
CA ALA E 1150 12.48 66.11 84.77
C ALA E 1150 11.51 67.13 85.37
N LEU E 1151 10.36 66.64 85.85
CA LEU E 1151 9.34 67.49 86.45
C LEU E 1151 9.85 68.11 87.75
N ALA E 1152 10.67 67.36 88.50
CA ALA E 1152 11.20 67.86 89.76
C ALA E 1152 12.19 69.00 89.51
N GLY E 1153 12.76 69.06 88.31
CA GLY E 1153 13.71 70.11 87.94
C GLY E 1153 13.05 71.44 87.66
N TYR E 1154 11.70 71.48 87.68
CA TYR E 1154 10.95 72.72 87.54
C TYR E 1154 10.05 72.89 88.76
N PRO E 1155 10.59 73.44 89.89
CA PRO E 1155 9.83 73.51 91.14
C PRO E 1155 8.54 74.33 91.07
N ASN E 1156 8.52 75.35 90.20
CA ASN E 1156 7.42 76.29 90.14
C ASN E 1156 6.45 75.93 89.02
N ALA E 1157 6.52 74.69 88.51
CA ALA E 1157 5.62 74.24 87.47
C ALA E 1157 4.22 74.04 88.06
N GLU E 1158 3.23 74.75 87.50
CA GLU E 1158 1.87 74.76 88.01
C GLU E 1158 1.03 73.71 87.28
N GLU E 1159 1.23 73.58 85.97
CA GLU E 1159 0.43 72.67 85.17
C GLU E 1159 1.34 71.88 84.22
N VAL E 1160 0.88 70.67 83.87
CA VAL E 1160 1.58 69.79 82.94
C VAL E 1160 0.65 69.52 81.76
N LEU E 1161 1.15 69.75 80.55
CA LEU E 1161 0.37 69.55 79.33
C LEU E 1161 0.90 68.32 78.61
N PHE E 1162 -0.01 67.46 78.14
CA PHE E 1162 0.35 66.34 77.28
C PHE E 1162 -0.09 66.67 75.87
N VAL E 1163 0.89 66.99 75.00
CA VAL E 1163 0.61 67.47 73.65
C VAL E 1163 0.92 66.35 72.67
N GLN E 1164 -0.04 66.06 71.78
CA GLN E 1164 0.16 65.08 70.72
C GLN E 1164 -0.57 65.54 69.46
N ASP E 1165 -0.13 65.03 68.31
CA ASP E 1165 -0.77 65.33 67.04
C ASP E 1165 -2.02 64.48 66.85
N GLU E 1166 -2.07 63.29 67.49
CA GLU E 1166 -3.10 62.32 67.19
C GLU E 1166 -4.43 62.77 67.78
N PRO E 1167 -5.58 62.26 67.27
CA PRO E 1167 -6.87 62.44 67.93
C PRO E 1167 -6.87 61.99 69.39
N ALA E 1168 -7.90 62.45 70.14
CA ALA E 1168 -7.97 62.24 71.58
C ALA E 1168 -8.04 60.76 71.92
N ASN E 1169 -8.77 59.97 71.12
CA ASN E 1169 -8.96 58.55 71.40
C ASN E 1169 -7.86 57.71 70.72
N GLN E 1170 -6.78 58.37 70.29
CA GLN E 1170 -5.68 57.72 69.61
C GLN E 1170 -4.36 58.27 70.16
N GLY E 1171 -3.24 57.74 69.65
CA GLY E 1171 -1.93 58.19 70.08
C GLY E 1171 -1.58 57.65 71.47
N PRO E 1172 -0.53 58.17 72.12
CA PRO E 1172 -0.14 57.73 73.46
C PRO E 1172 -0.93 58.31 74.64
N TRP E 1173 -1.87 59.22 74.39
CA TRP E 1173 -2.60 59.87 75.47
C TRP E 1173 -3.42 58.87 76.29
N PRO E 1174 -4.28 58.02 75.68
CA PRO E 1174 -5.12 57.10 76.44
C PRO E 1174 -4.33 56.18 77.37
N PHE E 1175 -3.14 55.78 76.95
CA PHE E 1175 -2.26 54.95 77.76
C PHE E 1175 -1.70 55.76 78.93
N TYR E 1176 -1.16 56.94 78.63
CA TYR E 1176 -0.48 57.75 79.63
C TYR E 1176 -1.46 58.40 80.61
N GLN E 1177 -2.70 58.62 80.17
CA GLN E 1177 -3.72 59.22 81.01
C GLN E 1177 -4.07 58.28 82.16
N GLU E 1178 -4.12 56.97 81.89
CA GLU E 1178 -4.53 55.99 82.88
C GLU E 1178 -3.40 55.69 83.85
N HIS E 1179 -2.15 55.62 83.35
CA HIS E 1179 -1.05 55.01 84.09
C HIS E 1179 -0.16 56.06 84.77
N LEU E 1180 0.15 57.16 84.08
CA LEU E 1180 1.19 58.06 84.54
C LEU E 1180 0.81 58.72 85.86
N PRO E 1181 -0.45 59.16 86.09
CA PRO E 1181 -0.83 59.75 87.37
C PRO E 1181 -0.56 58.84 88.57
N GLU E 1182 -0.74 57.53 88.39
CA GLU E 1182 -0.51 56.55 89.44
C GLU E 1182 0.98 56.46 89.75
N LEU E 1183 1.81 56.47 88.69
CA LEU E 1183 3.25 56.29 88.82
C LEU E 1183 3.91 57.54 89.40
N ILE E 1184 3.30 58.72 89.17
CA ILE E 1184 3.81 59.96 89.72
C ILE E 1184 2.67 60.65 90.48
N PRO E 1185 2.41 60.27 91.75
CA PRO E 1185 1.30 60.84 92.51
C PRO E 1185 1.33 62.36 92.68
N ASN E 1186 2.54 62.93 92.85
CA ASN E 1186 2.71 64.34 93.14
C ASN E 1186 2.59 65.20 91.88
N MET E 1187 2.59 64.58 90.69
CA MET E 1187 2.52 65.33 89.44
C MET E 1187 1.15 66.01 89.35
N PRO E 1188 1.08 67.29 88.90
CA PRO E 1188 -0.20 67.97 88.71
C PRO E 1188 -1.09 67.29 87.67
N LYS E 1189 -2.39 67.60 87.70
CA LYS E 1189 -3.36 67.03 86.78
C LYS E 1189 -2.95 67.38 85.35
N MET E 1190 -2.78 66.35 84.52
CA MET E 1190 -2.37 66.52 83.14
C MET E 1190 -3.56 67.03 82.31
N ARG E 1191 -3.29 68.01 81.44
CA ARG E 1191 -4.29 68.52 80.51
C ARG E 1191 -3.90 68.08 79.10
N ARG E 1192 -4.83 67.46 78.39
CA ARG E 1192 -4.61 67.01 77.02
C ARG E 1192 -4.67 68.20 76.07
N VAL E 1193 -3.74 68.25 75.13
CA VAL E 1193 -3.81 69.15 73.99
C VAL E 1193 -3.57 68.30 72.74
N SER E 1194 -4.64 68.10 71.95
CA SER E 1194 -4.55 67.27 70.76
C SER E 1194 -5.70 67.59 69.81
N ARG E 1195 -5.82 66.80 68.75
CA ARG E 1195 -6.99 66.82 67.88
C ARG E 1195 -8.17 66.14 68.61
N ARG E 1196 -9.39 66.44 68.15
CA ARG E 1196 -10.60 65.86 68.70
C ARG E 1196 -10.64 64.37 68.40
N ALA E 1197 -11.48 63.64 69.16
CA ALA E 1197 -11.69 62.22 68.93
C ALA E 1197 -12.44 62.01 67.63
N GLN E 1198 -12.00 61.02 66.84
CA GLN E 1198 -12.60 60.72 65.55
C GLN E 1198 -12.83 59.22 65.40
N SER E 1199 -13.85 58.85 64.62
CA SER E 1199 -14.12 57.47 64.25
C SER E 1199 -13.11 57.00 63.20
N SER E 1200 -12.49 57.94 62.50
CA SER E 1200 -11.44 57.65 61.53
C SER E 1200 -10.08 58.01 62.14
N THR E 1201 -9.02 57.91 61.33
CA THR E 1201 -7.66 58.19 61.78
C THR E 1201 -7.33 59.67 61.64
N ALA E 1202 -7.56 60.23 60.45
CA ALA E 1202 -7.24 61.62 60.17
C ALA E 1202 -8.14 62.15 59.07
N THR E 1203 -8.11 63.47 58.88
CA THR E 1203 -8.94 64.13 57.87
C THR E 1203 -8.35 63.86 56.49
N GLY E 1204 -9.25 63.66 55.52
CA GLY E 1204 -8.88 63.46 54.13
C GLY E 1204 -8.45 64.76 53.46
N VAL E 1205 -8.90 65.90 54.02
CA VAL E 1205 -8.66 67.21 53.42
C VAL E 1205 -7.34 67.75 53.97
N ALA E 1206 -6.44 68.14 53.07
CA ALA E 1206 -5.09 68.57 53.45
C ALA E 1206 -5.11 69.97 54.07
N LYS E 1207 -6.01 70.83 53.61
CA LYS E 1207 -6.04 72.21 54.10
C LYS E 1207 -6.62 72.25 55.51
N VAL E 1208 -7.47 71.26 55.84
CA VAL E 1208 -8.00 71.13 57.19
C VAL E 1208 -6.85 70.78 58.15
N HIS E 1209 -5.94 69.92 57.70
CA HIS E 1209 -4.81 69.48 58.52
C HIS E 1209 -3.99 70.68 58.99
N GLN E 1210 -3.72 71.63 58.09
CA GLN E 1210 -2.93 72.81 58.43
C GLN E 1210 -3.69 73.64 59.47
N LEU E 1211 -5.02 73.71 59.33
CA LEU E 1211 -5.83 74.50 60.24
C LEU E 1211 -5.78 73.91 61.64
N GLU E 1212 -5.92 72.58 61.74
CA GLU E 1212 -5.98 71.91 63.04
C GLU E 1212 -4.60 71.96 63.70
N GLU E 1213 -3.54 71.86 62.88
CA GLU E 1213 -2.18 71.93 63.38
C GLU E 1213 -1.94 73.29 64.03
N LYS E 1214 -2.35 74.37 63.34
CA LYS E 1214 -2.20 75.71 63.87
C LYS E 1214 -3.01 75.85 65.15
N GLN E 1215 -4.22 75.29 65.16
CA GLN E 1215 -5.11 75.35 66.31
C GLN E 1215 -4.48 74.61 67.48
N LEU E 1216 -3.85 73.47 67.19
CA LEU E 1216 -3.25 72.61 68.20
C LEU E 1216 -2.13 73.35 68.93
N ILE E 1217 -1.25 74.01 68.16
CA ILE E 1217 -0.11 74.71 68.73
C ILE E 1217 -0.59 75.92 69.53
N ASP E 1218 -1.61 76.63 69.01
CA ASP E 1218 -2.13 77.80 69.69
C ASP E 1218 -2.70 77.42 71.05
N GLU E 1219 -3.36 76.26 71.11
CA GLU E 1219 -3.99 75.79 72.35
C GLU E 1219 -2.90 75.48 73.38
N ALA E 1220 -1.79 74.90 72.92
CA ALA E 1220 -0.67 74.55 73.80
C ALA E 1220 -0.11 75.80 74.47
N PHE E 1221 0.08 76.87 73.69
CA PHE E 1221 0.63 78.11 74.20
C PHE E 1221 -0.51 79.05 74.63
N GLU E 1222 -1.39 78.54 75.49
CA GLU E 1222 -2.52 79.30 76.00
C GLU E 1222 -3.34 79.85 74.83
N PRO F 102 17.53 46.23 -37.02
CA PRO F 102 18.31 47.41 -36.65
C PRO F 102 19.02 48.05 -37.83
N GLU F 103 19.32 49.35 -37.73
CA GLU F 103 19.97 50.11 -38.78
C GLU F 103 21.45 49.75 -38.83
N PRO F 104 21.96 49.16 -39.94
CA PRO F 104 23.38 48.83 -40.07
C PRO F 104 24.27 50.07 -40.11
N GLY F 105 25.59 49.83 -40.08
CA GLY F 105 26.58 50.89 -40.19
C GLY F 105 27.60 50.83 -39.06
N GLN F 106 28.51 51.82 -39.05
CA GLN F 106 29.52 51.95 -38.02
C GLN F 106 29.31 53.27 -37.28
N THR F 107 29.08 53.18 -35.97
CA THR F 107 28.86 54.35 -35.13
C THR F 107 29.93 54.38 -34.04
N PRO F 108 30.70 55.50 -33.89
CA PRO F 108 31.67 55.63 -32.82
C PRO F 108 31.02 55.51 -31.43
N ILE F 109 31.74 54.86 -30.51
CA ILE F 109 31.28 54.67 -29.15
C ILE F 109 31.68 55.91 -28.34
N ARG F 110 30.70 56.51 -27.65
CA ARG F 110 30.92 57.74 -26.91
C ARG F 110 30.02 57.76 -25.68
N GLY F 111 30.39 58.59 -24.70
CA GLY F 111 29.65 58.74 -23.46
C GLY F 111 30.07 57.71 -22.41
N ILE F 112 29.09 57.19 -21.66
CA ILE F 112 29.33 56.19 -20.64
C ILE F 112 29.82 54.89 -21.28
N PHE F 113 29.33 54.59 -22.48
CA PHE F 113 29.65 53.35 -23.17
C PHE F 113 31.13 53.32 -23.55
N LYS F 114 31.70 54.49 -23.89
CA LYS F 114 33.09 54.59 -24.25
C LYS F 114 33.97 54.29 -23.04
N SER F 115 33.57 54.78 -21.86
CA SER F 115 34.31 54.56 -20.63
C SER F 115 34.26 53.09 -20.24
N ILE F 116 33.11 52.44 -20.47
CA ILE F 116 32.95 51.02 -20.20
C ILE F 116 33.88 50.22 -21.10
N ALA F 117 33.91 50.57 -22.40
CA ALA F 117 34.73 49.88 -23.37
C ALA F 117 36.21 50.01 -23.01
N LYS F 118 36.61 51.20 -22.54
CA LYS F 118 38.01 51.46 -22.20
C LYS F 118 38.41 50.63 -20.98
N ASN F 119 37.52 50.56 -19.98
CA ASN F 119 37.79 49.85 -18.74
C ASN F 119 37.94 48.35 -19.01
N MET F 120 37.15 47.83 -19.95
CA MET F 120 37.18 46.42 -20.29
C MET F 120 38.51 46.08 -20.98
N ASP F 121 39.04 47.04 -21.77
CA ASP F 121 40.33 46.86 -22.42
C ASP F 121 41.45 46.82 -21.38
N ILE F 122 41.32 47.65 -20.33
CA ILE F 122 42.31 47.71 -19.27
C ILE F 122 42.28 46.41 -18.47
N SER F 123 41.11 45.80 -18.34
CA SER F 123 40.92 44.61 -17.52
C SER F 123 41.64 43.39 -18.12
N LEU F 124 42.08 43.48 -19.38
CA LEU F 124 42.78 42.39 -20.03
C LEU F 124 44.11 42.09 -19.35
N GLU F 125 44.63 43.02 -18.56
CA GLU F 125 45.94 42.86 -17.94
C GLU F 125 45.83 42.17 -16.58
N ILE F 126 44.62 41.74 -16.21
CA ILE F 126 44.40 41.05 -14.94
C ILE F 126 44.24 39.55 -15.21
N PRO F 127 45.17 38.69 -14.75
CA PRO F 127 44.99 37.24 -14.84
C PRO F 127 44.02 36.74 -13.78
N THR F 128 42.81 36.36 -14.21
CA THR F 128 41.74 36.01 -13.30
C THR F 128 41.49 34.51 -13.35
N ALA F 129 41.08 33.96 -12.20
CA ALA F 129 40.54 32.61 -12.11
C ALA F 129 39.19 32.67 -11.42
N THR F 130 38.37 31.63 -11.62
CA THR F 130 37.01 31.61 -11.11
C THR F 130 36.79 30.33 -10.29
N SER F 131 36.17 30.50 -9.12
CA SER F 131 35.65 29.39 -8.34
C SER F 131 34.13 29.41 -8.41
N VAL F 132 33.52 28.23 -8.53
CA VAL F 132 32.07 28.11 -8.65
C VAL F 132 31.60 27.17 -7.53
N ARG F 133 30.59 27.60 -6.79
CA ARG F 133 30.01 26.77 -5.73
C ARG F 133 28.49 26.92 -5.72
N ASP F 134 27.80 25.78 -5.66
CA ASP F 134 26.35 25.74 -5.55
C ASP F 134 25.97 25.52 -4.10
N MET F 135 24.98 26.28 -3.61
CA MET F 135 24.61 26.29 -2.21
C MET F 135 23.11 26.04 -2.09
N PRO F 136 22.63 25.33 -1.05
CA PRO F 136 21.19 25.21 -0.79
C PRO F 136 20.57 26.58 -0.50
N ALA F 137 19.37 26.82 -1.04
CA ALA F 137 18.72 28.11 -0.91
C ALA F 137 17.39 28.01 -0.17
N ARG F 138 17.01 26.82 0.31
CA ARG F 138 15.71 26.61 0.90
C ARG F 138 15.54 27.52 2.12
N LEU F 139 16.53 27.53 3.01
CA LEU F 139 16.43 28.25 4.27
C LEU F 139 16.38 29.76 4.00
N MET F 140 17.02 30.19 2.90
CA MET F 140 17.00 31.60 2.52
C MET F 140 15.60 32.01 2.09
N PHE F 141 14.90 31.12 1.39
CA PHE F 141 13.53 31.37 0.97
C PHE F 141 12.60 31.46 2.18
N GLU F 142 12.76 30.53 3.14
CA GLU F 142 11.85 30.42 4.26
C GLU F 142 12.02 31.61 5.20
N ASN F 143 13.27 31.95 5.53
CA ASN F 143 13.56 32.96 6.54
C ASN F 143 13.32 34.36 5.99
N ARG F 144 13.53 34.55 4.67
CA ARG F 144 13.25 35.83 4.04
C ARG F 144 11.75 36.11 4.07
N ALA F 145 10.95 35.05 3.89
CA ALA F 145 9.50 35.17 3.91
C ALA F 145 9.03 35.63 5.28
N MET F 146 9.65 35.10 6.35
CA MET F 146 9.30 35.44 7.71
C MET F 146 9.60 36.92 7.98
N VAL F 147 10.77 37.38 7.51
CA VAL F 147 11.18 38.75 7.70
C VAL F 147 10.23 39.70 6.97
N ASN F 148 9.87 39.33 5.73
CA ASN F 148 8.99 40.15 4.91
C ASN F 148 7.58 40.18 5.50
N ASP F 149 7.18 39.09 6.16
CA ASP F 149 5.89 39.02 6.83
C ASP F 149 5.86 40.02 7.99
N GLN F 150 6.97 40.11 8.74
CA GLN F 150 7.07 41.03 9.86
C GLN F 150 7.03 42.47 9.35
N LEU F 151 7.73 42.74 8.24
CA LEU F 151 7.79 44.07 7.67
C LEU F 151 6.42 44.48 7.13
N LYS F 152 5.64 43.49 6.64
CA LYS F 152 4.33 43.77 6.07
C LYS F 152 3.37 44.26 7.15
N ARG F 153 3.36 43.56 8.30
CA ARG F 153 2.49 43.94 9.40
C ARG F 153 2.94 45.29 9.98
N THR F 154 4.25 45.51 10.01
CA THR F 154 4.82 46.76 10.48
C THR F 154 4.61 47.88 9.46
N ARG F 155 4.36 47.49 8.20
CA ARG F 155 4.18 48.42 7.09
C ARG F 155 5.52 49.12 6.82
N GLY F 156 6.60 48.34 6.89
CA GLY F 156 7.94 48.83 6.56
C GLY F 156 8.25 48.60 5.09
N GLY F 157 9.44 48.05 4.81
CA GLY F 157 9.89 47.81 3.45
C GLY F 157 9.81 46.33 3.07
N LYS F 158 10.80 45.87 2.31
CA LYS F 158 10.87 44.48 1.87
C LYS F 158 12.30 44.16 1.45
N ILE F 159 12.90 43.17 2.11
CA ILE F 159 14.26 42.75 1.80
C ILE F 159 14.24 41.82 0.61
N SER F 160 15.39 41.74 -0.09
CA SER F 160 15.57 40.90 -1.26
C SER F 160 16.67 39.88 -0.97
N PHE F 161 16.89 38.95 -1.92
CA PHE F 161 17.93 37.95 -1.78
C PHE F 161 19.30 38.59 -1.85
N THR F 162 19.43 39.69 -2.62
CA THR F 162 20.71 40.35 -2.77
C THR F 162 21.14 41.03 -1.47
N HIS F 163 20.17 41.49 -0.67
CA HIS F 163 20.45 42.06 0.64
C HIS F 163 21.09 41.01 1.54
N ILE F 164 20.51 39.81 1.55
CA ILE F 164 20.94 38.74 2.43
C ILE F 164 22.31 38.23 1.97
N ILE F 165 22.43 37.96 0.65
CA ILE F 165 23.65 37.44 0.09
C ILE F 165 24.74 38.51 0.18
N GLY F 166 24.37 39.76 -0.09
CA GLY F 166 25.28 40.89 0.04
C GLY F 166 25.87 41.00 1.44
N TYR F 167 25.01 40.84 2.47
CA TYR F 167 25.44 40.95 3.84
C TYR F 167 26.30 39.76 4.23
N ALA F 168 25.89 38.56 3.81
CA ALA F 168 26.65 37.34 4.06
C ALA F 168 28.04 37.44 3.41
N MET F 169 28.09 38.08 2.23
CA MET F 169 29.34 38.25 1.50
C MET F 169 30.28 39.16 2.30
N VAL F 170 29.74 40.23 2.89
CA VAL F 170 30.52 41.15 3.70
C VAL F 170 31.12 40.41 4.89
N LYS F 171 30.32 39.57 5.54
CA LYS F 171 30.77 38.79 6.69
C LYS F 171 31.88 37.84 6.27
N ALA F 172 31.77 37.26 5.07
CA ALA F 172 32.74 36.28 4.58
C ALA F 172 34.07 36.95 4.23
N VAL F 173 34.00 38.20 3.73
CA VAL F 173 35.21 38.95 3.42
C VAL F 173 35.95 39.28 4.70
N MET F 174 35.21 39.55 5.79
CA MET F 174 35.81 39.85 7.08
C MET F 174 36.53 38.61 7.62
N ALA F 175 35.94 37.42 7.37
CA ALA F 175 36.51 36.16 7.80
C ALA F 175 37.72 35.80 6.96
N HIS F 176 37.76 36.28 5.70
CA HIS F 176 38.85 36.01 4.78
C HIS F 176 39.31 37.33 4.17
N PRO F 177 40.10 38.15 4.90
CA PRO F 177 40.47 39.50 4.45
C PRO F 177 41.29 39.55 3.15
N ASP F 178 41.92 38.44 2.79
CA ASP F 178 42.74 38.36 1.59
C ASP F 178 41.91 38.66 0.34
N MET F 179 40.61 38.37 0.39
CA MET F 179 39.72 38.56 -0.75
C MET F 179 39.51 40.04 -1.05
N ASN F 180 39.87 40.92 -0.10
CA ASN F 180 39.65 42.35 -0.24
C ASN F 180 40.88 43.03 -0.82
N ASN F 181 42.01 42.32 -0.90
CA ASN F 181 43.27 42.90 -1.35
C ASN F 181 43.27 43.03 -2.87
N SER F 182 44.07 43.97 -3.38
CA SER F 182 44.20 44.20 -4.81
C SER F 182 45.68 44.29 -5.20
N TYR F 183 45.94 44.37 -6.51
CA TYR F 183 47.29 44.41 -7.05
C TYR F 183 47.52 45.75 -7.74
N ASP F 184 48.77 46.23 -7.69
CA ASP F 184 49.15 47.44 -8.40
C ASP F 184 50.66 47.47 -8.55
N VAL F 185 51.15 48.24 -9.53
CA VAL F 185 52.57 48.43 -9.75
C VAL F 185 52.92 49.87 -9.35
N ILE F 186 53.53 50.01 -8.17
CA ILE F 186 53.93 51.33 -7.66
C ILE F 186 55.44 51.45 -7.81
N ASP F 187 55.86 52.53 -8.50
CA ASP F 187 57.27 52.88 -8.71
C ASP F 187 57.99 51.77 -9.48
N GLY F 188 57.23 50.94 -10.20
CA GLY F 188 57.80 49.86 -11.00
C GLY F 188 58.06 48.58 -10.20
N LYS F 189 57.38 48.43 -9.06
CA LYS F 189 57.47 47.23 -8.24
C LYS F 189 56.07 46.68 -7.98
N PRO F 190 55.85 45.35 -8.09
CA PRO F 190 54.58 44.74 -7.68
C PRO F 190 54.28 44.97 -6.20
N THR F 191 53.08 45.52 -5.92
CA THR F 191 52.69 45.85 -4.56
C THR F 191 51.32 45.25 -4.24
N LEU F 192 51.18 44.74 -3.02
CA LEU F 192 49.91 44.25 -2.52
C LEU F 192 49.22 45.37 -1.75
N ILE F 193 48.09 45.84 -2.30
CA ILE F 193 47.31 46.90 -1.68
C ILE F 193 46.29 46.27 -0.72
N VAL F 194 46.34 46.70 0.54
CA VAL F 194 45.39 46.29 1.56
C VAL F 194 44.49 47.47 1.87
N PRO F 195 43.22 47.50 1.39
CA PRO F 195 42.31 48.62 1.66
C PRO F 195 41.97 48.74 3.14
N GLU F 196 41.54 49.95 3.53
CA GLU F 196 41.28 50.26 4.94
C GLU F 196 39.84 49.87 5.30
N HIS F 197 38.95 49.85 4.32
CA HIS F 197 37.56 49.44 4.51
C HIS F 197 37.15 48.44 3.44
N ILE F 198 35.99 47.81 3.65
CA ILE F 198 35.36 46.95 2.66
C ILE F 198 34.25 47.75 1.99
N ASN F 199 34.55 48.29 0.80
CA ASN F 199 33.58 49.05 0.03
C ASN F 199 32.93 48.12 -0.99
N LEU F 200 31.65 47.78 -0.77
CA LEU F 200 30.95 46.83 -1.62
C LEU F 200 30.35 47.55 -2.82
N GLY F 201 30.78 47.15 -4.02
CA GLY F 201 30.25 47.70 -5.26
C GLY F 201 29.06 46.89 -5.77
N LEU F 202 27.93 47.57 -5.99
CA LEU F 202 26.74 46.95 -6.54
C LEU F 202 26.68 47.21 -8.04
N ALA F 203 26.57 46.15 -8.84
CA ALA F 203 26.32 46.27 -10.27
C ALA F 203 24.83 46.56 -10.48
N ILE F 204 24.51 47.82 -10.81
CA ILE F 204 23.13 48.25 -10.98
C ILE F 204 22.87 48.47 -12.46
N ASP F 205 21.92 47.71 -13.02
CA ASP F 205 21.50 47.88 -14.40
C ASP F 205 20.53 49.06 -14.46
N LEU F 206 20.85 50.03 -15.33
CA LEU F 206 20.07 51.26 -15.44
C LEU F 206 19.54 51.41 -16.87
N PRO F 207 18.31 50.93 -17.16
CA PRO F 207 17.64 51.26 -18.42
C PRO F 207 17.31 52.75 -18.48
N GLN F 208 18.04 53.49 -19.31
CA GLN F 208 17.91 54.93 -19.40
C GLN F 208 16.65 55.28 -20.19
N LYS F 209 16.22 56.55 -20.07
CA LYS F 209 15.02 57.03 -20.74
C LYS F 209 15.26 57.18 -22.24
N ASP F 210 16.53 57.32 -22.63
CA ASP F 210 16.90 57.44 -24.04
C ASP F 210 16.50 56.16 -24.79
N GLY F 211 16.69 55.01 -24.15
CA GLY F 211 16.37 53.72 -24.74
C GLY F 211 17.43 52.67 -24.41
N SER F 212 18.70 53.08 -24.46
CA SER F 212 19.83 52.22 -24.15
C SER F 212 19.90 51.98 -22.64
N ARG F 213 20.52 50.86 -22.26
CA ARG F 213 20.72 50.50 -20.87
C ARG F 213 22.22 50.46 -20.57
N ALA F 214 22.59 50.90 -19.37
CA ALA F 214 23.97 50.94 -18.94
C ALA F 214 24.10 50.34 -17.54
N LEU F 215 25.27 49.77 -17.25
CA LEU F 215 25.56 49.21 -15.94
C LEU F 215 26.58 50.10 -15.23
N VAL F 216 26.31 50.40 -13.95
CA VAL F 216 27.22 51.18 -13.12
C VAL F 216 27.49 50.40 -11.85
N VAL F 217 28.65 50.66 -11.24
CA VAL F 217 29.04 50.02 -9.99
C VAL F 217 29.14 51.10 -8.91
N ALA F 218 28.08 51.23 -8.12
CA ALA F 218 28.04 52.18 -7.01
C ALA F 218 28.48 51.48 -5.73
N ALA F 219 29.23 52.22 -4.90
CA ALA F 219 29.90 51.64 -3.75
C ALA F 219 29.08 51.89 -2.47
N ILE F 220 28.94 50.83 -1.66
CA ILE F 220 28.51 50.95 -0.28
C ILE F 220 29.78 50.91 0.59
N LYS F 221 30.11 52.04 1.21
CA LYS F 221 31.40 52.22 1.83
C LYS F 221 31.34 51.86 3.32
N GLU F 222 32.44 51.29 3.83
CA GLU F 222 32.61 50.97 5.24
C GLU F 222 31.54 49.97 5.69
N THR F 223 31.44 48.84 4.99
CA THR F 223 30.45 47.83 5.28
C THR F 223 30.90 46.94 6.44
N GLU F 224 32.20 46.99 6.78
CA GLU F 224 32.76 46.14 7.82
C GLU F 224 32.30 46.59 9.21
N LYS F 225 31.74 47.80 9.30
CA LYS F 225 31.29 48.36 10.58
C LYS F 225 29.79 48.61 10.54
N MET F 226 29.04 47.70 9.90
CA MET F 226 27.60 47.80 9.83
C MET F 226 26.98 46.50 10.33
N ASN F 227 25.76 46.62 10.86
CA ASN F 227 24.89 45.47 11.09
C ASN F 227 23.96 45.36 9.88
N PHE F 228 23.01 44.41 9.92
CA PHE F 228 22.12 44.18 8.81
C PHE F 228 21.23 45.40 8.56
N SER F 229 20.75 46.01 9.65
CA SER F 229 19.87 47.18 9.56
C SER F 229 20.60 48.32 8.86
N GLU F 230 21.83 48.59 9.28
CA GLU F 230 22.65 49.64 8.70
C GLU F 230 22.96 49.31 7.24
N PHE F 231 23.30 48.05 6.97
CA PHE F 231 23.65 47.60 5.64
C PHE F 231 22.46 47.77 4.69
N LEU F 232 21.26 47.40 5.15
CA LEU F 232 20.06 47.48 4.35
C LEU F 232 19.75 48.94 3.99
N ALA F 233 19.93 49.84 4.97
CA ALA F 233 19.67 51.25 4.78
C ALA F 233 20.64 51.82 3.74
N ALA F 234 21.93 51.47 3.89
CA ALA F 234 22.97 51.95 2.99
C ALA F 234 22.74 51.40 1.58
N TYR F 235 22.31 50.13 1.50
CA TYR F 235 22.03 49.48 0.23
C TYR F 235 20.90 50.21 -0.49
N GLU F 236 19.80 50.46 0.24
CA GLU F 236 18.61 51.07 -0.33
C GLU F 236 18.88 52.52 -0.75
N ASP F 237 19.74 53.21 0.01
CA ASP F 237 20.10 54.59 -0.29
C ASP F 237 20.77 54.66 -1.67
N ILE F 238 21.73 53.76 -1.90
CA ILE F 238 22.46 53.73 -3.16
C ILE F 238 21.52 53.41 -4.31
N VAL F 239 20.65 52.41 -4.11
CA VAL F 239 19.74 51.96 -5.16
C VAL F 239 18.73 53.06 -5.48
N ALA F 240 18.19 53.71 -4.44
CA ALA F 240 17.18 54.73 -4.60
C ALA F 240 17.74 55.90 -5.41
N ARG F 241 18.95 56.36 -5.05
CA ARG F 241 19.58 57.50 -5.70
C ARG F 241 19.96 57.17 -7.15
N SER F 242 20.30 55.90 -7.41
CA SER F 242 20.71 55.47 -8.74
C SER F 242 19.56 55.56 -9.73
N ARG F 243 18.35 55.21 -9.28
CA ARG F 243 17.16 55.22 -10.12
C ARG F 243 16.80 56.66 -10.51
N LYS F 244 16.82 57.57 -9.53
CA LYS F 244 16.51 58.98 -9.78
C LYS F 244 17.71 59.67 -10.43
N GLY F 245 18.91 59.10 -10.22
CA GLY F 245 20.11 59.56 -10.90
C GLY F 245 20.78 60.72 -10.17
N LYS F 246 20.89 60.61 -8.84
CA LYS F 246 21.55 61.62 -8.03
C LYS F 246 22.83 61.04 -7.43
N LEU F 247 23.55 60.24 -8.22
CA LEU F 247 24.81 59.65 -7.78
C LEU F 247 25.95 60.61 -8.06
N THR F 248 26.78 60.86 -7.04
CA THR F 248 27.93 61.73 -7.16
C THR F 248 29.12 60.91 -7.63
N MET F 249 30.26 61.59 -7.86
CA MET F 249 31.47 60.93 -8.35
C MET F 249 32.07 60.07 -7.24
N ASP F 250 31.86 60.47 -5.98
CA ASP F 250 32.42 59.76 -4.84
C ASP F 250 31.81 58.36 -4.71
N ASP F 251 30.58 58.19 -5.20
CA ASP F 251 29.88 56.92 -5.12
C ASP F 251 30.57 55.87 -5.99
N TYR F 252 31.22 56.31 -7.08
CA TYR F 252 31.82 55.39 -8.04
C TYR F 252 33.27 55.05 -7.66
N GLN F 253 33.83 55.78 -6.69
CA GLN F 253 35.24 55.62 -6.34
C GLN F 253 35.38 54.73 -5.10
N GLY F 254 36.53 54.05 -5.01
CA GLY F 254 36.95 53.38 -3.78
C GLY F 254 36.39 51.96 -3.63
N VAL F 255 35.87 51.39 -4.72
CA VAL F 255 35.32 50.04 -4.68
C VAL F 255 36.45 49.05 -4.46
N THR F 256 36.30 48.18 -3.45
CA THR F 256 37.32 47.19 -3.11
C THR F 256 36.86 45.79 -3.53
N VAL F 257 35.54 45.56 -3.54
CA VAL F 257 34.98 44.28 -3.93
C VAL F 257 33.59 44.51 -4.53
N SER F 258 33.24 43.70 -5.54
CA SER F 258 32.02 43.92 -6.31
C SER F 258 31.08 42.73 -6.16
N LEU F 259 29.78 43.02 -6.31
CA LEU F 259 28.73 42.01 -6.31
C LEU F 259 27.82 42.24 -7.52
N THR F 260 27.61 41.18 -8.31
CA THR F 260 26.74 41.25 -9.47
C THR F 260 25.70 40.12 -9.37
N ASN F 261 24.50 40.38 -9.88
CA ASN F 261 23.38 39.46 -9.73
C ASN F 261 22.73 39.21 -11.09
N PRO F 262 23.37 38.41 -11.97
CA PRO F 262 22.71 37.99 -13.22
C PRO F 262 21.62 36.95 -13.04
N GLY F 263 21.48 36.43 -11.80
CA GLY F 263 20.50 35.40 -11.49
C GLY F 263 19.06 35.90 -11.54
N GLY F 264 18.85 37.22 -11.45
CA GLY F 264 17.53 37.81 -11.59
C GLY F 264 16.88 37.48 -12.93
N ILE F 265 17.68 37.50 -14.00
CA ILE F 265 17.20 37.21 -15.34
C ILE F 265 16.96 35.70 -15.49
N GLY F 266 17.71 34.91 -14.72
CA GLY F 266 17.56 33.46 -14.73
C GLY F 266 18.84 32.73 -15.19
N THR F 267 19.93 33.47 -15.36
CA THR F 267 21.23 32.90 -15.65
C THR F 267 21.65 32.02 -14.46
N ARG F 268 22.08 30.79 -14.76
CA ARG F 268 22.43 29.83 -13.73
C ARG F 268 23.69 30.31 -13.01
N HIS F 269 24.74 30.63 -13.78
CA HIS F 269 25.93 31.26 -13.24
C HIS F 269 26.63 31.98 -14.38
N SER F 270 27.65 32.77 -14.03
CA SER F 270 28.38 33.54 -15.02
C SER F 270 29.86 33.61 -14.66
N VAL F 271 30.68 33.97 -15.64
CA VAL F 271 32.09 34.24 -15.44
C VAL F 271 32.32 35.70 -15.81
N PRO F 272 32.13 36.66 -14.87
CA PRO F 272 32.25 38.08 -15.18
C PRO F 272 33.71 38.52 -15.27
N ARG F 273 33.91 39.77 -15.73
CA ARG F 273 35.22 40.37 -15.82
C ARG F 273 35.52 41.12 -14.52
N LEU F 274 36.79 41.14 -14.14
CA LEU F 274 37.24 41.85 -12.95
C LEU F 274 37.82 43.20 -13.39
N THR F 275 37.36 44.27 -12.73
CA THR F 275 37.83 45.62 -13.01
C THR F 275 39.16 45.85 -12.29
N LYS F 276 40.01 46.70 -12.87
CA LYS F 276 41.29 47.04 -12.28
C LYS F 276 41.06 47.77 -10.95
N GLY F 277 41.94 47.49 -9.98
CA GLY F 277 41.87 48.12 -8.67
C GLY F 277 41.01 47.34 -7.68
N GLN F 278 40.59 46.13 -8.07
CA GLN F 278 39.78 45.27 -7.22
C GLN F 278 40.41 43.89 -7.15
N GLY F 279 40.09 43.16 -6.08
CA GLY F 279 40.63 41.83 -5.87
C GLY F 279 39.74 40.74 -6.45
N THR F 280 38.43 40.86 -6.24
CA THR F 280 37.48 39.84 -6.64
C THR F 280 36.12 40.46 -6.95
N ILE F 281 35.33 39.73 -7.76
CA ILE F 281 33.94 40.04 -8.01
C ILE F 281 33.13 38.78 -7.77
N ILE F 282 31.97 38.93 -7.11
CA ILE F 282 31.12 37.82 -6.77
C ILE F 282 29.85 37.87 -7.62
N GLY F 283 29.56 36.77 -8.30
CA GLY F 283 28.38 36.64 -9.13
C GLY F 283 27.33 35.74 -8.48
N VAL F 284 26.07 36.20 -8.46
CA VAL F 284 24.98 35.44 -7.88
C VAL F 284 24.10 34.90 -9.00
N GLY F 285 23.96 33.58 -9.06
CA GLY F 285 23.18 32.93 -10.10
C GLY F 285 21.71 32.81 -9.73
N SER F 286 20.95 32.18 -10.61
CA SER F 286 19.51 32.01 -10.43
C SER F 286 19.22 31.13 -9.22
N MET F 287 18.25 31.56 -8.41
CA MET F 287 17.80 30.80 -7.26
C MET F 287 16.54 30.05 -7.65
N ASP F 288 16.72 28.85 -8.21
CA ASP F 288 15.64 28.10 -8.81
C ASP F 288 15.99 26.62 -8.76
N TYR F 289 14.99 25.77 -9.05
CA TYR F 289 15.22 24.35 -9.21
C TYR F 289 16.14 24.14 -10.41
N PRO F 290 16.97 23.07 -10.41
CA PRO F 290 17.71 22.67 -11.61
C PRO F 290 16.75 22.34 -12.76
N ALA F 291 17.24 22.52 -13.99
CA ALA F 291 16.42 22.37 -15.18
C ALA F 291 15.77 20.99 -15.26
N GLU F 292 16.43 19.96 -14.71
CA GLU F 292 15.91 18.59 -14.76
C GLU F 292 14.68 18.42 -13.88
N PHE F 293 14.36 19.40 -13.03
CA PHE F 293 13.23 19.31 -12.12
C PHE F 293 12.14 20.31 -12.46
N GLN F 294 12.29 21.07 -13.56
CA GLN F 294 11.40 22.17 -13.85
C GLN F 294 10.06 21.67 -14.40
N GLY F 295 9.98 20.38 -14.74
CA GLY F 295 8.74 19.77 -15.21
C GLY F 295 8.04 18.93 -14.13
N ALA F 296 8.73 18.67 -13.01
CA ALA F 296 8.21 17.80 -11.97
C ALA F 296 7.12 18.51 -11.19
N SER F 297 6.16 17.73 -10.67
CA SER F 297 5.08 18.27 -9.86
C SER F 297 5.60 18.65 -8.49
N GLU F 298 4.90 19.57 -7.83
CA GLU F 298 5.28 20.03 -6.50
C GLU F 298 5.14 18.89 -5.48
N ASP F 299 4.20 17.98 -5.71
CA ASP F 299 3.98 16.85 -4.82
C ASP F 299 5.20 15.95 -4.79
N ARG F 300 5.74 15.63 -5.98
CA ARG F 300 6.87 14.72 -6.10
C ARG F 300 8.14 15.38 -5.55
N LEU F 301 8.30 16.68 -5.80
CA LEU F 301 9.44 17.43 -5.31
C LEU F 301 9.40 17.52 -3.79
N ALA F 302 8.21 17.80 -3.23
CA ALA F 302 8.03 17.91 -1.80
C ALA F 302 8.27 16.56 -1.13
N GLU F 303 7.80 15.48 -1.76
CA GLU F 303 7.95 14.13 -1.22
C GLU F 303 9.43 13.78 -1.12
N LEU F 304 10.19 14.06 -2.19
CA LEU F 304 11.60 13.69 -2.24
C LEU F 304 12.42 14.61 -1.34
N GLY F 305 11.99 15.87 -1.23
CA GLY F 305 12.70 16.86 -0.44
C GLY F 305 13.77 17.57 -1.25
N VAL F 306 13.43 17.94 -2.50
CA VAL F 306 14.32 18.69 -3.37
C VAL F 306 14.20 20.16 -3.00
N GLY F 307 15.34 20.80 -2.74
CA GLY F 307 15.38 22.22 -2.45
C GLY F 307 15.93 23.01 -3.64
N LYS F 308 15.63 24.31 -3.66
CA LYS F 308 16.23 25.22 -4.64
C LYS F 308 17.68 25.47 -4.26
N LEU F 309 18.49 25.84 -5.24
CA LEU F 309 19.89 26.12 -5.02
C LEU F 309 20.23 27.48 -5.61
N VAL F 310 21.34 28.04 -5.14
CA VAL F 310 21.93 29.23 -5.73
C VAL F 310 23.39 28.92 -6.05
N THR F 311 23.85 29.36 -7.22
CA THR F 311 25.23 29.18 -7.62
C THR F 311 25.94 30.51 -7.47
N ILE F 312 27.05 30.51 -6.70
CA ILE F 312 27.83 31.71 -6.47
C ILE F 312 29.20 31.50 -7.09
N THR F 313 29.68 32.50 -7.84
CA THR F 313 30.99 32.44 -8.46
C THR F 313 31.89 33.50 -7.82
N SER F 314 33.19 33.19 -7.78
CA SER F 314 34.19 34.12 -7.30
C SER F 314 35.28 34.26 -8.35
N THR F 315 35.34 35.42 -9.01
CA THR F 315 36.37 35.73 -9.99
C THR F 315 37.36 36.68 -9.34
N TYR F 316 38.62 36.26 -9.24
CA TYR F 316 39.60 36.97 -8.44
C TYR F 316 40.91 37.16 -9.21
N ASP F 317 41.69 38.15 -8.80
CA ASP F 317 43.02 38.39 -9.35
C ASP F 317 43.98 37.36 -8.75
N HIS F 318 44.57 36.53 -9.63
CA HIS F 318 45.31 35.36 -9.19
C HIS F 318 46.71 35.75 -8.73
N ARG F 319 47.13 36.99 -8.98
CA ARG F 319 48.45 37.46 -8.57
C ARG F 319 48.50 37.68 -7.06
N VAL F 320 47.36 38.01 -6.45
CA VAL F 320 47.32 38.38 -5.03
C VAL F 320 46.41 37.43 -4.24
N ILE F 321 45.48 36.75 -4.91
CA ILE F 321 44.54 35.85 -4.24
C ILE F 321 44.77 34.43 -4.73
N GLN F 322 44.93 33.49 -3.79
CA GLN F 322 45.14 32.09 -4.11
C GLN F 322 43.78 31.41 -4.30
N GLY F 323 43.79 30.27 -5.00
CA GLY F 323 42.59 29.50 -5.27
C GLY F 323 41.97 28.92 -4.00
N ALA F 324 42.82 28.54 -3.04
CA ALA F 324 42.36 27.97 -1.78
C ALA F 324 41.60 29.02 -0.97
N VAL F 325 42.08 30.28 -1.02
CA VAL F 325 41.47 31.36 -0.27
C VAL F 325 40.08 31.65 -0.86
N SER F 326 39.99 31.67 -2.18
CA SER F 326 38.72 31.91 -2.87
C SER F 326 37.74 30.78 -2.55
N GLY F 327 38.24 29.54 -2.54
CA GLY F 327 37.42 28.39 -2.20
C GLY F 327 36.87 28.46 -0.77
N GLU F 328 37.74 28.83 0.17
CA GLU F 328 37.36 28.93 1.58
C GLU F 328 36.37 30.07 1.78
N PHE F 329 36.54 31.15 1.01
CA PHE F 329 35.62 32.26 1.03
C PHE F 329 34.21 31.80 0.66
N LEU F 330 34.08 31.02 -0.42
CA LEU F 330 32.77 30.55 -0.86
C LEU F 330 32.20 29.55 0.14
N ARG F 331 33.07 28.75 0.77
CA ARG F 331 32.63 27.81 1.79
C ARG F 331 32.02 28.55 2.98
N THR F 332 32.66 29.66 3.38
CA THR F 332 32.18 30.46 4.49
C THR F 332 30.80 31.04 4.17
N MET F 333 30.64 31.54 2.93
CA MET F 333 29.37 32.09 2.50
C MET F 333 28.28 31.03 2.56
N SER F 334 28.60 29.80 2.13
CA SER F 334 27.65 28.72 2.13
C SER F 334 27.23 28.37 3.56
N ARG F 335 28.19 28.38 4.48
CA ARG F 335 27.92 28.07 5.88
C ARG F 335 27.03 29.15 6.50
N LEU F 336 27.33 30.42 6.22
CA LEU F 336 26.59 31.54 6.80
C LEU F 336 25.11 31.47 6.41
N LEU F 337 24.83 31.14 5.14
CA LEU F 337 23.47 31.18 4.63
C LEU F 337 22.59 30.08 5.24
N THR F 338 23.22 29.11 5.94
CA THR F 338 22.48 28.05 6.60
C THR F 338 22.83 28.00 8.09
N ASP F 339 23.40 29.10 8.62
CA ASP F 339 23.84 29.14 10.00
C ASP F 339 22.73 29.73 10.87
N ASP F 340 22.54 29.14 12.06
CA ASP F 340 21.53 29.61 12.99
C ASP F 340 21.89 31.01 13.48
N SER F 341 23.17 31.22 13.81
CA SER F 341 23.64 32.49 14.35
C SER F 341 23.44 33.62 13.34
N PHE F 342 23.71 33.34 12.06
CA PHE F 342 23.59 34.33 11.00
C PHE F 342 22.15 34.82 10.89
N TRP F 343 21.20 33.89 10.94
CA TRP F 343 19.79 34.21 10.78
C TRP F 343 19.21 34.82 12.05
N ASP F 344 19.74 34.43 13.20
CA ASP F 344 19.35 35.02 14.47
C ASP F 344 19.69 36.51 14.47
N GLU F 345 20.88 36.84 13.93
CA GLU F 345 21.35 38.23 13.87
C GLU F 345 20.40 39.06 13.01
N ILE F 346 19.97 38.50 11.87
CA ILE F 346 19.09 39.21 10.95
C ILE F 346 17.71 39.39 11.58
N PHE F 347 17.19 38.33 12.23
CA PHE F 347 15.88 38.37 12.85
C PHE F 347 15.83 39.43 13.96
N ASP F 348 16.91 39.50 14.76
CA ASP F 348 16.98 40.45 15.86
C ASP F 348 17.01 41.88 15.30
N ALA F 349 17.73 42.07 14.19
CA ALA F 349 17.85 43.38 13.57
C ALA F 349 16.51 43.84 13.00
N MET F 350 15.72 42.88 12.49
CA MET F 350 14.47 43.20 11.83
C MET F 350 13.29 42.99 12.78
N ASN F 351 13.56 42.56 14.02
CA ASN F 351 12.57 42.45 15.08
C ASN F 351 11.48 41.44 14.70
N VAL F 352 11.90 40.19 14.46
CA VAL F 352 10.98 39.10 14.18
C VAL F 352 10.77 38.28 15.44
N PRO F 353 9.52 38.12 15.94
CA PRO F 353 9.29 37.48 17.24
C PRO F 353 9.43 35.95 17.27
N TYR F 354 9.20 35.29 16.13
CA TYR F 354 9.21 33.84 16.08
C TYR F 354 10.65 33.33 15.96
N THR F 355 10.83 32.05 16.33
CA THR F 355 12.09 31.35 16.14
C THR F 355 12.29 31.06 14.65
N PRO F 356 13.46 31.35 14.06
CA PRO F 356 13.72 31.03 12.65
C PRO F 356 13.60 29.53 12.38
N MET F 357 13.18 29.19 11.16
CA MET F 357 13.12 27.80 10.74
C MET F 357 14.54 27.24 10.76
N ARG F 358 14.69 26.00 11.24
CA ARG F 358 16.00 25.40 11.42
C ARG F 358 16.29 24.44 10.27
N TRP F 359 17.52 24.50 9.77
CA TRP F 359 18.02 23.55 8.78
C TRP F 359 18.09 22.16 9.40
N ALA F 360 17.44 21.19 8.77
CA ALA F 360 17.42 19.82 9.28
C ALA F 360 17.04 18.86 8.16
N GLN F 361 17.45 17.60 8.29
CA GLN F 361 17.17 16.59 7.28
C GLN F 361 15.75 16.06 7.49
N ASP F 362 15.10 15.64 6.39
CA ASP F 362 13.78 15.06 6.44
C ASP F 362 13.82 13.80 7.30
N VAL F 363 12.73 13.57 8.05
CA VAL F 363 12.62 12.41 8.93
C VAL F 363 11.63 11.43 8.32
N PRO F 364 11.90 10.10 8.38
CA PRO F 364 10.97 9.11 7.84
C PRO F 364 9.68 9.03 8.65
N ASN F 365 8.59 8.63 8.00
CA ASN F 365 7.30 8.48 8.66
C ASN F 365 7.25 7.11 9.33
N THR F 366 8.22 6.86 10.22
CA THR F 366 8.33 5.60 10.94
C THR F 366 8.05 5.85 12.41
N GLY F 367 7.68 4.79 13.12
CA GLY F 367 7.25 4.90 14.51
C GLY F 367 5.93 5.66 14.61
N VAL F 368 5.89 6.67 15.47
CA VAL F 368 4.71 7.52 15.63
C VAL F 368 4.42 8.20 14.30
N ASP F 369 3.17 8.10 13.84
CA ASP F 369 2.75 8.65 12.57
C ASP F 369 2.80 10.18 12.63
N LYS F 370 3.07 10.81 11.48
CA LYS F 370 3.18 12.25 11.42
C LYS F 370 1.80 12.90 11.66
N ASN F 371 0.72 12.20 11.30
CA ASN F 371 -0.62 12.67 11.62
C ASN F 371 -0.77 12.81 13.13
N THR F 372 -0.20 11.86 13.88
CA THR F 372 -0.22 11.92 15.33
C THR F 372 0.53 13.15 15.82
N ARG F 373 1.68 13.39 15.21
CA ARG F 373 2.56 14.45 15.64
C ARG F 373 1.87 15.80 15.42
N VAL F 374 1.13 15.90 14.31
CA VAL F 374 0.50 17.16 13.92
C VAL F 374 -0.58 17.50 14.95
N MET F 375 -1.33 16.50 15.37
CA MET F 375 -2.44 16.72 16.29
C MET F 375 -1.92 16.93 17.71
N GLN F 376 -0.71 16.45 17.99
CA GLN F 376 -0.02 16.78 19.23
C GLN F 376 0.41 18.24 19.21
N LEU F 377 0.86 18.71 18.04
CA LEU F 377 1.24 20.10 17.88
C LEU F 377 0.03 21.01 18.09
N ILE F 378 -1.13 20.60 17.57
CA ILE F 378 -2.34 21.39 17.72
C ILE F 378 -2.68 21.54 19.20
N GLU F 379 -2.60 20.44 19.95
CA GLU F 379 -2.93 20.47 21.37
C GLU F 379 -1.88 21.28 22.13
N ALA F 380 -0.64 21.26 21.67
CA ALA F 380 0.41 22.03 22.31
C ALA F 380 0.10 23.51 22.24
N TYR F 381 -0.34 23.99 21.07
CA TYR F 381 -0.60 25.40 20.87
C TYR F 381 -1.85 25.83 21.63
N ARG F 382 -2.89 24.98 21.63
CA ARG F 382 -4.11 25.27 22.35
C ARG F 382 -3.84 25.37 23.85
N SER F 383 -2.87 24.61 24.35
CA SER F 383 -2.58 24.54 25.78
C SER F 383 -1.56 25.60 26.19
N ARG F 384 -0.44 25.69 25.44
CA ARG F 384 0.71 26.45 25.90
C ARG F 384 1.11 27.53 24.90
N GLY F 385 0.26 27.80 23.90
CA GLY F 385 0.57 28.79 22.89
C GLY F 385 0.72 30.19 23.49
N HIS F 386 0.04 30.42 24.62
CA HIS F 386 0.06 31.70 25.31
C HIS F 386 1.45 32.07 25.82
N LEU F 387 2.33 31.07 26.01
CA LEU F 387 3.67 31.32 26.54
C LEU F 387 4.51 32.15 25.58
N ILE F 388 4.21 32.12 24.27
CA ILE F 388 4.99 32.85 23.30
C ILE F 388 4.13 33.90 22.61
N ALA F 389 2.95 34.20 23.17
CA ALA F 389 2.05 35.16 22.57
C ALA F 389 2.59 36.57 22.72
N ASP F 390 2.30 37.43 21.73
CA ASP F 390 2.79 38.79 21.71
C ASP F 390 1.87 39.68 22.55
N THR F 391 1.88 39.45 23.87
CA THR F 391 0.96 40.12 24.76
C THR F 391 1.65 41.28 25.49
N ASN F 392 2.98 41.31 25.47
CA ASN F 392 3.71 42.32 26.21
C ASN F 392 3.98 43.52 25.31
N PRO F 393 3.47 44.73 25.63
CA PRO F 393 3.75 45.92 24.85
C PRO F 393 5.24 46.28 24.81
N LEU F 394 5.96 45.96 25.89
CA LEU F 394 7.38 46.22 25.97
C LEU F 394 8.16 45.01 25.49
N SER F 395 9.34 45.24 24.91
CA SER F 395 10.29 44.18 24.63
C SER F 395 11.13 43.94 25.87
N TRP F 396 10.47 43.46 26.93
CA TRP F 396 11.03 43.41 28.27
C TRP F 396 10.86 42.01 28.84
N VAL F 397 11.96 41.47 29.37
CA VAL F 397 11.93 40.26 30.15
C VAL F 397 12.56 40.57 31.51
N GLN F 398 11.84 40.25 32.59
CA GLN F 398 12.29 40.55 33.94
C GLN F 398 13.48 39.64 34.27
N PRO F 399 14.69 40.20 34.50
CA PRO F 399 15.89 39.39 34.73
C PRO F 399 15.81 38.28 35.78
N GLY F 400 15.09 38.50 36.88
CA GLY F 400 15.03 37.51 37.95
C GLY F 400 13.85 36.55 37.83
N MET F 401 13.04 36.71 36.78
CA MET F 401 11.85 35.90 36.60
C MET F 401 12.25 34.63 35.83
N PRO F 402 11.94 33.42 36.34
CA PRO F 402 12.24 32.18 35.62
C PRO F 402 11.46 32.08 34.31
N VAL F 403 12.19 31.94 33.20
CA VAL F 403 11.57 31.81 31.88
C VAL F 403 11.09 30.38 31.70
N PRO F 404 9.78 30.14 31.50
CA PRO F 404 9.26 28.79 31.28
C PRO F 404 9.76 28.19 29.98
N ASP F 405 9.84 26.85 29.95
CA ASP F 405 10.25 26.14 28.76
C ASP F 405 9.05 26.02 27.82
N HIS F 406 9.26 26.36 26.55
CA HIS F 406 8.20 26.32 25.55
C HIS F 406 8.69 25.61 24.29
N ARG F 407 9.43 24.50 24.49
CA ARG F 407 9.94 23.71 23.39
C ARG F 407 8.80 22.91 22.75
N ASP F 408 7.68 22.76 23.46
CA ASP F 408 6.53 22.02 22.97
C ASP F 408 5.91 22.70 21.75
N LEU F 409 6.23 23.98 21.53
CA LEU F 409 5.65 24.75 20.44
C LEU F 409 6.52 24.68 19.19
N ASP F 410 7.71 24.08 19.28
CA ASP F 410 8.57 23.89 18.12
C ASP F 410 8.22 22.57 17.47
N ILE F 411 8.22 22.55 16.12
CA ILE F 411 7.85 21.37 15.36
C ILE F 411 8.92 20.29 15.52
N GLU F 412 10.16 20.69 15.84
CA GLU F 412 11.26 19.75 16.04
C GLU F 412 10.95 18.82 17.20
N THR F 413 10.31 19.36 18.25
CA THR F 413 9.97 18.59 19.43
C THR F 413 8.99 17.46 19.09
N HIS F 414 8.16 17.69 18.06
CA HIS F 414 7.15 16.73 17.65
C HIS F 414 7.64 15.89 16.47
N ASN F 415 8.96 15.91 16.22
CA ASN F 415 9.57 15.11 15.16
C ASN F 415 8.98 15.50 13.81
N LEU F 416 8.79 16.79 13.59
CA LEU F 416 8.42 17.34 12.30
C LEU F 416 9.51 18.29 11.84
N THR F 417 9.66 18.44 10.52
CA THR F 417 10.71 19.26 9.94
C THR F 417 10.10 20.21 8.92
N ILE F 418 10.95 21.09 8.36
CA ILE F 418 10.55 22.03 7.32
C ILE F 418 10.02 21.28 6.09
N TRP F 419 10.47 20.02 5.90
CA TRP F 419 10.11 19.25 4.73
C TRP F 419 8.68 18.71 4.84
N ASP F 420 8.07 18.85 6.02
CA ASP F 420 6.70 18.40 6.24
C ASP F 420 5.70 19.53 5.99
N LEU F 421 6.19 20.77 5.79
CA LEU F 421 5.35 21.95 5.77
C LEU F 421 4.28 21.84 4.69
N ASP F 422 4.64 21.32 3.51
CA ASP F 422 3.76 21.29 2.37
C ASP F 422 3.05 19.93 2.25
N ARG F 423 3.29 19.02 3.20
CA ARG F 423 2.62 17.73 3.21
C ARG F 423 1.27 17.87 3.89
N THR F 424 0.28 17.09 3.42
CA THR F 424 -1.08 17.14 3.90
C THR F 424 -1.27 16.13 5.02
N PHE F 425 -2.00 16.54 6.06
CA PHE F 425 -2.26 15.70 7.21
C PHE F 425 -3.74 15.80 7.56
N ASN F 426 -4.27 14.75 8.19
CA ASN F 426 -5.65 14.73 8.64
C ASN F 426 -5.71 15.38 10.02
N VAL F 427 -6.51 16.45 10.15
CA VAL F 427 -6.48 17.30 11.33
C VAL F 427 -7.80 17.16 12.11
N GLY F 428 -8.67 16.24 11.66
CA GLY F 428 -9.84 15.84 12.43
C GLY F 428 -10.75 17.03 12.76
N GLY F 429 -11.06 17.83 11.75
CA GLY F 429 -12.05 18.89 11.88
C GLY F 429 -11.48 20.20 12.42
N PHE F 430 -10.14 20.27 12.56
CA PHE F 430 -9.48 21.51 12.96
C PHE F 430 -9.70 22.55 11.87
N GLY F 431 -10.08 23.77 12.26
CA GLY F 431 -10.33 24.83 11.32
C GLY F 431 -11.47 24.50 10.36
N GLY F 432 -12.39 23.63 10.80
CA GLY F 432 -13.52 23.20 10.00
C GLY F 432 -13.10 22.49 8.71
N LYS F 433 -11.95 21.80 8.75
CA LYS F 433 -11.47 21.03 7.60
C LYS F 433 -10.99 19.68 8.10
N GLU F 434 -11.13 18.65 7.24
CA GLU F 434 -10.72 17.30 7.58
C GLU F 434 -9.22 17.13 7.30
N THR F 435 -8.72 17.78 6.26
CA THR F 435 -7.32 17.67 5.88
C THR F 435 -6.71 19.06 5.73
N MET F 436 -5.40 19.14 5.96
CA MET F 436 -4.68 20.40 5.97
C MET F 436 -3.20 20.13 5.81
N THR F 437 -2.48 21.10 5.24
CA THR F 437 -1.03 21.08 5.23
C THR F 437 -0.53 21.54 6.60
N LEU F 438 0.69 21.15 6.96
CA LEU F 438 1.28 21.57 8.21
C LEU F 438 1.48 23.08 8.20
N ARG F 439 1.79 23.64 7.03
CA ARG F 439 1.97 25.08 6.90
C ARG F 439 0.68 25.79 7.31
N GLU F 440 -0.46 25.31 6.84
CA GLU F 440 -1.73 25.94 7.14
C GLU F 440 -2.09 25.73 8.61
N VAL F 441 -1.75 24.55 9.15
CA VAL F 441 -2.01 24.27 10.55
C VAL F 441 -1.23 25.25 11.42
N LEU F 442 0.05 25.46 11.09
CA LEU F 442 0.90 26.35 11.85
C LEU F 442 0.37 27.76 11.78
N SER F 443 -0.06 28.18 10.59
CA SER F 443 -0.58 29.52 10.38
C SER F 443 -1.80 29.77 11.25
N ARG F 444 -2.73 28.81 11.27
CA ARG F 444 -3.97 28.96 12.01
C ARG F 444 -3.71 28.94 13.51
N LEU F 445 -2.79 28.08 13.95
CA LEU F 445 -2.47 27.98 15.37
C LEU F 445 -1.82 29.27 15.85
N ARG F 446 -0.91 29.82 15.06
CA ARG F 446 -0.18 31.02 15.43
C ARG F 446 -1.12 32.21 15.45
N ALA F 447 -2.06 32.25 14.50
CA ALA F 447 -2.96 33.38 14.39
C ALA F 447 -3.93 33.41 15.57
N ALA F 448 -4.26 32.24 16.12
CA ALA F 448 -5.28 32.14 17.15
C ALA F 448 -4.67 32.24 18.55
N TYR F 449 -3.41 31.85 18.72
CA TYR F 449 -2.88 31.65 20.06
C TYR F 449 -1.61 32.43 20.34
N THR F 450 -0.99 33.07 19.34
CA THR F 450 0.31 33.67 19.56
C THR F 450 0.35 35.14 19.15
N LEU F 451 -0.80 35.71 18.78
CA LEU F 451 -0.86 37.13 18.45
C LEU F 451 -1.17 37.90 19.73
N LYS F 452 -2.02 38.93 19.64
CA LYS F 452 -2.17 39.90 20.73
C LYS F 452 -2.97 39.32 21.89
N VAL F 453 -3.63 38.18 21.68
CA VAL F 453 -4.45 37.56 22.71
C VAL F 453 -3.89 36.17 23.03
N GLY F 454 -3.51 35.99 24.31
CA GLY F 454 -3.07 34.71 24.81
C GLY F 454 -4.12 34.10 25.75
N SER F 455 -4.56 32.89 25.42
CA SER F 455 -5.68 32.27 26.09
C SER F 455 -5.22 31.05 26.89
N GLU F 456 -5.77 30.91 28.09
CA GLU F 456 -5.62 29.70 28.88
C GLU F 456 -7.01 29.15 29.17
N TYR F 457 -7.39 28.07 28.49
CA TYR F 457 -8.71 27.52 28.64
C TYR F 457 -8.69 25.99 28.66
N THR F 458 -7.59 25.36 28.21
CA THR F 458 -7.56 23.91 28.08
C THR F 458 -7.65 23.24 29.45
N HIS F 459 -7.30 23.98 30.51
CA HIS F 459 -7.40 23.48 31.87
C HIS F 459 -8.85 23.31 32.30
N ILE F 460 -9.78 23.94 31.58
CA ILE F 460 -11.19 23.84 31.92
C ILE F 460 -11.66 22.42 31.66
N LEU F 461 -12.38 21.85 32.61
CA LEU F 461 -12.70 20.44 32.62
C LEU F 461 -13.95 20.17 31.77
N ASP F 462 -14.87 21.14 31.73
CA ASP F 462 -16.10 20.98 30.97
C ASP F 462 -15.80 21.13 29.49
N ARG F 463 -16.28 20.17 28.69
CA ARG F 463 -15.97 20.10 27.27
C ARG F 463 -16.77 21.14 26.49
N ASP F 464 -18.04 21.33 26.88
CA ASP F 464 -18.90 22.31 26.25
C ASP F 464 -18.35 23.72 26.44
N GLU F 465 -17.87 24.02 27.66
CA GLU F 465 -17.20 25.28 27.94
C GLU F 465 -15.95 25.39 27.06
N ARG F 466 -15.13 24.34 27.05
CA ARG F 466 -13.86 24.36 26.36
C ARG F 466 -14.08 24.53 24.86
N THR F 467 -15.09 23.84 24.33
CA THR F 467 -15.41 23.90 22.91
C THR F 467 -15.93 25.27 22.55
N TRP F 468 -16.77 25.85 23.42
CA TRP F 468 -17.32 27.16 23.19
C TRP F 468 -16.20 28.19 23.06
N LEU F 469 -15.24 28.14 23.98
CA LEU F 469 -14.11 29.06 23.96
C LEU F 469 -13.21 28.75 22.77
N GLN F 470 -12.98 27.47 22.50
CA GLN F 470 -12.10 27.06 21.42
C GLN F 470 -12.62 27.58 20.08
N ASP F 471 -13.93 27.44 19.85
CA ASP F 471 -14.51 27.83 18.58
C ASP F 471 -14.38 29.33 18.37
N ARG F 472 -14.59 30.10 19.44
CA ARG F 472 -14.57 31.56 19.33
C ARG F 472 -13.14 32.08 19.18
N LEU F 473 -12.19 31.46 19.89
CA LEU F 473 -10.80 31.89 19.82
C LEU F 473 -10.21 31.57 18.46
N GLU F 474 -10.61 30.45 17.86
CA GLU F 474 -10.06 30.01 16.58
C GLU F 474 -10.78 30.67 15.41
N ALA F 475 -11.99 31.19 15.64
CA ALA F 475 -12.69 31.97 14.64
C ALA F 475 -12.02 33.33 14.48
N GLY F 476 -11.48 33.85 15.58
CA GLY F 476 -10.72 35.09 15.56
C GLY F 476 -11.60 36.30 15.84
N MET F 477 -10.95 37.45 16.02
CA MET F 477 -11.65 38.70 16.25
C MET F 477 -12.31 39.16 14.95
N PRO F 478 -13.63 39.46 14.95
CA PRO F 478 -14.29 40.00 13.77
C PRO F 478 -13.82 41.42 13.48
N LYS F 479 -13.73 41.77 12.20
CA LYS F 479 -13.27 43.08 11.77
C LYS F 479 -14.27 44.13 12.22
N PRO F 480 -13.88 45.11 13.08
CA PRO F 480 -14.80 46.14 13.54
C PRO F 480 -15.11 47.16 12.45
N THR F 481 -16.27 47.82 12.57
CA THR F 481 -16.68 48.84 11.63
C THR F 481 -15.93 50.15 11.92
N GLN F 482 -15.95 51.07 10.95
CA GLN F 482 -15.24 52.32 11.07
C GLN F 482 -15.81 53.14 12.23
N ALA F 483 -17.13 53.06 12.42
CA ALA F 483 -17.79 53.75 13.52
C ALA F 483 -17.30 53.19 14.85
N GLU F 484 -17.15 51.86 14.91
CA GLU F 484 -16.66 51.20 16.10
C GLU F 484 -15.21 51.59 16.35
N GLN F 485 -14.41 51.65 15.28
CA GLN F 485 -13.01 52.02 15.39
C GLN F 485 -12.89 53.45 15.90
N LYS F 486 -13.74 54.34 15.38
CA LYS F 486 -13.69 55.74 15.77
C LYS F 486 -14.09 55.88 17.24
N TYR F 487 -15.05 55.06 17.67
CA TYR F 487 -15.52 55.10 19.05
C TYR F 487 -14.39 54.68 19.99
N ILE F 488 -13.61 53.68 19.59
CA ILE F 488 -12.49 53.22 20.40
C ILE F 488 -11.46 54.33 20.55
N LEU F 489 -11.23 55.09 19.47
CA LEU F 489 -10.26 56.17 19.50
C LEU F 489 -10.73 57.26 20.44
N GLN F 490 -12.03 57.58 20.41
CA GLN F 490 -12.58 58.61 21.29
C GLN F 490 -12.33 58.24 22.75
N LYS F 491 -12.50 56.97 23.09
CA LYS F 491 -12.33 56.52 24.47
C LYS F 491 -10.86 56.57 24.86
N LEU F 492 -9.98 56.17 23.93
CA LEU F 492 -8.54 56.25 24.15
C LEU F 492 -8.13 57.71 24.34
N ASN F 493 -8.67 58.59 23.48
CA ASN F 493 -8.32 59.99 23.56
C ASN F 493 -8.74 60.55 24.91
N ALA F 494 -9.98 60.24 25.33
CA ALA F 494 -10.51 60.76 26.57
C ALA F 494 -9.64 60.31 27.75
N ALA F 495 -9.19 59.06 27.72
CA ALA F 495 -8.39 58.50 28.79
C ALA F 495 -7.05 59.23 28.92
N GLU F 496 -6.38 59.46 27.78
CA GLU F 496 -5.06 60.07 27.78
C GLU F 496 -5.17 61.56 28.06
N ALA F 497 -6.14 62.23 27.40
CA ALA F 497 -6.27 63.67 27.51
C ALA F 497 -6.63 64.09 28.93
N PHE F 498 -7.47 63.28 29.59
CA PHE F 498 -7.86 63.52 30.97
C PHE F 498 -6.63 63.50 31.87
N GLU F 499 -5.78 62.49 31.68
CA GLU F 499 -4.58 62.32 32.49
C GLU F 499 -3.62 63.48 32.24
N ASN F 500 -3.48 63.89 30.98
CA ASN F 500 -2.56 64.97 30.61
C ASN F 500 -3.06 66.30 31.15
N PHE F 501 -4.38 66.49 31.21
CA PHE F 501 -4.94 67.75 31.69
C PHE F 501 -4.62 67.93 33.17
N LEU F 502 -4.75 66.85 33.96
CA LEU F 502 -4.48 66.90 35.38
C LEU F 502 -3.00 67.15 35.64
N GLN F 503 -2.13 66.57 34.79
CA GLN F 503 -0.70 66.76 34.88
C GLN F 503 -0.36 68.24 34.70
N THR F 504 -1.06 68.92 33.79
CA THR F 504 -0.78 70.31 33.47
C THR F 504 -1.29 71.22 34.58
N LYS F 505 -2.54 71.00 35.00
CA LYS F 505 -3.21 71.92 35.91
C LYS F 505 -2.80 71.68 37.36
N TYR F 506 -2.57 70.41 37.72
CA TYR F 506 -2.19 70.05 39.08
C TYR F 506 -0.95 69.17 39.01
N VAL F 507 0.22 69.80 38.86
CA VAL F 507 1.47 69.09 38.63
C VAL F 507 1.92 68.39 39.90
N GLY F 508 1.76 69.07 41.05
CA GLY F 508 2.24 68.55 42.32
C GLY F 508 1.13 67.97 43.18
N GLN F 509 0.25 67.15 42.56
CA GLN F 509 -0.82 66.48 43.28
C GLN F 509 -0.87 65.02 42.84
N LYS F 510 -1.07 64.13 43.83
CA LYS F 510 -1.10 62.69 43.60
C LYS F 510 -2.42 62.32 42.94
N ARG F 511 -2.35 61.57 41.83
CA ARG F 511 -3.56 61.17 41.11
C ARG F 511 -3.54 59.70 40.70
N PHE F 512 -2.37 59.04 40.74
CA PHE F 512 -2.24 57.66 40.31
C PHE F 512 -2.73 57.50 38.87
N SER F 513 -1.97 58.05 37.92
CA SER F 513 -2.40 58.13 36.54
C SER F 513 -2.52 56.75 35.92
N LEU F 514 -3.35 56.67 34.88
CA LEU F 514 -3.58 55.44 34.15
C LEU F 514 -2.65 55.37 32.93
N GLU F 515 -1.75 56.36 32.79
CA GLU F 515 -0.88 56.45 31.63
C GLU F 515 -0.09 55.15 31.48
N GLY F 516 -0.12 54.59 30.27
CA GLY F 516 0.49 53.30 30.00
C GLY F 516 -0.53 52.17 30.02
N ALA F 517 -1.73 52.44 30.58
CA ALA F 517 -2.79 51.45 30.64
C ALA F 517 -4.13 52.06 30.20
N GLU F 518 -4.08 52.92 29.18
CA GLU F 518 -5.28 53.65 28.75
C GLU F 518 -6.29 52.69 28.11
N ALA F 519 -5.84 51.52 27.67
CA ALA F 519 -6.73 50.55 27.02
C ALA F 519 -7.74 49.99 28.01
N LEU F 520 -7.56 50.25 29.31
CA LEU F 520 -8.51 49.82 30.31
C LEU F 520 -9.89 50.44 30.06
N ILE F 521 -9.91 51.71 29.62
CA ILE F 521 -11.16 52.43 29.47
C ILE F 521 -12.01 51.78 28.37
N PRO F 522 -11.51 51.59 27.13
CA PRO F 522 -12.27 50.84 26.13
C PRO F 522 -12.60 49.40 26.53
N LEU F 523 -11.74 48.77 27.35
CA LEU F 523 -12.00 47.41 27.82
C LEU F 523 -13.24 47.40 28.71
N MET F 524 -13.27 48.29 29.70
CA MET F 524 -14.39 48.37 30.62
C MET F 524 -15.66 48.75 29.87
N ASP F 525 -15.53 49.69 28.92
CA ASP F 525 -16.66 50.16 28.14
C ASP F 525 -17.22 49.02 27.30
N SER F 526 -16.34 48.18 26.76
CA SER F 526 -16.74 47.05 25.94
C SER F 526 -17.56 46.05 26.77
N ALA F 527 -17.11 45.77 27.99
CA ALA F 527 -17.75 44.81 28.86
C ALA F 527 -19.13 45.33 29.30
N ILE F 528 -19.19 46.61 29.65
CA ILE F 528 -20.42 47.23 30.11
C ILE F 528 -21.42 47.33 28.96
N ASP F 529 -20.93 47.65 27.76
CA ASP F 529 -21.78 47.75 26.59
C ASP F 529 -22.39 46.39 26.27
N THR F 530 -21.60 45.32 26.41
CA THR F 530 -22.05 43.97 26.12
C THR F 530 -23.13 43.57 27.12
N ALA F 531 -22.94 43.95 28.39
CA ALA F 531 -23.91 43.65 29.44
C ALA F 531 -25.23 44.37 29.16
N ALA F 532 -25.16 45.60 28.64
CA ALA F 532 -26.35 46.35 28.30
C ALA F 532 -27.11 45.66 27.18
N GLY F 533 -26.38 45.11 26.22
CA GLY F 533 -26.97 44.40 25.10
C GLY F 533 -27.58 43.06 25.50
N GLN F 534 -27.10 42.49 26.61
CA GLN F 534 -27.63 41.24 27.14
C GLN F 534 -28.93 41.49 27.92
N GLY F 535 -29.26 42.76 28.16
CA GLY F 535 -30.49 43.14 28.84
C GLY F 535 -30.36 43.08 30.36
N LEU F 536 -29.14 43.25 30.88
CA LEU F 536 -28.90 43.17 32.30
C LEU F 536 -29.17 44.53 32.95
N ASP F 537 -29.19 44.55 34.28
CA ASP F 537 -29.76 45.65 35.05
C ASP F 537 -28.69 46.63 35.51
N GLU F 538 -27.58 46.12 36.03
CA GLU F 538 -26.58 46.99 36.64
C GLU F 538 -25.20 46.34 36.53
N VAL F 539 -24.17 47.20 36.55
CA VAL F 539 -22.80 46.76 36.68
C VAL F 539 -22.22 47.44 37.92
N VAL F 540 -21.69 46.63 38.85
CA VAL F 540 -21.08 47.14 40.05
C VAL F 540 -19.57 46.99 39.93
N ILE F 541 -18.85 48.10 40.08
CA ILE F 541 -17.41 48.11 39.91
C ILE F 541 -16.75 48.24 41.28
N GLY F 542 -15.75 47.40 41.51
CA GLY F 542 -14.78 47.62 42.58
C GLY F 542 -13.37 47.68 42.00
N MET F 543 -12.61 48.72 42.35
CA MET F 543 -11.29 48.89 41.77
C MET F 543 -10.35 49.51 42.80
N PRO F 544 -9.03 49.39 42.59
CA PRO F 544 -8.04 50.13 43.39
C PRO F 544 -7.84 51.56 42.91
N HIS F 545 -6.78 52.19 43.43
CA HIS F 545 -6.38 53.56 43.13
C HIS F 545 -6.08 53.77 41.65
N ARG F 546 -5.45 52.80 41.00
CA ARG F 546 -4.85 52.99 39.68
C ARG F 546 -5.91 53.40 38.66
N GLY F 547 -5.90 54.67 38.28
CA GLY F 547 -6.76 55.19 37.24
C GLY F 547 -8.23 55.32 37.68
N ARG F 548 -8.44 55.61 38.97
CA ARG F 548 -9.80 55.63 39.50
C ARG F 548 -10.54 56.86 39.00
N LEU F 549 -9.87 58.01 38.97
CA LEU F 549 -10.48 59.24 38.52
C LEU F 549 -10.86 59.12 37.04
N ASN F 550 -10.01 58.44 36.28
CA ASN F 550 -10.23 58.24 34.86
C ASN F 550 -11.50 57.41 34.67
N VAL F 551 -11.66 56.36 35.49
CA VAL F 551 -12.80 55.48 35.41
C VAL F 551 -14.06 56.23 35.85
N LEU F 552 -13.96 57.01 36.93
CA LEU F 552 -15.08 57.77 37.44
C LEU F 552 -15.66 58.68 36.36
N PHE F 553 -14.79 59.32 35.57
CA PHE F 553 -15.23 60.27 34.57
C PHE F 553 -15.69 59.55 33.30
N ASN F 554 -14.87 58.64 32.78
CA ASN F 554 -15.05 58.11 31.43
C ASN F 554 -16.00 56.92 31.41
N ILE F 555 -16.15 56.22 32.54
CA ILE F 555 -16.96 55.01 32.58
C ILE F 555 -18.24 55.25 33.38
N VAL F 556 -18.11 55.68 34.64
CA VAL F 556 -19.25 55.83 35.51
C VAL F 556 -20.07 57.05 35.08
N GLY F 557 -19.39 58.15 34.76
CA GLY F 557 -20.03 59.35 34.27
C GLY F 557 -20.17 60.41 35.36
N LYS F 558 -19.25 60.42 36.33
CA LYS F 558 -19.19 61.45 37.34
C LYS F 558 -18.90 62.79 36.65
N PRO F 559 -19.62 63.87 36.99
CA PRO F 559 -19.41 65.17 36.33
C PRO F 559 -18.00 65.68 36.52
N LEU F 560 -17.45 66.31 35.48
CA LEU F 560 -16.06 66.73 35.45
C LEU F 560 -15.83 67.86 36.45
N ALA F 561 -16.86 68.67 36.71
CA ALA F 561 -16.78 69.76 37.65
C ALA F 561 -16.43 69.24 39.05
N SER F 562 -17.07 68.13 39.43
CA SER F 562 -16.86 67.52 40.74
C SER F 562 -15.41 67.11 40.92
N ILE F 563 -14.81 66.51 39.88
CA ILE F 563 -13.45 66.03 39.96
C ILE F 563 -12.48 67.20 40.11
N PHE F 564 -12.72 68.28 39.34
CA PHE F 564 -11.88 69.46 39.39
C PHE F 564 -11.98 70.14 40.76
N ASN F 565 -13.17 70.14 41.35
CA ASN F 565 -13.39 70.73 42.66
C ASN F 565 -12.56 70.01 43.72
N GLU F 566 -12.43 68.68 43.59
CA GLU F 566 -11.70 67.88 44.56
C GLU F 566 -10.22 68.27 44.56
N PHE F 567 -9.67 68.54 43.37
CA PHE F 567 -8.27 68.95 43.24
C PHE F 567 -8.07 70.36 43.81
N GLU F 568 -9.10 71.20 43.72
CA GLU F 568 -9.03 72.55 44.25
C GLU F 568 -9.05 72.55 45.78
N GLY F 569 -9.70 71.53 46.36
CA GLY F 569 -9.80 71.41 47.81
C GLY F 569 -11.24 71.21 48.28
N GLN F 570 -12.20 71.58 47.44
CA GLN F 570 -13.62 71.46 47.76
C GLN F 570 -14.05 70.02 47.56
N MET F 571 -14.24 69.31 48.68
CA MET F 571 -14.59 67.90 48.66
C MET F 571 -16.08 67.75 48.97
N GLU F 572 -16.76 66.84 48.26
CA GLU F 572 -18.16 66.58 48.48
C GLU F 572 -18.34 65.78 49.77
N GLN F 573 -19.19 66.29 50.66
CA GLN F 573 -19.40 65.67 51.97
C GLN F 573 -20.49 64.61 51.86
N GLY F 574 -20.18 63.41 52.35
CA GLY F 574 -21.12 62.29 52.36
C GLY F 574 -22.15 62.45 53.48
N GLN F 575 -21.66 62.40 54.72
CA GLN F 575 -22.50 62.55 55.91
C GLN F 575 -22.25 63.93 56.50
N ILE F 576 -23.27 64.48 57.16
CA ILE F 576 -23.19 65.79 57.78
C ILE F 576 -22.14 65.72 58.90
N GLY F 577 -21.08 66.53 58.77
CA GLY F 577 -20.00 66.56 59.73
C GLY F 577 -19.06 65.37 59.61
N GLY F 578 -19.03 64.74 58.42
CA GLY F 578 -18.15 63.62 58.17
C GLY F 578 -16.69 64.06 58.01
N SER F 579 -15.77 63.12 58.24
CA SER F 579 -14.34 63.39 58.20
C SER F 579 -13.85 63.41 56.76
N GLY F 580 -14.46 62.58 55.91
CA GLY F 580 -14.15 62.54 54.49
C GLY F 580 -13.00 61.58 54.19
N ASP F 581 -12.54 61.59 52.94
CA ASP F 581 -11.45 60.74 52.49
C ASP F 581 -10.86 61.34 51.23
N VAL F 582 -9.69 60.82 50.82
CA VAL F 582 -9.00 61.27 49.62
C VAL F 582 -9.87 60.98 48.39
N LYS F 583 -9.56 61.67 47.30
CA LYS F 583 -10.42 61.72 46.12
C LYS F 583 -10.54 60.35 45.45
N TYR F 584 -9.52 59.50 45.59
CA TYR F 584 -9.47 58.24 44.87
C TYR F 584 -9.94 57.09 45.78
N HIS F 585 -10.89 57.37 46.67
CA HIS F 585 -11.51 56.33 47.49
C HIS F 585 -13.03 56.43 47.44
N LEU F 586 -13.56 57.33 46.60
CA LEU F 586 -14.98 57.63 46.60
C LEU F 586 -15.70 56.79 45.54
N GLY F 587 -16.99 56.56 45.77
CA GLY F 587 -17.85 55.87 44.83
C GLY F 587 -18.70 56.86 44.04
N SER F 588 -19.46 56.33 43.07
CA SER F 588 -20.38 57.13 42.27
C SER F 588 -21.34 56.21 41.51
N GLU F 589 -22.45 56.78 41.04
CA GLU F 589 -23.44 56.07 40.25
C GLU F 589 -23.70 56.84 38.96
N GLY F 590 -24.04 56.11 37.90
CA GLY F 590 -24.32 56.71 36.62
C GLY F 590 -25.05 55.74 35.68
N GLN F 591 -25.42 56.26 34.50
CA GLN F 591 -26.09 55.49 33.48
C GLN F 591 -25.16 55.34 32.28
N HIS F 592 -25.18 54.15 31.67
CA HIS F 592 -24.45 53.89 30.44
C HIS F 592 -25.46 53.56 29.34
N LEU F 593 -25.43 54.33 28.25
CA LEU F 593 -26.24 54.07 27.08
C LEU F 593 -25.38 53.39 26.01
N GLN F 594 -25.93 52.36 25.36
CA GLN F 594 -25.26 51.71 24.24
C GLN F 594 -25.08 52.70 23.10
N MET F 595 -23.86 52.76 22.56
CA MET F 595 -23.52 53.67 21.48
C MET F 595 -24.16 53.18 20.19
N PHE F 596 -24.11 51.85 19.98
CA PHE F 596 -24.64 51.22 18.78
C PHE F 596 -25.72 50.21 19.17
N GLY F 597 -26.71 50.69 19.94
CA GLY F 597 -27.82 49.86 20.39
C GLY F 597 -28.80 50.66 21.24
N ASP F 598 -29.93 50.04 21.57
CA ASP F 598 -30.99 50.68 22.35
C ASP F 598 -30.88 50.28 23.82
N GLY F 599 -29.86 49.48 24.17
CA GLY F 599 -29.65 49.05 25.54
C GLY F 599 -29.22 50.19 26.45
N GLU F 600 -29.52 50.03 27.75
CA GLU F 600 -29.12 50.98 28.77
C GLU F 600 -28.91 50.20 30.07
N ILE F 601 -27.83 50.52 30.79
CA ILE F 601 -27.50 49.80 32.01
C ILE F 601 -26.99 50.80 33.05
N LYS F 602 -27.24 50.49 34.32
CA LYS F 602 -26.79 51.31 35.43
C LYS F 602 -25.36 50.90 35.80
N VAL F 603 -24.53 51.89 36.11
CA VAL F 603 -23.15 51.65 36.51
C VAL F 603 -22.92 52.27 37.88
N SER F 604 -22.35 51.48 38.80
CA SER F 604 -22.07 51.94 40.14
C SER F 604 -20.64 51.57 40.52
N LEU F 605 -19.96 52.49 41.21
CA LEU F 605 -18.62 52.26 41.75
C LEU F 605 -18.69 52.32 43.27
N THR F 606 -18.13 51.31 43.94
CA THR F 606 -18.23 51.21 45.39
C THR F 606 -17.02 51.89 46.04
N ALA F 607 -17.24 52.48 47.21
CA ALA F 607 -16.18 53.08 48.01
C ALA F 607 -15.29 51.99 48.58
N ASN F 608 -14.01 52.31 48.77
CA ASN F 608 -13.05 51.37 49.32
C ASN F 608 -11.95 52.12 50.06
N PRO F 609 -11.28 51.51 51.05
CA PRO F 609 -10.13 52.11 51.70
C PRO F 609 -8.85 51.94 50.88
N SER F 610 -7.74 52.47 51.42
CA SER F 610 -6.44 52.37 50.75
C SER F 610 -5.90 50.94 50.82
N HIS F 611 -6.45 50.13 51.74
CA HIS F 611 -6.04 48.74 51.90
C HIS F 611 -6.47 47.94 50.68
N LEU F 612 -5.49 47.47 49.90
CA LEU F 612 -5.75 46.86 48.61
C LEU F 612 -6.58 45.58 48.76
N GLU F 613 -7.52 45.39 47.83
CA GLU F 613 -8.28 44.15 47.65
C GLU F 613 -9.28 43.92 48.78
N ALA F 614 -9.47 44.90 49.67
CA ALA F 614 -10.44 44.76 50.75
C ALA F 614 -11.86 44.91 50.21
N VAL F 615 -12.01 45.54 49.05
CA VAL F 615 -13.31 45.78 48.44
C VAL F 615 -13.88 44.50 47.83
N ASN F 616 -13.02 43.50 47.58
CA ASN F 616 -13.42 42.33 46.81
C ASN F 616 -14.64 41.67 47.45
N PRO F 617 -14.62 41.24 48.73
CA PRO F 617 -15.79 40.60 49.32
C PRO F 617 -16.99 41.55 49.46
N VAL F 618 -16.71 42.84 49.67
CA VAL F 618 -17.77 43.82 49.90
C VAL F 618 -18.58 44.00 48.61
N MET F 619 -17.90 44.12 47.47
CA MET F 619 -18.59 44.38 46.22
C MET F 619 -19.40 43.14 45.81
N GLU F 620 -18.92 41.94 46.15
CA GLU F 620 -19.64 40.71 45.86
C GLU F 620 -20.95 40.68 46.66
N GLY F 621 -20.89 41.09 47.92
CA GLY F 621 -22.08 41.16 48.76
C GLY F 621 -23.09 42.17 48.25
N ILE F 622 -22.62 43.32 47.76
CA ILE F 622 -23.48 44.34 47.19
C ILE F 622 -24.23 43.75 46.00
N VAL F 623 -23.52 43.04 45.14
CA VAL F 623 -24.12 42.49 43.94
C VAL F 623 -25.19 41.48 44.32
N ARG F 624 -24.87 40.62 45.30
CA ARG F 624 -25.79 39.57 45.71
C ARG F 624 -27.07 40.19 46.28
N ALA F 625 -26.92 41.24 47.09
CA ALA F 625 -28.07 41.90 47.69
C ALA F 625 -28.95 42.52 46.60
N LYS F 626 -28.32 43.10 45.57
CA LYS F 626 -29.05 43.72 44.47
C LYS F 626 -29.79 42.65 43.67
N GLN F 627 -29.14 41.52 43.41
CA GLN F 627 -29.76 40.43 42.66
C GLN F 627 -30.96 39.87 43.42
N ASP F 628 -30.82 39.70 44.74
CA ASP F 628 -31.90 39.17 45.55
C ASP F 628 -33.10 40.11 45.54
N TYR F 629 -32.85 41.42 45.53
CA TYR F 629 -33.93 42.40 45.50
C TYR F 629 -34.71 42.31 44.19
N LEU F 630 -34.00 42.09 43.07
CA LEU F 630 -34.65 42.00 41.77
C LEU F 630 -35.48 40.73 41.69
N ASP F 631 -34.96 39.63 42.26
CA ASP F 631 -35.70 38.39 42.42
C ASP F 631 -36.13 37.87 41.05
N LYS F 632 -35.14 37.49 40.23
CA LYS F 632 -35.39 36.99 38.89
C LYS F 632 -35.05 35.50 38.81
N GLY F 633 -34.73 34.89 39.95
CA GLY F 633 -34.48 33.46 40.02
C GLY F 633 -33.10 33.07 39.51
N VAL F 634 -32.93 31.77 39.26
CA VAL F 634 -31.64 31.20 38.86
C VAL F 634 -31.29 31.64 37.45
N ASP F 635 -32.30 31.92 36.63
CA ASP F 635 -32.09 32.39 35.26
C ASP F 635 -31.73 33.88 35.25
N GLY F 636 -31.75 34.53 36.42
CA GLY F 636 -31.50 35.96 36.51
C GLY F 636 -30.01 36.27 36.63
N LYS F 637 -29.60 36.75 37.80
CA LYS F 637 -28.24 37.18 38.06
C LYS F 637 -27.86 38.29 37.08
N THR F 638 -28.63 39.38 37.11
CA THR F 638 -28.58 40.42 36.10
C THR F 638 -27.83 41.65 36.62
N VAL F 639 -27.05 41.47 37.70
CA VAL F 639 -26.13 42.49 38.16
C VAL F 639 -24.72 41.93 38.01
N VAL F 640 -23.90 42.62 37.21
CA VAL F 640 -22.57 42.13 36.85
C VAL F 640 -21.56 42.70 37.84
N PRO F 641 -20.77 41.86 38.53
CA PRO F 641 -19.61 42.34 39.28
C PRO F 641 -18.42 42.50 38.35
N LEU F 642 -17.92 43.73 38.24
CA LEU F 642 -16.72 44.00 37.46
C LEU F 642 -15.63 44.46 38.43
N LEU F 643 -14.63 43.59 38.64
CA LEU F 643 -13.66 43.80 39.71
C LEU F 643 -12.28 44.00 39.09
N LEU F 644 -11.65 45.12 39.42
CA LEU F 644 -10.32 45.46 38.92
C LEU F 644 -9.28 45.20 40.00
N HIS F 645 -8.07 44.82 39.57
CA HIS F 645 -6.97 44.50 40.45
C HIS F 645 -5.66 45.00 39.88
N GLY F 646 -4.67 45.26 40.75
CA GLY F 646 -3.28 45.40 40.35
C GLY F 646 -2.58 44.04 40.39
N ASP F 647 -1.53 43.88 39.58
CA ASP F 647 -0.85 42.59 39.44
C ASP F 647 -0.17 42.19 40.75
N ALA F 648 0.51 43.14 41.41
CA ALA F 648 1.20 42.85 42.65
C ALA F 648 0.19 42.47 43.74
N ALA F 649 -0.91 43.24 43.82
CA ALA F 649 -1.92 43.00 44.84
C ALA F 649 -2.66 41.70 44.57
N PHE F 650 -2.93 41.41 43.29
CA PHE F 650 -3.67 40.21 42.92
C PHE F 650 -2.88 38.96 43.31
N ALA F 651 -1.58 38.98 43.08
CA ALA F 651 -0.70 37.87 43.42
C ALA F 651 -0.39 37.86 44.92
N GLY F 652 -0.04 39.04 45.45
CA GLY F 652 0.41 39.17 46.83
C GLY F 652 -0.67 38.84 47.85
N LEU F 653 -1.74 39.64 47.88
CA LEU F 653 -2.74 39.55 48.94
C LEU F 653 -3.52 38.25 48.82
N GLY F 654 -3.97 37.72 49.97
CA GLY F 654 -4.65 36.45 50.04
C GLY F 654 -6.16 36.58 50.03
N ILE F 655 -6.67 37.80 50.28
CA ILE F 655 -8.11 38.05 50.23
C ILE F 655 -8.64 37.80 48.81
N VAL F 656 -7.76 37.93 47.81
CA VAL F 656 -8.17 37.76 46.42
C VAL F 656 -8.68 36.36 46.18
N PRO F 657 -7.85 35.29 46.31
CA PRO F 657 -8.35 33.92 46.11
C PRO F 657 -9.41 33.53 47.14
N GLU F 658 -9.35 34.16 48.32
CA GLU F 658 -10.32 33.91 49.38
C GLU F 658 -11.72 34.28 48.90
N THR F 659 -11.85 35.41 48.19
CA THR F 659 -13.15 35.86 47.73
C THR F 659 -13.60 35.06 46.51
N ILE F 660 -12.66 34.76 45.60
CA ILE F 660 -12.98 34.00 44.41
C ILE F 660 -13.55 32.64 44.83
N ASN F 661 -13.11 32.15 45.99
CA ASN F 661 -13.52 30.88 46.52
C ASN F 661 -15.02 30.85 46.81
N LEU F 662 -15.65 32.03 46.96
CA LEU F 662 -17.07 32.10 47.27
C LEU F 662 -17.94 32.05 46.01
N ALA F 663 -17.31 32.02 44.81
CA ALA F 663 -18.01 32.31 43.57
C ALA F 663 -19.18 31.37 43.32
N LYS F 664 -19.05 30.09 43.70
CA LYS F 664 -20.03 29.09 43.35
C LYS F 664 -20.79 28.60 44.58
N LEU F 665 -20.70 29.32 45.71
CA LEU F 665 -21.39 28.91 46.92
C LEU F 665 -22.84 29.37 46.89
N ARG F 666 -23.72 28.60 47.53
CA ARG F 666 -25.15 28.75 47.42
C ARG F 666 -25.59 30.16 47.86
N GLY F 667 -25.06 30.62 49.00
CA GLY F 667 -25.46 31.90 49.53
C GLY F 667 -24.64 33.08 49.01
N TYR F 668 -23.68 32.83 48.10
CA TYR F 668 -22.74 33.86 47.68
C TYR F 668 -22.65 33.97 46.16
N ASP F 669 -23.29 33.06 45.42
CA ASP F 669 -23.17 33.02 43.96
C ASP F 669 -23.86 34.23 43.36
N VAL F 670 -23.16 34.90 42.43
CA VAL F 670 -23.69 36.08 41.76
C VAL F 670 -23.64 35.91 40.25
N GLY F 671 -23.43 34.67 39.79
CA GLY F 671 -23.43 34.36 38.38
C GLY F 671 -22.09 34.68 37.71
N GLY F 672 -21.02 34.75 38.50
CA GLY F 672 -19.69 34.95 37.98
C GLY F 672 -19.24 36.41 38.06
N THR F 673 -17.95 36.61 38.29
CA THR F 673 -17.34 37.93 38.37
C THR F 673 -16.38 38.09 37.20
N ILE F 674 -16.40 39.27 36.57
CA ILE F 674 -15.43 39.60 35.55
C ILE F 674 -14.25 40.28 36.23
N HIS F 675 -13.08 39.62 36.22
CA HIS F 675 -11.88 40.14 36.84
C HIS F 675 -10.99 40.76 35.77
N ILE F 676 -10.54 41.99 36.02
CA ILE F 676 -9.53 42.63 35.18
C ILE F 676 -8.31 42.90 36.04
N VAL F 677 -7.18 42.28 35.68
CA VAL F 677 -5.92 42.56 36.33
C VAL F 677 -5.11 43.51 35.46
N VAL F 678 -4.88 44.73 35.98
CA VAL F 678 -4.06 45.71 35.29
C VAL F 678 -2.60 45.33 35.53
N ASN F 679 -2.04 44.55 34.61
CA ASN F 679 -0.69 44.03 34.75
C ASN F 679 0.30 45.02 34.14
N ASN F 680 0.72 46.00 34.94
CA ASN F 680 1.68 46.99 34.51
C ASN F 680 3.10 46.53 34.86
N GLN F 681 3.22 45.28 35.32
CA GLN F 681 4.50 44.59 35.43
C GLN F 681 5.37 45.20 36.51
N ILE F 682 4.74 45.83 37.51
CA ILE F 682 5.46 46.46 38.61
C ILE F 682 4.48 46.77 39.74
N GLY F 683 5.00 46.79 40.98
CA GLY F 683 4.29 47.30 42.13
C GLY F 683 4.63 48.76 42.38
N PHE F 684 5.14 49.05 43.57
CA PHE F 684 5.69 50.37 43.88
C PHE F 684 7.08 50.43 43.26
N THR F 685 7.99 49.59 43.77
CA THR F 685 9.33 49.42 43.22
C THR F 685 9.64 47.94 42.98
N THR F 686 8.93 47.06 43.68
CA THR F 686 9.17 45.62 43.57
C THR F 686 8.74 45.12 42.19
N THR F 687 9.68 44.48 41.49
CA THR F 687 9.40 43.85 40.20
C THR F 687 8.72 42.51 40.43
N PRO F 688 8.05 41.95 39.41
CA PRO F 688 7.35 40.66 39.54
C PRO F 688 8.23 39.49 40.02
N ASP F 689 9.54 39.57 39.78
CA ASP F 689 10.47 38.55 40.25
C ASP F 689 10.46 38.50 41.77
N SER F 690 10.36 39.69 42.40
CA SER F 690 10.35 39.81 43.85
C SER F 690 8.92 39.97 44.39
N SER F 691 7.91 39.82 43.53
CA SER F 691 6.52 40.06 43.89
C SER F 691 5.74 38.76 43.94
N ARG F 692 6.01 37.84 43.02
CA ARG F 692 5.28 36.59 42.99
C ARG F 692 6.21 35.45 42.57
N SER F 693 5.73 34.22 42.79
CA SER F 693 6.42 33.01 42.37
C SER F 693 5.71 32.37 41.18
N MET F 694 4.45 32.79 40.93
CA MET F 694 3.67 32.32 39.80
C MET F 694 4.24 32.93 38.54
N HIS F 695 4.03 32.26 37.39
CA HIS F 695 4.47 32.79 36.11
C HIS F 695 3.61 33.99 35.74
N TYR F 696 2.28 33.82 35.86
CA TYR F 696 1.33 34.88 35.59
C TYR F 696 0.66 35.32 36.90
N ALA F 697 0.29 36.60 36.96
CA ALA F 697 -0.43 37.12 38.11
C ALA F 697 -1.80 36.47 38.21
N THR F 698 -2.42 36.18 37.06
CA THR F 698 -3.78 35.65 37.03
C THR F 698 -3.82 34.14 37.18
N ASP F 699 -2.73 33.53 37.67
CA ASP F 699 -2.62 32.09 37.71
C ASP F 699 -3.58 31.47 38.73
N TYR F 700 -4.16 32.29 39.62
CA TYR F 700 -5.18 31.80 40.53
C TYR F 700 -6.38 31.24 39.78
N ALA F 701 -6.61 31.70 38.55
CA ALA F 701 -7.74 31.22 37.74
C ALA F 701 -7.63 29.73 37.46
N LYS F 702 -6.39 29.22 37.33
CA LYS F 702 -6.18 27.81 37.11
C LYS F 702 -6.69 26.99 38.29
N ALA F 703 -6.58 27.55 39.48
CA ALA F 703 -7.08 26.88 40.68
C ALA F 703 -8.59 26.69 40.59
N PHE F 704 -9.31 27.70 40.09
CA PHE F 704 -10.76 27.70 40.13
C PHE F 704 -11.35 27.21 38.81
N GLY F 705 -10.50 26.87 37.84
CA GLY F 705 -10.96 26.30 36.59
C GLY F 705 -11.70 27.31 35.73
N CYS F 706 -11.12 28.52 35.65
CA CYS F 706 -11.73 29.63 34.94
C CYS F 706 -10.83 30.03 33.79
N PRO F 707 -11.40 30.51 32.66
CA PRO F 707 -10.59 30.95 31.53
C PRO F 707 -9.80 32.21 31.86
N VAL F 708 -8.63 32.34 31.24
CA VAL F 708 -7.82 33.55 31.35
C VAL F 708 -7.57 34.06 29.95
N PHE F 709 -7.70 35.39 29.77
CA PHE F 709 -7.32 36.05 28.54
C PHE F 709 -6.21 37.04 28.85
N HIS F 710 -5.02 36.79 28.29
CA HIS F 710 -3.94 37.75 28.32
C HIS F 710 -4.02 38.57 27.05
N VAL F 711 -4.15 39.89 27.18
CA VAL F 711 -4.31 40.74 26.01
C VAL F 711 -3.30 41.88 26.07
N ASN F 712 -2.73 42.19 24.91
CA ASN F 712 -1.76 43.25 24.74
C ASN F 712 -2.47 44.60 24.89
N GLY F 713 -1.96 45.42 25.81
CA GLY F 713 -2.57 46.71 26.13
C GLY F 713 -2.32 47.78 25.07
N ASP F 714 -1.54 47.48 24.04
CA ASP F 714 -1.30 48.42 22.94
C ASP F 714 -2.08 48.03 21.68
N ASP F 715 -2.98 47.03 21.78
CA ASP F 715 -3.85 46.68 20.66
C ASP F 715 -5.30 46.89 21.06
N PRO F 716 -5.87 48.11 20.90
CA PRO F 716 -7.20 48.41 21.42
C PRO F 716 -8.31 47.52 20.89
N GLU F 717 -8.23 47.10 19.61
CA GLU F 717 -9.27 46.30 19.01
C GLU F 717 -9.32 44.92 19.68
N ALA F 718 -8.16 44.33 19.93
CA ALA F 718 -8.08 43.05 20.63
C ALA F 718 -8.60 43.19 22.05
N VAL F 719 -8.29 44.33 22.69
CA VAL F 719 -8.72 44.57 24.06
C VAL F 719 -10.25 44.61 24.10
N VAL F 720 -10.87 45.30 23.14
CA VAL F 720 -12.31 45.45 23.11
C VAL F 720 -12.98 44.10 22.87
N TRP F 721 -12.38 43.28 22.01
CA TRP F 721 -12.93 41.97 21.70
C TRP F 721 -12.91 41.08 22.94
N VAL F 722 -11.81 41.12 23.69
CA VAL F 722 -11.66 40.27 24.86
C VAL F 722 -12.70 40.66 25.90
N GLY F 723 -12.98 41.96 26.04
CA GLY F 723 -13.99 42.44 26.96
C GLY F 723 -15.38 41.89 26.62
N GLN F 724 -15.69 41.85 25.33
CA GLN F 724 -16.96 41.32 24.86
C GLN F 724 -17.02 39.82 25.11
N LEU F 725 -15.93 39.12 24.79
CA LEU F 725 -15.90 37.68 24.91
C LEU F 725 -16.03 37.25 26.37
N ALA F 726 -15.39 38.00 27.28
CA ALA F 726 -15.46 37.67 28.70
C ALA F 726 -16.88 37.82 29.21
N THR F 727 -17.56 38.89 28.79
CA THR F 727 -18.91 39.18 29.27
C THR F 727 -19.89 38.13 28.74
N GLU F 728 -19.69 37.69 27.49
CA GLU F 728 -20.51 36.66 26.89
C GLU F 728 -20.30 35.33 27.62
N TYR F 729 -19.05 35.03 27.97
CA TYR F 729 -18.74 33.80 28.67
C TYR F 729 -19.44 33.77 30.03
N ARG F 730 -19.42 34.90 30.75
CA ARG F 730 -20.07 34.99 32.04
C ARG F 730 -21.56 34.70 31.91
N ARG F 731 -22.21 35.32 30.91
CA ARG F 731 -23.65 35.17 30.74
C ARG F 731 -24.00 33.72 30.42
N ARG F 732 -23.19 33.08 29.58
CA ARG F 732 -23.48 31.74 29.10
C ARG F 732 -23.31 30.70 30.21
N PHE F 733 -22.22 30.82 30.98
CA PHE F 733 -21.79 29.74 31.87
C PHE F 733 -21.86 30.12 33.34
N GLY F 734 -22.01 31.41 33.66
CA GLY F 734 -22.20 31.84 35.02
C GLY F 734 -20.98 31.61 35.89
N LYS F 735 -19.78 31.73 35.30
CA LYS F 735 -18.54 31.51 36.02
C LYS F 735 -17.65 32.75 35.94
N ASP F 736 -16.65 32.81 36.83
CA ASP F 736 -15.67 33.87 36.83
C ASP F 736 -14.82 33.79 35.57
N VAL F 737 -14.38 34.95 35.10
CA VAL F 737 -13.49 35.04 33.95
C VAL F 737 -12.43 36.08 34.29
N PHE F 738 -11.20 35.84 33.84
CA PHE F 738 -10.06 36.67 34.21
C PHE F 738 -9.42 37.25 32.96
N ILE F 739 -9.27 38.57 32.96
CA ILE F 739 -8.58 39.27 31.89
C ILE F 739 -7.27 39.82 32.45
N ASP F 740 -6.16 39.43 31.82
CA ASP F 740 -4.85 39.97 32.15
C ASP F 740 -4.50 41.04 31.13
N LEU F 741 -4.72 42.30 31.49
CA LEU F 741 -4.39 43.41 30.61
C LEU F 741 -2.92 43.76 30.78
N VAL F 742 -2.09 43.32 29.83
CA VAL F 742 -0.65 43.49 29.93
C VAL F 742 -0.30 44.88 29.41
N CYS F 743 0.20 45.73 30.32
CA CYS F 743 0.48 47.12 30.02
C CYS F 743 1.72 47.54 30.78
N TYR F 744 1.93 48.85 30.93
CA TYR F 744 3.05 49.36 31.71
C TYR F 744 2.60 50.60 32.48
N ARG F 745 3.47 51.06 33.39
CA ARG F 745 3.22 52.25 34.18
C ARG F 745 4.21 53.33 33.74
N LEU F 746 3.70 54.36 33.07
CA LEU F 746 4.55 55.32 32.39
C LEU F 746 5.41 56.08 33.40
N ARG F 747 4.78 56.54 34.49
CA ARG F 747 5.47 57.32 35.50
C ARG F 747 5.83 56.43 36.68
N GLY F 748 6.30 57.05 37.77
CA GLY F 748 6.54 56.35 39.02
C GLY F 748 5.24 55.83 39.62
N HIS F 749 5.33 55.23 40.81
CA HIS F 749 4.16 54.73 41.50
C HIS F 749 3.15 55.85 41.66
N ASN F 750 3.63 56.99 42.19
CA ASN F 750 2.88 58.22 42.24
C ASN F 750 3.53 59.21 41.28
N GLU F 751 3.01 60.44 41.23
CA GLU F 751 3.44 61.43 40.26
C GLU F 751 4.67 62.19 40.76
N ALA F 752 5.08 61.96 42.01
CA ALA F 752 6.23 62.62 42.59
C ALA F 752 7.26 61.61 43.07
N ASP F 753 7.59 60.65 42.19
CA ASP F 753 8.54 59.60 42.49
C ASP F 753 9.35 59.28 41.24
N ASP F 754 10.65 59.00 41.42
CA ASP F 754 11.55 58.70 40.32
C ASP F 754 11.79 57.20 40.28
N PRO F 755 11.27 56.47 39.26
CA PRO F 755 11.47 55.02 39.16
C PRO F 755 12.78 54.59 38.52
N SER F 756 13.59 55.56 38.05
CA SER F 756 14.84 55.27 37.37
C SER F 756 15.94 54.88 38.36
N MET F 757 15.73 55.21 39.64
CA MET F 757 16.72 54.93 40.68
C MET F 757 16.86 53.42 40.87
N THR F 758 15.74 52.70 40.76
CA THR F 758 15.67 51.29 41.13
C THR F 758 15.39 50.39 39.93
N GLN F 759 14.68 50.91 38.92
CA GLN F 759 14.47 50.20 37.67
C GLN F 759 14.98 51.04 36.50
N PRO F 760 16.32 51.18 36.31
CA PRO F 760 16.85 52.00 35.22
C PRO F 760 16.62 51.37 33.85
N LYS F 761 16.76 50.04 33.76
CA LYS F 761 16.70 49.34 32.49
C LYS F 761 15.26 49.28 31.99
N MET F 762 14.32 49.02 32.89
CA MET F 762 12.91 48.90 32.53
C MET F 762 12.40 50.25 32.01
N TYR F 763 12.82 51.34 32.66
CA TYR F 763 12.31 52.67 32.32
C TYR F 763 13.16 53.32 31.23
N GLU F 764 14.16 52.62 30.69
CA GLU F 764 14.80 53.02 29.45
C GLU F 764 13.90 52.67 28.27
N LEU F 765 13.17 51.55 28.40
CA LEU F 765 12.20 51.14 27.39
C LEU F 765 10.95 52.01 27.45
N ILE F 766 10.47 52.31 28.67
CA ILE F 766 9.19 52.97 28.84
C ILE F 766 9.30 54.43 28.41
N THR F 767 10.33 55.12 28.88
CA THR F 767 10.50 56.54 28.62
C THR F 767 10.69 56.77 27.11
N GLY F 768 9.87 57.66 26.55
CA GLY F 768 10.01 58.09 25.17
C GLY F 768 9.09 57.35 24.20
N ARG F 769 8.33 56.37 24.70
CA ARG F 769 7.41 55.61 23.86
C ARG F 769 6.27 56.51 23.37
N GLU F 770 5.74 56.18 22.20
CA GLU F 770 4.50 56.78 21.74
C GLU F 770 3.34 56.05 22.41
N THR F 771 2.30 56.81 22.78
CA THR F 771 1.18 56.29 23.55
C THR F 771 0.32 55.39 22.67
N VAL F 772 -0.57 54.63 23.32
CA VAL F 772 -1.46 53.72 22.63
C VAL F 772 -2.41 54.52 21.74
N ARG F 773 -2.84 55.70 22.21
CA ARG F 773 -3.69 56.58 21.43
C ARG F 773 -3.00 57.00 20.15
N ALA F 774 -1.73 57.44 20.28
CA ALA F 774 -0.94 57.85 19.14
C ALA F 774 -0.79 56.67 18.17
N GLN F 775 -0.49 55.49 18.71
CA GLN F 775 -0.26 54.31 17.91
C GLN F 775 -1.52 53.97 17.13
N TYR F 776 -2.67 54.00 17.80
CA TYR F 776 -3.92 53.61 17.19
C TYR F 776 -4.33 54.64 16.13
N THR F 777 -4.11 55.92 16.40
CA THR F 777 -4.44 56.97 15.45
C THR F 777 -3.65 56.75 14.16
N GLU F 778 -2.34 56.50 14.30
CA GLU F 778 -1.47 56.27 13.17
C GLU F 778 -1.91 55.03 12.39
N ASP F 779 -2.35 54.00 13.12
CA ASP F 779 -2.81 52.76 12.53
C ASP F 779 -4.06 53.01 11.68
N LEU F 780 -5.01 53.77 12.24
CA LEU F 780 -6.27 54.05 11.56
C LEU F 780 -6.02 54.89 10.32
N LEU F 781 -5.13 55.89 10.41
CA LEU F 781 -4.79 56.75 9.28
C LEU F 781 -4.09 55.94 8.19
N GLY F 782 -3.21 55.02 8.61
CA GLY F 782 -2.45 54.20 7.67
C GLY F 782 -3.36 53.30 6.84
N ARG F 783 -4.38 52.72 7.47
CA ARG F 783 -5.28 51.79 6.81
C ARG F 783 -6.40 52.54 6.07
N GLY F 784 -6.48 53.86 6.28
CA GLY F 784 -7.46 54.69 5.59
C GLY F 784 -8.85 54.58 6.21
N ASP F 785 -8.90 54.06 7.46
CA ASP F 785 -10.17 53.86 8.16
C ASP F 785 -10.60 55.17 8.82
N LEU F 786 -9.65 56.11 8.98
CA LEU F 786 -9.94 57.41 9.56
C LEU F 786 -9.28 58.50 8.71
N SER F 787 -9.92 59.67 8.68
CA SER F 787 -9.40 60.83 7.96
C SER F 787 -8.69 61.76 8.94
N ASN F 788 -7.89 62.68 8.40
CA ASN F 788 -7.02 63.54 9.22
C ASN F 788 -7.87 64.51 10.04
N GLU F 789 -8.81 65.20 9.39
CA GLU F 789 -9.60 66.24 10.05
C GLU F 789 -10.44 65.64 11.16
N ASP F 790 -10.87 64.37 11.01
CA ASP F 790 -11.61 63.67 12.04
C ASP F 790 -10.69 63.39 13.23
N ALA F 791 -9.44 63.03 12.95
CA ALA F 791 -8.46 62.73 13.99
C ALA F 791 -8.20 63.96 14.85
N GLU F 792 -8.04 65.13 14.21
CA GLU F 792 -7.77 66.37 14.93
C GLU F 792 -9.04 66.83 15.65
N ALA F 793 -10.21 66.52 15.09
CA ALA F 793 -11.48 66.91 15.68
C ALA F 793 -11.66 66.23 17.03
N VAL F 794 -11.33 64.94 17.10
CA VAL F 794 -11.50 64.15 18.32
C VAL F 794 -10.68 64.77 19.46
N VAL F 795 -9.42 65.11 19.16
CA VAL F 795 -8.51 65.66 20.15
C VAL F 795 -8.98 67.05 20.59
N ARG F 796 -9.38 67.88 19.61
CA ARG F 796 -9.71 69.27 19.87
C ARG F 796 -11.03 69.38 20.62
N ASP F 797 -12.03 68.59 20.21
CA ASP F 797 -13.36 68.66 20.78
C ASP F 797 -13.30 68.32 22.27
N PHE F 798 -12.55 67.27 22.63
CA PHE F 798 -12.48 66.83 24.01
C PHE F 798 -11.69 67.81 24.87
N HIS F 799 -10.64 68.41 24.30
CA HIS F 799 -9.83 69.38 25.03
C HIS F 799 -10.65 70.63 25.34
N ASP F 800 -11.47 71.07 24.38
CA ASP F 800 -12.31 72.24 24.55
C ASP F 800 -13.33 71.99 25.65
N GLN F 801 -13.84 70.76 25.73
CA GLN F 801 -14.79 70.37 26.76
C GLN F 801 -14.17 70.56 28.14
N MET F 802 -12.92 70.07 28.30
CA MET F 802 -12.24 70.09 29.59
C MET F 802 -11.86 71.52 29.97
N GLU F 803 -11.45 72.32 28.99
CA GLU F 803 -11.05 73.71 29.24
C GLU F 803 -12.26 74.51 29.73
N SER F 804 -13.41 74.34 29.07
CA SER F 804 -14.61 75.08 29.41
C SER F 804 -15.04 74.78 30.85
N VAL F 805 -15.03 73.49 31.21
CA VAL F 805 -15.43 73.05 32.54
C VAL F 805 -14.44 73.58 33.58
N PHE F 806 -13.14 73.55 33.25
CA PHE F 806 -12.10 74.00 34.15
C PHE F 806 -12.29 75.48 34.49
N ASN F 807 -12.68 76.28 33.49
CA ASN F 807 -12.84 77.72 33.65
C ASN F 807 -14.01 78.02 34.59
N GLU F 808 -15.09 77.24 34.50
CA GLU F 808 -16.27 77.46 35.32
C GLU F 808 -15.97 77.14 36.78
N VAL F 809 -15.07 76.17 37.02
CA VAL F 809 -14.68 75.79 38.36
C VAL F 809 -13.79 76.90 38.95
N LYS F 810 -12.94 77.49 38.10
CA LYS F 810 -11.95 78.45 38.55
C LYS F 810 -12.63 79.77 38.92
N GLU F 811 -13.64 80.17 38.15
CA GLU F 811 -14.33 81.44 38.38
C GLU F 811 -15.12 81.38 39.68
N GLY F 812 -15.54 80.19 40.09
CA GLY F 812 -16.22 80.01 41.37
C GLY F 812 -15.30 80.31 42.55
N GLY F 813 -15.88 80.84 43.62
CA GLY F 813 -15.12 81.23 44.81
C GLY F 813 -14.58 80.01 45.56
N LYS F 814 -13.33 80.14 46.03
CA LYS F 814 -12.67 79.08 46.78
C LYS F 814 -12.90 79.29 48.28
N LYS F 815 -13.82 78.49 48.85
CA LYS F 815 -14.12 78.54 50.27
C LYS F 815 -12.89 78.14 51.09
N GLN F 816 -12.70 78.81 52.23
CA GLN F 816 -11.57 78.55 53.10
C GLN F 816 -11.82 77.28 53.91
N ALA F 817 -10.78 76.82 54.61
CA ALA F 817 -10.85 75.63 55.44
C ALA F 817 -11.76 75.88 56.64
N GLU F 818 -12.49 74.84 57.05
CA GLU F 818 -13.38 74.91 58.20
C GLU F 818 -13.18 73.65 59.05
N ALA F 819 -13.49 73.77 60.34
CA ALA F 819 -13.41 72.64 61.26
C ALA F 819 -14.59 71.70 61.01
N GLN F 820 -14.32 70.39 61.07
CA GLN F 820 -15.33 69.37 60.86
C GLN F 820 -15.89 68.95 62.22
N THR F 821 -17.23 68.95 62.34
CA THR F 821 -17.90 68.83 63.62
C THR F 821 -17.93 67.37 64.06
N GLY F 822 -18.64 66.53 63.30
CA GLY F 822 -18.80 65.12 63.65
C GLY F 822 -20.16 64.58 63.16
N ILE F 823 -20.36 63.27 63.35
CA ILE F 823 -21.53 62.59 62.82
C ILE F 823 -22.41 62.07 63.95
N THR F 824 -22.25 62.64 65.15
CA THR F 824 -22.94 62.13 66.32
C THR F 824 -24.45 62.24 66.15
N GLY F 825 -24.93 63.44 65.79
CA GLY F 825 -26.35 63.71 65.69
C GLY F 825 -26.85 63.73 64.24
N SER F 826 -26.12 63.10 63.33
CA SER F 826 -26.47 63.10 61.92
C SER F 826 -27.66 62.18 61.65
N GLN F 827 -27.89 61.22 62.55
CA GLN F 827 -29.04 60.33 62.47
C GLN F 827 -29.83 60.41 63.77
N LYS F 828 -31.13 60.12 63.69
CA LYS F 828 -32.03 60.31 64.82
C LYS F 828 -32.26 58.97 65.53
N LEU F 829 -32.36 59.03 66.87
CA LEU F 829 -32.69 57.87 67.67
C LEU F 829 -34.20 57.62 67.62
N PRO F 830 -34.63 56.35 67.60
CA PRO F 830 -36.05 56.01 67.58
C PRO F 830 -36.75 56.18 68.93
N HIS F 831 -37.08 57.43 69.27
CA HIS F 831 -37.78 57.74 70.51
C HIS F 831 -39.25 57.32 70.38
N GLY F 832 -39.73 56.57 71.37
CA GLY F 832 -41.14 56.20 71.45
C GLY F 832 -41.45 54.90 70.73
N LEU F 833 -40.43 54.24 70.16
CA LEU F 833 -40.65 53.02 69.38
C LEU F 833 -40.88 51.85 70.33
N GLU F 834 -41.94 51.08 70.07
CA GLU F 834 -42.28 49.90 70.84
C GLU F 834 -41.99 48.65 70.03
N THR F 835 -41.28 47.69 70.64
CA THR F 835 -40.73 46.55 69.92
C THR F 835 -41.42 45.25 70.33
N ASN F 836 -42.45 45.34 71.18
CA ASN F 836 -43.20 44.15 71.59
C ASN F 836 -44.10 43.68 70.46
N ILE F 837 -44.39 42.38 70.47
CA ILE F 837 -45.31 41.77 69.52
C ILE F 837 -46.57 41.32 70.26
N SER F 838 -47.62 40.98 69.51
CA SER F 838 -48.87 40.53 70.10
C SER F 838 -48.74 39.07 70.52
N ARG F 839 -49.65 38.63 71.40
CA ARG F 839 -49.70 37.25 71.85
C ARG F 839 -49.97 36.33 70.66
N GLU F 840 -50.86 36.77 69.76
CA GLU F 840 -51.22 35.98 68.60
C GLU F 840 -49.99 35.76 67.73
N GLU F 841 -49.17 36.81 67.58
CA GLU F 841 -47.95 36.72 66.78
C GLU F 841 -46.98 35.73 67.44
N LEU F 842 -46.88 35.81 68.76
CA LEU F 842 -45.95 34.95 69.49
C LEU F 842 -46.38 33.49 69.39
N LEU F 843 -47.68 33.23 69.58
CA LEU F 843 -48.22 31.88 69.50
C LEU F 843 -48.01 31.31 68.09
N GLU F 844 -48.20 32.13 67.07
CA GLU F 844 -48.06 31.70 65.69
C GLU F 844 -46.60 31.33 65.40
N LEU F 845 -45.66 32.12 65.96
CA LEU F 845 -44.24 31.86 65.77
C LEU F 845 -43.86 30.52 66.41
N GLY F 846 -44.43 30.26 67.58
CA GLY F 846 -44.23 28.99 68.26
C GLY F 846 -44.77 27.81 67.46
N GLN F 847 -45.94 28.00 66.84
CA GLN F 847 -46.61 26.94 66.12
C GLN F 847 -45.87 26.58 64.83
N ALA F 848 -44.94 27.44 64.41
CA ALA F 848 -44.21 27.20 63.17
C ALA F 848 -43.39 25.92 63.23
N PHE F 849 -42.91 25.58 64.44
CA PHE F 849 -42.06 24.41 64.65
C PHE F 849 -42.89 23.13 64.76
N ALA F 850 -44.21 23.27 64.95
CA ALA F 850 -45.11 22.14 64.98
C ALA F 850 -45.68 21.84 63.60
N ASN F 851 -45.66 22.83 62.69
CA ASN F 851 -46.23 22.66 61.35
C ASN F 851 -45.19 22.07 60.41
N THR F 852 -44.76 20.85 60.69
CA THR F 852 -43.77 20.17 59.87
C THR F 852 -44.42 19.72 58.57
N PRO F 853 -43.64 19.60 57.46
CA PRO F 853 -44.16 19.01 56.23
C PRO F 853 -44.73 17.61 56.43
N GLU F 854 -45.37 17.08 55.38
CA GLU F 854 -46.17 15.87 55.49
C GLU F 854 -45.32 14.69 55.93
N GLY F 855 -44.20 14.45 55.25
CA GLY F 855 -43.38 13.28 55.53
C GLY F 855 -42.10 13.61 56.30
N PHE F 856 -42.13 14.69 57.09
CA PHE F 856 -40.95 15.17 57.79
C PHE F 856 -41.00 14.72 59.25
N ASN F 857 -39.85 14.29 59.76
CA ASN F 857 -39.67 13.97 61.17
C ASN F 857 -38.38 14.61 61.65
N TYR F 858 -38.38 15.10 62.89
CA TYR F 858 -37.21 15.71 63.48
C TYR F 858 -36.20 14.65 63.88
N HIS F 859 -34.91 15.02 63.88
CA HIS F 859 -33.87 14.22 64.48
C HIS F 859 -34.20 14.03 65.96
N PRO F 860 -34.05 12.81 66.53
CA PRO F 860 -34.42 12.55 67.92
C PRO F 860 -33.86 13.50 68.98
N ARG F 861 -32.69 14.11 68.70
CA ARG F 861 -32.08 15.05 69.62
C ARG F 861 -32.51 16.48 69.31
N VAL F 862 -33.22 16.68 68.20
CA VAL F 862 -33.73 18.00 67.83
C VAL F 862 -35.21 18.12 68.21
N ALA F 863 -35.93 16.97 68.24
CA ALA F 863 -37.36 16.99 68.49
C ALA F 863 -37.69 17.65 69.83
N PRO F 864 -36.95 17.36 70.93
CA PRO F 864 -37.19 18.05 72.20
C PRO F 864 -37.06 19.57 72.13
N VAL F 865 -36.12 20.05 71.30
CA VAL F 865 -35.90 21.48 71.13
C VAL F 865 -37.11 22.09 70.44
N ALA F 866 -37.59 21.43 69.38
CA ALA F 866 -38.75 21.89 68.64
C ALA F 866 -39.99 21.88 69.54
N LYS F 867 -40.15 20.83 70.35
CA LYS F 867 -41.32 20.70 71.21
C LYS F 867 -41.30 21.80 72.27
N LYS F 868 -40.11 22.14 72.76
CA LYS F 868 -39.98 23.15 73.80
C LYS F 868 -40.34 24.52 73.24
N ARG F 869 -39.96 24.76 71.98
CA ARG F 869 -40.25 26.04 71.34
C ARG F 869 -41.76 26.23 71.17
N VAL F 870 -42.48 25.14 70.91
CA VAL F 870 -43.92 25.20 70.73
C VAL F 870 -44.59 25.50 72.07
N SER F 871 -44.04 24.97 73.17
CA SER F 871 -44.68 25.08 74.47
C SER F 871 -44.22 26.32 75.23
N SER F 872 -43.01 26.81 74.93
CA SER F 872 -42.41 27.91 75.69
C SER F 872 -43.18 29.22 75.49
N VAL F 873 -43.80 29.39 74.32
CA VAL F 873 -44.50 30.61 73.97
C VAL F 873 -45.75 30.80 74.82
N THR F 874 -46.17 29.76 75.55
CA THR F 874 -47.29 29.88 76.48
C THR F 874 -46.82 29.63 77.91
N GLU F 875 -46.00 28.59 78.12
CA GLU F 875 -45.61 28.17 79.46
C GLU F 875 -44.49 29.05 79.99
N GLY F 876 -43.49 29.31 79.14
CA GLY F 876 -42.33 30.12 79.51
C GLY F 876 -41.03 29.35 79.31
N GLY F 877 -39.96 29.87 79.90
CA GLY F 877 -38.65 29.26 79.78
C GLY F 877 -38.11 29.38 78.36
N ILE F 878 -38.23 30.57 77.78
CA ILE F 878 -37.68 30.84 76.47
C ILE F 878 -36.18 31.11 76.62
N ASP F 879 -35.37 30.31 75.92
CA ASP F 879 -33.92 30.38 76.03
C ASP F 879 -33.39 31.38 74.99
N TRP F 880 -32.08 31.61 75.02
CA TRP F 880 -31.45 32.64 74.21
C TRP F 880 -31.71 32.41 72.72
N ALA F 881 -31.45 31.18 72.24
CA ALA F 881 -31.54 30.89 70.83
C ALA F 881 -32.96 31.14 70.33
N TRP F 882 -33.96 30.74 71.12
CA TRP F 882 -35.35 30.89 70.74
C TRP F 882 -35.73 32.36 70.74
N GLY F 883 -35.22 33.11 71.73
CA GLY F 883 -35.43 34.55 71.79
C GLY F 883 -34.90 35.26 70.54
N GLU F 884 -33.73 34.82 70.06
CA GLU F 884 -33.11 35.39 68.87
C GLU F 884 -33.95 35.07 67.63
N LEU F 885 -34.37 33.80 67.49
CA LEU F 885 -35.15 33.39 66.34
C LEU F 885 -36.52 34.08 66.32
N LEU F 886 -37.09 34.32 67.50
CA LEU F 886 -38.37 35.02 67.59
C LEU F 886 -38.24 36.44 67.02
N ALA F 887 -37.09 37.09 67.25
CA ALA F 887 -36.84 38.42 66.71
C ALA F 887 -36.77 38.36 65.18
N PHE F 888 -35.95 37.45 64.66
CA PHE F 888 -35.76 37.35 63.22
C PHE F 888 -37.04 36.87 62.54
N GLY F 889 -37.77 35.97 63.19
CA GLY F 889 -39.02 35.47 62.65
C GLY F 889 -40.06 36.57 62.55
N SER F 890 -40.22 37.36 63.61
CA SER F 890 -41.20 38.43 63.66
C SER F 890 -40.92 39.48 62.59
N LEU F 891 -39.62 39.73 62.34
CA LEU F 891 -39.23 40.71 61.34
C LEU F 891 -39.52 40.19 59.94
N ALA F 892 -39.23 38.90 59.71
CA ALA F 892 -39.50 38.29 58.42
C ALA F 892 -41.00 38.25 58.14
N ASN F 893 -41.82 38.08 59.19
CA ASN F 893 -43.26 38.06 59.03
C ASN F 893 -43.76 39.40 58.51
N SER F 894 -43.15 40.51 58.94
CA SER F 894 -43.57 41.85 58.56
C SER F 894 -43.29 42.12 57.08
N GLY F 895 -42.39 41.34 56.48
CA GLY F 895 -42.13 41.40 55.05
C GLY F 895 -40.67 41.68 54.71
N ARG F 896 -39.79 41.61 55.72
CA ARG F 896 -38.39 41.96 55.52
C ARG F 896 -37.59 40.72 55.11
N LEU F 897 -36.52 40.95 54.36
CA LEU F 897 -35.56 39.92 54.02
C LEU F 897 -34.54 39.85 55.13
N VAL F 898 -34.59 38.75 55.91
CA VAL F 898 -33.67 38.53 57.01
C VAL F 898 -32.65 37.49 56.57
N ARG F 899 -31.36 37.88 56.60
CA ARG F 899 -30.27 37.00 56.20
C ARG F 899 -29.32 36.80 57.37
N LEU F 900 -29.14 35.52 57.74
CA LEU F 900 -28.20 35.15 58.79
C LEU F 900 -27.14 34.25 58.17
N ALA F 901 -25.87 34.68 58.23
CA ALA F 901 -24.77 33.92 57.67
C ALA F 901 -23.66 33.82 58.69
N GLY F 902 -22.83 32.78 58.55
CA GLY F 902 -21.72 32.55 59.45
C GLY F 902 -21.33 31.07 59.47
N GLU F 903 -20.17 30.77 60.05
CA GLU F 903 -19.67 29.41 60.11
C GLU F 903 -20.56 28.60 61.03
N ASP F 904 -21.21 27.57 60.45
CA ASP F 904 -22.01 26.62 61.19
C ASP F 904 -23.24 27.30 61.80
N SER F 905 -23.84 28.23 61.05
CA SER F 905 -24.89 29.08 61.58
C SER F 905 -26.26 28.40 61.55
N ARG F 906 -26.48 27.48 60.61
CA ARG F 906 -27.79 26.87 60.44
C ARG F 906 -28.12 26.01 61.65
N ARG F 907 -27.13 25.25 62.13
CA ARG F 907 -27.30 24.44 63.33
C ARG F 907 -26.93 25.27 64.55
N GLY F 908 -25.87 26.08 64.43
CA GLY F 908 -25.30 26.79 65.56
C GLY F 908 -24.04 26.10 66.05
N THR F 909 -23.02 26.90 66.41
CA THR F 909 -21.75 26.37 66.89
C THR F 909 -21.97 25.52 68.14
N PHE F 910 -22.91 25.95 69.00
CA PHE F 910 -23.17 25.31 70.27
C PHE F 910 -24.46 24.51 70.22
N THR F 911 -24.89 24.15 69.00
CA THR F 911 -26.05 23.27 68.79
C THR F 911 -27.28 23.85 69.49
N GLN F 912 -27.50 25.16 69.32
CA GLN F 912 -28.55 25.84 70.05
C GLN F 912 -29.64 26.35 69.11
N ARG F 913 -29.30 26.65 67.85
CA ARG F 913 -30.19 27.39 66.97
C ARG F 913 -31.18 26.46 66.29
N HIS F 914 -30.66 25.53 65.47
CA HIS F 914 -31.51 24.64 64.68
C HIS F 914 -32.51 25.46 63.88
N ALA F 915 -31.99 26.43 63.10
CA ALA F 915 -32.82 27.25 62.24
C ALA F 915 -33.37 26.39 61.10
N VAL F 916 -32.53 25.51 60.56
CA VAL F 916 -32.93 24.56 59.55
C VAL F 916 -32.77 23.15 60.12
N ALA F 917 -33.87 22.40 60.17
CA ALA F 917 -33.85 21.03 60.67
C ALA F 917 -33.75 20.07 59.49
N ILE F 918 -33.04 18.95 59.70
CA ILE F 918 -32.82 17.95 58.67
C ILE F 918 -33.44 16.64 59.13
N ASP F 919 -34.22 16.02 58.24
CA ASP F 919 -34.82 14.71 58.49
C ASP F 919 -33.70 13.66 58.38
N PRO F 920 -33.42 12.88 59.45
CA PRO F 920 -32.37 11.86 59.39
C PRO F 920 -32.50 10.88 58.22
N ALA F 921 -33.75 10.48 57.93
CA ALA F 921 -34.03 9.47 56.92
C ALA F 921 -33.78 10.02 55.51
N THR F 922 -34.51 11.08 55.15
CA THR F 922 -34.59 11.53 53.77
C THR F 922 -33.57 12.64 53.48
N ALA F 923 -32.95 13.18 54.54
CA ALA F 923 -32.05 14.34 54.43
C ALA F 923 -32.79 15.55 53.90
N GLU F 924 -34.09 15.64 54.19
CA GLU F 924 -34.93 16.75 53.74
C GLU F 924 -34.76 17.91 54.72
N GLU F 925 -34.57 19.12 54.18
CA GLU F 925 -34.39 20.31 54.99
C GLU F 925 -35.76 20.93 55.29
N PHE F 926 -35.87 21.57 56.46
CA PHE F 926 -37.07 22.28 56.86
C PHE F 926 -36.68 23.56 57.58
N ASN F 927 -37.18 24.70 57.07
CA ASN F 927 -36.92 26.01 57.63
C ASN F 927 -38.24 26.57 58.14
N PRO F 928 -38.62 26.31 59.42
CA PRO F 928 -39.95 26.67 59.92
C PRO F 928 -40.29 28.15 59.75
N LEU F 929 -39.34 29.04 60.05
CA LEU F 929 -39.60 30.46 60.12
C LEU F 929 -39.73 31.05 58.71
N HIS F 930 -38.99 30.49 57.74
CA HIS F 930 -39.11 30.94 56.37
C HIS F 930 -40.49 30.59 55.83
N GLU F 931 -40.98 29.38 56.13
CA GLU F 931 -42.27 28.93 55.64
C GLU F 931 -43.38 29.80 56.23
N LEU F 932 -43.24 30.16 57.51
CA LEU F 932 -44.24 30.99 58.15
C LEU F 932 -44.27 32.37 57.49
N ALA F 933 -43.08 32.94 57.24
CA ALA F 933 -42.97 34.28 56.68
C ALA F 933 -43.62 34.33 55.30
N GLN F 934 -43.37 33.30 54.49
CA GLN F 934 -43.89 33.24 53.14
C GLN F 934 -45.41 33.06 53.13
N SER F 935 -45.98 32.56 54.22
CA SER F 935 -47.41 32.31 54.30
C SER F 935 -48.18 33.53 54.81
N LYS F 936 -47.47 34.59 55.22
CA LYS F 936 -48.12 35.77 55.78
C LYS F 936 -48.47 36.78 54.69
N GLY F 937 -47.95 36.56 53.47
CA GLY F 937 -48.34 37.35 52.32
C GLY F 937 -47.71 38.74 52.29
N ASN F 938 -46.54 38.88 52.93
CA ASN F 938 -45.75 40.10 52.84
C ASN F 938 -44.43 39.83 52.12
N ASN F 939 -44.27 38.61 51.59
CA ASN F 939 -43.09 38.21 50.85
C ASN F 939 -41.83 38.35 51.71
N GLY F 940 -41.96 38.05 53.01
CA GLY F 940 -40.82 38.03 53.91
C GLY F 940 -40.00 36.76 53.71
N LYS F 941 -38.70 36.84 54.02
CA LYS F 941 -37.80 35.72 53.84
C LYS F 941 -36.88 35.61 55.05
N PHE F 942 -36.60 34.36 55.45
CA PHE F 942 -35.59 34.07 56.46
C PHE F 942 -34.56 33.13 55.85
N LEU F 943 -33.41 33.69 55.44
CA LEU F 943 -32.36 32.95 54.77
C LEU F 943 -31.22 32.70 55.74
N VAL F 944 -30.84 31.42 55.90
CA VAL F 944 -29.75 31.05 56.78
C VAL F 944 -28.72 30.27 55.96
N TYR F 945 -27.45 30.67 56.05
CA TYR F 945 -26.39 30.07 55.26
C TYR F 945 -25.22 29.66 56.15
N ASN F 946 -24.57 28.56 55.78
CA ASN F 946 -23.28 28.18 56.33
C ASN F 946 -22.19 28.80 55.46
N SER F 947 -21.39 29.69 56.06
CA SER F 947 -20.33 30.37 55.35
C SER F 947 -19.17 29.41 55.06
N ALA F 948 -18.23 29.85 54.22
CA ALA F 948 -16.97 29.16 54.05
C ALA F 948 -16.05 29.50 55.22
N LEU F 949 -14.89 28.83 55.28
CA LEU F 949 -13.90 29.05 56.31
C LEU F 949 -13.19 30.36 56.04
N THR F 950 -13.81 31.46 56.46
CA THR F 950 -13.29 32.79 56.22
C THR F 950 -14.01 33.80 57.11
N GLU F 951 -13.24 34.69 57.73
CA GLU F 951 -13.79 35.81 58.48
C GLU F 951 -13.69 37.07 57.63
N TYR F 952 -12.53 37.27 57.00
CA TYR F 952 -12.29 38.43 56.16
C TYR F 952 -13.39 38.50 55.09
N ALA F 953 -13.46 37.47 54.23
CA ALA F 953 -14.43 37.46 53.14
C ALA F 953 -15.84 37.25 53.68
N GLY F 954 -15.97 36.46 54.74
CA GLY F 954 -17.27 36.16 55.33
C GLY F 954 -17.99 37.42 55.82
N MET F 955 -17.31 38.20 56.66
CA MET F 955 -17.92 39.39 57.24
C MET F 955 -18.02 40.50 56.19
N GLY F 956 -16.99 40.58 55.33
CA GLY F 956 -16.98 41.55 54.26
C GLY F 956 -18.20 41.41 53.34
N PHE F 957 -18.55 40.17 53.03
CA PHE F 957 -19.69 39.88 52.17
C PHE F 957 -20.99 40.34 52.83
N GLU F 958 -21.13 40.11 54.13
CA GLU F 958 -22.35 40.50 54.83
C GLU F 958 -22.44 42.00 54.94
N TYR F 959 -21.31 42.68 55.13
CA TYR F 959 -21.28 44.13 55.15
C TYR F 959 -21.78 44.66 53.81
N GLY F 960 -21.25 44.08 52.73
CA GLY F 960 -21.65 44.45 51.38
C GLY F 960 -23.13 44.27 51.16
N TYR F 961 -23.68 43.16 51.70
CA TYR F 961 -25.09 42.86 51.57
C TYR F 961 -25.93 43.97 52.21
N SER F 962 -25.48 44.45 53.37
CA SER F 962 -26.21 45.48 54.10
C SER F 962 -26.19 46.81 53.34
N VAL F 963 -25.16 47.03 52.51
CA VAL F 963 -25.02 48.25 51.74
C VAL F 963 -25.85 48.14 50.46
N GLY F 964 -25.83 46.96 49.83
CA GLY F 964 -26.56 46.73 48.60
C GLY F 964 -28.08 46.72 48.78
N ASN F 965 -28.55 46.37 49.97
CA ASN F 965 -29.96 46.40 50.30
C ASN F 965 -30.13 46.93 51.72
N GLU F 966 -30.55 48.19 51.82
CA GLU F 966 -30.61 48.91 53.08
C GLU F 966 -31.78 48.41 53.93
N ASP F 967 -32.79 47.80 53.28
CA ASP F 967 -34.00 47.38 53.95
C ASP F 967 -33.86 45.98 54.52
N SER F 968 -32.82 45.25 54.12
CA SER F 968 -32.60 43.89 54.60
C SER F 968 -32.04 43.93 56.02
N ILE F 969 -32.30 42.85 56.77
CA ILE F 969 -31.67 42.63 58.07
C ILE F 969 -30.62 41.56 57.89
N VAL F 970 -29.35 41.94 58.07
CA VAL F 970 -28.22 41.05 57.83
C VAL F 970 -27.46 40.87 59.14
N ALA F 971 -27.21 39.62 59.51
CA ALA F 971 -26.43 39.31 60.69
C ALA F 971 -25.30 38.35 60.29
N TRP F 972 -24.07 38.71 60.66
CA TRP F 972 -22.93 37.82 60.53
C TRP F 972 -22.59 37.26 61.90
N GLU F 973 -22.43 35.94 61.97
CA GLU F 973 -22.11 35.28 63.23
C GLU F 973 -20.70 34.68 63.13
N ALA F 974 -19.84 35.06 64.06
CA ALA F 974 -18.54 34.41 64.21
C ALA F 974 -18.73 33.13 65.01
N GLN F 975 -17.88 32.14 64.73
CA GLN F 975 -17.91 30.88 65.48
C GLN F 975 -17.52 31.18 66.92
N PHE F 976 -16.41 31.90 67.09
CA PHE F 976 -16.06 32.54 68.34
C PHE F 976 -15.65 33.97 68.04
N GLY F 977 -15.93 34.88 68.98
CA GLY F 977 -15.55 36.28 68.84
C GLY F 977 -14.04 36.46 68.64
N ASP F 978 -13.24 35.50 69.14
CA ASP F 978 -11.80 35.57 69.11
C ASP F 978 -11.27 35.60 67.68
N PHE F 979 -12.03 34.99 66.74
CA PHE F 979 -11.58 34.86 65.36
C PHE F 979 -11.95 36.08 64.53
N ALA F 980 -12.71 37.03 65.11
CA ALA F 980 -13.13 38.22 64.39
C ALA F 980 -11.95 39.09 63.99
N ASN F 981 -10.80 38.94 64.68
CA ASN F 981 -9.62 39.74 64.40
C ASN F 981 -9.01 39.35 63.06
N GLY F 982 -9.44 38.21 62.50
CA GLY F 982 -9.06 37.83 61.15
C GLY F 982 -9.61 38.80 60.11
N ALA F 983 -10.80 39.35 60.39
CA ALA F 983 -11.42 40.35 59.56
C ALA F 983 -11.24 41.74 60.14
N GLN F 984 -9.99 42.10 60.48
CA GLN F 984 -9.72 43.36 61.16
C GLN F 984 -9.84 44.51 60.16
N THR F 985 -9.47 44.26 58.90
CA THR F 985 -9.53 45.26 57.86
C THR F 985 -10.98 45.70 57.64
N ILE F 986 -11.92 44.74 57.65
CA ILE F 986 -13.32 45.02 57.42
C ILE F 986 -13.89 45.81 58.60
N ILE F 987 -13.51 45.43 59.83
CA ILE F 987 -13.98 46.12 61.02
C ILE F 987 -13.44 47.55 61.04
N ASP F 988 -12.14 47.71 60.76
CA ASP F 988 -11.48 49.00 60.90
C ASP F 988 -11.89 49.95 59.78
N GLU F 989 -11.91 49.45 58.53
CA GLU F 989 -11.98 50.31 57.36
C GLU F 989 -13.41 50.49 56.86
N TYR F 990 -14.30 49.53 57.15
CA TYR F 990 -15.66 49.56 56.63
C TYR F 990 -16.69 49.75 57.74
N VAL F 991 -16.75 48.80 58.68
CA VAL F 991 -17.86 48.74 59.62
C VAL F 991 -17.82 49.94 60.56
N SER F 992 -16.63 50.27 61.09
CA SER F 992 -16.50 51.25 62.14
C SER F 992 -16.46 52.67 61.58
N SER F 993 -15.78 52.86 60.45
CA SER F 993 -15.44 54.19 59.96
C SER F 993 -16.08 54.48 58.59
N GLY F 994 -17.00 53.62 58.13
CA GLY F 994 -17.59 53.75 56.81
C GLY F 994 -18.43 55.01 56.67
N GLU F 995 -19.21 55.33 57.71
CA GLU F 995 -20.11 56.47 57.68
C GLU F 995 -19.31 57.77 57.72
N ALA F 996 -18.28 57.84 58.56
CA ALA F 996 -17.53 59.07 58.76
C ALA F 996 -16.67 59.42 57.54
N LYS F 997 -16.25 58.40 56.79
CA LYS F 997 -15.32 58.60 55.68
C LYS F 997 -16.07 58.89 54.38
N TRP F 998 -17.16 58.14 54.12
CA TRP F 998 -17.82 58.18 52.82
C TRP F 998 -19.31 58.49 52.92
N GLY F 999 -19.86 58.59 54.14
CA GLY F 999 -21.29 58.72 54.30
C GLY F 999 -22.04 57.44 53.94
N GLN F 1000 -21.33 56.31 53.92
CA GLN F 1000 -21.92 55.02 53.62
C GLN F 1000 -22.39 54.38 54.92
N THR F 1001 -23.71 54.15 55.03
CA THR F 1001 -24.30 53.62 56.25
C THR F 1001 -24.56 52.13 56.08
N SER F 1002 -24.60 51.43 57.22
CA SER F 1002 -24.86 49.99 57.25
C SER F 1002 -25.58 49.64 58.55
N LYS F 1003 -26.48 48.66 58.48
CA LYS F 1003 -27.18 48.16 59.65
C LYS F 1003 -26.73 46.73 59.98
N LEU F 1004 -25.51 46.38 59.57
CA LEU F 1004 -24.99 45.03 59.79
C LEU F 1004 -24.99 44.69 61.27
N ILE F 1005 -25.43 43.47 61.59
CA ILE F 1005 -25.39 42.94 62.94
C ILE F 1005 -24.22 41.96 63.04
N LEU F 1006 -23.37 42.13 64.06
CA LEU F 1006 -22.33 41.18 64.36
C LEU F 1006 -22.72 40.40 65.62
N LEU F 1007 -22.88 39.08 65.47
CA LEU F 1007 -23.13 38.19 66.59
C LEU F 1007 -21.82 37.51 66.96
N LEU F 1008 -21.20 37.96 68.07
CA LEU F 1008 -19.88 37.49 68.46
C LEU F 1008 -19.98 36.75 69.79
N PRO F 1009 -19.88 35.39 69.80
CA PRO F 1009 -19.90 34.65 71.06
C PRO F 1009 -18.76 35.06 71.98
N HIS F 1010 -19.10 35.28 73.25
CA HIS F 1010 -18.17 35.81 74.23
C HIS F 1010 -18.50 35.20 75.59
N GLY F 1011 -17.48 34.96 76.40
CA GLY F 1011 -17.67 34.48 77.76
C GLY F 1011 -16.46 33.70 78.27
N TYR F 1012 -16.04 34.01 79.50
CA TYR F 1012 -14.91 33.35 80.13
C TYR F 1012 -15.42 32.10 80.87
N GLU F 1013 -15.17 30.93 80.26
CA GLU F 1013 -15.68 29.68 80.78
C GLU F 1013 -14.57 28.63 80.90
N GLY F 1014 -13.30 29.06 80.72
CA GLY F 1014 -12.16 28.16 80.81
C GLY F 1014 -12.00 27.28 79.58
N GLN F 1015 -11.97 27.90 78.39
CA GLN F 1015 -11.79 27.21 77.12
C GLN F 1015 -10.52 27.69 76.42
N GLY F 1016 -9.70 28.48 77.10
CA GLY F 1016 -8.40 28.88 76.57
C GLY F 1016 -8.40 30.30 76.03
N PRO F 1017 -7.23 30.83 75.62
CA PRO F 1017 -7.11 32.23 75.19
C PRO F 1017 -7.76 32.60 73.86
N ASP F 1018 -8.15 31.59 73.07
CA ASP F 1018 -8.72 31.85 71.75
C ASP F 1018 -10.17 31.34 71.67
N HIS F 1019 -10.80 31.11 72.83
CA HIS F 1019 -12.20 30.69 72.86
C HIS F 1019 -12.91 31.35 74.05
N SER F 1020 -12.47 32.56 74.43
CA SER F 1020 -12.98 33.20 75.63
C SER F 1020 -13.49 34.61 75.33
N SER F 1021 -12.66 35.43 74.67
CA SER F 1021 -12.94 36.85 74.54
C SER F 1021 -13.19 37.23 73.08
N ALA F 1022 -14.17 38.12 72.88
CA ALA F 1022 -14.46 38.70 71.58
C ALA F 1022 -13.73 40.04 71.42
N ARG F 1023 -12.87 40.37 72.39
CA ARG F 1023 -12.12 41.62 72.40
C ARG F 1023 -13.08 42.80 72.46
N ILE F 1024 -13.82 42.88 73.56
CA ILE F 1024 -14.77 43.96 73.78
C ILE F 1024 -14.05 45.30 73.82
N GLU F 1025 -12.84 45.30 74.41
CA GLU F 1025 -12.07 46.53 74.60
C GLU F 1025 -11.68 47.13 73.26
N ARG F 1026 -11.50 46.29 72.22
CA ARG F 1026 -11.07 46.78 70.92
C ARG F 1026 -12.24 47.44 70.18
N PHE F 1027 -13.43 46.85 70.30
CA PHE F 1027 -14.64 47.41 69.70
C PHE F 1027 -14.99 48.74 70.34
N LEU F 1028 -14.83 48.85 71.66
CA LEU F 1028 -15.16 50.08 72.37
C LEU F 1028 -14.15 51.20 72.05
N GLN F 1029 -12.93 50.83 71.64
CA GLN F 1029 -11.90 51.80 71.31
C GLN F 1029 -12.19 52.42 69.95
N LEU F 1030 -12.82 51.66 69.05
CA LEU F 1030 -13.17 52.17 67.73
C LEU F 1030 -14.42 53.05 67.83
N CYS F 1031 -15.27 52.80 68.83
CA CYS F 1031 -16.52 53.53 68.99
C CYS F 1031 -16.23 54.99 69.32
N ALA F 1032 -16.73 55.88 68.46
CA ALA F 1032 -16.68 57.32 68.69
C ALA F 1032 -17.80 58.00 67.92
N GLU F 1033 -18.21 59.18 68.39
CA GLU F 1033 -19.28 59.96 67.78
C GLU F 1033 -20.48 59.05 67.45
N GLY F 1034 -20.81 58.14 68.38
CA GLY F 1034 -21.96 57.26 68.23
C GLY F 1034 -21.92 56.42 66.94
N SER F 1035 -20.75 55.87 66.63
CA SER F 1035 -20.51 55.18 65.36
C SER F 1035 -21.34 53.89 65.26
N MET F 1036 -21.40 53.12 66.36
CA MET F 1036 -22.15 51.88 66.36
C MET F 1036 -22.64 51.56 67.76
N THR F 1037 -23.62 50.65 67.82
CA THR F 1037 -24.18 50.19 69.09
C THR F 1037 -23.46 48.91 69.50
N VAL F 1038 -23.00 48.87 70.76
CA VAL F 1038 -22.34 47.70 71.31
C VAL F 1038 -23.09 47.28 72.57
N ALA F 1039 -23.56 46.03 72.59
CA ALA F 1039 -24.41 45.55 73.66
C ALA F 1039 -24.00 44.14 74.08
N GLN F 1040 -24.29 43.82 75.34
CA GLN F 1040 -24.10 42.47 75.87
C GLN F 1040 -25.33 42.09 76.68
N PRO F 1041 -26.44 41.67 76.04
CA PRO F 1041 -27.69 41.41 76.74
C PRO F 1041 -27.59 40.19 77.66
N SER F 1042 -28.37 40.22 78.75
CA SER F 1042 -28.31 39.19 79.78
C SER F 1042 -29.51 38.25 79.72
N THR F 1043 -30.59 38.65 79.03
CA THR F 1043 -31.79 37.82 78.90
C THR F 1043 -32.17 37.67 77.44
N PRO F 1044 -32.80 36.54 77.04
CA PRO F 1044 -33.27 36.37 75.66
C PRO F 1044 -34.28 37.43 75.19
N ALA F 1045 -35.15 37.87 76.11
CA ALA F 1045 -36.15 38.88 75.79
C ALA F 1045 -35.48 40.21 75.47
N ASN F 1046 -34.46 40.57 76.26
CA ASN F 1046 -33.78 41.83 76.07
C ASN F 1046 -33.03 41.80 74.74
N HIS F 1047 -32.48 40.64 74.39
CA HIS F 1047 -31.81 40.46 73.11
C HIS F 1047 -32.83 40.56 71.98
N PHE F 1048 -34.03 40.05 72.22
CA PHE F 1048 -35.12 40.14 71.26
C PHE F 1048 -35.44 41.61 70.99
N HIS F 1049 -35.59 42.40 72.05
CA HIS F 1049 -35.96 43.80 71.93
C HIS F 1049 -34.84 44.60 71.26
N LEU F 1050 -33.59 44.27 71.59
CA LEU F 1050 -32.45 44.98 71.02
C LEU F 1050 -32.43 44.80 69.50
N LEU F 1051 -32.66 43.57 69.03
CA LEU F 1051 -32.61 43.28 67.61
C LEU F 1051 -33.74 44.00 66.88
N ARG F 1052 -34.92 44.07 67.49
CA ARG F 1052 -36.08 44.65 66.84
C ARG F 1052 -35.97 46.17 66.82
N ARG F 1053 -35.44 46.76 67.90
CA ARG F 1053 -35.23 48.21 67.91
C ARG F 1053 -34.30 48.60 66.76
N HIS F 1054 -33.23 47.83 66.57
CA HIS F 1054 -32.27 48.10 65.52
C HIS F 1054 -32.94 48.04 64.15
N ALA F 1055 -33.74 46.99 63.92
CA ALA F 1055 -34.32 46.73 62.62
C ALA F 1055 -35.43 47.71 62.28
N LEU F 1056 -36.22 48.12 63.28
CA LEU F 1056 -37.40 48.95 63.05
C LEU F 1056 -37.08 50.45 63.13
N SER F 1057 -35.83 50.82 63.44
CA SER F 1057 -35.47 52.22 63.58
C SER F 1057 -34.95 52.78 62.26
N ASP F 1058 -34.68 54.09 62.25
CA ASP F 1058 -34.06 54.75 61.11
C ASP F 1058 -32.59 55.08 61.42
N LEU F 1059 -32.05 54.49 62.50
CA LEU F 1059 -30.65 54.68 62.83
C LEU F 1059 -29.82 53.64 62.07
N LYS F 1060 -29.25 54.08 60.93
CA LYS F 1060 -28.53 53.19 60.04
C LYS F 1060 -27.07 53.11 60.49
N ARG F 1061 -26.84 52.37 61.58
CA ARG F 1061 -25.52 52.17 62.11
C ARG F 1061 -25.37 50.72 62.55
N PRO F 1062 -24.15 50.13 62.51
CA PRO F 1062 -23.96 48.73 62.87
C PRO F 1062 -24.32 48.42 64.33
N LEU F 1063 -24.66 47.15 64.59
CA LEU F 1063 -24.96 46.66 65.92
C LEU F 1063 -24.05 45.48 66.23
N VAL F 1064 -23.26 45.60 67.31
CA VAL F 1064 -22.36 44.55 67.73
C VAL F 1064 -22.91 43.93 69.02
N ILE F 1065 -23.21 42.63 68.97
CA ILE F 1065 -23.79 41.94 70.12
C ILE F 1065 -22.83 40.83 70.55
N PHE F 1066 -22.46 40.87 71.83
CA PHE F 1066 -21.67 39.81 72.44
C PHE F 1066 -22.63 38.75 73.01
N THR F 1067 -22.73 37.64 72.29
CA THR F 1067 -23.70 36.60 72.61
C THR F 1067 -23.06 35.59 73.56
N PRO F 1068 -23.85 34.90 74.41
CA PRO F 1068 -23.29 33.96 75.37
C PRO F 1068 -23.04 32.56 74.81
N LYS F 1069 -22.38 31.73 75.61
CA LYS F 1069 -22.06 30.36 75.23
C LYS F 1069 -22.73 29.41 76.22
N SER F 1070 -22.37 29.53 77.49
CA SER F 1070 -22.92 28.68 78.54
C SER F 1070 -24.31 29.17 78.96
N MET F 1071 -24.57 30.48 78.81
CA MET F 1071 -25.80 31.08 79.27
C MET F 1071 -26.94 30.75 78.31
N LEU F 1072 -26.61 30.13 77.16
CA LEU F 1072 -27.60 29.64 76.21
C LEU F 1072 -28.55 28.66 76.88
N ARG F 1073 -28.05 27.87 77.85
CA ARG F 1073 -28.84 26.82 78.46
C ARG F 1073 -28.93 27.02 79.98
N ASN F 1074 -28.88 28.28 80.43
CA ASN F 1074 -28.99 28.60 81.84
C ASN F 1074 -30.46 28.91 82.16
N LYS F 1075 -31.04 28.14 83.08
CA LYS F 1075 -32.46 28.22 83.39
C LYS F 1075 -32.79 29.57 84.04
N ALA F 1076 -31.85 30.13 84.80
CA ALA F 1076 -32.07 31.39 85.49
C ALA F 1076 -32.19 32.55 84.51
N ALA F 1077 -31.68 32.37 83.28
CA ALA F 1077 -31.63 33.43 82.30
C ALA F 1077 -32.88 33.44 81.41
N ALA F 1078 -33.65 32.34 81.42
CA ALA F 1078 -34.78 32.20 80.52
C ALA F 1078 -35.83 33.29 80.76
N SER F 1079 -36.55 33.66 79.69
CA SER F 1079 -37.53 34.73 79.71
C SER F 1079 -38.96 34.18 79.67
N ALA F 1080 -39.89 34.91 80.27
CA ALA F 1080 -41.31 34.59 80.23
C ALA F 1080 -41.92 35.16 78.96
N PRO F 1081 -43.09 34.65 78.49
CA PRO F 1081 -43.73 35.19 77.30
C PRO F 1081 -44.14 36.67 77.41
N GLU F 1082 -44.46 37.11 78.63
CA GLU F 1082 -44.88 38.49 78.86
C GLU F 1082 -43.75 39.46 78.54
N ASP F 1083 -42.50 39.00 78.63
CA ASP F 1083 -41.35 39.83 78.36
C ASP F 1083 -41.24 40.14 76.87
N PHE F 1084 -41.94 39.38 76.03
CA PHE F 1084 -41.96 39.62 74.59
C PHE F 1084 -43.21 40.39 74.17
N THR F 1085 -44.26 40.39 75.00
CA THR F 1085 -45.55 40.93 74.60
C THR F 1085 -45.94 42.15 75.43
N GLU F 1086 -45.62 42.15 76.73
CA GLU F 1086 -46.04 43.22 77.63
C GLU F 1086 -44.93 44.27 77.74
N VAL F 1087 -43.68 43.84 77.87
CA VAL F 1087 -42.55 44.74 77.92
C VAL F 1087 -42.35 45.35 76.54
N THR F 1088 -42.32 46.68 76.46
CA THR F 1088 -42.44 47.39 75.20
C THR F 1088 -41.09 47.75 74.62
N LYS F 1089 -40.08 47.97 75.47
CA LYS F 1089 -38.81 48.53 75.03
C LYS F 1089 -37.64 47.70 75.53
N PHE F 1090 -36.54 47.78 74.78
CA PHE F 1090 -35.23 47.27 75.21
C PHE F 1090 -34.79 48.01 76.47
N GLN F 1091 -34.15 47.29 77.39
CA GLN F 1091 -33.62 47.86 78.61
C GLN F 1091 -32.10 47.92 78.51
N SER F 1092 -31.56 49.15 78.58
CA SER F 1092 -30.13 49.36 78.51
C SER F 1092 -29.50 49.05 79.88
N VAL F 1093 -30.25 49.30 80.95
CA VAL F 1093 -29.80 49.04 82.31
C VAL F 1093 -30.92 48.30 83.04
N ILE F 1094 -30.60 47.14 83.61
CA ILE F 1094 -31.55 46.35 84.38
C ILE F 1094 -31.16 46.45 85.85
N ASN F 1095 -32.03 47.05 86.66
CA ASN F 1095 -31.78 47.21 88.08
C ASN F 1095 -31.92 45.86 88.76
N ASP F 1096 -31.44 45.75 90.00
CA ASP F 1096 -31.43 44.49 90.73
C ASP F 1096 -32.87 44.11 91.10
N PRO F 1097 -33.37 42.95 90.61
CA PRO F 1097 -34.73 42.52 90.93
C PRO F 1097 -34.91 41.81 92.28
N ASN F 1098 -33.84 41.74 93.07
CA ASN F 1098 -33.88 41.03 94.35
C ASN F 1098 -33.36 41.94 95.46
N VAL F 1099 -33.95 43.14 95.55
CA VAL F 1099 -33.65 44.07 96.63
C VAL F 1099 -34.92 44.27 97.45
N ALA F 1100 -34.88 43.82 98.71
CA ALA F 1100 -36.01 43.94 99.61
C ALA F 1100 -36.19 45.40 100.03
N ASP F 1101 -35.10 46.03 100.46
CA ASP F 1101 -35.11 47.42 100.88
C ASP F 1101 -33.90 48.13 100.27
N ALA F 1102 -34.17 49.24 99.56
CA ALA F 1102 -33.14 49.98 98.86
C ALA F 1102 -32.32 50.82 99.82
N ALA F 1103 -32.88 51.15 100.99
CA ALA F 1103 -32.21 51.98 101.97
C ALA F 1103 -31.05 51.23 102.63
N LYS F 1104 -31.12 49.89 102.63
CA LYS F 1104 -30.13 49.07 103.30
C LYS F 1104 -28.91 48.85 102.39
N VAL F 1105 -29.03 49.15 101.09
CA VAL F 1105 -27.96 48.89 100.14
C VAL F 1105 -26.81 49.86 100.40
N LYS F 1106 -25.62 49.31 100.64
CA LYS F 1106 -24.42 50.07 100.91
C LYS F 1106 -23.41 49.97 99.77
N LYS F 1107 -23.53 48.90 98.96
CA LYS F 1107 -22.58 48.65 97.89
C LYS F 1107 -23.34 48.29 96.62
N VAL F 1108 -22.93 48.91 95.49
CA VAL F 1108 -23.57 48.66 94.21
C VAL F 1108 -22.55 48.03 93.27
N MET F 1109 -22.92 46.90 92.66
CA MET F 1109 -22.06 46.20 91.72
C MET F 1109 -22.58 46.42 90.31
N LEU F 1110 -21.72 46.95 89.44
CA LEU F 1110 -22.01 47.08 88.01
C LEU F 1110 -21.39 45.89 87.28
N VAL F 1111 -22.21 45.20 86.49
CA VAL F 1111 -21.78 44.00 85.77
C VAL F 1111 -22.42 44.01 84.40
N SER F 1112 -21.81 43.27 83.46
CA SER F 1112 -22.36 43.10 82.13
C SER F 1112 -22.10 41.67 81.65
N GLY F 1113 -23.18 40.97 81.29
CA GLY F 1113 -23.06 39.64 80.70
C GLY F 1113 -23.38 38.54 81.71
N LYS F 1114 -22.82 37.35 81.47
CA LYS F 1114 -23.20 36.14 82.18
C LYS F 1114 -22.79 36.19 83.65
N LEU F 1115 -21.80 37.03 83.98
CA LEU F 1115 -21.25 37.07 85.33
C LEU F 1115 -22.31 37.49 86.35
N TYR F 1116 -23.38 38.17 85.89
CA TYR F 1116 -24.45 38.60 86.77
C TYR F 1116 -25.03 37.40 87.55
N TYR F 1117 -25.25 36.29 86.85
CA TYR F 1117 -25.96 35.16 87.42
C TYR F 1117 -25.14 34.49 88.51
N GLU F 1118 -23.81 34.49 88.34
CA GLU F 1118 -22.91 33.99 89.37
C GLU F 1118 -22.96 34.91 90.59
N LEU F 1119 -22.96 36.23 90.35
CA LEU F 1119 -23.00 37.20 91.43
C LEU F 1119 -24.35 37.15 92.15
N ALA F 1120 -25.43 36.99 91.38
CA ALA F 1120 -26.77 36.94 91.94
C ALA F 1120 -26.93 35.69 92.81
N LYS F 1121 -26.37 34.57 92.35
CA LYS F 1121 -26.45 33.31 93.07
C LYS F 1121 -25.74 33.43 94.41
N ARG F 1122 -24.56 34.08 94.40
CA ARG F 1122 -23.76 34.25 95.60
C ARG F 1122 -24.49 35.17 96.59
N LYS F 1123 -25.16 36.21 96.06
CA LYS F 1123 -25.86 37.17 96.89
C LYS F 1123 -26.99 36.48 97.65
N GLU F 1124 -27.73 35.62 96.95
CA GLU F 1124 -28.85 34.92 97.55
C GLU F 1124 -28.35 33.93 98.59
N LYS F 1125 -27.25 33.24 98.29
CA LYS F 1125 -26.68 32.23 99.18
C LYS F 1125 -26.23 32.86 100.48
N ASP F 1126 -25.54 34.01 100.40
CA ASP F 1126 -24.96 34.66 101.55
C ASP F 1126 -25.98 35.56 102.24
N GLY F 1127 -27.09 35.87 101.55
CA GLY F 1127 -28.14 36.72 102.11
C GLY F 1127 -27.66 38.15 102.32
N ARG F 1128 -26.99 38.70 101.29
CA ARG F 1128 -26.42 40.04 101.37
C ARG F 1128 -27.45 41.06 100.93
N ASP F 1129 -28.15 41.65 101.92
CA ASP F 1129 -29.19 42.64 101.66
C ASP F 1129 -28.57 44.02 101.41
N ASP F 1130 -27.26 44.16 101.65
CA ASP F 1130 -26.57 45.44 101.53
C ASP F 1130 -25.93 45.59 100.15
N ILE F 1131 -26.14 44.61 99.25
CA ILE F 1131 -25.57 44.66 97.91
C ILE F 1131 -26.70 44.76 96.89
N ALA F 1132 -26.48 45.60 95.87
CA ALA F 1132 -27.35 45.66 94.70
C ALA F 1132 -26.53 45.44 93.44
N ILE F 1133 -26.97 44.51 92.58
CA ILE F 1133 -26.26 44.17 91.37
C ILE F 1133 -27.02 44.75 90.16
N VAL F 1134 -26.38 45.68 89.45
CA VAL F 1134 -26.99 46.38 88.34
C VAL F 1134 -26.33 45.94 87.04
N ARG F 1135 -27.15 45.56 86.04
CA ARG F 1135 -26.64 45.10 84.76
C ARG F 1135 -26.59 46.26 83.78
N ILE F 1136 -25.51 46.31 83.00
CA ILE F 1136 -25.39 47.23 81.88
C ILE F 1136 -25.48 46.40 80.60
N GLU F 1137 -26.60 46.53 79.89
CA GLU F 1137 -26.90 45.70 78.74
C GLU F 1137 -26.33 46.32 77.48
N MET F 1138 -26.39 47.66 77.40
CA MET F 1138 -25.84 48.39 76.27
C MET F 1138 -24.56 49.09 76.71
N LEU F 1139 -23.44 48.75 76.08
CA LEU F 1139 -22.13 49.24 76.49
C LEU F 1139 -21.84 50.59 75.83
N HIS F 1140 -22.05 50.66 74.52
CA HIS F 1140 -21.93 51.91 73.78
C HIS F 1140 -23.16 52.10 72.90
N PRO F 1141 -23.84 53.27 72.92
CA PRO F 1141 -23.49 54.41 73.79
C PRO F 1141 -23.71 54.09 75.27
N ILE F 1142 -23.05 54.87 76.14
CA ILE F 1142 -23.15 54.68 77.57
C ILE F 1142 -24.50 55.22 78.04
N PRO F 1143 -25.37 54.39 78.65
CA PRO F 1143 -26.63 54.87 79.20
C PRO F 1143 -26.47 55.48 80.59
N PHE F 1144 -25.79 56.63 80.63
CA PHE F 1144 -25.39 57.23 81.90
C PHE F 1144 -26.59 57.78 82.66
N ASN F 1145 -27.65 58.17 81.94
CA ASN F 1145 -28.87 58.66 82.58
C ASN F 1145 -29.52 57.50 83.35
N ARG F 1146 -29.57 56.32 82.73
CA ARG F 1146 -30.17 55.15 83.35
C ARG F 1146 -29.29 54.67 84.51
N ILE F 1147 -27.96 54.71 84.33
CA ILE F 1147 -27.04 54.30 85.38
C ILE F 1147 -27.15 55.26 86.56
N SER F 1148 -27.23 56.56 86.27
CA SER F 1148 -27.38 57.57 87.31
C SER F 1148 -28.68 57.35 88.09
N GLU F 1149 -29.75 57.04 87.35
CA GLU F 1149 -31.06 56.82 87.94
C GLU F 1149 -31.02 55.63 88.89
N ALA F 1150 -30.36 54.55 88.44
CA ALA F 1150 -30.22 53.34 89.24
C ALA F 1150 -29.43 53.63 90.52
N LEU F 1151 -28.32 54.36 90.39
CA LEU F 1151 -27.48 54.71 91.52
C LEU F 1151 -28.22 55.64 92.48
N ALA F 1152 -29.05 56.53 91.94
CA ALA F 1152 -29.81 57.47 92.76
C ALA F 1152 -30.85 56.74 93.61
N GLY F 1153 -31.25 55.54 93.17
CA GLY F 1153 -32.23 54.73 93.87
C GLY F 1153 -31.66 54.04 95.12
N TYR F 1154 -30.34 54.17 95.33
CA TYR F 1154 -29.70 53.66 96.53
C TYR F 1154 -28.99 54.82 97.24
N PRO F 1155 -29.71 55.62 98.07
CA PRO F 1155 -29.16 56.82 98.69
C PRO F 1155 -27.95 56.57 99.59
N ASN F 1156 -27.91 55.40 100.24
CA ASN F 1156 -26.89 55.10 101.23
C ASN F 1156 -25.75 54.28 100.63
N ALA F 1157 -25.63 54.26 99.30
CA ALA F 1157 -24.56 53.55 98.64
C ALA F 1157 -23.25 54.30 98.85
N GLU F 1158 -22.26 53.61 99.45
CA GLU F 1158 -20.99 54.22 99.80
C GLU F 1158 -19.96 54.01 98.69
N GLU F 1159 -19.97 52.82 98.08
CA GLU F 1159 -18.99 52.49 97.05
C GLU F 1159 -19.69 51.80 95.87
N VAL F 1160 -19.08 51.96 94.69
CA VAL F 1160 -19.56 51.33 93.47
C VAL F 1160 -18.45 50.42 92.94
N LEU F 1161 -18.80 49.16 92.66
CA LEU F 1161 -17.86 48.20 92.13
C LEU F 1161 -18.18 47.93 90.66
N PHE F 1162 -17.13 47.88 89.84
CA PHE F 1162 -17.26 47.47 88.45
C PHE F 1162 -16.67 46.07 88.32
N VAL F 1163 -17.54 45.06 88.20
CA VAL F 1163 -17.13 43.68 88.19
C VAL F 1163 -17.20 43.13 86.77
N GLN F 1164 -16.10 42.50 86.33
CA GLN F 1164 -16.06 41.87 85.03
C GLN F 1164 -15.21 40.60 85.11
N ASP F 1165 -15.43 39.67 84.18
CA ASP F 1165 -14.66 38.45 84.10
C ASP F 1165 -13.31 38.71 83.41
N GLU F 1166 -13.25 39.73 82.54
CA GLU F 1166 -12.10 39.90 81.67
C GLU F 1166 -10.91 40.42 82.47
N PRO F 1167 -9.66 40.25 81.99
CA PRO F 1167 -8.49 40.92 82.56
C PRO F 1167 -8.65 42.43 82.67
N ALA F 1168 -7.79 43.05 83.47
CA ALA F 1168 -7.89 44.47 83.80
C ALA F 1168 -7.74 45.34 82.56
N ASN F 1169 -6.83 44.95 81.65
CA ASN F 1169 -6.54 45.75 80.46
C ASN F 1169 -7.44 45.32 79.30
N GLN F 1170 -8.51 44.57 79.60
CA GLN F 1170 -9.45 44.08 78.60
C GLN F 1170 -10.87 44.25 79.13
N GLY F 1171 -11.86 43.86 78.31
CA GLY F 1171 -13.26 43.97 78.69
C GLY F 1171 -13.74 45.43 78.63
N PRO F 1172 -14.92 45.74 79.20
CA PRO F 1172 -15.44 47.11 79.21
C PRO F 1172 -14.88 48.07 80.26
N TRP F 1173 -14.00 47.59 81.14
CA TRP F 1173 -13.49 48.42 82.23
C TRP F 1173 -12.71 49.62 81.69
N PRO F 1174 -11.70 49.44 80.81
CA PRO F 1174 -10.88 50.57 80.34
C PRO F 1174 -11.70 51.70 79.71
N PHE F 1175 -12.79 51.33 79.03
CA PHE F 1175 -13.69 52.30 78.42
C PHE F 1175 -14.46 53.04 79.51
N TYR F 1176 -15.07 52.28 80.43
CA TYR F 1176 -15.96 52.85 81.43
C TYR F 1176 -15.18 53.61 82.50
N GLN F 1177 -13.92 53.24 82.73
CA GLN F 1177 -13.08 53.90 83.71
C GLN F 1177 -12.81 55.35 83.29
N GLU F 1178 -12.60 55.57 81.99
CA GLU F 1178 -12.24 56.88 81.47
C GLU F 1178 -13.46 57.78 81.38
N HIS F 1179 -14.61 57.23 80.97
CA HIS F 1179 -15.74 58.02 80.53
C HIS F 1179 -16.81 58.19 81.61
N LEU F 1180 -17.13 57.12 82.34
CA LEU F 1180 -18.30 57.13 83.20
C LEU F 1180 -18.17 58.16 84.32
N PRO F 1181 -17.00 58.32 84.98
CA PRO F 1181 -16.85 59.34 86.03
C PRO F 1181 -17.19 60.76 85.56
N GLU F 1182 -16.88 61.07 84.31
CA GLU F 1182 -17.16 62.38 83.74
C GLU F 1182 -18.67 62.56 83.55
N LEU F 1183 -19.34 61.49 83.09
CA LEU F 1183 -20.75 61.54 82.77
C LEU F 1183 -21.59 61.56 84.04
N ILE F 1184 -21.08 60.99 85.13
CA ILE F 1184 -21.78 60.99 86.41
C ILE F 1184 -20.82 61.56 87.48
N PRO F 1185 -20.69 62.90 87.60
CA PRO F 1185 -19.76 63.50 88.54
C PRO F 1185 -19.94 63.10 90.00
N ASN F 1186 -21.21 62.95 90.43
CA ASN F 1186 -21.54 62.69 91.82
C ASN F 1186 -21.32 61.22 92.19
N MET F 1187 -21.12 60.34 91.20
CA MET F 1187 -20.95 58.92 91.46
C MET F 1187 -19.65 58.71 92.25
N PRO F 1188 -19.63 57.84 93.28
CA PRO F 1188 -18.39 57.53 94.01
C PRO F 1188 -17.32 56.90 93.14
N LYS F 1189 -16.07 56.94 93.62
CA LYS F 1189 -14.94 56.36 92.90
C LYS F 1189 -15.20 54.87 92.69
N MET F 1190 -15.13 54.46 91.42
CA MET F 1190 -15.38 53.08 91.04
C MET F 1190 -14.16 52.24 91.40
N ARG F 1191 -14.40 51.06 91.96
CA ARG F 1191 -13.34 50.09 92.24
C ARG F 1191 -13.48 48.91 91.29
N ARG F 1192 -12.40 48.57 90.60
CA ARG F 1192 -12.40 47.46 89.67
C ARG F 1192 -12.30 46.15 90.45
N VAL F 1193 -13.10 45.16 90.02
CA VAL F 1193 -12.96 43.78 90.47
C VAL F 1193 -12.95 42.91 89.23
N SER F 1194 -11.78 42.34 88.91
CA SER F 1194 -11.62 41.55 87.71
C SER F 1194 -10.38 40.66 87.82
N ARG F 1195 -10.04 39.97 86.74
CA ARG F 1195 -8.77 39.28 86.60
C ARG F 1195 -7.65 40.30 86.39
N ARG F 1196 -6.41 39.88 86.68
CA ARG F 1196 -5.23 40.73 86.51
C ARG F 1196 -5.00 41.01 85.02
N ALA F 1197 -4.23 42.06 84.73
CA ALA F 1197 -3.85 42.39 83.37
C ALA F 1197 -2.91 41.33 82.82
N GLN F 1198 -3.14 40.92 81.56
CA GLN F 1198 -2.34 39.89 80.92
C GLN F 1198 -1.95 40.33 79.51
N SER F 1199 -0.80 39.83 79.04
CA SER F 1199 -0.36 40.03 77.67
C SER F 1199 -1.15 39.13 76.72
N SER F 1200 -1.76 38.08 77.26
CA SER F 1200 -2.64 37.20 76.50
C SER F 1200 -4.09 37.49 76.86
N THR F 1201 -5.01 36.67 76.34
CA THR F 1201 -6.44 36.85 76.56
C THR F 1201 -6.89 36.16 77.85
N ALA F 1202 -6.55 34.88 77.98
CA ALA F 1202 -6.97 34.08 79.13
C ALA F 1202 -5.96 32.95 79.36
N THR F 1203 -6.08 32.30 80.51
CA THR F 1203 -5.19 31.21 80.88
C THR F 1203 -5.53 29.97 80.07
N GLY F 1204 -4.49 29.23 79.66
CA GLY F 1204 -4.64 27.98 78.95
C GLY F 1204 -5.09 26.84 79.87
N VAL F 1205 -4.83 27.00 81.17
CA VAL F 1205 -5.10 25.94 82.14
C VAL F 1205 -6.53 26.13 82.66
N ALA F 1206 -7.33 25.07 82.59
CA ALA F 1206 -8.74 25.12 82.94
C ALA F 1206 -8.95 25.20 84.45
N LYS F 1207 -8.07 24.55 85.22
CA LYS F 1207 -8.20 24.50 86.66
C LYS F 1207 -7.86 25.86 87.26
N VAL F 1208 -6.99 26.62 86.58
CA VAL F 1208 -6.65 27.97 87.00
C VAL F 1208 -7.89 28.86 86.86
N HIS F 1209 -8.65 28.66 85.77
CA HIS F 1209 -9.84 29.45 85.50
C HIS F 1209 -10.82 29.38 86.67
N GLN F 1210 -11.04 28.17 87.19
CA GLN F 1210 -11.97 27.98 88.30
C GLN F 1210 -11.46 28.71 89.54
N LEU F 1211 -10.14 28.70 89.74
CA LEU F 1211 -9.53 29.33 90.90
C LEU F 1211 -9.74 30.85 90.84
N GLU F 1212 -9.49 31.43 89.66
CA GLU F 1212 -9.56 32.88 89.50
C GLU F 1212 -11.02 33.32 89.59
N GLU F 1213 -11.94 32.50 89.07
CA GLU F 1213 -13.36 32.80 89.13
C GLU F 1213 -13.81 32.88 90.59
N LYS F 1214 -13.41 31.90 91.40
CA LYS F 1214 -13.75 31.87 92.81
C LYS F 1214 -13.15 33.09 93.50
N GLN F 1215 -11.91 33.43 93.14
CA GLN F 1215 -11.20 34.56 93.72
C GLN F 1215 -11.92 35.86 93.35
N LEU F 1216 -12.40 35.93 92.11
CA LEU F 1216 -13.05 37.12 91.59
C LEU F 1216 -14.33 37.41 92.37
N ILE F 1217 -15.14 36.38 92.61
CA ILE F 1217 -16.42 36.55 93.29
C ILE F 1217 -16.17 36.89 94.76
N ASP F 1218 -15.16 36.25 95.37
CA ASP F 1218 -14.84 36.50 96.77
C ASP F 1218 -14.43 37.96 96.96
N GLU F 1219 -13.68 38.51 96.00
CA GLU F 1219 -13.20 39.88 96.09
C GLU F 1219 -14.37 40.85 96.00
N ALA F 1220 -15.36 40.53 95.16
CA ALA F 1220 -16.54 41.35 94.99
C ALA F 1220 -17.30 41.47 96.30
N PHE F 1221 -17.47 40.34 97.00
CA PHE F 1221 -18.20 40.31 98.27
C PHE F 1221 -17.22 40.47 99.44
N GLU F 1222 -16.42 41.54 99.39
CA GLU F 1222 -15.44 41.85 100.42
C GLU F 1222 -14.52 40.64 100.63
MG MG G . -47.69 7.04 -37.70
N1A ACO H . -49.14 40.02 -66.66
C2A ACO H . -49.31 41.34 -66.66
N3A ACO H . -49.93 42.11 -67.57
C4A ACO H . -50.41 41.37 -68.57
C5A ACO H . -50.32 40.00 -68.71
C6A ACO H . -49.65 39.30 -67.69
N6A ACO H . -49.48 37.98 -67.69
N7A ACO H . -50.92 39.58 -69.89
C8A ACO H . -51.35 40.69 -70.43
N9A ACO H . -51.08 41.82 -69.69
C1B ACO H . -51.39 43.18 -70.04
C2B ACO H . -50.40 43.80 -71.01
O2B ACO H . -49.31 44.36 -70.28
C3B ACO H . -51.27 44.86 -71.68
O3B ACO H . -51.28 46.07 -70.93
P3B ACO H . -51.68 47.47 -71.66
O7A ACO H . -53.19 47.52 -71.67
O8A ACO H . -51.06 48.51 -70.76
O9A ACO H . -51.07 47.45 -73.05
C4B ACO H . -52.65 44.20 -71.74
O4B ACO H . -52.64 43.22 -70.68
C5B ACO H . -53.00 43.54 -73.05
O5B ACO H . -52.08 42.43 -73.27
P1A ACO H . -51.59 42.02 -74.73
O1A ACO H . -50.20 41.57 -74.60
O2A ACO H . -51.93 43.06 -75.73
O3A ACO H . -52.50 40.73 -75.01
P2A ACO H . -53.89 40.55 -75.78
O4A ACO H . -53.62 39.92 -77.10
O5A ACO H . -54.68 41.80 -75.71
O6A ACO H . -54.58 39.46 -74.87
CBP ACO H . -54.80 38.60 -72.63
CCP ACO H . -55.02 39.79 -73.54
CDP ACO H . -55.21 38.96 -71.19
CEP ACO H . -53.30 38.25 -72.65
CAP ACO H . -55.63 37.41 -73.16
OAP ACO H . -54.96 36.17 -72.92
C9P ACO H . -57.04 37.30 -72.58
O9P ACO H . -57.92 38.07 -72.96
N8P ACO H . -57.23 36.35 -71.67
C7P ACO H . -58.52 36.14 -71.02
C6P ACO H . -58.43 35.07 -69.94
C5P ACO H . -57.44 35.41 -68.84
O5P ACO H . -56.79 34.53 -68.30
N4P ACO H . -57.32 36.70 -68.51
C3P ACO H . -56.51 37.15 -67.39
C2P ACO H . -55.03 36.85 -67.49
S1P ACO H . -54.38 36.47 -65.84
C ACO H . -52.64 36.39 -66.19
O ACO H . -52.10 37.15 -66.94
CH3 ACO H . -51.95 35.28 -65.47
N1' TPP I . -47.97 9.09 -49.93
C2' TPP I . -47.85 10.42 -49.85
CM2 TPP I . -46.60 11.04 -50.40
N3' TPP I . -48.76 11.26 -49.31
C4' TPP I . -49.88 10.72 -48.80
N4' TPP I . -50.80 11.57 -48.36
C5' TPP I . -50.09 9.31 -48.83
C6' TPP I . -49.09 8.57 -49.42
C7' TPP I . -51.30 8.65 -48.20
N3 TPP I . -51.29 8.73 -46.72
C2 TPP I . -51.83 9.71 -46.03
S1 TPP I . -51.57 9.55 -44.39
C5 TPP I . -50.69 8.10 -44.61
C4 TPP I . -50.63 7.78 -45.94
CM4 TPP I . -50.01 6.57 -46.54
C6 TPP I . -50.07 7.38 -43.46
C7 TPP I . -48.75 7.97 -43.04
O7 TPP I . -48.45 7.52 -41.69
PA TPP I . -47.55 8.41 -40.71
O1A TPP I . -46.96 7.54 -39.66
O2A TPP I . -46.65 9.26 -41.50
O3A TPP I . -48.69 9.33 -40.06
PB TPP I . -49.94 8.98 -39.11
O1B TPP I . -49.61 7.68 -38.42
O2B TPP I . -50.00 10.17 -38.17
O3B TPP I . -51.16 8.88 -40.02
C8 SCA J . -39.74 -9.80 7.58
N9 SCA J . -38.76 -8.85 7.66
C4 SCA J . -37.59 -9.54 7.89
C5 SCA J . -37.95 -10.89 7.92
N7 SCA J . -39.32 -11.03 7.73
N3 SCA J . -36.36 -9.05 8.04
C2 SCA J . -35.47 -10.02 8.24
N1 SCA J . -35.67 -11.34 8.30
C6 SCA J . -36.91 -11.82 8.14
N6 SCA J . -37.10 -13.14 8.21
C1' SCA J . -38.91 -7.41 7.53
C2' SCA J . -39.65 -6.97 6.27
O2' SCA J . -38.77 -6.91 5.14
C3' SCA J . -40.11 -5.57 6.71
O3' SCA J . -39.01 -4.67 6.46
C4' SCA J . -40.42 -5.76 8.20
O4' SCA J . -39.69 -6.94 8.61
C5' SCA J . -41.89 -5.94 8.51
O5' SCA J . -42.45 -7.04 7.75
P1 SCA J . -43.88 -7.62 8.15
O11 SCA J . -44.81 -6.51 8.44
O12 SCA J . -43.67 -8.67 9.17
O6 SCA J . -44.34 -8.32 6.79
P2 SCA J . -44.33 -9.84 6.27
O21 SCA J . -42.96 -10.36 6.37
O22 SCA J . -45.03 -9.89 4.96
O7 SCA J . -45.21 -10.55 7.40
CPB SCA J . -46.59 -10.90 7.16
CPA SCA J . -47.05 -11.94 8.18
CP7 SCA J . -46.82 -11.41 9.62
CP9 SCA J . -48.55 -12.20 7.95
CP8 SCA J . -46.28 -13.25 7.96
OP3 SCA J . -47.94 -11.67 10.44
CP6 SCA J . -45.58 -11.95 10.31
OP2 SCA J . -44.46 -11.55 9.99
NP2 SCA J . -45.77 -12.87 11.26
CP5 SCA J . -44.69 -13.49 12.01
CP4 SCA J . -44.87 -14.99 12.15
CP3 SCA J . -44.86 -15.46 13.59
OP1 SCA J . -45.04 -14.68 14.52
NP1 SCA J . -44.62 -16.77 13.75
CP2 SCA J . -44.57 -17.40 15.07
CP1 SCA J . -43.35 -18.30 15.21
P3 SCA J . -39.41 -3.28 5.70
O31 SCA J . -40.27 -3.67 4.51
O32 SCA J . -38.09 -2.67 5.29
O33 SCA J . -40.16 -2.45 6.72
S SCA J . -43.90 -19.99 15.59
CS1 SCA J . -42.43 -20.92 15.33
OS1 SCA J . -41.71 -20.74 14.38
CS2 SCA J . -42.15 -21.93 16.40
CS3 SCA J . -40.67 -22.08 16.72
CS4 SCA J . -40.04 -20.85 17.31
OS4 SCA J . -39.75 -19.90 16.53
OS5 SCA J . -39.83 -20.82 18.54
MG MG K . -18.84 15.60 -56.06
N1A ACO L . -51.95 -5.49 -75.91
C2A ACO L . -52.21 -6.66 -76.49
N3A ACO L . -52.99 -6.91 -77.56
C4A ACO L . -53.54 -5.80 -78.03
C5A ACO L . -53.36 -4.51 -77.53
C6A ACO L . -52.52 -4.37 -76.41
N6A ACO L . -52.26 -3.20 -75.82
N7A ACO L . -54.10 -3.60 -78.27
C8A ACO L . -54.69 -4.34 -79.18
N9A ACO L . -54.40 -5.67 -79.09
C1B ACO L . -54.93 -6.74 -79.92
C2B ACO L . -56.30 -7.22 -79.48
O2B ACO L . -56.16 -8.21 -78.46
C3B ACO L . -56.83 -7.81 -80.79
O3B ACO L . -56.39 -9.17 -80.94
P3B ACO L . -57.20 -10.18 -81.92
O7A ACO L . -56.68 -9.89 -83.31
O8A ACO L . -56.80 -11.55 -81.41
O9A ACO L . -58.67 -9.90 -81.76
C4B ACO L . -56.22 -6.89 -81.86
O4B ACO L . -55.08 -6.26 -81.24
C5B ACO L . -57.14 -5.83 -82.43
O5B ACO L . -57.38 -4.76 -81.48
P1A ACO L . -58.87 -4.37 -81.01
O1A ACO L . -58.80 -4.08 -79.57
O2A ACO L . -59.86 -5.35 -81.51
O3A ACO L . -59.20 -3.00 -81.77
P2A ACO L . -58.48 -2.10 -82.88
O4A ACO L . -59.23 -0.85 -82.99
O5A ACO L . -58.25 -2.92 -84.09
O6A ACO L . -57.12 -1.85 -82.10
CBP ACO L . -54.88 -1.40 -82.93
CCP ACO L . -56.23 -0.82 -82.54
CDP ACO L . -55.05 -2.84 -83.44
CEP ACO L . -53.96 -1.39 -81.70
CAP ACO L . -54.25 -0.54 -84.05
OAP ACO L . -55.17 -0.31 -85.12
C9P ACO L . -53.71 0.80 -83.57
O9P ACO L . -54.36 1.49 -82.79
N8P ACO L . -52.51 1.14 -84.02
C7P ACO L . -51.82 2.35 -83.60
C6P ACO L . -50.32 2.20 -83.70
C5P ACO L . -49.75 1.30 -82.64
O5P ACO L . -49.20 1.76 -81.64
N4P ACO L . -49.89 -0.01 -82.85
C3P ACO L . -49.31 -1.02 -81.97
C2P ACO L . -49.85 -0.98 -80.55
S1P ACO L . -48.47 -1.19 -79.38
C ACO L . -49.35 -1.48 -77.88
O ACO L . -50.32 -2.18 -77.82
CH3 ACO L . -48.76 -0.76 -76.70
N1' TPP M . -30.31 17.62 -60.31
C2' TPP M . -30.51 16.34 -60.66
CM2 TPP M . -31.59 15.60 -59.94
N3' TPP M . -29.83 15.68 -61.59
C4' TPP M . -28.86 16.33 -62.25
N4' TPP M . -28.25 15.67 -63.24
C5' TPP M . -28.55 17.69 -61.95
C6' TPP M . -29.34 18.27 -60.97
C7' TPP M . -27.43 18.45 -62.60
N3 TPP M . -26.09 17.89 -62.26
C2 TPP M . -25.43 17.04 -63.02
S1 TPP M . -23.99 16.57 -62.31
C5 TPP M . -24.27 17.57 -60.94
C4 TPP M . -25.45 18.22 -61.06
CM4 TPP M . -26.06 19.17 -60.08
C6 TPP M . -23.27 17.63 -59.82
C7 TPP M . -23.33 16.41 -58.93
O7 TPP M . -22.31 16.52 -57.91
PA TPP M . -21.87 15.22 -57.12
O1A TPP M . -23.07 14.45 -56.74
O2A TPP M . -20.92 15.60 -56.06
O3A TPP M . -21.10 14.42 -58.27
PB TPP M . -19.75 14.74 -59.09
O1B TPP M . -19.10 13.38 -59.23
O2B TPP M . -18.94 15.70 -58.24
O3B TPP M . -20.18 15.35 -60.40
C8 SCA N . 24.23 16.29 -31.21
N9 SCA N . 23.74 15.18 -30.60
C4 SCA N . 23.69 15.49 -29.26
C5 SCA N . 24.14 16.78 -29.15
N7 SCA N . 24.49 17.29 -30.40
N3 SCA N . 23.27 14.69 -28.26
C2 SCA N . 23.35 15.32 -27.08
N1 SCA N . 23.78 16.56 -26.82
C6 SCA N . 24.19 17.34 -27.85
N6 SCA N . 24.60 18.58 -27.60
C1' SCA N . 23.34 13.92 -31.24
C2' SCA N . 22.38 14.08 -32.39
O2' SCA N . 21.03 14.20 -31.95
C3' SCA N . 22.62 12.77 -33.14
O3' SCA N . 21.79 11.77 -32.51
C4' SCA N . 24.13 12.53 -32.94
O4' SCA N . 24.50 13.31 -31.78
C5' SCA N . 24.99 12.91 -34.12
O5' SCA N . 24.73 14.28 -34.50
P1 SCA N . 25.77 15.02 -35.47
O11 SCA N . 26.16 14.10 -36.56
O12 SCA N . 26.82 15.63 -34.63
O6 SCA N . 24.86 16.18 -36.09
P2 SCA N . 24.71 17.74 -35.77
O21 SCA N . 24.40 17.90 -34.32
O22 SCA N . 23.80 18.36 -36.77
O7 SCA N . 26.20 18.26 -35.99
CPB SCA N . 26.59 18.95 -37.19
CPA SCA N . 27.91 19.68 -36.99
CP7 SCA N . 29.01 18.68 -36.51
CP9 SCA N . 28.33 20.30 -38.33
CP8 SCA N . 27.71 20.79 -35.96
OP3 SCA N . 30.22 18.87 -37.21
CP6 SCA N . 29.30 18.73 -35.01
OP2 SCA N . 28.51 18.23 -34.21
NP2 SCA N . 30.43 19.34 -34.65
CP5 SCA N . 30.85 19.47 -33.26
CP4 SCA N . 31.44 20.85 -32.98
CP3 SCA N . 32.82 20.79 -32.38
OP1 SCA N . 33.54 19.81 -32.54
NP1 SCA N . 33.20 21.87 -31.70
CP2 SCA N . 34.50 21.99 -31.05
CP1 SCA N . 34.38 22.54 -29.64
P3 SCA N . 20.97 10.79 -33.51
O31 SCA N . 20.38 11.66 -34.60
O32 SCA N . 19.90 10.14 -32.64
O33 SCA N . 21.98 9.79 -34.04
S SCA N . 35.23 24.14 -29.55
CS1 SCA N . 34.67 24.75 -27.99
OS1 SCA N . 33.52 24.75 -27.67
CS2 SCA N . 35.79 25.26 -27.12
CS3 SCA N . 35.58 24.96 -25.65
CS4 SCA N . 35.60 23.48 -25.31
OS4 SCA N . 34.56 22.81 -25.55
OS5 SCA N . 36.64 23.01 -24.80
MG MG O . 24.48 -56.11 -2.21
N1A ACO P . 61.76 -63.85 -24.12
C2A ACO P . 62.18 -63.94 -25.38
N3A ACO P . 63.11 -64.75 -25.90
C4A ACO P . 63.63 -65.54 -24.96
C5A ACO P . 63.29 -65.57 -23.63
C6A ACO P . 62.30 -64.67 -23.20
N6A ACO P . 61.89 -64.58 -21.93
N7A ACO P . 64.06 -66.51 -22.95
C8A ACO P . 64.83 -67.02 -23.88
N9A ACO P . 64.62 -66.48 -25.12
C1B ACO P . 65.35 -66.80 -26.34
C2B ACO P . 66.70 -66.10 -26.44
O2B ACO P . 66.52 -64.81 -27.00
C3B ACO P . 67.44 -67.06 -27.36
O3B ACO P . 67.16 -66.78 -28.75
P3B ACO P . 68.19 -67.30 -29.89
O7A ACO P . 67.92 -68.79 -30.03
O8A ACO P . 67.80 -66.51 -31.13
O9A ACO P . 69.59 -66.98 -29.42
C4B ACO P . 66.92 -68.43 -26.95
O4B ACO P . 65.63 -68.19 -26.35
C5B ACO P . 67.80 -69.18 -25.98
O5B ACO P . 67.82 -68.51 -24.70
P1A ACO P . 69.13 -68.40 -23.81
O1A ACO P . 69.16 -67.03 -23.26
O2A ACO P . 70.31 -68.93 -24.52
O3A ACO P . 68.79 -69.38 -22.59
P2A ACO P . 68.97 -70.95 -22.38
O4A ACO P . 70.06 -71.17 -21.41
O5A ACO P . 69.00 -71.63 -23.69
O6A ACO P . 67.60 -71.28 -21.64
CBP ACO P . 65.23 -71.52 -22.07
CCP ACO P . 66.41 -70.55 -21.93
CDP ACO P . 65.46 -72.35 -23.34
CEP ACO P . 63.93 -70.70 -22.21
CAP ACO P . 65.16 -72.44 -20.84
OAP ACO P . 64.96 -71.66 -19.66
C9P ACO P . 64.05 -73.48 -20.91
O9P ACO P . 64.18 -74.47 -21.63
N8P ACO P . 62.97 -73.25 -20.17
C7P ACO P . 61.80 -74.11 -20.17
C6P ACO P . 60.85 -73.75 -21.28
C5P ACO P . 60.16 -72.43 -21.04
O5P ACO P . 60.25 -71.84 -19.97
N4P ACO P . 59.46 -71.96 -22.07
C3P ACO P . 58.64 -70.76 -21.99
C2P ACO P . 59.43 -69.48 -21.92
S1P ACO P . 58.31 -68.07 -22.14
C ACO P . 59.13 -66.87 -21.13
O ACO P . 60.24 -66.49 -21.35
CH3 ACO P . 58.29 -66.42 -19.98
N1' TPP Q . 36.15 -59.75 -0.31
C2' TPP Q . 36.57 -59.54 -1.57
CM2 TPP Q . 37.59 -58.47 -1.79
N3' TPP Q . 36.14 -60.20 -2.66
C4' TPP Q . 35.21 -61.15 -2.48
N4' TPP Q . 34.87 -61.86 -3.57
C5' TPP Q . 34.69 -61.44 -1.19
C6' TPP Q . 35.22 -60.69 -0.16
C7' TPP Q . 33.59 -62.45 -0.96
N3 TPP Q . 32.28 -62.01 -1.51
C2 TPP Q . 31.86 -62.29 -2.72
S1 TPP Q . 30.40 -61.57 -3.06
C5 TPP Q . 30.32 -60.87 -1.50
C4 TPP Q . 31.42 -61.20 -0.77
CM4 TPP Q . 31.70 -60.85 0.64
C6 TPP Q . 29.17 -59.99 -1.09
C7 TPP Q . 29.35 -58.55 -1.54
O7 TPP Q . 28.07 -57.89 -1.48
PA TPP Q . 27.71 -56.71 -2.50
O1A TPP Q . 26.59 -55.92 -1.94
O2A TPP Q . 28.94 -56.02 -2.90
O3A TPP Q . 27.18 -57.58 -3.74
PB TPP Q . 25.89 -58.53 -3.93
O1B TPP Q . 24.89 -58.11 -2.88
O2B TPP Q . 25.44 -58.24 -5.34
O3B TPP Q . 26.38 -59.95 -3.74
C8 SCA R . -20.31 -36.28 0.54
N9 SCA R . -19.81 -35.26 -0.22
C4 SCA R . -19.97 -34.12 0.54
C5 SCA R . -20.55 -34.53 1.72
N7 SCA R . -20.77 -35.90 1.71
N3 SCA R . -19.61 -32.87 0.21
C2 SCA R . -19.91 -32.02 1.19
N1 SCA R . -20.48 -32.26 2.37
C6 SCA R . -20.82 -33.54 2.68
N6 SCA R . -21.38 -33.78 3.87
C1' SCA R . -19.23 -35.36 -1.55
C2' SCA R . -18.12 -36.40 -1.69
O2' SCA R . -16.87 -35.90 -1.25
C3' SCA R . -18.15 -36.64 -3.19
O3' SCA R . -17.33 -35.62 -3.79
C4' SCA R . -19.64 -36.51 -3.54
O4' SCA R . -20.24 -35.76 -2.47
C5' SCA R . -20.36 -37.82 -3.70
O5' SCA R . -20.18 -38.65 -2.54
P1 SCA R . -21.14 -39.92 -2.32
O11 SCA R . -21.29 -40.64 -3.61
O12 SCA R . -22.34 -39.46 -1.59
O6 SCA R . -20.26 -40.82 -1.34
P2 SCA R . -20.29 -41.08 0.25
O21 SCA R . -20.20 -39.76 0.93
O22 SCA R . -19.31 -42.13 0.58
O7 SCA R . -21.79 -41.61 0.45
CPB SCA R . -22.06 -43.01 0.60
CPA SCA R . -23.47 -43.22 1.16
CP7 SCA R . -24.51 -42.51 0.26
CP9 SCA R . -23.75 -44.73 1.19
CP8 SCA R . -23.51 -42.67 2.59
OP3 SCA R . -25.64 -43.34 0.04
CP6 SCA R . -25.00 -41.16 0.78
OP2 SCA R . -24.27 -40.17 0.69
NP2 SCA R . -26.21 -41.14 1.32
CP5 SCA R . -26.82 -39.92 1.86
CP4 SCA R . -27.56 -40.20 3.17
CP3 SCA R . -29.01 -39.78 3.13
OP1 SCA R . -29.61 -39.65 2.06
NP1 SCA R . -29.58 -39.58 4.31
CP2 SCA R . -30.97 -39.17 4.46
CP1 SCA R . -31.13 -38.03 5.46
P3 SCA R . -16.27 -36.12 -4.92
O31 SCA R . -15.62 -37.38 -4.38
O32 SCA R . -15.29 -34.98 -5.09
O33 SCA R . -17.09 -36.38 -6.17
S SCA R . -32.10 -38.62 6.88
CS1 SCA R . -31.83 -37.34 8.05
OS1 SCA R . -30.74 -36.91 8.31
CS2 SCA R . -33.10 -36.82 8.68
CS3 SCA R . -33.06 -35.33 8.96
CS4 SCA R . -33.00 -34.46 7.71
OS4 SCA R . -31.89 -34.35 7.15
OS5 SCA R . -34.05 -33.92 7.33
MG MG S . 51.23 -33.27 0.08
N1A ACO T . 53.47 -71.93 20.89
C2A ACO T . 53.50 -72.40 22.14
N3A ACO T . 54.18 -73.46 22.61
C4A ACO T . 54.86 -74.07 21.65
C5A ACO T . 54.92 -73.69 20.31
C6A ACO T . 54.17 -72.56 19.93
N6A ACO T . 54.14 -72.09 18.69
N7A ACO T . 55.72 -74.57 19.60
C8A ACO T . 56.12 -75.44 20.49
N9A ACO T . 55.64 -75.19 21.75
C1B ACO T . 55.87 -75.99 22.95
C2B ACO T . 54.96 -77.21 23.04
O2B ACO T . 53.73 -76.86 23.65
C3B ACO T . 55.81 -78.13 23.92
O3B ACO T . 55.61 -77.85 25.31
P3B ACO T . 55.97 -78.99 26.41
O7A ACO T . 55.55 -80.33 25.85
O8A ACO T . 57.46 -78.88 26.65
O9A ACO T . 55.14 -78.56 27.62
C4B ACO T . 57.24 -77.82 23.47
O4B ACO T . 57.19 -76.48 22.92
C5B ACO T . 57.83 -78.76 22.44
O5B ACO T . 57.10 -78.64 21.20
P1A ACO T . 56.78 -79.90 20.27
O1A ACO T . 55.42 -79.70 19.74
O2A ACO T . 57.12 -81.16 20.96
O3A ACO T . 57.81 -79.68 19.07
P2A ACO T . 59.34 -80.12 18.86
O4A ACO T . 59.39 -81.08 17.76
O5A ACO T . 59.93 -80.47 20.18
O6A ACO T . 59.99 -78.76 18.36
CBP ACO T . 60.36 -76.38 18.59
CCP ACO T . 59.34 -77.49 18.53
CDP ACO T . 61.20 -76.55 19.87
CEP ACO T . 59.65 -75.03 18.63
CAP ACO T . 61.29 -76.47 17.35
OAP ACO T . 60.58 -76.08 16.18
C9P ACO T . 62.56 -75.61 17.45
O9P ACO T . 63.57 -76.07 17.98
N8P ACO T . 62.49 -74.39 16.95
C7P ACO T . 63.61 -73.46 16.98
C6P ACO T . 63.29 -72.15 16.27
C5P ACO T . 62.21 -71.34 16.95
O5P ACO T . 61.61 -70.47 16.33
N4P ACO T . 61.95 -71.60 18.23
C3P ACO T . 61.00 -70.82 19.02
C2P ACO T . 59.57 -70.93 18.54
S1P ACO T . 58.79 -69.29 18.58
C ACO T . 57.15 -69.74 18.08
O ACO T . 56.62 -70.75 18.43
CH3 ACO T . 56.52 -68.72 17.18
N1' TPP U . 52.93 -45.36 -2.24
C2' TPP U . 52.76 -45.73 -0.96
CM2 TPP U . 51.57 -46.60 -0.65
N3' TPP U . 53.54 -45.40 0.07
C4' TPP U . 54.61 -44.61 -0.19
N4' TPP U . 55.43 -44.37 0.83
C5' TPP U . 54.89 -44.15 -1.52
C6' TPP U . 54.00 -44.58 -2.48
C7' TPP U . 56.01 -43.21 -1.85
N3 TPP U . 55.83 -41.87 -1.25
C2 TPP U . 56.37 -41.50 -0.10
S1 TPP U . 55.91 -39.94 0.34
C5 TPP U . 54.96 -39.77 -1.08
C4 TPP U . 55.02 -40.90 -1.84
CM4 TPP U . 54.34 -41.15 -3.13
C6 TPP U . 54.20 -38.52 -1.36
C7 TPP U . 53.01 -38.35 -0.43
O7 TPP U . 52.35 -37.10 -0.74
PA TPP U . 51.29 -36.50 0.29
O1A TPP U . 50.37 -37.59 0.69
O2A TPP U . 50.71 -35.26 -0.27
O3A TPP U . 52.25 -36.16 1.51
PB TPP U . 53.42 -35.07 1.69
O1B TPP U . 53.24 -34.58 3.11
O2B TPP U . 53.18 -34.00 0.66
O3B TPP U . 54.72 -35.81 1.48
C8 SCA V . 39.96 15.13 -1.53
N9 SCA V . 38.88 14.77 -0.76
C4 SCA V . 37.78 15.14 -1.48
C5 SCA V . 38.25 15.71 -2.64
N7 SCA V . 39.64 15.70 -2.66
N3 SCA V . 36.49 14.99 -1.13
C2 SCA V . 35.67 15.48 -2.06
N1 SCA V . 35.99 16.05 -3.23
C6 SCA V . 37.29 16.19 -3.55
N6 SCA V . 37.59 16.72 -4.75
C1' SCA V . 38.92 14.12 0.54
C2' SCA V . 39.78 12.85 0.60
O2' SCA V . 39.07 11.71 0.12
C3' SCA V . 40.04 12.79 2.10
O3' SCA V . 38.91 12.12 2.71
C4' SCA V . 40.17 14.26 2.51
O4' SCA V . 39.49 15.02 1.48
C5' SCA V . 41.59 14.76 2.65
O5' SCA V . 42.34 14.51 1.44
P1 SCA V . 43.75 15.22 1.22
O11 SCA V . 44.52 15.17 2.49
O12 SCA V . 43.51 16.53 0.59
O6 SCA V . 44.45 14.24 0.17
P2 SCA V . 44.67 14.32 -1.41
O21 SCA V . 43.35 14.51 -2.06
O22 SCA V . 45.53 13.19 -1.83
O7 SCA V . 45.46 15.70 -1.55
CPB SCA V . 46.88 15.73 -1.78
CPA SCA V . 47.31 17.10 -2.31
CP7 SCA V . 46.84 18.22 -1.34
CP9 SCA V . 48.84 17.12 -2.41
CP8 SCA V . 46.71 17.30 -3.71
OP3 SCA V . 47.85 19.20 -1.16
CP6 SCA V . 45.55 18.92 -1.76
OP2 SCA V . 44.46 18.36 -1.64
NP2 SCA V . 45.69 20.15 -2.26
CP5 SCA V . 44.55 20.96 -2.71
CP4 SCA V . 44.80 21.56 -4.09
CP3 SCA V . 44.75 23.07 -4.08
OP1 SCA V . 44.81 23.72 -3.04
NP1 SCA V . 44.62 23.64 -5.28
CP2 SCA V . 44.55 25.08 -5.47
CP1 SCA V . 43.36 25.49 -6.33
P3 SCA V . 39.26 10.97 3.79
O31 SCA V . 40.30 10.07 3.14
O32 SCA V . 37.95 10.25 4.06
O33 SCA V . 39.79 11.69 5.00
S SCA V . 43.93 26.62 -7.63
CS1 SCA V . 42.58 26.55 -8.78
OS1 SCA V . 41.98 25.54 -9.02
CS2 SCA V . 42.27 27.88 -9.41
CS3 SCA V . 40.79 28.09 -9.67
CS4 SCA V . 39.94 28.16 -8.41
OS4 SCA V . 39.68 27.09 -7.82
OS5 SCA V . 39.55 29.29 -8.03
MG MG W . -11.22 19.15 57.08
N1A ACO X . 15.31 47.82 77.10
C2A ACO X . 16.53 47.85 77.65
N3A ACO X . 16.95 48.53 78.72
C4A ACO X . 15.97 49.25 79.24
C5A ACO X . 14.66 49.33 78.79
C6A ACO X . 14.33 48.56 77.66
N6A ACO X . 13.11 48.54 77.11
N7A ACO X . 13.91 50.19 79.58
C8A ACO X . 14.78 50.62 80.47
N9A ACO X . 16.04 50.09 80.33
C1B ACO X . 17.21 50.42 81.12
C2B ACO X . 17.88 51.72 80.72
O2B ACO X . 18.79 51.49 79.64
C3B ACO X . 18.58 52.10 82.01
O3B ACO X . 19.86 51.45 82.13
P3B ACO X . 20.97 52.06 83.14
O7A ACO X . 20.55 51.63 84.53
O8A ACO X . 22.26 51.40 82.68
O9A ACO X . 20.98 53.55 82.96
C4B ACO X . 17.60 51.63 83.09
O4B ACO X . 16.81 50.58 82.47
C5B ACO X . 16.67 52.69 83.64
O5B ACO X . 15.78 53.14 82.60
P1A ACO X . 15.34 54.67 82.45
O1A ACO X . 15.34 54.97 81.01
O2A ACO X . 16.10 55.54 83.38
O3A ACO X . 13.82 54.62 82.94
P2A ACO X . 13.10 54.74 84.36
O4A ACO X . 12.44 56.05 84.45
O5A ACO X . 14.03 54.32 85.44
O6A ACO X . 11.98 53.64 84.18
CBP ACO X . 11.72 51.24 84.20
CCP ACO X . 12.19 52.45 83.41
CDP ACO X . 12.62 51.09 85.44
CEP ACO X . 11.84 49.98 83.31
CAP ACO X . 10.25 51.43 84.65
OAP ACO X . 9.42 51.60 83.50
C9P ACO X . 9.71 50.28 85.48
O9P ACO X . 10.03 50.17 86.66
N8P ACO X . 8.89 49.43 84.86
C7P ACO X . 8.33 48.26 85.50
C6P ACO X . 9.17 47.03 85.25
C5P ACO X . 9.20 46.64 83.79
O5P ACO X . 8.46 47.17 82.97
N4P ACO X . 10.07 45.69 83.47
C3P ACO X . 10.16 45.10 82.14
C2P ACO X . 10.92 45.98 81.16
S1P ACO X . 11.40 44.97 79.72
C ACO X . 10.24 45.49 78.50
O ACO X . 9.22 46.05 78.77
CH3 ACO X . 10.67 45.16 77.11
N1' TPP Y . -11.24 30.66 61.72
C2' TPP Y . -9.92 30.69 61.97
CM2 TPP Y . -9.09 31.65 61.19
N3' TPP Y . -9.29 29.90 62.84
C4' TPP Y . -10.01 29.02 63.55
N4' TPP Y . -9.37 28.32 64.49
C5' TPP Y . -11.43 28.91 63.35
C6' TPP Y . -11.96 29.77 62.42
C7' TPP Y . -12.28 27.87 64.05
N3 TPP Y . -11.98 26.49 63.61
C2 TPP Y . -11.11 25.70 64.19
S1 TPP Y . -10.92 24.25 63.38
C5 TPP Y . -12.09 24.71 62.21
C4 TPP Y . -12.56 25.94 62.46
CM4 TPP Y . -13.63 26.67 61.72
C6 TPP Y . -12.43 23.79 61.06
C7 TPP Y . -11.41 23.85 59.94
O7 TPP Y . -11.59 22.69 59.09
PA TPP Y . -10.37 22.11 58.22
O1A TPP Y . -10.90 21.26 57.15
O2A TPP Y . -9.47 23.21 57.87
O3A TPP Y . -9.67 21.18 59.32
PB TPP Y . -10.14 19.83 60.07
O1B TPP Y . -11.23 19.22 59.22
O2B TPP Y . -8.88 19.00 60.11
O3B TPP Y . -10.63 20.25 61.44
C8 SCA Z . -18.29 -21.40 30.60
N9 SCA Z . -17.12 -21.12 29.96
C4 SCA Z . -17.43 -21.00 28.63
C5 SCA Z . -18.80 -21.23 28.54
N7 SCA Z . -19.33 -21.49 29.80
N3 SCA Z . -16.61 -20.72 27.62
C2 SCA Z . -17.27 -20.69 26.45
N1 SCA Z . -18.56 -20.89 26.22
C6 SCA Z . -19.38 -21.17 27.26
N6 SCA Z . -20.68 -21.36 27.02
C1' SCA Z . -15.81 -20.95 30.57
C2' SCA Z . -15.78 -20.02 31.78
O2' SCA Z . -15.71 -18.65 31.40
C3' SCA Z . -14.49 -20.49 32.45
O3' SCA Z . -13.40 -19.80 31.82
C4' SCA Z . -14.50 -22.00 32.19
O4' SCA Z . -15.37 -22.20 31.06
C5' SCA Z . -14.97 -22.85 33.35
O5' SCA Z . -16.27 -22.41 33.80
P1 SCA Z . -17.10 -23.30 34.83
O11 SCA Z . -16.18 -23.79 35.89
O12 SCA Z . -17.87 -24.29 34.06
O6 SCA Z . -18.10 -22.23 35.48
P2 SCA Z . -19.62 -21.84 35.19
O21 SCA Z . -19.76 -21.49 33.77
O22 SCA Z . -20.07 -20.88 36.23
O7 SCA Z . -20.34 -23.25 35.40
CPB SCA Z . -21.06 -23.56 36.61
CPA SCA Z . -22.01 -24.73 36.39
CP7 SCA Z . -21.21 -25.96 35.87
CP9 SCA Z . -22.67 -25.07 37.73
CP8 SCA Z . -23.09 -24.32 35.39
OP3 SCA Z . -21.61 -27.15 36.54
CP6 SCA Z . -21.32 -26.19 34.36
OP2 SCA Z . -20.69 -25.49 33.58
NP2 SCA Z . -22.12 -27.19 33.97
CP5 SCA Z . -22.33 -27.53 32.58
CP4 SCA Z . -23.78 -27.88 32.29
CP3 SCA Z . -23.96 -29.24 31.67
OP1 SCA Z . -23.11 -30.12 31.80
NP1 SCA Z . -25.10 -29.43 31.00
CP2 SCA Z . -25.43 -30.69 30.33
CP1 SCA Z . -26.00 -30.45 28.94
P3 SCA Z . -12.26 -19.21 32.81
O31 SCA Z . -12.97 -18.46 33.91
O32 SCA Z . -11.40 -18.31 31.94
O33 SCA Z . -11.50 -20.42 33.32
S SCA Z . -27.71 -31.05 28.89
CS1 SCA Z . -28.28 -30.35 27.36
OS1 SCA Z . -28.10 -29.20 27.07
CS2 SCA Z . -29.01 -31.34 26.48
CS3 SCA Z . -28.74 -31.14 25.01
CS4 SCA Z . -27.29 -31.38 24.60
OS4 SCA Z . -26.46 -30.46 24.84
OS5 SCA Z . -27.00 -32.46 24.06
MG MG AA . 1.28 46.89 39.21
N1A ACO BA . -30.29 52.58 69.23
C2A ACO BA . -31.58 52.96 69.30
N3A ACO BA . -32.20 53.66 70.23
C4A ACO BA . -31.36 53.99 71.22
C5A ACO BA . -30.02 53.68 71.31
C6A ACO BA . -29.47 52.93 70.25
N6A ACO BA . -28.19 52.54 70.19
N7A ACO BA . -29.46 54.18 72.47
C8A ACO BA . -30.47 54.76 73.06
N9A ACO BA . -31.65 54.70 72.36
C1B ACO BA . -32.94 55.21 72.77
C2B ACO BA . -33.68 54.29 73.74
O2B ACO BA . -34.42 53.32 73.02
C3B ACO BA . -34.58 55.30 74.46
O3B ACO BA . -35.80 55.52 73.72
P3B ACO BA . -37.10 56.12 74.49
O7A ACO BA . -36.90 57.61 74.53
O8A ACO BA . -38.25 55.69 73.61
O9A ACO BA . -37.13 55.49 75.86
C4B ACO BA . -33.71 56.56 74.53
O4B ACO BA . -32.75 56.44 73.45
C5B ACO BA . -32.97 56.76 75.83
O5B ACO BA . -31.96 55.73 75.99
P1A ACO BA . -31.65 55.06 77.41
O1A ACO BA . -31.44 53.61 77.16
O2A ACO BA . -32.64 55.48 78.44
O3A ACO BA . -30.23 55.70 77.77
P2A ACO BA . -29.82 57.07 78.48
O4A ACO BA . -29.14 56.74 79.75
O5A ACO BA . -30.99 57.99 78.50
O6A ACO BA . -28.74 57.63 77.48
CBP ACO BA . -27.98 58.16 75.24
CCP ACO BA . -28.62 57.12 76.15
CDP ACO BA . -28.98 59.30 75.04
CEP ACO BA . -27.66 57.52 73.88
CAP ACO BA . -26.68 58.69 75.89
OAP ACO BA . -25.69 57.68 75.88
C9P ACO BA . -26.12 59.93 75.22
O9P ACO BA . -26.57 61.05 75.49
N8P ACO BA . -25.12 59.74 74.36
C7P ACO BA . -24.49 60.82 73.62
C6P ACO BA . -25.23 61.08 72.32
C5P ACO BA . -25.04 59.95 71.33
O5P ACO BA . -24.23 59.05 71.52
N4P ACO BA . -25.83 60.00 70.26
C3P ACO BA . -25.73 59.07 69.15
C2P ACO BA . -26.23 57.68 69.48
S1P ACO BA . -26.30 56.70 67.95
C ACO BA . -26.06 55.08 68.62
O ACO BA . -26.74 54.62 69.48
CH3 ACO BA . -24.91 54.36 67.97
N1' TPP CA . -0.33 47.07 51.52
C2' TPP CA . -1.66 47.21 51.43
CM2 TPP CA . -2.50 46.08 51.93
N3' TPP CA . -2.29 48.26 50.90
C4' TPP CA . -1.55 49.28 50.45
N4' TPP CA . -2.20 50.36 50.02
C5' TPP CA . -0.12 49.22 50.49
C6' TPP CA . 0.40 48.09 51.05
C7' TPP CA . 0.76 50.30 49.90
N3 TPP CA . 0.65 50.38 48.44
C2 TPP CA . -0.12 51.24 47.79
S1 TPP CA . -0.10 51.01 46.14
C5 TPP CA . 1.01 49.71 46.29
C4 TPP CA . 1.33 49.49 47.59
CM4 TPP CA . 2.25 48.47 48.13
C6 TPP CA . 1.52 48.96 45.08
C7 TPP CA . 0.41 48.21 44.37
O7 TPP CA . 0.97 47.46 43.27
PA TPP CA . 0.00 46.80 42.19
O1A TPP CA . -0.97 45.96 42.90
O2A TPP CA . 0.81 46.19 41.12
O3A TPP CA . -0.74 48.09 41.62
PB TPP CA . -0.25 49.32 40.71
O1B TPP CA . -1.44 49.59 39.82
O2B TPP CA . 0.98 48.86 39.96
O3B TPP CA . 0.04 50.45 41.68
C8 SCA DA . 16.75 38.65 -7.27
N9 SCA DA . 15.65 37.83 -7.36
C4 SCA DA . 16.14 36.58 -7.68
C5 SCA DA . 17.52 36.73 -7.76
N7 SCA DA . 17.89 38.04 -7.49
N3 SCA DA . 15.45 35.46 -7.88
C2 SCA DA . 16.26 34.44 -8.17
N1 SCA DA . 17.60 34.43 -8.27
C6 SCA DA . 18.28 35.58 -8.07
N6 SCA DA . 19.61 35.56 -8.16
C1' SCA DA . 14.26 38.19 -7.14
C2' SCA DA . 14.00 39.00 -5.87
O2' SCA DA . 13.90 38.18 -4.72
C3' SCA DA . 12.66 39.64 -6.23
O3' SCA DA . 11.64 38.68 -5.88
C4' SCA DA . 12.78 39.90 -7.74
O4' SCA DA . 13.83 39.01 -8.20
C5' SCA DA . 13.11 41.32 -8.11
O5' SCA DA . 14.26 41.77 -7.35
P1 SCA DA . 15.07 43.06 -7.84
O11 SCA DA . 14.11 44.12 -8.22
O12 SCA DA . 16.07 42.62 -8.84
O6 SCA DA . 15.82 43.50 -6.50
P2 SCA DA . 17.21 43.09 -5.81
O21 SCA DA . 17.21 41.62 -5.57
O22 SCA DA . 17.47 44.00 -4.68
O7 SCA DA . 18.25 43.37 -6.98
CPB SCA DA . 18.26 44.60 -7.72
CPA SCA DA . 19.59 45.32 -7.54
CP7 SCA DA . 19.90 46.21 -8.79
CP9 SCA DA . 19.52 46.21 -6.30
CP8 SCA DA . 20.70 44.28 -7.37
OP3 SCA DA . 21.17 46.82 -8.63
CP6 SCA DA . 19.84 45.49 -10.12
OP2 SCA DA . 18.84 45.57 -10.84
NP2 SCA DA . 20.93 44.80 -10.47
CP5 SCA DA . 21.01 44.06 -11.74
CP4 SCA DA . 22.27 43.22 -11.83
CP3 SCA DA . 22.66 42.94 -13.26
OP1 SCA DA . 21.81 42.89 -14.15
NP1 SCA DA . 23.95 42.74 -13.49
CP2 SCA DA . 24.50 42.49 -14.82
CP1 SCA DA . 25.23 41.15 -14.89
P3 SCA DA . 10.26 39.28 -5.28
O31 SCA DA . 10.63 40.42 -4.34
O32 SCA DA . 9.60 38.12 -4.55
O33 SCA DA . 9.46 39.75 -6.47
S SCA DA . 26.92 41.42 -15.49
CS1 SCA DA . 27.63 39.82 -15.29
OS1 SCA DA . 27.33 39.07 -14.39
CS2 SCA DA . 28.65 39.47 -16.35
CS3 SCA DA . 28.70 38.00 -16.68
CS4 SCA DA . 27.44 37.48 -17.37
OS4 SCA DA . 26.42 37.32 -16.66
OS5 SCA DA . 27.51 37.24 -18.59
#